data_9GB4
#
_entry.id   9GB4
#
_cell.length_a   1.00
_cell.length_b   1.00
_cell.length_c   1.00
_cell.angle_alpha   90.00
_cell.angle_beta   90.00
_cell.angle_gamma   90.00
#
_symmetry.space_group_name_H-M   'P 1'
#
_entity_poly.entity_id   1
_entity_poly.type   'polypeptide(L)'
_entity_poly.pdbx_seq_one_letter_code
;MGIISYVKKLFKRPAGEIMRMSSGNIGVYKLDDSRVDYELARELYQNKNANYKLGSSFVRPIVNSTTGFMGVPHFQIEDE
EAQYILDEFVLDNTSKMLKTHTDSLKQGDCYIWITREERENPLYPDKKVRLIYNFISPEEVKEIILDPTTKEPIAYILES
QNEWTDLGENKRKAKVKQIITAESRFVEVEGDKIEGLEEGETPNVWGFIPIIHFKNEADETLKYGQSDIEPIEPLLKAYH
DVMLHALKGSKMHSTPKLKLKLTDVASFLAHNFGVEDPVKFAKEGGKINLDGHEILFLNKDEEAEFVEVKSAIGDAKELL
KLLFYCIVDVSETPEFIFGVHTPSALASVKEQMPIMVNKIRRKREQFTNSWQLLARMVLIMSSNSSGMKYSSYDVTIGWD
EVNPRDDKELAETLEKVCCALDKALEGGFISEESTVNFLAQYIDTMSNYISDDPEREGEREKIIKTKMLKYRLDDSQGLN
DESNEIEKEINKIKDNNGNG
;
_entity_poly.pdbx_strand_id   L,A,B,C,D,E,F,G,H,I,J,K
#
# COMPACT_ATOMS: atom_id res chain seq x y z
N MET A 19 -16.66 -23.80 -38.56
CA MET A 19 -15.90 -24.25 -39.76
C MET A 19 -16.69 -23.97 -41.03
N ARG A 20 -15.98 -23.95 -42.16
CA ARG A 20 -16.60 -23.67 -43.44
C ARG A 20 -17.09 -24.96 -44.10
N MET A 21 -17.89 -24.80 -45.14
CA MET A 21 -18.34 -25.90 -45.97
C MET A 21 -18.69 -25.37 -47.35
N SER A 22 -18.83 -26.28 -48.30
CA SER A 22 -19.16 -25.88 -49.66
C SER A 22 -20.60 -25.39 -49.73
N SER A 23 -20.92 -24.69 -50.83
CA SER A 23 -22.26 -24.18 -51.02
C SER A 23 -23.28 -25.30 -51.06
N GLY A 24 -22.98 -26.38 -51.78
CA GLY A 24 -23.77 -27.58 -51.73
C GLY A 24 -23.37 -28.44 -50.55
N ASN A 25 -23.73 -29.72 -50.61
CA ASN A 25 -23.33 -30.69 -49.59
C ASN A 25 -23.87 -30.32 -48.22
N ILE A 26 -25.17 -29.99 -48.16
CA ILE A 26 -25.85 -29.65 -46.92
C ILE A 26 -27.24 -30.27 -46.95
N GLY A 27 -27.66 -30.82 -45.83
CA GLY A 27 -28.97 -31.44 -45.75
C GLY A 27 -30.09 -30.42 -45.72
N VAL A 28 -31.31 -30.91 -45.95
CA VAL A 28 -32.48 -30.04 -45.97
C VAL A 28 -32.83 -29.62 -44.55
N TYR A 29 -33.25 -28.36 -44.41
CA TYR A 29 -33.61 -27.84 -43.09
C TYR A 29 -34.84 -28.57 -42.55
N LYS A 30 -34.81 -28.83 -41.25
CA LYS A 30 -35.91 -29.48 -40.56
C LYS A 30 -35.99 -28.95 -39.14
N LEU A 31 -37.21 -28.60 -38.71
CA LEU A 31 -37.41 -28.08 -37.37
C LEU A 31 -37.11 -29.16 -36.35
N ASP A 32 -36.36 -28.79 -35.30
CA ASP A 32 -35.99 -29.71 -34.23
C ASP A 32 -37.03 -29.64 -33.14
N ASP A 33 -37.72 -30.74 -32.88
CA ASP A 33 -38.76 -30.82 -31.87
C ASP A 33 -38.28 -31.48 -30.58
N SER A 34 -36.97 -31.55 -30.36
CA SER A 34 -36.46 -32.13 -29.12
C SER A 34 -36.81 -31.22 -27.95
N ARG A 35 -36.91 -31.84 -26.77
CA ARG A 35 -37.35 -31.17 -25.56
C ARG A 35 -36.31 -31.34 -24.47
N VAL A 36 -36.29 -30.39 -23.54
CA VAL A 36 -35.41 -30.48 -22.40
C VAL A 36 -35.87 -31.61 -21.49
N ASP A 37 -34.93 -32.31 -20.88
CA ASP A 37 -35.25 -33.31 -19.87
C ASP A 37 -35.63 -32.56 -18.60
N TYR A 38 -36.93 -32.27 -18.49
CA TYR A 38 -37.40 -31.37 -17.45
C TYR A 38 -37.14 -31.94 -16.06
N GLU A 39 -37.32 -33.25 -15.89
CA GLU A 39 -37.02 -33.89 -14.62
C GLU A 39 -35.55 -33.72 -14.27
N LEU A 40 -34.66 -33.93 -15.24
CA LEU A 40 -33.24 -33.73 -15.00
C LEU A 40 -32.94 -32.28 -14.68
N ALA A 41 -33.59 -31.34 -15.36
CA ALA A 41 -33.35 -29.92 -15.10
C ALA A 41 -33.74 -29.56 -13.68
N ARG A 42 -34.91 -30.03 -13.23
CA ARG A 42 -35.33 -29.72 -11.86
C ARG A 42 -34.44 -30.41 -10.84
N GLU A 43 -34.01 -31.65 -11.11
CA GLU A 43 -33.12 -32.32 -10.18
C GLU A 43 -31.78 -31.61 -10.08
N LEU A 44 -31.23 -31.17 -11.21
CA LEU A 44 -29.99 -30.40 -11.19
C LEU A 44 -30.16 -29.09 -10.44
N TYR A 45 -31.28 -28.42 -10.64
CA TYR A 45 -31.54 -27.18 -9.92
C TYR A 45 -31.64 -27.44 -8.43
N GLN A 46 -32.34 -28.50 -8.04
CA GLN A 46 -32.51 -28.84 -6.63
C GLN A 46 -31.36 -29.66 -6.07
N ASN A 47 -30.33 -29.96 -6.87
CA ASN A 47 -29.14 -30.65 -6.40
C ASN A 47 -29.45 -32.08 -5.97
N LYS A 48 -30.31 -32.76 -6.73
CA LYS A 48 -30.81 -34.09 -6.37
C LYS A 48 -30.21 -35.20 -7.21
N ASN A 49 -29.90 -34.95 -8.48
CA ASN A 49 -29.49 -36.01 -9.38
C ASN A 49 -28.16 -36.59 -8.93
N ALA A 50 -28.12 -37.92 -8.78
CA ALA A 50 -26.97 -38.57 -8.14
C ALA A 50 -25.69 -38.38 -8.94
N ASN A 51 -25.79 -38.17 -10.25
CA ASN A 51 -24.61 -38.02 -11.09
C ASN A 51 -24.12 -36.58 -11.20
N TYR A 52 -24.73 -35.65 -10.45
CA TYR A 52 -24.34 -34.24 -10.50
C TYR A 52 -24.32 -33.57 -9.13
N LYS A 53 -24.40 -34.32 -8.03
CA LYS A 53 -24.61 -33.75 -6.71
C LYS A 53 -23.52 -32.77 -6.32
N LEU A 54 -22.26 -33.15 -6.53
CA LEU A 54 -21.15 -32.26 -6.21
C LEU A 54 -20.97 -31.18 -7.27
N GLY A 55 -21.36 -31.46 -8.51
CA GLY A 55 -21.14 -30.52 -9.60
C GLY A 55 -22.27 -29.53 -9.81
N SER A 56 -23.49 -29.92 -9.45
CA SER A 56 -24.66 -29.09 -9.73
C SER A 56 -24.86 -27.97 -8.72
N SER A 57 -23.85 -27.63 -7.92
CA SER A 57 -23.97 -26.51 -7.00
C SER A 57 -24.16 -25.19 -7.73
N PHE A 58 -23.68 -25.09 -8.97
CA PHE A 58 -23.67 -23.82 -9.67
C PHE A 58 -25.00 -23.46 -10.31
N VAL A 59 -25.93 -24.41 -10.44
CA VAL A 59 -27.17 -24.15 -11.17
C VAL A 59 -28.01 -23.11 -10.44
N ARG A 60 -28.17 -23.29 -9.14
CA ARG A 60 -29.04 -22.42 -8.34
C ARG A 60 -28.58 -20.97 -8.38
N PRO A 61 -27.32 -20.65 -8.07
CA PRO A 61 -26.91 -19.23 -8.12
C PRO A 61 -27.08 -18.62 -9.49
N ILE A 62 -26.74 -19.35 -10.55
CA ILE A 62 -26.88 -18.83 -11.91
C ILE A 62 -28.32 -18.50 -12.21
N VAL A 63 -29.20 -19.50 -12.10
CA VAL A 63 -30.60 -19.32 -12.48
C VAL A 63 -31.26 -18.28 -11.60
N ASN A 64 -31.04 -18.34 -10.28
CA ASN A 64 -31.74 -17.44 -9.38
C ASN A 64 -31.20 -16.02 -9.46
N SER A 65 -29.90 -15.82 -9.65
CA SER A 65 -29.41 -14.47 -9.87
C SER A 65 -29.97 -13.88 -11.16
N THR A 66 -30.00 -14.68 -12.23
CA THR A 66 -30.52 -14.18 -13.49
C THR A 66 -32.00 -13.81 -13.38
N THR A 67 -32.79 -14.66 -12.71
CA THR A 67 -34.23 -14.40 -12.65
C THR A 67 -34.56 -13.33 -11.62
N GLY A 68 -33.71 -13.15 -10.59
CA GLY A 68 -33.97 -12.11 -9.60
C GLY A 68 -33.56 -10.73 -10.05
N PHE A 69 -32.46 -10.63 -10.82
CA PHE A 69 -32.05 -9.32 -11.31
C PHE A 69 -32.94 -8.83 -12.43
N MET A 70 -33.50 -9.75 -13.23
CA MET A 70 -34.36 -9.33 -14.34
C MET A 70 -35.74 -8.95 -13.84
N GLY A 71 -36.15 -9.42 -12.67
CA GLY A 71 -37.38 -8.96 -12.06
C GLY A 71 -38.60 -9.38 -12.86
N VAL A 72 -39.60 -8.49 -12.86
CA VAL A 72 -40.89 -8.77 -13.51
C VAL A 72 -41.26 -7.59 -14.38
N PRO A 73 -42.08 -7.83 -15.42
CA PRO A 73 -42.39 -6.75 -16.35
C PRO A 73 -43.32 -5.71 -15.75
N HIS A 74 -43.34 -4.53 -16.38
CA HIS A 74 -44.22 -3.43 -16.01
C HIS A 74 -45.11 -3.15 -17.21
N PHE A 75 -46.37 -3.59 -17.15
CA PHE A 75 -47.28 -3.42 -18.27
C PHE A 75 -47.69 -1.97 -18.38
N GLN A 76 -47.34 -1.33 -19.51
CA GLN A 76 -47.62 0.08 -19.75
C GLN A 76 -48.48 0.18 -21.00
N ILE A 77 -49.63 0.83 -20.88
CA ILE A 77 -50.53 1.05 -22.00
C ILE A 77 -51.22 2.39 -21.80
N GLU A 78 -51.34 3.15 -22.89
CA GLU A 78 -51.85 4.51 -22.80
C GLU A 78 -53.32 4.57 -22.41
N ASP A 79 -54.11 3.56 -22.74
CA ASP A 79 -55.52 3.55 -22.35
C ASP A 79 -55.61 3.37 -20.83
N GLU A 80 -56.40 4.24 -20.19
CA GLU A 80 -56.48 4.21 -18.73
C GLU A 80 -57.24 3.00 -18.20
N GLU A 81 -58.30 2.56 -18.88
CA GLU A 81 -59.02 1.37 -18.43
C GLU A 81 -58.18 0.12 -18.59
N ALA A 82 -57.49 -0.03 -19.73
CA ALA A 82 -56.58 -1.14 -19.91
C ALA A 82 -55.46 -1.10 -18.89
N GLN A 83 -54.96 0.09 -18.60
CA GLN A 83 -53.92 0.22 -17.58
C GLN A 83 -54.44 -0.22 -16.22
N TYR A 84 -55.68 0.12 -15.89
CA TYR A 84 -56.26 -0.33 -14.63
C TYR A 84 -56.39 -1.85 -14.59
N ILE A 85 -56.81 -2.45 -15.70
CA ILE A 85 -56.95 -3.91 -15.74
C ILE A 85 -55.60 -4.57 -15.53
N LEU A 86 -54.57 -4.07 -16.22
CA LEU A 86 -53.24 -4.64 -16.07
C LEU A 86 -52.68 -4.38 -14.68
N ASP A 87 -53.03 -3.24 -14.08
CA ASP A 87 -52.64 -2.95 -12.71
C ASP A 87 -53.20 -3.98 -11.75
N GLU A 88 -54.50 -4.26 -11.88
CA GLU A 88 -55.11 -5.29 -11.03
C GLU A 88 -54.47 -6.65 -11.27
N PHE A 89 -54.18 -6.97 -12.53
CA PHE A 89 -53.60 -8.26 -12.84
C PHE A 89 -52.22 -8.42 -12.21
N VAL A 90 -51.36 -7.40 -12.31
CA VAL A 90 -50.03 -7.51 -11.73
C VAL A 90 -50.12 -7.52 -10.21
N LEU A 91 -51.03 -6.73 -9.62
CA LEU A 91 -51.23 -6.76 -8.19
C LEU A 91 -51.59 -8.17 -7.71
N ASP A 92 -52.40 -8.88 -8.49
CA ASP A 92 -52.80 -10.22 -8.09
C ASP A 92 -51.69 -11.24 -8.34
N ASN A 93 -50.94 -11.09 -9.44
CA ASN A 93 -50.12 -12.18 -9.97
C ASN A 93 -48.66 -11.80 -10.24
N THR A 94 -48.08 -10.87 -9.48
CA THR A 94 -46.68 -10.52 -9.73
C THR A 94 -45.73 -11.65 -9.32
N SER A 95 -46.07 -12.37 -8.25
CA SER A 95 -45.21 -13.47 -7.82
C SER A 95 -45.13 -14.56 -8.88
N LYS A 96 -46.27 -14.91 -9.47
CA LYS A 96 -46.28 -15.91 -10.52
C LYS A 96 -45.53 -15.44 -11.75
N MET A 97 -45.45 -14.12 -11.96
CA MET A 97 -44.71 -13.60 -13.10
C MET A 97 -43.20 -13.79 -12.90
N LEU A 98 -42.72 -13.70 -11.66
CA LEU A 98 -41.32 -14.01 -11.40
C LEU A 98 -41.08 -15.52 -11.48
N LYS A 99 -42.04 -16.30 -10.98
CA LYS A 99 -41.91 -17.75 -11.07
C LYS A 99 -41.89 -18.20 -12.52
N THR A 100 -42.56 -17.48 -13.41
CA THR A 100 -42.50 -17.79 -14.84
C THR A 100 -41.09 -17.63 -15.38
N HIS A 101 -40.40 -16.55 -15.02
CA HIS A 101 -39.01 -16.38 -15.44
C HIS A 101 -38.15 -17.50 -14.87
N THR A 102 -38.35 -17.84 -13.60
CA THR A 102 -37.55 -18.91 -13.00
C THR A 102 -37.78 -20.24 -13.71
N ASP A 103 -39.04 -20.55 -14.00
CA ASP A 103 -39.36 -21.81 -14.67
C ASP A 103 -38.79 -21.84 -16.08
N SER A 104 -38.87 -20.72 -16.80
CA SER A 104 -38.34 -20.70 -18.15
C SER A 104 -36.83 -20.85 -18.16
N LEU A 105 -36.14 -20.18 -17.24
CA LEU A 105 -34.69 -20.32 -17.16
C LEU A 105 -34.29 -21.73 -16.75
N LYS A 106 -35.05 -22.35 -15.86
CA LYS A 106 -34.68 -23.66 -15.35
C LYS A 106 -35.01 -24.77 -16.36
N GLN A 107 -36.29 -24.90 -16.71
CA GLN A 107 -36.79 -25.99 -17.52
C GLN A 107 -36.77 -25.72 -19.01
N GLY A 108 -36.39 -24.51 -19.42
CA GLY A 108 -36.43 -24.15 -20.84
C GLY A 108 -37.78 -23.66 -21.31
N ASP A 109 -38.84 -24.40 -21.02
CA ASP A 109 -40.20 -24.04 -21.39
C ASP A 109 -41.04 -23.79 -20.15
N CYS A 110 -41.93 -22.81 -20.25
CA CYS A 110 -42.97 -22.60 -19.24
C CYS A 110 -44.23 -22.16 -19.95
N TYR A 111 -45.36 -22.74 -19.53
CA TYR A 111 -46.65 -22.51 -20.15
C TYR A 111 -47.57 -21.87 -19.12
N ILE A 112 -48.24 -20.78 -19.52
CA ILE A 112 -49.17 -20.06 -18.66
C ILE A 112 -50.55 -20.16 -19.29
N TRP A 113 -51.53 -20.58 -18.50
CA TRP A 113 -52.91 -20.77 -18.95
C TRP A 113 -53.79 -19.78 -18.21
N ILE A 114 -54.37 -18.84 -18.96
CA ILE A 114 -55.25 -17.83 -18.38
C ILE A 114 -56.67 -18.35 -18.49
N THR A 115 -57.33 -18.52 -17.34
CA THR A 115 -58.70 -19.01 -17.27
C THR A 115 -59.55 -18.03 -16.48
N ARG A 116 -60.76 -17.78 -16.97
CA ARG A 116 -61.72 -16.90 -16.32
C ARG A 116 -62.75 -17.76 -15.58
N GLU A 117 -62.90 -17.51 -14.29
CA GLU A 117 -63.76 -18.31 -13.42
C GLU A 117 -64.77 -17.40 -12.72
N GLU A 118 -66.04 -17.80 -12.78
CA GLU A 118 -67.10 -17.16 -12.02
C GLU A 118 -67.42 -17.90 -10.73
N ARG A 119 -66.43 -18.60 -10.17
CA ARG A 119 -66.65 -19.41 -8.98
C ARG A 119 -66.98 -18.54 -7.78
N GLU A 120 -68.18 -18.72 -7.22
CA GLU A 120 -68.59 -18.03 -6.02
C GLU A 120 -68.18 -18.86 -4.81
N ASN A 121 -67.47 -18.25 -3.87
CA ASN A 121 -67.10 -18.90 -2.62
C ASN A 121 -66.89 -17.83 -1.56
N PRO A 122 -67.20 -18.11 -0.29
CA PRO A 122 -67.15 -17.04 0.72
C PRO A 122 -65.76 -16.47 0.96
N LEU A 123 -64.70 -17.18 0.57
CA LEU A 123 -63.35 -16.64 0.76
C LEU A 123 -63.08 -15.43 -0.12
N TYR A 124 -63.87 -15.20 -1.17
CA TYR A 124 -63.72 -14.06 -2.08
C TYR A 124 -65.06 -13.38 -2.28
N PRO A 125 -65.56 -12.64 -1.26
CA PRO A 125 -66.80 -11.89 -1.46
C PRO A 125 -66.68 -10.81 -2.53
N ASP A 126 -65.50 -10.20 -2.69
CA ASP A 126 -65.35 -9.09 -3.63
C ASP A 126 -65.30 -9.59 -5.07
N LYS A 127 -64.29 -10.41 -5.38
CA LYS A 127 -64.01 -10.79 -6.76
C LYS A 127 -64.85 -12.02 -7.14
N LYS A 128 -66.07 -11.73 -7.61
CA LYS A 128 -66.94 -12.79 -8.08
C LYS A 128 -66.45 -13.38 -9.40
N VAL A 129 -65.87 -12.55 -10.27
CA VAL A 129 -65.28 -12.98 -11.53
C VAL A 129 -63.79 -12.70 -11.48
N ARG A 130 -62.98 -13.71 -11.77
CA ARG A 130 -61.54 -13.65 -11.61
C ARG A 130 -60.85 -14.22 -12.85
N LEU A 131 -59.63 -13.76 -13.09
CA LEU A 131 -58.73 -14.33 -14.09
C LEU A 131 -57.60 -15.03 -13.33
N ILE A 132 -57.39 -16.31 -13.62
CA ILE A 132 -56.46 -17.15 -12.89
C ILE A 132 -55.21 -17.34 -13.73
N TYR A 133 -54.05 -17.15 -13.09
CA TYR A 133 -52.75 -17.31 -13.74
C TYR A 133 -52.25 -18.72 -13.47
N ASN A 134 -52.79 -19.68 -14.24
CA ASN A 134 -52.47 -21.08 -14.03
C ASN A 134 -51.20 -21.46 -14.77
N PHE A 135 -50.35 -22.24 -14.10
CA PHE A 135 -49.21 -22.86 -14.75
C PHE A 135 -49.60 -24.23 -15.29
N ILE A 136 -49.17 -24.52 -16.51
CA ILE A 136 -49.17 -25.88 -17.05
C ILE A 136 -47.74 -26.38 -16.96
N SER A 137 -47.55 -27.49 -16.26
CA SER A 137 -46.21 -28.05 -16.17
C SER A 137 -45.74 -28.47 -17.56
N PRO A 138 -44.46 -28.28 -17.90
CA PRO A 138 -44.03 -28.61 -19.26
C PRO A 138 -44.16 -30.08 -19.61
N GLU A 139 -44.22 -30.98 -18.61
CA GLU A 139 -44.46 -32.39 -18.91
C GLU A 139 -45.91 -32.66 -19.26
N GLU A 140 -46.84 -31.83 -18.78
CA GLU A 140 -48.23 -32.01 -19.17
C GLU A 140 -48.44 -31.85 -20.65
N VAL A 141 -47.68 -30.96 -21.29
CA VAL A 141 -47.86 -30.69 -22.71
C VAL A 141 -47.35 -31.88 -23.51
N LYS A 142 -48.26 -32.76 -23.91
CA LYS A 142 -47.86 -33.95 -24.65
C LYS A 142 -47.36 -33.58 -26.03
N GLU A 143 -48.03 -32.64 -26.69
CA GLU A 143 -47.66 -32.24 -28.05
C GLU A 143 -48.29 -30.89 -28.33
N ILE A 144 -47.63 -30.13 -29.21
CA ILE A 144 -48.13 -28.84 -29.68
C ILE A 144 -48.31 -28.97 -31.19
N ILE A 145 -49.54 -28.76 -31.65
CA ILE A 145 -49.85 -28.76 -33.08
C ILE A 145 -49.65 -27.35 -33.59
N LEU A 146 -48.78 -27.19 -34.58
CA LEU A 146 -48.42 -25.90 -35.14
C LEU A 146 -48.98 -25.75 -36.55
N ASP A 147 -49.44 -24.55 -36.86
CA ASP A 147 -49.73 -24.21 -38.24
C ASP A 147 -48.42 -24.32 -39.01
N PRO A 148 -48.34 -25.13 -40.09
CA PRO A 148 -47.04 -25.30 -40.75
C PRO A 148 -46.44 -24.01 -41.29
N THR A 149 -47.27 -23.07 -41.75
CA THR A 149 -46.74 -21.84 -42.33
C THR A 149 -46.25 -20.88 -41.25
N THR A 150 -47.16 -20.44 -40.38
CA THR A 150 -46.82 -19.41 -39.40
C THR A 150 -46.07 -19.96 -38.19
N LYS A 151 -46.07 -21.27 -37.99
CA LYS A 151 -45.45 -21.90 -36.82
C LYS A 151 -46.13 -21.50 -35.52
N GLU A 152 -47.35 -20.96 -35.58
CA GLU A 152 -48.10 -20.63 -34.38
C GLU A 152 -48.98 -21.81 -33.97
N PRO A 153 -49.24 -21.98 -32.67
CA PRO A 153 -49.98 -23.17 -32.24
C PRO A 153 -51.43 -23.12 -32.68
N ILE A 154 -51.96 -24.31 -33.00
CA ILE A 154 -53.38 -24.47 -33.27
C ILE A 154 -54.04 -25.52 -32.39
N ALA A 155 -53.26 -26.26 -31.59
CA ALA A 155 -53.83 -27.15 -30.60
C ALA A 155 -52.75 -27.54 -29.61
N TYR A 156 -53.13 -27.61 -28.33
CA TYR A 156 -52.27 -28.06 -27.25
C TYR A 156 -52.79 -29.38 -26.72
N ILE A 157 -51.92 -30.39 -26.67
CA ILE A 157 -52.26 -31.71 -26.16
C ILE A 157 -51.74 -31.80 -24.74
N LEU A 158 -52.62 -31.66 -23.76
CA LEU A 158 -52.28 -31.75 -22.35
C LEU A 158 -52.69 -33.12 -21.82
N GLU A 159 -51.82 -33.74 -21.05
CA GLU A 159 -52.07 -35.06 -20.49
C GLU A 159 -51.39 -35.18 -19.14
N SER A 160 -52.09 -35.78 -18.18
CA SER A 160 -51.56 -35.92 -16.82
C SER A 160 -52.23 -37.10 -16.14
N GLN A 161 -51.50 -37.69 -15.20
CA GLN A 161 -52.01 -38.78 -14.36
C GLN A 161 -52.37 -38.19 -13.00
N ASN A 162 -53.66 -38.24 -12.66
CA ASN A 162 -54.18 -37.63 -11.44
C ASN A 162 -54.43 -38.72 -10.40
N GLU A 163 -53.51 -38.87 -9.47
CA GLU A 163 -53.69 -39.72 -8.29
C GLU A 163 -54.04 -38.83 -7.12
N TRP A 164 -55.24 -39.02 -6.58
CA TRP A 164 -55.78 -38.17 -5.53
C TRP A 164 -56.61 -39.00 -4.57
N THR A 165 -56.58 -38.62 -3.29
CA THR A 165 -57.37 -39.31 -2.28
C THR A 165 -58.69 -38.57 -2.06
N ASP A 166 -59.78 -39.33 -2.01
CA ASP A 166 -61.08 -38.75 -1.73
C ASP A 166 -61.16 -38.34 -0.27
N LEU A 167 -62.04 -37.37 0.01
CA LEU A 167 -62.23 -36.91 1.38
C LEU A 167 -62.73 -38.01 2.30
N GLY A 168 -63.32 -39.08 1.76
CA GLY A 168 -63.56 -40.29 2.53
C GLY A 168 -62.28 -41.10 2.62
N GLU A 169 -62.42 -42.44 2.57
CA GLU A 169 -61.27 -43.32 2.67
C GLU A 169 -60.76 -43.80 1.31
N ASN A 170 -61.45 -43.47 0.22
CA ASN A 170 -61.15 -44.09 -1.06
C ASN A 170 -59.98 -43.40 -1.76
N LYS A 171 -59.00 -44.19 -2.17
CA LYS A 171 -58.01 -43.72 -3.13
C LYS A 171 -58.64 -43.64 -4.51
N ARG A 172 -58.22 -42.64 -5.28
CA ARG A 172 -58.75 -42.41 -6.62
C ARG A 172 -57.60 -42.19 -7.59
N LYS A 173 -57.77 -42.67 -8.82
CA LYS A 173 -56.77 -42.53 -9.88
C LYS A 173 -57.50 -42.22 -11.17
N ALA A 174 -56.96 -41.30 -11.96
CA ALA A 174 -57.61 -40.87 -13.19
C ALA A 174 -56.55 -40.31 -14.12
N LYS A 175 -56.47 -40.86 -15.33
CA LYS A 175 -55.61 -40.33 -16.39
C LYS A 175 -56.44 -39.42 -17.27
N VAL A 176 -56.20 -38.11 -17.18
CA VAL A 176 -56.96 -37.10 -17.89
C VAL A 176 -56.08 -36.46 -18.95
N LYS A 177 -56.57 -36.46 -20.18
CA LYS A 177 -55.93 -35.75 -21.29
C LYS A 177 -56.95 -34.85 -21.94
N GLN A 178 -56.48 -33.74 -22.52
CA GLN A 178 -57.37 -32.75 -23.07
C GLN A 178 -56.69 -32.00 -24.20
N ILE A 179 -57.50 -31.63 -25.19
CA ILE A 179 -57.07 -30.88 -26.36
C ILE A 179 -57.59 -29.45 -26.18
N ILE A 180 -56.69 -28.47 -26.26
CA ILE A 180 -57.04 -27.06 -26.18
C ILE A 180 -56.78 -26.45 -27.55
N THR A 181 -57.85 -26.03 -28.21
CA THR A 181 -57.77 -25.45 -29.56
C THR A 181 -58.51 -24.13 -29.58
N ALA A 182 -58.29 -23.37 -30.66
CA ALA A 182 -58.95 -22.08 -30.81
C ALA A 182 -60.46 -22.21 -30.93
N GLU A 183 -60.95 -23.20 -31.68
CA GLU A 183 -62.39 -23.39 -31.84
C GLU A 183 -63.05 -23.87 -30.55
N SER A 184 -62.40 -24.79 -29.84
CA SER A 184 -63.00 -25.43 -28.68
C SER A 184 -61.90 -26.11 -27.89
N ARG A 185 -62.27 -26.66 -26.74
CA ARG A 185 -61.39 -27.55 -25.98
C ARG A 185 -62.13 -28.84 -25.67
N PHE A 186 -61.41 -29.94 -25.82
CA PHE A 186 -61.94 -31.29 -25.63
C PHE A 186 -61.15 -31.95 -24.51
N VAL A 187 -61.85 -32.62 -23.61
CA VAL A 187 -61.23 -33.28 -22.46
C VAL A 187 -61.86 -34.65 -22.27
N GLU A 188 -61.01 -35.66 -22.09
CA GLU A 188 -61.42 -37.03 -21.85
C GLU A 188 -60.55 -37.61 -20.75
N VAL A 189 -61.15 -38.42 -19.88
CA VAL A 189 -60.49 -38.97 -18.71
C VAL A 189 -60.84 -40.44 -18.58
N GLU A 190 -59.83 -41.24 -18.24
CA GLU A 190 -59.99 -42.66 -17.93
C GLU A 190 -59.67 -42.89 -16.46
N GLY A 191 -60.59 -43.49 -15.74
CA GLY A 191 -60.46 -43.76 -14.32
C GLY A 191 -61.56 -43.13 -13.51
N ASP A 192 -61.23 -42.79 -12.26
CA ASP A 192 -62.20 -42.19 -11.36
C ASP A 192 -62.67 -40.85 -11.91
N LYS A 193 -63.98 -40.62 -11.79
CA LYS A 193 -64.56 -39.39 -12.32
C LYS A 193 -64.06 -38.18 -11.55
N ILE A 194 -63.54 -37.19 -12.27
CA ILE A 194 -63.14 -35.93 -11.64
C ILE A 194 -64.38 -35.09 -11.38
N GLU A 195 -64.47 -34.55 -10.16
CA GLU A 195 -65.68 -33.85 -9.75
C GLU A 195 -65.90 -32.59 -10.58
N GLY A 196 -64.85 -31.82 -10.84
CA GLY A 196 -64.95 -30.53 -11.46
C GLY A 196 -64.78 -30.47 -12.97
N LEU A 197 -64.58 -31.62 -13.64
CA LEU A 197 -64.35 -31.66 -15.07
C LEU A 197 -65.56 -32.27 -15.78
N GLU A 198 -65.91 -31.68 -16.91
CA GLU A 198 -66.95 -32.20 -17.80
C GLU A 198 -66.27 -32.78 -19.04
N GLU A 199 -66.47 -34.07 -19.27
CA GLU A 199 -65.86 -34.71 -20.42
C GLU A 199 -66.50 -34.19 -21.71
N GLY A 200 -65.79 -34.38 -22.81
CA GLY A 200 -66.29 -34.00 -24.11
C GLY A 200 -65.92 -32.59 -24.50
N GLU A 201 -66.31 -32.26 -25.73
CA GLU A 201 -66.02 -30.95 -26.30
C GLU A 201 -66.87 -29.88 -25.62
N THR A 202 -66.25 -28.71 -25.40
CA THR A 202 -66.95 -27.51 -24.95
C THR A 202 -66.45 -26.33 -25.80
N PRO A 203 -67.34 -25.48 -26.33
CA PRO A 203 -66.84 -24.38 -27.17
C PRO A 203 -65.95 -23.42 -26.39
N ASN A 204 -64.97 -22.87 -27.09
CA ASN A 204 -64.07 -21.88 -26.51
C ASN A 204 -64.72 -20.51 -26.61
N VAL A 205 -64.91 -19.86 -25.46
CA VAL A 205 -65.55 -18.55 -25.45
C VAL A 205 -64.77 -17.51 -26.21
N TRP A 206 -63.45 -17.69 -26.35
CA TRP A 206 -62.58 -16.79 -27.08
C TRP A 206 -61.99 -17.55 -28.26
N GLY A 207 -61.75 -16.84 -29.35
CA GLY A 207 -61.29 -17.49 -30.58
C GLY A 207 -59.78 -17.60 -30.68
N PHE A 208 -59.10 -17.77 -29.55
CA PHE A 208 -57.67 -18.01 -29.53
C PHE A 208 -57.35 -18.96 -28.40
N ILE A 209 -56.23 -19.65 -28.53
CA ILE A 209 -55.79 -20.58 -27.50
C ILE A 209 -55.36 -19.75 -26.30
N PRO A 210 -55.87 -19.99 -25.08
CA PRO A 210 -55.55 -19.10 -23.96
C PRO A 210 -54.21 -19.39 -23.28
N ILE A 211 -53.34 -20.17 -23.92
CA ILE A 211 -52.07 -20.60 -23.34
C ILE A 211 -50.96 -19.75 -23.95
N ILE A 212 -50.04 -19.29 -23.10
CA ILE A 212 -48.86 -18.54 -23.52
C ILE A 212 -47.65 -19.42 -23.28
N HIS A 213 -46.81 -19.57 -24.31
CA HIS A 213 -45.64 -20.43 -24.27
C HIS A 213 -44.41 -19.55 -24.08
N PHE A 214 -43.93 -19.48 -22.84
CA PHE A 214 -42.67 -18.82 -22.55
C PHE A 214 -41.51 -19.73 -22.91
N LYS A 215 -40.51 -19.19 -23.59
CA LYS A 215 -39.48 -19.99 -24.26
C LYS A 215 -38.12 -19.33 -24.00
N ASN A 216 -37.35 -19.92 -23.10
CA ASN A 216 -36.01 -19.39 -22.80
C ASN A 216 -35.05 -19.76 -23.91
N GLU A 217 -34.23 -18.78 -24.31
CA GLU A 217 -33.26 -18.96 -25.40
C GLU A 217 -33.96 -19.46 -26.66
N ALA A 218 -35.03 -18.79 -27.04
CA ALA A 218 -35.80 -19.20 -28.21
C ALA A 218 -34.93 -19.17 -29.46
N ASP A 219 -34.99 -20.24 -30.23
CA ASP A 219 -34.23 -20.39 -31.46
C ASP A 219 -35.19 -20.74 -32.58
N GLU A 220 -34.94 -20.20 -33.77
CA GLU A 220 -35.84 -20.44 -34.89
C GLU A 220 -35.86 -21.92 -35.29
N THR A 221 -34.75 -22.63 -35.09
CA THR A 221 -34.66 -24.02 -35.50
C THR A 221 -35.26 -24.98 -34.48
N LEU A 222 -35.56 -24.53 -33.27
CA LEU A 222 -36.07 -25.38 -32.21
C LEU A 222 -37.55 -25.09 -31.96
N LYS A 223 -38.35 -26.15 -31.85
CA LYS A 223 -39.75 -25.98 -31.50
C LYS A 223 -39.92 -25.54 -30.06
N TYR A 224 -39.03 -25.97 -29.17
CA TYR A 224 -39.12 -25.72 -27.74
C TYR A 224 -37.90 -24.92 -27.30
N GLY A 225 -37.99 -24.40 -26.08
CA GLY A 225 -36.93 -23.58 -25.54
C GLY A 225 -35.76 -24.40 -25.04
N GLN A 226 -34.75 -23.68 -24.56
CA GLN A 226 -33.52 -24.26 -24.05
C GLN A 226 -33.29 -23.76 -22.64
N SER A 227 -32.91 -24.67 -21.75
CA SER A 227 -32.60 -24.28 -20.38
C SER A 227 -31.26 -23.58 -20.32
N ASP A 228 -31.10 -22.72 -19.31
CA ASP A 228 -29.79 -22.17 -19.01
C ASP A 228 -28.85 -23.21 -18.43
N ILE A 229 -29.38 -24.36 -18.01
CA ILE A 229 -28.55 -25.44 -17.49
C ILE A 229 -27.88 -26.20 -18.62
N GLU A 230 -28.50 -26.23 -19.80
CA GLU A 230 -27.97 -27.02 -20.91
C GLU A 230 -26.56 -26.63 -21.32
N PRO A 231 -26.22 -25.36 -21.50
CA PRO A 231 -24.83 -25.03 -21.82
C PRO A 231 -23.83 -25.48 -20.78
N ILE A 232 -24.17 -25.44 -19.49
CA ILE A 232 -23.22 -25.79 -18.44
C ILE A 232 -23.25 -27.26 -18.04
N GLU A 233 -24.25 -28.03 -18.51
CA GLU A 233 -24.46 -29.39 -18.04
C GLU A 233 -23.24 -30.30 -18.21
N PRO A 234 -22.57 -30.36 -19.36
CA PRO A 234 -21.33 -31.16 -19.42
C PRO A 234 -20.28 -30.68 -18.44
N LEU A 235 -20.16 -29.38 -18.23
CA LEU A 235 -19.22 -28.88 -17.24
C LEU A 235 -19.63 -29.25 -15.83
N LEU A 236 -20.93 -29.25 -15.53
CA LEU A 236 -21.39 -29.73 -14.22
C LEU A 236 -21.03 -31.20 -14.03
N LYS A 237 -21.23 -32.01 -15.05
CA LYS A 237 -20.90 -33.43 -14.95
C LYS A 237 -19.39 -33.62 -14.74
N ALA A 238 -18.58 -32.87 -15.48
CA ALA A 238 -17.13 -32.99 -15.32
C ALA A 238 -16.70 -32.54 -13.93
N TYR A 239 -17.29 -31.45 -13.43
CA TYR A 239 -16.97 -30.98 -12.08
C TYR A 239 -17.35 -32.02 -11.04
N HIS A 240 -18.52 -32.64 -11.19
CA HIS A 240 -18.92 -33.68 -10.26
C HIS A 240 -17.96 -34.86 -10.30
N ASP A 241 -17.56 -35.27 -11.51
CA ASP A 241 -16.65 -36.39 -11.63
C ASP A 241 -15.31 -36.09 -10.98
N VAL A 242 -14.77 -34.92 -11.22
CA VAL A 242 -13.48 -34.56 -10.63
C VAL A 242 -13.58 -34.49 -9.11
N MET A 243 -14.65 -33.85 -8.61
CA MET A 243 -14.79 -33.70 -7.16
C MET A 243 -14.99 -35.06 -6.48
N LEU A 244 -15.80 -35.92 -7.08
CA LEU A 244 -16.04 -37.23 -6.49
C LEU A 244 -14.78 -38.08 -6.51
N HIS A 245 -14.03 -38.04 -7.61
CA HIS A 245 -12.77 -38.77 -7.68
C HIS A 245 -11.80 -38.26 -6.62
N ALA A 246 -11.74 -36.93 -6.45
CA ALA A 246 -10.87 -36.35 -5.43
C ALA A 246 -11.29 -36.80 -4.03
N LEU A 247 -12.59 -36.79 -3.75
CA LEU A 247 -13.07 -37.18 -2.43
C LEU A 247 -12.78 -38.64 -2.15
N LYS A 248 -13.01 -39.52 -3.12
CA LYS A 248 -12.72 -40.93 -2.92
C LYS A 248 -11.23 -41.16 -2.74
N GLY A 249 -10.40 -40.50 -3.54
CA GLY A 249 -8.97 -40.66 -3.39
C GLY A 249 -8.48 -40.18 -2.04
N SER A 250 -9.01 -39.06 -1.56
CA SER A 250 -8.62 -38.56 -0.24
C SER A 250 -9.08 -39.49 0.85
N LYS A 251 -10.29 -40.03 0.74
CA LYS A 251 -10.77 -40.99 1.74
C LYS A 251 -9.86 -42.21 1.79
N MET A 252 -9.45 -42.71 0.63
CA MET A 252 -8.62 -43.90 0.60
C MET A 252 -7.21 -43.62 1.12
N HIS A 253 -6.62 -42.48 0.74
CA HIS A 253 -5.18 -42.28 0.85
C HIS A 253 -4.72 -41.07 1.65
N SER A 254 -5.60 -40.15 2.05
CA SER A 254 -5.13 -38.98 2.78
C SER A 254 -4.56 -39.36 4.14
N THR A 255 -5.23 -40.23 4.88
CA THR A 255 -4.75 -40.63 6.19
C THR A 255 -3.58 -41.59 6.02
N PRO A 256 -2.40 -41.30 6.56
CA PRO A 256 -1.26 -42.19 6.31
C PRO A 256 -1.45 -43.56 6.95
N LYS A 257 -0.84 -44.56 6.32
CA LYS A 257 -0.96 -45.95 6.74
C LYS A 257 0.31 -46.34 7.46
N LEU A 258 0.18 -46.74 8.73
CA LEU A 258 1.34 -47.17 9.48
C LEU A 258 1.80 -48.53 8.99
N LYS A 259 3.08 -48.63 8.65
CA LYS A 259 3.68 -49.83 8.11
C LYS A 259 4.65 -50.37 9.15
N LEU A 260 4.47 -51.63 9.53
CA LEU A 260 5.34 -52.32 10.48
C LEU A 260 5.99 -53.51 9.78
N LYS A 261 7.31 -53.48 9.68
CA LYS A 261 8.08 -54.59 9.13
C LYS A 261 8.61 -55.41 10.31
N LEU A 262 7.93 -56.52 10.59
CA LEU A 262 8.10 -57.28 11.82
C LEU A 262 8.87 -58.57 11.55
N THR A 263 9.34 -59.20 12.64
CA THR A 263 9.97 -60.50 12.51
C THR A 263 8.93 -61.60 12.35
N ASP A 264 7.78 -61.46 13.02
CA ASP A 264 6.70 -62.43 12.92
C ASP A 264 5.39 -61.69 13.14
N VAL A 265 4.59 -61.56 12.07
CA VAL A 265 3.40 -60.71 12.12
C VAL A 265 2.33 -61.33 13.00
N ALA A 266 2.11 -62.63 12.84
CA ALA A 266 0.98 -63.28 13.53
C ALA A 266 1.16 -63.24 15.05
N SER A 267 2.38 -63.51 15.52
CA SER A 267 2.61 -63.44 16.96
C SER A 267 2.47 -62.02 17.47
N PHE A 268 2.92 -61.04 16.69
CA PHE A 268 2.74 -59.63 17.08
C PHE A 268 1.26 -59.30 17.25
N LEU A 269 0.44 -59.71 16.28
CA LEU A 269 -0.99 -59.46 16.38
C LEU A 269 -1.58 -60.16 17.59
N ALA A 270 -1.25 -61.44 17.79
CA ALA A 270 -1.83 -62.20 18.89
C ALA A 270 -1.45 -61.61 20.24
N HIS A 271 -0.22 -61.12 20.38
CA HIS A 271 0.21 -60.54 21.64
C HIS A 271 -0.39 -59.15 21.86
N ASN A 272 -0.14 -58.23 20.93
CA ASN A 272 -0.53 -56.84 21.14
C ASN A 272 -2.05 -56.66 21.09
N PHE A 273 -2.70 -57.18 20.06
CA PHE A 273 -4.11 -56.90 19.82
C PHE A 273 -5.02 -58.10 20.06
N GLY A 274 -4.49 -59.24 20.52
CA GLY A 274 -5.32 -60.38 20.80
C GLY A 274 -5.97 -61.01 19.60
N VAL A 275 -5.46 -60.73 18.40
CA VAL A 275 -6.01 -61.29 17.17
C VAL A 275 -5.38 -62.65 16.94
N GLU A 276 -6.01 -63.70 17.48
CA GLU A 276 -5.45 -65.04 17.36
C GLU A 276 -5.59 -65.61 15.95
N ASP A 277 -6.55 -65.13 15.17
CA ASP A 277 -6.80 -65.61 13.81
C ASP A 277 -6.88 -64.41 12.89
N PRO A 278 -5.74 -63.92 12.38
CA PRO A 278 -5.79 -62.71 11.54
C PRO A 278 -6.60 -62.89 10.26
N VAL A 279 -6.63 -64.09 9.69
CA VAL A 279 -7.43 -64.30 8.47
C VAL A 279 -8.91 -64.12 8.79
N LYS A 280 -9.38 -64.75 9.86
CA LYS A 280 -10.77 -64.59 10.26
C LYS A 280 -11.05 -63.16 10.69
N PHE A 281 -10.07 -62.50 11.31
CA PHE A 281 -10.24 -61.11 11.71
C PHE A 281 -10.45 -60.22 10.49
N ALA A 282 -9.66 -60.42 9.45
CA ALA A 282 -9.81 -59.63 8.24
C ALA A 282 -11.10 -59.96 7.51
N LYS A 283 -11.50 -61.24 7.52
CA LYS A 283 -12.73 -61.63 6.84
C LYS A 283 -13.94 -60.97 7.48
N GLU A 284 -13.98 -60.92 8.81
CA GLU A 284 -15.12 -60.36 9.51
C GLU A 284 -15.11 -58.83 9.56
N GLY A 285 -14.11 -58.18 8.96
CA GLY A 285 -14.07 -56.73 8.98
C GLY A 285 -13.69 -56.15 10.33
N GLY A 286 -13.03 -56.92 11.18
CA GLY A 286 -12.64 -56.40 12.47
C GLY A 286 -11.63 -55.28 12.33
N LYS A 287 -11.70 -54.32 13.24
CA LYS A 287 -10.85 -53.14 13.25
C LYS A 287 -9.97 -53.17 14.49
N ILE A 288 -8.66 -53.01 14.31
CA ILE A 288 -7.75 -52.89 15.44
C ILE A 288 -7.95 -51.50 16.05
N ASN A 289 -8.25 -51.48 17.35
CA ASN A 289 -8.55 -50.23 18.05
C ASN A 289 -7.24 -49.62 18.54
N LEU A 290 -6.98 -48.38 18.13
CA LEU A 290 -5.76 -47.66 18.49
C LEU A 290 -6.14 -46.31 19.10
N ASP A 291 -5.67 -46.08 20.32
CA ASP A 291 -5.69 -44.74 20.87
C ASP A 291 -4.62 -43.89 20.18
N GLY A 292 -4.73 -42.58 20.31
CA GLY A 292 -3.83 -41.70 19.61
C GLY A 292 -2.40 -41.74 20.12
N HIS A 293 -2.20 -42.12 21.37
CA HIS A 293 -0.89 -42.09 22.03
C HIS A 293 -0.37 -43.52 22.14
N GLU A 294 0.77 -43.79 21.49
CA GLU A 294 1.35 -45.12 21.45
C GLU A 294 2.86 -45.00 21.46
N ILE A 295 3.51 -46.07 21.91
CA ILE A 295 4.97 -46.19 21.88
C ILE A 295 5.29 -47.59 21.37
N LEU A 296 6.22 -47.67 20.42
CA LEU A 296 6.57 -48.91 19.74
C LEU A 296 7.87 -49.44 20.31
N PHE A 297 7.84 -50.68 20.82
CA PHE A 297 9.03 -51.41 21.23
C PHE A 297 9.26 -52.53 20.22
N LEU A 298 10.43 -52.53 19.60
CA LEU A 298 10.73 -53.39 18.48
C LEU A 298 12.10 -54.02 18.64
N ASN A 299 12.32 -55.12 17.93
CA ASN A 299 13.64 -55.72 17.87
C ASN A 299 14.56 -54.87 17.00
N LYS A 300 15.83 -55.25 16.96
CA LYS A 300 16.79 -54.53 16.14
C LYS A 300 16.46 -54.66 14.66
N ASP A 301 16.00 -55.85 14.24
CA ASP A 301 15.71 -56.08 12.83
C ASP A 301 14.42 -55.41 12.39
N GLU A 302 13.43 -55.33 13.27
CA GLU A 302 12.12 -54.83 12.91
C GLU A 302 12.17 -53.33 12.63
N GLU A 303 11.26 -52.87 11.79
CA GLU A 303 11.21 -51.48 11.33
C GLU A 303 9.77 -51.03 11.28
N ALA A 304 9.55 -49.74 11.53
CA ALA A 304 8.23 -49.13 11.48
C ALA A 304 8.34 -47.78 10.79
N GLU A 305 7.36 -47.49 9.93
CA GLU A 305 7.38 -46.26 9.14
C GLU A 305 5.96 -45.96 8.69
N PHE A 306 5.68 -44.69 8.43
CA PHE A 306 4.41 -44.26 7.90
C PHE A 306 4.47 -44.24 6.38
N VAL A 307 3.57 -44.99 5.74
CA VAL A 307 3.37 -44.91 4.30
C VAL A 307 2.39 -43.78 4.03
N GLU A 308 2.85 -42.74 3.35
CA GLU A 308 2.14 -41.47 3.30
C GLU A 308 2.22 -40.89 1.89
N VAL A 309 1.18 -40.15 1.52
CA VAL A 309 1.12 -39.48 0.23
C VAL A 309 1.51 -38.02 0.40
N LYS A 310 2.20 -37.49 -0.61
CA LYS A 310 2.45 -36.05 -0.65
C LYS A 310 1.16 -35.29 -0.93
N SER A 311 0.30 -35.83 -1.78
CA SER A 311 -1.00 -35.22 -2.03
C SER A 311 -1.91 -36.27 -2.66
N ALA A 312 -2.96 -36.65 -1.94
CA ALA A 312 -3.92 -37.62 -2.48
C ALA A 312 -4.83 -37.02 -3.55
N ILE A 313 -4.81 -35.71 -3.72
CA ILE A 313 -5.69 -35.01 -4.67
C ILE A 313 -4.87 -34.61 -5.88
N GLY A 314 -3.63 -34.21 -5.65
CA GLY A 314 -2.78 -33.81 -6.74
C GLY A 314 -3.29 -32.55 -7.40
N ASP A 315 -3.45 -32.61 -8.72
CA ASP A 315 -3.82 -31.46 -9.53
C ASP A 315 -5.32 -31.38 -9.78
N ALA A 316 -6.15 -32.06 -8.98
CA ALA A 316 -7.59 -31.95 -9.17
C ALA A 316 -8.09 -30.55 -8.82
N LYS A 317 -7.42 -29.86 -7.90
CA LYS A 317 -7.87 -28.52 -7.52
C LYS A 317 -7.74 -27.55 -8.69
N GLU A 318 -6.64 -27.64 -9.44
CA GLU A 318 -6.48 -26.81 -10.63
C GLU A 318 -7.54 -27.11 -11.67
N LEU A 319 -7.86 -28.40 -11.86
CA LEU A 319 -8.88 -28.77 -12.83
C LEU A 319 -10.25 -28.25 -12.40
N LEU A 320 -10.56 -28.32 -11.10
CA LEU A 320 -11.82 -27.78 -10.63
C LEU A 320 -11.88 -26.27 -10.80
N LYS A 321 -10.75 -25.60 -10.60
CA LYS A 321 -10.70 -24.15 -10.84
C LYS A 321 -10.96 -23.84 -12.31
N LEU A 322 -10.35 -24.60 -13.22
CA LEU A 322 -10.55 -24.37 -14.64
C LEU A 322 -12.00 -24.65 -15.03
N LEU A 323 -12.60 -25.71 -14.49
CA LEU A 323 -13.98 -26.00 -14.79
C LEU A 323 -14.91 -24.93 -14.22
N PHE A 324 -14.57 -24.38 -13.05
CA PHE A 324 -15.34 -23.27 -12.51
C PHE A 324 -15.27 -22.06 -13.41
N TYR A 325 -14.07 -21.77 -13.94
CA TYR A 325 -13.94 -20.68 -14.90
C TYR A 325 -14.79 -20.93 -16.13
N CYS A 326 -14.79 -22.16 -16.64
CA CYS A 326 -15.59 -22.48 -17.82
C CYS A 326 -17.08 -22.33 -17.53
N ILE A 327 -17.52 -22.75 -16.35
CA ILE A 327 -18.93 -22.62 -15.98
C ILE A 327 -19.31 -21.15 -15.89
N VAL A 328 -18.45 -20.33 -15.29
CA VAL A 328 -18.75 -18.90 -15.17
C VAL A 328 -18.77 -18.25 -16.55
N ASP A 329 -17.87 -18.67 -17.44
CA ASP A 329 -17.88 -18.14 -18.80
C ASP A 329 -19.16 -18.49 -19.53
N VAL A 330 -19.56 -19.76 -19.47
CA VAL A 330 -20.73 -20.23 -20.20
C VAL A 330 -21.99 -19.52 -19.73
N SER A 331 -22.21 -19.50 -18.42
CA SER A 331 -23.38 -18.84 -17.88
C SER A 331 -23.32 -17.33 -17.96
N GLU A 332 -22.14 -16.76 -18.16
CA GLU A 332 -21.94 -15.31 -18.24
C GLU A 332 -22.34 -14.62 -16.95
N THR A 333 -22.30 -15.33 -15.84
CA THR A 333 -22.64 -14.74 -14.56
C THR A 333 -21.55 -13.77 -14.15
N PRO A 334 -21.88 -12.57 -13.63
CA PRO A 334 -20.84 -11.73 -13.08
C PRO A 334 -20.14 -12.41 -11.90
N GLU A 335 -18.88 -12.06 -11.71
CA GLU A 335 -18.06 -12.78 -10.74
C GLU A 335 -18.50 -12.54 -9.31
N PHE A 336 -19.19 -11.44 -9.02
CA PHE A 336 -19.63 -11.21 -7.64
C PHE A 336 -20.70 -12.20 -7.22
N ILE A 337 -21.40 -12.82 -8.16
CA ILE A 337 -22.33 -13.89 -7.81
C ILE A 337 -21.58 -15.09 -7.25
N PHE A 338 -20.34 -15.30 -7.68
CA PHE A 338 -19.47 -16.36 -7.17
C PHE A 338 -18.28 -15.77 -6.43
N GLY A 339 -18.53 -14.76 -5.59
CA GLY A 339 -17.45 -14.08 -4.91
C GLY A 339 -16.73 -14.93 -3.89
N VAL A 340 -17.34 -16.02 -3.42
CA VAL A 340 -16.67 -16.88 -2.46
C VAL A 340 -15.47 -17.55 -3.10
N HIS A 341 -15.57 -17.90 -4.38
CA HIS A 341 -14.42 -18.46 -5.10
C HIS A 341 -13.36 -17.39 -5.35
N THR A 342 -13.78 -16.20 -5.76
CA THR A 342 -12.89 -15.08 -6.09
C THR A 342 -13.22 -13.94 -5.14
N PRO A 343 -12.50 -13.82 -4.01
CA PRO A 343 -12.80 -12.71 -3.08
C PRO A 343 -12.58 -11.33 -3.68
N SER A 344 -11.79 -11.22 -4.76
CA SER A 344 -11.64 -9.93 -5.43
C SER A 344 -12.96 -9.41 -5.97
N ALA A 345 -13.79 -10.31 -6.51
CA ALA A 345 -15.07 -9.92 -7.08
C ALA A 345 -16.03 -9.34 -6.05
N LEU A 346 -15.92 -9.74 -4.78
CA LEU A 346 -16.77 -9.16 -3.74
C LEU A 346 -16.56 -7.66 -3.60
N ALA A 347 -15.32 -7.20 -3.69
CA ALA A 347 -15.06 -5.77 -3.72
C ALA A 347 -15.55 -5.18 -5.04
N SER A 348 -16.15 -4.00 -4.95
CA SER A 348 -16.61 -3.26 -6.12
C SER A 348 -17.62 -4.05 -6.93
N VAL A 349 -18.76 -4.34 -6.30
CA VAL A 349 -19.90 -4.90 -7.02
C VAL A 349 -20.48 -3.87 -7.98
N LYS A 350 -20.52 -2.60 -7.54
CA LYS A 350 -21.03 -1.54 -8.39
C LYS A 350 -20.19 -1.39 -9.66
N GLU A 351 -18.89 -1.69 -9.58
CA GLU A 351 -18.06 -1.65 -10.77
C GLU A 351 -18.42 -2.76 -11.74
N GLN A 352 -18.85 -3.92 -11.24
CA GLN A 352 -19.23 -5.04 -12.07
C GLN A 352 -20.68 -5.01 -12.51
N MET A 353 -21.49 -4.10 -11.96
CA MET A 353 -22.90 -4.04 -12.35
C MET A 353 -23.17 -3.88 -13.84
N PRO A 354 -22.40 -3.10 -14.61
CA PRO A 354 -22.67 -3.01 -16.05
C PRO A 354 -22.68 -4.34 -16.78
N ILE A 355 -21.87 -5.30 -16.36
CA ILE A 355 -21.92 -6.63 -16.97
C ILE A 355 -23.28 -7.28 -16.69
N MET A 356 -23.75 -7.19 -15.45
CA MET A 356 -25.07 -7.71 -15.11
C MET A 356 -26.15 -6.99 -15.91
N VAL A 357 -26.00 -5.67 -16.08
CA VAL A 357 -26.98 -4.90 -16.83
C VAL A 357 -27.03 -5.38 -18.27
N ASN A 358 -25.86 -5.63 -18.87
CA ASN A 358 -25.81 -6.13 -20.24
C ASN A 358 -26.47 -7.50 -20.35
N LYS A 359 -26.16 -8.40 -19.43
CA LYS A 359 -26.74 -9.74 -19.46
C LYS A 359 -28.25 -9.68 -19.33
N ILE A 360 -28.75 -8.83 -18.43
CA ILE A 360 -30.18 -8.74 -18.21
C ILE A 360 -30.88 -8.03 -19.36
N ARG A 361 -30.20 -7.06 -19.99
CA ARG A 361 -30.71 -6.45 -21.21
C ARG A 361 -30.94 -7.51 -22.27
N ARG A 362 -29.94 -8.37 -22.49
CA ARG A 362 -30.08 -9.41 -23.50
C ARG A 362 -31.16 -10.41 -23.12
N LYS A 363 -31.24 -10.76 -21.83
CA LYS A 363 -32.15 -11.83 -21.41
C LYS A 363 -33.61 -11.37 -21.42
N ARG A 364 -33.86 -10.10 -21.11
CA ARG A 364 -35.24 -9.63 -21.00
C ARG A 364 -35.96 -9.67 -22.34
N GLU A 365 -35.23 -9.54 -23.44
CA GLU A 365 -35.87 -9.50 -24.74
C GLU A 365 -36.49 -10.84 -25.14
N GLN A 366 -36.03 -11.93 -24.55
CA GLN A 366 -36.58 -13.23 -24.89
C GLN A 366 -38.04 -13.35 -24.44
N PHE A 367 -38.37 -12.77 -23.28
CA PHE A 367 -39.68 -12.94 -22.67
C PHE A 367 -40.63 -11.78 -22.93
N THR A 368 -40.12 -10.63 -23.37
CA THR A 368 -40.97 -9.44 -23.44
C THR A 368 -42.06 -9.59 -24.48
N ASN A 369 -41.79 -10.30 -25.57
CA ASN A 369 -42.85 -10.56 -26.56
C ASN A 369 -43.93 -11.45 -25.98
N SER A 370 -43.53 -12.46 -25.20
CA SER A 370 -44.51 -13.30 -24.53
C SER A 370 -45.34 -12.50 -23.53
N TRP A 371 -44.73 -11.51 -22.87
CA TRP A 371 -45.49 -10.68 -21.94
C TRP A 371 -46.44 -9.75 -22.69
N GLN A 372 -46.03 -9.26 -23.86
CA GLN A 372 -46.95 -8.52 -24.72
C GLN A 372 -48.17 -9.37 -25.04
N LEU A 373 -47.92 -10.62 -25.45
CA LEU A 373 -49.02 -11.53 -25.78
C LEU A 373 -49.92 -11.78 -24.57
N LEU A 374 -49.31 -11.99 -23.40
CA LEU A 374 -50.09 -12.27 -22.20
C LEU A 374 -50.95 -11.08 -21.81
N ALA A 375 -50.38 -9.88 -21.84
CA ALA A 375 -51.15 -8.69 -21.50
C ALA A 375 -52.27 -8.46 -22.50
N ARG A 376 -51.99 -8.69 -23.79
CA ARG A 376 -53.02 -8.55 -24.81
C ARG A 376 -54.17 -9.52 -24.56
N MET A 377 -53.85 -10.77 -24.23
CA MET A 377 -54.89 -11.75 -23.96
C MET A 377 -55.68 -11.39 -22.71
N VAL A 378 -55.00 -10.89 -21.68
CA VAL A 378 -55.69 -10.50 -20.46
C VAL A 378 -56.66 -9.36 -20.74
N LEU A 379 -56.23 -8.39 -21.53
CA LEU A 379 -57.12 -7.29 -21.91
C LEU A 379 -58.30 -7.80 -22.73
N ILE A 380 -58.04 -8.72 -23.65
CA ILE A 380 -59.13 -9.25 -24.48
C ILE A 380 -60.09 -10.07 -23.63
N MET A 381 -59.55 -10.82 -22.67
CA MET A 381 -60.38 -11.69 -21.83
C MET A 381 -61.26 -10.93 -20.84
N SER A 382 -61.05 -9.63 -20.69
CA SER A 382 -61.85 -8.82 -19.76
C SER A 382 -62.35 -7.55 -20.46
N LYS A 389 -63.23 -3.39 -26.31
CA LYS A 389 -63.74 -2.14 -25.74
C LYS A 389 -62.65 -1.07 -25.67
N TYR A 390 -61.41 -1.51 -25.46
CA TYR A 390 -60.32 -0.57 -25.25
C TYR A 390 -59.81 -0.04 -26.59
N SER A 391 -59.34 1.21 -26.56
CA SER A 391 -58.84 1.88 -27.76
C SER A 391 -57.51 1.32 -28.24
N SER A 392 -56.79 0.57 -27.40
CA SER A 392 -55.51 0.01 -27.80
C SER A 392 -55.27 -1.27 -27.01
N TYR A 393 -54.62 -2.25 -27.65
CA TYR A 393 -54.26 -3.51 -27.02
C TYR A 393 -52.77 -3.75 -26.94
N ASP A 394 -51.96 -3.02 -27.72
CA ASP A 394 -50.52 -3.16 -27.65
C ASP A 394 -50.04 -2.64 -26.29
N VAL A 395 -49.20 -3.43 -25.63
CA VAL A 395 -48.69 -3.12 -24.30
C VAL A 395 -47.17 -3.05 -24.37
N THR A 396 -46.60 -1.98 -23.82
CA THR A 396 -45.15 -1.83 -23.70
C THR A 396 -44.72 -2.25 -22.31
N ILE A 397 -43.61 -3.00 -22.24
CA ILE A 397 -43.11 -3.56 -21.00
C ILE A 397 -41.91 -2.75 -20.53
N GLY A 398 -42.04 -2.16 -19.34
CA GLY A 398 -40.90 -1.73 -18.57
C GLY A 398 -40.41 -2.86 -17.68
N TRP A 399 -39.32 -2.59 -16.97
CA TRP A 399 -38.68 -3.61 -16.15
C TRP A 399 -38.11 -2.98 -14.89
N ASP A 400 -37.86 -3.83 -13.90
CA ASP A 400 -37.20 -3.39 -12.68
C ASP A 400 -35.80 -2.88 -12.98
N GLU A 401 -35.33 -1.98 -12.14
CA GLU A 401 -33.97 -1.44 -12.29
C GLU A 401 -32.95 -2.49 -11.88
N VAL A 402 -32.09 -2.88 -12.82
CA VAL A 402 -31.01 -3.80 -12.50
C VAL A 402 -29.99 -3.13 -11.59
N ASN A 403 -29.60 -1.91 -11.94
CA ASN A 403 -28.67 -1.10 -11.14
C ASN A 403 -29.39 0.19 -10.79
N PRO A 404 -30.09 0.26 -9.64
CA PRO A 404 -31.01 1.39 -9.42
C PRO A 404 -30.30 2.73 -9.33
N ARG A 405 -31.01 3.77 -9.77
CA ARG A 405 -30.54 5.14 -9.61
C ARG A 405 -30.89 5.64 -8.21
N ASP A 406 -30.01 6.45 -7.64
CA ASP A 406 -30.30 7.07 -6.36
C ASP A 406 -31.35 8.16 -6.53
N ASP A 407 -32.24 8.27 -5.55
CA ASP A 407 -33.24 9.32 -5.58
C ASP A 407 -32.60 10.69 -5.53
N LYS A 408 -31.54 10.85 -4.73
CA LYS A 408 -30.86 12.14 -4.63
C LYS A 408 -30.27 12.56 -5.97
N GLU A 409 -29.66 11.63 -6.69
CA GLU A 409 -29.11 11.95 -8.01
C GLU A 409 -30.21 12.34 -8.98
N LEU A 410 -31.34 11.63 -8.93
CA LEU A 410 -32.47 11.97 -9.80
C LEU A 410 -32.96 13.39 -9.50
N ALA A 411 -33.08 13.73 -8.22
CA ALA A 411 -33.52 15.07 -7.85
C ALA A 411 -32.49 16.11 -8.25
N GLU A 412 -31.20 15.77 -8.17
CA GLU A 412 -30.16 16.71 -8.57
C GLU A 412 -30.26 17.03 -10.06
N THR A 413 -30.40 15.99 -10.89
CA THR A 413 -30.53 16.26 -12.33
C THR A 413 -31.85 16.96 -12.64
N LEU A 414 -32.89 16.70 -11.85
CA LEU A 414 -34.13 17.45 -12.00
C LEU A 414 -33.91 18.94 -11.75
N GLU A 415 -33.21 19.27 -10.67
CA GLU A 415 -32.92 20.67 -10.37
C GLU A 415 -32.06 21.29 -11.47
N LYS A 416 -31.10 20.54 -11.97
CA LYS A 416 -30.24 21.04 -13.05
C LYS A 416 -31.05 21.34 -14.30
N VAL A 417 -31.97 20.44 -14.65
CA VAL A 417 -32.83 20.68 -15.82
C VAL A 417 -33.70 21.90 -15.57
N CYS A 418 -34.28 22.02 -14.38
CA CYS A 418 -35.19 23.11 -14.10
C CYS A 418 -34.48 24.46 -14.18
N CYS A 419 -33.28 24.57 -13.61
CA CYS A 419 -32.53 25.81 -13.69
C CYS A 419 -31.98 26.06 -15.09
N ALA A 420 -31.65 25.01 -15.85
CA ALA A 420 -31.25 25.19 -17.23
C ALA A 420 -32.38 25.80 -18.05
N LEU A 421 -33.59 25.26 -17.90
CA LEU A 421 -34.77 25.89 -18.47
C LEU A 421 -35.08 27.16 -17.68
N ASP A 422 -36.13 27.87 -18.11
CA ASP A 422 -36.42 29.23 -17.66
C ASP A 422 -35.31 30.21 -18.05
N LYS A 423 -34.50 29.84 -19.04
CA LYS A 423 -33.42 30.67 -19.54
C LYS A 423 -33.26 30.35 -21.01
N ALA A 424 -32.64 31.27 -21.75
CA ALA A 424 -32.66 31.23 -23.21
C ALA A 424 -34.10 31.13 -23.70
N LEU A 425 -34.84 32.21 -23.43
CA LEU A 425 -36.30 32.17 -23.45
C LEU A 425 -36.88 31.93 -24.84
N GLU A 426 -36.07 31.99 -25.89
CA GLU A 426 -36.54 31.70 -27.24
C GLU A 426 -36.75 30.20 -27.49
N GLY A 427 -36.56 29.34 -26.50
CA GLY A 427 -36.73 27.92 -26.69
C GLY A 427 -38.14 27.50 -27.09
N GLY A 428 -39.16 28.17 -26.56
CA GLY A 428 -40.53 27.92 -26.97
C GLY A 428 -41.30 27.02 -26.01
N PHE A 429 -42.23 26.26 -26.59
CA PHE A 429 -43.16 25.47 -25.81
C PHE A 429 -42.62 24.10 -25.43
N ILE A 430 -41.57 23.61 -26.09
CA ILE A 430 -41.03 22.29 -25.80
C ILE A 430 -40.41 22.20 -24.42
N SER A 431 -40.13 23.33 -23.76
CA SER A 431 -39.65 23.29 -22.39
C SER A 431 -40.67 22.65 -21.47
N GLU A 432 -41.96 22.97 -21.69
CA GLU A 432 -43.01 22.32 -20.91
C GLU A 432 -43.04 20.83 -21.19
N GLU A 433 -42.86 20.43 -22.45
CA GLU A 433 -42.93 19.02 -22.80
C GLU A 433 -41.82 18.23 -22.13
N SER A 434 -40.59 18.73 -22.22
CA SER A 434 -39.46 18.01 -21.64
C SER A 434 -39.61 17.88 -20.13
N THR A 435 -40.00 18.96 -19.45
CA THR A 435 -40.07 18.91 -18.00
C THR A 435 -41.25 18.06 -17.53
N VAL A 436 -42.40 18.12 -18.23
CA VAL A 436 -43.52 17.30 -17.78
C VAL A 436 -43.24 15.83 -18.03
N ASN A 437 -42.59 15.50 -19.15
CA ASN A 437 -42.17 14.12 -19.38
C ASN A 437 -41.17 13.67 -18.31
N PHE A 438 -40.25 14.56 -17.95
CA PHE A 438 -39.25 14.20 -16.93
C PHE A 438 -39.95 13.94 -15.59
N LEU A 439 -40.92 14.78 -15.23
CA LEU A 439 -41.65 14.57 -13.98
C LEU A 439 -42.44 13.26 -14.02
N ALA A 440 -43.00 12.93 -15.19
CA ALA A 440 -43.71 11.66 -15.33
C ALA A 440 -42.76 10.48 -15.07
N GLN A 441 -41.56 10.53 -15.62
CA GLN A 441 -40.58 9.50 -15.32
C GLN A 441 -40.15 9.54 -13.86
N TYR A 442 -40.03 10.74 -13.32
CA TYR A 442 -39.41 10.96 -12.01
C TYR A 442 -40.30 10.42 -10.89
N ILE A 443 -41.60 10.70 -10.98
CA ILE A 443 -42.53 10.17 -9.99
C ILE A 443 -42.53 8.64 -10.02
N ASP A 444 -42.53 8.07 -11.22
CA ASP A 444 -42.54 6.62 -11.35
C ASP A 444 -41.28 6.00 -10.76
N THR A 445 -40.12 6.60 -11.02
CA THR A 445 -38.88 6.06 -10.47
C THR A 445 -38.79 6.30 -8.97
N MET A 446 -39.46 7.33 -8.44
CA MET A 446 -39.47 7.55 -7.00
C MET A 446 -40.35 6.54 -6.28
N SER A 447 -41.55 6.29 -6.81
CA SER A 447 -42.50 5.43 -6.12
C SER A 447 -42.03 3.97 -6.10
N ASN A 448 -41.45 3.50 -7.21
CA ASN A 448 -41.00 2.12 -7.30
C ASN A 448 -39.88 1.88 -6.29
N TYR A 449 -40.00 0.81 -5.51
CA TYR A 449 -39.03 0.47 -4.50
C TYR A 449 -38.02 -0.54 -5.04
N ILE A 450 -36.76 -0.37 -4.62
CA ILE A 450 -35.68 -1.18 -5.15
C ILE A 450 -35.85 -2.64 -4.74
N SER A 451 -36.09 -2.89 -3.45
CA SER A 451 -36.02 -4.22 -2.88
C SER A 451 -37.35 -4.97 -2.94
N ASP A 452 -38.21 -4.63 -3.90
CA ASP A 452 -39.52 -5.27 -4.02
C ASP A 452 -39.85 -5.41 -5.50
N ASP A 453 -40.09 -6.64 -5.93
CA ASP A 453 -40.35 -6.91 -7.34
C ASP A 453 -41.63 -6.24 -7.78
N PRO A 454 -41.70 -5.89 -9.06
CA PRO A 454 -42.88 -5.27 -9.60
C PRO A 454 -43.05 -3.85 -9.10
N GLU A 455 -44.25 -3.32 -9.33
CA GLU A 455 -44.58 -1.95 -9.00
C GLU A 455 -45.78 -1.87 -8.06
N ARG A 456 -46.06 -2.94 -7.30
CA ARG A 456 -47.25 -3.01 -6.46
C ARG A 456 -47.36 -1.81 -5.54
N GLU A 457 -46.24 -1.36 -5.00
CA GLU A 457 -46.22 -0.12 -4.23
C GLU A 457 -46.71 1.07 -5.06
N GLY A 458 -46.44 1.09 -6.37
CA GLY A 458 -46.93 2.18 -7.19
C GLY A 458 -48.44 2.24 -7.25
N GLU A 459 -49.08 1.14 -7.64
CA GLU A 459 -50.53 1.12 -7.70
C GLU A 459 -51.15 1.31 -6.32
N ARG A 460 -50.50 0.77 -5.29
CA ARG A 460 -51.03 0.92 -3.93
C ARG A 460 -51.03 2.38 -3.52
N GLU A 461 -49.91 3.08 -3.75
CA GLU A 461 -49.84 4.49 -3.39
C GLU A 461 -50.85 5.30 -4.20
N LYS A 462 -50.97 4.99 -5.50
CA LYS A 462 -51.92 5.73 -6.34
C LYS A 462 -53.36 5.51 -5.88
N ILE A 463 -53.71 4.27 -5.53
CA ILE A 463 -55.08 3.98 -5.12
C ILE A 463 -55.38 4.61 -3.76
N ILE A 464 -54.42 4.55 -2.84
CA ILE A 464 -54.63 5.15 -1.52
C ILE A 464 -54.76 6.66 -1.66
N LYS A 465 -53.95 7.25 -2.55
CA LYS A 465 -54.05 8.69 -2.81
C LYS A 465 -55.42 9.04 -3.39
N THR A 466 -55.90 8.24 -4.34
CA THR A 466 -57.19 8.52 -4.95
C THR A 466 -58.33 8.40 -3.95
N LYS A 467 -58.28 7.38 -3.08
CA LYS A 467 -59.36 7.19 -2.12
C LYS A 467 -59.30 8.21 -1.00
N MET A 468 -58.21 8.24 -0.25
CA MET A 468 -58.08 9.14 0.89
C MET A 468 -57.96 10.60 0.48
N LEU A 469 -57.34 10.88 -0.66
CA LEU A 469 -57.12 12.24 -1.13
C LEU A 469 -56.35 13.07 -0.10
N MET B 19 -28.78 -33.87 -22.00
CA MET B 19 -29.88 -33.19 -21.26
C MET B 19 -31.12 -33.03 -22.15
N ARG B 20 -30.90 -32.95 -23.46
CA ARG B 20 -32.00 -32.97 -24.41
C ARG B 20 -32.60 -34.36 -24.51
N MET B 21 -33.81 -34.42 -25.05
CA MET B 21 -34.46 -35.69 -25.34
C MET B 21 -35.44 -35.50 -26.49
N SER B 22 -35.80 -36.61 -27.12
CA SER B 22 -36.76 -36.57 -28.21
C SER B 22 -38.16 -36.26 -27.69
N SER B 23 -39.04 -35.84 -28.59
CA SER B 23 -40.41 -35.54 -28.21
C SER B 23 -41.12 -36.79 -27.70
N GLY B 24 -40.88 -37.93 -28.34
CA GLY B 24 -41.46 -39.17 -27.86
C GLY B 24 -40.82 -39.61 -26.55
N ASN B 25 -41.41 -40.64 -25.96
CA ASN B 25 -40.96 -41.19 -24.68
C ASN B 25 -40.99 -40.13 -23.58
N ILE B 26 -41.98 -39.22 -23.63
CA ILE B 26 -42.20 -38.28 -22.55
C ILE B 26 -43.04 -38.99 -21.47
N GLY B 27 -42.54 -38.96 -20.23
CA GLY B 27 -43.29 -39.57 -19.14
C GLY B 27 -44.55 -38.77 -18.83
N VAL B 28 -45.62 -39.50 -18.51
CA VAL B 28 -46.89 -38.85 -18.19
C VAL B 28 -46.73 -38.09 -16.89
N TYR B 29 -47.18 -36.83 -16.90
CA TYR B 29 -47.05 -35.98 -15.73
C TYR B 29 -47.85 -36.51 -14.56
N LYS B 30 -47.25 -36.47 -13.37
CA LYS B 30 -47.91 -36.90 -12.14
C LYS B 30 -47.41 -36.03 -11.00
N LEU B 31 -48.33 -35.53 -10.20
CA LEU B 31 -47.97 -34.65 -9.09
C LEU B 31 -47.18 -35.43 -8.05
N ASP B 32 -46.09 -34.82 -7.56
CA ASP B 32 -45.25 -35.45 -6.56
C ASP B 32 -45.73 -35.04 -5.17
N ASP B 33 -46.10 -36.02 -4.35
CA ASP B 33 -46.59 -35.79 -3.00
C ASP B 33 -45.58 -36.14 -1.93
N SER B 34 -44.29 -36.15 -2.26
CA SER B 34 -43.27 -36.43 -1.26
C SER B 34 -43.14 -35.24 -0.30
N ARG B 35 -42.67 -35.54 0.91
CA ARG B 35 -42.57 -34.57 2.00
C ARG B 35 -41.11 -34.43 2.39
N VAL B 36 -40.85 -33.50 3.31
CA VAL B 36 -39.50 -32.96 3.50
C VAL B 36 -38.75 -33.67 4.61
N ASP B 37 -39.37 -34.65 5.28
CA ASP B 37 -38.76 -35.34 6.41
C ASP B 37 -38.41 -34.34 7.51
N TYR B 38 -39.46 -33.78 8.11
CA TYR B 38 -39.32 -32.57 8.92
C TYR B 38 -38.45 -32.81 10.15
N GLU B 39 -38.46 -34.03 10.69
CA GLU B 39 -37.62 -34.35 11.84
C GLU B 39 -36.14 -34.18 11.49
N LEU B 40 -35.73 -34.69 10.33
CA LEU B 40 -34.34 -34.54 9.92
C LEU B 40 -34.00 -33.08 9.67
N ALA B 41 -34.93 -32.32 9.10
CA ALA B 41 -34.67 -30.90 8.85
C ALA B 41 -34.45 -30.16 10.17
N ARG B 42 -35.27 -30.43 11.17
CA ARG B 42 -35.09 -29.77 12.47
C ARG B 42 -33.80 -30.22 13.13
N GLU B 43 -33.47 -31.52 13.04
CA GLU B 43 -32.22 -31.99 13.64
C GLU B 43 -31.01 -31.36 12.98
N LEU B 44 -31.03 -31.24 11.65
CA LEU B 44 -29.94 -30.58 10.94
C LEU B 44 -29.86 -29.11 11.34
N TYR B 45 -31.00 -28.45 11.47
CA TYR B 45 -30.99 -27.06 11.89
C TYR B 45 -30.43 -26.92 13.30
N GLN B 46 -30.81 -27.80 14.20
CA GLN B 46 -30.35 -27.75 15.58
C GLN B 46 -29.02 -28.48 15.78
N ASN B 47 -28.41 -29.01 14.72
CA ASN B 47 -27.09 -29.62 14.79
C ASN B 47 -27.08 -30.86 15.67
N LYS B 48 -28.17 -31.64 15.64
CA LYS B 48 -28.35 -32.79 16.52
C LYS B 48 -28.06 -34.12 15.84
N ASN B 49 -28.28 -34.22 14.53
CA ASN B 49 -28.18 -35.50 13.84
C ASN B 49 -26.72 -35.96 13.83
N ALA B 50 -26.49 -37.19 14.30
CA ALA B 50 -25.12 -37.68 14.46
C ALA B 50 -24.40 -37.82 13.13
N ASN B 51 -25.14 -38.01 12.04
CA ASN B 51 -24.54 -38.17 10.72
C ASN B 51 -24.25 -36.84 10.04
N TYR B 52 -24.55 -35.71 10.68
CA TYR B 52 -24.31 -34.39 10.09
C TYR B 52 -23.74 -33.38 11.08
N LYS B 53 -23.30 -33.78 12.27
CA LYS B 53 -22.94 -32.86 13.33
C LYS B 53 -21.84 -31.89 12.91
N LEU B 54 -20.77 -32.42 12.32
CA LEU B 54 -19.68 -31.55 11.87
C LEU B 54 -20.04 -30.80 10.60
N GLY B 55 -20.94 -31.37 9.79
CA GLY B 55 -21.27 -30.75 8.51
C GLY B 55 -22.42 -29.77 8.58
N SER B 56 -23.37 -29.99 9.49
CA SER B 56 -24.58 -29.19 9.55
C SER B 56 -24.38 -27.86 10.27
N SER B 57 -23.14 -27.40 10.46
CA SER B 57 -22.91 -26.08 11.02
C SER B 57 -23.45 -24.97 10.14
N PHE B 58 -23.55 -25.23 8.83
CA PHE B 58 -23.92 -24.19 7.88
C PHE B 58 -25.43 -23.94 7.82
N VAL B 59 -26.25 -24.84 8.37
CA VAL B 59 -27.69 -24.72 8.20
C VAL B 59 -28.22 -23.48 8.93
N ARG B 60 -27.80 -23.29 10.18
CA ARG B 60 -28.32 -22.18 10.96
C ARG B 60 -28.02 -20.82 10.35
N PRO B 61 -26.79 -20.48 10.00
CA PRO B 61 -26.55 -19.14 9.41
C PRO B 61 -27.32 -18.91 8.13
N ILE B 62 -27.45 -19.91 7.27
CA ILE B 62 -28.19 -19.74 6.02
C ILE B 62 -29.64 -19.39 6.30
N VAL B 63 -30.34 -20.28 7.00
CA VAL B 63 -31.77 -20.12 7.23
C VAL B 63 -32.03 -18.85 8.04
N ASN B 64 -31.24 -18.63 9.08
CA ASN B 64 -31.51 -17.49 9.95
C ASN B 64 -31.17 -16.16 9.31
N SER B 65 -30.09 -16.07 8.53
CA SER B 65 -29.82 -14.85 7.80
C SER B 65 -30.92 -14.57 6.78
N THR B 66 -31.36 -15.61 6.06
CA THR B 66 -32.38 -15.41 5.06
C THR B 66 -33.70 -14.96 5.69
N THR B 67 -34.07 -15.56 6.82
CA THR B 67 -35.36 -15.23 7.42
C THR B 67 -35.31 -13.93 8.20
N GLY B 68 -34.13 -13.54 8.70
CA GLY B 68 -34.01 -12.27 9.41
C GLY B 68 -33.91 -11.08 8.49
N PHE B 69 -33.25 -11.24 7.35
CA PHE B 69 -33.16 -10.13 6.40
C PHE B 69 -34.46 -9.90 5.65
N MET B 70 -35.25 -10.96 5.44
CA MET B 70 -36.54 -10.79 4.76
C MET B 70 -37.60 -10.23 5.70
N GLY B 71 -37.42 -10.38 7.01
CA GLY B 71 -38.29 -9.70 7.95
C GLY B 71 -39.72 -10.23 7.89
N VAL B 72 -40.67 -9.31 8.06
CA VAL B 72 -42.09 -9.64 8.12
C VAL B 72 -42.86 -8.75 7.16
N PRO B 73 -44.04 -9.19 6.71
CA PRO B 73 -44.79 -8.39 5.76
C PRO B 73 -45.42 -7.16 6.41
N HIS B 74 -45.78 -6.19 5.58
CA HIS B 74 -46.51 -5.00 5.97
C HIS B 74 -47.85 -5.01 5.24
N PHE B 75 -48.93 -5.25 5.98
CA PHE B 75 -50.25 -5.36 5.36
C PHE B 75 -50.77 -3.97 5.06
N GLN B 76 -51.01 -3.70 3.78
CA GLN B 76 -51.46 -2.41 3.29
C GLN B 76 -52.80 -2.59 2.58
N ILE B 77 -53.80 -1.81 2.99
CA ILE B 77 -55.11 -1.87 2.36
C ILE B 77 -55.73 -0.48 2.45
N GLU B 78 -56.45 -0.09 1.40
CA GLU B 78 -56.96 1.28 1.32
C GLU B 78 -58.05 1.56 2.35
N ASP B 79 -58.84 0.55 2.72
CA ASP B 79 -59.91 0.74 3.70
C ASP B 79 -59.28 1.00 5.07
N GLU B 80 -59.74 2.05 5.75
CA GLU B 80 -59.14 2.41 7.02
C GLU B 80 -59.50 1.41 8.12
N GLU B 81 -60.72 0.86 8.09
CA GLU B 81 -61.10 -0.13 9.10
C GLU B 81 -60.34 -1.43 8.91
N ALA B 82 -60.23 -1.90 7.67
CA ALA B 82 -59.43 -3.09 7.40
C ALA B 82 -57.98 -2.86 7.79
N GLN B 83 -57.46 -1.66 7.51
CA GLN B 83 -56.09 -1.35 7.90
C GLN B 83 -55.94 -1.38 9.41
N TYR B 84 -56.96 -0.91 10.15
CA TYR B 84 -56.91 -0.97 11.61
C TYR B 84 -56.91 -2.42 12.10
N ILE B 85 -57.74 -3.27 11.49
CA ILE B 85 -57.78 -4.67 11.88
C ILE B 85 -56.43 -5.33 11.65
N LEU B 86 -55.83 -5.07 10.48
CA LEU B 86 -54.53 -5.67 10.18
C LEU B 86 -53.44 -5.07 11.08
N ASP B 87 -53.57 -3.80 11.45
CA ASP B 87 -52.65 -3.19 12.41
C ASP B 87 -52.68 -3.93 13.74
N GLU B 88 -53.89 -4.17 14.25
CA GLU B 88 -54.01 -4.92 15.50
C GLU B 88 -53.44 -6.32 15.35
N PHE B 89 -53.70 -6.97 14.22
CA PHE B 89 -53.21 -8.32 14.01
C PHE B 89 -51.68 -8.37 14.01
N VAL B 90 -51.03 -7.45 13.30
CA VAL B 90 -49.58 -7.47 13.27
C VAL B 90 -49.02 -7.12 14.64
N LEU B 91 -49.63 -6.16 15.34
CA LEU B 91 -49.21 -5.83 16.69
C LEU B 91 -49.24 -7.05 17.60
N ASP B 92 -50.24 -7.90 17.42
CA ASP B 92 -50.32 -9.11 18.23
C ASP B 92 -49.34 -10.19 17.79
N ASN B 93 -49.11 -10.33 16.47
CA ASN B 93 -48.50 -11.55 15.92
C ASN B 93 -47.30 -11.34 15.02
N THR B 94 -46.54 -10.25 15.16
CA THR B 94 -45.35 -10.08 14.33
C THR B 94 -44.31 -11.16 14.58
N SER B 95 -44.14 -11.56 15.85
CA SER B 95 -43.17 -12.60 16.17
C SER B 95 -43.55 -13.92 15.50
N LYS B 96 -44.83 -14.28 15.57
CA LYS B 96 -45.27 -15.50 14.93
C LYS B 96 -45.17 -15.40 13.41
N MET B 97 -45.35 -14.19 12.86
CA MET B 97 -45.17 -14.02 11.43
C MET B 97 -43.72 -14.27 11.01
N LEU B 98 -42.77 -13.79 11.80
CA LEU B 98 -41.36 -14.10 11.50
C LEU B 98 -41.09 -15.59 11.65
N LYS B 99 -41.64 -16.19 12.71
CA LYS B 99 -41.44 -17.61 12.92
C LYS B 99 -42.03 -18.43 11.79
N THR B 100 -43.07 -17.92 11.13
CA THR B 100 -43.61 -18.60 9.95
C THR B 100 -42.57 -18.67 8.84
N HIS B 101 -41.87 -17.57 8.57
CA HIS B 101 -40.80 -17.59 7.58
C HIS B 101 -39.72 -18.58 7.98
N THR B 102 -39.32 -18.56 9.26
CA THR B 102 -38.27 -19.46 9.72
C THR B 102 -38.68 -20.91 9.54
N ASP B 103 -39.92 -21.25 9.93
CA ASP B 103 -40.40 -22.61 9.81
C ASP B 103 -40.50 -23.04 8.35
N SER B 104 -40.97 -22.15 7.48
CA SER B 104 -41.08 -22.51 6.08
C SER B 104 -39.71 -22.75 5.45
N LEU B 105 -38.72 -21.91 5.79
CA LEU B 105 -37.38 -22.11 5.25
C LEU B 105 -36.75 -23.37 5.79
N LYS B 106 -37.00 -23.69 7.06
CA LYS B 106 -36.35 -24.83 7.69
C LYS B 106 -37.01 -26.14 7.26
N GLN B 107 -38.30 -26.29 7.56
CA GLN B 107 -39.02 -27.53 7.37
C GLN B 107 -39.64 -27.66 5.98
N GLY B 108 -39.61 -26.61 5.17
CA GLY B 108 -40.26 -26.65 3.86
C GLY B 108 -41.71 -26.25 3.87
N ASP B 109 -42.49 -26.79 4.81
CA ASP B 109 -43.90 -26.48 4.96
C ASP B 109 -44.15 -25.87 6.33
N CYS B 110 -45.04 -24.88 6.38
CA CYS B 110 -45.55 -24.36 7.62
C CYS B 110 -47.03 -24.04 7.44
N TYR B 111 -47.84 -24.43 8.41
CA TYR B 111 -49.29 -24.29 8.36
C TYR B 111 -49.72 -23.36 9.48
N ILE B 112 -50.56 -22.38 9.15
CA ILE B 112 -51.06 -21.39 10.09
C ILE B 112 -52.56 -21.57 10.18
N TRP B 113 -53.07 -21.80 11.38
CA TRP B 113 -54.49 -22.02 11.63
C TRP B 113 -55.03 -20.81 12.38
N ILE B 114 -55.97 -20.09 11.77
CA ILE B 114 -56.60 -18.93 12.38
C ILE B 114 -57.88 -19.39 13.05
N THR B 115 -57.99 -19.13 14.35
CA THR B 115 -59.15 -19.51 15.14
C THR B 115 -59.63 -18.32 15.95
N ARG B 116 -60.95 -18.16 16.04
CA ARG B 116 -61.57 -17.10 16.79
C ARG B 116 -62.10 -17.66 18.09
N GLU B 117 -61.66 -17.08 19.21
CA GLU B 117 -61.98 -17.57 20.55
C GLU B 117 -62.70 -16.48 21.33
N GLU B 118 -63.87 -16.82 21.87
CA GLU B 118 -64.65 -15.93 22.72
C GLU B 118 -64.50 -16.25 24.20
N ARG B 119 -63.57 -17.13 24.57
CA ARG B 119 -63.43 -17.54 25.96
C ARG B 119 -63.00 -16.36 26.83
N GLU B 120 -63.52 -16.33 28.05
CA GLU B 120 -63.24 -15.28 29.02
C GLU B 120 -62.28 -15.81 30.07
N ASN B 121 -61.19 -15.07 30.29
CA ASN B 121 -60.26 -15.34 31.38
C ASN B 121 -59.79 -14.00 31.91
N PRO B 122 -59.48 -13.90 33.21
CA PRO B 122 -59.13 -12.60 33.79
C PRO B 122 -57.75 -12.09 33.40
N LEU B 123 -56.95 -12.87 32.70
CA LEU B 123 -55.69 -12.37 32.17
C LEU B 123 -55.89 -11.47 30.97
N TYR B 124 -57.03 -11.57 30.28
CA TYR B 124 -57.33 -10.75 29.11
C TYR B 124 -58.71 -10.11 29.28
N PRO B 125 -58.85 -9.18 30.22
CA PRO B 125 -60.12 -8.45 30.35
C PRO B 125 -60.33 -7.42 29.26
N ASP B 126 -59.27 -6.95 28.62
CA ASP B 126 -59.40 -5.97 27.56
C ASP B 126 -60.02 -6.57 26.30
N LYS B 127 -59.61 -7.78 25.93
CA LYS B 127 -59.95 -8.39 24.65
C LYS B 127 -60.93 -9.55 24.90
N LYS B 128 -62.22 -9.24 24.75
CA LYS B 128 -63.25 -10.26 24.94
C LYS B 128 -63.17 -11.33 23.86
N VAL B 129 -62.97 -10.93 22.61
CA VAL B 129 -62.92 -11.83 21.45
C VAL B 129 -61.58 -11.62 20.76
N ARG B 130 -60.91 -12.73 20.43
CA ARG B 130 -59.56 -12.71 19.92
C ARG B 130 -59.44 -13.64 18.72
N LEU B 131 -58.47 -13.33 17.85
CA LEU B 131 -58.06 -14.21 16.76
C LEU B 131 -56.68 -14.76 17.11
N ILE B 132 -56.54 -16.08 17.08
CA ILE B 132 -55.32 -16.76 17.51
C ILE B 132 -54.55 -17.21 16.27
N TYR B 133 -53.25 -16.94 16.26
CA TYR B 133 -52.35 -17.32 15.17
C TYR B 133 -51.69 -18.63 15.58
N ASN B 134 -52.37 -19.74 15.31
CA ASN B 134 -51.92 -21.06 15.74
C ASN B 134 -51.07 -21.71 14.66
N PHE B 135 -49.94 -22.28 15.07
CA PHE B 135 -49.16 -23.12 14.18
C PHE B 135 -49.64 -24.57 14.28
N ILE B 136 -49.87 -25.18 13.12
CA ILE B 136 -50.00 -26.63 13.02
C ILE B 136 -48.65 -27.17 12.61
N SER B 137 -48.11 -28.08 13.42
CA SER B 137 -46.83 -28.67 13.08
C SER B 137 -46.96 -29.46 11.79
N PRO B 138 -45.97 -29.42 10.89
CA PRO B 138 -46.15 -30.07 9.59
C PRO B 138 -46.34 -31.58 9.68
N GLU B 139 -45.90 -32.21 10.77
CA GLU B 139 -46.16 -33.64 10.94
C GLU B 139 -47.60 -33.93 11.33
N GLU B 140 -48.31 -32.96 11.91
CA GLU B 140 -49.72 -33.17 12.24
C GLU B 140 -50.53 -33.39 10.97
N VAL B 141 -50.21 -32.68 9.90
CA VAL B 141 -50.97 -32.78 8.66
C VAL B 141 -50.67 -34.13 8.03
N LYS B 142 -51.57 -35.09 8.25
CA LYS B 142 -51.35 -36.43 7.70
C LYS B 142 -51.60 -36.47 6.21
N GLU B 143 -52.63 -35.76 5.75
CA GLU B 143 -52.98 -35.74 4.33
C GLU B 143 -53.74 -34.46 4.04
N ILE B 144 -53.55 -33.94 2.82
CA ILE B 144 -54.28 -32.79 2.32
C ILE B 144 -55.08 -33.27 1.12
N ILE B 145 -56.40 -33.12 1.20
CA ILE B 145 -57.29 -33.48 0.10
C ILE B 145 -57.43 -32.25 -0.79
N LEU B 146 -57.07 -32.41 -2.06
CA LEU B 146 -57.05 -31.32 -3.02
C LEU B 146 -58.15 -31.52 -4.05
N ASP B 147 -58.78 -30.43 -4.44
CA ASP B 147 -59.66 -30.46 -5.60
C ASP B 147 -58.78 -30.77 -6.82
N PRO B 148 -59.04 -31.84 -7.58
CA PRO B 148 -58.12 -32.18 -8.68
C PRO B 148 -58.00 -31.09 -9.72
N THR B 149 -59.06 -30.33 -9.99
CA THR B 149 -59.01 -29.32 -11.03
C THR B 149 -58.18 -28.12 -10.60
N THR B 150 -58.56 -27.48 -9.50
CA THR B 150 -57.92 -26.24 -9.07
C THR B 150 -56.78 -26.45 -8.08
N LYS B 151 -56.58 -27.67 -7.58
CA LYS B 151 -55.64 -27.96 -6.50
C LYS B 151 -55.94 -27.15 -5.23
N GLU B 152 -57.19 -26.70 -5.08
CA GLU B 152 -57.58 -26.02 -3.86
C GLU B 152 -57.79 -27.04 -2.75
N PRO B 153 -57.20 -26.87 -1.56
CA PRO B 153 -57.39 -27.89 -0.53
C PRO B 153 -58.83 -27.87 -0.02
N ILE B 154 -59.46 -29.05 -0.05
CA ILE B 154 -60.84 -29.21 0.40
C ILE B 154 -60.95 -29.98 1.71
N ALA B 155 -59.85 -30.49 2.25
CA ALA B 155 -59.87 -31.09 3.59
C ALA B 155 -58.44 -31.25 4.08
N TYR B 156 -58.24 -30.99 5.36
CA TYR B 156 -56.97 -31.21 6.04
C TYR B 156 -57.16 -32.32 7.06
N ILE B 157 -56.29 -33.33 7.01
CA ILE B 157 -56.31 -34.46 7.94
C ILE B 157 -55.22 -34.23 8.96
N LEU B 158 -55.60 -33.76 10.15
CA LEU B 158 -54.68 -33.51 11.24
C LEU B 158 -54.75 -34.66 12.23
N GLU B 159 -53.58 -35.12 12.67
CA GLU B 159 -53.50 -36.21 13.64
C GLU B 159 -52.29 -36.02 14.52
N SER B 160 -52.46 -36.29 15.82
CA SER B 160 -51.40 -36.08 16.79
C SER B 160 -51.61 -37.01 17.98
N GLN B 161 -50.50 -37.39 18.61
CA GLN B 161 -50.52 -38.20 19.83
C GLN B 161 -50.33 -37.28 21.02
N ASN B 162 -51.38 -37.13 21.83
CA ASN B 162 -51.39 -36.19 22.95
C ASN B 162 -51.14 -36.96 24.24
N GLU B 163 -49.90 -36.96 24.71
CA GLU B 163 -49.54 -37.46 26.03
C GLU B 163 -49.43 -36.27 26.98
N TRP B 164 -50.28 -36.24 27.99
CA TRP B 164 -50.39 -35.11 28.90
C TRP B 164 -50.67 -35.63 30.30
N THR B 165 -50.11 -34.94 31.30
CA THR B 165 -50.36 -35.28 32.69
C THR B 165 -51.56 -34.53 33.22
N ASP B 166 -52.37 -35.20 34.03
CA ASP B 166 -53.50 -34.54 34.67
C ASP B 166 -53.01 -33.62 35.79
N LEU B 167 -53.84 -32.62 36.12
CA LEU B 167 -53.49 -31.72 37.20
C LEU B 167 -53.41 -32.44 38.54
N GLY B 168 -54.03 -33.60 38.67
CA GLY B 168 -53.79 -34.49 39.78
C GLY B 168 -52.56 -35.32 39.55
N GLU B 169 -52.64 -36.62 39.83
CA GLU B 169 -51.51 -37.54 39.67
C GLU B 169 -51.59 -38.39 38.41
N ASN B 170 -52.72 -38.41 37.71
CA ASN B 170 -52.94 -39.38 36.65
C ASN B 170 -52.23 -38.97 35.36
N LYS B 171 -51.49 -39.91 34.78
CA LYS B 171 -51.01 -39.76 33.41
C LYS B 171 -52.14 -40.03 32.44
N ARG B 172 -52.16 -39.31 31.33
CA ARG B 172 -53.22 -39.40 30.33
C ARG B 172 -52.60 -39.50 28.95
N LYS B 173 -53.30 -40.19 28.04
CA LYS B 173 -52.85 -40.37 26.68
C LYS B 173 -54.06 -40.38 25.76
N ALA B 174 -53.93 -39.72 24.61
CA ALA B 174 -55.04 -39.59 23.67
C ALA B 174 -54.46 -39.39 22.27
N LYS B 175 -54.95 -40.16 21.31
CA LYS B 175 -54.54 -40.04 19.91
C LYS B 175 -55.63 -39.28 19.17
N VAL B 176 -55.47 -37.97 19.07
CA VAL B 176 -56.49 -37.09 18.51
C VAL B 176 -56.24 -36.95 17.01
N LYS B 177 -57.28 -37.21 16.22
CA LYS B 177 -57.28 -36.92 14.79
C LYS B 177 -58.52 -36.12 14.46
N GLN B 178 -58.41 -35.28 13.44
CA GLN B 178 -59.52 -34.41 13.07
C GLN B 178 -59.44 -34.03 11.60
N ILE B 179 -60.61 -33.87 11.00
CA ILE B 179 -60.77 -33.46 9.61
C ILE B 179 -61.24 -32.02 9.64
N ILE B 180 -60.53 -31.13 8.93
CA ILE B 180 -60.90 -29.74 8.79
C ILE B 180 -61.32 -29.52 7.34
N THR B 181 -62.61 -29.23 7.13
CA THR B 181 -63.16 -29.04 5.80
C THR B 181 -63.90 -27.71 5.74
N ALA B 182 -64.22 -27.30 4.52
CA ALA B 182 -64.93 -26.04 4.32
C ALA B 182 -66.33 -26.06 4.94
N GLU B 183 -67.05 -27.17 4.80
CA GLU B 183 -68.39 -27.27 5.36
C GLU B 183 -68.39 -27.39 6.88
N SER B 184 -67.42 -28.11 7.44
CA SER B 184 -67.40 -28.40 8.85
C SER B 184 -66.03 -28.94 9.22
N ARG B 185 -65.82 -29.13 10.52
CA ARG B 185 -64.65 -29.82 11.03
C ARG B 185 -65.09 -30.96 11.94
N PHE B 186 -64.48 -32.13 11.73
CA PHE B 186 -64.82 -33.34 12.45
C PHE B 186 -63.58 -33.78 13.24
N VAL B 187 -63.77 -34.10 14.51
CA VAL B 187 -62.67 -34.49 15.40
C VAL B 187 -63.08 -35.73 16.18
N GLU B 188 -62.18 -36.71 16.24
CA GLU B 188 -62.38 -37.94 17.00
C GLU B 188 -61.11 -38.24 17.78
N VAL B 189 -61.30 -38.84 18.96
CA VAL B 189 -60.22 -39.06 19.92
C VAL B 189 -60.22 -40.54 20.30
N GLU B 190 -59.02 -41.11 20.43
CA GLU B 190 -58.82 -42.51 20.81
C GLU B 190 -57.96 -42.52 22.07
N GLY B 191 -58.60 -42.43 23.22
CA GLY B 191 -57.91 -42.47 24.50
C GLY B 191 -58.62 -41.62 25.53
N ASP B 192 -57.84 -41.07 26.44
CA ASP B 192 -58.39 -40.26 27.52
C ASP B 192 -59.13 -39.05 26.97
N LYS B 193 -60.27 -38.74 27.59
CA LYS B 193 -61.08 -37.61 27.13
C LYS B 193 -60.34 -36.29 27.35
N ILE B 194 -60.60 -35.35 26.46
CA ILE B 194 -60.03 -34.00 26.53
C ILE B 194 -61.18 -33.03 26.72
N GLU B 195 -61.08 -32.18 27.76
CA GLU B 195 -62.17 -31.28 28.09
C GLU B 195 -62.45 -30.27 26.98
N GLY B 196 -61.40 -29.74 26.37
CA GLY B 196 -61.56 -28.68 25.38
C GLY B 196 -62.00 -29.12 24.01
N LEU B 197 -62.04 -30.42 23.73
CA LEU B 197 -62.41 -30.95 22.43
C LEU B 197 -63.78 -31.59 22.51
N GLU B 198 -64.67 -31.22 21.58
CA GLU B 198 -65.97 -31.83 21.43
C GLU B 198 -65.90 -32.79 20.25
N GLU B 199 -65.98 -34.08 20.52
CA GLU B 199 -65.91 -35.08 19.45
C GLU B 199 -67.10 -34.94 18.52
N GLY B 200 -66.90 -35.34 17.28
CA GLY B 200 -67.93 -35.30 16.27
C GLY B 200 -67.88 -34.05 15.42
N GLU B 201 -68.77 -34.02 14.43
CA GLU B 201 -68.83 -32.92 13.49
C GLU B 201 -69.38 -31.67 14.15
N THR B 202 -68.80 -30.52 13.80
CA THR B 202 -69.31 -29.21 14.17
C THR B 202 -69.26 -28.31 12.94
N PRO B 203 -70.32 -27.56 12.61
CA PRO B 203 -70.27 -26.75 11.40
C PRO B 203 -69.19 -25.68 11.45
N ASN B 204 -68.65 -25.35 10.28
CA ASN B 204 -67.64 -24.31 10.13
C ASN B 204 -68.35 -22.97 9.98
N VAL B 205 -68.02 -22.03 10.87
CA VAL B 205 -68.69 -20.73 10.85
C VAL B 205 -68.46 -19.97 9.55
N TRP B 206 -67.33 -20.22 8.88
CA TRP B 206 -67.03 -19.63 7.59
C TRP B 206 -66.91 -20.75 6.57
N GLY B 207 -67.22 -20.43 5.31
CA GLY B 207 -67.23 -21.45 4.27
C GLY B 207 -65.89 -21.65 3.59
N PHE B 208 -64.80 -21.51 4.34
CA PHE B 208 -63.47 -21.84 3.84
C PHE B 208 -62.67 -22.46 4.97
N ILE B 209 -61.68 -23.26 4.60
CA ILE B 209 -60.80 -23.89 5.58
C ILE B 209 -59.88 -22.79 6.11
N PRO B 210 -59.88 -22.47 7.42
CA PRO B 210 -59.05 -21.37 7.89
C PRO B 210 -57.61 -21.78 8.16
N ILE B 211 -56.96 -22.37 7.17
CA ILE B 211 -55.58 -22.81 7.26
C ILE B 211 -54.83 -22.27 6.05
N ILE B 212 -53.69 -21.63 6.30
CA ILE B 212 -52.81 -21.11 5.25
C ILE B 212 -51.61 -22.03 5.16
N HIS B 213 -51.34 -22.54 3.96
CA HIS B 213 -50.23 -23.45 3.71
C HIS B 213 -49.07 -22.64 3.17
N PHE B 214 -48.17 -22.21 4.05
CA PHE B 214 -46.94 -21.57 3.62
C PHE B 214 -45.99 -22.62 3.05
N LYS B 215 -45.43 -22.34 1.89
CA LYS B 215 -44.74 -23.35 1.08
C LYS B 215 -43.44 -22.73 0.56
N ASN B 216 -42.33 -23.08 1.18
CA ASN B 216 -41.04 -22.57 0.73
C ASN B 216 -40.61 -23.26 -0.55
N GLU B 217 -40.10 -22.47 -1.50
CA GLU B 217 -39.70 -22.98 -2.81
C GLU B 217 -40.83 -23.74 -3.47
N ALA B 218 -42.01 -23.12 -3.52
CA ALA B 218 -43.18 -23.77 -4.10
C ALA B 218 -42.92 -24.11 -5.56
N ASP B 219 -43.24 -25.36 -5.92
CA ASP B 219 -43.05 -25.86 -7.27
C ASP B 219 -44.36 -26.44 -7.74
N GLU B 220 -44.68 -26.22 -9.02
CA GLU B 220 -45.95 -26.70 -9.55
C GLU B 220 -46.05 -28.21 -9.52
N THR B 221 -44.92 -28.90 -9.65
CA THR B 221 -44.92 -30.36 -9.70
C THR B 221 -44.93 -31.01 -8.32
N LEU B 222 -44.75 -30.24 -7.25
CA LEU B 222 -44.71 -30.77 -5.89
C LEU B 222 -45.96 -30.34 -5.13
N LYS B 223 -46.55 -31.30 -4.39
CA LYS B 223 -47.68 -30.97 -3.53
C LYS B 223 -47.25 -30.17 -2.32
N TYR B 224 -46.05 -30.44 -1.80
CA TYR B 224 -45.53 -29.81 -0.59
C TYR B 224 -44.30 -28.99 -0.93
N GLY B 225 -43.88 -28.17 0.03
CA GLY B 225 -42.75 -27.29 -0.18
C GLY B 225 -41.43 -28.01 -0.03
N GLN B 226 -40.36 -27.25 -0.26
CA GLN B 226 -39.00 -27.73 -0.18
C GLN B 226 -38.23 -26.88 0.81
N SER B 227 -37.45 -27.54 1.66
CA SER B 227 -36.60 -26.83 2.60
C SER B 227 -35.39 -26.24 1.88
N ASP B 228 -34.87 -25.15 2.43
CA ASP B 228 -33.58 -24.64 1.99
C ASP B 228 -32.43 -25.54 2.37
N ILE B 229 -32.67 -26.51 3.28
CA ILE B 229 -31.63 -27.46 3.65
C ILE B 229 -31.47 -28.52 2.57
N GLU B 230 -32.53 -28.81 1.81
CA GLU B 230 -32.48 -29.89 0.83
C GLU B 230 -31.40 -29.68 -0.24
N PRO B 231 -31.25 -28.51 -0.86
CA PRO B 231 -30.15 -28.35 -1.81
C PRO B 231 -28.77 -28.56 -1.21
N ILE B 232 -28.57 -28.17 0.04
CA ILE B 232 -27.23 -28.26 0.64
C ILE B 232 -27.00 -29.58 1.37
N GLU B 233 -28.06 -30.35 1.63
CA GLU B 233 -27.96 -31.54 2.49
C GLU B 233 -26.88 -32.53 2.07
N PRO B 234 -26.77 -32.95 0.81
CA PRO B 234 -25.66 -33.83 0.45
C PRO B 234 -24.29 -33.20 0.66
N LEU B 235 -24.16 -31.89 0.43
CA LEU B 235 -22.90 -31.23 0.72
C LEU B 235 -22.63 -31.21 2.22
N LEU B 236 -23.66 -31.05 3.04
CA LEU B 236 -23.48 -31.15 4.48
C LEU B 236 -23.00 -32.54 4.88
N LYS B 237 -23.58 -33.58 4.28
CA LYS B 237 -23.15 -34.94 4.58
C LYS B 237 -21.70 -35.16 4.18
N ALA B 238 -21.32 -34.68 3.00
CA ALA B 238 -19.93 -34.83 2.55
C ALA B 238 -18.98 -34.06 3.45
N TYR B 239 -19.36 -32.85 3.86
CA TYR B 239 -18.53 -32.07 4.76
C TYR B 239 -18.36 -32.77 6.09
N HIS B 240 -19.44 -33.34 6.63
CA HIS B 240 -19.34 -34.10 7.88
C HIS B 240 -18.41 -35.29 7.72
N ASP B 241 -18.54 -36.01 6.60
CA ASP B 241 -17.69 -37.18 6.39
C ASP B 241 -16.23 -36.78 6.32
N VAL B 242 -15.92 -35.72 5.58
CA VAL B 242 -14.53 -35.29 5.46
C VAL B 242 -13.99 -34.82 6.82
N MET B 243 -14.78 -34.04 7.56
CA MET B 243 -14.35 -33.56 8.86
C MET B 243 -14.11 -34.71 9.82
N LEU B 244 -15.03 -35.67 9.86
CA LEU B 244 -14.90 -36.78 10.80
C LEU B 244 -13.71 -37.66 10.45
N HIS B 245 -13.51 -37.93 9.15
CA HIS B 245 -12.34 -38.69 8.74
C HIS B 245 -11.05 -37.97 9.11
N ALA B 246 -11.02 -36.65 8.89
CA ALA B 246 -9.84 -35.87 9.25
C ALA B 246 -9.58 -35.91 10.75
N LEU B 247 -10.63 -35.76 11.55
CA LEU B 247 -10.47 -35.77 13.00
C LEU B 247 -9.98 -37.12 13.49
N LYS B 248 -10.55 -38.21 12.97
CA LYS B 248 -10.11 -39.54 13.38
C LYS B 248 -8.68 -39.80 12.96
N GLY B 249 -8.32 -39.41 11.74
CA GLY B 249 -6.94 -39.59 11.29
C GLY B 249 -5.96 -38.80 12.13
N SER B 250 -6.31 -37.56 12.48
CA SER B 250 -5.44 -36.76 13.32
C SER B 250 -5.32 -37.36 14.71
N LYS B 251 -6.42 -37.85 15.27
CA LYS B 251 -6.36 -38.49 16.57
C LYS B 251 -5.42 -39.68 16.54
N MET B 252 -5.53 -40.50 15.50
CA MET B 252 -4.74 -41.73 15.45
C MET B 252 -3.26 -41.44 15.18
N HIS B 253 -2.96 -40.41 14.36
CA HIS B 253 -1.63 -40.28 13.76
C HIS B 253 -0.96 -38.92 13.92
N SER B 254 -1.63 -37.90 14.48
CA SER B 254 -0.97 -36.59 14.59
C SER B 254 0.20 -36.64 15.56
N THR B 255 -0.01 -37.25 16.72
CA THR B 255 1.04 -37.32 17.73
C THR B 255 2.09 -38.34 17.28
N PRO B 256 3.37 -37.98 17.17
CA PRO B 256 4.36 -38.95 16.70
C PRO B 256 4.54 -40.09 17.70
N LYS B 257 4.88 -41.26 17.16
CA LYS B 257 4.98 -42.50 17.91
C LYS B 257 6.44 -42.87 18.06
N LEU B 258 6.92 -42.91 19.29
CA LEU B 258 8.30 -43.26 19.56
C LEU B 258 8.55 -44.74 19.31
N LYS B 259 9.47 -45.05 18.41
CA LYS B 259 9.90 -46.42 18.16
C LYS B 259 11.24 -46.63 18.86
N LEU B 260 11.35 -47.73 19.59
CA LEU B 260 12.60 -48.15 20.21
C LEU B 260 12.96 -49.52 19.65
N LYS B 261 14.09 -49.58 18.94
CA LYS B 261 14.61 -50.83 18.40
C LYS B 261 15.62 -51.36 19.40
N LEU B 262 15.22 -52.37 20.18
CA LEU B 262 15.94 -52.80 21.37
C LEU B 262 16.51 -54.19 21.17
N THR B 263 17.56 -54.49 21.92
CA THR B 263 18.13 -55.84 21.90
C THR B 263 17.16 -56.85 22.50
N ASP B 264 16.45 -56.46 23.56
CA ASP B 264 15.48 -57.35 24.20
C ASP B 264 14.35 -56.48 24.76
N VAL B 265 13.17 -56.58 24.15
CA VAL B 265 12.07 -55.67 24.50
C VAL B 265 11.52 -55.99 25.88
N ALA B 266 11.31 -57.27 26.17
CA ALA B 266 10.63 -57.65 27.41
C ALA B 266 11.44 -57.24 28.64
N SER B 267 12.76 -57.44 28.60
CA SER B 267 13.58 -57.02 29.72
C SER B 267 13.57 -55.51 29.87
N PHE B 268 13.58 -54.77 28.77
CA PHE B 268 13.49 -53.32 28.83
C PHE B 268 12.20 -52.88 29.51
N LEU B 269 11.07 -53.48 29.13
CA LEU B 269 9.81 -53.14 29.76
C LEU B 269 9.82 -53.48 31.23
N ALA B 270 10.30 -54.67 31.58
CA ALA B 270 10.30 -55.10 32.98
C ALA B 270 11.17 -54.19 33.84
N HIS B 271 12.33 -53.77 33.32
CA HIS B 271 13.22 -52.93 34.10
C HIS B 271 12.69 -51.50 34.20
N ASN B 272 12.46 -50.84 33.05
CA ASN B 272 12.12 -49.43 33.08
C ASN B 272 10.71 -49.19 33.63
N PHE B 273 9.71 -49.92 33.14
CA PHE B 273 8.33 -49.64 33.46
C PHE B 273 7.68 -50.67 34.37
N GLY B 274 8.42 -51.69 34.81
CA GLY B 274 7.84 -52.70 35.67
C GLY B 274 6.80 -53.56 35.01
N VAL B 275 6.74 -53.57 33.67
CA VAL B 275 5.79 -54.39 32.93
C VAL B 275 6.41 -55.76 32.71
N GLU B 276 6.25 -56.65 33.69
CA GLU B 276 6.85 -57.98 33.62
C GLU B 276 6.01 -58.97 32.83
N ASP B 277 4.79 -58.59 32.42
CA ASP B 277 3.95 -59.43 31.58
C ASP B 277 3.38 -58.53 30.49
N PRO B 278 4.15 -58.22 29.45
CA PRO B 278 3.67 -57.26 28.45
C PRO B 278 2.41 -57.70 27.71
N VAL B 279 2.23 -59.01 27.50
CA VAL B 279 1.00 -59.47 26.85
C VAL B 279 -0.20 -59.16 27.74
N LYS B 280 -0.10 -59.49 29.02
CA LYS B 280 -1.17 -59.17 29.96
C LYS B 280 -1.35 -57.66 30.08
N PHE B 281 -0.25 -56.90 30.05
CA PHE B 281 -0.34 -55.45 30.16
C PHE B 281 -1.10 -54.86 28.99
N ALA B 282 -0.79 -55.30 27.77
CA ALA B 282 -1.48 -54.79 26.60
C ALA B 282 -2.92 -55.27 26.55
N LYS B 283 -3.18 -56.49 27.01
CA LYS B 283 -4.54 -57.02 27.01
C LYS B 283 -5.46 -56.19 27.90
N GLU B 284 -4.97 -55.79 29.07
CA GLU B 284 -5.76 -55.00 30.00
C GLU B 284 -5.80 -53.51 29.67
N GLY B 285 -5.15 -53.09 28.59
CA GLY B 285 -5.17 -51.70 28.21
C GLY B 285 -4.33 -50.80 29.10
N GLY B 286 -3.33 -51.35 29.76
CA GLY B 286 -2.47 -50.51 30.59
C GLY B 286 -1.70 -49.52 29.76
N LYS B 287 -1.44 -48.35 30.35
CA LYS B 287 -0.74 -47.26 29.69
C LYS B 287 0.59 -47.01 30.39
N ILE B 288 1.67 -46.97 29.61
CA ILE B 288 2.97 -46.58 30.15
C ILE B 288 2.96 -45.08 30.39
N ASN B 289 3.44 -44.68 31.56
CA ASN B 289 3.38 -43.29 32.00
C ASN B 289 4.68 -42.57 31.66
N LEU B 290 4.56 -41.38 31.09
CA LEU B 290 5.70 -40.55 30.71
C LEU B 290 5.48 -39.12 31.17
N ASP B 291 6.58 -38.44 31.50
CA ASP B 291 6.55 -37.06 31.93
C ASP B 291 6.97 -36.07 30.85
N GLY B 292 7.67 -36.54 29.80
CA GLY B 292 8.09 -35.70 28.70
C GLY B 292 9.54 -35.28 28.75
N HIS B 293 10.18 -35.34 29.92
CA HIS B 293 11.58 -34.97 30.09
C HIS B 293 12.48 -36.19 30.24
N GLU B 294 12.21 -37.26 29.48
CA GLU B 294 12.97 -38.48 29.59
C GLU B 294 14.33 -38.32 28.90
N ILE B 295 15.25 -39.20 29.27
CA ILE B 295 16.57 -39.33 28.65
C ILE B 295 16.82 -40.81 28.39
N LEU B 296 17.25 -41.14 27.18
CA LEU B 296 17.40 -42.51 26.73
C LEU B 296 18.87 -42.92 26.80
N PHE B 297 19.17 -43.91 27.63
CA PHE B 297 20.45 -44.59 27.63
C PHE B 297 20.27 -45.94 26.95
N LEU B 298 21.05 -46.18 25.91
CA LEU B 298 20.94 -47.38 25.09
C LEU B 298 22.32 -47.95 24.84
N ASN B 299 22.40 -49.26 24.61
CA ASN B 299 23.64 -49.84 24.14
C ASN B 299 23.81 -49.55 22.65
N LYS B 300 25.00 -49.87 22.13
CA LYS B 300 25.37 -49.42 20.80
C LYS B 300 24.46 -49.96 19.71
N ASP B 301 23.95 -51.19 19.88
CA ASP B 301 23.15 -51.80 18.83
C ASP B 301 21.74 -51.23 18.73
N GLU B 302 21.19 -50.72 19.82
CA GLU B 302 19.81 -50.27 19.83
C GLU B 302 19.68 -48.90 19.17
N GLU B 303 18.44 -48.54 18.83
CA GLU B 303 18.15 -47.31 18.12
C GLU B 303 16.78 -46.81 18.56
N ALA B 304 16.62 -45.49 18.55
CA ALA B 304 15.36 -44.85 18.91
C ALA B 304 15.08 -43.74 17.91
N GLU B 305 13.80 -43.59 17.56
CA GLU B 305 13.38 -42.65 16.53
C GLU B 305 11.91 -42.35 16.75
N PHE B 306 11.44 -41.26 16.15
CA PHE B 306 10.03 -40.91 16.16
C PHE B 306 9.41 -41.30 14.83
N VAL B 307 8.34 -42.10 14.89
CA VAL B 307 7.52 -42.38 13.71
C VAL B 307 6.51 -41.25 13.59
N GLU B 308 6.66 -40.42 12.55
CA GLU B 308 5.96 -39.15 12.45
C GLU B 308 5.37 -38.99 11.06
N VAL B 309 4.17 -38.41 11.01
CA VAL B 309 3.53 -38.07 9.76
C VAL B 309 3.87 -36.64 9.36
N LYS B 310 3.99 -36.41 8.06
CA LYS B 310 4.11 -35.04 7.57
C LYS B 310 2.77 -34.31 7.64
N SER B 311 1.67 -35.03 7.43
CA SER B 311 0.34 -34.47 7.57
C SER B 311 -0.65 -35.59 7.74
N ALA B 312 -1.28 -35.67 8.92
CA ALA B 312 -2.31 -36.68 9.14
C ALA B 312 -3.62 -36.33 8.46
N ILE B 313 -3.77 -35.11 7.96
CA ILE B 313 -5.00 -34.64 7.35
C ILE B 313 -4.82 -34.64 5.83
N GLY B 314 -3.62 -34.29 5.38
CA GLY B 314 -3.34 -34.24 3.96
C GLY B 314 -4.16 -33.17 3.27
N ASP B 315 -4.91 -33.58 2.24
CA ASP B 315 -5.67 -32.67 1.41
C ASP B 315 -7.11 -32.49 1.87
N ALA B 316 -7.44 -32.87 3.11
CA ALA B 316 -8.81 -32.70 3.55
C ALA B 316 -9.18 -31.23 3.69
N LYS B 317 -8.21 -30.36 3.98
CA LYS B 317 -8.51 -28.95 4.11
C LYS B 317 -8.95 -28.35 2.78
N GLU B 318 -8.30 -28.73 1.68
CA GLU B 318 -8.71 -28.24 0.37
C GLU B 318 -10.10 -28.75 0.01
N LEU B 319 -10.39 -30.01 0.31
CA LEU B 319 -11.72 -30.53 0.02
C LEU B 319 -12.79 -29.85 0.85
N LEU B 320 -12.49 -29.54 2.11
CA LEU B 320 -13.44 -28.81 2.94
C LEU B 320 -13.65 -27.41 2.41
N LYS B 321 -12.59 -26.77 1.90
CA LYS B 321 -12.74 -25.46 1.29
C LYS B 321 -13.64 -25.53 0.07
N LEU B 322 -13.44 -26.54 -0.78
CA LEU B 322 -14.27 -26.69 -1.97
C LEU B 322 -15.72 -26.96 -1.60
N LEU B 323 -15.95 -27.80 -0.59
CA LEU B 323 -17.32 -28.09 -0.17
C LEU B 323 -17.96 -26.86 0.45
N PHE B 324 -17.18 -26.04 1.16
CA PHE B 324 -17.71 -24.79 1.68
C PHE B 324 -18.11 -23.85 0.55
N TYR B 325 -17.28 -23.78 -0.49
CA TYR B 325 -17.64 -22.98 -1.66
C TYR B 325 -18.93 -23.49 -2.29
N CYS B 326 -19.06 -24.81 -2.41
CA CYS B 326 -20.27 -25.37 -3.01
C CYS B 326 -21.50 -25.08 -2.15
N ILE B 327 -21.36 -25.15 -0.83
CA ILE B 327 -22.48 -24.86 0.06
C ILE B 327 -22.88 -23.40 -0.05
N VAL B 328 -21.90 -22.51 -0.13
CA VAL B 328 -22.20 -21.09 -0.27
C VAL B 328 -22.87 -20.81 -1.61
N ASP B 329 -22.43 -21.50 -2.65
CA ASP B 329 -23.05 -21.34 -3.96
C ASP B 329 -24.50 -21.80 -3.94
N VAL B 330 -24.74 -23.00 -3.40
CA VAL B 330 -26.08 -23.59 -3.42
C VAL B 330 -27.06 -22.73 -2.64
N SER B 331 -26.70 -22.36 -1.43
CA SER B 331 -27.57 -21.52 -0.61
C SER B 331 -27.64 -20.09 -1.11
N GLU B 332 -26.71 -19.67 -1.96
CA GLU B 332 -26.66 -18.30 -2.47
C GLU B 332 -26.47 -17.29 -1.36
N THR B 333 -25.87 -17.71 -0.26
CA THR B 333 -25.68 -16.81 0.87
C THR B 333 -24.62 -15.79 0.50
N PRO B 334 -24.82 -14.49 0.76
CA PRO B 334 -23.74 -13.54 0.58
C PRO B 334 -22.55 -13.88 1.46
N GLU B 335 -21.36 -13.57 0.97
CA GLU B 335 -20.14 -14.07 1.60
C GLU B 335 -19.89 -13.46 2.96
N PHE B 336 -20.48 -12.30 3.25
CA PHE B 336 -20.25 -11.70 4.57
C PHE B 336 -20.94 -12.48 5.68
N ILE B 337 -21.93 -13.31 5.35
CA ILE B 337 -22.53 -14.19 6.36
C ILE B 337 -21.53 -15.23 6.83
N PHE B 338 -20.67 -15.72 5.94
CA PHE B 338 -19.63 -16.69 6.26
C PHE B 338 -18.25 -16.04 6.19
N GLY B 339 -18.13 -14.80 6.67
CA GLY B 339 -16.90 -14.07 6.53
C GLY B 339 -15.81 -14.52 7.47
N VAL B 340 -16.12 -15.37 8.45
CA VAL B 340 -15.07 -15.94 9.28
C VAL B 340 -14.18 -16.84 8.43
N HIS B 341 -14.76 -17.54 7.44
CA HIS B 341 -13.97 -18.28 6.48
C HIS B 341 -13.18 -17.35 5.56
N THR B 342 -13.84 -16.28 5.08
CA THR B 342 -13.27 -15.35 4.11
C THR B 342 -13.32 -13.96 4.71
N PRO B 343 -12.28 -13.54 5.45
CA PRO B 343 -12.32 -12.21 6.08
C PRO B 343 -12.38 -11.06 5.09
N SER B 344 -12.10 -11.29 3.80
CA SER B 344 -12.22 -10.23 2.81
C SER B 344 -13.64 -9.70 2.72
N ALA B 345 -14.63 -10.58 2.84
CA ALA B 345 -16.03 -10.14 2.77
C ALA B 345 -16.40 -9.19 3.90
N LEU B 346 -15.79 -9.34 5.07
CA LEU B 346 -16.13 -8.53 6.23
C LEU B 346 -15.77 -7.06 6.07
N ALA B 347 -14.83 -6.74 5.18
CA ALA B 347 -14.50 -5.34 4.91
C ALA B 347 -15.45 -4.69 3.91
N SER B 348 -16.39 -5.46 3.34
CA SER B 348 -17.23 -4.95 2.25
C SER B 348 -18.68 -5.40 2.41
N VAL B 349 -19.24 -5.33 3.61
CA VAL B 349 -20.64 -5.71 3.81
C VAL B 349 -21.56 -4.76 3.05
N LYS B 350 -21.32 -3.46 3.19
CA LYS B 350 -22.14 -2.46 2.51
C LYS B 350 -22.06 -2.61 1.00
N GLU B 351 -20.89 -3.03 0.49
CA GLU B 351 -20.75 -3.24 -0.95
C GLU B 351 -21.45 -4.53 -1.39
N GLN B 352 -21.57 -5.50 -0.48
CA GLN B 352 -22.19 -6.78 -0.81
C GLN B 352 -23.70 -6.79 -0.58
N MET B 353 -24.26 -5.76 0.05
CA MET B 353 -25.69 -5.72 0.32
C MET B 353 -26.59 -5.89 -0.91
N PRO B 354 -26.22 -5.41 -2.10
CA PRO B 354 -27.08 -5.66 -3.27
C PRO B 354 -27.33 -7.14 -3.56
N ILE B 355 -26.36 -8.01 -3.32
CA ILE B 355 -26.59 -9.44 -3.53
C ILE B 355 -27.64 -9.96 -2.55
N MET B 356 -27.54 -9.55 -1.28
CA MET B 356 -28.54 -9.93 -0.30
C MET B 356 -29.91 -9.38 -0.70
N VAL B 357 -29.93 -8.16 -1.22
CA VAL B 357 -31.19 -7.54 -1.63
C VAL B 357 -31.83 -8.36 -2.74
N ASN B 358 -31.02 -8.78 -3.72
CA ASN B 358 -31.55 -9.61 -4.81
C ASN B 358 -32.09 -10.92 -4.29
N LYS B 359 -31.33 -11.59 -3.41
CA LYS B 359 -31.77 -12.87 -2.87
C LYS B 359 -33.08 -12.73 -2.11
N ILE B 360 -33.16 -11.72 -1.24
CA ILE B 360 -34.35 -11.54 -0.42
C ILE B 360 -35.53 -11.11 -1.28
N ARG B 361 -35.28 -10.30 -2.30
CA ARG B 361 -36.34 -9.89 -3.20
C ARG B 361 -36.93 -11.08 -3.93
N ARG B 362 -36.07 -12.01 -4.38
CA ARG B 362 -36.58 -13.23 -5.01
C ARG B 362 -37.30 -14.11 -4.00
N LYS B 363 -36.81 -14.18 -2.77
CA LYS B 363 -37.39 -15.09 -1.78
C LYS B 363 -38.75 -14.61 -1.30
N ARG B 364 -38.94 -13.29 -1.19
CA ARG B 364 -40.15 -12.76 -0.59
C ARG B 364 -41.39 -13.09 -1.41
N GLU B 365 -41.25 -13.23 -2.73
CA GLU B 365 -42.41 -13.47 -3.58
C GLU B 365 -43.01 -14.85 -3.36
N GLN B 366 -42.25 -15.78 -2.75
CA GLN B 366 -42.81 -17.10 -2.49
C GLN B 366 -43.91 -17.04 -1.44
N PHE B 367 -43.75 -16.18 -0.43
CA PHE B 367 -44.67 -16.12 0.70
C PHE B 367 -45.70 -15.00 0.60
N THR B 368 -45.50 -14.02 -0.30
CA THR B 368 -46.36 -12.85 -0.29
C THR B 368 -47.80 -13.21 -0.65
N ASN B 369 -48.00 -14.17 -1.55
CA ASN B 369 -49.35 -14.61 -1.86
C ASN B 369 -50.00 -15.27 -0.64
N SER B 370 -49.24 -16.05 0.11
CA SER B 370 -49.76 -16.65 1.32
C SER B 370 -50.13 -15.59 2.34
N TRP B 371 -49.33 -14.54 2.46
CA TRP B 371 -49.65 -13.47 3.40
C TRP B 371 -50.88 -12.69 2.95
N GLN B 372 -51.05 -12.50 1.63
CA GLN B 372 -52.28 -11.89 1.14
C GLN B 372 -53.49 -12.74 1.50
N LEU B 373 -53.37 -14.06 1.34
CA LEU B 373 -54.46 -14.95 1.72
C LEU B 373 -54.75 -14.87 3.21
N LEU B 374 -53.70 -14.83 4.03
CA LEU B 374 -53.87 -14.76 5.48
C LEU B 374 -54.57 -13.47 5.88
N ALA B 375 -54.15 -12.35 5.30
CA ALA B 375 -54.78 -11.07 5.61
C ALA B 375 -56.23 -11.05 5.16
N ARG B 376 -56.50 -11.62 3.98
CA ARG B 376 -57.87 -11.70 3.50
C ARG B 376 -58.74 -12.52 4.46
N MET B 377 -58.22 -13.64 4.94
CA MET B 377 -58.97 -14.47 5.88
C MET B 377 -59.20 -13.73 7.18
N VAL B 378 -58.18 -13.03 7.67
CA VAL B 378 -58.32 -12.28 8.92
C VAL B 378 -59.39 -11.21 8.78
N LEU B 379 -59.40 -10.51 7.66
CA LEU B 379 -60.43 -9.50 7.43
C LEU B 379 -61.81 -10.14 7.35
N ILE B 380 -61.92 -11.29 6.68
CA ILE B 380 -63.20 -11.96 6.55
C ILE B 380 -63.65 -12.49 7.91
N MET B 381 -62.72 -12.99 8.71
CA MET B 381 -63.05 -13.58 10.00
C MET B 381 -63.33 -12.55 11.09
N SER B 382 -63.35 -11.26 10.77
CA SER B 382 -63.65 -10.22 11.75
C SER B 382 -64.45 -9.10 11.10
N LYS B 389 -68.16 -6.64 5.27
CA LYS B 389 -68.41 -5.28 5.72
C LYS B 389 -67.46 -4.29 5.05
N TYR B 390 -66.20 -4.72 4.88
CA TYR B 390 -65.18 -3.83 4.35
C TYR B 390 -65.31 -3.68 2.84
N SER B 391 -64.97 -2.49 2.35
CA SER B 391 -65.10 -2.18 0.94
C SER B 391 -64.05 -2.87 0.06
N SER B 392 -62.99 -3.40 0.66
CA SER B 392 -61.95 -4.09 -0.09
C SER B 392 -61.33 -5.16 0.79
N TYR B 393 -60.87 -6.23 0.14
CA TYR B 393 -60.17 -7.32 0.81
C TYR B 393 -58.81 -7.62 0.23
N ASP B 394 -58.46 -7.06 -0.93
CA ASP B 394 -57.19 -7.32 -1.58
C ASP B 394 -56.11 -6.55 -0.83
N VAL B 395 -55.48 -7.22 0.14
CA VAL B 395 -54.38 -6.62 0.87
C VAL B 395 -53.11 -6.71 0.04
N THR B 396 -52.27 -5.69 0.13
CA THR B 396 -50.98 -5.65 -0.53
C THR B 396 -49.88 -5.68 0.51
N ILE B 397 -48.80 -6.37 0.19
CA ILE B 397 -47.77 -6.73 1.16
C ILE B 397 -46.55 -5.86 0.92
N GLY B 398 -46.25 -5.00 1.91
CA GLY B 398 -44.97 -4.36 1.99
C GLY B 398 -43.99 -5.22 2.76
N TRP B 399 -42.75 -4.75 2.85
CA TRP B 399 -41.70 -5.53 3.51
C TRP B 399 -40.70 -4.60 4.19
N ASP B 400 -39.94 -5.18 5.11
CA ASP B 400 -38.85 -4.46 5.75
C ASP B 400 -37.77 -4.11 4.74
N GLU B 401 -36.99 -3.08 5.07
CA GLU B 401 -35.87 -2.71 4.22
C GLU B 401 -34.72 -3.69 4.42
N VAL B 402 -34.33 -4.35 3.33
CA VAL B 402 -33.17 -5.25 3.39
C VAL B 402 -31.90 -4.44 3.61
N ASN B 403 -31.72 -3.38 2.81
CA ASN B 403 -30.61 -2.45 2.95
C ASN B 403 -31.19 -1.09 3.33
N PRO B 404 -31.23 -0.71 4.60
CA PRO B 404 -32.02 0.47 4.99
C PRO B 404 -31.44 1.76 4.43
N ARG B 405 -32.34 2.71 4.16
CA ARG B 405 -31.95 4.04 3.73
C ARG B 405 -31.74 4.94 4.94
N ASP B 406 -30.76 5.83 4.83
CA ASP B 406 -30.54 6.83 5.86
C ASP B 406 -31.64 7.87 5.82
N ASP B 407 -32.08 8.29 7.01
CA ASP B 407 -33.10 9.34 7.08
C ASP B 407 -32.58 10.66 6.51
N LYS B 408 -31.29 10.94 6.72
CA LYS B 408 -30.72 12.19 6.23
C LYS B 408 -30.75 12.24 4.70
N GLU B 409 -30.40 11.12 4.05
CA GLU B 409 -30.45 11.09 2.59
C GLU B 409 -31.87 11.24 2.08
N LEU B 410 -32.83 10.61 2.75
CA LEU B 410 -34.23 10.76 2.37
C LEU B 410 -34.68 12.21 2.50
N ALA B 411 -34.27 12.87 3.58
CA ALA B 411 -34.60 14.28 3.75
C ALA B 411 -33.92 15.15 2.70
N GLU B 412 -32.69 14.81 2.32
CA GLU B 412 -31.99 15.58 1.29
C GLU B 412 -32.71 15.47 -0.05
N THR B 413 -33.12 14.27 -0.45
CA THR B 413 -33.84 14.16 -1.70
C THR B 413 -35.22 14.80 -1.60
N LEU B 414 -35.84 14.79 -0.41
CA LEU B 414 -37.09 15.50 -0.23
C LEU B 414 -36.90 17.00 -0.45
N GLU B 415 -35.82 17.56 0.11
CA GLU B 415 -35.55 18.98 -0.06
C GLU B 415 -35.28 19.29 -1.52
N LYS B 416 -34.55 18.42 -2.21
CA LYS B 416 -34.29 18.63 -3.63
C LYS B 416 -35.59 18.60 -4.43
N VAL B 417 -36.48 17.67 -4.10
CA VAL B 417 -37.78 17.59 -4.78
C VAL B 417 -38.56 18.87 -4.54
N CYS B 418 -38.57 19.35 -3.30
CA CYS B 418 -39.35 20.55 -2.98
C CYS B 418 -38.80 21.78 -3.70
N CYS B 419 -37.48 21.97 -3.68
CA CYS B 419 -36.90 23.12 -4.34
C CYS B 419 -37.02 23.04 -5.85
N ALA B 420 -36.96 21.84 -6.43
CA ALA B 420 -37.16 21.70 -7.87
C ALA B 420 -38.54 22.17 -8.27
N LEU B 421 -39.56 21.80 -7.50
CA LEU B 421 -40.90 22.32 -7.74
C LEU B 421 -40.95 23.80 -7.36
N ASP B 422 -42.12 24.41 -7.56
CA ASP B 422 -42.31 25.85 -7.45
C ASP B 422 -41.50 26.63 -8.48
N LYS B 423 -41.05 25.95 -9.54
CA LYS B 423 -40.31 26.57 -10.63
C LYS B 423 -40.67 25.82 -11.91
N ALA B 424 -40.48 26.48 -13.04
CA ALA B 424 -41.04 26.01 -14.31
C ALA B 424 -42.53 25.77 -14.15
N LEU B 425 -43.25 26.88 -13.92
CA LEU B 425 -44.58 26.85 -13.34
C LEU B 425 -45.65 26.23 -14.24
N GLU B 426 -45.30 25.81 -15.46
CA GLU B 426 -46.24 25.10 -16.31
C GLU B 426 -46.35 23.61 -15.97
N GLY B 427 -45.78 23.16 -14.86
CA GLY B 427 -45.86 21.75 -14.48
C GLY B 427 -47.26 21.26 -14.22
N GLY B 428 -48.15 22.14 -13.74
CA GLY B 428 -49.53 21.77 -13.49
C GLY B 428 -49.80 21.41 -12.03
N PHE B 429 -50.89 20.67 -11.84
CA PHE B 429 -51.35 20.33 -10.50
C PHE B 429 -50.77 19.02 -9.98
N ILE B 430 -50.07 18.24 -10.82
CA ILE B 430 -49.49 16.98 -10.37
C ILE B 430 -48.32 17.18 -9.42
N SER B 431 -47.79 18.40 -9.32
CA SER B 431 -46.73 18.65 -8.35
C SER B 431 -47.19 18.39 -6.93
N GLU B 432 -48.42 18.82 -6.60
CA GLU B 432 -48.98 18.55 -5.29
C GLU B 432 -49.11 17.05 -5.04
N GLU B 433 -49.58 16.31 -6.05
CA GLU B 433 -49.72 14.87 -5.89
C GLU B 433 -48.36 14.21 -5.65
N SER B 434 -47.36 14.59 -6.44
CA SER B 434 -46.03 14.02 -6.28
C SER B 434 -45.47 14.33 -4.90
N THR B 435 -45.58 15.59 -4.46
CA THR B 435 -44.94 15.97 -3.21
C THR B 435 -45.67 15.38 -2.00
N VAL B 436 -47.01 15.29 -2.04
CA VAL B 436 -47.72 14.68 -0.92
C VAL B 436 -47.46 13.18 -0.88
N ASN B 437 -47.36 12.54 -2.04
CA ASN B 437 -47.01 11.12 -2.06
C ASN B 437 -45.62 10.90 -1.50
N PHE B 438 -44.67 11.77 -1.84
CA PHE B 438 -43.32 11.60 -1.32
C PHE B 438 -43.25 11.91 0.17
N LEU B 439 -44.06 12.86 0.66
CA LEU B 439 -44.14 13.09 2.10
C LEU B 439 -44.68 11.86 2.82
N ALA B 440 -45.71 11.21 2.25
CA ALA B 440 -46.23 9.99 2.86
C ALA B 440 -45.17 8.90 2.87
N GLN B 441 -44.44 8.74 1.77
CA GLN B 441 -43.37 7.75 1.73
C GLN B 441 -42.28 8.07 2.76
N TYR B 442 -41.93 9.35 2.88
CA TYR B 442 -40.91 9.76 3.83
C TYR B 442 -41.34 9.46 5.25
N ILE B 443 -42.60 9.76 5.58
CA ILE B 443 -43.10 9.49 6.93
C ILE B 443 -43.06 8.00 7.21
N ASP B 444 -43.50 7.20 6.24
CA ASP B 444 -43.53 5.75 6.43
C ASP B 444 -42.11 5.19 6.62
N THR B 445 -41.16 5.67 5.83
CA THR B 445 -39.80 5.15 5.93
C THR B 445 -39.10 5.63 7.19
N MET B 446 -39.35 6.86 7.62
CA MET B 446 -38.70 7.39 8.82
C MET B 446 -39.26 6.75 10.09
N SER B 447 -40.59 6.63 10.18
CA SER B 447 -41.18 6.12 11.41
C SER B 447 -40.78 4.68 11.68
N ASN B 448 -40.73 3.85 10.64
CA ASN B 448 -40.29 2.47 10.80
C ASN B 448 -38.83 2.44 11.26
N TYR B 449 -38.56 1.62 12.28
CA TYR B 449 -37.21 1.51 12.82
C TYR B 449 -36.45 0.40 12.11
N ILE B 450 -35.16 0.65 11.86
CA ILE B 450 -34.35 -0.29 11.12
C ILE B 450 -34.18 -1.60 11.89
N SER B 451 -33.83 -1.52 13.17
CA SER B 451 -33.39 -2.67 13.95
C SER B 451 -34.54 -3.34 14.69
N ASP B 452 -35.76 -3.28 14.16
CA ASP B 452 -36.92 -3.86 14.82
C ASP B 452 -37.87 -4.36 13.74
N ASP B 453 -38.18 -5.65 13.79
CA ASP B 453 -39.02 -6.25 12.77
C ASP B 453 -40.42 -5.68 12.79
N PRO B 454 -41.02 -5.56 11.61
CA PRO B 454 -42.38 -5.07 11.50
C PRO B 454 -42.46 -3.57 11.66
N GLU B 455 -43.70 -3.08 11.54
CA GLU B 455 -44.01 -1.66 11.67
C GLU B 455 -44.73 -1.34 12.97
N ARG B 456 -44.61 -2.22 13.98
CA ARG B 456 -45.34 -2.05 15.24
C ARG B 456 -45.05 -0.70 15.87
N GLU B 457 -43.81 -0.22 15.73
CA GLU B 457 -43.49 1.12 16.18
C GLU B 457 -44.31 2.18 15.45
N GLY B 458 -44.58 1.96 14.16
CA GLY B 458 -45.41 2.90 13.42
C GLY B 458 -46.82 2.98 13.97
N GLU B 459 -47.43 1.81 14.20
CA GLU B 459 -48.77 1.79 14.77
C GLU B 459 -48.78 2.40 16.17
N ARG B 460 -47.75 2.11 16.95
CA ARG B 460 -47.68 2.65 18.30
C ARG B 460 -47.60 4.16 18.27
N GLU B 461 -46.74 4.71 17.41
CA GLU B 461 -46.61 6.16 17.31
C GLU B 461 -47.90 6.79 16.85
N LYS B 462 -48.57 6.18 15.85
CA LYS B 462 -49.81 6.74 15.34
C LYS B 462 -50.90 6.72 16.42
N ILE B 463 -51.00 5.62 17.16
CA ILE B 463 -52.04 5.50 18.18
C ILE B 463 -51.78 6.47 19.33
N ILE B 464 -50.52 6.58 19.76
CA ILE B 464 -50.19 7.49 20.86
C ILE B 464 -50.42 8.94 20.42
N LYS B 465 -50.09 9.25 19.17
CA LYS B 465 -50.32 10.59 18.65
C LYS B 465 -51.81 10.91 18.61
N THR B 466 -52.63 9.96 18.15
CA THR B 466 -54.07 10.19 18.11
C THR B 466 -54.66 10.33 19.51
N LYS B 467 -54.18 9.54 20.46
CA LYS B 467 -54.74 9.59 21.81
C LYS B 467 -54.32 10.87 22.53
N MET B 468 -53.02 11.13 22.63
CA MET B 468 -52.53 12.31 23.32
C MET B 468 -52.74 13.59 22.52
N LEU B 469 -52.67 13.52 21.20
CA LEU B 469 -52.80 14.69 20.34
C LEU B 469 -51.76 15.75 20.69
N MET C 19 -33.76 -34.36 3.68
CA MET C 19 -34.06 -35.44 2.68
C MET C 19 -35.55 -35.59 2.47
N ARG C 20 -35.93 -36.20 1.36
CA ARG C 20 -37.33 -36.41 1.02
C ARG C 20 -37.83 -37.72 1.59
N MET C 21 -39.16 -37.86 1.62
CA MET C 21 -39.81 -39.10 2.04
C MET C 21 -41.18 -39.16 1.38
N SER C 22 -41.76 -40.36 1.39
CA SER C 22 -43.08 -40.54 0.80
C SER C 22 -44.15 -39.86 1.65
N SER C 23 -45.33 -39.70 1.05
CA SER C 23 -46.44 -39.07 1.76
C SER C 23 -46.82 -39.87 3.00
N GLY C 24 -46.90 -41.19 2.87
CA GLY C 24 -47.07 -42.06 4.01
C GLY C 24 -45.74 -42.33 4.67
N ASN C 25 -45.70 -43.41 5.46
CA ASN C 25 -44.46 -43.87 6.10
C ASN C 25 -43.90 -42.81 7.04
N ILE C 26 -44.78 -42.21 7.85
CA ILE C 26 -44.39 -41.22 8.85
C ILE C 26 -45.17 -41.49 10.12
N GLY C 27 -44.49 -41.41 11.26
CA GLY C 27 -45.14 -41.64 12.53
C GLY C 27 -46.05 -40.50 12.93
N VAL C 28 -46.86 -40.77 13.96
CA VAL C 28 -47.81 -39.77 14.43
C VAL C 28 -47.07 -38.71 15.23
N TYR C 29 -47.47 -37.45 15.03
CA TYR C 29 -46.85 -36.33 15.71
C TYR C 29 -47.06 -36.44 17.22
N LYS C 30 -46.02 -36.11 17.98
CA LYS C 30 -46.08 -36.08 19.43
C LYS C 30 -45.22 -34.95 19.96
N LEU C 31 -45.73 -34.25 20.97
CA LEU C 31 -45.00 -33.13 21.55
C LEU C 31 -43.78 -33.65 22.31
N ASP C 32 -42.63 -33.02 22.08
CA ASP C 32 -41.39 -33.42 22.75
C ASP C 32 -41.24 -32.63 24.04
N ASP C 33 -41.18 -33.35 25.17
CA ASP C 33 -41.07 -32.74 26.48
C ASP C 33 -39.67 -32.86 27.08
N SER C 34 -38.64 -33.05 26.25
CA SER C 34 -37.29 -33.11 26.76
C SER C 34 -36.85 -31.75 27.26
N ARG C 35 -35.86 -31.75 28.16
CA ARG C 35 -35.37 -30.55 28.82
C ARG C 35 -33.89 -30.38 28.52
N VAL C 36 -33.32 -29.26 28.97
CA VAL C 36 -32.05 -28.78 28.44
C VAL C 36 -30.85 -29.25 29.27
N ASP C 37 -31.07 -29.96 30.38
CA ASP C 37 -29.98 -30.35 31.28
C ASP C 37 -29.24 -29.10 31.78
N TYR C 38 -29.95 -28.33 32.60
CA TYR C 38 -29.53 -26.97 32.91
C TYR C 38 -28.21 -26.95 33.67
N GLU C 39 -27.91 -27.99 34.45
CA GLU C 39 -26.65 -28.04 35.17
C GLU C 39 -25.47 -28.06 34.19
N LEU C 40 -25.57 -28.87 33.13
CA LEU C 40 -24.50 -28.92 32.14
C LEU C 40 -24.39 -27.59 31.41
N ALA C 41 -25.52 -26.94 31.14
CA ALA C 41 -25.48 -25.65 30.47
C ALA C 41 -24.76 -24.61 31.32
N ARG C 42 -25.07 -24.57 32.61
CA ARG C 42 -24.38 -23.62 33.49
C ARG C 42 -22.90 -23.95 33.62
N GLU C 43 -22.55 -25.24 33.70
CA GLU C 43 -21.15 -25.61 33.78
C GLU C 43 -20.41 -25.22 32.50
N LEU C 44 -21.02 -25.42 31.34
CA LEU C 44 -20.42 -25.00 30.09
C LEU C 44 -20.23 -23.50 30.04
N TYR C 45 -21.24 -22.75 30.51
CA TYR C 45 -21.13 -21.30 30.52
C TYR C 45 -20.02 -20.86 31.46
N GLN C 46 -19.92 -21.48 32.62
CA GLN C 46 -18.91 -21.13 33.61
C GLN C 46 -17.58 -21.83 33.39
N ASN C 47 -17.47 -22.66 32.35
CA ASN C 47 -16.19 -23.31 32.00
C ASN C 47 -15.75 -24.29 33.08
N LYS C 48 -16.71 -24.98 33.70
CA LYS C 48 -16.44 -25.86 34.85
C LYS C 48 -16.40 -27.33 34.47
N ASN C 49 -17.13 -27.75 33.45
CA ASN C 49 -17.24 -29.17 33.12
C ASN C 49 -15.91 -29.69 32.61
N ALA C 50 -15.39 -30.73 33.26
CA ALA C 50 -14.06 -31.23 32.94
C ALA C 50 -13.97 -31.80 31.52
N ASN C 51 -15.10 -32.22 30.96
CA ASN C 51 -15.12 -32.76 29.61
C ASN C 51 -15.22 -31.69 28.54
N TYR C 52 -15.28 -30.41 28.91
CA TYR C 52 -15.39 -29.31 27.95
C TYR C 52 -14.52 -28.10 28.30
N LYS C 53 -13.59 -28.21 29.25
CA LYS C 53 -12.89 -27.04 29.79
C LYS C 53 -12.14 -26.27 28.71
N LEU C 54 -11.40 -26.98 27.85
CA LEU C 54 -10.66 -26.33 26.78
C LEU C 54 -11.57 -25.89 25.65
N GLY C 55 -12.70 -26.60 25.46
CA GLY C 55 -13.58 -26.28 24.36
C GLY C 55 -14.66 -25.27 24.69
N SER C 56 -15.08 -25.20 25.95
CA SER C 56 -16.20 -24.35 26.35
C SER C 56 -15.81 -22.88 26.51
N SER C 57 -14.63 -22.47 26.04
CA SER C 57 -14.28 -21.06 26.08
C SER C 57 -15.21 -20.20 25.24
N PHE C 58 -15.82 -20.78 24.21
CA PHE C 58 -16.63 -20.00 23.28
C PHE C 58 -18.04 -19.72 23.78
N VAL C 59 -18.49 -20.39 24.85
CA VAL C 59 -19.87 -20.24 25.29
C VAL C 59 -20.11 -18.84 25.82
N ARG C 60 -19.21 -18.35 26.68
CA ARG C 60 -19.42 -17.04 27.30
C ARG C 60 -19.49 -15.90 26.29
N PRO C 61 -18.54 -15.74 25.36
CA PRO C 61 -18.67 -14.60 24.42
C PRO C 61 -19.92 -14.66 23.59
N ILE C 62 -20.36 -15.84 23.15
CA ILE C 62 -21.57 -15.95 22.35
C ILE C 62 -22.78 -15.46 23.12
N VAL C 63 -23.06 -16.11 24.26
CA VAL C 63 -24.25 -15.80 25.03
C VAL C 63 -24.22 -14.37 25.54
N ASN C 64 -23.07 -13.92 26.03
CA ASN C 64 -23.01 -12.58 26.63
C ASN C 64 -23.04 -11.48 25.57
N SER C 65 -22.42 -11.67 24.41
CA SER C 65 -22.56 -10.69 23.35
C SER C 65 -24.00 -10.61 22.89
N THR C 66 -24.65 -11.77 22.72
CA THR C 66 -26.03 -11.77 22.25
C THR C 66 -26.95 -11.09 23.25
N THR C 67 -26.77 -11.36 24.55
CA THR C 67 -27.68 -10.79 25.55
C THR C 67 -27.37 -9.33 25.82
N GLY C 68 -26.11 -8.93 25.67
CA GLY C 68 -25.75 -7.53 25.85
C GLY C 68 -26.24 -6.66 24.73
N PHE C 69 -26.07 -7.12 23.48
CA PHE C 69 -26.50 -6.30 22.35
C PHE C 69 -28.02 -6.22 22.25
N MET C 70 -28.72 -7.29 22.64
CA MET C 70 -30.18 -7.27 22.55
C MET C 70 -30.80 -6.42 23.64
N GLY C 71 -30.07 -6.16 24.72
CA GLY C 71 -30.52 -5.18 25.69
C GLY C 71 -31.76 -5.63 26.45
N VAL C 72 -32.63 -4.68 26.73
CA VAL C 72 -33.83 -4.91 27.55
C VAL C 72 -35.02 -4.26 26.88
N PRO C 73 -36.24 -4.76 27.17
CA PRO C 73 -37.42 -4.19 26.52
C PRO C 73 -37.72 -2.78 27.00
N HIS C 74 -38.42 -2.03 26.16
CA HIS C 74 -39.00 -0.74 26.51
C HIS C 74 -40.50 -0.87 26.42
N PHE C 75 -41.18 -0.78 27.56
CA PHE C 75 -42.63 -0.97 27.61
C PHE C 75 -43.32 0.32 27.21
N GLN C 76 -44.14 0.25 26.17
CA GLN C 76 -44.84 1.40 25.61
C GLN C 76 -46.33 1.11 25.61
N ILE C 77 -47.11 2.02 26.17
CA ILE C 77 -48.56 1.88 26.22
C ILE C 77 -49.17 3.27 26.24
N GLU C 78 -50.31 3.42 25.55
CA GLU C 78 -50.91 4.74 25.38
C GLU C 78 -51.46 5.32 26.67
N ASP C 79 -51.90 4.47 27.60
CA ASP C 79 -52.47 4.95 28.86
C ASP C 79 -51.33 5.48 29.73
N GLU C 80 -51.42 6.75 30.13
CA GLU C 80 -50.33 7.36 30.89
C GLU C 80 -50.18 6.73 32.27
N GLU C 81 -51.26 6.27 32.90
CA GLU C 81 -51.13 5.61 34.19
C GLU C 81 -50.45 4.25 34.05
N ALA C 82 -50.85 3.47 33.05
CA ALA C 82 -50.18 2.21 32.78
C ALA C 82 -48.71 2.44 32.43
N GLN C 83 -48.44 3.50 31.67
CA GLN C 83 -47.06 3.83 31.34
C GLN C 83 -46.28 4.17 32.60
N TYR C 84 -46.90 4.87 33.54
CA TYR C 84 -46.22 5.16 34.82
C TYR C 84 -45.93 3.88 35.59
N ILE C 85 -46.89 2.96 35.62
CA ILE C 85 -46.68 1.70 36.33
C ILE C 85 -45.52 0.93 35.72
N LEU C 86 -45.49 0.83 34.39
CA LEU C 86 -44.41 0.12 33.73
C LEU C 86 -43.09 0.86 33.88
N ASP C 87 -43.13 2.19 33.95
CA ASP C 87 -41.93 2.97 34.21
C ASP C 87 -41.33 2.63 35.57
N GLU C 88 -42.17 2.59 36.59
CA GLU C 88 -41.69 2.20 37.93
C GLU C 88 -41.16 0.78 37.91
N PHE C 89 -41.84 -0.11 37.21
CA PHE C 89 -41.42 -1.51 37.16
C PHE C 89 -40.03 -1.64 36.53
N VAL C 90 -39.81 -0.99 35.39
CA VAL C 90 -38.51 -1.11 34.75
C VAL C 90 -37.44 -0.42 35.59
N LEU C 91 -37.77 0.71 36.21
CA LEU C 91 -36.81 1.38 37.10
C LEU C 91 -36.37 0.46 38.22
N ASP C 92 -37.29 -0.37 38.71
CA ASP C 92 -36.93 -1.31 39.77
C ASP C 92 -36.16 -2.51 39.25
N ASN C 93 -36.50 -3.01 38.05
CA ASN C 93 -36.14 -4.37 37.65
C ASN C 93 -35.44 -4.49 36.31
N THR C 94 -34.79 -3.43 35.80
CA THR C 94 -34.10 -3.56 34.51
C THR C 94 -32.97 -4.59 34.55
N SER C 95 -32.25 -4.64 35.67
CA SER C 95 -31.18 -5.62 35.81
C SER C 95 -31.72 -7.04 35.71
N LYS C 96 -32.84 -7.30 36.39
CA LYS C 96 -33.46 -8.61 36.30
C LYS C 96 -34.01 -8.89 34.91
N MET C 97 -34.47 -7.86 34.20
CA MET C 97 -34.90 -8.07 32.82
C MET C 97 -33.74 -8.52 31.95
N LEU C 98 -32.57 -7.92 32.12
CA LEU C 98 -31.40 -8.37 31.35
C LEU C 98 -30.99 -9.78 31.77
N LYS C 99 -31.04 -10.05 33.08
CA LYS C 99 -30.69 -11.39 33.57
C LYS C 99 -31.64 -12.43 33.01
N THR C 100 -32.89 -12.06 32.75
CA THR C 100 -33.83 -13.00 32.15
C THR C 100 -33.38 -13.40 30.76
N HIS C 101 -32.92 -12.45 29.95
CA HIS C 101 -32.39 -12.77 28.64
C HIS C 101 -31.18 -13.68 28.76
N THR C 102 -30.27 -13.36 29.68
CA THR C 102 -29.08 -14.19 29.83
C THR C 102 -29.43 -15.61 30.25
N ASP C 103 -30.36 -15.76 31.19
CA ASP C 103 -30.78 -17.07 31.64
C ASP C 103 -31.46 -17.86 30.52
N SER C 104 -32.31 -17.19 29.74
CA SER C 104 -33.00 -17.88 28.66
C SER C 104 -32.00 -18.36 27.60
N LEU C 105 -31.03 -17.51 27.25
CA LEU C 105 -30.06 -17.93 26.24
C LEU C 105 -29.14 -19.03 26.76
N LYS C 106 -28.80 -18.99 28.05
CA LYS C 106 -27.88 -19.97 28.60
C LYS C 106 -28.58 -21.30 28.85
N GLN C 107 -29.61 -21.31 29.69
CA GLN C 107 -30.26 -22.52 30.14
C GLN C 107 -31.40 -22.98 29.25
N GLY C 108 -31.76 -22.19 28.23
CA GLY C 108 -32.91 -22.53 27.40
C GLY C 108 -34.22 -22.04 27.94
N ASP C 109 -34.51 -22.31 29.21
CA ASP C 109 -35.72 -21.89 29.88
C ASP C 109 -35.40 -20.91 30.99
N CYS C 110 -36.33 -19.98 31.22
CA CYS C 110 -36.28 -19.10 32.37
C CYS C 110 -37.70 -18.74 32.78
N TYR C 111 -37.98 -18.84 34.07
CA TYR C 111 -39.31 -18.62 34.61
C TYR C 111 -39.25 -17.42 35.55
N ILE C 112 -40.19 -16.50 35.38
CA ILE C 112 -40.30 -15.29 36.19
C ILE C 112 -41.61 -15.34 36.94
N TRP C 113 -41.55 -15.22 38.27
CA TRP C 113 -42.71 -15.28 39.14
C TRP C 113 -42.95 -13.90 39.71
N ILE C 114 -44.09 -13.30 39.36
CA ILE C 114 -44.47 -11.99 39.86
C ILE C 114 -45.32 -12.18 41.11
N THR C 115 -44.89 -11.58 42.21
CA THR C 115 -45.58 -11.68 43.48
C THR C 115 -45.74 -10.29 44.08
N ARG C 116 -46.89 -10.06 44.71
CA ARG C 116 -47.20 -8.79 45.37
C ARG C 116 -47.08 -8.99 46.87
N GLU C 117 -46.28 -8.15 47.52
CA GLU C 117 -45.98 -8.25 48.95
C GLU C 117 -46.35 -6.96 49.65
N GLU C 118 -47.14 -7.08 50.71
CA GLU C 118 -47.45 -5.96 51.60
C GLU C 118 -46.55 -5.94 52.83
N ARG C 119 -45.33 -6.46 52.70
CA ARG C 119 -44.42 -6.55 53.83
C ARG C 119 -43.98 -5.16 54.27
N GLU C 120 -44.21 -4.84 55.54
CA GLU C 120 -43.69 -3.60 56.13
C GLU C 120 -42.36 -3.91 56.80
N ASN C 121 -41.31 -3.18 56.42
CA ASN C 121 -40.01 -3.31 57.04
C ASN C 121 -39.30 -1.97 56.95
N PRO C 122 -38.47 -1.61 57.94
CA PRO C 122 -37.92 -0.24 57.96
C PRO C 122 -37.00 0.09 56.80
N LEU C 123 -36.47 -0.91 56.08
CA LEU C 123 -35.62 -0.62 54.94
C LEU C 123 -36.38 -0.05 53.77
N TYR C 124 -37.71 -0.21 53.73
CA TYR C 124 -38.55 0.32 52.65
C TYR C 124 -39.70 1.11 53.27
N PRO C 125 -39.42 2.26 53.87
CA PRO C 125 -40.49 3.04 54.51
C PRO C 125 -41.44 3.69 53.53
N ASP C 126 -41.06 3.82 52.26
CA ASP C 126 -41.90 4.50 51.27
C ASP C 126 -42.75 3.50 50.49
N LYS C 127 -42.14 2.41 50.02
CA LYS C 127 -42.84 1.41 49.21
C LYS C 127 -43.40 0.32 50.13
N LYS C 128 -44.59 0.60 50.64
CA LYS C 128 -45.24 -0.36 51.55
C LYS C 128 -45.76 -1.58 50.79
N VAL C 129 -46.24 -1.38 49.55
CA VAL C 129 -46.72 -2.47 48.70
C VAL C 129 -45.83 -2.52 47.47
N ARG C 130 -45.33 -3.71 47.15
CA ARG C 130 -44.33 -3.90 46.10
C ARG C 130 -44.69 -5.10 45.25
N LEU C 131 -44.23 -5.07 44.00
CA LEU C 131 -44.27 -6.23 43.11
C LEU C 131 -42.84 -6.74 42.95
N ILE C 132 -42.64 -8.03 43.25
CA ILE C 132 -41.32 -8.63 43.26
C ILE C 132 -41.12 -9.43 42.00
N TYR C 133 -39.96 -9.26 41.37
CA TYR C 133 -39.60 -9.95 40.13
C TYR C 133 -38.74 -11.14 40.53
N ASN C 134 -39.37 -12.27 40.84
CA ASN C 134 -38.70 -13.45 41.34
C ASN C 134 -38.34 -14.39 40.20
N PHE C 135 -37.13 -14.94 40.24
CA PHE C 135 -36.75 -16.01 39.33
C PHE C 135 -37.06 -17.36 39.97
N ILE C 136 -37.74 -18.22 39.23
CA ILE C 136 -37.84 -19.64 39.54
C ILE C 136 -36.75 -20.33 38.74
N SER C 137 -35.84 -21.00 39.44
CA SER C 137 -34.79 -21.73 38.75
C SER C 137 -35.43 -22.84 37.92
N PRO C 138 -34.96 -23.09 36.69
CA PRO C 138 -35.65 -24.05 35.83
C PRO C 138 -35.66 -25.47 36.37
N GLU C 139 -34.75 -25.81 37.29
CA GLU C 139 -34.81 -27.14 37.91
C GLU C 139 -35.90 -27.23 38.95
N GLU C 140 -36.34 -26.11 39.53
CA GLU C 140 -37.44 -26.16 40.47
C GLU C 140 -38.72 -26.64 39.79
N VAL C 141 -38.92 -26.27 38.53
CA VAL C 141 -40.14 -26.63 37.82
C VAL C 141 -40.07 -28.11 37.50
N LYS C 142 -40.73 -28.93 38.34
CA LYS C 142 -40.69 -30.37 38.14
C LYS C 142 -41.55 -30.80 36.96
N GLU C 143 -42.70 -30.15 36.79
CA GLU C 143 -43.61 -30.47 35.70
C GLU C 143 -44.49 -29.26 35.43
N ILE C 144 -44.91 -29.12 34.18
CA ILE C 144 -45.87 -28.11 33.75
C ILE C 144 -47.07 -28.84 33.18
N ILE C 145 -48.25 -28.56 33.73
CA ILE C 145 -49.49 -29.13 33.25
C ILE C 145 -50.08 -28.18 32.22
N LEU C 146 -50.28 -28.68 31.00
CA LEU C 146 -50.76 -27.89 29.87
C LEU C 146 -52.19 -28.29 29.52
N ASP C 147 -53.00 -27.29 29.22
CA ASP C 147 -54.30 -27.56 28.62
C ASP C 147 -54.04 -28.20 27.26
N PRO C 148 -54.56 -29.41 26.97
CA PRO C 148 -54.21 -30.06 25.70
C PRO C 148 -54.58 -29.27 24.46
N THR C 149 -55.68 -28.52 24.50
CA THR C 149 -56.12 -27.80 23.30
C THR C 149 -55.31 -26.52 23.10
N THR C 150 -55.41 -25.58 24.04
CA THR C 150 -54.73 -24.30 23.90
C THR C 150 -53.22 -24.40 24.15
N LYS C 151 -52.76 -25.47 24.80
CA LYS C 151 -51.35 -25.67 25.11
C LYS C 151 -50.81 -24.63 26.09
N GLU C 152 -51.70 -23.92 26.80
CA GLU C 152 -51.30 -22.98 27.82
C GLU C 152 -51.18 -23.68 29.16
N PRO C 153 -50.32 -23.20 30.07
CA PRO C 153 -50.16 -23.89 31.35
C PRO C 153 -51.38 -23.71 32.23
N ILE C 154 -51.76 -24.78 32.92
CA ILE C 154 -52.81 -24.76 33.92
C ILE C 154 -52.34 -25.14 35.31
N ALA C 155 -51.08 -25.56 35.46
CA ALA C 155 -50.51 -25.79 36.78
C ALA C 155 -48.99 -25.90 36.65
N TYR C 156 -48.29 -25.34 37.64
CA TYR C 156 -46.84 -25.44 37.74
C TYR C 156 -46.49 -26.24 38.99
N ILE C 157 -45.66 -27.26 38.82
CA ILE C 157 -45.20 -28.11 39.91
C ILE C 157 -43.79 -27.68 40.26
N LEU C 158 -43.64 -26.95 41.36
CA LEU C 158 -42.35 -26.49 41.85
C LEU C 158 -41.92 -27.33 43.04
N GLU C 159 -40.71 -27.87 42.98
CA GLU C 159 -40.13 -28.65 44.07
C GLU C 159 -38.69 -28.22 44.27
N SER C 160 -38.27 -28.15 45.53
CA SER C 160 -36.93 -27.73 45.86
C SER C 160 -36.53 -28.29 47.22
N GLN C 161 -35.23 -28.54 47.39
CA GLN C 161 -34.66 -29.00 48.65
C GLN C 161 -34.00 -27.81 49.32
N ASN C 162 -34.61 -27.34 50.41
CA ASN C 162 -34.16 -26.14 51.12
C ASN C 162 -33.34 -26.56 52.34
N GLU C 163 -32.02 -26.50 52.20
CA GLU C 163 -31.11 -26.68 53.33
C GLU C 163 -30.67 -25.31 53.83
N TRP C 164 -30.98 -25.01 55.08
CA TRP C 164 -30.75 -23.69 55.66
C TRP C 164 -30.38 -23.83 57.12
N THR C 165 -29.49 -22.97 57.58
CA THR C 165 -29.08 -22.95 58.98
C THR C 165 -29.97 -21.98 59.76
N ASP C 166 -30.37 -22.40 60.96
CA ASP C 166 -31.12 -21.51 61.82
C ASP C 166 -30.19 -20.43 62.38
N LEU C 167 -30.80 -19.31 62.80
CA LEU C 167 -30.00 -18.23 63.38
C LEU C 167 -29.31 -18.66 64.65
N GLY C 168 -29.78 -19.71 65.32
CA GLY C 168 -29.02 -20.36 66.36
C GLY C 168 -27.97 -21.27 65.76
N GLU C 169 -27.77 -22.44 66.37
CA GLU C 169 -26.78 -23.41 65.90
C GLU C 169 -27.39 -24.56 65.10
N ASN C 170 -28.71 -24.58 64.91
CA ASN C 170 -29.36 -25.76 64.38
C ASN C 170 -29.35 -25.76 62.86
N LYS C 171 -28.87 -26.85 62.27
CA LYS C 171 -29.05 -27.09 60.85
C LYS C 171 -30.48 -27.53 60.58
N ARG C 172 -31.03 -27.11 59.44
CA ARG C 172 -32.42 -27.40 59.08
C ARG C 172 -32.48 -27.85 57.63
N LYS C 173 -33.42 -28.76 57.34
CA LYS C 173 -33.67 -29.23 56.00
C LYS C 173 -35.18 -29.33 55.78
N ALA C 174 -35.61 -29.14 54.54
CA ALA C 174 -37.02 -29.19 54.22
C ALA C 174 -37.17 -29.33 52.71
N LYS C 175 -37.95 -30.33 52.30
CA LYS C 175 -38.29 -30.52 50.89
C LYS C 175 -39.61 -29.80 50.61
N VAL C 176 -39.53 -28.64 49.97
CA VAL C 176 -40.69 -27.80 49.69
C VAL C 176 -41.19 -28.12 48.29
N LYS C 177 -42.43 -28.62 48.21
CA LYS C 177 -43.12 -28.87 46.97
C LYS C 177 -44.37 -28.01 46.97
N GLN C 178 -44.72 -27.46 45.80
CA GLN C 178 -45.89 -26.60 45.72
C GLN C 178 -46.46 -26.61 44.31
N ILE C 179 -47.79 -26.56 44.25
CA ILE C 179 -48.54 -26.52 43.01
C ILE C 179 -49.09 -25.12 42.86
N ILE C 180 -48.77 -24.46 41.74
CA ILE C 180 -49.27 -23.13 41.43
C ILE C 180 -50.27 -23.27 40.29
N THR C 181 -51.54 -22.98 40.57
CA THR C 181 -52.63 -23.10 39.62
C THR C 181 -53.39 -21.80 39.54
N ALA C 182 -54.21 -21.67 38.49
CA ALA C 182 -54.99 -20.46 38.30
C ALA C 182 -55.99 -20.24 39.43
N GLU C 183 -56.64 -21.30 39.91
CA GLU C 183 -57.60 -21.17 40.99
C GLU C 183 -56.93 -20.88 42.33
N SER C 184 -55.79 -21.52 42.59
CA SER C 184 -55.15 -21.42 43.89
C SER C 184 -53.71 -21.91 43.76
N ARG C 185 -52.96 -21.76 44.84
CA ARG C 185 -51.64 -22.34 44.98
C ARG C 185 -51.59 -23.21 46.23
N PHE C 186 -51.10 -24.43 46.06
CA PHE C 186 -50.99 -25.41 47.14
C PHE C 186 -49.51 -25.66 47.41
N VAL C 187 -49.13 -25.68 48.68
CA VAL C 187 -47.74 -25.87 49.10
C VAL C 187 -47.70 -26.84 50.26
N GLU C 188 -46.79 -27.81 50.18
CA GLU C 188 -46.56 -28.79 51.23
C GLU C 188 -45.06 -28.97 51.41
N VAL C 189 -44.65 -29.11 52.67
CA VAL C 189 -43.24 -29.20 53.04
C VAL C 189 -43.04 -30.42 53.93
N GLU C 190 -41.95 -31.15 53.69
CA GLU C 190 -41.54 -32.28 54.51
C GLU C 190 -40.18 -31.97 55.11
N GLY C 191 -40.15 -31.73 56.42
CA GLY C 191 -38.92 -31.41 57.14
C GLY C 191 -39.14 -30.31 58.16
N ASP C 192 -38.09 -29.53 58.38
CA ASP C 192 -38.15 -28.46 59.36
C ASP C 192 -39.17 -27.40 58.94
N LYS C 193 -39.87 -26.85 59.93
CA LYS C 193 -40.91 -25.87 59.66
C LYS C 193 -40.30 -24.58 59.12
N ILE C 194 -40.80 -24.14 57.98
CA ILE C 194 -40.41 -22.84 57.41
C ILE C 194 -41.41 -21.80 57.89
N GLU C 195 -40.91 -20.75 58.54
CA GLU C 195 -41.80 -19.75 59.13
C GLU C 195 -42.59 -19.00 58.07
N GLY C 196 -41.95 -18.66 56.94
CA GLY C 196 -42.59 -17.83 55.94
C GLY C 196 -43.59 -18.55 55.05
N LEU C 197 -43.68 -19.88 55.11
CA LEU C 197 -44.56 -20.66 54.26
C LEU C 197 -45.71 -21.21 55.08
N GLU C 198 -46.92 -21.04 54.57
CA GLU C 198 -48.13 -21.63 55.16
C GLU C 198 -48.52 -22.83 54.31
N GLU C 199 -48.50 -24.01 54.92
CA GLU C 199 -48.86 -25.22 54.18
C GLU C 199 -50.33 -25.18 53.77
N GLY C 200 -50.65 -26.02 52.78
CA GLY C 200 -52.02 -26.16 52.34
C GLY C 200 -52.40 -25.20 51.24
N GLU C 201 -53.61 -25.41 50.74
CA GLU C 201 -54.15 -24.59 49.66
C GLU C 201 -54.45 -23.18 50.16
N THR C 202 -54.22 -22.20 49.29
CA THR C 202 -54.62 -20.82 49.51
C THR C 202 -55.08 -20.22 48.20
N PRO C 203 -56.22 -19.51 48.16
CA PRO C 203 -56.76 -19.08 46.87
C PRO C 203 -55.86 -18.06 46.19
N ASN C 204 -55.90 -18.07 44.86
CA ASN C 204 -55.13 -17.14 44.06
C ASN C 204 -55.90 -15.83 43.92
N VAL C 205 -55.26 -14.72 44.29
CA VAL C 205 -55.92 -13.43 44.25
C VAL C 205 -56.34 -13.03 42.84
N TRP C 206 -55.64 -13.53 41.83
CA TRP C 206 -55.98 -13.29 40.42
C TRP C 206 -56.17 -14.65 39.75
N GLY C 207 -57.05 -14.68 38.75
CA GLY C 207 -57.38 -15.94 38.11
C GLY C 207 -56.46 -16.33 36.98
N PHE C 208 -55.16 -16.12 37.15
CA PHE C 208 -54.17 -16.61 36.22
C PHE C 208 -52.91 -16.97 36.98
N ILE C 209 -52.12 -17.88 36.42
CA ILE C 209 -50.86 -18.26 37.03
C ILE C 209 -49.89 -17.10 36.82
N PRO C 210 -49.33 -16.48 37.88
CA PRO C 210 -48.46 -15.33 37.64
C PRO C 210 -47.01 -15.74 37.38
N ILE C 211 -46.82 -16.61 36.39
CA ILE C 211 -45.50 -17.09 35.99
C ILE C 211 -45.37 -16.93 34.49
N ILE C 212 -44.27 -16.33 34.05
CA ILE C 212 -43.97 -16.13 32.64
C ILE C 212 -42.87 -17.10 32.26
N HIS C 213 -43.13 -17.91 31.24
CA HIS C 213 -42.17 -18.91 30.77
C HIS C 213 -41.41 -18.32 29.59
N PHE C 214 -40.24 -17.73 29.87
CA PHE C 214 -39.37 -17.29 28.81
C PHE C 214 -38.69 -18.49 28.18
N LYS C 215 -38.71 -18.56 26.85
CA LYS C 215 -38.36 -19.77 26.11
C LYS C 215 -37.46 -19.37 24.93
N ASN C 216 -36.17 -19.63 25.08
CA ASN C 216 -35.23 -19.34 24.00
C ASN C 216 -35.38 -20.36 22.88
N GLU C 217 -35.39 -19.88 21.64
CA GLU C 217 -35.54 -20.73 20.46
C GLU C 217 -36.79 -21.59 20.58
N ALA C 218 -37.90 -20.94 20.90
CA ALA C 218 -39.17 -21.65 21.07
C ALA C 218 -39.55 -22.36 19.78
N ASP C 219 -39.93 -23.63 19.92
CA ASP C 219 -40.29 -24.48 18.80
C ASP C 219 -41.65 -25.08 19.10
N GLU C 220 -42.49 -25.19 18.07
CA GLU C 220 -43.83 -25.71 18.26
C GLU C 220 -43.81 -27.17 18.73
N THR C 221 -42.79 -27.93 18.31
CA THR C 221 -42.72 -29.34 18.65
C THR C 221 -42.09 -29.60 20.02
N LEU C 222 -41.51 -28.59 20.67
CA LEU C 222 -40.85 -28.74 21.95
C LEU C 222 -41.67 -28.05 23.04
N LYS C 223 -41.91 -28.77 24.13
CA LYS C 223 -42.58 -28.18 25.28
C LYS C 223 -41.72 -27.09 25.91
N TYR C 224 -40.41 -27.35 26.02
CA TYR C 224 -39.46 -26.46 26.67
C TYR C 224 -38.56 -25.80 25.63
N GLY C 225 -37.80 -24.81 26.08
CA GLY C 225 -36.93 -24.06 25.20
C GLY C 225 -35.62 -24.78 24.95
N GLN C 226 -34.81 -24.15 24.10
CA GLN C 226 -33.51 -24.67 23.70
C GLN C 226 -32.44 -23.64 24.02
N SER C 227 -31.33 -24.10 24.59
CA SER C 227 -30.21 -23.21 24.84
C SER C 227 -29.47 -22.88 23.55
N ASP C 228 -28.80 -21.73 23.54
CA ASP C 228 -27.88 -21.42 22.46
C ASP C 228 -26.62 -22.27 22.51
N ILE C 229 -26.39 -23.01 23.60
CA ILE C 229 -25.23 -23.88 23.70
C ILE C 229 -25.49 -25.20 23.00
N GLU C 230 -26.76 -25.60 22.88
CA GLU C 230 -27.07 -26.90 22.27
C GLU C 230 -26.58 -27.04 20.84
N PRO C 231 -26.76 -26.07 19.95
CA PRO C 231 -26.19 -26.21 18.60
C PRO C 231 -24.68 -26.38 18.59
N ILE C 232 -23.96 -25.70 19.48
CA ILE C 232 -22.50 -25.73 19.45
C ILE C 232 -21.89 -26.83 20.32
N GLU C 233 -22.69 -27.48 21.16
CA GLU C 233 -22.17 -28.43 22.15
C GLU C 233 -21.31 -29.54 21.55
N PRO C 234 -21.74 -30.25 20.49
CA PRO C 234 -20.81 -31.23 19.89
C PRO C 234 -19.52 -30.60 19.37
N LEU C 235 -19.60 -29.39 18.81
CA LEU C 235 -18.38 -28.72 18.38
C LEU C 235 -17.51 -28.33 19.55
N LEU C 236 -18.10 -27.90 20.67
CA LEU C 236 -17.32 -27.65 21.87
C LEU C 236 -16.61 -28.91 22.35
N LYS C 237 -17.31 -30.05 22.33
CA LYS C 237 -16.70 -31.29 22.76
C LYS C 237 -15.55 -31.68 21.85
N ALA C 238 -15.75 -31.55 20.53
CA ALA C 238 -14.67 -31.88 19.60
C ALA C 238 -13.48 -30.96 19.79
N TYR C 239 -13.74 -29.67 19.99
CA TYR C 239 -12.66 -28.71 20.23
C TYR C 239 -11.90 -29.05 21.49
N HIS C 240 -12.60 -29.40 22.57
CA HIS C 240 -11.94 -29.80 23.80
C HIS C 240 -11.09 -31.04 23.59
N ASP C 241 -11.61 -32.02 22.86
CA ASP C 241 -10.84 -33.24 22.60
C ASP C 241 -9.57 -32.91 21.84
N VAL C 242 -9.66 -32.07 20.82
CA VAL C 242 -8.48 -31.75 20.01
C VAL C 242 -7.46 -30.97 20.83
N MET C 243 -7.91 -29.96 21.58
CA MET C 243 -7.01 -29.26 22.49
C MET C 243 -6.34 -30.20 23.48
N LEU C 244 -7.11 -31.09 24.12
CA LEU C 244 -6.53 -31.93 25.16
C LEU C 244 -5.54 -32.93 24.57
N HIS C 245 -5.87 -33.51 23.42
CA HIS C 245 -4.95 -34.41 22.75
C HIS C 245 -3.67 -33.69 22.33
N ALA C 246 -3.80 -32.47 21.81
CA ALA C 246 -2.64 -31.69 21.43
C ALA C 246 -1.77 -31.37 22.63
N LEU C 247 -2.39 -30.97 23.73
CA LEU C 247 -1.62 -30.61 24.93
C LEU C 247 -0.89 -31.83 25.48
N LYS C 248 -1.56 -32.98 25.53
CA LYS C 248 -0.91 -34.18 26.03
C LYS C 248 0.24 -34.61 25.11
N GLY C 249 0.01 -34.56 23.79
CA GLY C 249 1.07 -34.92 22.87
C GLY C 249 2.27 -34.01 22.98
N SER C 250 2.02 -32.70 23.12
CA SER C 250 3.13 -31.76 23.28
C SER C 250 3.86 -31.98 24.59
N LYS C 251 3.13 -32.26 25.67
CA LYS C 251 3.78 -32.54 26.94
C LYS C 251 4.68 -33.76 26.83
N MET C 252 4.21 -34.79 26.15
CA MET C 252 4.99 -36.02 26.05
C MET C 252 6.19 -35.86 25.13
N HIS C 253 6.03 -35.13 24.02
CA HIS C 253 6.96 -35.23 22.90
C HIS C 253 7.56 -33.92 22.40
N SER C 254 7.08 -32.75 22.85
CA SER C 254 7.65 -31.50 22.34
C SER C 254 9.10 -31.35 22.73
N THR C 255 9.44 -31.66 23.97
CA THR C 255 10.82 -31.54 24.43
C THR C 255 11.63 -32.71 23.87
N PRO C 256 12.72 -32.46 23.14
CA PRO C 256 13.47 -33.58 22.56
C PRO C 256 14.12 -34.42 23.64
N LYS C 257 14.24 -35.71 23.36
CA LYS C 257 14.77 -36.69 24.30
C LYS C 257 16.21 -37.00 23.91
N LEU C 258 17.14 -36.72 24.81
CA LEU C 258 18.55 -37.01 24.53
C LEU C 258 18.76 -38.52 24.54
N LYS C 259 19.39 -39.03 23.48
CA LYS C 259 19.61 -40.45 23.28
C LYS C 259 21.12 -40.70 23.27
N LEU C 260 21.58 -41.57 24.15
CA LEU C 260 22.98 -41.95 24.25
C LEU C 260 23.11 -43.43 23.93
N LYS C 261 23.91 -43.73 22.91
CA LYS C 261 24.24 -45.11 22.54
C LYS C 261 25.61 -45.42 23.12
N LEU C 262 25.63 -46.15 24.22
CA LEU C 262 26.81 -46.30 25.07
C LEU C 262 27.37 -47.71 24.96
N THR C 263 28.63 -47.86 25.36
CA THR C 263 29.24 -49.19 25.43
C THR C 263 28.75 -49.95 26.66
N ASP C 264 28.54 -49.25 27.78
CA ASP C 264 28.07 -49.87 29.01
C ASP C 264 27.16 -48.86 29.69
N VAL C 265 25.84 -49.09 29.62
CA VAL C 265 24.89 -48.10 30.11
C VAL C 265 24.96 -47.99 31.63
N ALA C 266 24.92 -49.14 32.32
CA ALA C 266 24.87 -49.11 33.78
C ALA C 266 26.15 -48.52 34.37
N SER C 267 27.30 -48.83 33.78
CA SER C 267 28.55 -48.24 34.24
C SER C 267 28.52 -46.73 34.04
N PHE C 268 27.99 -46.27 32.91
CA PHE C 268 27.87 -44.84 32.67
C PHE C 268 27.00 -44.17 33.73
N LEU C 269 25.84 -44.77 34.03
CA LEU C 269 24.97 -44.18 35.04
C LEU C 269 25.64 -44.13 36.40
N ALA C 270 26.29 -45.23 36.78
CA ALA C 270 26.95 -45.28 38.09
C ALA C 270 28.07 -44.25 38.19
N HIS C 271 28.86 -44.11 37.13
CA HIS C 271 29.99 -43.19 37.18
C HIS C 271 29.51 -41.74 37.17
N ASN C 272 28.59 -41.40 36.28
CA ASN C 272 28.21 -39.99 36.12
C ASN C 272 27.19 -39.56 37.16
N PHE C 273 26.03 -40.22 37.21
CA PHE C 273 24.91 -39.77 38.02
C PHE C 273 24.80 -40.50 39.35
N GLY C 274 25.76 -41.36 39.69
CA GLY C 274 25.72 -42.07 40.95
C GLY C 274 24.57 -43.03 41.10
N VAL C 275 23.96 -43.45 39.99
CA VAL C 275 22.83 -44.37 40.03
C VAL C 275 23.36 -45.79 40.04
N GLU C 276 23.63 -46.33 41.23
CA GLU C 276 24.20 -47.66 41.33
C GLU C 276 23.20 -48.75 40.98
N ASP C 277 21.90 -48.49 41.12
CA ASP C 277 20.85 -49.47 40.85
C ASP C 277 19.84 -48.82 39.90
N PRO C 278 20.09 -48.86 38.59
CA PRO C 278 19.18 -48.17 37.67
C PRO C 278 17.76 -48.70 37.68
N VAL C 279 17.56 -50.00 37.93
CA VAL C 279 16.20 -50.53 37.99
C VAL C 279 15.45 -49.93 39.17
N LYS C 280 16.08 -49.90 40.34
CA LYS C 280 15.45 -49.28 41.50
C LYS C 280 15.27 -47.78 41.30
N PHE C 281 16.21 -47.13 40.64
CA PHE C 281 16.10 -45.71 40.37
C PHE C 281 14.89 -45.42 39.49
N ALA C 282 14.72 -46.20 38.43
CA ALA C 282 13.58 -46.00 37.54
C ALA C 282 12.27 -46.33 38.23
N LYS C 283 12.25 -47.38 39.06
CA LYS C 283 11.03 -47.76 39.75
C LYS C 283 10.56 -46.68 40.70
N GLU C 284 11.49 -46.06 41.43
CA GLU C 284 11.15 -45.04 42.42
C GLU C 284 10.91 -43.67 41.79
N GLY C 285 10.95 -43.55 40.47
CA GLY C 285 10.69 -42.27 39.85
C GLY C 285 11.80 -41.26 40.01
N GLY C 286 13.02 -41.71 40.26
CA GLY C 286 14.13 -40.77 40.39
C GLY C 286 14.38 -40.05 39.08
N LYS C 287 14.81 -38.80 39.19
CA LYS C 287 15.07 -37.93 38.04
C LYS C 287 16.55 -37.58 38.01
N ILE C 288 17.20 -37.79 36.87
CA ILE C 288 18.56 -37.33 36.70
C ILE C 288 18.56 -35.82 36.53
N ASN C 289 19.47 -35.16 37.24
CA ASN C 289 19.52 -33.70 37.28
C ASN C 289 20.49 -33.18 36.23
N LEU C 290 20.05 -32.18 35.47
CA LEU C 290 20.86 -31.55 34.43
C LEU C 290 20.76 -30.04 34.55
N ASP C 291 21.82 -29.35 34.13
CA ASP C 291 21.87 -27.89 34.15
C ASP C 291 21.74 -27.27 32.77
N GLY C 292 22.05 -28.00 31.70
CA GLY C 292 21.94 -27.53 30.34
C GLY C 292 23.27 -27.21 29.67
N HIS C 293 24.32 -26.97 30.46
CA HIS C 293 25.64 -26.66 29.95
C HIS C 293 26.58 -27.86 30.00
N GLU C 294 26.07 -29.06 29.79
CA GLU C 294 26.90 -30.26 29.85
C GLU C 294 27.80 -30.35 28.61
N ILE C 295 28.85 -31.16 28.75
CA ILE C 295 29.74 -31.50 27.65
C ILE C 295 29.95 -33.00 27.70
N LEU C 296 29.86 -33.65 26.54
CA LEU C 296 29.86 -35.11 26.44
C LEU C 296 31.23 -35.58 25.98
N PHE C 297 31.87 -36.42 26.79
CA PHE C 297 33.09 -37.12 26.43
C PHE C 297 32.75 -38.59 26.25
N LEU C 298 33.05 -39.12 25.06
CA LEU C 298 32.59 -40.45 24.67
C LEU C 298 33.72 -41.19 23.99
N ASN C 299 33.57 -42.51 23.93
CA ASN C 299 34.52 -43.34 23.18
C ASN C 299 34.25 -43.21 21.68
N LYS C 300 35.08 -43.88 20.89
CA LYS C 300 34.89 -43.86 19.44
C LYS C 300 33.57 -44.50 19.05
N ASP C 301 33.24 -45.64 19.69
CA ASP C 301 32.06 -46.39 19.31
C ASP C 301 30.77 -45.75 19.80
N GLU C 302 30.81 -45.01 20.90
CA GLU C 302 29.61 -44.45 21.50
C GLU C 302 29.10 -43.27 20.68
N GLU C 303 27.78 -43.06 20.74
CA GLU C 303 27.11 -42.03 19.96
C GLU C 303 26.06 -41.37 20.81
N ALA C 304 25.84 -40.07 20.57
CA ALA C 304 24.83 -39.30 21.26
C ALA C 304 24.06 -38.48 20.23
N GLU C 305 22.74 -38.45 20.38
CA GLU C 305 21.86 -37.77 19.43
C GLU C 305 20.58 -37.38 20.15
N PHE C 306 19.95 -36.33 19.63
CA PHE C 306 18.65 -35.89 20.12
C PHE C 306 17.55 -36.54 19.30
N VAL C 307 16.67 -37.27 19.98
CA VAL C 307 15.47 -37.82 19.34
C VAL C 307 14.39 -36.75 19.42
N GLU C 308 14.03 -36.17 18.27
CA GLU C 308 13.24 -34.96 18.21
C GLU C 308 12.09 -35.11 17.22
N VAL C 309 10.98 -34.43 17.53
CA VAL C 309 9.82 -34.40 16.64
C VAL C 309 9.87 -33.16 15.78
N LYS C 310 9.39 -33.27 14.54
CA LYS C 310 9.17 -32.09 13.72
C LYS C 310 7.96 -31.30 14.19
N SER C 311 6.91 -31.98 14.66
CA SER C 311 5.76 -31.33 15.24
C SER C 311 5.00 -32.32 16.09
N ALA C 312 4.95 -32.08 17.39
CA ALA C 312 4.18 -32.93 18.29
C ALA C 312 2.68 -32.72 18.17
N ILE C 313 2.26 -31.61 17.55
CA ILE C 313 0.86 -31.32 17.36
C ILE C 313 0.37 -31.71 15.98
N GLY C 314 1.22 -31.66 14.96
CA GLY C 314 0.80 -32.01 13.63
C GLY C 314 -0.24 -31.04 13.10
N ASP C 315 -1.25 -31.58 12.46
CA ASP C 315 -2.31 -30.80 11.86
C ASP C 315 -3.46 -30.54 12.81
N ALA C 316 -3.25 -30.57 14.13
CA ALA C 316 -4.35 -30.25 15.04
C ALA C 316 -4.72 -28.79 14.97
N LYS C 317 -3.79 -27.91 14.61
CA LYS C 317 -4.10 -26.49 14.54
C LYS C 317 -5.10 -26.20 13.43
N GLU C 318 -4.95 -26.86 12.28
CA GLU C 318 -5.92 -26.67 11.20
C GLU C 318 -7.30 -27.18 11.61
N LEU C 319 -7.35 -28.31 12.31
CA LEU C 319 -8.63 -28.83 12.79
C LEU C 319 -9.27 -27.91 13.80
N LEU C 320 -8.46 -27.33 14.70
CA LEU C 320 -8.98 -26.34 15.63
C LEU C 320 -9.50 -25.10 14.92
N LYS C 321 -8.82 -24.68 13.85
CA LYS C 321 -9.31 -23.54 13.08
C LYS C 321 -10.65 -23.88 12.42
N LEU C 322 -10.76 -25.08 11.85
CA LEU C 322 -12.02 -25.48 11.22
C LEU C 322 -13.15 -25.57 12.23
N LEU C 323 -12.87 -26.11 13.41
CA LEU C 323 -13.89 -26.20 14.44
C LEU C 323 -14.29 -24.82 14.94
N PHE C 324 -13.32 -23.89 15.01
CA PHE C 324 -13.65 -22.52 15.39
C PHE C 324 -14.57 -21.88 14.35
N TYR C 325 -14.29 -22.12 13.07
CA TYR C 325 -15.17 -21.63 12.01
C TYR C 325 -16.57 -22.22 12.15
N CYS C 326 -16.66 -23.52 12.43
CA CYS C 326 -17.97 -24.15 12.59
C CYS C 326 -18.72 -23.57 13.78
N ILE C 327 -18.02 -23.33 14.89
CA ILE C 327 -18.67 -22.74 16.06
C ILE C 327 -19.17 -21.34 15.76
N VAL C 328 -18.37 -20.54 15.05
CA VAL C 328 -18.79 -19.20 14.71
C VAL C 328 -20.00 -19.24 13.77
N ASP C 329 -20.00 -20.17 12.82
CA ASP C 329 -21.12 -20.31 11.91
C ASP C 329 -22.40 -20.68 12.66
N VAL C 330 -22.31 -21.69 13.54
CA VAL C 330 -23.49 -22.17 14.23
C VAL C 330 -24.11 -21.08 15.10
N SER C 331 -23.29 -20.41 15.90
CA SER C 331 -23.78 -19.37 16.77
C SER C 331 -24.12 -18.09 16.01
N GLU C 332 -23.66 -17.94 14.77
CA GLU C 332 -23.92 -16.75 13.96
C GLU C 332 -23.35 -15.49 14.59
N THR C 333 -22.35 -15.63 15.45
CA THR C 333 -21.75 -14.48 16.10
C THR C 333 -20.94 -13.70 15.06
N PRO C 334 -21.00 -12.37 15.04
CA PRO C 334 -20.10 -11.62 14.16
C PRO C 334 -18.65 -11.85 14.57
N GLU C 335 -17.76 -11.71 13.59
CA GLU C 335 -16.36 -12.06 13.82
C GLU C 335 -15.66 -11.10 14.77
N PHE C 336 -16.15 -9.87 14.94
CA PHE C 336 -15.47 -8.97 15.86
C PHE C 336 -15.62 -9.40 17.30
N ILE C 337 -16.60 -10.25 17.61
CA ILE C 337 -16.67 -10.85 18.94
C ILE C 337 -15.51 -11.81 19.17
N PHE C 338 -15.02 -12.46 18.09
CA PHE C 338 -13.87 -13.34 18.15
C PHE C 338 -12.70 -12.76 17.35
N GLY C 339 -12.47 -11.46 17.48
CA GLY C 339 -11.47 -10.81 16.66
C GLY C 339 -10.04 -11.16 17.04
N VAL C 340 -9.85 -11.73 18.23
CA VAL C 340 -8.51 -12.19 18.60
C VAL C 340 -8.07 -13.32 17.69
N HIS C 341 -9.00 -14.18 17.28
CA HIS C 341 -8.70 -15.20 16.29
C HIS C 341 -8.47 -14.59 14.90
N THR C 342 -9.33 -13.64 14.52
CA THR C 342 -9.32 -13.03 13.19
C THR C 342 -9.11 -11.52 13.37
N PRO C 343 -7.86 -11.05 13.36
CA PRO C 343 -7.62 -9.60 13.50
C PRO C 343 -8.23 -8.77 12.38
N SER C 344 -8.56 -9.37 11.24
CA SER C 344 -9.17 -8.61 10.14
C SER C 344 -10.51 -8.02 10.55
N ALA C 345 -11.32 -8.77 11.30
CA ALA C 345 -12.62 -8.25 11.73
C ALA C 345 -12.47 -7.02 12.60
N LEU C 346 -11.39 -6.94 13.37
CA LEU C 346 -11.14 -5.79 14.23
C LEU C 346 -10.80 -4.52 13.45
N ALA C 347 -10.53 -4.63 12.15
CA ALA C 347 -10.28 -3.43 11.36
C ALA C 347 -11.52 -2.58 11.17
N SER C 348 -12.72 -3.16 11.31
CA SER C 348 -13.96 -2.40 11.13
C SER C 348 -15.07 -3.15 11.86
N VAL C 349 -15.65 -2.51 12.87
CA VAL C 349 -16.82 -3.06 13.57
C VAL C 349 -18.09 -2.38 13.07
N LYS C 350 -18.00 -1.10 12.71
CA LYS C 350 -19.13 -0.41 12.11
C LYS C 350 -19.57 -1.09 10.82
N GLU C 351 -18.62 -1.61 10.06
CA GLU C 351 -18.96 -2.40 8.87
C GLU C 351 -19.65 -3.70 9.25
N GLN C 352 -19.30 -4.26 10.42
CA GLN C 352 -19.86 -5.52 10.87
C GLN C 352 -21.24 -5.39 11.49
N MET C 353 -21.62 -4.19 11.93
CA MET C 353 -22.83 -4.04 12.74
C MET C 353 -24.13 -4.49 12.06
N PRO C 354 -24.32 -4.42 10.74
CA PRO C 354 -25.57 -4.94 10.17
C PRO C 354 -25.83 -6.41 10.48
N ILE C 355 -24.80 -7.25 10.49
CA ILE C 355 -24.99 -8.67 10.81
C ILE C 355 -25.48 -8.82 12.24
N MET C 356 -24.87 -8.09 13.18
CA MET C 356 -25.31 -8.12 14.56
C MET C 356 -26.74 -7.63 14.67
N VAL C 357 -27.10 -6.58 13.91
CA VAL C 357 -28.45 -6.04 13.98
C VAL C 357 -29.45 -7.08 13.51
N ASN C 358 -29.13 -7.79 12.42
CA ASN C 358 -30.02 -8.84 11.93
C ASN C 358 -30.19 -9.95 12.97
N LYS C 359 -29.08 -10.40 13.55
CA LYS C 359 -29.15 -11.45 14.57
C LYS C 359 -29.98 -11.00 15.76
N ILE C 360 -29.79 -9.77 16.19
CA ILE C 360 -30.49 -9.28 17.37
C ILE C 360 -31.97 -9.06 17.09
N ARG C 361 -32.32 -8.67 15.87
CA ARG C 361 -33.73 -8.61 15.51
C ARG C 361 -34.38 -9.99 15.63
N ARG C 362 -33.75 -10.98 15.00
CA ARG C 362 -34.33 -12.32 15.01
C ARG C 362 -34.42 -12.87 16.43
N LYS C 363 -33.43 -12.56 17.28
CA LYS C 363 -33.46 -13.04 18.65
C LYS C 363 -34.48 -12.28 19.49
N ARG C 364 -34.62 -10.98 19.28
CA ARG C 364 -35.57 -10.18 20.03
C ARG C 364 -36.99 -10.61 19.76
N GLU C 365 -37.28 -11.06 18.54
CA GLU C 365 -38.64 -11.50 18.25
C GLU C 365 -39.06 -12.72 19.07
N GLN C 366 -38.11 -13.45 19.66
CA GLN C 366 -38.48 -14.62 20.45
C GLN C 366 -39.08 -14.22 21.79
N PHE C 367 -38.50 -13.22 22.45
CA PHE C 367 -38.88 -12.88 23.82
C PHE C 367 -39.93 -11.78 23.92
N THR C 368 -40.23 -11.07 22.83
CA THR C 368 -41.08 -9.88 22.95
C THR C 368 -42.50 -10.27 23.36
N ASN C 369 -43.00 -11.41 22.90
CA ASN C 369 -44.33 -11.84 23.33
C ASN C 369 -44.37 -12.12 24.82
N SER C 370 -43.31 -12.76 25.34
CA SER C 370 -43.25 -13.00 26.78
C SER C 370 -43.20 -11.70 27.56
N TRP C 371 -42.49 -10.69 27.05
CA TRP C 371 -42.44 -9.41 27.74
C TRP C 371 -43.79 -8.71 27.68
N GLN C 372 -44.52 -8.85 26.57
CA GLN C 372 -45.87 -8.31 26.52
C GLN C 372 -46.76 -8.98 27.57
N LEU C 373 -46.64 -10.30 27.71
CA LEU C 373 -47.41 -11.01 28.72
C LEU C 373 -47.04 -10.54 30.12
N LEU C 374 -45.73 -10.36 30.37
CA LEU C 374 -45.29 -9.92 31.69
C LEU C 374 -45.81 -8.53 32.02
N ALA C 375 -45.74 -7.61 31.05
CA ALA C 375 -46.25 -6.26 31.29
C ALA C 375 -47.77 -6.28 31.50
N ARG C 376 -48.47 -7.11 30.74
CA ARG C 376 -49.92 -7.24 30.92
C ARG C 376 -50.24 -7.73 32.33
N MET C 377 -49.50 -8.73 32.80
CA MET C 377 -49.73 -9.23 34.16
C MET C 377 -49.42 -8.16 35.19
N VAL C 378 -48.34 -7.42 34.99
CA VAL C 378 -47.96 -6.38 35.95
C VAL C 378 -49.04 -5.32 36.02
N LEU C 379 -49.58 -4.91 34.88
CA LEU C 379 -50.67 -3.95 34.88
C LEU C 379 -51.91 -4.52 35.56
N ILE C 380 -52.21 -5.80 35.31
CA ILE C 380 -53.39 -6.41 35.93
C ILE C 380 -53.17 -6.56 37.43
N MET C 381 -51.95 -6.90 37.85
CA MET C 381 -51.67 -7.12 39.26
C MET C 381 -51.55 -5.84 40.07
N SER C 382 -51.67 -4.68 39.44
CA SER C 382 -51.62 -3.39 40.17
C SER C 382 -52.67 -2.44 39.62
N LYS C 389 -58.77 -1.24 35.58
CA LYS C 389 -58.82 0.21 35.74
C LYS C 389 -58.30 0.92 34.49
N TYR C 390 -57.26 0.36 33.89
CA TYR C 390 -56.60 1.00 32.77
C TYR C 390 -57.38 0.76 31.48
N SER C 391 -57.36 1.77 30.61
CA SER C 391 -58.10 1.72 29.36
C SER C 391 -57.47 0.79 28.32
N SER C 392 -56.24 0.33 28.54
CA SER C 392 -55.59 -0.57 27.60
C SER C 392 -54.57 -1.41 28.35
N TYR C 393 -54.33 -2.61 27.83
CA TYR C 393 -53.35 -3.54 28.38
C TYR C 393 -52.34 -4.05 27.36
N ASP C 394 -52.56 -3.79 26.07
CA ASP C 394 -51.67 -4.28 25.02
C ASP C 394 -50.42 -3.42 25.01
N VAL C 395 -49.41 -3.87 25.75
CA VAL C 395 -48.13 -3.17 25.76
C VAL C 395 -47.34 -3.53 24.50
N THR C 396 -46.56 -2.58 24.01
CA THR C 396 -45.68 -2.78 22.87
C THR C 396 -44.23 -2.57 23.30
N ILE C 397 -43.36 -3.42 22.79
CA ILE C 397 -41.99 -3.54 23.27
C ILE C 397 -41.07 -2.81 22.33
N GLY C 398 -40.44 -1.73 22.82
CA GLY C 398 -39.28 -1.16 22.19
C GLY C 398 -38.03 -1.88 22.65
N TRP C 399 -36.90 -1.50 22.04
CA TRP C 399 -35.63 -2.16 22.34
C TRP C 399 -34.49 -1.16 22.24
N ASP C 400 -33.38 -1.51 22.88
CA ASP C 400 -32.17 -0.71 22.80
C ASP C 400 -31.64 -0.69 21.37
N GLU C 401 -30.83 0.32 21.07
CA GLU C 401 -30.21 0.44 19.76
C GLU C 401 -29.02 -0.49 19.67
N VAL C 402 -29.06 -1.42 18.70
CA VAL C 402 -27.88 -2.25 18.44
C VAL C 402 -26.78 -1.41 17.80
N ASN C 403 -27.14 -0.58 16.82
CA ASN C 403 -26.22 0.33 16.13
C ASN C 403 -26.70 1.74 16.43
N PRO C 404 -26.17 2.39 17.47
CA PRO C 404 -26.72 3.69 17.87
C PRO C 404 -26.58 4.74 16.77
N ARG C 405 -27.60 5.60 16.68
CA ARG C 405 -27.54 6.75 15.79
C ARG C 405 -26.91 7.93 16.52
N ASP C 406 -26.03 8.64 15.83
CA ASP C 406 -25.43 9.84 16.40
C ASP C 406 -26.50 10.91 16.56
N ASP C 407 -26.42 11.65 17.68
CA ASP C 407 -27.37 12.72 17.91
C ASP C 407 -27.22 13.82 16.86
N LYS C 408 -25.99 14.09 16.44
CA LYS C 408 -25.77 15.15 15.45
C LYS C 408 -26.42 14.80 14.11
N GLU C 409 -26.33 13.53 13.69
CA GLU C 409 -26.98 13.12 12.46
C GLU C 409 -28.50 13.21 12.58
N LEU C 410 -29.04 12.84 13.75
CA LEU C 410 -30.47 12.97 13.97
C LEU C 410 -30.91 14.42 13.88
N ALA C 411 -30.13 15.33 14.46
CA ALA C 411 -30.45 16.76 14.36
C ALA C 411 -30.31 17.27 12.93
N GLU C 412 -29.34 16.72 12.18
CA GLU C 412 -29.18 17.10 10.78
C GLU C 412 -30.44 16.76 9.99
N THR C 413 -30.91 15.51 10.11
CA THR C 413 -32.13 15.14 9.39
C THR C 413 -33.34 15.91 9.94
N LEU C 414 -33.31 16.26 11.23
CA LEU C 414 -34.38 17.07 11.79
C LEU C 414 -34.48 18.42 11.09
N GLU C 415 -33.35 19.13 10.97
CA GLU C 415 -33.38 20.43 10.31
C GLU C 415 -33.68 20.28 8.83
N LYS C 416 -33.22 19.18 8.21
CA LYS C 416 -33.57 18.93 6.82
C LYS C 416 -35.08 18.81 6.63
N VAL C 417 -35.74 18.06 7.52
CA VAL C 417 -37.19 17.95 7.48
C VAL C 417 -37.83 19.32 7.72
N CYS C 418 -37.30 20.06 8.69
CA CYS C 418 -37.92 21.32 9.09
C CYS C 418 -37.91 22.32 7.94
N CYS C 419 -36.77 22.49 7.27
CA CYS C 419 -36.71 23.39 6.14
C CYS C 419 -37.37 22.82 4.89
N ALA C 420 -37.43 21.49 4.76
CA ALA C 420 -38.18 20.89 3.66
C ALA C 420 -39.67 21.24 3.77
N LEU C 421 -40.21 21.16 4.98
CA LEU C 421 -41.57 21.63 5.21
C LEU C 421 -41.59 23.16 5.21
N ASP C 422 -42.78 23.73 5.44
CA ASP C 422 -43.03 25.16 5.31
C ASP C 422 -42.78 25.66 3.88
N LYS C 423 -42.81 24.77 2.91
CA LYS C 423 -42.63 25.10 1.50
C LYS C 423 -43.44 24.11 0.69
N ALA C 424 -43.77 24.49 -0.55
CA ALA C 424 -44.79 23.80 -1.33
C ALA C 424 -46.09 23.75 -0.51
N LEU C 425 -46.65 24.93 -0.29
CA LEU C 425 -47.60 25.17 0.79
C LEU C 425 -48.93 24.42 0.61
N GLU C 426 -49.16 23.78 -0.54
CA GLU C 426 -50.36 22.97 -0.72
C GLU C 426 -50.26 21.59 -0.08
N GLY C 427 -49.24 21.32 0.73
CA GLY C 427 -49.10 20.03 1.39
C GLY C 427 -50.14 19.74 2.45
N GLY C 428 -50.77 20.77 3.02
CA GLY C 428 -51.82 20.57 4.00
C GLY C 428 -51.32 20.66 5.43
N PHE C 429 -52.18 20.18 6.34
CA PHE C 429 -51.92 20.26 7.77
C PHE C 429 -51.21 19.04 8.33
N ILE C 430 -50.89 18.04 7.51
CA ILE C 430 -50.17 16.86 7.98
C ILE C 430 -48.70 17.15 8.30
N SER C 431 -48.21 18.35 7.95
CA SER C 431 -46.84 18.70 8.32
C SER C 431 -46.67 18.72 9.83
N GLU C 432 -47.64 19.29 10.56
CA GLU C 432 -47.58 19.28 12.01
C GLU C 432 -47.65 17.85 12.54
N GLU C 433 -48.50 17.02 11.94
CA GLU C 433 -48.61 15.62 12.36
C GLU C 433 -47.31 14.88 12.19
N SER C 434 -46.60 15.13 11.08
CA SER C 434 -45.32 14.46 10.86
C SER C 434 -44.24 14.99 11.79
N THR C 435 -44.16 16.32 11.94
CA THR C 435 -43.04 16.88 12.69
C THR C 435 -43.19 16.65 14.19
N VAL C 436 -44.42 16.64 14.72
CA VAL C 436 -44.59 16.35 16.14
C VAL C 436 -44.17 14.91 16.43
N ASN C 437 -44.53 13.99 15.54
CA ASN C 437 -44.09 12.60 15.70
C ASN C 437 -42.57 12.51 15.61
N PHE C 438 -41.97 13.27 14.70
CA PHE C 438 -40.51 13.23 14.56
C PHE C 438 -39.84 13.76 15.82
N LEU C 439 -40.38 14.83 16.40
CA LEU C 439 -39.81 15.35 17.64
C LEU C 439 -39.99 14.36 18.79
N ALA C 440 -41.13 13.67 18.83
CA ALA C 440 -41.33 12.65 19.84
C ALA C 440 -40.29 11.53 19.71
N GLN C 441 -40.00 11.11 18.48
CA GLN C 441 -38.94 10.14 18.28
C GLN C 441 -37.58 10.71 18.67
N TYR C 442 -37.33 11.97 18.32
CA TYR C 442 -36.01 12.56 18.51
C TYR C 442 -35.68 12.70 19.99
N ILE C 443 -36.65 13.14 20.79
CA ILE C 443 -36.41 13.31 22.22
C ILE C 443 -36.08 11.96 22.86
N ASP C 444 -36.86 10.93 22.50
CA ASP C 444 -36.65 9.61 23.06
C ASP C 444 -35.29 9.05 22.66
N THR C 445 -34.91 9.23 21.40
CA THR C 445 -33.63 8.69 20.94
C THR C 445 -32.45 9.46 21.54
N MET C 446 -32.60 10.76 21.76
CA MET C 446 -31.52 11.55 22.33
C MET C 446 -31.35 11.27 23.82
N SER C 447 -32.45 11.19 24.56
CA SER C 447 -32.35 11.03 26.01
C SER C 447 -31.83 9.66 26.41
N ASN C 448 -32.23 8.62 25.69
CA ASN C 448 -31.76 7.27 25.98
C ASN C 448 -30.25 7.19 25.78
N TYR C 449 -29.53 6.80 26.82
CA TYR C 449 -28.08 6.74 26.74
C TYR C 449 -27.63 5.42 26.13
N ILE C 450 -26.57 5.50 25.33
CA ILE C 450 -26.10 4.34 24.58
C ILE C 450 -25.56 3.28 25.52
N SER C 451 -24.69 3.67 26.45
CA SER C 451 -23.91 2.74 27.25
C SER C 451 -24.62 2.36 28.55
N ASP C 452 -25.94 2.38 28.57
CA ASP C 452 -26.69 2.06 29.78
C ASP C 452 -27.99 1.39 29.37
N ASP C 453 -28.19 0.15 29.83
CA ASP C 453 -29.34 -0.62 29.41
C ASP C 453 -30.63 0.01 29.89
N PRO C 454 -31.67 -0.10 29.09
CA PRO C 454 -32.98 0.41 29.45
C PRO C 454 -33.07 1.92 29.26
N GLU C 455 -34.24 2.44 29.61
CA GLU C 455 -34.55 3.86 29.52
C GLU C 455 -34.66 4.52 30.90
N ARG C 456 -34.05 3.92 31.93
CA ARG C 456 -34.17 4.42 33.29
C ARG C 456 -33.72 5.87 33.39
N GLU C 457 -32.67 6.22 32.66
CA GLU C 457 -32.25 7.62 32.61
C GLU C 457 -33.35 8.50 32.04
N GLY C 458 -34.09 8.02 31.05
CA GLY C 458 -35.19 8.81 30.51
C GLY C 458 -36.27 9.06 31.54
N GLU C 459 -36.69 8.01 32.25
CA GLU C 459 -37.72 8.17 33.26
C GLU C 459 -37.26 9.08 34.38
N ARG C 460 -36.01 8.92 34.82
CA ARG C 460 -35.52 9.74 35.91
C ARG C 460 -35.40 11.21 35.49
N GLU C 461 -34.97 11.45 34.25
CA GLU C 461 -34.91 12.83 33.75
C GLU C 461 -36.30 13.43 33.68
N LYS C 462 -37.29 12.65 33.22
CA LYS C 462 -38.67 13.13 33.18
C LYS C 462 -39.17 13.46 34.58
N ILE C 463 -38.89 12.60 35.55
CA ILE C 463 -39.38 12.80 36.91
C ILE C 463 -38.72 14.03 37.54
N ILE C 464 -37.41 14.19 37.31
CA ILE C 464 -36.70 15.35 37.85
C ILE C 464 -37.23 16.63 37.22
N LYS C 465 -37.51 16.59 35.91
CA LYS C 465 -38.09 17.74 35.24
C LYS C 465 -39.46 18.07 35.82
N THR C 466 -40.29 17.06 36.05
CA THR C 466 -41.63 17.29 36.59
C THR C 466 -41.57 17.87 38.00
N LYS C 467 -40.67 17.36 38.84
CA LYS C 467 -40.60 17.83 40.21
C LYS C 467 -39.95 19.21 40.31
N MET C 468 -38.69 19.32 39.87
CA MET C 468 -37.98 20.58 39.97
C MET C 468 -38.53 21.66 39.06
N LEU C 469 -39.06 21.28 37.89
CA LEU C 469 -39.61 22.23 36.92
C LEU C 469 -38.56 23.26 36.52
N MET D 19 -26.76 -30.26 26.20
CA MET D 19 -27.26 -31.63 25.92
C MET D 19 -28.66 -31.79 26.51
N ARG D 20 -29.49 -32.59 25.84
CA ARG D 20 -30.87 -32.78 26.26
C ARG D 20 -30.98 -33.86 27.33
N MET D 21 -32.14 -33.92 27.97
CA MET D 21 -32.48 -34.98 28.90
C MET D 21 -33.99 -35.16 28.91
N SER D 22 -34.43 -36.25 29.50
CA SER D 22 -35.87 -36.53 29.57
C SER D 22 -36.54 -35.58 30.56
N SER D 23 -37.87 -35.54 30.49
CA SER D 23 -38.64 -34.69 31.41
C SER D 23 -38.41 -35.11 32.85
N GLY D 24 -38.46 -36.41 33.12
CA GLY D 24 -38.07 -36.95 34.41
C GLY D 24 -36.57 -37.11 34.49
N ASN D 25 -36.13 -37.93 35.43
CA ASN D 25 -34.71 -38.27 35.57
C ASN D 25 -33.87 -37.03 35.86
N ILE D 26 -34.32 -36.23 36.83
CA ILE D 26 -33.61 -35.04 37.27
C ILE D 26 -33.73 -34.93 38.78
N GLY D 27 -32.63 -34.56 39.45
CA GLY D 27 -32.65 -34.43 40.88
C GLY D 27 -33.37 -33.17 41.33
N VAL D 28 -33.67 -33.13 42.63
CA VAL D 28 -34.39 -31.99 43.20
C VAL D 28 -33.46 -30.79 43.28
N TYR D 29 -34.01 -29.61 43.01
CA TYR D 29 -33.21 -28.39 43.06
C TYR D 29 -32.73 -28.12 44.49
N LYS D 30 -31.49 -27.65 44.60
CA LYS D 30 -30.91 -27.29 45.88
C LYS D 30 -29.95 -26.13 45.68
N LEU D 31 -30.06 -25.13 46.54
CA LEU D 31 -29.19 -23.96 46.44
C LEU D 31 -27.75 -24.35 46.73
N ASP D 32 -26.83 -23.85 45.90
CA ASP D 32 -25.41 -24.13 46.07
C ASP D 32 -24.77 -23.05 46.93
N ASP D 33 -24.19 -23.45 48.06
CA ASP D 33 -23.55 -22.54 48.99
C ASP D 33 -22.03 -22.56 48.91
N SER D 34 -21.47 -23.06 47.81
CA SER D 34 -20.02 -23.06 47.66
C SER D 34 -19.50 -21.64 47.51
N ARG D 35 -18.24 -21.45 47.90
CA ARG D 35 -17.60 -20.15 47.93
C ARG D 35 -16.42 -20.15 46.98
N VAL D 36 -15.75 -18.98 46.86
CA VAL D 36 -14.85 -18.73 45.75
C VAL D 36 -13.40 -19.04 46.07
N ASP D 37 -13.08 -19.42 47.30
CA ASP D 37 -11.68 -19.62 47.72
C ASP D 37 -10.89 -18.33 47.52
N TYR D 38 -11.24 -17.35 48.35
CA TYR D 38 -10.83 -15.97 48.10
C TYR D 38 -9.31 -15.81 48.17
N GLU D 39 -8.65 -16.61 49.00
CA GLU D 39 -7.19 -16.53 49.10
C GLU D 39 -6.54 -16.88 47.77
N LEU D 40 -7.03 -17.94 47.11
CA LEU D 40 -6.48 -18.31 45.82
C LEU D 40 -6.75 -17.23 44.78
N ALA D 41 -7.94 -16.62 44.82
CA ALA D 41 -8.26 -15.56 43.87
C ALA D 41 -7.32 -14.37 44.04
N ARG D 42 -7.05 -13.98 45.29
CA ARG D 42 -6.12 -12.88 45.53
C ARG D 42 -4.71 -13.24 45.10
N GLU D 43 -4.28 -14.49 45.35
CA GLU D 43 -2.95 -14.90 44.92
C GLU D 43 -2.82 -14.88 43.41
N LEU D 44 -3.85 -15.37 42.70
CA LEU D 44 -3.83 -15.32 41.24
C LEU D 44 -3.80 -13.88 40.75
N TYR D 45 -4.58 -13.00 41.38
CA TYR D 45 -4.58 -11.61 40.96
C TYR D 45 -3.21 -10.97 41.18
N GLN D 46 -2.58 -11.26 42.31
CA GLN D 46 -1.27 -10.70 42.63
C GLN D 46 -0.12 -11.53 42.04
N ASN D 47 -0.41 -12.59 41.28
CA ASN D 47 0.62 -13.37 40.60
C ASN D 47 1.54 -14.07 41.59
N LYS D 48 0.99 -14.52 42.71
CA LYS D 48 1.77 -15.10 43.80
C LYS D 48 1.74 -16.62 43.84
N ASN D 49 0.66 -17.25 43.37
CA ASN D 49 0.51 -18.68 43.50
C ASN D 49 1.52 -19.40 42.62
N ALA D 50 2.34 -20.25 43.23
CA ALA D 50 3.43 -20.90 42.51
C ALA D 50 2.93 -21.82 41.40
N ASN D 51 1.70 -22.31 41.49
CA ASN D 51 1.14 -23.18 40.46
C ASN D 51 0.50 -22.40 39.31
N TYR D 52 0.53 -21.06 39.35
CA TYR D 52 -0.05 -20.24 38.29
C TYR D 52 0.82 -19.04 37.91
N LYS D 53 2.07 -18.96 38.38
CA LYS D 53 2.87 -17.74 38.25
C LYS D 53 3.07 -17.32 36.81
N LEU D 54 3.42 -18.27 35.94
CA LEU D 54 3.61 -17.94 34.53
C LEU D 54 2.28 -17.78 33.80
N GLY D 55 1.23 -18.43 34.27
CA GLY D 55 -0.05 -18.39 33.62
C GLY D 55 -0.98 -17.29 34.10
N SER D 56 -0.82 -16.86 35.36
CA SER D 56 -1.75 -15.90 35.94
C SER D 56 -1.43 -14.46 35.57
N SER D 57 -0.63 -14.23 34.52
CA SER D 57 -0.37 -12.87 34.07
C SER D 57 -1.63 -12.19 33.57
N PHE D 58 -2.60 -12.96 33.07
CA PHE D 58 -3.77 -12.38 32.43
C PHE D 58 -4.82 -11.89 33.43
N VAL D 59 -4.72 -12.26 34.70
CA VAL D 59 -5.77 -11.94 35.65
C VAL D 59 -5.84 -10.43 35.87
N ARG D 60 -4.69 -9.80 36.08
CA ARG D 60 -4.69 -8.36 36.36
C ARG D 60 -5.26 -7.52 35.24
N PRO D 61 -4.83 -7.65 33.98
CA PRO D 61 -5.41 -6.80 32.94
C PRO D 61 -6.90 -6.99 32.76
N ILE D 62 -7.40 -8.22 32.86
CA ILE D 62 -8.82 -8.48 32.69
C ILE D 62 -9.62 -7.75 33.76
N VAL D 63 -9.35 -8.07 35.03
CA VAL D 63 -10.12 -7.52 36.14
C VAL D 63 -9.97 -6.01 36.20
N ASN D 64 -8.75 -5.51 36.04
CA ASN D 64 -8.54 -4.08 36.20
C ASN D 64 -9.09 -3.28 35.04
N SER D 65 -9.00 -3.77 33.80
CA SER D 65 -9.64 -3.08 32.69
C SER D 65 -11.15 -3.07 32.87
N THR D 66 -11.73 -4.20 33.28
CA THR D 66 -13.18 -4.25 33.45
C THR D 66 -13.64 -3.30 34.54
N THR D 67 -12.92 -3.27 35.67
CA THR D 67 -13.36 -2.44 36.79
C THR D 67 -13.05 -0.96 36.56
N GLY D 68 -12.01 -0.66 35.77
CA GLY D 68 -11.70 0.74 35.49
C GLY D 68 -12.59 1.34 34.44
N PHE D 69 -12.96 0.58 33.41
CA PHE D 69 -13.86 1.11 32.40
C PHE D 69 -15.28 1.27 32.92
N MET D 70 -15.70 0.43 33.87
CA MET D 70 -17.07 0.55 34.38
C MET D 70 -17.19 1.66 35.40
N GLY D 71 -16.07 2.10 35.98
CA GLY D 71 -16.10 3.29 36.81
C GLY D 71 -16.90 3.11 38.07
N VAL D 72 -17.57 4.19 38.48
CA VAL D 72 -18.33 4.22 39.73
C VAL D 72 -19.72 4.76 39.45
N PRO D 73 -20.70 4.42 40.30
CA PRO D 73 -22.07 4.83 40.02
C PRO D 73 -22.28 6.31 40.27
N HIS D 74 -23.37 6.84 39.71
CA HIS D 74 -23.77 8.23 39.89
C HIS D 74 -25.16 8.24 40.51
N PHE D 75 -25.23 8.48 41.81
CA PHE D 75 -26.49 8.44 42.53
C PHE D 75 -27.34 9.63 42.14
N GLN D 76 -28.47 9.36 41.49
CA GLN D 76 -29.40 10.39 41.04
C GLN D 76 -30.73 10.19 41.75
N ILE D 77 -31.21 11.23 42.41
CA ILE D 77 -32.50 11.21 43.09
C ILE D 77 -33.11 12.59 43.02
N GLU D 78 -34.42 12.63 42.76
CA GLU D 78 -35.09 13.91 42.51
C GLU D 78 -35.15 14.79 43.75
N ASP D 79 -35.16 14.23 44.95
CA ASP D 79 -35.19 15.03 46.16
C ASP D 79 -33.84 15.73 46.32
N GLU D 80 -33.88 17.04 46.58
CA GLU D 80 -32.64 17.81 46.64
C GLU D 80 -31.84 17.50 47.90
N GLU D 81 -32.50 17.27 49.04
CA GLU D 81 -31.78 16.94 50.26
C GLU D 81 -31.14 15.57 50.17
N ALA D 82 -31.88 14.58 49.65
CA ALA D 82 -31.30 13.26 49.44
C ALA D 82 -30.14 13.33 48.44
N GLN D 83 -30.29 14.16 47.41
CA GLN D 83 -29.20 14.33 46.45
C GLN D 83 -27.97 14.93 47.12
N TYR D 84 -28.19 15.88 48.03
CA TYR D 84 -27.06 16.45 48.77
C TYR D 84 -26.37 15.40 49.64
N ILE D 85 -27.17 14.56 50.30
CA ILE D 85 -26.58 13.51 51.14
C ILE D 85 -25.75 12.55 50.30
N LEU D 86 -26.30 12.12 49.17
CA LEU D 86 -25.57 11.21 48.30
C LEU D 86 -24.35 11.89 47.69
N ASP D 87 -24.44 13.20 47.42
CA ASP D 87 -23.29 13.96 46.94
C ASP D 87 -22.16 13.93 47.95
N GLU D 88 -22.47 14.20 49.21
CA GLU D 88 -21.45 14.13 50.25
C GLU D 88 -20.87 12.73 50.36
N PHE D 89 -21.74 11.71 50.28
CA PHE D 89 -21.28 10.34 50.41
C PHE D 89 -20.31 9.97 49.29
N VAL D 90 -20.65 10.31 48.04
CA VAL D 90 -19.74 9.96 46.94
C VAL D 90 -18.45 10.76 47.04
N LEU D 91 -18.54 12.05 47.44
CA LEU D 91 -17.34 12.84 47.64
C LEU D 91 -16.41 12.20 48.64
N ASP D 92 -16.97 11.58 49.68
CA ASP D 92 -16.13 10.91 50.67
C ASP D 92 -15.61 9.57 50.18
N ASN D 93 -16.40 8.82 49.41
CA ASN D 93 -16.19 7.39 49.22
C ASN D 93 -16.13 6.90 47.77
N THR D 94 -15.80 7.76 46.80
CA THR D 94 -15.71 7.29 45.43
C THR D 94 -14.61 6.24 45.25
N SER D 95 -13.47 6.43 45.92
CA SER D 95 -12.38 5.48 45.81
C SER D 95 -12.79 4.11 46.35
N LYS D 96 -13.45 4.09 47.50
CA LYS D 96 -13.93 2.83 48.05
C LYS D 96 -15.01 2.23 47.17
N MET D 97 -15.81 3.07 46.50
CA MET D 97 -16.81 2.54 45.58
C MET D 97 -16.17 1.83 44.41
N LEU D 98 -15.09 2.38 43.85
CA LEU D 98 -14.37 1.68 42.79
C LEU D 98 -13.71 0.41 43.32
N LYS D 99 -13.15 0.48 44.52
CA LYS D 99 -12.53 -0.69 45.11
C LYS D 99 -13.54 -1.80 45.35
N THR D 100 -14.81 -1.42 45.58
CA THR D 100 -15.86 -2.43 45.70
C THR D 100 -16.03 -3.21 44.41
N HIS D 101 -16.04 -2.52 43.27
CA HIS D 101 -16.11 -3.21 41.98
C HIS D 101 -14.90 -4.12 41.80
N THR D 102 -13.71 -3.62 42.13
CA THR D 102 -12.51 -4.42 41.97
C THR D 102 -12.57 -5.69 42.83
N ASP D 103 -12.99 -5.53 44.09
CA ASP D 103 -13.07 -6.67 45.00
C ASP D 103 -14.11 -7.67 44.54
N SER D 104 -15.26 -7.18 44.07
CA SER D 104 -16.30 -8.09 43.60
C SER D 104 -15.84 -8.86 42.38
N LEU D 105 -15.18 -8.19 41.44
CA LEU D 105 -14.70 -8.91 40.25
C LEU D 105 -13.61 -9.90 40.61
N LYS D 106 -12.73 -9.55 41.54
CA LYS D 106 -11.61 -10.42 41.88
C LYS D 106 -12.06 -11.61 42.71
N GLN D 107 -12.64 -11.34 43.88
CA GLN D 107 -12.97 -12.34 44.87
C GLN D 107 -14.37 -12.94 44.71
N GLY D 108 -15.16 -12.43 43.79
CA GLY D 108 -16.54 -12.89 43.65
C GLY D 108 -17.52 -12.19 44.56
N ASP D 109 -17.22 -12.14 45.86
CA ASP D 109 -18.06 -11.50 46.86
C ASP D 109 -17.34 -10.30 47.45
N CYS D 110 -18.09 -9.23 47.71
CA CYS D 110 -17.59 -8.11 48.49
C CYS D 110 -18.73 -7.62 49.37
N TYR D 111 -18.40 -7.34 50.64
CA TYR D 111 -19.37 -6.94 51.64
C TYR D 111 -19.02 -5.53 52.11
N ILE D 112 -20.01 -4.66 52.15
CA ILE D 112 -19.85 -3.27 52.58
C ILE D 112 -20.70 -3.06 53.83
N TRP D 113 -20.07 -2.58 54.88
CA TRP D 113 -20.73 -2.33 56.17
C TRP D 113 -20.77 -0.83 56.40
N ILE D 114 -21.97 -0.28 56.50
CA ILE D 114 -22.18 1.14 56.73
C ILE D 114 -22.42 1.34 58.22
N THR D 115 -21.56 2.12 58.86
CA THR D 115 -21.63 2.39 60.29
C THR D 115 -21.62 3.89 60.52
N ARG D 116 -22.45 4.34 61.47
CA ARG D 116 -22.55 5.74 61.85
C ARG D 116 -21.78 5.94 63.15
N GLU D 117 -20.83 6.87 63.14
CA GLU D 117 -19.93 7.11 64.26
C GLU D 117 -20.04 8.57 64.70
N GLU D 118 -20.28 8.77 66.00
CA GLU D 118 -20.20 10.08 66.62
C GLU D 118 -18.85 10.32 67.28
N ARG D 119 -17.80 9.67 66.78
CA ARG D 119 -16.47 9.76 67.38
C ARG D 119 -15.89 11.15 67.21
N GLU D 120 -15.69 11.85 68.33
CA GLU D 120 -15.01 13.14 68.29
C GLU D 120 -13.51 12.93 68.36
N ASN D 121 -12.79 13.55 67.43
CA ASN D 121 -11.34 13.53 67.44
C ASN D 121 -10.83 14.80 66.77
N PRO D 122 -9.69 15.36 67.20
CA PRO D 122 -9.27 16.66 66.66
C PRO D 122 -8.91 16.64 65.19
N LEU D 123 -8.73 15.47 64.58
CA LEU D 123 -8.45 15.42 63.14
C LEU D 123 -9.67 15.71 62.30
N TYR D 124 -10.88 15.58 62.86
CA TYR D 124 -12.13 15.83 62.14
C TYR D 124 -13.01 16.78 62.96
N PRO D 125 -12.62 18.05 63.08
CA PRO D 125 -13.48 19.02 63.76
C PRO D 125 -14.65 19.47 62.91
N ASP D 126 -14.56 19.35 61.59
CA ASP D 126 -15.66 19.76 60.72
C ASP D 126 -16.84 18.81 60.84
N LYS D 127 -16.58 17.50 60.78
CA LYS D 127 -17.63 16.48 60.70
C LYS D 127 -17.78 15.83 62.07
N LYS D 128 -18.80 16.27 62.79
CA LYS D 128 -19.07 15.71 64.12
C LYS D 128 -19.56 14.27 64.02
N VAL D 129 -20.45 13.99 63.08
CA VAL D 129 -21.04 12.67 62.88
C VAL D 129 -20.79 12.24 61.44
N ARG D 130 -20.37 11.00 61.26
CA ARG D 130 -19.92 10.48 59.97
C ARG D 130 -20.52 9.12 59.71
N LEU D 131 -20.66 8.79 58.42
CA LEU D 131 -20.98 7.45 57.97
C LEU D 131 -19.74 6.84 57.33
N ILE D 132 -19.35 5.66 57.80
CA ILE D 132 -18.10 5.03 57.41
C ILE D 132 -18.40 3.92 56.43
N TYR D 133 -17.67 3.90 55.31
CA TYR D 133 -17.81 2.88 54.27
C TYR D 133 -16.81 1.76 54.56
N ASN D 134 -17.18 0.89 55.49
CA ASN D 134 -16.30 -0.18 55.93
C ASN D 134 -16.42 -1.40 55.03
N PHE D 135 -15.28 -1.98 54.69
CA PHE D 135 -15.25 -3.27 54.02
C PHE D 135 -15.20 -4.40 55.05
N ILE D 136 -16.00 -5.43 54.81
CA ILE D 136 -15.86 -6.71 55.50
C ILE D 136 -15.19 -7.65 54.52
N SER D 137 -14.04 -8.18 54.91
CA SER D 137 -13.35 -9.13 54.06
C SER D 137 -14.22 -10.37 53.90
N PRO D 138 -14.29 -10.95 52.69
CA PRO D 138 -15.23 -12.07 52.49
C PRO D 138 -14.90 -13.30 53.33
N GLU D 139 -13.67 -13.43 53.82
CA GLU D 139 -13.36 -14.54 54.72
C GLU D 139 -13.88 -14.29 56.13
N GLU D 140 -14.11 -13.04 56.52
CA GLU D 140 -14.70 -12.77 57.81
C GLU D 140 -16.11 -13.34 57.90
N VAL D 141 -16.85 -13.34 56.80
CA VAL D 141 -18.24 -13.79 56.82
C VAL D 141 -18.24 -15.30 56.96
N LYS D 142 -18.41 -15.78 58.20
CA LYS D 142 -18.42 -17.21 58.45
C LYS D 142 -19.64 -17.87 57.84
N GLU D 143 -20.80 -17.23 57.95
CA GLU D 143 -22.05 -17.78 57.44
C GLU D 143 -23.04 -16.65 57.29
N ILE D 144 -23.96 -16.82 56.33
CA ILE D 144 -25.07 -15.90 56.12
C ILE D 144 -26.35 -16.69 56.33
N ILE D 145 -27.16 -16.25 57.28
CA ILE D 145 -28.46 -16.86 57.53
C ILE D 145 -29.48 -16.16 56.65
N LEU D 146 -30.16 -16.94 55.81
CA LEU D 146 -31.11 -16.43 54.85
C LEU D 146 -32.53 -16.80 55.26
N ASP D 147 -33.45 -15.88 55.05
CA ASP D 147 -34.87 -16.21 55.13
C ASP D 147 -35.14 -17.26 54.06
N PRO D 148 -35.68 -18.44 54.39
CA PRO D 148 -35.84 -19.46 53.34
C PRO D 148 -36.74 -19.04 52.19
N THR D 149 -37.76 -18.22 52.45
CA THR D 149 -38.68 -17.84 51.39
C THR D 149 -38.07 -16.79 50.46
N THR D 150 -37.74 -15.62 51.00
CA THR D 150 -37.25 -14.52 50.19
C THR D 150 -35.77 -14.62 49.87
N LYS D 151 -35.02 -15.49 50.56
CA LYS D 151 -33.58 -15.62 50.40
C LYS D 151 -32.83 -14.34 50.74
N GLU D 152 -33.45 -13.43 51.51
CA GLU D 152 -32.78 -12.24 51.99
C GLU D 152 -32.11 -12.53 53.33
N PRO D 153 -30.98 -11.88 53.62
CA PRO D 153 -30.25 -12.22 54.85
C PRO D 153 -31.02 -11.79 56.09
N ILE D 154 -30.93 -12.60 57.13
CA ILE D 154 -31.47 -12.26 58.44
C ILE D 154 -30.40 -12.30 59.53
N ALA D 155 -29.19 -12.76 59.23
CA ALA D 155 -28.09 -12.68 60.18
C ALA D 155 -26.78 -12.92 59.44
N TYR D 156 -25.76 -12.14 59.80
CA TYR D 156 -24.41 -12.28 59.28
C TYR D 156 -23.51 -12.76 60.42
N ILE D 157 -22.77 -13.83 60.16
CA ILE D 157 -21.84 -14.40 61.13
C ILE D 157 -20.44 -13.96 60.73
N LEU D 158 -19.92 -12.94 61.39
CA LEU D 158 -18.59 -12.42 61.13
C LEU D 158 -17.63 -12.96 62.19
N GLU D 159 -16.46 -13.41 61.75
CA GLU D 159 -15.47 -14.00 62.64
C GLU D 159 -14.08 -13.73 62.11
N SER D 160 -13.18 -13.35 63.01
CA SER D 160 -11.81 -13.03 62.63
C SER D 160 -10.87 -13.25 63.81
N GLN D 161 -9.60 -13.45 63.49
CA GLN D 161 -8.54 -13.59 64.48
C GLN D 161 -7.73 -12.29 64.48
N ASN D 162 -7.69 -11.62 65.63
CA ASN D 162 -7.04 -10.33 65.78
C ASN D 162 -5.73 -10.51 66.54
N GLU D 163 -4.61 -10.44 65.82
CA GLU D 163 -3.29 -10.40 66.42
C GLU D 163 -2.76 -8.98 66.28
N TRP D 164 -2.45 -8.35 67.41
CA TRP D 164 -2.07 -6.95 67.44
C TRP D 164 -1.14 -6.71 68.63
N THR D 165 -0.15 -5.84 68.42
CA THR D 165 0.75 -5.45 69.49
C THR D 165 0.21 -4.22 70.21
N ASP D 166 0.27 -4.25 71.53
CA ASP D 166 -0.16 -3.09 72.31
C ASP D 166 0.87 -1.97 72.15
N LEU D 167 0.41 -0.74 72.41
CA LEU D 167 1.30 0.41 72.33
C LEU D 167 2.45 0.34 73.32
N GLY D 168 2.34 -0.49 74.37
CA GLY D 168 3.48 -0.85 75.18
C GLY D 168 4.29 -1.93 74.50
N GLU D 169 4.72 -2.94 75.26
CA GLU D 169 5.53 -4.02 74.74
C GLU D 169 4.78 -5.34 74.58
N ASN D 170 3.50 -5.39 74.96
CA ASN D 170 2.80 -6.67 75.05
C ASN D 170 2.17 -7.05 73.71
N LYS D 171 2.47 -8.27 73.26
CA LYS D 171 1.71 -8.86 72.17
C LYS D 171 0.33 -9.26 72.66
N ARG D 172 -0.67 -9.10 71.80
CA ARG D 172 -2.05 -9.40 72.15
C ARG D 172 -2.67 -10.25 71.05
N LYS D 173 -3.55 -11.17 71.45
CA LYS D 173 -4.26 -12.03 70.52
C LYS D 173 -5.71 -12.13 70.98
N ALA D 174 -6.65 -12.08 70.03
CA ALA D 174 -8.06 -12.10 70.36
C ALA D 174 -8.83 -12.63 69.17
N LYS D 175 -9.62 -13.68 69.39
CA LYS D 175 -10.51 -14.21 68.37
C LYS D 175 -11.90 -13.65 68.61
N VAL D 176 -12.34 -12.76 67.73
CA VAL D 176 -13.60 -12.03 67.88
C VAL D 176 -14.57 -12.54 66.81
N LYS D 177 -15.76 -12.94 67.24
CA LYS D 177 -16.85 -13.30 66.36
C LYS D 177 -18.09 -12.53 66.77
N GLN D 178 -18.95 -12.24 65.80
CA GLN D 178 -20.10 -11.40 66.05
C GLN D 178 -21.23 -11.75 65.10
N ILE D 179 -22.45 -11.62 65.61
CA ILE D 179 -23.68 -11.85 64.85
C ILE D 179 -24.30 -10.49 64.59
N ILE D 180 -24.56 -10.18 63.32
CA ILE D 180 -25.21 -8.94 62.91
C ILE D 180 -26.58 -9.30 62.37
N THR D 181 -27.63 -8.88 63.08
CA THR D 181 -29.01 -9.19 62.73
C THR D 181 -29.81 -7.90 62.69
N ALA D 182 -31.01 -7.99 62.12
CA ALA D 182 -31.88 -6.82 62.02
C ALA D 182 -32.31 -6.32 63.40
N GLU D 183 -32.66 -7.23 64.30
CA GLU D 183 -33.10 -6.82 65.63
C GLU D 183 -31.95 -6.23 66.44
N SER D 184 -30.76 -6.83 66.35
CA SER D 184 -29.64 -6.43 67.19
C SER D 184 -28.37 -7.03 66.59
N ARG D 185 -27.24 -6.66 67.19
CA ARG D 185 -25.96 -7.28 66.88
C ARG D 185 -25.31 -7.77 68.16
N PHE D 186 -24.74 -8.97 68.10
CA PHE D 186 -24.11 -9.63 69.23
C PHE D 186 -22.64 -9.88 68.89
N VAL D 187 -21.76 -9.62 69.84
CA VAL D 187 -20.32 -9.79 69.67
C VAL D 187 -19.73 -10.44 70.90
N GLU D 188 -18.89 -11.46 70.68
CA GLU D 188 -18.17 -12.14 71.73
C GLU D 188 -16.75 -12.39 71.26
N VAL D 189 -15.80 -12.25 72.20
CA VAL D 189 -14.38 -12.32 71.91
C VAL D 189 -13.70 -13.21 72.94
N GLU D 190 -12.79 -14.04 72.47
CA GLU D 190 -11.93 -14.87 73.32
C GLU D 190 -10.49 -14.38 73.17
N GLY D 191 -9.85 -14.09 74.29
CA GLY D 191 -8.47 -13.62 74.31
C GLY D 191 -8.34 -12.25 74.92
N ASP D 192 -7.34 -11.49 74.47
CA ASP D 192 -7.10 -10.16 75.03
C ASP D 192 -8.29 -9.25 74.73
N LYS D 193 -8.62 -8.40 75.70
CA LYS D 193 -9.76 -7.49 75.54
C LYS D 193 -9.48 -6.46 74.45
N ILE D 194 -10.51 -6.14 73.68
CA ILE D 194 -10.47 -5.08 72.69
C ILE D 194 -11.13 -3.85 73.31
N GLU D 195 -10.41 -2.73 73.33
CA GLU D 195 -10.94 -1.53 73.97
C GLU D 195 -12.16 -1.00 73.25
N GLY D 196 -12.18 -1.04 71.92
CA GLY D 196 -13.26 -0.47 71.14
C GLY D 196 -14.50 -1.31 71.01
N LEU D 197 -14.52 -2.51 71.59
CA LEU D 197 -15.65 -3.43 71.47
C LEU D 197 -16.27 -3.68 72.84
N GLU D 198 -17.59 -3.83 72.86
CA GLU D 198 -18.36 -4.19 74.04
C GLU D 198 -19.02 -5.53 73.79
N GLU D 199 -18.65 -6.53 74.59
CA GLU D 199 -19.22 -7.85 74.41
C GLU D 199 -20.72 -7.84 74.72
N GLY D 200 -21.40 -8.85 74.20
CA GLY D 200 -22.82 -9.01 74.44
C GLY D 200 -23.68 -8.34 73.40
N GLU D 201 -24.98 -8.57 73.54
CA GLU D 201 -25.95 -8.02 72.62
C GLU D 201 -26.07 -6.52 72.78
N THR D 202 -26.28 -5.82 71.67
CA THR D 202 -26.59 -4.40 71.66
C THR D 202 -27.64 -4.16 70.57
N PRO D 203 -28.69 -3.38 70.85
CA PRO D 203 -29.78 -3.27 69.87
C PRO D 203 -29.32 -2.55 68.61
N ASN D 204 -29.97 -2.89 67.49
CA ASN D 204 -29.69 -2.24 66.22
C ASN D 204 -30.53 -0.99 66.10
N VAL D 205 -29.87 0.15 65.86
CA VAL D 205 -30.58 1.42 65.78
C VAL D 205 -31.59 1.46 64.64
N TRP D 206 -31.37 0.66 63.60
CA TRP D 206 -32.30 0.54 62.48
C TRP D 206 -32.70 -0.93 62.36
N GLY D 207 -33.89 -1.17 61.81
CA GLY D 207 -34.40 -2.52 61.72
C GLY D 207 -34.03 -3.23 60.43
N PHE D 208 -32.82 -2.97 59.93
CA PHE D 208 -32.30 -3.72 58.80
C PHE D 208 -30.82 -3.96 59.02
N ILE D 209 -30.31 -5.04 58.43
CA ILE D 209 -28.90 -5.37 58.53
C ILE D 209 -28.13 -4.33 57.72
N PRO D 210 -27.11 -3.64 58.30
CA PRO D 210 -26.48 -2.55 57.55
C PRO D 210 -25.42 -3.00 56.54
N ILE D 211 -25.38 -4.28 56.20
CA ILE D 211 -24.36 -4.84 55.32
C ILE D 211 -24.96 -5.02 53.93
N ILE D 212 -24.22 -4.62 52.91
CA ILE D 212 -24.59 -4.78 51.51
C ILE D 212 -23.68 -5.85 50.91
N HIS D 213 -24.29 -6.85 50.27
CA HIS D 213 -23.57 -7.99 49.70
C HIS D 213 -23.46 -7.77 48.20
N PHE D 214 -22.32 -7.23 47.76
CA PHE D 214 -22.03 -7.14 46.34
C PHE D 214 -21.63 -8.51 45.81
N LYS D 215 -22.19 -8.89 44.66
CA LYS D 215 -22.12 -10.26 44.17
C LYS D 215 -21.84 -10.23 42.68
N ASN D 216 -20.61 -10.55 42.30
CA ASN D 216 -20.24 -10.59 40.90
C ASN D 216 -20.77 -11.84 40.23
N GLU D 217 -21.34 -11.68 39.03
CA GLU D 217 -21.94 -12.79 38.30
C GLU D 217 -22.97 -13.52 39.14
N ALA D 218 -23.89 -12.75 39.72
CA ALA D 218 -24.91 -13.33 40.59
C ALA D 218 -25.75 -14.34 39.82
N ASP D 219 -25.95 -15.51 40.42
CA ASP D 219 -26.73 -16.59 39.83
C ASP D 219 -27.78 -17.01 40.83
N GLU D 220 -28.98 -17.34 40.33
CA GLU D 220 -30.06 -17.72 41.22
C GLU D 220 -29.76 -18.99 42.00
N THR D 221 -28.97 -19.90 41.41
CA THR D 221 -28.68 -21.17 42.04
C THR D 221 -27.54 -21.11 43.04
N LEU D 222 -26.77 -20.02 43.07
CA LEU D 222 -25.61 -19.87 43.94
C LEU D 222 -25.92 -18.88 45.06
N LYS D 223 -25.57 -19.27 46.30
CA LYS D 223 -25.71 -18.36 47.42
C LYS D 223 -24.73 -17.20 47.33
N TYR D 224 -23.52 -17.47 46.84
CA TYR D 224 -22.45 -16.49 46.78
C TYR D 224 -22.11 -16.19 45.33
N GLY D 225 -21.32 -15.15 45.12
CA GLY D 225 -20.97 -14.73 43.79
C GLY D 225 -19.87 -15.57 43.18
N GLN D 226 -19.50 -15.21 41.95
CA GLN D 226 -18.47 -15.90 41.20
C GLN D 226 -17.43 -14.89 40.73
N SER D 227 -16.16 -15.25 40.87
CA SER D 227 -15.10 -14.38 40.40
C SER D 227 -14.99 -14.45 38.88
N ASP D 228 -14.48 -13.37 38.30
CA ASP D 228 -14.11 -13.39 36.88
C ASP D 228 -12.90 -14.27 36.62
N ILE D 229 -12.17 -14.68 37.66
CA ILE D 229 -11.02 -15.56 37.48
C ILE D 229 -11.49 -17.00 37.30
N GLU D 230 -12.66 -17.35 37.84
CA GLU D 230 -13.12 -18.74 37.78
C GLU D 230 -13.28 -19.27 36.36
N PRO D 231 -13.91 -18.55 35.43
CA PRO D 231 -13.97 -19.07 34.06
C PRO D 231 -12.62 -19.30 33.42
N ILE D 232 -11.62 -18.48 33.72
CA ILE D 232 -10.31 -18.59 33.06
C ILE D 232 -9.33 -19.47 33.84
N GLU D 233 -9.64 -19.84 35.08
CA GLU D 233 -8.68 -20.52 35.95
C GLU D 233 -8.10 -21.80 35.35
N PRO D 234 -8.87 -22.73 34.79
CA PRO D 234 -8.25 -23.88 34.13
C PRO D 234 -7.35 -23.47 32.97
N LEU D 235 -7.73 -22.44 32.21
CA LEU D 235 -6.86 -21.97 31.14
C LEU D 235 -5.59 -21.34 31.68
N LEU D 236 -5.68 -20.62 32.81
CA LEU D 236 -4.48 -20.10 33.43
C LEU D 236 -3.55 -21.22 33.87
N LYS D 237 -4.12 -22.28 34.46
CA LYS D 237 -3.30 -23.41 34.88
C LYS D 237 -2.64 -24.10 33.70
N ALA D 238 -3.39 -24.28 32.61
CA ALA D 238 -2.82 -24.90 31.42
C ALA D 238 -1.72 -24.04 30.81
N TYR D 239 -1.93 -22.72 30.79
CA TYR D 239 -0.91 -21.82 30.28
C TYR D 239 0.35 -21.88 31.13
N HIS D 240 0.19 -21.90 32.45
CA HIS D 240 1.35 -22.03 33.32
C HIS D 240 2.08 -23.33 33.08
N ASP D 241 1.33 -24.43 32.95
CA ASP D 241 1.97 -25.72 32.73
C ASP D 241 2.76 -25.73 31.43
N VAL D 242 2.16 -25.22 30.35
CA VAL D 242 2.85 -25.20 29.06
C VAL D 242 4.08 -24.32 29.13
N MET D 243 3.96 -23.13 29.72
CA MET D 243 5.09 -22.21 29.79
C MET D 243 6.22 -22.78 30.63
N LEU D 244 5.89 -23.39 31.77
CA LEU D 244 6.91 -23.96 32.64
C LEU D 244 7.60 -25.14 31.97
N HIS D 245 6.83 -25.99 31.29
CA HIS D 245 7.44 -27.10 30.57
C HIS D 245 8.36 -26.59 29.47
N ALA D 246 7.93 -25.55 28.75
CA ALA D 246 8.79 -24.96 27.72
C ALA D 246 10.07 -24.39 28.32
N LEU D 247 9.95 -23.68 29.44
CA LEU D 247 11.13 -23.07 30.05
C LEU D 247 12.11 -24.14 30.53
N LYS D 248 11.59 -25.19 31.17
CA LYS D 248 12.47 -26.26 31.63
C LYS D 248 13.13 -26.98 30.46
N GLY D 249 12.36 -27.26 29.41
CA GLY D 249 12.94 -27.92 28.25
C GLY D 249 14.02 -27.07 27.59
N SER D 250 13.78 -25.77 27.48
CA SER D 250 14.78 -24.89 26.89
C SER D 250 16.03 -24.81 27.76
N LYS D 251 15.85 -24.75 29.09
CA LYS D 251 17.01 -24.75 29.98
C LYS D 251 17.83 -26.01 29.81
N MET D 252 17.16 -27.16 29.69
CA MET D 252 17.88 -28.41 29.58
C MET D 252 18.57 -28.56 28.23
N HIS D 253 17.91 -28.13 27.14
CA HIS D 253 18.29 -28.55 25.80
C HIS D 253 18.55 -27.45 24.78
N SER D 254 18.26 -26.18 25.09
CA SER D 254 18.48 -25.14 24.10
C SER D 254 19.96 -24.96 23.79
N THR D 255 20.80 -24.91 24.81
CA THR D 255 22.22 -24.74 24.60
C THR D 255 22.80 -26.05 24.07
N PRO D 256 23.45 -26.07 22.91
CA PRO D 256 23.94 -27.35 22.38
C PRO D 256 25.05 -27.93 23.24
N LYS D 257 25.14 -29.25 23.21
CA LYS D 257 26.08 -30.01 24.02
C LYS D 257 27.22 -30.48 23.13
N LEU D 258 28.43 -30.06 23.45
CA LEU D 258 29.60 -30.51 22.69
C LEU D 258 29.86 -31.98 22.97
N LYS D 259 29.98 -32.76 21.90
CA LYS D 259 30.17 -34.20 21.98
C LYS D 259 31.54 -34.53 21.39
N LEU D 260 32.40 -35.10 22.21
CA LEU D 260 33.75 -35.51 21.82
C LEU D 260 33.83 -37.03 21.87
N LYS D 261 34.10 -37.64 20.72
CA LYS D 261 34.32 -39.08 20.64
C LYS D 261 35.83 -39.30 20.62
N LEU D 262 36.38 -39.72 21.76
CA LEU D 262 37.81 -39.71 22.01
C LEU D 262 38.34 -41.13 22.09
N THR D 263 39.65 -41.26 21.82
CA THR D 263 40.28 -42.58 21.94
C THR D 263 40.38 -43.01 23.41
N ASP D 264 40.65 -42.05 24.30
CA ASP D 264 40.70 -42.35 25.73
C ASP D 264 40.22 -41.12 26.47
N VAL D 265 39.04 -41.22 27.09
CA VAL D 265 38.39 -40.05 27.67
C VAL D 265 39.13 -39.59 28.92
N ALA D 266 39.52 -40.53 29.77
CA ALA D 266 40.10 -40.17 31.06
C ALA D 266 41.43 -39.43 30.89
N SER D 267 42.28 -39.89 29.98
CA SER D 267 43.54 -39.19 29.74
C SER D 267 43.31 -37.81 29.15
N PHE D 268 42.31 -37.69 28.27
CA PHE D 268 41.97 -36.37 27.72
C PHE D 268 41.57 -35.41 28.84
N LEU D 269 40.71 -35.87 29.74
CA LEU D 269 40.29 -35.03 30.85
C LEU D 269 41.48 -34.64 31.73
N ALA D 270 42.32 -35.62 32.07
CA ALA D 270 43.45 -35.37 32.96
C ALA D 270 44.43 -34.38 32.33
N HIS D 271 44.68 -34.50 31.03
CA HIS D 271 45.62 -33.60 30.37
C HIS D 271 45.02 -32.21 30.18
N ASN D 272 43.89 -32.12 29.48
CA ASN D 272 43.35 -30.81 29.13
C ASN D 272 42.84 -30.05 30.34
N PHE D 273 42.00 -30.69 31.17
CA PHE D 273 41.29 -30.00 32.24
C PHE D 273 41.80 -30.35 33.63
N GLY D 274 42.85 -31.17 33.74
CA GLY D 274 43.37 -31.50 35.05
C GLY D 274 42.45 -32.32 35.91
N VAL D 275 41.45 -32.97 35.33
CA VAL D 275 40.51 -33.79 36.07
C VAL D 275 41.10 -35.19 36.22
N GLU D 276 41.85 -35.39 37.32
CA GLU D 276 42.50 -36.68 37.53
C GLU D 276 41.53 -37.78 37.93
N ASP D 277 40.37 -37.41 38.50
CA ASP D 277 39.38 -38.38 38.95
C ASP D 277 38.02 -37.94 38.41
N PRO D 278 37.66 -38.33 37.18
CA PRO D 278 36.38 -37.86 36.62
C PRO D 278 35.16 -38.30 37.41
N VAL D 279 35.20 -39.46 38.05
CA VAL D 279 34.06 -39.90 38.86
C VAL D 279 33.87 -38.97 40.04
N LYS D 280 34.95 -38.68 40.76
CA LYS D 280 34.88 -37.73 41.88
C LYS D 280 34.50 -36.34 41.40
N PHE D 281 34.98 -35.97 40.21
CA PHE D 281 34.65 -34.66 39.66
C PHE D 281 33.15 -34.55 39.39
N ALA D 282 32.56 -35.59 38.81
CA ALA D 282 31.13 -35.57 38.54
C ALA D 282 30.33 -35.62 39.83
N LYS D 283 30.80 -36.38 40.82
CA LYS D 283 30.08 -36.48 42.08
C LYS D 283 30.00 -35.13 42.78
N GLU D 284 31.10 -34.39 42.79
CA GLU D 284 31.15 -33.11 43.49
C GLU D 284 30.54 -31.97 42.68
N GLY D 285 30.01 -32.22 41.50
CA GLY D 285 29.41 -31.17 40.71
C GLY D 285 30.41 -30.21 40.11
N GLY D 286 31.65 -30.63 39.92
CA GLY D 286 32.63 -29.75 39.31
C GLY D 286 32.26 -29.42 37.87
N LYS D 287 32.61 -28.21 37.47
CA LYS D 287 32.30 -27.68 36.14
C LYS D 287 33.58 -27.42 35.38
N ILE D 288 33.68 -27.96 34.17
CA ILE D 288 34.81 -27.65 33.30
C ILE D 288 34.64 -26.24 32.76
N ASN D 289 35.70 -25.45 32.82
CA ASN D 289 35.67 -24.04 32.46
C ASN D 289 36.07 -23.87 31.02
N LEU D 290 35.29 -23.08 30.27
CA LEU D 290 35.55 -22.80 28.86
C LEU D 290 35.42 -21.30 28.62
N ASP D 291 36.22 -20.80 27.67
CA ASP D 291 36.19 -19.39 27.29
C ASP D 291 35.42 -19.15 25.99
N GLY D 292 35.25 -20.16 25.15
CA GLY D 292 34.52 -20.05 23.90
C GLY D 292 35.38 -19.94 22.67
N HIS D 293 36.67 -19.61 22.82
CA HIS D 293 37.60 -19.48 21.71
C HIS D 293 38.57 -20.66 21.63
N GLU D 294 38.09 -21.86 21.92
CA GLU D 294 38.95 -23.04 21.91
C GLU D 294 39.22 -23.50 20.49
N ILE D 295 40.29 -24.28 20.35
CA ILE D 295 40.65 -24.96 19.11
C ILE D 295 40.95 -26.41 19.45
N LEU D 296 40.40 -27.33 18.66
CA LEU D 296 40.44 -28.75 18.95
C LEU D 296 41.51 -29.42 18.09
N PHE D 297 42.49 -30.01 18.75
CA PHE D 297 43.49 -30.86 18.11
C PHE D 297 43.18 -32.30 18.47
N LEU D 298 43.02 -33.14 17.45
CA LEU D 298 42.50 -34.49 17.62
C LEU D 298 43.28 -35.46 16.74
N ASN D 299 43.19 -36.74 17.09
CA ASN D 299 43.77 -37.79 16.26
C ASN D 299 42.89 -38.02 15.02
N LYS D 300 43.33 -38.93 14.16
CA LYS D 300 42.53 -39.27 12.99
C LYS D 300 41.20 -39.88 13.40
N ASP D 301 41.22 -40.78 14.38
CA ASP D 301 40.03 -41.51 14.76
C ASP D 301 39.05 -40.68 15.58
N GLU D 302 39.56 -39.74 16.38
CA GLU D 302 38.71 -38.97 17.27
C GLU D 302 37.84 -38.01 16.47
N GLU D 303 36.63 -37.77 16.97
CA GLU D 303 35.65 -36.94 16.30
C GLU D 303 35.00 -36.02 17.32
N ALA D 304 34.62 -34.82 16.86
CA ALA D 304 33.95 -33.83 17.69
C ALA D 304 32.75 -33.28 16.93
N GLU D 305 31.62 -33.15 17.62
CA GLU D 305 30.38 -32.71 17.00
C GLU D 305 29.51 -32.07 18.07
N PHE D 306 28.64 -31.18 17.64
CA PHE D 306 27.66 -30.55 18.52
C PHE D 306 26.35 -31.32 18.46
N VAL D 307 25.93 -31.82 19.62
CA VAL D 307 24.60 -32.42 19.76
C VAL D 307 23.62 -31.28 20.03
N GLU D 308 22.71 -31.04 19.08
CA GLU D 308 21.91 -29.83 19.05
C GLU D 308 20.46 -30.16 18.70
N VAL D 309 19.54 -29.38 19.25
CA VAL D 309 18.12 -29.52 18.97
C VAL D 309 17.71 -28.54 17.88
N LYS D 310 16.81 -28.98 17.00
CA LYS D 310 16.20 -28.06 16.05
C LYS D 310 15.29 -27.07 16.78
N SER D 311 14.58 -27.53 17.81
CA SER D 311 13.76 -26.65 18.62
C SER D 311 13.45 -27.34 19.94
N ALA D 312 13.97 -26.79 21.04
CA ALA D 312 13.69 -27.35 22.35
C ALA D 312 12.26 -27.10 22.80
N ILE D 313 11.56 -26.16 22.18
CA ILE D 313 10.20 -25.81 22.55
C ILE D 313 9.19 -26.47 21.63
N GLY D 314 9.52 -26.60 20.35
CA GLY D 314 8.61 -27.24 19.41
C GLY D 314 7.35 -26.43 19.24
N ASP D 315 6.21 -27.09 19.43
CA ASP D 315 4.91 -26.51 19.18
C ASP D 315 4.27 -25.93 20.43
N ALA D 316 5.04 -25.67 21.49
CA ALA D 316 4.45 -25.06 22.68
C ALA D 316 4.00 -23.64 22.41
N LYS D 317 4.66 -22.95 21.48
CA LYS D 317 4.27 -21.58 21.18
C LYS D 317 2.87 -21.52 20.58
N GLU D 318 2.55 -22.44 19.67
CA GLU D 318 1.20 -22.50 19.11
C GLU D 318 0.17 -22.82 20.19
N LEU D 319 0.50 -23.72 21.11
CA LEU D 319 -0.43 -24.05 22.18
C LEU D 319 -0.66 -22.86 23.10
N LEU D 320 0.40 -22.10 23.40
CA LEU D 320 0.24 -20.92 24.22
C LEU D 320 -0.60 -19.87 23.50
N LYS D 321 -0.43 -19.75 22.18
CA LYS D 321 -1.27 -18.83 21.42
C LYS D 321 -2.73 -19.25 21.48
N LEU D 322 -3.00 -20.54 21.34
CA LEU D 322 -4.37 -21.02 21.41
C LEU D 322 -4.98 -20.81 22.79
N LEU D 323 -4.18 -21.05 23.84
CA LEU D 323 -4.68 -20.82 25.19
C LEU D 323 -4.91 -19.35 25.45
N PHE D 324 -4.08 -18.47 24.88
CA PHE D 324 -4.30 -17.04 24.99
C PHE D 324 -5.60 -16.64 24.31
N TYR D 325 -5.86 -17.23 23.14
CA TYR D 325 -7.13 -16.98 22.46
C TYR D 325 -8.30 -17.42 23.32
N CYS D 326 -8.19 -18.60 23.94
CA CYS D 326 -9.27 -19.09 24.79
C CYS D 326 -9.48 -18.19 26.00
N ILE D 327 -8.39 -17.70 26.59
CA ILE D 327 -8.50 -16.81 27.74
C ILE D 327 -9.19 -15.51 27.34
N VAL D 328 -8.81 -14.97 26.18
CA VAL D 328 -9.42 -13.72 25.72
C VAL D 328 -10.90 -13.95 25.40
N ASP D 329 -11.24 -15.11 24.84
CA ASP D 329 -12.64 -15.42 24.57
C ASP D 329 -13.44 -15.50 25.86
N VAL D 330 -12.93 -16.23 26.85
CA VAL D 330 -13.65 -16.45 28.09
C VAL D 330 -13.90 -15.13 28.81
N SER D 331 -12.85 -14.34 28.99
CA SER D 331 -12.98 -13.06 29.67
C SER D 331 -13.72 -12.02 28.85
N GLU D 332 -13.84 -12.22 27.54
CA GLU D 332 -14.50 -11.27 26.64
C GLU D 332 -13.80 -9.92 26.62
N THR D 333 -12.51 -9.91 26.94
CA THR D 333 -11.76 -8.66 26.95
C THR D 333 -11.53 -8.21 25.51
N PRO D 334 -11.70 -6.92 25.19
CA PRO D 334 -11.29 -6.45 23.86
C PRO D 334 -9.81 -6.64 23.64
N GLU D 335 -9.42 -6.80 22.37
CA GLU D 335 -8.05 -7.15 22.05
C GLU D 335 -7.06 -6.03 22.37
N PHE D 336 -7.51 -4.77 22.43
CA PHE D 336 -6.55 -3.71 22.72
C PHE D 336 -6.04 -3.78 24.16
N ILE D 337 -6.78 -4.43 25.05
CA ILE D 337 -6.27 -4.69 26.39
C ILE D 337 -5.07 -5.63 26.34
N PHE D 338 -5.02 -6.52 25.34
CA PHE D 338 -3.89 -7.41 25.11
C PHE D 338 -3.22 -7.10 23.78
N GLY D 339 -3.03 -5.81 23.48
CA GLY D 339 -2.50 -5.41 22.19
C GLY D 339 -1.06 -5.81 21.98
N VAL D 340 -0.31 -6.10 23.04
CA VAL D 340 1.07 -6.52 22.87
C VAL D 340 1.12 -7.87 22.17
N HIS D 341 0.17 -8.75 22.44
CA HIS D 341 0.07 -10.01 21.71
C HIS D 341 -0.37 -9.78 20.26
N THR D 342 -1.38 -8.92 20.08
CA THR D 342 -1.98 -8.64 18.76
C THR D 342 -1.80 -7.15 18.48
N PRO D 343 -0.72 -6.75 17.81
CA PRO D 343 -0.52 -5.32 17.54
C PRO D 343 -1.59 -4.70 16.64
N SER D 344 -2.42 -5.51 15.96
CA SER D 344 -3.48 -4.96 15.14
C SER D 344 -4.49 -4.17 15.97
N ALA D 345 -4.79 -4.66 17.17
CA ALA D 345 -5.80 -4.01 18.01
C ALA D 345 -5.37 -2.60 18.41
N LEU D 346 -4.06 -2.37 18.57
CA LEU D 346 -3.56 -1.08 19.03
C LEU D 346 -3.85 0.06 18.05
N ALA D 347 -4.11 -0.24 16.78
CA ALA D 347 -4.29 0.80 15.77
C ALA D 347 -5.72 1.28 15.66
N SER D 348 -6.70 0.58 16.25
CA SER D 348 -8.11 0.89 16.04
C SER D 348 -8.89 0.78 17.34
N VAL D 349 -8.34 1.35 18.43
CA VAL D 349 -8.98 1.24 19.74
C VAL D 349 -10.38 1.87 19.72
N LYS D 350 -10.51 3.02 19.08
CA LYS D 350 -11.82 3.64 18.95
C LYS D 350 -12.77 2.76 18.14
N GLU D 351 -12.24 1.92 17.25
CA GLU D 351 -13.07 0.93 16.58
C GLU D 351 -13.44 -0.21 17.51
N GLN D 352 -12.59 -0.51 18.50
CA GLN D 352 -12.88 -1.57 19.46
C GLN D 352 -13.87 -1.14 20.53
N MET D 353 -14.03 0.17 20.75
CA MET D 353 -14.80 0.65 21.89
C MET D 353 -16.25 0.15 21.97
N PRO D 354 -16.97 -0.12 20.88
CA PRO D 354 -18.30 -0.72 21.03
C PRO D 354 -18.33 -2.04 21.77
N ILE D 355 -17.32 -2.90 21.57
CA ILE D 355 -17.28 -4.17 22.28
C ILE D 355 -17.11 -3.95 23.78
N MET D 356 -16.21 -3.05 24.15
CA MET D 356 -16.04 -2.71 25.56
C MET D 356 -17.31 -2.12 26.12
N VAL D 357 -18.00 -1.29 25.35
CA VAL D 357 -19.25 -0.69 25.81
C VAL D 357 -20.29 -1.76 26.07
N ASN D 358 -20.38 -2.75 25.18
CA ASN D 358 -21.31 -3.85 25.38
C ASN D 358 -20.98 -4.64 26.64
N LYS D 359 -19.69 -4.97 26.81
CA LYS D 359 -19.28 -5.73 27.99
C LYS D 359 -19.60 -4.96 29.26
N ILE D 360 -19.34 -3.67 29.28
CA ILE D 360 -19.56 -2.87 30.48
C ILE D 360 -21.04 -2.66 30.73
N ARG D 361 -21.83 -2.54 29.65
CA ARG D 361 -23.29 -2.49 29.78
C ARG D 361 -23.78 -3.73 30.52
N ARG D 362 -23.32 -4.90 30.08
CA ARG D 362 -23.75 -6.13 30.73
C ARG D 362 -23.26 -6.21 32.16
N LYS D 363 -22.02 -5.76 32.41
CA LYS D 363 -21.43 -5.93 33.74
C LYS D 363 -22.03 -4.98 34.76
N ARG D 364 -22.40 -3.76 34.35
CA ARG D 364 -22.87 -2.77 35.31
C ARG D 364 -24.18 -3.19 35.95
N GLU D 365 -25.01 -3.97 35.25
CA GLU D 365 -26.31 -4.33 35.78
C GLU D 365 -26.21 -5.26 36.98
N GLN D 366 -25.09 -5.98 37.13
CA GLN D 366 -24.95 -6.87 38.27
C GLN D 366 -24.88 -6.10 39.57
N PHE D 367 -24.22 -4.94 39.57
CA PHE D 367 -23.97 -4.19 40.79
C PHE D 367 -24.97 -3.06 41.03
N THR D 368 -25.73 -2.64 40.01
CA THR D 368 -26.54 -1.44 40.15
C THR D 368 -27.64 -1.61 41.19
N ASN D 369 -28.19 -2.82 41.31
CA ASN D 369 -29.19 -3.06 42.35
C ASN D 369 -28.57 -2.96 43.73
N SER D 370 -27.34 -3.46 43.89
CA SER D 370 -26.65 -3.32 45.17
C SER D 370 -26.39 -1.85 45.48
N TRP D 371 -26.09 -1.05 44.45
CA TRP D 371 -25.88 0.38 44.68
C TRP D 371 -27.18 1.08 45.04
N GLN D 372 -28.30 0.65 44.45
CA GLN D 372 -29.60 1.15 44.88
C GLN D 372 -29.82 0.87 46.35
N LEU D 373 -29.53 -0.36 46.78
CA LEU D 373 -29.69 -0.71 48.18
C LEU D 373 -28.77 0.13 49.07
N LEU D 374 -27.53 0.33 48.64
CA LEU D 374 -26.58 1.08 49.45
C LEU D 374 -27.01 2.54 49.60
N ALA D 375 -27.44 3.15 48.50
CA ALA D 375 -27.89 4.55 48.57
C ALA D 375 -29.14 4.67 49.42
N ARG D 376 -30.06 3.70 49.29
CA ARG D 376 -31.26 3.72 50.12
C ARG D 376 -30.91 3.62 51.60
N MET D 377 -29.96 2.73 51.94
CA MET D 377 -29.57 2.57 53.33
C MET D 377 -28.87 3.82 53.85
N VAL D 378 -28.04 4.44 53.02
CA VAL D 378 -27.36 5.67 53.41
C VAL D 378 -28.37 6.77 53.68
N LEU D 379 -29.37 6.89 52.82
CA LEU D 379 -30.40 7.91 53.02
C LEU D 379 -31.21 7.63 54.29
N ILE D 380 -31.54 6.36 54.54
CA ILE D 380 -32.30 6.02 55.74
C ILE D 380 -31.45 6.26 56.98
N MET D 381 -30.15 5.99 56.91
CA MET D 381 -29.28 6.14 58.06
C MET D 381 -29.01 7.59 58.43
N SER D 382 -29.41 8.55 57.60
CA SER D 382 -29.21 9.97 57.88
C SER D 382 -30.49 10.76 57.60
N LYS D 389 -37.38 11.24 56.48
CA LYS D 389 -37.59 12.67 56.25
C LYS D 389 -37.73 12.98 54.76
N TYR D 390 -37.04 12.20 53.92
CA TYR D 390 -37.02 12.48 52.50
C TYR D 390 -38.27 11.94 51.81
N SER D 391 -38.70 12.63 50.76
CA SER D 391 -39.90 12.26 50.04
C SER D 391 -39.71 11.05 49.13
N SER D 392 -38.47 10.67 48.84
CA SER D 392 -38.21 9.51 48.00
C SER D 392 -36.90 8.88 48.43
N TYR D 393 -36.83 7.55 48.30
CA TYR D 393 -35.61 6.79 48.60
C TYR D 393 -35.09 6.00 47.42
N ASP D 394 -35.89 5.81 46.36
CA ASP D 394 -35.42 5.12 45.17
C ASP D 394 -34.39 6.00 44.48
N VAL D 395 -33.23 5.41 44.15
CA VAL D 395 -32.12 6.13 43.54
C VAL D 395 -31.80 5.48 42.20
N THR D 396 -31.70 6.30 41.16
CA THR D 396 -31.26 5.84 39.85
C THR D 396 -29.76 6.07 39.71
N ILE D 397 -29.08 5.10 39.12
CA ILE D 397 -27.63 5.10 38.99
C ILE D 397 -27.25 5.41 37.55
N GLY D 398 -26.54 6.52 37.35
CA GLY D 398 -25.77 6.73 36.15
C GLY D 398 -24.39 6.15 36.30
N TRP D 399 -23.60 6.24 35.22
CA TRP D 399 -22.27 5.66 35.20
C TRP D 399 -21.33 6.52 34.39
N ASP D 400 -20.03 6.30 34.59
CA ASP D 400 -19.02 6.97 33.80
C ASP D 400 -19.14 6.58 32.33
N GLU D 401 -18.66 7.46 31.45
CA GLU D 401 -18.71 7.19 30.03
C GLU D 401 -17.62 6.20 29.64
N VAL D 402 -18.02 5.05 29.10
CA VAL D 402 -17.06 4.09 28.57
C VAL D 402 -16.43 4.64 27.30
N ASN D 403 -17.25 5.24 26.42
CA ASN D 403 -16.81 5.83 25.16
C ASN D 403 -17.17 7.30 25.23
N PRO D 404 -16.29 8.16 25.78
CA PRO D 404 -16.69 9.55 26.03
C PRO D 404 -17.04 10.31 24.77
N ARG D 405 -18.04 11.18 24.89
CA ARG D 405 -18.43 12.06 23.80
C ARG D 405 -17.60 13.34 23.86
N ASP D 406 -17.16 13.81 22.69
CA ASP D 406 -16.46 15.08 22.62
C ASP D 406 -17.41 16.21 22.94
N ASP D 407 -16.91 17.20 23.69
CA ASP D 407 -17.72 18.37 24.01
C ASP D 407 -18.11 19.14 22.76
N LYS D 408 -17.21 19.18 21.77
CA LYS D 408 -17.51 19.89 20.53
C LYS D 408 -18.68 19.24 19.80
N GLU D 409 -18.72 17.92 19.76
CA GLU D 409 -19.84 17.23 19.10
C GLU D 409 -21.15 17.49 19.83
N LEU D 410 -21.11 17.47 21.17
CA LEU D 410 -22.31 17.78 21.96
C LEU D 410 -22.80 19.19 21.66
N ALA D 411 -21.88 20.15 21.61
CA ALA D 411 -22.26 21.52 21.31
C ALA D 411 -22.80 21.64 19.89
N GLU D 412 -22.24 20.87 18.96
CA GLU D 412 -22.71 20.89 17.59
C GLU D 412 -24.16 20.42 17.50
N THR D 413 -24.46 19.29 18.13
CA THR D 413 -25.84 18.81 18.10
C THR D 413 -26.77 19.74 18.87
N LEU D 414 -26.24 20.41 19.91
CA LEU D 414 -27.04 21.43 20.58
C LEU D 414 -27.41 22.57 19.63
N GLU D 415 -26.43 23.04 18.85
CA GLU D 415 -26.71 24.10 17.89
C GLU D 415 -27.72 23.63 16.84
N LYS D 416 -27.57 22.39 16.38
CA LYS D 416 -28.51 21.85 15.40
C LYS D 416 -29.92 21.79 15.97
N VAL D 417 -30.06 21.35 17.22
CA VAL D 417 -31.38 21.31 17.85
C VAL D 417 -31.95 22.71 17.97
N CYS D 418 -31.12 23.67 18.40
CA CYS D 418 -31.62 25.02 18.61
C CYS D 418 -32.07 25.66 17.32
N CYS D 419 -31.30 25.50 16.24
CA CYS D 419 -31.70 26.05 14.95
C CYS D 419 -32.89 25.32 14.35
N ALA D 420 -32.99 24.01 14.57
CA ALA D 420 -34.18 23.28 14.13
C ALA D 420 -35.43 23.79 14.84
N LEU D 421 -35.33 24.00 16.15
CA LEU D 421 -36.40 24.67 16.86
C LEU D 421 -36.39 26.16 16.50
N ASP D 422 -37.32 26.91 17.07
CA ASP D 422 -37.64 28.27 16.65
C ASP D 422 -38.15 28.32 15.22
N LYS D 423 -38.62 27.19 14.69
CA LYS D 423 -39.17 27.08 13.35
C LYS D 423 -40.22 25.98 13.39
N ALA D 424 -41.14 26.00 12.43
CA ALA D 424 -42.34 25.18 12.50
C ALA D 424 -43.08 25.46 13.80
N LEU D 425 -43.57 26.71 13.90
CA LEU D 425 -43.92 27.30 15.17
C LEU D 425 -45.11 26.64 15.85
N GLU D 426 -45.82 25.73 15.16
CA GLU D 426 -46.95 25.04 15.76
C GLU D 426 -46.55 23.94 16.73
N GLY D 427 -45.25 23.77 17.02
CA GLY D 427 -44.80 22.71 17.91
C GLY D 427 -45.32 22.84 19.34
N GLY D 428 -45.27 24.04 19.91
CA GLY D 428 -45.80 24.27 21.24
C GLY D 428 -44.71 24.32 22.31
N PHE D 429 -45.05 23.76 23.48
CA PHE D 429 -44.17 23.85 24.65
C PHE D 429 -43.19 22.69 24.72
N ILE D 430 -43.44 21.61 23.97
CA ILE D 430 -42.52 20.48 23.98
C ILE D 430 -41.15 20.87 23.46
N SER D 431 -41.06 21.90 22.62
CA SER D 431 -39.76 22.44 22.25
C SER D 431 -39.01 22.95 23.47
N GLU D 432 -39.69 23.72 24.32
CA GLU D 432 -39.08 24.20 25.55
C GLU D 432 -38.67 23.03 26.44
N GLU D 433 -39.54 22.02 26.55
CA GLU D 433 -39.22 20.86 27.39
C GLU D 433 -37.97 20.14 26.87
N SER D 434 -37.93 19.89 25.56
CA SER D 434 -36.80 19.18 24.97
C SER D 434 -35.51 19.97 25.13
N THR D 435 -35.55 21.28 24.88
CA THR D 435 -34.30 22.03 24.92
C THR D 435 -33.81 22.20 26.36
N VAL D 436 -34.71 22.43 27.32
CA VAL D 436 -34.25 22.56 28.70
C VAL D 436 -33.72 21.23 29.22
N ASN D 437 -34.37 20.11 28.84
CA ASN D 437 -33.84 18.81 29.23
C ASN D 437 -32.48 18.57 28.58
N PHE D 438 -32.30 19.00 27.34
CA PHE D 438 -31.03 18.79 26.66
C PHE D 438 -29.93 19.61 27.34
N LEU D 439 -30.25 20.84 27.75
CA LEU D 439 -29.28 21.65 28.47
C LEU D 439 -28.92 21.00 29.81
N ALA D 440 -29.92 20.43 30.49
CA ALA D 440 -29.64 19.74 31.75
C ALA D 440 -28.69 18.57 31.53
N GLN D 441 -28.91 17.80 30.45
CA GLN D 441 -27.98 16.72 30.12
C GLN D 441 -26.61 17.27 29.75
N TYR D 442 -26.59 18.37 28.98
CA TYR D 442 -25.35 18.90 28.42
C TYR D 442 -24.42 19.39 29.52
N ILE D 443 -24.97 20.09 30.51
CA ILE D 443 -24.15 20.62 31.60
C ILE D 443 -23.51 19.46 32.36
N ASP D 444 -24.29 18.42 32.66
CA ASP D 444 -23.76 17.28 33.40
C ASP D 444 -22.68 16.56 32.59
N THR D 445 -22.92 16.36 31.30
CA THR D 445 -21.94 15.64 30.49
C THR D 445 -20.67 16.45 30.28
N MET D 446 -20.79 17.78 30.21
CA MET D 446 -19.61 18.62 30.01
C MET D 446 -18.79 18.73 31.29
N SER D 447 -19.46 18.90 32.43
CA SER D 447 -18.74 19.10 33.68
C SER D 447 -17.97 17.86 34.11
N ASN D 448 -18.54 16.67 33.93
CA ASN D 448 -17.88 15.44 34.32
C ASN D 448 -16.61 15.25 33.48
N TYR D 449 -15.48 15.13 34.16
CA TYR D 449 -14.20 14.98 33.48
C TYR D 449 -13.98 13.53 33.10
N ILE D 450 -13.40 13.32 31.92
CA ILE D 450 -13.25 11.99 31.36
C ILE D 450 -12.28 11.16 32.20
N SER D 451 -11.11 11.74 32.50
CA SER D 451 -10.01 11.00 33.13
C SER D 451 -10.10 10.98 34.64
N ASP D 452 -11.28 11.17 35.22
CA ASP D 452 -11.44 11.17 36.67
C ASP D 452 -12.74 10.45 37.00
N ASP D 453 -12.64 9.51 37.94
CA ASP D 453 -13.75 8.65 38.31
C ASP D 453 -14.81 9.44 39.07
N PRO D 454 -16.07 9.11 38.81
CA PRO D 454 -17.16 9.73 39.52
C PRO D 454 -17.42 11.15 39.05
N GLU D 455 -18.37 11.79 39.72
CA GLU D 455 -18.79 13.14 39.43
C GLU D 455 -18.34 14.14 40.49
N ARG D 456 -17.31 13.79 41.27
CA ARG D 456 -16.87 14.64 42.38
C ARG D 456 -16.53 16.04 41.91
N GLU D 457 -15.93 16.14 40.71
CA GLU D 457 -15.68 17.45 40.12
C GLU D 457 -16.96 18.23 39.88
N GLY D 458 -18.06 17.55 39.52
CA GLY D 458 -19.32 18.24 39.35
C GLY D 458 -19.82 18.85 40.65
N GLU D 459 -19.78 18.06 41.73
CA GLU D 459 -20.21 18.58 43.02
C GLU D 459 -19.31 19.71 43.48
N ARG D 460 -18.00 19.56 43.25
CA ARG D 460 -17.06 20.61 43.65
C ARG D 460 -17.36 21.91 42.93
N GLU D 461 -17.55 21.83 41.61
CA GLU D 461 -17.84 23.04 40.84
C GLU D 461 -19.16 23.66 41.28
N LYS D 462 -20.18 22.84 41.51
CA LYS D 462 -21.46 23.38 41.94
C LYS D 462 -21.36 24.06 43.31
N ILE D 463 -20.62 23.45 44.24
CA ILE D 463 -20.50 24.02 45.58
C ILE D 463 -19.70 25.32 45.53
N ILE D 464 -18.62 25.34 44.75
CA ILE D 464 -17.81 26.55 44.64
C ILE D 464 -18.62 27.66 43.98
N LYS D 465 -19.42 27.31 42.98
CA LYS D 465 -20.30 28.29 42.35
C LYS D 465 -21.31 28.85 43.34
N THR D 466 -21.91 27.97 44.15
CA THR D 466 -22.91 28.41 45.11
C THR D 466 -22.29 29.33 46.16
N LYS D 467 -21.09 28.99 46.64
CA LYS D 467 -20.46 29.81 47.67
C LYS D 467 -19.98 31.14 47.10
N MET D 468 -19.10 31.09 46.10
CA MET D 468 -18.52 32.31 45.55
C MET D 468 -19.53 33.10 44.73
N LEU D 469 -20.49 32.44 44.09
CA LEU D 469 -21.49 33.10 43.24
C LEU D 469 -20.81 33.89 42.13
N MET E 19 -11.12 -20.83 41.98
CA MET E 19 -11.53 -22.23 42.26
C MET E 19 -12.55 -22.26 43.39
N ARG E 20 -13.54 -23.14 43.28
CA ARG E 20 -14.60 -23.21 44.27
C ARG E 20 -14.15 -23.99 45.51
N MET E 21 -14.93 -23.84 46.58
CA MET E 21 -14.71 -24.61 47.80
C MET E 21 -16.04 -24.71 48.55
N SER E 22 -16.09 -25.62 49.51
CA SER E 22 -17.31 -25.80 50.28
C SER E 22 -17.54 -24.60 51.20
N SER E 23 -18.78 -24.49 51.69
CA SER E 23 -19.12 -23.39 52.58
C SER E 23 -18.29 -23.42 53.85
N GLY E 24 -18.14 -24.59 54.45
CA GLY E 24 -17.23 -24.78 55.56
C GLY E 24 -15.82 -25.01 55.06
N ASN E 25 -14.98 -25.54 55.94
CA ASN E 25 -13.61 -25.91 55.59
C ASN E 25 -12.81 -24.70 55.15
N ILE E 26 -12.86 -23.63 55.93
CA ILE E 26 -12.11 -22.41 55.68
C ILE E 26 -11.56 -21.90 57.01
N GLY E 27 -10.31 -21.46 56.99
CA GLY E 27 -9.69 -20.95 58.20
C GLY E 27 -10.23 -19.59 58.59
N VAL E 28 -9.96 -19.19 59.82
CA VAL E 28 -10.44 -17.91 60.33
C VAL E 28 -9.63 -16.79 59.71
N TYR E 29 -10.32 -15.69 59.39
CA TYR E 29 -9.66 -14.54 58.79
C TYR E 29 -8.64 -13.95 59.74
N LYS E 30 -7.49 -13.56 59.19
CA LYS E 30 -6.43 -12.92 59.95
C LYS E 30 -5.74 -11.89 59.07
N LEU E 31 -5.49 -10.71 59.62
CA LEU E 31 -4.85 -9.64 58.87
C LEU E 31 -3.40 -10.01 58.60
N ASP E 32 -2.95 -9.76 57.36
CA ASP E 32 -1.59 -10.06 56.96
C ASP E 32 -0.72 -8.82 57.15
N ASP E 33 0.34 -8.96 57.95
CA ASP E 33 1.24 -7.86 58.26
C ASP E 33 2.59 -8.00 57.55
N SER E 34 2.66 -8.75 56.46
CA SER E 34 3.90 -8.88 55.72
C SER E 34 4.23 -7.57 55.01
N ARG E 35 5.52 -7.36 54.78
CA ARG E 35 6.04 -6.13 54.20
C ARG E 35 6.70 -6.45 52.86
N VAL E 36 7.14 -5.41 52.16
CA VAL E 36 7.40 -5.48 50.73
C VAL E 36 8.88 -5.76 50.45
N ASP E 37 9.70 -5.85 51.50
CA ASP E 37 11.15 -6.03 51.33
C ASP E 37 11.72 -4.89 50.50
N TYR E 38 11.72 -3.71 51.12
CA TYR E 38 11.92 -2.47 50.38
C TYR E 38 13.29 -2.40 49.75
N GLU E 39 14.29 -3.02 50.37
CA GLU E 39 15.64 -3.03 49.80
C GLU E 39 15.65 -3.72 48.45
N LEU E 40 15.00 -4.88 48.34
CA LEU E 40 14.94 -5.57 47.07
C LEU E 40 14.17 -4.78 46.03
N ALA E 41 13.09 -4.09 46.45
CA ALA E 41 12.33 -3.28 45.52
C ALA E 41 13.18 -2.16 44.95
N ARG E 42 13.95 -1.48 45.81
CA ARG E 42 14.81 -0.40 45.32
C ARG E 42 15.92 -0.94 44.44
N GLU E 43 16.50 -2.09 44.80
CA GLU E 43 17.56 -2.66 43.96
C GLU E 43 17.02 -3.06 42.59
N LEU E 44 15.83 -3.66 42.55
CA LEU E 44 15.21 -4.00 41.27
C LEU E 44 14.92 -2.75 40.46
N TYR E 45 14.43 -1.69 41.12
CA TYR E 45 14.16 -0.45 40.40
C TYR E 45 15.46 0.14 39.84
N GLN E 46 16.52 0.13 40.63
CA GLN E 46 17.79 0.68 40.20
C GLN E 46 18.65 -0.32 39.41
N ASN E 47 18.15 -1.54 39.20
CA ASN E 47 18.83 -2.52 38.35
C ASN E 47 20.15 -2.99 38.97
N LYS E 48 20.18 -3.09 40.30
CA LYS E 48 21.39 -3.42 41.04
C LYS E 48 21.47 -4.88 41.44
N ASN E 49 20.34 -5.54 41.67
CA ASN E 49 20.35 -6.89 42.22
C ASN E 49 20.92 -7.86 41.20
N ALA E 50 21.92 -8.65 41.63
CA ALA E 50 22.64 -9.51 40.69
C ALA E 50 21.75 -10.62 40.15
N ASN E 51 20.70 -11.00 40.87
CA ASN E 51 19.81 -12.07 40.43
C ASN E 51 18.70 -11.57 39.52
N TYR E 52 18.66 -10.27 39.19
CA TYR E 52 17.64 -9.70 38.33
C TYR E 52 18.18 -8.68 37.33
N LYS E 53 19.50 -8.57 37.17
CA LYS E 53 20.09 -7.48 36.39
C LYS E 53 19.59 -7.45 34.96
N LEU E 54 19.60 -8.61 34.29
CA LEU E 54 19.13 -8.67 32.91
C LEU E 54 17.61 -8.62 32.84
N GLY E 55 16.92 -9.06 33.89
CA GLY E 55 15.48 -9.12 33.88
C GLY E 55 14.79 -7.87 34.38
N SER E 56 15.42 -7.16 35.31
CA SER E 56 14.80 -6.00 35.95
C SER E 56 14.88 -4.73 35.11
N SER E 57 15.16 -4.84 33.81
CA SER E 57 15.11 -3.67 32.95
C SER E 57 13.71 -3.08 32.85
N PHE E 58 12.68 -3.89 33.07
CA PHE E 58 11.31 -3.46 32.87
C PHE E 58 10.76 -2.66 34.04
N VAL E 59 11.41 -2.69 35.21
CA VAL E 59 10.83 -2.07 36.39
C VAL E 59 10.76 -0.55 36.22
N ARG E 60 11.86 0.06 35.76
CA ARG E 60 11.89 1.52 35.64
C ARG E 60 10.84 2.07 34.70
N PRO E 61 10.70 1.60 33.46
CA PRO E 61 9.67 2.18 32.59
C PRO E 61 8.27 2.03 33.14
N ILE E 62 7.94 0.90 33.75
CA ILE E 62 6.60 0.69 34.28
C ILE E 62 6.29 1.72 35.37
N VAL E 63 7.11 1.72 36.42
CA VAL E 63 6.86 2.59 37.57
C VAL E 63 6.92 4.04 37.16
N ASN E 64 7.92 4.42 36.37
CA ASN E 64 8.08 5.83 36.05
C ASN E 64 7.04 6.33 35.06
N SER E 65 6.61 5.51 34.11
CA SER E 65 5.51 5.92 33.24
C SER E 65 4.23 6.09 34.03
N THR E 66 3.94 5.14 34.92
CA THR E 66 2.72 5.24 35.72
C THR E 66 2.76 6.46 36.62
N THR E 67 3.93 6.80 37.14
CA THR E 67 4.04 7.94 38.04
C THR E 67 3.99 9.26 37.26
N GLY E 68 4.66 9.33 36.12
CA GLY E 68 4.65 10.57 35.35
C GLY E 68 3.30 10.88 34.78
N PHE E 69 2.59 9.87 34.27
CA PHE E 69 1.30 10.12 33.64
C PHE E 69 0.22 10.44 34.67
N MET E 70 0.36 9.95 35.90
CA MET E 70 -0.63 10.26 36.93
C MET E 70 -0.36 11.60 37.61
N GLY E 71 0.82 12.19 37.38
CA GLY E 71 1.07 13.55 37.81
C GLY E 71 1.00 13.77 39.30
N VAL E 72 0.36 14.87 39.71
CA VAL E 72 0.24 15.24 41.11
C VAL E 72 -1.17 15.76 41.37
N PRO E 73 -1.63 15.68 42.62
CA PRO E 73 -3.00 16.10 42.90
C PRO E 73 -3.16 17.62 42.85
N HIS E 74 -4.40 18.06 42.62
CA HIS E 74 -4.78 19.46 42.70
C HIS E 74 -5.75 19.63 43.86
N PHE E 75 -5.34 20.34 44.89
CA PHE E 75 -6.15 20.52 46.08
C PHE E 75 -7.18 21.61 45.81
N GLN E 76 -8.47 21.25 45.94
CA GLN E 76 -9.58 22.15 45.66
C GLN E 76 -10.46 22.21 46.89
N ILE E 77 -10.68 23.42 47.40
CA ILE E 77 -11.53 23.64 48.56
C ILE E 77 -12.23 24.98 48.40
N GLU E 78 -13.49 25.04 48.83
CA GLU E 78 -14.29 26.23 48.56
C GLU E 78 -13.83 27.43 49.36
N ASP E 79 -13.27 27.23 50.55
CA ASP E 79 -12.79 28.33 51.37
C ASP E 79 -11.57 28.96 50.72
N GLU E 80 -11.57 30.29 50.58
CA GLU E 80 -10.47 30.95 49.90
C GLU E 80 -9.19 30.94 50.72
N GLU E 81 -9.29 31.04 52.05
CA GLU E 81 -8.10 30.97 52.88
C GLU E 81 -7.49 29.57 52.87
N ALA E 82 -8.32 28.54 52.98
CA ALA E 82 -7.82 27.17 52.87
C ALA E 82 -7.20 26.92 51.50
N GLN E 83 -7.83 27.45 50.46
CA GLN E 83 -7.28 27.31 49.12
C GLN E 83 -5.93 27.99 49.00
N TYR E 84 -5.78 29.16 49.65
CA TYR E 84 -4.49 29.84 49.64
C TYR E 84 -3.43 29.02 50.37
N ILE E 85 -3.79 28.44 51.52
CA ILE E 85 -2.83 27.62 52.26
C ILE E 85 -2.39 26.43 51.43
N LEU E 86 -3.34 25.75 50.78
CA LEU E 86 -2.99 24.60 49.95
C LEU E 86 -2.21 25.03 48.71
N ASP E 87 -2.49 26.23 48.18
CA ASP E 87 -1.71 26.77 47.08
C ASP E 87 -0.25 26.94 47.48
N GLU E 88 -0.01 27.53 48.65
CA GLU E 88 1.36 27.68 49.13
C GLU E 88 2.01 26.32 49.34
N PHE E 89 1.25 25.38 49.89
CA PHE E 89 1.80 24.05 50.15
C PHE E 89 2.23 23.36 48.86
N VAL E 90 1.38 23.39 47.83
CA VAL E 90 1.75 22.73 46.58
C VAL E 90 2.91 23.45 45.92
N LEU E 91 2.91 24.80 45.97
CA LEU E 91 4.04 25.55 45.43
C LEU E 91 5.35 25.14 46.08
N ASP E 92 5.31 24.83 47.38
CA ASP E 92 6.52 24.39 48.06
C ASP E 92 6.88 22.95 47.71
N ASN E 93 5.88 22.06 47.61
CA ASN E 93 6.11 20.62 47.71
C ASN E 93 5.55 19.79 46.56
N THR E 94 5.39 20.35 45.36
CA THR E 94 4.91 19.53 44.24
C THR E 94 5.89 18.42 43.90
N SER E 95 7.19 18.70 43.94
CA SER E 95 8.19 17.68 43.63
C SER E 95 8.11 16.53 44.63
N LYS E 96 8.00 16.85 45.91
CA LYS E 96 7.87 15.80 46.91
C LYS E 96 6.56 15.04 46.76
N MET E 97 5.50 15.72 46.31
CA MET E 97 4.25 15.03 46.07
C MET E 97 4.37 14.01 44.95
N LEU E 98 5.10 14.36 43.88
CA LEU E 98 5.35 13.38 42.82
C LEU E 98 6.23 12.24 43.33
N LYS E 99 7.25 12.58 44.11
CA LYS E 99 8.12 11.54 44.66
C LYS E 99 7.35 10.61 45.58
N THR E 100 6.27 11.10 46.20
CA THR E 100 5.43 10.21 47.00
C THR E 100 4.79 9.13 46.14
N HIS E 101 4.28 9.49 44.96
CA HIS E 101 3.75 8.49 44.04
C HIS E 101 4.85 7.51 43.63
N THR E 102 6.03 8.04 43.31
CA THR E 102 7.12 7.16 42.89
C THR E 102 7.48 6.17 43.98
N ASP E 103 7.62 6.65 45.21
CA ASP E 103 7.97 5.78 46.32
C ASP E 103 6.88 4.75 46.61
N SER E 104 5.61 5.17 46.54
CA SER E 104 4.53 4.24 46.80
C SER E 104 4.48 3.14 45.74
N LEU E 105 4.64 3.50 44.47
CA LEU E 105 4.62 2.50 43.42
C LEU E 105 5.83 1.57 43.51
N LYS E 106 6.99 2.12 43.88
CA LYS E 106 8.20 1.32 43.91
C LYS E 106 8.24 0.41 45.14
N GLN E 107 8.21 1.00 46.33
CA GLN E 107 8.41 0.29 47.59
C GLN E 107 7.11 -0.24 48.18
N GLY E 108 5.96 0.10 47.62
CA GLY E 108 4.69 -0.31 48.19
C GLY E 108 4.14 0.62 49.24
N ASP E 109 4.98 1.01 50.21
CA ASP E 109 4.61 1.93 51.28
C ASP E 109 5.45 3.19 51.19
N CYS E 110 4.82 4.33 51.45
CA CYS E 110 5.51 5.59 51.63
C CYS E 110 4.82 6.36 52.74
N TYR E 111 5.63 6.92 53.64
CA TYR E 111 5.15 7.64 54.81
C TYR E 111 5.59 9.09 54.72
N ILE E 112 4.64 10.00 54.93
CA ILE E 112 4.88 11.43 54.88
C ILE E 112 4.63 12.01 56.26
N TRP E 113 5.63 12.68 56.81
CA TRP E 113 5.56 13.27 58.14
C TRP E 113 5.52 14.79 58.00
N ILE E 114 4.42 15.39 58.43
CA ILE E 114 4.26 16.84 58.41
C ILE E 114 4.70 17.39 59.75
N THR E 115 5.65 18.33 59.71
CA THR E 115 6.19 18.95 60.92
C THR E 115 6.22 20.46 60.73
N ARG E 116 5.92 21.18 61.81
CA ARG E 116 5.91 22.63 61.83
C ARG E 116 7.16 23.12 62.55
N GLU E 117 7.95 23.95 61.88
CA GLU E 117 9.23 24.43 62.38
C GLU E 117 9.21 25.95 62.45
N GLU E 118 9.51 26.48 63.63
CA GLU E 118 9.63 27.92 63.86
C GLU E 118 11.09 28.40 63.90
N ARG E 119 12.05 27.54 63.54
CA ARG E 119 13.45 27.92 63.64
C ARG E 119 13.77 29.03 62.66
N GLU E 120 14.64 29.94 63.08
CA GLU E 120 15.06 31.09 62.29
C GLU E 120 16.46 30.85 61.75
N ASN E 121 16.63 31.03 60.45
CA ASN E 121 17.94 30.97 59.81
C ASN E 121 17.95 31.99 58.69
N PRO E 122 19.11 32.58 58.37
CA PRO E 122 19.11 33.69 57.40
C PRO E 122 18.92 33.27 55.95
N LEU E 123 18.87 31.97 55.66
CA LEU E 123 18.52 31.52 54.33
C LEU E 123 17.03 31.65 54.05
N TYR E 124 16.19 31.74 55.09
CA TYR E 124 14.74 31.89 54.94
C TYR E 124 14.24 33.05 55.80
N PRO E 125 14.62 34.28 55.46
CA PRO E 125 14.10 35.43 56.21
C PRO E 125 12.64 35.71 55.93
N ASP E 126 12.10 35.22 54.81
CA ASP E 126 10.71 35.44 54.48
C ASP E 126 9.77 34.56 55.29
N LYS E 127 10.22 33.39 55.74
CA LYS E 127 9.37 32.37 56.34
C LYS E 127 9.72 32.22 57.82
N LYS E 128 8.99 32.94 58.66
CA LYS E 128 9.15 32.77 60.11
C LYS E 128 8.77 31.37 60.55
N VAL E 129 7.66 30.84 60.01
CA VAL E 129 7.14 29.53 60.36
C VAL E 129 6.87 28.76 59.08
N ARG E 130 7.21 27.47 59.08
CA ARG E 130 7.15 26.63 57.90
C ARG E 130 6.55 25.27 58.25
N LEU E 131 5.96 24.63 57.23
CA LEU E 131 5.53 23.25 57.30
C LEU E 131 6.41 22.42 56.37
N ILE E 132 7.02 21.37 56.91
CA ILE E 132 8.00 20.56 56.19
C ILE E 132 7.34 19.26 55.77
N TYR E 133 7.57 18.88 54.51
CA TYR E 133 7.04 17.64 53.93
C TYR E 133 8.15 16.60 54.02
N ASN E 134 8.25 15.95 55.17
CA ASN E 134 9.32 15.00 55.46
C ASN E 134 8.91 13.60 55.04
N PHE E 135 9.83 12.89 54.39
CA PHE E 135 9.66 11.47 54.12
C PHE E 135 10.24 10.65 55.27
N ILE E 136 9.45 9.72 55.78
CA ILE E 136 9.96 8.65 56.64
C ILE E 136 10.22 7.46 55.73
N SER E 137 11.45 6.98 55.71
CA SER E 137 11.76 5.82 54.90
C SER E 137 10.98 4.62 55.42
N PRO E 138 10.44 3.76 54.55
CA PRO E 138 9.58 2.68 55.04
C PRO E 138 10.30 1.69 55.94
N GLU E 139 11.64 1.61 55.88
CA GLU E 139 12.36 0.75 56.82
C GLU E 139 12.42 1.34 58.21
N GLU E 140 12.30 2.67 58.34
CA GLU E 140 12.31 3.28 59.65
C GLU E 140 11.11 2.82 60.47
N VAL E 141 9.96 2.65 59.82
CA VAL E 141 8.74 2.27 60.53
C VAL E 141 8.89 0.81 60.95
N LYS E 142 9.27 0.60 62.21
CA LYS E 142 9.46 -0.76 62.70
C LYS E 142 8.13 -1.45 62.93
N GLU E 143 7.14 -0.73 63.45
CA GLU E 143 5.83 -1.29 63.72
C GLU E 143 4.81 -0.16 63.73
N ILE E 144 3.59 -0.49 63.31
CA ILE E 144 2.45 0.43 63.38
C ILE E 144 1.43 -0.21 64.32
N ILE E 145 1.11 0.50 65.39
CA ILE E 145 0.10 0.05 66.33
C ILE E 145 -1.26 0.55 65.86
N LEU E 146 -2.18 -0.37 65.63
CA LEU E 146 -3.49 -0.06 65.08
C LEU E 146 -4.56 -0.26 66.13
N ASP E 147 -5.56 0.61 66.13
CA ASP E 147 -6.77 0.36 66.89
C ASP E 147 -7.41 -0.90 66.32
N PRO E 148 -7.66 -1.94 67.12
CA PRO E 148 -8.17 -3.19 66.53
C PRO E 148 -9.50 -3.03 65.79
N THR E 149 -10.37 -2.14 66.27
CA THR E 149 -11.68 -2.00 65.63
C THR E 149 -11.59 -1.24 64.31
N THR E 150 -11.16 0.02 64.37
CA THR E 150 -11.14 0.86 63.18
C THR E 150 -9.90 0.69 62.32
N LYS E 151 -8.86 0.01 62.83
CA LYS E 151 -7.56 -0.06 62.18
C LYS E 151 -6.93 1.32 61.99
N GLU E 152 -7.33 2.30 62.81
CA GLU E 152 -6.69 3.60 62.78
C GLU E 152 -5.35 3.50 63.50
N PRO E 153 -4.26 4.02 62.94
CA PRO E 153 -2.98 3.91 63.64
C PRO E 153 -2.97 4.78 64.89
N ILE E 154 -2.56 4.18 66.01
CA ILE E 154 -2.46 4.88 67.28
C ILE E 154 -1.02 5.03 67.77
N ALA E 155 -0.04 4.44 67.08
CA ALA E 155 1.35 4.71 67.39
C ALA E 155 2.22 4.24 66.23
N TYR E 156 3.26 5.02 65.93
CA TYR E 156 4.27 4.66 64.94
C TYR E 156 5.59 4.44 65.66
N ILE E 157 6.20 3.28 65.45
CA ILE E 157 7.49 2.93 66.02
C ILE E 157 8.54 3.18 64.96
N LEU E 158 9.22 4.31 65.05
CA LEU E 158 10.29 4.68 64.12
C LEU E 158 11.63 4.38 64.75
N GLU E 159 12.51 3.73 63.98
CA GLU E 159 13.85 3.39 64.46
C GLU E 159 14.83 3.48 63.31
N SER E 160 16.02 4.03 63.60
CA SER E 160 17.04 4.22 62.58
C SER E 160 18.41 4.23 63.24
N GLN E 161 19.42 3.85 62.46
CA GLN E 161 20.81 3.87 62.88
C GLN E 161 21.47 5.10 62.25
N ASN E 162 21.86 6.05 63.09
CA ASN E 162 22.39 7.34 62.64
C ASN E 162 23.91 7.33 62.82
N GLU E 163 24.63 7.05 61.73
CA GLU E 163 26.08 7.20 61.67
C GLU E 163 26.38 8.52 60.97
N TRP E 164 27.04 9.43 61.67
CA TRP E 164 27.30 10.77 61.18
C TRP E 164 28.65 11.25 61.68
N THR E 165 29.36 11.98 60.81
CA THR E 165 30.64 12.56 61.20
C THR E 165 30.42 13.90 61.88
N ASP E 166 31.20 14.17 62.92
CA ASP E 166 31.12 15.46 63.59
C ASP E 166 31.77 16.52 62.73
N LEU E 167 31.37 17.78 62.96
CA LEU E 167 31.97 18.89 62.23
C LEU E 167 33.46 19.02 62.53
N GLY E 168 33.92 18.50 63.65
CA GLY E 168 35.34 18.35 63.90
C GLY E 168 35.85 17.09 63.22
N GLU E 169 36.66 16.30 63.93
CA GLU E 169 37.25 15.09 63.39
C GLU E 169 36.58 13.81 63.87
N ASN E 170 35.68 13.90 64.84
CA ASN E 170 35.19 12.70 65.51
C ASN E 170 34.07 12.03 64.73
N LYS E 171 34.18 10.72 64.57
CA LYS E 171 33.06 9.92 64.11
C LYS E 171 32.04 9.76 65.22
N ARG E 172 30.76 9.69 64.86
CA ARG E 172 29.67 9.57 65.82
C ARG E 172 28.69 8.51 65.33
N LYS E 173 28.00 7.89 66.28
CA LYS E 173 27.04 6.84 65.98
C LYS E 173 25.96 6.84 67.04
N ALA E 174 24.71 6.63 66.61
CA ALA E 174 23.57 6.65 67.52
C ALA E 174 22.43 5.86 66.91
N LYS E 175 21.85 4.96 67.69
CA LYS E 175 20.69 4.18 67.26
C LYS E 175 19.44 4.85 67.82
N VAL E 176 18.79 5.68 67.01
CA VAL E 176 17.68 6.50 67.45
C VAL E 176 16.39 5.76 67.18
N LYS E 177 15.55 5.62 68.21
CA LYS E 177 14.20 5.11 68.07
C LYS E 177 13.23 6.06 68.74
N GLN E 178 12.01 6.10 68.23
CA GLN E 178 11.02 7.03 68.75
C GLN E 178 9.62 6.51 68.49
N ILE E 179 8.72 6.81 69.41
CA ILE E 179 7.31 6.45 69.34
C ILE E 179 6.53 7.73 69.06
N ILE E 180 5.78 7.75 67.96
CA ILE E 180 4.93 8.87 67.59
C ILE E 180 3.49 8.45 67.84
N THR E 181 2.83 9.11 68.80
CA THR E 181 1.47 8.80 69.19
C THR E 181 0.64 10.07 69.16
N ALA E 182 -0.68 9.89 69.24
CA ALA E 182 -1.60 11.03 69.23
C ALA E 182 -1.43 11.92 70.45
N GLU E 183 -1.23 11.34 71.64
CA GLU E 183 -1.06 12.13 72.85
C GLU E 183 0.29 12.84 72.89
N SER E 184 1.35 12.16 72.43
CA SER E 184 2.69 12.70 72.55
C SER E 184 3.61 11.90 71.64
N ARG E 185 4.86 12.34 71.54
CA ARG E 185 5.91 11.58 70.88
C ARG E 185 7.07 11.37 71.83
N PHE E 186 7.53 10.13 71.92
CA PHE E 186 8.63 9.73 72.80
C PHE E 186 9.80 9.32 71.93
N VAL E 187 11.00 9.78 72.30
CA VAL E 187 12.21 9.52 71.54
C VAL E 187 13.34 9.20 72.51
N GLU E 188 14.10 8.15 72.18
CA GLU E 188 15.27 7.73 72.96
C GLU E 188 16.37 7.33 71.99
N VAL E 189 17.61 7.53 72.43
CA VAL E 189 18.79 7.29 71.59
C VAL E 189 19.76 6.41 72.35
N GLU E 190 20.58 5.67 71.61
CA GLU E 190 21.57 4.74 72.16
C GLU E 190 22.89 5.02 71.45
N GLY E 191 23.66 5.97 71.97
CA GLY E 191 24.96 6.31 71.39
C GLY E 191 25.30 7.77 71.53
N ASP E 192 26.03 8.30 70.54
CA ASP E 192 26.43 9.69 70.56
C ASP E 192 25.21 10.59 70.56
N LYS E 193 25.09 11.44 71.58
CA LYS E 193 23.90 12.26 71.75
C LYS E 193 23.80 13.30 70.63
N ILE E 194 22.57 13.56 70.20
CA ILE E 194 22.28 14.43 69.07
C ILE E 194 21.75 15.75 69.62
N GLU E 195 22.31 16.86 69.15
CA GLU E 195 21.87 18.17 69.63
C GLU E 195 20.42 18.46 69.27
N GLY E 196 20.00 18.11 68.05
CA GLY E 196 18.67 18.45 67.59
C GLY E 196 17.54 17.65 68.20
N LEU E 197 17.84 16.54 68.86
CA LEU E 197 16.84 15.68 69.46
C LEU E 197 16.84 15.84 70.98
N GLU E 198 15.64 15.93 71.55
CA GLU E 198 15.45 15.97 72.99
C GLU E 198 14.84 14.64 73.42
N GLU E 199 15.59 13.88 74.21
CA GLU E 199 15.11 12.58 74.65
C GLU E 199 13.88 12.74 75.55
N GLY E 200 13.10 11.67 75.63
CA GLY E 200 11.94 11.63 76.49
C GLY E 200 10.67 12.10 75.79
N GLU E 201 9.59 12.03 76.55
CA GLU E 201 8.27 12.38 76.04
C GLU E 201 8.14 13.88 75.88
N THR E 202 7.48 14.30 74.80
CA THR E 202 7.09 15.69 74.59
C THR E 202 5.65 15.69 74.07
N PRO E 203 4.75 16.50 74.62
CA PRO E 203 3.35 16.44 74.17
C PRO E 203 3.20 16.80 72.70
N ASN E 204 2.18 16.21 72.07
CA ASN E 204 1.86 16.48 70.68
C ASN E 204 0.95 17.69 70.61
N VAL E 205 1.36 18.70 69.83
CA VAL E 205 0.61 19.94 69.76
C VAL E 205 -0.78 19.72 69.19
N TRP E 206 -0.95 18.71 68.34
CA TRP E 206 -2.24 18.34 67.77
C TRP E 206 -2.58 16.94 68.23
N GLY E 207 -3.88 16.65 68.33
CA GLY E 207 -4.31 15.37 68.85
C GLY E 207 -4.44 14.28 67.80
N PHE E 208 -3.59 14.31 66.78
CA PHE E 208 -3.52 13.24 65.81
C PHE E 208 -2.07 13.02 65.42
N ILE E 209 -1.76 11.80 65.00
CA ILE E 209 -0.41 11.47 64.54
C ILE E 209 -0.22 12.16 63.20
N PRO E 210 0.76 13.07 63.03
CA PRO E 210 0.87 13.78 61.76
C PRO E 210 1.66 12.99 60.72
N ILE E 211 1.25 11.76 60.46
CA ILE E 211 1.89 10.88 59.48
C ILE E 211 0.81 10.33 58.56
N ILE E 212 1.04 10.44 57.26
CA ILE E 212 0.14 9.90 56.24
C ILE E 212 0.78 8.64 55.67
N HIS E 213 0.06 7.53 55.71
CA HIS E 213 0.54 6.26 55.19
C HIS E 213 0.01 6.08 53.78
N PHE E 214 0.82 6.43 52.78
CA PHE E 214 0.48 6.16 51.40
C PHE E 214 0.71 4.68 51.11
N LYS E 215 -0.27 4.05 50.47
CA LYS E 215 -0.34 2.59 50.39
C LYS E 215 -0.72 2.21 48.96
N ASN E 216 0.27 1.82 48.16
CA ASN E 216 0.00 1.40 46.79
C ASN E 216 -0.68 0.05 46.78
N GLU E 217 -1.71 -0.08 45.95
CA GLU E 217 -2.50 -1.31 45.84
C GLU E 217 -3.02 -1.73 47.22
N ALA E 218 -3.63 -0.78 47.93
CA ALA E 218 -4.15 -1.04 49.25
C ALA E 218 -5.18 -2.16 49.21
N ASP E 219 -5.03 -3.11 50.13
CA ASP E 219 -5.92 -4.27 50.22
C ASP E 219 -6.43 -4.35 51.65
N GLU E 220 -7.69 -4.76 51.80
CA GLU E 220 -8.28 -4.83 53.13
C GLU E 220 -7.59 -5.89 53.98
N THR E 221 -7.08 -6.95 53.36
CA THR E 221 -6.47 -8.05 54.09
C THR E 221 -5.01 -7.81 54.44
N LEU E 222 -4.38 -6.76 53.91
CA LEU E 222 -2.97 -6.47 54.14
C LEU E 222 -2.84 -5.22 55.02
N LYS E 223 -1.93 -5.30 55.99
CA LYS E 223 -1.62 -4.13 56.81
C LYS E 223 -0.83 -3.10 56.02
N TYR E 224 0.03 -3.54 55.11
CA TYR E 224 0.92 -2.67 54.36
C TYR E 224 0.58 -2.78 52.88
N GLY E 225 1.14 -1.86 52.10
CA GLY E 225 0.87 -1.80 50.68
C GLY E 225 1.65 -2.85 49.90
N GLN E 226 1.41 -2.84 48.59
CA GLN E 226 2.06 -3.74 47.65
C GLN E 226 2.72 -2.93 46.56
N SER E 227 3.94 -3.32 46.22
CA SER E 227 4.65 -2.67 45.13
C SER E 227 4.09 -3.12 43.79
N ASP E 228 4.23 -2.26 42.78
CA ASP E 228 3.95 -2.67 41.41
C ASP E 228 4.98 -3.65 40.88
N ILE E 229 6.11 -3.83 41.60
CA ILE E 229 7.11 -4.80 41.18
C ILE E 229 6.71 -6.20 41.58
N GLU E 230 5.92 -6.35 42.64
CA GLU E 230 5.56 -7.67 43.13
C GLU E 230 4.85 -8.54 42.10
N PRO E 231 3.84 -8.05 41.37
CA PRO E 231 3.23 -8.90 40.34
C PRO E 231 4.21 -9.37 39.27
N ILE E 232 5.18 -8.53 38.89
CA ILE E 232 6.09 -8.89 37.81
C ILE E 232 7.36 -9.59 38.28
N GLU E 233 7.62 -9.62 39.58
CA GLU E 233 8.89 -10.12 40.11
C GLU E 233 9.25 -11.53 39.66
N PRO E 234 8.36 -12.54 39.75
CA PRO E 234 8.72 -13.84 39.18
C PRO E 234 9.02 -13.80 37.69
N LEU E 235 8.28 -12.99 36.94
CA LEU E 235 8.59 -12.84 35.51
C LEU E 235 9.93 -12.17 35.29
N LEU E 236 10.29 -11.18 36.12
CA LEU E 236 11.61 -10.58 36.00
C LEU E 236 12.70 -11.60 36.29
N LYS E 237 12.51 -12.44 37.30
CA LYS E 237 13.50 -13.47 37.62
C LYS E 237 13.63 -14.46 36.48
N ALA E 238 12.50 -14.88 35.91
CA ALA E 238 12.55 -15.82 34.78
C ALA E 238 13.22 -15.20 33.57
N TYR E 239 12.93 -13.93 33.30
CA TYR E 239 13.57 -13.24 32.18
C TYR E 239 15.07 -13.14 32.38
N HIS E 240 15.49 -12.81 33.61
CA HIS E 240 16.93 -12.76 33.90
C HIS E 240 17.58 -14.12 33.70
N ASP E 241 16.91 -15.17 34.18
CA ASP E 241 17.47 -16.52 34.03
C ASP E 241 17.61 -16.89 32.56
N VAL E 242 16.59 -16.62 31.75
CA VAL E 242 16.66 -16.96 30.34
C VAL E 242 17.75 -16.15 29.65
N MET E 243 17.83 -14.85 29.94
CA MET E 243 18.84 -14.01 29.31
C MET E 243 20.25 -14.47 29.69
N LEU E 244 20.47 -14.75 30.97
CA LEU E 244 21.80 -15.14 31.42
C LEU E 244 22.19 -16.49 30.83
N HIS E 245 21.26 -17.44 30.79
CA HIS E 245 21.55 -18.73 30.16
C HIS E 245 21.88 -18.55 28.69
N ALA E 246 21.13 -17.71 27.99
CA ALA E 246 21.40 -17.45 26.58
C ALA E 246 22.77 -16.83 26.40
N LEU E 247 23.12 -15.84 27.23
CA LEU E 247 24.40 -15.17 27.09
C LEU E 247 25.55 -16.13 27.35
N LYS E 248 25.44 -16.96 28.39
CA LYS E 248 26.50 -17.92 28.68
C LYS E 248 26.63 -18.94 27.57
N GLY E 249 25.51 -19.45 27.07
CA GLY E 249 25.57 -20.40 25.97
C GLY E 249 26.19 -19.81 24.73
N SER E 250 25.85 -18.56 24.41
CA SER E 250 26.44 -17.90 23.25
C SER E 250 27.93 -17.67 23.46
N LYS E 251 28.34 -17.28 24.66
CA LYS E 251 29.76 -17.10 24.93
C LYS E 251 30.52 -18.39 24.74
N MET E 252 29.95 -19.49 25.20
CA MET E 252 30.67 -20.77 25.13
C MET E 252 30.68 -21.34 23.71
N HIS E 253 29.59 -21.15 22.95
CA HIS E 253 29.36 -21.94 21.73
C HIS E 253 29.08 -21.13 20.47
N SER E 254 28.88 -19.82 20.53
CA SER E 254 28.59 -19.08 19.30
C SER E 254 29.77 -19.09 18.34
N THR E 255 30.97 -18.86 18.83
CA THR E 255 32.14 -18.83 17.98
C THR E 255 32.51 -20.26 17.59
N PRO E 256 32.59 -20.60 16.30
CA PRO E 256 32.88 -21.99 15.94
C PRO E 256 34.28 -22.39 16.36
N LYS E 257 34.43 -23.67 16.69
CA LYS E 257 35.68 -24.22 17.19
C LYS E 257 36.37 -24.95 16.05
N LEU E 258 37.56 -24.50 15.68
CA LEU E 258 38.32 -25.19 14.64
C LEU E 258 38.77 -26.54 15.16
N LYS E 259 38.51 -27.58 14.39
CA LYS E 259 38.81 -28.96 14.75
C LYS E 259 39.81 -29.50 13.75
N LEU E 260 40.97 -29.94 14.24
CA LEU E 260 42.03 -30.50 13.42
C LEU E 260 42.22 -31.96 13.81
N LYS E 261 42.07 -32.85 12.84
CA LYS E 261 42.30 -34.29 13.04
C LYS E 261 43.66 -34.59 12.43
N LEU E 262 44.65 -34.84 13.28
CA LEU E 262 46.05 -34.85 12.90
C LEU E 262 46.65 -36.23 13.13
N THR E 263 47.72 -36.52 12.37
CA THR E 263 48.47 -37.75 12.58
C THR E 263 49.21 -37.71 13.92
N ASP E 264 49.73 -36.55 14.30
CA ASP E 264 50.53 -36.41 15.52
C ASP E 264 50.26 -35.01 16.07
N VAL E 265 49.45 -34.94 17.12
CA VAL E 265 49.00 -33.65 17.63
C VAL E 265 50.16 -32.91 18.31
N ALA E 266 50.93 -33.62 19.14
CA ALA E 266 51.97 -32.96 19.92
C ALA E 266 53.06 -32.38 19.03
N SER E 267 53.48 -33.12 18.00
CA SER E 267 54.49 -32.59 17.09
C SER E 267 53.94 -31.40 16.32
N PHE E 268 52.67 -31.44 15.94
CA PHE E 268 52.04 -30.31 15.28
C PHE E 268 52.09 -29.06 16.15
N LEU E 269 51.72 -29.21 17.43
CA LEU E 269 51.77 -28.07 18.34
C LEU E 269 53.20 -27.55 18.50
N ALA E 270 54.16 -28.47 18.69
CA ALA E 270 55.54 -28.06 18.92
C ALA E 270 56.11 -27.33 17.70
N HIS E 271 55.77 -27.79 16.50
CA HIS E 271 56.28 -27.16 15.29
C HIS E 271 55.59 -25.82 15.03
N ASN E 272 54.27 -25.83 14.90
CA ASN E 272 53.57 -24.62 14.48
C ASN E 272 53.57 -23.55 15.57
N PHE E 273 53.22 -23.90 16.80
CA PHE E 273 53.02 -22.92 17.86
C PHE E 273 54.10 -22.94 18.94
N GLY E 274 55.11 -23.79 18.81
CA GLY E 274 56.15 -23.83 19.81
C GLY E 274 55.70 -24.37 21.15
N VAL E 275 54.55 -25.03 21.21
CA VAL E 275 54.03 -25.59 22.45
C VAL E 275 54.60 -26.99 22.60
N GLU E 276 55.80 -27.09 23.19
CA GLU E 276 56.47 -28.36 23.35
C GLU E 276 56.03 -29.12 24.60
N ASP E 277 55.17 -28.54 25.43
CA ASP E 277 54.61 -29.22 26.59
C ASP E 277 53.12 -28.87 26.64
N PRO E 278 52.31 -29.52 25.80
CA PRO E 278 50.88 -29.13 25.73
C PRO E 278 50.13 -29.31 27.04
N VAL E 279 50.49 -30.29 27.86
CA VAL E 279 49.83 -30.45 29.15
C VAL E 279 50.11 -29.24 30.04
N LYS E 280 51.38 -28.83 30.12
CA LYS E 280 51.72 -27.65 30.89
C LYS E 280 51.11 -26.39 30.28
N PHE E 281 51.04 -26.34 28.94
CA PHE E 281 50.47 -25.18 28.27
C PHE E 281 48.99 -25.03 28.62
N ALA E 282 48.25 -26.13 28.58
CA ALA E 282 46.83 -26.07 28.94
C ALA E 282 46.63 -25.82 30.42
N LYS E 283 47.53 -26.37 31.25
CA LYS E 283 47.41 -26.17 32.70
C LYS E 283 47.55 -24.69 33.07
N GLU E 284 48.51 -24.01 32.44
CA GLU E 284 48.77 -22.61 32.75
C GLU E 284 47.86 -21.65 32.01
N GLY E 285 46.85 -22.15 31.29
CA GLY E 285 45.93 -21.27 30.61
C GLY E 285 46.51 -20.58 29.40
N GLY E 286 47.54 -21.15 28.78
CA GLY E 286 48.12 -20.54 27.60
C GLY E 286 47.13 -20.52 26.45
N LYS E 287 47.27 -19.51 25.60
CA LYS E 287 46.39 -19.27 24.46
C LYS E 287 47.20 -19.30 23.18
N ILE E 288 46.77 -20.11 22.22
CA ILE E 288 47.38 -20.09 20.90
C ILE E 288 46.92 -18.83 20.17
N ASN E 289 47.86 -18.15 19.52
CA ASN E 289 47.61 -16.86 18.89
C ASN E 289 47.34 -17.07 17.40
N LEU E 290 46.28 -16.44 16.90
CA LEU E 290 45.88 -16.52 15.50
C LEU E 290 45.59 -15.12 14.98
N ASP E 291 45.89 -14.91 13.69
CA ASP E 291 45.64 -13.63 13.04
C ASP E 291 44.37 -13.62 12.19
N GLY E 292 43.88 -14.78 11.78
CA GLY E 292 42.67 -14.91 10.99
C GLY E 292 42.89 -15.24 9.54
N HIS E 293 44.09 -14.98 9.02
CA HIS E 293 44.44 -15.24 7.63
C HIS E 293 45.34 -16.48 7.47
N GLU E 294 45.10 -17.51 8.26
CA GLU E 294 45.93 -18.71 8.20
C GLU E 294 45.61 -19.52 6.94
N ILE E 295 46.56 -20.39 6.60
CA ILE E 295 46.39 -21.38 5.53
C ILE E 295 46.89 -22.71 6.06
N LEU E 296 46.11 -23.76 5.86
CA LEU E 296 46.37 -25.07 6.44
C LEU E 296 47.00 -25.97 5.39
N PHE E 297 48.24 -26.39 5.65
CA PHE E 297 48.92 -27.41 4.86
C PHE E 297 48.92 -28.69 5.67
N LEU E 298 48.33 -29.75 5.11
CA LEU E 298 48.11 -31.00 5.80
C LEU E 298 48.52 -32.14 4.89
N ASN E 299 48.92 -33.27 5.48
CA ASN E 299 49.11 -34.47 4.70
C ASN E 299 47.75 -35.11 4.41
N LYS E 300 47.78 -36.16 3.58
CA LYS E 300 46.53 -36.69 3.03
C LYS E 300 45.60 -37.25 4.11
N ASP E 301 46.17 -37.83 5.16
CA ASP E 301 45.33 -38.48 6.17
C ASP E 301 44.62 -37.48 7.06
N GLU E 302 45.23 -36.33 7.33
CA GLU E 302 44.69 -35.37 8.27
C GLU E 302 43.49 -34.64 7.69
N GLU E 303 42.64 -34.14 8.57
CA GLU E 303 41.41 -33.45 8.19
C GLU E 303 41.21 -32.26 9.12
N ALA E 304 40.60 -31.21 8.59
CA ALA E 304 40.28 -30.01 9.35
C ALA E 304 38.85 -29.59 9.05
N GLU E 305 38.15 -29.15 10.10
CA GLU E 305 36.73 -28.81 9.98
C GLU E 305 36.36 -27.89 11.12
N PHE E 306 35.35 -27.06 10.89
CA PHE E 306 34.79 -26.20 11.93
C PHE E 306 33.64 -26.90 12.61
N VAL E 307 33.76 -27.09 13.92
CA VAL E 307 32.66 -27.56 14.75
C VAL E 307 31.81 -26.36 15.12
N GLU E 308 30.58 -26.32 14.61
CA GLU E 308 29.77 -25.11 14.63
C GLU E 308 28.35 -25.44 15.06
N VAL E 309 27.70 -24.50 15.74
CA VAL E 309 26.31 -24.62 16.15
C VAL E 309 25.43 -23.91 15.13
N LYS E 310 24.24 -24.48 14.90
CA LYS E 310 23.23 -23.77 14.12
C LYS E 310 22.65 -22.59 14.91
N SER E 311 22.48 -22.75 16.22
CA SER E 311 22.02 -21.67 17.07
C SER E 311 22.39 -21.99 18.50
N ALA E 312 23.29 -21.20 19.08
CA ALA E 312 23.66 -21.38 20.49
C ALA E 312 22.57 -20.92 21.44
N ILE E 313 21.59 -20.16 20.96
CA ILE E 313 20.51 -19.65 21.79
C ILE E 313 19.25 -20.50 21.66
N GLY E 314 19.02 -21.06 20.48
CA GLY E 314 17.83 -21.85 20.25
C GLY E 314 16.56 -21.05 20.38
N ASP E 315 15.63 -21.57 21.20
CA ASP E 315 14.32 -20.95 21.34
C ASP E 315 14.24 -19.97 22.50
N ALA E 316 15.37 -19.51 23.03
CA ALA E 316 15.33 -18.56 24.13
C ALA E 316 14.72 -17.23 23.70
N LYS E 317 14.86 -16.86 22.43
CA LYS E 317 14.27 -15.61 21.96
C LYS E 317 12.75 -15.65 22.05
N GLU E 318 12.14 -16.78 21.67
CA GLU E 318 10.69 -16.91 21.76
C GLU E 318 10.23 -16.87 23.22
N LEU E 319 10.98 -17.52 24.11
CA LEU E 319 10.62 -17.49 25.52
C LEU E 319 10.74 -16.09 26.09
N LEU E 320 11.77 -15.34 25.68
CA LEU E 320 11.90 -13.97 26.14
C LEU E 320 10.76 -13.10 25.60
N LYS E 321 10.33 -13.35 24.37
CA LYS E 321 9.18 -12.64 23.82
C LYS E 321 7.92 -12.94 24.64
N LEU E 322 7.71 -14.21 24.98
CA LEU E 322 6.54 -14.58 25.77
C LEU E 322 6.59 -13.97 27.16
N LEU E 323 7.76 -13.96 27.78
CA LEU E 323 7.89 -13.36 29.11
C LEU E 323 7.71 -11.85 29.05
N PHE E 324 8.16 -11.21 27.96
CA PHE E 324 7.90 -9.79 27.79
C PHE E 324 6.41 -9.52 27.66
N TYR E 325 5.71 -10.37 26.91
CA TYR E 325 4.25 -10.23 26.81
C TYR E 325 3.60 -10.37 28.18
N CYS E 326 4.05 -11.35 28.96
CA CYS E 326 3.48 -11.55 30.29
C CYS E 326 3.76 -10.36 31.20
N ILE E 327 4.96 -9.79 31.12
CA ILE E 327 5.30 -8.63 31.94
C ILE E 327 4.44 -7.44 31.55
N VAL E 328 4.23 -7.24 30.25
CA VAL E 328 3.40 -6.13 29.80
C VAL E 328 1.95 -6.34 30.23
N ASP E 329 1.48 -7.58 30.19
CA ASP E 329 0.12 -7.87 30.64
C ASP E 329 -0.03 -7.58 32.13
N VAL E 330 0.91 -8.08 32.94
CA VAL E 330 0.80 -7.95 34.39
C VAL E 330 0.82 -6.48 34.80
N SER E 331 1.79 -5.73 34.31
CA SER E 331 1.89 -4.31 34.63
C SER E 331 0.80 -3.48 33.98
N GLU E 332 0.12 -4.00 32.96
CA GLU E 332 -0.92 -3.28 32.23
C GLU E 332 -0.36 -2.02 31.56
N THR E 333 0.92 -2.03 31.26
CA THR E 333 1.53 -0.87 30.63
C THR E 333 1.05 -0.78 29.18
N PRO E 334 0.62 0.39 28.69
CA PRO E 334 0.34 0.52 27.27
C PRO E 334 1.58 0.22 26.43
N GLU E 335 1.35 -0.33 25.24
CA GLU E 335 2.45 -0.87 24.44
C GLU E 335 3.40 0.21 23.94
N PHE E 336 2.97 1.47 23.88
CA PHE E 336 3.89 2.50 23.39
C PHE E 336 5.00 2.79 24.40
N ILE E 337 4.83 2.42 25.66
CA ILE E 337 5.91 2.52 26.63
C ILE E 337 7.05 1.57 26.29
N PHE E 338 6.72 0.38 25.77
CA PHE E 338 7.69 -0.62 25.36
C PHE E 338 7.69 -0.80 23.85
N GLY E 339 7.58 0.30 23.11
CA GLY E 339 7.44 0.21 21.67
C GLY E 339 8.75 -0.08 20.95
N VAL E 340 9.87 -0.05 21.66
CA VAL E 340 11.11 -0.49 21.05
C VAL E 340 11.05 -1.98 20.73
N HIS E 341 10.37 -2.76 21.59
CA HIS E 341 10.10 -4.16 21.29
C HIS E 341 9.11 -4.29 20.13
N THR E 342 8.03 -3.50 20.16
CA THR E 342 6.95 -3.58 19.18
C THR E 342 6.80 -2.20 18.54
N PRO E 343 7.53 -1.93 17.45
CA PRO E 343 7.42 -0.60 16.82
C PRO E 343 6.04 -0.26 16.28
N SER E 344 5.11 -1.23 16.19
CA SER E 344 3.77 -0.94 15.73
C SER E 344 3.06 0.04 16.67
N ALA E 345 3.31 -0.09 17.97
CA ALA E 345 2.66 0.79 18.94
C ALA E 345 3.08 2.24 18.76
N LEU E 346 4.33 2.48 18.35
CA LEU E 346 4.86 3.83 18.25
C LEU E 346 4.15 4.67 17.20
N ALA E 347 3.48 4.06 16.24
CA ALA E 347 2.79 4.83 15.21
C ALA E 347 1.45 5.40 15.67
N SER E 348 0.89 4.88 16.77
CA SER E 348 -0.48 5.21 17.16
C SER E 348 -0.56 5.48 18.66
N VAL E 349 0.33 6.33 19.17
CA VAL E 349 0.35 6.64 20.59
C VAL E 349 -0.96 7.29 21.02
N LYS E 350 -1.43 8.27 20.23
CA LYS E 350 -2.69 8.93 20.55
C LYS E 350 -3.86 7.97 20.50
N GLU E 351 -3.78 6.94 19.66
CA GLU E 351 -4.81 5.91 19.63
C GLU E 351 -4.78 5.07 20.90
N GLN E 352 -3.59 4.87 21.49
CA GLN E 352 -3.45 4.05 22.69
C GLN E 352 -3.63 4.84 23.98
N MET E 353 -3.72 6.17 23.91
CA MET E 353 -3.88 6.95 25.14
C MET E 353 -5.08 6.56 26.00
N PRO E 354 -6.25 6.19 25.47
CA PRO E 354 -7.37 5.81 26.36
C PRO E 354 -7.04 4.68 27.33
N ILE E 355 -6.20 3.71 26.92
CA ILE E 355 -5.79 2.66 27.84
C ILE E 355 -5.01 3.25 29.01
N MET E 356 -4.09 4.17 28.71
CA MET E 356 -3.36 4.84 29.77
C MET E 356 -4.30 5.64 30.66
N VAL E 357 -5.32 6.27 30.06
CA VAL E 357 -6.27 7.04 30.85
C VAL E 357 -7.01 6.14 31.83
N ASN E 358 -7.43 4.98 31.37
CA ASN E 358 -8.11 4.02 32.24
C ASN E 358 -7.20 3.56 33.38
N LYS E 359 -5.97 3.18 33.04
CA LYS E 359 -5.02 2.71 34.05
C LYS E 359 -4.76 3.80 35.07
N ILE E 360 -4.59 5.03 34.61
CA ILE E 360 -4.24 6.13 35.51
C ILE E 360 -5.44 6.53 36.36
N ARG E 361 -6.65 6.41 35.83
CA ARG E 361 -7.84 6.59 36.67
C ARG E 361 -7.82 5.60 37.83
N ARG E 362 -7.64 4.33 37.50
CA ARG E 362 -7.69 3.29 38.53
C ARG E 362 -6.57 3.50 39.55
N LYS E 363 -5.39 3.90 39.09
CA LYS E 363 -4.28 4.10 40.02
C LYS E 363 -4.46 5.35 40.86
N ARG E 364 -5.00 6.42 40.26
CA ARG E 364 -5.22 7.66 41.00
C ARG E 364 -6.22 7.46 42.12
N GLU E 365 -7.22 6.59 41.92
CA GLU E 365 -8.19 6.39 42.98
C GLU E 365 -7.60 5.76 44.24
N GLN E 366 -6.40 5.19 44.16
CA GLN E 366 -5.80 4.59 45.35
C GLN E 366 -5.29 5.65 46.32
N PHE E 367 -4.64 6.69 45.80
CA PHE E 367 -3.96 7.66 46.64
C PHE E 367 -4.80 8.87 47.03
N THR E 368 -5.92 9.10 46.35
CA THR E 368 -6.63 10.36 46.53
C THR E 368 -7.15 10.53 47.95
N ASN E 369 -7.55 9.44 48.60
CA ASN E 369 -7.98 9.53 49.99
C ASN E 369 -6.82 9.97 50.88
N SER E 370 -5.63 9.43 50.63
CA SER E 370 -4.46 9.87 51.39
C SER E 370 -4.16 11.34 51.16
N TRP E 371 -4.36 11.85 49.95
CA TRP E 371 -4.12 13.26 49.70
C TRP E 371 -5.17 14.12 50.38
N GLN E 372 -6.42 13.65 50.43
CA GLN E 372 -7.44 14.37 51.19
C GLN E 372 -7.04 14.45 52.67
N LEU E 373 -6.55 13.34 53.21
CA LEU E 373 -6.10 13.33 54.60
C LEU E 373 -4.92 14.30 54.80
N LEU E 374 -3.98 14.30 53.86
CA LEU E 374 -2.81 15.17 53.98
C LEU E 374 -3.22 16.63 53.93
N ALA E 375 -4.11 16.98 53.01
CA ALA E 375 -4.57 18.36 52.91
C ALA E 375 -5.35 18.77 54.16
N ARG E 376 -6.17 17.86 54.69
CA ARG E 376 -6.89 18.14 55.92
C ARG E 376 -5.93 18.41 57.06
N MET E 377 -4.88 17.60 57.17
CA MET E 377 -3.89 17.80 58.23
C MET E 377 -3.17 19.13 58.06
N VAL E 378 -2.81 19.46 56.82
CA VAL E 378 -2.10 20.71 56.56
C VAL E 378 -2.97 21.89 56.94
N LEU E 379 -4.26 21.84 56.60
CA LEU E 379 -5.18 22.91 56.99
C LEU E 379 -5.31 22.99 58.50
N ILE E 380 -5.40 21.84 59.17
CA ILE E 380 -5.53 21.85 60.63
C ILE E 380 -4.24 22.33 61.27
N MET E 381 -3.10 21.96 60.71
CA MET E 381 -1.80 22.33 61.29
C MET E 381 -1.41 23.78 61.01
N SER E 382 -2.25 24.56 60.35
CA SER E 382 -1.95 25.97 60.08
C SER E 382 -3.21 26.82 60.22
N LYS E 389 -10.49 27.21 62.20
CA LYS E 389 -10.73 28.55 61.70
C LYS E 389 -11.48 28.52 60.38
N TYR E 390 -11.11 27.58 59.51
CA TYR E 390 -11.69 27.53 58.18
C TYR E 390 -13.10 26.91 58.22
N SER E 391 -13.95 27.40 57.33
CA SER E 391 -15.33 26.94 57.28
C SER E 391 -15.48 25.53 56.71
N SER E 392 -14.45 24.99 56.08
CA SER E 392 -14.49 23.64 55.53
C SER E 392 -13.10 23.05 55.55
N TYR E 393 -13.04 21.72 55.67
CA TYR E 393 -11.80 20.97 55.62
C TYR E 393 -11.79 19.86 54.58
N ASP E 394 -12.95 19.49 54.03
CA ASP E 394 -13.03 18.41 53.05
C ASP E 394 -12.46 18.92 51.74
N VAL E 395 -11.17 18.65 51.53
CA VAL E 395 -10.51 19.00 50.28
C VAL E 395 -10.85 17.95 49.23
N THR E 396 -11.01 18.40 47.99
CA THR E 396 -11.25 17.52 46.85
C THR E 396 -10.05 17.59 45.91
N ILE E 397 -9.72 16.44 45.33
CA ILE E 397 -8.46 16.24 44.63
C ILE E 397 -8.74 16.25 43.13
N GLY E 398 -8.21 17.27 42.45
CA GLY E 398 -8.07 17.24 41.00
C GLY E 398 -6.77 16.58 40.60
N TRP E 399 -6.59 16.41 39.29
CA TRP E 399 -5.42 15.72 38.78
C TRP E 399 -5.01 16.31 37.45
N ASP E 400 -3.75 16.05 37.07
CA ASP E 400 -3.24 16.46 35.78
C ASP E 400 -3.97 15.73 34.66
N GLU E 401 -3.94 16.33 33.47
CA GLU E 401 -4.54 15.71 32.30
C GLU E 401 -3.64 14.58 31.80
N VAL E 402 -4.18 13.36 31.78
CA VAL E 402 -3.41 12.24 31.23
C VAL E 402 -3.28 12.40 29.72
N ASN E 403 -4.38 12.69 29.05
CA ASN E 403 -4.42 12.95 27.61
C ASN E 403 -4.88 14.38 27.42
N PRO E 404 -3.98 15.37 27.27
CA PRO E 404 -4.40 16.77 27.32
C PRO E 404 -5.34 17.14 26.18
N ARG E 405 -6.24 18.08 26.48
CA ARG E 405 -7.09 18.67 25.46
C ARG E 405 -6.41 19.89 24.85
N ASP E 406 -6.60 20.06 23.55
CA ASP E 406 -6.11 21.24 22.87
C ASP E 406 -6.90 22.47 23.31
N ASP E 407 -6.20 23.59 23.48
CA ASP E 407 -6.88 24.83 23.86
C ASP E 407 -7.83 25.28 22.76
N LYS E 408 -7.45 25.09 21.50
CA LYS E 408 -8.30 25.51 20.39
C LYS E 408 -9.61 24.75 20.37
N GLU E 409 -9.58 23.44 20.66
CA GLU E 409 -10.81 22.67 20.72
C GLU E 409 -11.71 23.15 21.85
N LEU E 410 -11.13 23.45 23.01
CA LEU E 410 -11.91 23.99 24.11
C LEU E 410 -12.55 25.31 23.73
N ALA E 411 -11.80 26.18 23.06
CA ALA E 411 -12.36 27.44 22.60
C ALA E 411 -13.47 27.23 21.58
N GLU E 412 -13.30 26.25 20.69
CA GLU E 412 -14.33 25.97 19.70
C GLU E 412 -15.63 25.53 20.35
N THR E 413 -15.56 24.61 21.33
CA THR E 413 -16.79 24.19 22.00
C THR E 413 -17.38 25.33 22.82
N LEU E 414 -16.52 26.19 23.39
CA LEU E 414 -17.05 27.37 24.09
C LEU E 414 -17.80 28.29 23.15
N GLU E 415 -17.26 28.49 21.94
CA GLU E 415 -17.95 29.30 20.94
C GLU E 415 -19.28 28.67 20.56
N LYS E 416 -19.28 27.34 20.41
CA LYS E 416 -20.52 26.64 20.07
C LYS E 416 -21.56 26.81 21.16
N VAL E 417 -21.15 26.71 22.43
CA VAL E 417 -22.07 26.92 23.53
C VAL E 417 -22.60 28.35 23.52
N CYS E 418 -21.71 29.31 23.30
CA CYS E 418 -22.11 30.71 23.36
C CYS E 418 -23.11 31.05 22.26
N CYS E 419 -22.87 30.56 21.04
CA CYS E 419 -23.81 30.80 19.95
C CYS E 419 -25.10 30.01 20.11
N ALA E 420 -25.04 28.82 20.71
CA ALA E 420 -26.26 28.08 20.99
C ALA E 420 -27.15 28.85 21.96
N LEU E 421 -26.56 29.39 23.02
CA LEU E 421 -27.31 30.25 23.91
C LEU E 421 -27.65 31.56 23.22
N ASP E 422 -28.42 32.40 23.92
CA ASP E 422 -29.02 33.61 23.36
C ASP E 422 -30.05 33.30 22.27
N LYS E 423 -30.51 32.05 22.19
CA LYS E 423 -31.53 31.63 21.26
C LYS E 423 -32.38 30.58 21.94
N ALA E 424 -33.61 30.42 21.48
CA ALA E 424 -34.63 29.67 22.20
C ALA E 424 -34.77 30.22 23.61
N LEU E 425 -35.22 31.47 23.67
CA LEU E 425 -35.05 32.32 24.84
C LEU E 425 -35.83 31.85 26.07
N GLU E 426 -36.63 30.79 25.96
CA GLU E 426 -37.31 30.23 27.13
C GLU E 426 -36.40 29.33 27.97
N GLY E 427 -35.09 29.28 27.70
CA GLY E 427 -34.20 28.45 28.47
C GLY E 427 -34.11 28.82 29.94
N GLY E 428 -34.21 30.11 30.26
CA GLY E 428 -34.19 30.56 31.65
C GLY E 428 -32.84 31.10 32.09
N PHE E 429 -32.64 31.07 33.41
CA PHE E 429 -31.46 31.69 34.01
C PHE E 429 -30.27 30.73 34.09
N ILE E 430 -30.48 29.44 33.85
CA ILE E 430 -29.39 28.48 33.96
C ILE E 430 -28.35 28.63 32.85
N SER E 431 -28.67 29.38 31.78
CA SER E 431 -27.68 29.62 30.74
C SER E 431 -26.47 30.37 31.29
N GLU E 432 -26.71 31.38 32.13
CA GLU E 432 -25.61 32.11 32.75
C GLU E 432 -24.79 31.19 33.65
N GLU E 433 -25.46 30.32 34.39
CA GLU E 433 -24.73 29.38 35.25
C GLU E 433 -23.85 28.46 34.41
N SER E 434 -24.40 27.91 33.33
CA SER E 434 -23.63 27.01 32.49
C SER E 434 -22.44 27.72 31.86
N THR E 435 -22.65 28.94 31.34
CA THR E 435 -21.56 29.60 30.63
C THR E 435 -20.49 30.09 31.58
N VAL E 436 -20.86 30.58 32.77
CA VAL E 436 -19.84 31.02 33.72
C VAL E 436 -19.08 29.81 34.26
N ASN E 437 -19.77 28.69 34.49
CA ASN E 437 -19.07 27.48 34.90
C ASN E 437 -18.10 27.01 33.82
N PHE E 438 -18.51 27.08 32.55
CA PHE E 438 -17.61 26.68 31.48
C PHE E 438 -16.42 27.63 31.38
N LEU E 439 -16.63 28.93 31.60
CA LEU E 439 -15.50 29.86 31.59
C LEU E 439 -14.54 29.55 32.73
N ALA E 440 -15.07 29.22 33.91
CA ALA E 440 -14.21 28.86 35.03
C ALA E 440 -13.41 27.60 34.73
N GLN E 441 -14.05 26.62 34.09
CA GLN E 441 -13.30 25.43 33.67
C GLN E 441 -12.26 25.77 32.62
N TYR E 442 -12.62 26.65 31.68
CA TYR E 442 -11.76 26.94 30.54
C TYR E 442 -10.48 27.65 30.97
N ILE E 443 -10.62 28.66 31.83
CA ILE E 443 -9.43 29.39 32.26
C ILE E 443 -8.50 28.47 33.05
N ASP E 444 -9.08 27.60 33.87
CA ASP E 444 -8.27 26.65 34.65
C ASP E 444 -7.54 25.67 33.73
N THR E 445 -8.24 25.14 32.73
CA THR E 445 -7.61 24.16 31.86
C THR E 445 -6.60 24.80 30.91
N MET E 446 -6.78 26.07 30.58
CA MET E 446 -5.83 26.76 29.71
C MET E 446 -4.58 27.18 30.48
N SER E 447 -4.76 27.75 31.67
CA SER E 447 -3.62 28.27 32.42
C SER E 447 -2.67 27.15 32.83
N ASN E 448 -3.22 26.00 33.21
CA ASN E 448 -2.39 24.86 33.56
C ASN E 448 -1.58 24.41 32.35
N TYR E 449 -0.27 24.26 32.54
CA TYR E 449 0.62 23.88 31.45
C TYR E 449 0.73 22.36 31.36
N ILE E 450 0.76 21.85 30.13
CA ILE E 450 0.73 20.42 29.91
C ILE E 450 2.01 19.77 30.41
N SER E 451 3.16 20.33 30.04
CA SER E 451 4.45 19.70 30.26
C SER E 451 5.08 20.06 31.60
N ASP E 452 4.27 20.41 32.60
CA ASP E 452 4.79 20.79 33.90
C ASP E 452 3.84 20.27 34.97
N ASP E 453 4.37 19.48 35.90
CA ASP E 453 3.53 18.86 36.91
C ASP E 453 2.90 19.89 37.82
N PRO E 454 1.67 19.62 38.23
CA PRO E 454 0.96 20.50 39.15
C PRO E 454 0.43 21.73 38.46
N GLU E 455 -0.18 22.59 39.27
CA GLU E 455 -0.76 23.85 38.84
C GLU E 455 0.04 25.06 39.33
N ARG E 456 1.32 24.86 39.66
CA ARG E 456 2.14 25.94 40.23
C ARG E 456 2.17 27.15 39.32
N GLU E 457 2.24 26.92 38.01
CA GLU E 457 2.14 28.02 37.06
C GLU E 457 0.82 28.76 37.18
N GLY E 458 -0.28 28.06 37.48
CA GLY E 458 -1.55 28.75 37.68
C GLY E 458 -1.51 29.67 38.88
N GLU E 459 -1.01 29.19 40.01
CA GLU E 459 -0.92 30.02 41.21
C GLU E 459 0.00 31.21 40.98
N ARG E 460 1.14 30.97 40.33
CA ARG E 460 2.08 32.06 40.10
C ARG E 460 1.49 33.11 39.16
N GLU E 461 0.78 32.67 38.12
CA GLU E 461 0.12 33.61 37.23
C GLU E 461 -0.93 34.43 37.98
N LYS E 462 -1.72 33.76 38.82
CA LYS E 462 -2.74 34.49 39.58
C LYS E 462 -2.11 35.50 40.54
N ILE E 463 -1.02 35.11 41.20
CA ILE E 463 -0.37 36.01 42.15
C ILE E 463 0.25 37.20 41.43
N ILE E 464 0.90 36.95 40.29
CA ILE E 464 1.51 38.03 39.52
C ILE E 464 0.43 38.97 39.01
N LYS E 465 -0.69 38.42 38.55
CA LYS E 465 -1.80 39.24 38.09
C LYS E 465 -2.36 40.10 39.22
N THR E 466 -2.52 39.51 40.41
CA THR E 466 -3.05 40.28 41.53
C THR E 466 -2.10 41.39 41.95
N LYS E 467 -0.79 41.11 41.98
CA LYS E 467 0.17 42.13 42.40
C LYS E 467 0.30 43.24 41.36
N MET E 468 0.64 42.87 40.12
CA MET E 468 0.85 43.86 39.07
C MET E 468 -0.46 44.46 38.57
N LEU E 469 -1.55 43.71 38.57
CA LEU E 469 -2.84 44.18 38.08
C LEU E 469 -2.74 44.63 36.62
N MET F 19 9.65 -8.92 46.52
CA MET F 19 9.22 -10.11 47.32
C MET F 19 8.73 -9.69 48.71
N ARG F 20 7.94 -10.55 49.33
CA ARG F 20 7.38 -10.27 50.64
C ARG F 20 8.31 -10.72 51.75
N MET F 21 8.07 -10.23 52.95
CA MET F 21 8.79 -10.65 54.14
C MET F 21 7.91 -10.41 55.35
N SER F 22 8.30 -11.02 56.48
CA SER F 22 7.54 -10.88 57.71
C SER F 22 7.68 -9.46 58.26
N SER F 23 6.77 -9.12 59.18
CA SER F 23 6.80 -7.81 59.81
C SER F 23 8.11 -7.59 60.56
N GLY F 24 8.54 -8.59 61.33
CA GLY F 24 9.85 -8.57 61.94
C GLY F 24 10.90 -9.05 60.96
N ASN F 25 12.07 -9.41 61.49
CA ASN F 25 13.14 -9.99 60.68
C ASN F 25 13.63 -9.00 59.63
N ILE F 26 13.98 -7.80 60.07
CA ILE F 26 14.50 -6.76 59.19
C ILE F 26 15.49 -5.91 59.98
N GLY F 27 16.58 -5.52 59.33
CA GLY F 27 17.59 -4.73 60.00
C GLY F 27 17.16 -3.29 60.20
N VAL F 28 17.93 -2.58 61.03
CA VAL F 28 17.63 -1.20 61.33
C VAL F 28 18.01 -0.31 60.15
N TYR F 29 17.18 0.68 59.86
CA TYR F 29 17.44 1.58 58.75
C TYR F 29 18.73 2.36 58.98
N LYS F 30 19.50 2.55 57.92
CA LYS F 30 20.72 3.34 57.96
C LYS F 30 20.88 4.08 56.64
N LEU F 31 21.29 5.34 56.72
CA LEU F 31 21.49 6.14 55.52
C LEU F 31 22.69 5.61 54.75
N ASP F 32 22.51 5.45 53.44
CA ASP F 32 23.58 4.95 52.57
C ASP F 32 24.39 6.13 52.06
N ASP F 33 25.69 6.15 52.37
CA ASP F 33 26.58 7.23 51.98
C ASP F 33 27.52 6.84 50.84
N SER F 34 27.14 5.84 50.04
CA SER F 34 27.96 5.48 48.89
C SER F 34 27.89 6.58 47.83
N ARG F 35 28.89 6.60 46.95
CA ARG F 35 29.03 7.61 45.92
C ARG F 35 29.05 6.93 44.55
N VAL F 36 29.17 7.75 43.50
CA VAL F 36 28.86 7.30 42.14
C VAL F 36 30.07 6.87 41.35
N ASP F 37 31.29 6.99 41.90
CA ASP F 37 32.52 6.69 41.16
C ASP F 37 32.59 7.56 39.91
N TYR F 38 32.76 8.87 40.14
CA TYR F 38 32.52 9.85 39.09
C TYR F 38 33.51 9.70 37.94
N GLU F 39 34.72 9.20 38.21
CA GLU F 39 35.69 8.98 37.14
C GLU F 39 35.15 7.97 36.13
N LEU F 40 34.59 6.86 36.63
CA LEU F 40 34.03 5.86 35.74
C LEU F 40 32.84 6.41 34.97
N ALA F 41 32.02 7.23 35.63
CA ALA F 41 30.87 7.83 34.94
C ALA F 41 31.32 8.73 33.80
N ARG F 42 32.33 9.56 34.04
CA ARG F 42 32.84 10.42 32.97
C ARG F 42 33.48 9.61 31.85
N GLU F 43 34.21 8.55 32.20
CA GLU F 43 34.82 7.71 31.17
C GLU F 43 33.74 7.02 30.33
N LEU F 44 32.68 6.54 30.96
CA LEU F 44 31.57 5.94 30.23
C LEU F 44 30.91 6.95 29.31
N TYR F 45 30.69 8.17 29.81
CA TYR F 45 30.09 9.21 28.98
C TYR F 45 31.00 9.55 27.82
N GLN F 46 32.29 9.67 28.07
CA GLN F 46 33.26 10.02 27.03
C GLN F 46 33.72 8.80 26.23
N ASN F 47 33.26 7.59 26.57
CA ASN F 47 33.56 6.38 25.81
C ASN F 47 35.04 6.01 25.89
N LYS F 48 35.63 6.16 27.08
CA LYS F 48 37.07 5.96 27.28
C LYS F 48 37.40 4.66 28.01
N ASN F 49 36.53 4.20 28.90
CA ASN F 49 36.87 3.07 29.75
C ASN F 49 37.04 1.81 28.92
N ALA F 50 38.18 1.14 29.07
CA ALA F 50 38.53 0.03 28.19
C ALA F 50 37.56 -1.13 28.29
N ASN F 51 36.90 -1.29 29.43
CA ASN F 51 35.98 -2.40 29.63
C ASN F 51 34.56 -2.09 29.15
N TYR F 52 34.33 -0.94 28.54
CA TYR F 52 33.01 -0.55 28.07
C TYR F 52 33.01 0.15 26.70
N LYS F 53 34.12 0.14 25.95
CA LYS F 53 34.26 0.98 24.78
C LYS F 53 33.20 0.70 23.73
N LEU F 54 32.93 -0.57 23.45
CA LEU F 54 31.92 -0.95 22.48
C LEU F 54 30.50 -0.82 23.05
N GLY F 55 30.36 -0.96 24.35
CA GLY F 55 29.04 -0.93 24.98
C GLY F 55 28.59 0.45 25.42
N SER F 56 29.53 1.34 25.72
CA SER F 56 29.19 2.65 26.29
C SER F 56 28.80 3.66 25.21
N SER F 57 28.50 3.19 24.00
CA SER F 57 28.02 4.09 22.96
C SER F 57 26.67 4.70 23.33
N PHE F 58 25.89 4.02 24.15
CA PHE F 58 24.53 4.46 24.45
C PHE F 58 24.47 5.55 25.52
N VAL F 59 25.55 5.79 26.26
CA VAL F 59 25.49 6.72 27.37
C VAL F 59 25.26 8.15 26.87
N ARG F 60 26.00 8.55 25.85
CA ARG F 60 25.90 9.93 25.36
C ARG F 60 24.51 10.29 24.86
N PRO F 61 23.88 9.53 23.96
CA PRO F 61 22.54 9.94 23.49
C PRO F 61 21.52 10.00 24.60
N ILE F 62 21.56 9.09 25.57
CA ILE F 62 20.60 9.10 26.66
C ILE F 62 20.73 10.38 27.47
N VAL F 63 21.92 10.61 28.03
CA VAL F 63 22.14 11.74 28.91
C VAL F 63 21.93 13.05 28.17
N ASN F 64 22.46 13.16 26.95
CA ASN F 64 22.37 14.43 26.24
C ASN F 64 20.97 14.71 25.72
N SER F 65 20.23 13.70 25.28
CA SER F 65 18.84 13.94 24.90
C SER F 65 18.02 14.37 26.10
N THR F 66 18.21 13.69 27.24
CA THR F 66 17.45 14.05 28.44
C THR F 66 17.80 15.47 28.89
N THR F 67 19.07 15.85 28.76
CA THR F 67 19.49 17.18 29.21
C THR F 67 19.00 18.26 28.25
N GLY F 68 19.11 18.01 26.94
CA GLY F 68 18.69 19.01 25.98
C GLY F 68 17.19 19.24 26.01
N PHE F 69 16.41 18.17 26.07
CA PHE F 69 14.96 18.33 26.06
C PHE F 69 14.45 18.98 27.34
N MET F 70 15.09 18.71 28.48
CA MET F 70 14.63 19.30 29.73
C MET F 70 15.03 20.77 29.83
N GLY F 71 16.04 21.20 29.08
CA GLY F 71 16.36 22.61 28.98
C GLY F 71 16.86 23.23 30.27
N VAL F 72 16.45 24.46 30.53
CA VAL F 72 16.93 25.23 31.68
C VAL F 72 15.75 25.87 32.39
N PRO F 73 15.89 26.18 33.68
CA PRO F 73 14.77 26.76 34.41
C PRO F 73 14.49 28.19 33.97
N HIS F 74 13.25 28.63 34.20
CA HIS F 74 12.83 30.01 34.04
C HIS F 74 12.42 30.52 35.41
N PHE F 75 13.21 31.44 35.97
CA PHE F 75 12.95 31.96 37.30
C PHE F 75 11.85 33.01 37.23
N GLN F 76 10.76 32.76 37.96
CA GLN F 76 9.58 33.60 37.95
C GLN F 76 9.29 34.03 39.38
N ILE F 77 9.25 35.35 39.60
CA ILE F 77 8.94 35.90 40.91
C ILE F 77 8.19 37.21 40.70
N GLU F 78 7.18 37.45 41.54
CA GLU F 78 6.30 38.58 41.33
C GLU F 78 6.96 39.93 41.63
N ASP F 79 8.01 39.95 42.45
CA ASP F 79 8.72 41.18 42.75
C ASP F 79 9.55 41.56 41.53
N GLU F 80 9.31 42.75 40.99
CA GLU F 80 9.98 43.15 39.75
C GLU F 80 11.49 43.32 39.93
N GLU F 81 11.94 43.79 41.09
CA GLU F 81 13.37 43.90 41.32
C GLU F 81 14.04 42.54 41.41
N ALA F 82 13.43 41.61 42.15
CA ALA F 82 13.94 40.26 42.21
C ALA F 82 13.92 39.62 40.83
N GLN F 83 12.87 39.88 40.06
CA GLN F 83 12.80 39.35 38.69
C GLN F 83 13.94 39.92 37.85
N TYR F 84 14.27 41.20 38.04
CA TYR F 84 15.39 41.78 37.31
C TYR F 84 16.71 41.11 37.70
N ILE F 85 16.90 40.86 38.99
CA ILE F 85 18.13 40.20 39.45
C ILE F 85 18.25 38.82 38.83
N LEU F 86 17.16 38.04 38.86
CA LEU F 86 17.19 36.71 38.27
C LEU F 86 17.34 36.76 36.76
N ASP F 87 16.79 37.80 36.12
CA ASP F 87 16.97 38.00 34.69
C ASP F 87 18.45 38.18 34.35
N GLU F 88 19.13 39.05 35.10
CA GLU F 88 20.55 39.25 34.88
C GLU F 88 21.32 37.96 35.14
N PHE F 89 20.94 37.23 36.19
CA PHE F 89 21.64 36.00 36.52
C PHE F 89 21.52 34.97 35.39
N VAL F 90 20.30 34.76 34.88
CA VAL F 90 20.15 33.78 33.80
C VAL F 90 20.85 34.26 32.54
N LEU F 91 20.79 35.56 32.25
CA LEU F 91 21.50 36.10 31.09
C LEU F 91 22.99 35.81 31.18
N ASP F 92 23.55 35.86 32.38
CA ASP F 92 24.97 35.57 32.55
C ASP F 92 25.26 34.06 32.49
N ASN F 93 24.36 33.22 33.03
CA ASN F 93 24.70 31.85 33.39
C ASN F 93 23.79 30.77 32.84
N THR F 94 23.06 31.00 31.75
CA THR F 94 22.19 29.94 31.22
C THR F 94 22.99 28.72 30.77
N SER F 95 24.17 28.95 30.18
CA SER F 95 25.01 27.82 29.76
C SER F 95 25.41 26.97 30.95
N LYS F 96 25.80 27.61 32.04
CA LYS F 96 26.18 26.87 33.23
C LYS F 96 24.97 26.18 33.86
N MET F 97 23.78 26.78 33.72
CA MET F 97 22.58 26.10 34.20
C MET F 97 22.33 24.81 33.44
N LEU F 98 22.52 24.82 32.12
CA LEU F 98 22.37 23.58 31.35
C LEU F 98 23.48 22.59 31.69
N LYS F 99 24.70 23.09 31.89
CA LYS F 99 25.81 22.21 32.26
C LYS F 99 25.56 21.56 33.61
N THR F 100 24.83 22.24 34.49
CA THR F 100 24.47 21.64 35.77
C THR F 100 23.59 20.41 35.58
N HIS F 101 22.61 20.50 34.69
CA HIS F 101 21.78 19.33 34.39
C HIS F 101 22.63 18.21 33.79
N THR F 102 23.52 18.57 32.87
CA THR F 102 24.37 17.54 32.25
C THR F 102 25.23 16.84 33.31
N ASP F 103 25.85 17.62 34.19
CA ASP F 103 26.70 17.05 35.23
C ASP F 103 25.90 16.18 36.19
N SER F 104 24.70 16.64 36.58
CA SER F 104 23.90 15.85 37.50
C SER F 104 23.47 14.53 36.87
N LEU F 105 23.05 14.55 35.61
CA LEU F 105 22.63 13.31 34.97
C LEU F 105 23.81 12.38 34.75
N LYS F 106 24.98 12.93 34.44
CA LYS F 106 26.13 12.09 34.12
C LYS F 106 26.76 11.51 35.39
N GLN F 107 27.17 12.39 36.30
CA GLN F 107 27.94 12.02 37.48
C GLN F 107 27.08 11.73 38.70
N GLY F 108 25.78 11.90 38.60
CA GLY F 108 24.90 11.74 39.77
C GLY F 108 24.82 12.96 40.64
N ASP F 109 25.96 13.50 41.06
CA ASP F 109 26.02 14.70 41.88
C ASP F 109 26.58 15.87 41.09
N CYS F 110 26.16 17.07 41.47
CA CYS F 110 26.77 18.29 40.98
C CYS F 110 26.57 19.39 42.01
N TYR F 111 27.64 20.11 42.31
CA TYR F 111 27.66 21.13 43.34
C TYR F 111 27.94 22.48 42.69
N ILE F 112 27.13 23.48 43.02
CA ILE F 112 27.27 24.84 42.51
C ILE F 112 27.59 25.75 43.67
N TRP F 113 28.67 26.51 43.56
CA TRP F 113 29.14 27.41 44.60
C TRP F 113 28.97 28.84 44.13
N ILE F 114 28.06 29.57 44.77
CA ILE F 114 27.82 30.98 44.45
C ILE F 114 28.77 31.82 45.27
N THR F 115 29.55 32.68 44.60
CA THR F 115 30.51 33.56 45.25
C THR F 115 30.36 34.96 44.68
N ARG F 116 30.54 35.95 45.55
CA ARG F 116 30.45 37.36 45.19
C ARG F 116 31.85 37.95 45.16
N GLU F 117 32.21 38.54 44.03
CA GLU F 117 33.55 39.06 43.80
C GLU F 117 33.48 40.55 43.49
N GLU F 118 34.25 41.34 44.23
CA GLU F 118 34.39 42.78 43.99
C GLU F 118 35.69 43.11 43.28
N ARG F 119 36.41 42.12 42.77
CA ARG F 119 37.71 42.37 42.15
C ARG F 119 37.54 43.16 40.87
N GLU F 120 38.33 44.22 40.73
CA GLU F 120 38.30 45.05 39.53
C GLU F 120 39.31 44.52 38.52
N ASN F 121 38.89 44.45 37.26
CA ASN F 121 39.79 44.13 36.15
C ASN F 121 39.35 44.95 34.94
N PRO F 122 40.28 45.36 34.07
CA PRO F 122 39.87 46.16 32.91
C PRO F 122 39.00 45.42 31.91
N LEU F 123 38.92 44.09 31.97
CA LEU F 123 38.04 43.37 31.07
C LEU F 123 36.57 43.49 31.44
N TYR F 124 36.27 43.88 32.68
CA TYR F 124 34.90 44.06 33.16
C TYR F 124 34.76 45.44 33.81
N PRO F 125 34.81 46.51 33.02
CA PRO F 125 34.59 47.84 33.58
C PRO F 125 33.14 48.13 33.89
N ASP F 126 32.21 47.39 33.27
CA ASP F 126 30.79 47.58 33.52
C ASP F 126 30.33 47.00 34.85
N LYS F 127 31.02 45.98 35.37
CA LYS F 127 30.57 45.20 36.51
C LYS F 127 31.55 45.39 37.67
N LYS F 128 31.24 46.34 38.55
CA LYS F 128 32.04 46.52 39.76
C LYS F 128 31.95 45.28 40.65
N VAL F 129 30.75 44.73 40.80
CA VAL F 129 30.49 43.58 41.67
C VAL F 129 29.76 42.52 40.86
N ARG F 130 30.15 41.26 41.04
CA ARG F 130 29.64 40.15 40.26
C ARG F 130 29.34 38.96 41.17
N LEU F 131 28.40 38.12 40.73
CA LEU F 131 28.14 36.84 41.35
C LEU F 131 28.58 35.75 40.38
N ILE F 132 29.45 34.85 40.85
CA ILE F 132 30.08 33.84 40.01
C ILE F 132 29.38 32.51 40.25
N TYR F 133 29.09 31.81 39.16
CA TYR F 133 28.43 30.50 39.18
C TYR F 133 29.52 29.45 39.06
N ASN F 134 30.16 29.13 40.18
CA ASN F 134 31.28 28.20 40.18
C ASN F 134 30.78 26.76 40.30
N PHE F 135 31.50 25.84 39.65
CA PHE F 135 31.29 24.41 39.82
C PHE F 135 32.34 23.85 40.75
N ILE F 136 31.89 23.15 41.79
CA ILE F 136 32.75 22.29 42.59
C ILE F 136 32.65 20.90 42.00
N SER F 137 33.78 20.36 41.54
CA SER F 137 33.77 19.01 41.01
C SER F 137 33.40 18.04 42.13
N PRO F 138 32.58 17.02 41.84
CA PRO F 138 32.08 16.17 42.94
C PRO F 138 33.18 15.40 43.66
N GLU F 139 34.35 15.22 43.06
CA GLU F 139 35.47 14.60 43.76
C GLU F 139 36.12 15.54 44.75
N GLU F 140 36.01 16.86 44.56
CA GLU F 140 36.54 17.79 45.53
C GLU F 140 35.84 17.63 46.87
N VAL F 141 34.54 17.35 46.86
CA VAL F 141 33.77 17.24 48.09
C VAL F 141 34.17 15.95 48.78
N LYS F 142 35.07 16.04 49.75
CA LYS F 142 35.54 14.85 50.44
C LYS F 142 34.49 14.31 51.40
N GLU F 143 33.78 15.21 52.09
CA GLU F 143 32.77 14.81 53.04
C GLU F 143 31.76 15.94 53.19
N ILE F 144 30.52 15.58 53.47
CA ILE F 144 29.45 16.53 53.78
C ILE F 144 28.98 16.22 55.19
N ILE F 145 29.07 17.20 56.07
CA ILE F 145 28.57 17.06 57.43
C ILE F 145 27.12 17.49 57.45
N LEU F 146 26.24 16.58 57.88
CA LEU F 146 24.80 16.80 57.87
C LEU F 146 24.30 16.94 59.30
N ASP F 147 23.35 17.84 59.50
CA ASP F 147 22.60 17.88 60.73
C ASP F 147 21.87 16.55 60.87
N PRO F 148 22.05 15.78 61.95
CA PRO F 148 21.41 14.45 62.00
C PRO F 148 19.90 14.49 61.91
N THR F 149 19.26 15.53 62.44
CA THR F 149 17.81 15.59 62.43
C THR F 149 17.27 15.98 61.06
N THR F 150 17.62 17.18 60.59
CA THR F 150 17.07 17.69 59.34
C THR F 150 17.80 17.16 58.11
N LYS F 151 18.97 16.55 58.28
CA LYS F 151 19.80 16.06 57.17
C LYS F 151 20.20 17.19 56.21
N GLU F 152 20.19 18.45 56.68
CA GLU F 152 20.70 19.56 55.89
C GLU F 152 22.21 19.70 56.12
N PRO F 153 22.96 20.18 55.14
CA PRO F 153 24.41 20.29 55.34
C PRO F 153 24.77 21.39 56.32
N ILE F 154 25.76 21.11 57.16
CA ILE F 154 26.33 22.10 58.07
C ILE F 154 27.81 22.32 57.83
N ALA F 155 28.46 21.55 56.97
CA ALA F 155 29.84 21.80 56.59
C ALA F 155 30.17 20.99 55.35
N TYR F 156 30.93 21.61 54.44
CA TYR F 156 31.43 20.96 53.24
C TYR F 156 32.95 20.85 53.35
N ILE F 157 33.47 19.64 53.15
CA ILE F 157 34.90 19.37 53.22
C ILE F 157 35.40 19.26 51.79
N LEU F 158 35.93 20.36 51.25
CA LEU F 158 36.49 20.39 49.91
C LEU F 158 37.99 20.17 49.99
N GLU F 159 38.53 19.36 49.09
CA GLU F 159 39.95 19.09 49.03
C GLU F 159 40.36 18.79 47.60
N SER F 160 41.53 19.29 47.20
CA SER F 160 41.99 19.13 45.83
C SER F 160 43.51 19.25 45.80
N GLN F 161 44.12 18.57 44.83
CA GLN F 161 45.55 18.64 44.58
C GLN F 161 45.79 19.61 43.43
N ASN F 162 46.39 20.76 43.73
CA ASN F 162 46.59 21.83 42.76
C ASN F 162 48.03 21.78 42.26
N GLU F 163 48.20 21.23 41.06
CA GLU F 163 49.47 21.27 40.34
C GLU F 163 49.36 22.34 39.26
N TRP F 164 50.24 23.34 39.34
CA TRP F 164 50.18 24.50 38.47
C TRP F 164 51.59 25.00 38.19
N THR F 165 51.80 25.50 36.97
CA THR F 165 53.10 26.08 36.61
C THR F 165 53.11 27.57 36.93
N ASP F 166 54.22 28.04 37.48
CA ASP F 166 54.37 29.47 37.73
C ASP F 166 54.56 30.21 36.41
N LEU F 167 54.21 31.50 36.42
CA LEU F 167 54.42 32.32 35.22
C LEU F 167 55.90 32.42 34.85
N GLY F 168 56.80 32.21 35.80
CA GLY F 168 58.20 32.00 35.48
C GLY F 168 58.42 30.58 35.01
N GLU F 169 59.57 30.00 35.36
CA GLU F 169 59.92 28.64 34.95
C GLU F 169 59.59 27.59 36.00
N ASN F 170 59.09 27.98 37.17
CA ASN F 170 58.99 27.07 38.29
C ASN F 170 57.69 26.27 38.26
N LYS F 171 57.82 24.95 38.39
CA LYS F 171 56.66 24.12 38.67
C LYS F 171 56.23 24.31 40.12
N ARG F 172 54.93 24.25 40.37
CA ARG F 172 54.37 24.43 41.71
C ARG F 172 53.34 23.34 41.97
N LYS F 173 53.27 22.90 43.23
CA LYS F 173 52.33 21.87 43.65
C LYS F 173 51.81 22.24 45.03
N ALA F 174 50.51 22.08 45.24
CA ALA F 174 49.90 22.46 46.50
C ALA F 174 48.63 21.64 46.71
N LYS F 175 48.50 21.07 47.90
CA LYS F 175 47.28 20.35 48.31
C LYS F 175 46.47 21.28 49.19
N VAL F 176 45.33 21.75 48.68
CA VAL F 176 44.49 22.72 49.37
C VAL F 176 43.20 22.03 49.78
N LYS F 177 42.87 22.15 51.07
CA LYS F 177 41.59 21.69 51.60
C LYS F 177 40.94 22.84 52.35
N GLN F 178 39.61 22.81 52.39
CA GLN F 178 38.86 23.89 53.02
C GLN F 178 37.56 23.35 53.58
N ILE F 179 37.05 24.04 54.60
CA ILE F 179 35.91 23.60 55.38
C ILE F 179 34.86 24.71 55.28
N ILE F 180 33.96 24.60 54.31
CA ILE F 180 32.93 25.61 54.12
C ILE F 180 31.77 25.31 55.05
N THR F 181 31.60 26.14 56.08
CA THR F 181 30.53 25.99 57.06
C THR F 181 29.63 27.22 57.00
N ALA F 182 28.56 27.18 57.80
CA ALA F 182 27.64 28.30 57.85
C ALA F 182 28.23 29.50 58.58
N GLU F 183 28.97 29.28 59.65
CA GLU F 183 29.56 30.38 60.40
C GLU F 183 30.73 31.00 59.65
N SER F 184 31.56 30.17 59.02
CA SER F 184 32.79 30.64 58.41
C SER F 184 33.28 29.58 57.43
N ARG F 185 34.30 29.94 56.66
CA ARG F 185 35.03 28.99 55.83
C ARG F 185 36.50 29.00 56.24
N PHE F 186 37.01 27.83 56.56
CA PHE F 186 38.40 27.64 56.96
C PHE F 186 39.13 26.92 55.83
N VAL F 187 40.28 27.45 55.43
CA VAL F 187 41.07 26.92 54.32
C VAL F 187 42.52 26.80 54.76
N GLU F 188 43.10 25.62 54.51
CA GLU F 188 44.50 25.35 54.78
C GLU F 188 45.09 24.62 53.59
N VAL F 189 46.33 24.99 53.23
CA VAL F 189 46.98 24.50 52.03
C VAL F 189 48.38 24.02 52.38
N GLU F 190 48.76 22.86 51.84
CA GLU F 190 50.12 22.36 51.92
C GLU F 190 50.88 22.72 50.66
N GLY F 191 52.20 22.73 50.76
CA GLY F 191 53.03 22.95 49.60
C GLY F 191 53.18 24.40 49.20
N ASP F 192 53.21 24.65 47.89
CA ASP F 192 53.50 25.98 47.38
C ASP F 192 52.41 26.98 47.77
N LYS F 193 52.81 28.21 48.02
CA LYS F 193 51.88 29.26 48.39
C LYS F 193 50.97 29.61 47.22
N ILE F 194 49.66 29.53 47.45
CA ILE F 194 48.69 29.97 46.44
C ILE F 194 48.60 31.48 46.49
N GLU F 195 48.69 32.12 45.33
CA GLU F 195 48.75 33.59 45.28
C GLU F 195 47.46 34.22 45.78
N GLY F 196 46.31 33.68 45.41
CA GLY F 196 45.03 34.29 45.67
C GLY F 196 44.27 33.81 46.90
N LEU F 197 44.82 32.84 47.64
CA LEU F 197 44.15 32.26 48.80
C LEU F 197 44.81 32.72 50.08
N GLU F 198 44.00 32.97 51.10
CA GLU F 198 44.45 33.30 52.45
C GLU F 198 44.11 32.14 53.37
N GLU F 199 45.13 31.56 54.00
CA GLU F 199 44.88 30.45 54.91
C GLU F 199 44.13 30.93 56.15
N GLY F 200 43.53 29.97 56.84
CA GLY F 200 42.86 30.25 58.10
C GLY F 200 41.39 30.55 57.93
N GLU F 201 40.74 30.71 59.08
CA GLU F 201 39.31 30.95 59.14
C GLU F 201 38.99 32.36 58.66
N THR F 202 37.85 32.50 57.98
CA THR F 202 37.31 33.80 57.60
C THR F 202 35.78 33.71 57.66
N PRO F 203 35.09 34.66 58.29
CA PRO F 203 33.65 34.50 58.46
C PRO F 203 32.88 34.64 57.15
N ASN F 204 31.71 34.01 57.10
CA ASN F 204 30.82 34.17 55.96
C ASN F 204 30.04 35.46 56.10
N VAL F 205 29.94 36.22 55.01
CA VAL F 205 29.09 37.39 55.01
C VAL F 205 27.62 37.05 55.19
N TRP F 206 27.22 35.82 54.87
CA TRP F 206 25.86 35.35 55.05
C TRP F 206 25.88 34.09 55.90
N GLY F 207 24.82 33.88 56.67
CA GLY F 207 24.78 32.76 57.59
C GLY F 207 24.23 31.49 57.00
N PHE F 208 24.60 31.18 55.76
CA PHE F 208 24.28 29.90 55.16
C PHE F 208 25.43 29.49 54.25
N ILE F 209 25.55 28.19 54.03
CA ILE F 209 26.57 27.67 53.12
C ILE F 209 26.12 27.98 51.70
N PRO F 210 26.89 28.76 50.91
CA PRO F 210 26.40 29.09 49.57
C PRO F 210 26.73 28.02 48.54
N ILE F 211 26.33 26.78 48.82
CA ILE F 211 26.55 25.65 47.92
C ILE F 211 25.21 24.94 47.73
N ILE F 212 24.86 24.68 46.47
CA ILE F 212 23.64 23.97 46.10
C ILE F 212 24.04 22.58 45.65
N HIS F 213 23.47 21.57 46.28
CA HIS F 213 23.76 20.17 45.96
C HIS F 213 22.69 19.67 45.01
N PHE F 214 22.97 19.74 43.71
CA PHE F 214 22.08 19.13 42.72
C PHE F 214 22.25 17.63 42.75
N LYS F 215 21.14 16.91 42.79
CA LYS F 215 21.13 15.48 43.11
C LYS F 215 20.19 14.78 42.13
N ASN F 216 20.77 14.11 41.14
CA ASN F 216 19.98 13.37 40.18
C ASN F 216 19.43 12.09 40.80
N GLU F 217 18.15 11.83 40.57
CA GLU F 217 17.46 10.66 41.12
C GLU F 217 17.62 10.62 42.63
N ALA F 218 17.31 11.73 43.29
CA ALA F 218 17.45 11.83 44.73
C ALA F 218 16.58 10.79 45.42
N ASP F 219 17.17 10.09 46.37
CA ASP F 219 16.50 9.03 47.13
C ASP F 219 16.67 9.33 48.61
N GLU F 220 15.62 9.09 49.39
CA GLU F 220 15.67 9.38 50.82
C GLU F 220 16.72 8.55 51.53
N THR F 221 16.96 7.32 51.07
CA THR F 221 17.90 6.42 51.71
C THR F 221 19.35 6.69 51.32
N LEU F 222 19.59 7.50 50.29
CA LEU F 222 20.94 7.78 49.79
C LEU F 222 21.34 9.20 50.17
N LYS F 223 22.54 9.33 50.75
CA LYS F 223 23.08 10.66 51.04
C LYS F 223 23.37 11.41 49.75
N TYR F 224 23.98 10.75 48.77
CA TYR F 224 24.38 11.35 47.52
C TYR F 224 23.46 10.91 46.39
N GLY F 225 23.56 11.62 45.28
CA GLY F 225 22.77 11.31 44.10
C GLY F 225 23.33 10.11 43.36
N GLN F 226 22.62 9.73 42.31
CA GLN F 226 22.97 8.57 41.49
C GLN F 226 22.74 8.89 40.03
N SER F 227 23.68 8.48 39.20
CA SER F 227 23.67 8.83 37.78
C SER F 227 22.60 8.06 37.03
N ASP F 228 22.25 8.57 35.85
CA ASP F 228 21.44 7.80 34.91
C ASP F 228 22.20 6.67 34.26
N ILE F 229 23.53 6.62 34.43
CA ILE F 229 24.32 5.53 33.86
C ILE F 229 24.25 4.30 34.75
N GLU F 230 24.02 4.47 36.05
CA GLU F 230 24.01 3.32 36.95
C GLU F 230 22.97 2.26 36.59
N PRO F 231 21.72 2.61 36.27
CA PRO F 231 20.78 1.56 35.84
C PRO F 231 21.24 0.79 34.62
N ILE F 232 21.89 1.44 33.66
CA ILE F 232 22.26 0.78 32.40
C ILE F 232 23.64 0.15 32.44
N GLU F 233 24.45 0.45 33.45
CA GLU F 233 25.86 0.04 33.46
C GLU F 233 26.07 -1.46 33.29
N PRO F 234 25.39 -2.35 34.02
CA PRO F 234 25.55 -3.78 33.71
C PRO F 234 25.16 -4.14 32.30
N LEU F 235 24.12 -3.51 31.74
CA LEU F 235 23.76 -3.77 30.36
C LEU F 235 24.82 -3.25 29.40
N LEU F 236 25.43 -2.10 29.69
CA LEU F 236 26.54 -1.63 28.87
C LEU F 236 27.69 -2.61 28.91
N LYS F 237 28.01 -3.14 30.09
CA LYS F 237 29.09 -4.11 30.19
C LYS F 237 28.78 -5.37 29.40
N ALA F 238 27.55 -5.86 29.50
CA ALA F 238 27.17 -7.06 28.75
C ALA F 238 27.21 -6.81 27.25
N TYR F 239 26.76 -5.63 26.81
CA TYR F 239 26.81 -5.29 25.40
C TYR F 239 28.25 -5.23 24.91
N HIS F 240 29.14 -4.61 25.70
CA HIS F 240 30.55 -4.56 25.33
C HIS F 240 31.14 -5.97 25.24
N ASP F 241 30.83 -6.82 26.21
CA ASP F 241 31.37 -8.18 26.19
C ASP F 241 30.90 -8.93 24.95
N VAL F 242 29.61 -8.85 24.64
CA VAL F 242 29.08 -9.56 23.49
C VAL F 242 29.70 -9.03 22.20
N MET F 243 29.78 -7.70 22.07
CA MET F 243 30.33 -7.12 20.85
C MET F 243 31.80 -7.47 20.68
N LEU F 244 32.58 -7.41 21.76
CA LEU F 244 33.99 -7.72 21.68
C LEU F 244 34.22 -9.19 21.35
N HIS F 245 33.43 -10.08 21.95
CA HIS F 245 33.54 -11.49 21.63
C HIS F 245 33.18 -11.73 20.17
N ALA F 246 32.15 -11.06 19.68
CA ALA F 246 31.78 -11.19 18.27
C ALA F 246 32.90 -10.70 17.35
N LEU F 247 33.50 -9.56 17.69
CA LEU F 247 34.56 -9.01 16.85
C LEU F 247 35.77 -9.94 16.82
N LYS F 248 36.15 -10.47 17.99
CA LYS F 248 37.30 -11.38 18.04
C LYS F 248 37.01 -12.66 17.27
N GLY F 249 35.80 -13.21 17.45
CA GLY F 249 35.45 -14.41 16.72
C GLY F 249 35.44 -14.21 15.21
N SER F 250 34.93 -13.07 14.77
CA SER F 250 34.94 -12.77 13.34
C SER F 250 36.36 -12.58 12.82
N LYS F 251 37.21 -11.91 13.60
CA LYS F 251 38.60 -11.74 13.18
C LYS F 251 39.28 -13.09 13.03
N MET F 252 39.01 -14.02 13.96
CA MET F 252 39.68 -15.31 13.91
C MET F 252 39.14 -16.18 12.78
N HIS F 253 37.82 -16.15 12.54
CA HIS F 253 37.16 -17.20 11.77
C HIS F 253 36.31 -16.72 10.60
N SER F 254 36.10 -15.42 10.40
CA SER F 254 35.27 -14.99 9.28
C SER F 254 35.92 -15.33 7.95
N THR F 255 37.21 -15.05 7.81
CA THR F 255 37.91 -15.34 6.58
C THR F 255 38.10 -16.85 6.45
N PRO F 256 37.64 -17.50 5.39
CA PRO F 256 37.83 -18.96 5.30
C PRO F 256 39.31 -19.31 5.16
N LYS F 257 39.66 -20.46 5.73
CA LYS F 257 41.04 -20.92 5.78
C LYS F 257 41.24 -21.97 4.69
N LEU F 258 42.13 -21.68 3.74
CA LEU F 258 42.41 -22.64 2.69
C LEU F 258 43.12 -23.86 3.27
N LYS F 259 42.63 -25.04 2.94
CA LYS F 259 43.12 -26.30 3.46
C LYS F 259 43.62 -27.13 2.29
N LEU F 260 44.89 -27.51 2.33
CA LEU F 260 45.52 -28.34 1.31
C LEU F 260 45.93 -29.66 1.94
N LYS F 261 45.41 -30.76 1.41
CA LYS F 261 45.80 -32.10 1.82
C LYS F 261 46.78 -32.62 0.79
N LEU F 262 48.06 -32.63 1.15
CA LEU F 262 49.16 -32.80 0.21
C LEU F 262 49.86 -34.13 0.44
N THR F 263 50.61 -34.57 -0.57
CA THR F 263 51.43 -35.78 -0.42
C THR F 263 52.68 -35.48 0.41
N ASP F 264 53.26 -34.29 0.23
CA ASP F 264 54.46 -33.89 0.97
C ASP F 264 54.34 -32.40 1.23
N VAL F 265 54.03 -32.03 2.48
CA VAL F 265 53.76 -30.64 2.82
C VAL F 265 55.03 -29.81 2.72
N ALA F 266 56.12 -30.30 3.31
CA ALA F 266 57.37 -29.52 3.32
C ALA F 266 57.92 -29.33 1.92
N SER F 267 57.86 -30.36 1.08
CA SER F 267 58.31 -30.22 -0.30
C SER F 267 57.46 -29.20 -1.05
N PHE F 268 56.15 -29.22 -0.81
CA PHE F 268 55.27 -28.22 -1.43
C PHE F 268 55.66 -26.81 -1.02
N LEU F 269 55.88 -26.60 0.28
CA LEU F 269 56.25 -25.28 0.76
C LEU F 269 57.56 -24.83 0.15
N ALA F 270 58.56 -25.71 0.13
CA ALA F 270 59.87 -25.35 -0.41
C ALA F 270 59.78 -25.03 -1.91
N HIS F 271 59.02 -25.81 -2.66
CA HIS F 271 58.94 -25.60 -4.10
C HIS F 271 58.16 -24.34 -4.43
N ASN F 272 57.00 -24.13 -3.79
CA ASN F 272 56.14 -23.03 -4.18
C ASN F 272 56.58 -21.72 -3.51
N PHE F 273 56.61 -21.69 -2.18
CA PHE F 273 56.81 -20.45 -1.45
C PHE F 273 58.25 -20.26 -0.98
N GLY F 274 59.17 -21.13 -1.36
CA GLY F 274 60.55 -20.97 -0.97
C GLY F 274 60.79 -21.11 0.51
N VAL F 275 59.89 -21.76 1.24
CA VAL F 275 60.03 -21.92 2.68
C VAL F 275 60.81 -23.20 2.94
N GLU F 276 62.14 -23.09 2.96
CA GLU F 276 62.99 -24.26 3.15
C GLU F 276 62.91 -24.81 4.56
N ASP F 277 62.55 -23.98 5.54
CA ASP F 277 62.49 -24.39 6.95
C ASP F 277 61.12 -23.97 7.49
N PRO F 278 60.07 -24.78 7.29
CA PRO F 278 58.75 -24.36 7.74
C PRO F 278 58.63 -24.14 9.24
N VAL F 279 59.37 -24.89 10.06
CA VAL F 279 59.31 -24.67 11.50
C VAL F 279 59.85 -23.29 11.85
N LYS F 280 61.01 -22.93 11.29
CA LYS F 280 61.57 -21.62 11.52
C LYS F 280 60.68 -20.52 10.94
N PHE F 281 60.08 -20.80 9.78
CA PHE F 281 59.17 -19.83 9.16
C PHE F 281 57.98 -19.54 10.06
N ALA F 282 57.37 -20.59 10.60
CA ALA F 282 56.22 -20.40 11.49
C ALA F 282 56.64 -19.72 12.79
N LYS F 283 57.81 -20.09 13.32
CA LYS F 283 58.25 -19.51 14.58
C LYS F 283 58.47 -18.00 14.46
N GLU F 284 59.06 -17.57 13.34
CA GLU F 284 59.38 -16.16 13.14
C GLU F 284 58.20 -15.35 12.63
N GLY F 285 57.00 -15.94 12.55
CA GLY F 285 55.83 -15.20 12.13
C GLY F 285 55.80 -14.86 10.65
N GLY F 286 56.51 -15.62 9.83
CA GLY F 286 56.48 -15.36 8.40
C GLY F 286 55.10 -15.60 7.83
N LYS F 287 54.77 -14.80 6.81
CA LYS F 287 53.48 -14.84 6.14
C LYS F 287 53.67 -15.22 4.69
N ILE F 288 52.94 -16.25 4.24
CA ILE F 288 52.94 -16.59 2.83
C ILE F 288 52.11 -15.58 2.06
N ASN F 289 52.64 -15.13 0.93
CA ASN F 289 52.04 -14.04 0.16
C ASN F 289 51.17 -14.61 -0.95
N LEU F 290 49.95 -14.09 -1.05
CA LEU F 290 48.98 -14.50 -2.06
C LEU F 290 48.41 -13.28 -2.75
N ASP F 291 48.06 -13.44 -4.03
CA ASP F 291 47.46 -12.37 -4.82
C ASP F 291 45.96 -12.54 -5.01
N GLY F 292 45.44 -13.77 -4.93
CA GLY F 292 44.03 -14.05 -5.06
C GLY F 292 43.65 -14.75 -6.35
N HIS F 293 44.48 -14.62 -7.39
CA HIS F 293 44.24 -15.24 -8.69
C HIS F 293 45.06 -16.51 -8.89
N GLU F 294 45.28 -17.29 -7.84
CA GLU F 294 46.08 -18.50 -7.95
C GLU F 294 45.31 -19.60 -8.68
N ILE F 295 46.05 -20.57 -9.20
CA ILE F 295 45.50 -21.78 -9.80
C ILE F 295 46.27 -22.95 -9.23
N LEU F 296 45.54 -24.00 -8.82
CA LEU F 296 46.10 -25.12 -8.10
C LEU F 296 46.29 -26.31 -9.04
N PHE F 297 47.53 -26.78 -9.14
CA PHE F 297 47.87 -28.01 -9.85
C PHE F 297 48.26 -29.05 -8.81
N LEU F 298 47.58 -30.19 -8.81
CA LEU F 298 47.72 -31.17 -7.75
C LEU F 298 47.75 -32.57 -8.34
N ASN F 299 48.23 -33.52 -7.55
CA ASN F 299 48.21 -34.91 -7.95
C ASN F 299 46.80 -35.47 -7.78
N LYS F 300 46.64 -36.75 -8.16
CA LYS F 300 45.35 -37.40 -7.99
C LYS F 300 44.96 -37.50 -6.52
N ASP F 301 45.92 -37.85 -5.66
CA ASP F 301 45.63 -38.08 -4.25
C ASP F 301 45.43 -36.79 -3.47
N GLU F 302 46.10 -35.71 -3.88
CA GLU F 302 46.06 -34.46 -3.13
C GLU F 302 44.70 -33.79 -3.30
N GLU F 303 44.28 -33.08 -2.25
CA GLU F 303 42.97 -32.45 -2.20
C GLU F 303 43.13 -31.04 -1.63
N ALA F 304 42.29 -30.12 -2.10
CA ALA F 304 42.27 -28.75 -1.62
C ALA F 304 40.82 -28.34 -1.37
N GLU F 305 40.59 -27.66 -0.26
CA GLU F 305 39.25 -27.28 0.16
C GLU F 305 39.34 -26.06 1.06
N PHE F 306 38.27 -25.29 1.09
CA PHE F 306 38.14 -24.15 2.00
C PHE F 306 37.45 -24.59 3.28
N VAL F 307 38.11 -24.38 4.41
CA VAL F 307 37.50 -24.59 5.72
C VAL F 307 36.81 -23.29 6.11
N GLU F 308 35.47 -23.30 6.13
CA GLU F 308 34.68 -22.09 6.20
C GLU F 308 33.60 -22.24 7.27
N VAL F 309 33.26 -21.11 7.90
CA VAL F 309 32.19 -21.05 8.89
C VAL F 309 30.90 -20.59 8.22
N LYS F 310 29.78 -21.16 8.67
CA LYS F 310 28.49 -20.63 8.27
C LYS F 310 28.23 -19.27 8.89
N SER F 311 28.65 -19.07 10.13
CA SER F 311 28.53 -17.77 10.78
C SER F 311 29.50 -17.72 11.96
N ALA F 312 30.49 -16.84 11.86
CA ALA F 312 31.45 -16.67 12.95
C ALA F 312 30.85 -15.93 14.14
N ILE F 313 29.73 -15.23 13.95
CA ILE F 313 29.08 -14.50 15.02
C ILE F 313 27.95 -15.30 15.65
N GLY F 314 27.27 -16.15 14.88
CA GLY F 314 26.17 -16.91 15.43
C GLY F 314 25.03 -16.01 15.84
N ASP F 315 24.53 -16.24 17.05
CA ASP F 315 23.37 -15.52 17.57
C ASP F 315 23.74 -14.32 18.41
N ALA F 316 24.95 -13.78 18.26
CA ALA F 316 25.31 -12.59 19.03
C ALA F 316 24.50 -11.38 18.59
N LYS F 317 24.06 -11.34 17.33
CA LYS F 317 23.27 -10.21 16.86
C LYS F 317 21.94 -10.14 17.60
N GLU F 318 21.28 -11.27 17.80
CA GLU F 318 20.04 -11.30 18.56
C GLU F 318 20.26 -10.87 20.00
N LEU F 319 21.36 -11.31 20.61
CA LEU F 319 21.65 -10.92 21.98
C LEU F 319 21.91 -9.42 22.08
N LEU F 320 22.63 -8.86 21.11
CA LEU F 320 22.86 -7.42 21.12
C LEU F 320 21.56 -6.66 20.93
N LYS F 321 20.66 -7.18 20.09
CA LYS F 321 19.35 -6.56 19.93
C LYS F 321 18.57 -6.58 21.24
N LEU F 322 18.60 -7.71 21.95
CA LEU F 322 17.89 -7.80 23.22
C LEU F 322 18.50 -6.87 24.26
N LEU F 323 19.82 -6.77 24.30
CA LEU F 323 20.47 -5.86 25.23
C LEU F 323 20.17 -4.40 24.88
N PHE F 324 20.07 -4.10 23.58
CA PHE F 324 19.67 -2.76 23.16
C PHE F 324 18.26 -2.44 23.64
N TYR F 325 17.35 -3.41 23.50
CA TYR F 325 16.00 -3.22 24.02
C TYR F 325 16.00 -2.98 25.52
N CYS F 326 16.81 -3.75 26.25
CA CYS F 326 16.88 -3.57 27.70
C CYS F 326 17.44 -2.19 28.06
N ILE F 327 18.46 -1.74 27.33
CA ILE F 327 19.04 -0.43 27.59
C ILE F 327 18.01 0.67 27.33
N VAL F 328 17.27 0.54 26.22
CA VAL F 328 16.25 1.54 25.92
C VAL F 328 15.15 1.54 26.96
N ASP F 329 14.77 0.35 27.44
CA ASP F 329 13.75 0.27 28.49
C ASP F 329 14.23 0.94 29.77
N VAL F 330 15.45 0.62 30.20
CA VAL F 330 15.96 1.13 31.47
C VAL F 330 16.04 2.65 31.44
N SER F 331 16.66 3.20 30.41
CA SER F 331 16.81 4.64 30.29
C SER F 331 15.50 5.34 29.97
N GLU F 332 14.49 4.61 29.51
CA GLU F 332 13.19 5.18 29.15
C GLU F 332 13.30 6.19 28.02
N THR F 333 14.33 6.08 27.20
CA THR F 333 14.52 7.01 26.10
C THR F 333 13.50 6.71 25.00
N PRO F 334 12.89 7.72 24.37
CA PRO F 334 12.05 7.42 23.21
C PRO F 334 12.88 6.83 22.08
N GLU F 335 12.21 6.05 21.24
CA GLU F 335 12.92 5.31 20.20
C GLU F 335 13.49 6.21 19.12
N PHE F 336 12.96 7.42 18.93
CA PHE F 336 13.52 8.27 17.88
C PHE F 336 14.91 8.77 18.23
N ILE F 337 15.28 8.74 19.52
CA ILE F 337 16.66 9.02 19.89
C ILE F 337 17.59 7.94 19.37
N PHE F 338 17.10 6.70 19.24
CA PHE F 338 17.83 5.59 18.68
C PHE F 338 17.21 5.13 17.36
N GLY F 339 16.84 6.08 16.51
CA GLY F 339 16.14 5.75 15.29
C GLY F 339 16.98 4.99 14.28
N VAL F 340 18.31 5.06 14.39
CA VAL F 340 19.15 4.31 13.47
C VAL F 340 18.97 2.81 13.67
N HIS F 341 18.75 2.38 14.91
CA HIS F 341 18.45 0.98 15.17
C HIS F 341 17.07 0.61 14.65
N THR F 342 16.07 1.44 14.93
CA THR F 342 14.68 1.21 14.55
C THR F 342 14.24 2.34 13.63
N PRO F 343 14.33 2.14 12.30
CA PRO F 343 13.92 3.22 11.39
C PRO F 343 12.45 3.60 11.49
N SER F 344 11.62 2.77 12.11
CA SER F 344 10.20 3.11 12.25
C SER F 344 10.01 4.37 13.08
N ALA F 345 10.83 4.56 14.11
CA ALA F 345 10.67 5.72 14.98
C ALA F 345 10.92 7.03 14.25
N LEU F 346 11.79 7.02 13.24
CA LEU F 346 12.14 8.25 12.53
C LEU F 346 10.97 8.82 11.75
N ALA F 347 9.91 8.05 11.48
CA ALA F 347 8.81 8.53 10.67
C ALA F 347 7.75 9.28 11.47
N SER F 348 7.71 9.10 12.78
CA SER F 348 6.61 9.62 13.61
C SER F 348 7.15 10.24 14.89
N VAL F 349 8.15 11.12 14.76
CA VAL F 349 8.75 11.75 15.93
C VAL F 349 7.72 12.57 16.70
N LYS F 350 6.88 13.33 15.99
CA LYS F 350 5.85 14.10 16.66
C LYS F 350 4.85 13.20 17.36
N GLU F 351 4.63 11.99 16.83
CA GLU F 351 3.80 11.01 17.53
C GLU F 351 4.51 10.50 18.78
N GLN F 352 5.84 10.45 18.74
CA GLN F 352 6.64 9.98 19.87
C GLN F 352 6.76 11.02 20.98
N MET F 353 6.59 12.30 20.66
CA MET F 353 6.94 13.35 21.60
C MET F 353 6.19 13.32 22.95
N PRO F 354 4.95 12.81 23.06
CA PRO F 354 4.35 12.72 24.41
C PRO F 354 5.14 11.88 25.39
N ILE F 355 5.79 10.80 24.94
CA ILE F 355 6.60 10.00 25.85
C ILE F 355 7.78 10.82 26.37
N MET F 356 8.42 11.58 25.49
CA MET F 356 9.50 12.47 25.91
C MET F 356 8.98 13.51 26.90
N VAL F 357 7.78 14.04 26.63
CA VAL F 357 7.20 15.04 27.53
C VAL F 357 6.98 14.43 28.91
N ASN F 358 6.49 13.20 28.96
CA ASN F 358 6.29 12.52 30.24
C ASN F 358 7.61 12.32 30.97
N LYS F 359 8.64 11.86 30.25
CA LYS F 359 9.95 11.65 30.87
C LYS F 359 10.51 12.95 31.43
N ILE F 360 10.42 14.03 30.66
CA ILE F 360 10.95 15.31 31.10
C ILE F 360 10.13 15.87 32.25
N ARG F 361 8.82 15.66 32.24
CA ARG F 361 7.98 16.06 33.37
C ARG F 361 8.46 15.40 34.65
N ARG F 362 8.70 14.10 34.60
CA ARG F 362 9.18 13.40 35.78
C ARG F 362 10.56 13.88 36.19
N LYS F 363 11.43 14.13 35.20
CA LYS F 363 12.83 14.44 35.51
C LYS F 363 12.98 15.85 36.06
N ARG F 364 12.19 16.80 35.59
CA ARG F 364 12.38 18.19 35.99
C ARG F 364 12.11 18.40 37.48
N GLU F 365 11.23 17.60 38.07
CA GLU F 365 10.90 17.77 39.48
C GLU F 365 12.08 17.46 40.39
N GLN F 366 13.04 16.67 39.92
CA GLN F 366 14.21 16.37 40.75
C GLN F 366 15.05 17.61 41.00
N PHE F 367 15.19 18.47 39.99
CA PHE F 367 16.07 19.61 40.07
C PHE F 367 15.38 20.92 40.41
N THR F 368 14.05 20.98 40.29
CA THR F 368 13.37 22.27 40.43
C THR F 368 13.52 22.83 41.84
N ASN F 369 13.49 21.97 42.86
CA ASN F 369 13.68 22.45 44.22
C ASN F 369 15.07 23.04 44.40
N SER F 370 16.08 22.40 43.82
CA SER F 370 17.44 22.92 43.88
C SER F 370 17.53 24.28 43.19
N TRP F 371 16.82 24.45 42.07
CA TRP F 371 16.85 25.74 41.39
C TRP F 371 16.13 26.80 42.21
N GLN F 372 15.05 26.43 42.90
CA GLN F 372 14.41 27.37 43.80
C GLN F 372 15.37 27.81 44.90
N LEU F 373 16.11 26.86 45.46
CA LEU F 373 17.10 27.19 46.49
C LEU F 373 18.18 28.11 45.93
N LEU F 374 18.65 27.83 44.71
CA LEU F 374 19.69 28.63 44.09
C LEU F 374 19.21 30.06 43.86
N ALA F 375 17.99 30.20 43.34
CA ALA F 375 17.45 31.55 43.11
C ALA F 375 17.25 32.28 44.42
N ARG F 376 16.79 31.58 45.46
CA ARG F 376 16.63 32.19 46.78
C ARG F 376 17.97 32.70 47.30
N MET F 377 19.02 31.90 47.16
CA MET F 377 20.34 32.32 47.60
C MET F 377 20.83 33.51 46.80
N VAL F 378 20.62 33.49 45.49
CA VAL F 378 21.07 34.59 44.63
C VAL F 378 20.38 35.89 45.03
N LEU F 379 19.07 35.82 45.30
CA LEU F 379 18.35 37.01 45.75
C LEU F 379 18.88 37.47 47.11
N ILE F 380 19.14 36.53 48.02
CA ILE F 380 19.64 36.90 49.33
C ILE F 380 21.06 37.46 49.22
N MET F 381 21.88 36.90 48.33
CA MET F 381 23.26 37.33 48.18
C MET F 381 23.41 38.66 47.45
N SER F 382 22.33 39.27 46.98
CA SER F 382 22.39 40.56 46.32
C SER F 382 21.21 41.43 46.73
N LYS F 389 15.65 42.80 51.43
CA LYS F 389 15.14 44.00 50.76
C LYS F 389 13.91 43.68 49.93
N TYR F 390 13.90 42.51 49.30
CA TYR F 390 12.82 42.14 48.41
C TYR F 390 11.62 41.64 49.20
N SER F 391 10.43 41.91 48.67
CA SER F 391 9.18 41.55 49.34
C SER F 391 8.88 40.06 49.26
N SER F 392 9.57 39.31 48.41
CA SER F 392 9.34 37.87 48.30
C SER F 392 10.63 37.21 47.84
N TYR F 393 10.82 35.96 48.26
CA TYR F 393 11.98 35.16 47.89
C TYR F 393 11.61 33.83 47.24
N ASP F 394 10.36 33.38 47.36
CA ASP F 394 9.94 32.13 46.74
C ASP F 394 9.87 32.34 45.24
N VAL F 395 10.64 31.54 44.49
CA VAL F 395 10.71 31.64 43.04
C VAL F 395 10.03 30.41 42.45
N THR F 396 9.21 30.63 41.43
CA THR F 396 8.57 29.54 40.70
C THR F 396 9.38 29.26 39.43
N ILE F 397 9.62 27.99 39.17
CA ILE F 397 10.50 27.55 38.09
C ILE F 397 9.66 27.18 36.88
N GLY F 398 9.73 28.00 35.83
CA GLY F 398 9.25 27.60 34.52
C GLY F 398 10.30 26.78 33.80
N TRP F 399 9.91 26.26 32.64
CA TRP F 399 10.79 25.39 31.86
C TRP F 399 10.55 25.58 30.38
N ASP F 400 11.54 25.16 29.60
CA ASP F 400 11.42 25.19 28.15
C ASP F 400 10.32 24.25 27.68
N GLU F 401 9.80 24.51 26.49
CA GLU F 401 8.80 23.64 25.90
C GLU F 401 9.46 22.39 25.33
N VAL F 402 9.07 21.22 25.84
CA VAL F 402 9.57 19.97 25.26
C VAL F 402 8.97 19.75 23.89
N ASN F 403 7.66 19.97 23.75
CA ASN F 403 6.93 19.86 22.49
C ASN F 403 6.35 21.24 22.21
N PRO F 404 7.05 22.10 21.47
CA PRO F 404 6.60 23.50 21.35
C PRO F 404 5.26 23.63 20.65
N ARG F 405 4.49 24.62 21.07
CA ARG F 405 3.25 24.98 20.40
C ARG F 405 3.54 25.95 19.25
N ASP F 406 2.85 25.75 18.14
CA ASP F 406 2.96 26.68 17.02
C ASP F 406 2.36 28.02 17.40
N ASP F 407 3.03 29.11 16.97
CA ASP F 407 2.51 30.44 17.26
C ASP F 407 1.16 30.65 16.57
N LYS F 408 0.99 30.13 15.35
CA LYS F 408 -0.26 30.31 14.64
C LYS F 408 -1.41 29.66 15.37
N GLU F 409 -1.19 28.46 15.92
CA GLU F 409 -2.24 27.79 16.68
C GLU F 409 -2.58 28.58 17.94
N LEU F 410 -1.56 29.12 18.62
CA LEU F 410 -1.80 29.93 19.80
C LEU F 410 -2.64 31.16 19.46
N ALA F 411 -2.33 31.81 18.33
CA ALA F 411 -3.11 32.96 17.91
C ALA F 411 -4.52 32.56 17.50
N GLU F 412 -4.68 31.38 16.91
CA GLU F 412 -6.01 30.89 16.56
C GLU F 412 -6.87 30.75 17.81
N THR F 413 -6.36 30.06 18.83
CA THR F 413 -7.13 29.94 20.06
C THR F 413 -7.31 31.29 20.75
N LEU F 414 -6.34 32.20 20.56
CA LEU F 414 -6.51 33.55 21.11
C LEU F 414 -7.73 34.24 20.51
N GLU F 415 -7.85 34.21 19.18
CA GLU F 415 -9.01 34.85 18.55
C GLU F 415 -10.29 34.10 18.87
N LYS F 416 -10.23 32.78 19.03
CA LYS F 416 -11.43 32.05 19.44
C LYS F 416 -11.89 32.49 20.82
N VAL F 417 -10.95 32.66 21.76
CA VAL F 417 -11.30 33.16 23.09
C VAL F 417 -11.87 34.57 22.98
N CYS F 418 -11.24 35.42 22.15
CA CYS F 418 -11.66 36.81 22.06
C CYS F 418 -13.08 36.93 21.53
N CYS F 419 -13.42 36.17 20.49
CA CYS F 419 -14.77 36.19 19.95
C CYS F 419 -15.77 35.45 20.83
N ALA F 420 -15.32 34.44 21.58
CA ALA F 420 -16.20 33.79 22.55
C ALA F 420 -16.67 34.76 23.61
N LEU F 421 -15.75 35.59 24.11
CA LEU F 421 -16.14 36.72 24.94
C LEU F 421 -16.79 37.79 24.08
N ASP F 422 -17.19 38.89 24.72
CA ASP F 422 -17.99 39.95 24.13
C ASP F 422 -19.38 39.47 23.67
N LYS F 423 -19.80 38.29 24.14
CA LYS F 423 -21.11 37.75 23.85
C LYS F 423 -21.56 36.98 25.08
N ALA F 424 -22.89 36.81 25.22
CA ALA F 424 -23.48 36.34 26.48
C ALA F 424 -23.03 37.25 27.61
N LEU F 425 -23.48 38.51 27.53
CA LEU F 425 -22.86 39.60 28.25
C LEU F 425 -23.00 39.52 29.77
N GLU F 426 -23.77 38.55 30.28
CA GLU F 426 -23.88 38.36 31.72
C GLU F 426 -22.69 37.62 32.33
N GLY F 427 -21.61 37.41 31.58
CA GLY F 427 -20.43 36.74 32.11
C GLY F 427 -19.77 37.47 33.25
N GLY F 428 -19.76 38.82 33.21
CA GLY F 428 -19.21 39.62 34.28
C GLY F 428 -17.82 40.16 33.98
N PHE F 429 -17.12 40.51 35.07
CA PHE F 429 -15.83 41.17 34.96
C PHE F 429 -14.66 40.19 34.86
N ILE F 430 -14.90 38.90 35.07
CA ILE F 430 -13.82 37.92 35.00
C ILE F 430 -13.34 37.70 33.57
N SER F 431 -14.08 38.17 32.57
CA SER F 431 -13.63 38.05 31.18
C SER F 431 -12.32 38.78 30.95
N GLU F 432 -12.22 40.01 31.47
CA GLU F 432 -10.98 40.76 31.35
C GLU F 432 -9.84 40.07 32.11
N GLU F 433 -10.15 39.54 33.29
CA GLU F 433 -9.14 38.82 34.06
C GLU F 433 -8.63 37.61 33.30
N SER F 434 -9.50 36.91 32.60
CA SER F 434 -9.08 35.76 31.80
C SER F 434 -8.25 36.19 30.59
N THR F 435 -8.73 37.19 29.86
CA THR F 435 -8.07 37.53 28.59
C THR F 435 -6.73 38.21 28.82
N VAL F 436 -6.59 39.01 29.88
CA VAL F 436 -5.30 39.62 30.16
C VAL F 436 -4.28 38.56 30.54
N ASN F 437 -4.71 37.57 31.32
CA ASN F 437 -3.83 36.45 31.64
C ASN F 437 -3.44 35.68 30.38
N PHE F 438 -4.40 35.49 29.47
CA PHE F 438 -4.10 34.77 28.24
C PHE F 438 -3.07 35.54 27.41
N LEU F 439 -3.23 36.86 27.32
CA LEU F 439 -2.26 37.66 26.58
C LEU F 439 -0.89 37.61 27.24
N ALA F 440 -0.84 37.62 28.57
CA ALA F 440 0.44 37.51 29.27
C ALA F 440 1.11 36.19 28.96
N GLN F 441 0.33 35.10 28.92
CA GLN F 441 0.90 33.81 28.52
C GLN F 441 1.35 33.83 27.07
N TYR F 442 0.55 34.44 26.19
CA TYR F 442 0.83 34.41 24.77
C TYR F 442 2.12 35.14 24.45
N ILE F 443 2.33 36.31 25.06
CA ILE F 443 3.54 37.09 24.79
C ILE F 443 4.77 36.29 25.19
N ASP F 444 4.72 35.68 26.38
CA ASP F 444 5.85 34.91 26.88
C ASP F 444 6.12 33.70 25.98
N THR F 445 5.07 33.01 25.57
CA THR F 445 5.26 31.81 24.75
C THR F 445 5.75 32.16 23.35
N MET F 446 5.34 33.30 22.81
CA MET F 446 5.79 33.70 21.48
C MET F 446 7.23 34.20 21.52
N SER F 447 7.59 35.01 22.50
CA SER F 447 8.92 35.61 22.51
C SER F 447 10.00 34.56 22.72
N ASN F 448 9.73 33.57 23.57
CA ASN F 448 10.69 32.51 23.83
C ASN F 448 10.93 31.71 22.55
N TYR F 449 12.18 31.65 22.12
CA TYR F 449 12.53 30.95 20.89
C TYR F 449 12.71 29.46 21.15
N ILE F 450 12.25 28.66 20.20
CA ILE F 450 12.25 27.21 20.37
C ILE F 450 13.68 26.67 20.43
N SER F 451 14.51 27.08 19.47
CA SER F 451 15.81 26.47 19.27
C SER F 451 16.92 27.14 20.08
N ASP F 452 16.58 27.76 21.20
CA ASP F 452 17.57 28.46 22.02
C ASP F 452 17.17 28.29 23.48
N ASP F 453 18.07 27.73 24.28
CA ASP F 453 17.75 27.44 25.67
C ASP F 453 17.51 28.72 26.47
N PRO F 454 16.60 28.65 27.42
CA PRO F 454 16.32 29.77 28.29
C PRO F 454 15.49 30.82 27.61
N GLU F 455 15.27 31.91 28.35
CA GLU F 455 14.50 33.06 27.89
C GLU F 455 15.37 34.29 27.68
N ARG F 456 16.68 34.11 27.43
CA ARG F 456 17.59 35.23 27.28
C ARG F 456 17.14 36.15 26.16
N GLU F 457 16.67 35.58 25.05
CA GLU F 457 16.12 36.39 23.97
C GLU F 457 14.93 37.20 24.46
N GLY F 458 14.10 36.64 25.33
CA GLY F 458 12.99 37.40 25.86
C GLY F 458 13.43 38.60 26.68
N GLU F 459 14.40 38.39 27.59
CA GLU F 459 14.90 39.50 28.40
C GLU F 459 15.57 40.55 27.53
N ARG F 460 16.35 40.13 26.54
CA ARG F 460 17.04 41.10 25.70
C ARG F 460 16.06 41.88 24.85
N GLU F 461 15.02 41.22 24.32
CA GLU F 461 14.00 41.94 23.58
C GLU F 461 13.28 42.94 24.47
N LYS F 462 12.95 42.55 25.70
CA LYS F 462 12.30 43.47 26.63
C LYS F 462 13.20 44.67 26.93
N ILE F 463 14.49 44.42 27.16
CA ILE F 463 15.40 45.50 27.50
C ILE F 463 15.58 46.45 26.32
N ILE F 464 15.70 45.90 25.10
CA ILE F 464 15.86 46.74 23.92
C ILE F 464 14.59 47.56 23.70
N LYS F 465 13.43 46.94 23.92
CA LYS F 465 12.17 47.67 23.78
C LYS F 465 12.08 48.81 24.77
N THR F 466 12.48 48.56 26.03
CA THR F 466 12.41 49.61 27.04
C THR F 466 13.41 50.71 26.77
N LYS F 467 14.60 50.38 26.23
CA LYS F 467 15.63 51.39 26.01
C LYS F 467 15.32 52.21 24.77
N MET F 468 15.17 51.57 23.61
CA MET F 468 14.89 52.30 22.38
C MET F 468 13.49 52.88 22.36
N LEU F 469 12.52 52.20 22.97
CA LEU F 469 11.12 52.63 22.99
C LEU F 469 10.59 52.80 21.57
N MET G 19 28.99 2.90 38.36
CA MET G 19 29.18 1.90 39.46
C MET G 19 29.42 2.64 40.77
N ARG G 20 29.01 2.02 41.87
CA ARG G 20 29.14 2.64 43.18
C ARG G 20 30.56 2.52 43.73
N MET G 21 30.81 3.31 44.78
CA MET G 21 32.01 3.15 45.60
C MET G 21 31.68 3.67 46.99
N SER G 22 32.46 3.23 47.98
CA SER G 22 32.24 3.68 49.34
C SER G 22 32.65 5.15 49.47
N SER G 23 32.20 5.76 50.56
CA SER G 23 32.55 7.16 50.82
C SER G 23 34.05 7.32 50.99
N GLY G 24 34.70 6.38 51.68
CA GLY G 24 36.14 6.36 51.74
C GLY G 24 36.75 5.90 50.43
N ASN G 25 38.08 5.96 50.38
CA ASN G 25 38.86 5.57 49.21
C ASN G 25 38.58 6.44 47.98
N ILE G 26 38.01 7.64 48.19
CA ILE G 26 37.83 8.57 47.09
C ILE G 26 39.17 9.24 46.79
N GLY G 27 39.57 9.21 45.52
CA GLY G 27 40.82 9.84 45.13
C GLY G 27 40.76 11.35 45.23
N VAL G 28 41.91 11.95 45.54
CA VAL G 28 41.98 13.39 45.68
C VAL G 28 41.86 14.03 44.30
N TYR G 29 41.01 15.05 44.20
CA TYR G 29 40.75 15.70 42.93
C TYR G 29 42.01 16.38 42.41
N LYS G 30 42.23 16.26 41.11
CA LYS G 30 43.35 16.92 40.43
C LYS G 30 42.92 17.27 39.02
N LEU G 31 43.22 18.50 38.61
CA LEU G 31 42.85 18.94 37.26
C LEU G 31 43.64 18.18 36.23
N ASP G 32 42.95 17.68 35.20
CA ASP G 32 43.57 16.95 34.11
C ASP G 32 43.94 17.92 33.01
N ASP G 33 45.22 17.92 32.61
CA ASP G 33 45.74 18.82 31.59
C ASP G 33 46.12 18.09 30.30
N SER G 34 45.58 16.91 30.08
CA SER G 34 45.85 16.20 28.84
C SER G 34 45.21 16.92 27.66
N ARG G 35 45.87 16.82 26.50
CA ARG G 35 45.47 17.54 25.30
C ARG G 35 45.03 16.56 24.23
N VAL G 36 44.45 17.10 23.15
CA VAL G 36 43.63 16.31 22.24
C VAL G 36 44.42 15.59 21.16
N ASP G 37 45.74 15.81 21.09
CA ASP G 37 46.55 15.26 20.00
C ASP G 37 46.02 15.77 18.66
N TYR G 38 46.19 17.07 18.45
CA TYR G 38 45.47 17.77 17.39
C TYR G 38 45.86 17.27 16.01
N GLU G 39 47.09 16.81 15.85
CA GLU G 39 47.52 16.26 14.56
C GLU G 39 46.69 15.05 14.18
N LEU G 40 46.46 14.15 15.13
CA LEU G 40 45.64 12.98 14.84
C LEU G 40 44.21 13.38 14.53
N ALA G 41 43.68 14.38 15.24
CA ALA G 41 42.32 14.83 14.97
C ALA G 41 42.19 15.37 13.56
N ARG G 42 43.16 16.18 13.13
CA ARG G 42 43.13 16.71 11.77
C ARG G 42 43.28 15.60 10.74
N GLU G 43 44.16 14.63 11.00
CA GLU G 43 44.32 13.53 10.07
C GLU G 43 43.05 12.70 9.96
N LEU G 44 42.39 12.43 11.08
CA LEU G 44 41.13 11.69 11.05
C LEU G 44 40.06 12.47 10.30
N TYR G 45 40.01 13.79 10.52
CA TYR G 45 39.03 14.59 9.81
C TYR G 45 39.29 14.57 8.31
N GLN G 46 40.55 14.68 7.91
CA GLN G 46 40.92 14.69 6.51
C GLN G 46 41.08 13.29 5.92
N ASN G 47 40.83 12.24 6.70
CA ASN G 47 40.86 10.86 6.20
C ASN G 47 42.27 10.46 5.76
N LYS G 48 43.28 10.94 6.47
CA LYS G 48 44.67 10.75 6.07
C LYS G 48 45.37 9.64 6.86
N ASN G 49 44.97 9.39 8.10
CA ASN G 49 45.69 8.45 8.95
C ASN G 49 45.53 7.04 8.42
N ALA G 50 46.65 6.35 8.21
CA ALA G 50 46.61 5.02 7.60
C ALA G 50 45.91 4.01 8.49
N ASN G 51 45.90 4.23 9.80
CA ASN G 51 45.27 3.31 10.73
C ASN G 51 43.77 3.57 10.91
N TYR G 52 43.22 4.57 10.22
CA TYR G 52 41.80 4.91 10.29
C TYR G 52 41.18 5.22 8.94
N LYS G 53 41.86 4.96 7.83
CA LYS G 53 41.45 5.45 6.52
C LYS G 53 40.06 4.96 6.12
N LEU G 54 39.82 3.66 6.29
CA LEU G 54 38.51 3.10 5.96
C LEU G 54 37.47 3.43 7.02
N GLY G 55 37.91 3.62 8.27
CA GLY G 55 36.98 3.86 9.35
C GLY G 55 36.66 5.32 9.59
N SER G 56 37.59 6.22 9.24
CA SER G 56 37.41 7.64 9.54
C SER G 56 36.53 8.37 8.53
N SER G 57 35.75 7.65 7.73
CA SER G 57 34.81 8.30 6.83
C SER G 57 33.76 9.09 7.57
N PHE G 58 33.43 8.69 8.80
CA PHE G 58 32.32 9.28 9.52
C PHE G 58 32.67 10.61 10.18
N VAL G 59 33.95 10.95 10.28
CA VAL G 59 34.34 12.15 11.02
C VAL G 59 33.83 13.40 10.31
N ARG G 60 34.02 13.49 8.99
CA ARG G 60 33.62 14.69 8.26
C ARG G 60 32.14 14.98 8.34
N PRO G 61 31.23 14.03 8.02
CA PRO G 61 29.80 14.38 8.10
C PRO G 61 29.36 14.79 9.49
N ILE G 62 29.86 14.14 10.53
CA ILE G 62 29.46 14.48 11.90
C ILE G 62 29.85 15.92 12.22
N VAL G 63 31.15 16.21 12.15
CA VAL G 63 31.65 17.52 12.54
C VAL G 63 31.06 18.61 11.64
N ASN G 64 31.01 18.37 10.34
CA ASN G 64 30.57 19.42 9.44
C ASN G 64 29.06 19.65 9.52
N SER G 65 28.25 18.61 9.69
CA SER G 65 26.82 18.82 9.92
C SER G 65 26.59 19.59 11.21
N THR G 66 27.31 19.21 12.27
CA THR G 66 27.13 19.90 13.55
C THR G 66 27.52 21.36 13.46
N THR G 67 28.65 21.66 12.81
CA THR G 67 29.11 23.05 12.76
C THR G 67 28.32 23.87 11.75
N GLY G 68 27.76 23.24 10.71
CA GLY G 68 26.98 23.98 9.74
C GLY G 68 25.56 24.26 10.19
N PHE G 69 24.95 23.33 10.93
CA PHE G 69 23.61 23.57 11.43
C PHE G 69 23.60 24.59 12.56
N MET G 70 24.66 24.61 13.36
CA MET G 70 24.71 25.56 14.48
C MET G 70 25.04 26.96 14.02
N GLY G 71 25.64 27.10 12.83
CA GLY G 71 25.80 28.42 12.25
C GLY G 71 26.76 29.29 13.04
N VAL G 72 26.45 30.59 13.07
CA VAL G 72 27.31 31.59 13.71
C VAL G 72 26.46 32.45 14.62
N PRO G 73 27.09 33.04 15.64
CA PRO G 73 26.30 33.81 16.62
C PRO G 73 25.82 35.13 16.05
N HIS G 74 24.79 35.68 16.71
CA HIS G 74 24.22 36.97 16.36
C HIS G 74 24.38 37.89 17.57
N PHE G 75 25.34 38.80 17.50
CA PHE G 75 25.65 39.68 18.61
C PHE G 75 24.56 40.73 18.74
N GLN G 76 23.86 40.73 19.88
CA GLN G 76 22.78 41.65 20.17
C GLN G 76 23.15 42.45 21.41
N ILE G 77 23.06 43.77 21.31
CA ILE G 77 23.34 44.66 22.44
C ILE G 77 22.50 45.91 22.28
N GLU G 78 21.96 46.40 23.39
CA GLU G 78 21.03 47.53 23.34
C GLU G 78 21.69 48.83 22.89
N ASP G 79 22.96 49.03 23.21
CA ASP G 79 23.65 50.25 22.80
C ASP G 79 23.82 50.25 21.29
N GLU G 80 23.42 51.35 20.65
CA GLU G 80 23.46 51.38 19.18
C GLU G 80 24.88 51.48 18.66
N GLU G 81 25.77 52.19 19.35
CA GLU G 81 27.15 52.27 18.91
C GLU G 81 27.85 50.91 19.04
N ALA G 82 27.64 50.23 20.17
CA ALA G 82 28.20 48.90 20.33
C ALA G 82 27.61 47.94 19.30
N GLN G 83 26.33 48.08 19.00
CA GLN G 83 25.71 47.24 17.98
C GLN G 83 26.33 47.51 16.62
N TYR G 84 26.65 48.77 16.32
CA TYR G 84 27.33 49.08 15.07
C TYR G 84 28.72 48.45 15.01
N ILE G 85 29.46 48.51 16.11
CA ILE G 85 30.79 47.91 16.15
C ILE G 85 30.70 46.40 15.91
N LEU G 86 29.78 45.74 16.60
CA LEU G 86 29.62 44.30 16.41
C LEU G 86 29.11 43.97 15.01
N ASP G 87 28.29 44.85 14.43
CA ASP G 87 27.84 44.68 13.06
C ASP G 87 29.02 44.68 12.09
N GLU G 88 29.89 45.66 12.23
CA GLU G 88 31.09 45.70 11.39
C GLU G 88 31.95 44.47 11.60
N PHE G 89 32.10 44.05 12.86
CA PHE G 89 32.95 42.90 13.15
C PHE G 89 32.40 41.63 12.51
N VAL G 90 31.09 41.39 12.63
CA VAL G 90 30.54 40.17 12.02
C VAL G 90 30.60 40.26 10.51
N LEU G 91 30.35 41.45 9.94
CA LEU G 91 30.48 41.62 8.50
C LEU G 91 31.87 41.26 8.01
N ASP G 92 32.89 41.58 8.81
CA ASP G 92 34.25 41.25 8.43
C ASP G 92 34.56 39.77 8.66
N ASN G 93 34.04 39.16 9.72
CA ASN G 93 34.59 37.91 10.25
C ASN G 93 33.57 36.79 10.45
N THR G 94 32.45 36.78 9.73
CA THR G 94 31.51 35.67 9.89
C THR G 94 32.11 34.34 9.47
N SER G 95 32.91 34.34 8.39
CA SER G 95 33.53 33.10 7.94
C SER G 95 34.48 32.55 8.99
N LYS G 96 35.30 33.43 9.57
CA LYS G 96 36.20 32.98 10.63
C LYS G 96 35.42 32.54 11.86
N MET G 97 34.27 33.16 12.12
CA MET G 97 33.45 32.74 13.25
C MET G 97 32.93 31.31 13.05
N LEU G 98 32.52 30.97 11.84
CA LEU G 98 32.10 29.59 11.57
C LEU G 98 33.29 28.64 11.63
N LYS G 99 34.44 29.08 11.12
CA LYS G 99 35.63 28.25 11.17
C LYS G 99 36.06 27.99 12.61
N THR G 100 35.75 28.92 13.52
CA THR G 100 36.02 28.70 14.93
C THR G 100 35.22 27.53 15.47
N HIS G 101 33.93 27.45 15.13
CA HIS G 101 33.13 26.30 15.53
C HIS G 101 33.69 25.02 14.94
N THR G 102 34.07 25.05 13.67
CA THR G 102 34.61 23.85 13.04
C THR G 102 35.89 23.40 13.73
N ASP G 103 36.79 24.35 14.02
CA ASP G 103 38.06 24.01 14.67
C ASP G 103 37.83 23.48 16.08
N SER G 104 36.89 24.08 16.82
CA SER G 104 36.62 23.61 18.17
C SER G 104 36.05 22.20 18.15
N LEU G 105 35.12 21.93 17.24
CA LEU G 105 34.56 20.58 17.15
C LEU G 105 35.60 19.57 16.73
N LYS G 106 36.49 19.94 15.80
CA LYS G 106 37.46 19.00 15.27
C LYS G 106 38.60 18.76 16.25
N GLN G 107 39.32 19.81 16.62
CA GLN G 107 40.53 19.72 17.41
C GLN G 107 40.28 19.79 18.91
N GLY G 108 39.05 20.04 19.34
CA GLY G 108 38.77 20.22 20.76
C GLY G 108 38.98 21.63 21.25
N ASP G 109 40.16 22.19 20.99
CA ASP G 109 40.50 23.55 21.38
C ASP G 109 40.66 24.43 20.15
N CYS G 110 40.24 25.69 20.29
CA CYS G 110 40.53 26.71 19.30
C CYS G 110 40.76 28.02 20.01
N TYR G 111 41.79 28.75 19.58
CA TYR G 111 42.22 29.99 20.21
C TYR G 111 42.09 31.12 19.20
N ILE G 112 41.48 32.22 19.62
CA ILE G 112 41.26 33.40 18.78
C ILE G 112 42.01 34.55 19.40
N TRP G 113 42.89 35.18 18.62
CA TRP G 113 43.70 36.30 19.05
C TRP G 113 43.21 37.56 18.33
N ILE G 114 42.72 38.52 19.10
CA ILE G 114 42.22 39.79 18.56
C ILE G 114 43.35 40.80 18.66
N THR G 115 43.73 41.37 17.52
CA THR G 115 44.81 42.33 17.43
C THR G 115 44.35 43.58 16.68
N ARG G 116 44.80 44.73 17.17
CA ARG G 116 44.50 46.02 16.56
C ARG G 116 45.72 46.50 15.80
N GLU G 117 45.54 46.81 14.52
CA GLU G 117 46.63 47.19 13.64
C GLU G 117 46.31 48.52 12.97
N GLU G 118 47.25 49.46 13.07
CA GLU G 118 47.21 50.71 12.34
C GLU G 118 48.01 50.63 11.04
N ARG G 119 48.15 49.44 10.47
CA ARG G 119 48.95 49.26 9.27
C ARG G 119 48.32 49.99 8.09
N GLU G 120 49.12 50.84 7.45
CA GLU G 120 48.69 51.54 6.24
C GLU G 120 49.21 50.79 5.03
N ASN G 121 48.32 50.45 4.10
CA ASN G 121 48.70 49.82 2.85
C ASN G 121 47.67 50.21 1.79
N PRO G 122 48.08 50.35 0.52
CA PRO G 122 47.13 50.83 -0.49
C PRO G 122 45.97 49.89 -0.77
N LEU G 123 46.04 48.63 -0.32
CA LEU G 123 44.92 47.72 -0.52
C LEU G 123 43.75 48.03 0.41
N TYR G 124 43.98 48.74 1.51
CA TYR G 124 42.92 49.09 2.47
C TYR G 124 42.98 50.58 2.76
N PRO G 125 42.60 51.41 1.78
CA PRO G 125 42.52 52.85 2.04
C PRO G 125 41.28 53.25 2.83
N ASP G 126 40.23 52.43 2.81
CA ASP G 126 39.01 52.77 3.53
C ASP G 126 39.21 52.65 5.04
N LYS G 127 39.82 51.55 5.49
CA LYS G 127 39.93 51.21 6.90
C LYS G 127 41.35 51.51 7.36
N LYS G 128 41.52 52.65 8.03
CA LYS G 128 42.83 53.04 8.53
C LYS G 128 43.27 52.14 9.68
N VAL G 129 42.36 51.86 10.61
CA VAL G 129 42.63 51.04 11.79
C VAL G 129 41.66 49.87 11.80
N ARG G 130 42.17 48.67 12.04
CA ARG G 130 41.41 47.44 11.91
C ARG G 130 41.63 46.55 13.13
N LEU G 131 40.62 45.76 13.45
CA LEU G 131 40.74 44.66 14.40
C LEU G 131 40.75 43.35 13.62
N ILE G 132 41.76 42.52 13.87
CA ILE G 132 42.03 41.33 13.07
C ILE G 132 41.69 40.11 13.90
N TYR G 133 40.95 39.19 13.30
CA TYR G 133 40.49 37.96 13.94
C TYR G 133 41.49 36.86 13.60
N ASN G 134 42.55 36.75 14.40
CA ASN G 134 43.65 35.83 14.14
C ASN G 134 43.42 34.52 14.87
N PHE G 135 43.68 33.41 14.18
CA PHE G 135 43.68 32.10 14.82
C PHE G 135 45.08 31.77 15.33
N ILE G 136 45.15 31.30 16.56
CA ILE G 136 46.35 30.64 17.09
C ILE G 136 46.10 29.15 16.98
N SER G 137 46.97 28.46 16.25
CA SER G 137 46.83 27.02 16.14
C SER G 137 47.02 26.38 17.51
N PRO G 138 46.23 25.36 17.86
CA PRO G 138 46.31 24.83 19.23
C PRO G 138 47.66 24.22 19.57
N GLU G 139 48.46 23.84 18.58
CA GLU G 139 49.81 23.37 18.86
C GLU G 139 50.77 24.50 19.18
N GLU G 140 50.48 25.72 18.74
CA GLU G 140 51.32 26.85 19.12
C GLU G 140 51.28 27.08 20.62
N VAL G 141 50.15 26.84 21.25
CA VAL G 141 50.00 27.11 22.68
C VAL G 141 50.80 26.06 23.45
N LYS G 142 52.02 26.43 23.84
CA LYS G 142 52.87 25.50 24.56
C LYS G 142 52.32 25.22 25.96
N GLU G 143 51.83 26.24 26.63
CA GLU G 143 51.31 26.10 27.98
C GLU G 143 50.43 27.29 28.29
N ILE G 144 49.44 27.07 29.14
CA ILE G 144 48.56 28.11 29.65
C ILE G 144 48.77 28.19 31.16
N ILE G 145 49.18 29.35 31.65
CA ILE G 145 49.33 29.60 33.07
C ILE G 145 48.01 30.10 33.60
N LEU G 146 47.47 29.40 34.59
CA LEU G 146 46.16 29.70 35.15
C LEU G 146 46.32 30.24 36.57
N ASP G 147 45.49 31.22 36.91
CA ASP G 147 45.35 31.63 38.29
C ASP G 147 44.78 30.43 39.05
N PRO G 148 45.44 29.92 40.09
CA PRO G 148 44.93 28.69 40.74
C PRO G 148 43.53 28.83 41.31
N THR G 149 43.14 30.00 41.79
CA THR G 149 41.83 30.16 42.41
C THR G 149 40.72 30.17 41.36
N THR G 150 40.73 31.17 40.48
CA THR G 150 39.66 31.34 39.51
C THR G 150 39.84 30.48 38.26
N LYS G 151 41.02 29.89 38.05
CA LYS G 151 41.33 29.12 36.85
C LYS G 151 41.27 29.97 35.58
N GLU G 152 41.33 31.31 35.71
CA GLU G 152 41.39 32.16 34.54
C GLU G 152 42.85 32.28 34.08
N PRO G 153 43.12 32.40 32.79
CA PRO G 153 44.51 32.45 32.34
C PRO G 153 45.18 33.74 32.75
N ILE G 154 46.47 33.63 33.10
CA ILE G 154 47.31 34.79 33.36
C ILE G 154 48.52 34.86 32.45
N ALA G 155 48.79 33.84 31.63
CA ALA G 155 49.84 33.91 30.64
C ALA G 155 49.64 32.79 29.63
N TYR G 156 49.88 33.12 28.36
CA TYR G 156 49.84 32.15 27.27
C TYR G 156 51.25 31.98 26.71
N ILE G 157 51.71 30.75 26.65
CA ILE G 157 53.04 30.41 26.13
C ILE G 157 52.85 29.93 24.70
N LEU G 158 53.10 30.81 23.74
CA LEU G 158 53.02 30.48 22.32
C LEU G 158 54.41 30.21 21.79
N GLU G 159 54.54 29.13 21.00
CA GLU G 159 55.82 28.73 20.45
C GLU G 159 55.61 28.08 19.09
N SER G 160 56.45 28.44 18.12
CA SER G 160 56.31 27.93 16.77
C SER G 160 57.66 27.97 16.07
N GLN G 161 57.84 27.06 15.11
CA GLN G 161 59.02 27.01 14.26
C GLN G 161 58.65 27.64 12.92
N ASN G 162 59.33 28.74 12.58
CA ASN G 162 59.05 29.51 11.38
C ASN G 162 60.11 29.22 10.33
N GLU G 163 59.75 28.46 9.31
CA GLU G 163 60.59 28.24 8.14
C GLU G 163 59.97 28.98 6.97
N TRP G 164 60.73 29.90 6.39
CA TRP G 164 60.23 30.81 5.37
C TRP G 164 61.35 31.16 4.40
N THR G 165 61.01 31.23 3.11
CA THR G 165 61.97 31.67 2.11
C THR G 165 62.03 33.18 2.08
N ASP G 166 63.24 33.72 1.92
CA ASP G 166 63.40 35.16 1.86
C ASP G 166 62.94 35.69 0.50
N LEU G 167 62.72 37.00 0.44
CA LEU G 167 62.33 37.63 -0.82
C LEU G 167 63.42 37.43 -1.87
N GLY G 168 64.68 37.34 -1.46
CA GLY G 168 65.74 36.94 -2.34
C GLY G 168 65.77 35.44 -2.51
N GLU G 169 66.98 34.86 -2.58
CA GLU G 169 67.15 33.42 -2.75
C GLU G 169 67.36 32.66 -1.44
N ASN G 170 67.46 33.36 -0.31
CA ASN G 170 67.92 32.73 0.91
C ASN G 170 66.78 32.03 1.64
N LYS G 171 67.01 30.78 2.03
CA LYS G 171 66.14 30.12 2.99
C LYS G 171 66.39 30.70 4.37
N ARG G 172 65.33 30.79 5.18
CA ARG G 172 65.40 31.33 6.53
C ARG G 172 64.67 30.41 7.48
N LYS G 173 65.17 30.32 8.71
CA LYS G 173 64.58 29.51 9.76
C LYS G 173 64.65 30.28 11.07
N ALA G 174 63.58 30.20 11.85
CA ALA G 174 63.51 30.96 13.10
C ALA G 174 62.53 30.27 14.03
N LYS G 175 62.99 29.95 15.24
CA LYS G 175 62.13 29.40 16.28
C LYS G 175 61.72 30.55 17.19
N VAL G 176 60.46 30.95 17.10
CA VAL G 176 59.93 32.10 17.82
C VAL G 176 58.97 31.62 18.89
N LYS G 177 59.17 32.08 20.11
CA LYS G 177 58.27 31.82 21.23
C LYS G 177 57.96 33.14 21.90
N GLN G 178 56.78 33.22 22.53
CA GLN G 178 56.33 34.47 23.11
C GLN G 178 55.37 34.20 24.26
N ILE G 179 55.45 35.07 25.26
CA ILE G 179 54.59 35.04 26.44
C ILE G 179 53.59 36.18 26.29
N ILE G 180 52.30 35.87 26.36
CA ILE G 180 51.23 36.86 26.29
C ILE G 180 50.56 36.91 27.66
N THR G 181 50.74 38.03 28.36
CA THR G 181 50.19 38.20 29.70
C THR G 181 49.37 39.48 29.75
N ALA G 182 48.62 39.64 30.84
CA ALA G 182 47.79 40.82 31.00
C ALA G 182 48.63 42.09 31.11
N GLU G 183 49.72 42.05 31.86
CA GLU G 183 50.56 43.23 32.02
C GLU G 183 51.28 43.59 30.72
N SER G 184 51.81 42.58 30.03
CA SER G 184 52.63 42.82 28.84
C SER G 184 52.72 41.53 28.05
N ARG G 185 53.34 41.62 26.88
CA ARG G 185 53.69 40.46 26.08
C ARG G 185 55.17 40.49 25.76
N PHE G 186 55.80 39.32 25.88
CA PHE G 186 57.23 39.16 25.69
C PHE G 186 57.44 38.15 24.56
N VAL G 187 58.35 38.46 23.65
CA VAL G 187 58.64 37.61 22.50
C VAL G 187 60.15 37.51 22.31
N GLU G 188 60.63 36.29 22.13
CA GLU G 188 62.04 36.01 21.86
C GLU G 188 62.12 34.98 20.73
N VAL G 189 63.12 35.14 19.87
CA VAL G 189 63.26 34.33 18.67
C VAL G 189 64.73 33.93 18.52
N GLU G 190 64.94 32.66 18.15
CA GLU G 190 66.27 32.14 17.83
C GLU G 190 66.29 31.76 16.35
N GLY G 191 67.28 32.28 15.63
CA GLY G 191 67.43 32.02 14.20
C GLY G 191 67.39 33.30 13.40
N ASP G 192 66.94 33.20 12.14
CA ASP G 192 66.88 34.36 11.27
C ASP G 192 65.89 35.39 11.84
N LYS G 193 66.24 36.67 11.68
CA LYS G 193 65.41 37.74 12.22
C LYS G 193 64.08 37.79 11.48
N ILE G 194 62.98 37.86 12.24
CA ILE G 194 61.68 38.11 11.66
C ILE G 194 61.54 39.60 11.40
N GLU G 195 61.12 39.96 10.19
CA GLU G 195 61.12 41.37 9.79
C GLU G 195 60.15 42.19 10.62
N GLY G 196 58.96 41.66 10.91
CA GLY G 196 57.92 42.42 11.58
C GLY G 196 57.94 42.38 13.09
N LEU G 197 58.62 41.40 13.69
CA LEU G 197 58.61 41.23 15.14
C LEU G 197 59.70 42.05 15.80
N GLU G 198 59.44 42.46 17.04
CA GLU G 198 60.42 43.13 17.89
C GLU G 198 60.62 42.29 19.14
N GLU G 199 61.85 41.82 19.34
CA GLU G 199 62.14 41.00 20.51
C GLU G 199 61.98 41.81 21.79
N GLY G 200 61.82 41.10 22.89
CA GLY G 200 61.73 41.72 24.19
C GLY G 200 60.32 42.04 24.60
N GLU G 201 60.20 42.52 25.83
CA GLU G 201 58.92 42.87 26.40
C GLU G 201 58.36 44.13 25.75
N THR G 202 57.03 44.17 25.59
CA THR G 202 56.31 45.35 25.15
C THR G 202 55.01 45.41 25.95
N PRO G 203 54.63 46.57 26.48
CA PRO G 203 53.47 46.62 27.37
C PRO G 203 52.18 46.30 26.62
N ASN G 204 51.21 45.75 27.36
CA ASN G 204 49.91 45.44 26.79
C ASN G 204 49.02 46.68 26.85
N VAL G 205 48.50 47.10 25.70
CA VAL G 205 47.67 48.29 25.65
C VAL G 205 46.40 48.17 26.49
N TRP G 206 45.92 46.95 26.71
CA TRP G 206 44.78 46.70 27.58
C TRP G 206 45.21 45.73 28.67
N GLY G 207 44.53 45.80 29.81
CA GLY G 207 44.91 45.00 30.95
C GLY G 207 44.26 43.63 30.99
N PHE G 208 44.06 43.01 29.82
CA PHE G 208 43.57 41.64 29.76
C PHE G 208 44.25 40.94 28.60
N ILE G 209 44.34 39.62 28.71
CA ILE G 209 44.94 38.81 27.66
C ILE G 209 43.98 38.83 26.47
N PRO G 210 44.42 39.20 25.25
CA PRO G 210 43.46 39.34 24.14
C PRO G 210 43.08 38.04 23.46
N ILE G 211 43.37 36.89 24.07
CA ILE G 211 43.13 35.58 23.48
C ILE G 211 41.87 34.99 24.09
N ILE G 212 41.01 34.43 23.24
CA ILE G 212 39.79 33.75 23.66
C ILE G 212 39.98 32.26 23.41
N HIS G 213 39.72 31.45 24.44
CA HIS G 213 39.93 30.01 24.38
C HIS G 213 38.58 29.34 24.16
N PHE G 214 38.27 29.02 22.91
CA PHE G 214 37.08 28.24 22.62
C PHE G 214 37.33 26.78 22.96
N LYS G 215 36.39 26.18 23.69
CA LYS G 215 36.60 24.87 24.33
C LYS G 215 35.39 23.99 24.06
N ASN G 216 35.53 23.07 23.11
CA ASN G 216 34.45 22.17 22.79
C ASN G 216 34.28 21.13 23.88
N GLU G 217 33.02 20.92 24.29
CA GLU G 217 32.69 19.96 25.34
C GLU G 217 33.49 20.25 26.61
N ALA G 218 33.44 21.50 27.05
CA ALA G 218 34.19 21.91 28.23
C ALA G 218 33.75 21.13 29.45
N ASP G 219 34.72 20.68 30.23
CA ASP G 219 34.47 19.93 31.46
C ASP G 219 35.26 20.58 32.58
N GLU G 220 34.68 20.59 33.78
CA GLU G 220 35.33 21.24 34.90
C GLU G 220 36.64 20.56 35.27
N THR G 221 36.73 19.25 35.07
CA THR G 221 37.93 18.50 35.43
C THR G 221 39.03 18.56 34.39
N LEU G 222 38.77 19.16 33.23
CA LEU G 222 39.73 19.22 32.13
C LEU G 222 40.21 20.65 31.91
N LYS G 223 41.53 20.80 31.80
CA LYS G 223 42.09 22.11 31.47
C LYS G 223 41.76 22.52 30.05
N TYR G 224 41.73 21.55 29.13
CA TYR G 224 41.53 21.78 27.71
C TYR G 224 40.25 21.12 27.25
N GLY G 225 39.77 21.53 26.08
CA GLY G 225 38.59 20.95 25.49
C GLY G 225 38.86 19.57 24.96
N GLN G 226 37.80 18.95 24.46
CA GLN G 226 37.86 17.58 23.95
C GLN G 226 37.00 17.47 22.70
N SER G 227 37.58 16.87 21.67
CA SER G 227 36.97 16.88 20.35
C SER G 227 35.74 15.99 20.30
N ASP G 228 34.89 16.23 19.30
CA ASP G 228 33.81 15.31 18.99
C ASP G 228 34.30 14.01 18.39
N ILE G 229 35.57 13.95 17.96
CA ILE G 229 36.12 12.72 17.41
C ILE G 229 36.48 11.76 18.53
N GLU G 230 36.80 12.27 19.72
CA GLU G 230 37.25 11.40 20.80
C GLU G 230 36.25 10.33 21.20
N PRO G 231 34.96 10.65 21.39
CA PRO G 231 34.00 9.57 21.68
C PRO G 231 33.92 8.50 20.60
N ILE G 232 34.02 8.87 19.33
CA ILE G 232 33.85 7.90 18.24
C ILE G 232 35.17 7.24 17.81
N GLU G 233 36.31 7.78 18.23
CA GLU G 233 37.61 7.33 17.72
C GLU G 233 37.84 5.82 17.86
N PRO G 234 37.62 5.19 19.01
CA PRO G 234 37.78 3.72 19.04
C PRO G 234 36.83 2.99 18.12
N LEU G 235 35.60 3.49 17.94
CA LEU G 235 34.71 2.89 16.98
C LEU G 235 35.21 3.08 15.55
N LEU G 236 35.81 4.23 15.26
CA LEU G 236 36.44 4.42 13.95
C LEU G 236 37.56 3.41 13.73
N LYS G 237 38.37 3.18 14.76
CA LYS G 237 39.46 2.21 14.63
C LYS G 237 38.92 0.80 14.42
N ALA G 238 37.88 0.43 15.16
CA ALA G 238 37.28 -0.90 14.98
C ALA G 238 36.67 -1.05 13.60
N TYR G 239 36.00 0.00 13.12
CA TYR G 239 35.42 -0.04 11.79
C TYR G 239 36.51 -0.20 10.73
N HIS G 240 37.61 0.54 10.88
CA HIS G 240 38.72 0.40 9.94
C HIS G 240 39.28 -1.01 9.97
N ASP G 241 39.47 -1.57 11.17
CA ASP G 241 40.02 -2.91 11.27
C ASP G 241 39.11 -3.93 10.61
N VAL G 242 37.81 -3.85 10.86
CA VAL G 242 36.87 -4.81 10.26
C VAL G 242 36.85 -4.65 8.75
N MET G 243 36.80 -3.41 8.26
CA MET G 243 36.73 -3.20 6.81
C MET G 243 38.01 -3.67 6.13
N LEU G 244 39.17 -3.36 6.72
CA LEU G 244 40.43 -3.77 6.10
C LEU G 244 40.57 -5.29 6.11
N HIS G 245 40.18 -5.94 7.21
CA HIS G 245 40.23 -7.39 7.25
C HIS G 245 39.29 -7.99 6.19
N ALA G 246 38.10 -7.42 6.04
CA ALA G 246 37.18 -7.87 5.01
C ALA G 246 37.77 -7.70 3.62
N LEU G 247 38.37 -6.55 3.35
CA LEU G 247 38.93 -6.29 2.03
C LEU G 247 40.08 -7.26 1.72
N LYS G 248 40.96 -7.49 2.69
CA LYS G 248 42.06 -8.41 2.47
C LYS G 248 41.55 -9.83 2.27
N GLY G 249 40.58 -10.25 3.07
CA GLY G 249 40.03 -11.58 2.90
C GLY G 249 39.36 -11.77 1.55
N SER G 250 38.63 -10.76 1.09
CA SER G 250 38.00 -10.84 -0.22
C SER G 250 39.04 -10.86 -1.33
N LYS G 251 40.09 -10.06 -1.20
CA LYS G 251 41.15 -10.08 -2.21
C LYS G 251 41.79 -11.46 -2.29
N MET G 252 42.02 -12.09 -1.14
CA MET G 252 42.68 -13.39 -1.15
C MET G 252 41.76 -14.50 -1.65
N HIS G 253 40.48 -14.46 -1.28
CA HIS G 253 39.61 -15.63 -1.38
C HIS G 253 38.32 -15.45 -2.17
N SER G 254 37.94 -14.23 -2.56
CA SER G 254 36.67 -14.07 -3.28
C SER G 254 36.73 -14.73 -4.65
N THR G 255 37.81 -14.53 -5.38
CA THR G 255 37.93 -15.14 -6.70
C THR G 255 38.20 -16.63 -6.54
N PRO G 256 37.38 -17.52 -7.09
CA PRO G 256 37.62 -18.95 -6.86
C PRO G 256 38.90 -19.42 -7.53
N LYS G 257 39.49 -20.46 -6.93
CA LYS G 257 40.77 -21.00 -7.36
C LYS G 257 40.52 -22.29 -8.12
N LEU G 258 40.93 -22.32 -9.38
CA LEU G 258 40.77 -23.54 -10.17
C LEU G 258 41.74 -24.60 -9.67
N LYS G 259 41.21 -25.77 -9.36
CA LYS G 259 41.97 -26.89 -8.79
C LYS G 259 41.98 -28.02 -9.81
N LEU G 260 43.16 -28.40 -10.26
CA LEU G 260 43.35 -29.49 -11.22
C LEU G 260 44.10 -30.61 -10.52
N LYS G 261 43.47 -31.78 -10.46
CA LYS G 261 44.10 -32.99 -9.92
C LYS G 261 44.57 -33.81 -11.11
N LEU G 262 45.87 -33.77 -11.37
CA LEU G 262 46.44 -34.26 -12.61
C LEU G 262 47.29 -35.50 -12.36
N THR G 263 47.49 -36.28 -13.42
CA THR G 263 48.34 -37.46 -13.30
C THR G 263 49.81 -37.07 -13.18
N ASP G 264 50.21 -36.01 -13.87
CA ASP G 264 51.59 -35.51 -13.80
C ASP G 264 51.54 -34.01 -14.00
N VAL G 265 51.80 -33.26 -12.92
CA VAL G 265 51.61 -31.81 -12.95
C VAL G 265 52.66 -31.14 -13.83
N ALA G 266 53.92 -31.56 -13.68
CA ALA G 266 55.01 -30.87 -14.36
C ALA G 266 54.89 -30.98 -15.87
N SER G 267 54.56 -32.17 -16.38
CA SER G 267 54.38 -32.33 -17.82
C SER G 267 53.18 -31.52 -18.31
N PHE G 268 52.11 -31.46 -17.53
CA PHE G 268 50.97 -30.65 -17.90
C PHE G 268 51.37 -29.19 -18.05
N LEU G 269 52.12 -28.66 -17.07
CA LEU G 269 52.57 -27.28 -17.16
C LEU G 269 53.47 -27.07 -18.36
N ALA G 270 54.42 -27.98 -18.59
CA ALA G 270 55.37 -27.82 -19.69
C ALA G 270 54.65 -27.85 -21.04
N HIS G 271 53.64 -28.70 -21.18
CA HIS G 271 52.92 -28.79 -22.45
C HIS G 271 51.99 -27.60 -22.64
N ASN G 272 51.06 -27.39 -21.70
CA ASN G 272 50.03 -26.38 -21.91
C ASN G 272 50.60 -24.97 -21.84
N PHE G 273 51.38 -24.64 -20.80
CA PHE G 273 51.81 -23.28 -20.55
C PHE G 273 53.29 -23.05 -20.80
N GLY G 274 54.02 -24.04 -21.29
CA GLY G 274 55.42 -23.85 -21.59
C GLY G 274 56.30 -23.61 -20.38
N VAL G 275 55.82 -23.95 -19.19
CA VAL G 275 56.59 -23.75 -17.97
C VAL G 275 57.49 -24.96 -17.77
N GLU G 276 58.71 -24.90 -18.31
CA GLU G 276 59.64 -26.02 -18.21
C GLU G 276 60.20 -26.20 -16.80
N ASP G 277 60.22 -25.14 -16.00
CA ASP G 277 60.78 -25.18 -14.65
C ASP G 277 59.76 -24.54 -13.70
N PRO G 278 58.79 -25.31 -13.20
CA PRO G 278 57.76 -24.70 -12.34
C PRO G 278 58.31 -24.09 -11.06
N VAL G 279 59.39 -24.64 -10.50
CA VAL G 279 59.97 -24.06 -9.30
C VAL G 279 60.51 -22.67 -9.59
N LYS G 280 61.28 -22.54 -10.68
CA LYS G 280 61.79 -21.23 -11.06
C LYS G 280 60.66 -20.30 -11.44
N PHE G 281 59.61 -20.84 -12.07
CA PHE G 281 58.46 -20.02 -12.43
C PHE G 281 57.80 -19.42 -11.19
N ALA G 282 57.60 -20.24 -10.16
CA ALA G 282 57.00 -19.75 -8.93
C ALA G 282 57.92 -18.78 -8.22
N LYS G 283 59.23 -19.03 -8.25
CA LYS G 283 60.18 -18.15 -7.57
C LYS G 283 60.16 -16.76 -8.18
N GLU G 284 60.10 -16.68 -9.51
CA GLU G 284 60.14 -15.39 -10.20
C GLU G 284 58.80 -14.69 -10.24
N GLY G 285 57.76 -15.28 -9.67
CA GLY G 285 56.45 -14.65 -9.67
C GLY G 285 55.77 -14.66 -11.01
N GLY G 286 56.12 -15.60 -11.89
CA GLY G 286 55.46 -15.67 -13.18
C GLY G 286 53.99 -16.01 -13.02
N LYS G 287 53.18 -15.49 -13.92
CA LYS G 287 51.73 -15.66 -13.92
C LYS G 287 51.31 -16.42 -15.16
N ILE G 288 50.53 -17.49 -14.97
CA ILE G 288 49.94 -18.19 -16.10
C ILE G 288 48.82 -17.35 -16.67
N ASN G 289 48.79 -17.21 -17.99
CA ASN G 289 47.85 -16.34 -18.68
C ASN G 289 46.63 -17.14 -19.09
N LEU G 290 45.45 -16.58 -18.82
CA LEU G 290 44.17 -17.20 -19.16
C LEU G 290 43.26 -16.18 -19.81
N ASP G 291 42.40 -16.65 -20.72
CA ASP G 291 41.42 -15.80 -21.39
C ASP G 291 40.00 -15.99 -20.89
N GLY G 292 39.72 -17.09 -20.21
CA GLY G 292 38.40 -17.36 -19.67
C GLY G 292 37.53 -18.29 -20.49
N HIS G 293 37.86 -18.50 -21.77
CA HIS G 293 37.10 -19.37 -22.65
C HIS G 293 37.82 -20.70 -22.90
N GLU G 294 38.46 -21.25 -21.87
CA GLU G 294 39.21 -22.48 -22.03
C GLU G 294 38.27 -23.68 -22.03
N ILE G 295 38.79 -24.79 -22.56
CA ILE G 295 38.12 -26.08 -22.54
C ILE G 295 39.15 -27.11 -22.06
N LEU G 296 38.74 -27.95 -21.11
CA LEU G 296 39.63 -28.88 -20.43
C LEU G 296 39.48 -30.27 -21.04
N PHE G 297 40.59 -30.81 -21.54
CA PHE G 297 40.67 -32.19 -21.99
C PHE G 297 41.53 -32.95 -20.99
N LEU G 298 40.99 -34.02 -20.42
CA LEU G 298 41.61 -34.70 -19.29
C LEU G 298 41.49 -36.20 -19.48
N ASN G 299 42.33 -36.94 -18.76
CA ASN G 299 42.23 -38.38 -18.72
C ASN G 299 41.05 -38.79 -17.85
N LYS G 300 40.81 -40.11 -17.78
CA LYS G 300 39.76 -40.60 -16.91
C LYS G 300 40.04 -40.29 -15.45
N ASP G 301 41.30 -40.46 -15.02
CA ASP G 301 41.65 -40.30 -13.62
C ASP G 301 41.70 -38.84 -13.20
N GLU G 302 42.13 -37.95 -14.09
CA GLU G 302 42.32 -36.56 -13.74
C GLU G 302 40.98 -35.88 -13.47
N GLU G 303 41.00 -34.92 -12.54
CA GLU G 303 39.81 -34.23 -12.08
C GLU G 303 40.09 -32.74 -12.02
N ALA G 304 39.06 -31.93 -12.29
CA ALA G 304 39.14 -30.48 -12.24
C ALA G 304 37.93 -29.94 -11.50
N GLU G 305 38.17 -28.98 -10.61
CA GLU G 305 37.11 -28.44 -9.77
C GLU G 305 37.52 -27.04 -9.34
N PHE G 306 36.52 -26.22 -9.04
CA PHE G 306 36.73 -24.88 -8.49
C PHE G 306 36.70 -24.94 -6.98
N VAL G 307 37.79 -24.53 -6.35
CA VAL G 307 37.82 -24.34 -4.90
C VAL G 307 37.30 -22.94 -4.61
N GLU G 308 36.15 -22.86 -3.95
CA GLU G 308 35.38 -21.64 -3.88
C GLU G 308 34.85 -21.44 -2.46
N VAL G 309 34.71 -20.18 -2.06
CA VAL G 309 34.16 -19.82 -0.76
C VAL G 309 32.68 -19.47 -0.92
N LYS G 310 31.89 -19.85 0.09
CA LYS G 310 30.50 -19.38 0.13
C LYS G 310 30.44 -17.90 0.45
N SER G 311 31.35 -17.40 1.29
CA SER G 311 31.44 -15.98 1.56
C SER G 311 32.80 -15.68 2.17
N ALA G 312 33.63 -14.92 1.44
CA ALA G 312 34.94 -14.54 1.96
C ALA G 312 34.86 -13.51 3.07
N ILE G 313 33.71 -12.84 3.21
CA ILE G 313 33.52 -11.80 4.21
C ILE G 313 32.79 -12.32 5.44
N GLY G 314 31.87 -13.26 5.23
CA GLY G 314 31.13 -13.81 6.35
C GLY G 314 30.26 -12.75 7.01
N ASP G 315 30.35 -12.67 8.32
CA ASP G 315 29.53 -11.80 9.13
C ASP G 315 30.18 -10.45 9.39
N ALA G 316 31.16 -10.02 8.59
CA ALA G 316 31.74 -8.71 8.81
C ALA G 316 30.76 -7.60 8.48
N LYS G 317 29.83 -7.84 7.56
CA LYS G 317 28.86 -6.81 7.21
C LYS G 317 27.96 -6.47 8.39
N GLU G 318 27.52 -7.50 9.13
CA GLU G 318 26.72 -7.24 10.32
C GLU G 318 27.51 -6.48 11.37
N LEU G 319 28.79 -6.82 11.54
CA LEU G 319 29.62 -6.10 12.51
C LEU G 319 29.80 -4.66 12.10
N LEU G 320 30.01 -4.39 10.81
CA LEU G 320 30.13 -3.01 10.35
C LEU G 320 28.82 -2.26 10.55
N LYS G 321 27.69 -2.93 10.34
CA LYS G 321 26.41 -2.29 10.60
C LYS G 321 26.27 -1.92 12.08
N LEU G 322 26.65 -2.84 12.97
CA LEU G 322 26.56 -2.56 14.40
C LEU G 322 27.51 -1.43 14.79
N LEU G 323 28.71 -1.40 14.23
CA LEU G 323 29.65 -0.32 14.54
C LEU G 323 29.14 1.01 14.00
N PHE G 324 28.49 0.99 12.84
CA PHE G 324 27.88 2.21 12.31
C PHE G 324 26.78 2.71 13.24
N TYR G 325 25.96 1.78 13.76
CA TYR G 325 24.94 2.17 14.73
C TYR G 325 25.58 2.79 15.96
N CYS G 326 26.66 2.20 16.45
CA CYS G 326 27.33 2.73 17.63
C CYS G 326 27.91 4.12 17.35
N ILE G 327 28.49 4.31 16.17
CA ILE G 327 29.03 5.62 15.82
C ILE G 327 27.93 6.66 15.76
N VAL G 328 26.79 6.30 15.16
CA VAL G 328 25.68 7.25 15.06
C VAL G 328 25.13 7.56 16.45
N ASP G 329 25.07 6.56 17.33
CA ASP G 329 24.61 6.80 18.69
C ASP G 329 25.54 7.75 19.43
N VAL G 330 26.85 7.48 19.35
CA VAL G 330 27.82 8.28 20.10
C VAL G 330 27.80 9.73 19.65
N SER G 331 27.86 9.96 18.34
CA SER G 331 27.85 11.32 17.81
C SER G 331 26.49 11.99 17.92
N GLU G 332 25.42 11.22 18.13
CA GLU G 332 24.06 11.74 18.22
C GLU G 332 23.63 12.43 16.94
N THR G 333 24.22 12.06 15.82
CA THR G 333 23.86 12.67 14.56
C THR G 333 22.48 12.17 14.13
N PRO G 334 21.60 13.03 13.63
CA PRO G 334 20.34 12.53 13.07
C PRO G 334 20.61 11.62 11.88
N GLU G 335 19.70 10.67 11.67
CA GLU G 335 19.94 9.62 10.69
C GLU G 335 19.92 10.15 9.26
N PHE G 336 19.29 11.30 8.99
CA PHE G 336 19.30 11.80 7.63
C PHE G 336 20.68 12.29 7.20
N ILE G 337 21.57 12.58 8.15
CA ILE G 337 22.95 12.88 7.80
C ILE G 337 23.65 11.66 7.22
N PHE G 338 23.24 10.46 7.63
CA PHE G 338 23.74 9.20 7.11
C PHE G 338 22.65 8.45 6.37
N GLY G 339 21.88 9.17 5.55
CA GLY G 339 20.74 8.56 4.87
C GLY G 339 21.13 7.53 3.84
N VAL G 340 22.37 7.56 3.34
CA VAL G 340 22.78 6.56 2.36
C VAL G 340 22.79 5.18 2.99
N HIS G 341 23.17 5.08 4.27
CA HIS G 341 23.10 3.81 4.97
C HIS G 341 21.65 3.39 5.24
N THR G 342 20.83 4.33 5.70
CA THR G 342 19.43 4.09 6.04
C THR G 342 18.57 4.97 5.14
N PRO G 343 18.11 4.45 4.00
CA PRO G 343 17.28 5.28 3.11
C PRO G 343 15.97 5.73 3.72
N SER G 344 15.52 5.10 4.80
CA SER G 344 14.28 5.53 5.46
C SER G 344 14.40 6.96 5.97
N ALA G 345 15.57 7.34 6.47
CA ALA G 345 15.74 8.67 7.05
C ALA G 345 15.58 9.77 6.00
N LEU G 346 15.96 9.50 4.75
CA LEU G 346 15.91 10.52 3.71
C LEU G 346 14.50 11.01 3.43
N ALA G 347 13.47 10.19 3.70
CA ALA G 347 12.10 10.56 3.38
C ALA G 347 11.48 11.49 4.43
N SER G 348 12.09 11.62 5.60
CA SER G 348 11.45 12.31 6.73
C SER G 348 12.43 13.25 7.40
N VAL G 349 13.14 14.07 6.61
CA VAL G 349 14.10 15.01 7.18
C VAL G 349 13.40 16.02 8.08
N LYS G 350 12.28 16.58 7.61
CA LYS G 350 11.54 17.53 8.41
C LYS G 350 10.96 16.89 9.66
N GLU G 351 10.69 15.59 9.63
CA GLU G 351 10.22 14.90 10.83
C GLU G 351 11.36 14.72 11.83
N GLN G 352 12.59 14.55 11.34
CA GLN G 352 13.75 14.35 12.19
C GLN G 352 14.40 15.65 12.63
N MET G 353 13.96 16.79 12.10
CA MET G 353 14.59 18.07 12.48
C MET G 353 14.58 18.36 13.98
N PRO G 354 13.55 18.03 14.78
CA PRO G 354 13.62 18.32 16.22
C PRO G 354 14.82 17.70 16.92
N ILE G 355 15.26 16.52 16.49
CA ILE G 355 16.46 15.93 17.09
C ILE G 355 17.68 16.81 16.80
N MET G 356 17.80 17.30 15.57
CA MET G 356 18.88 18.21 15.23
C MET G 356 18.79 19.49 16.05
N VAL G 357 17.56 19.99 16.26
CA VAL G 357 17.38 21.20 17.04
C VAL G 357 17.86 20.99 18.47
N ASN G 358 17.51 19.84 19.05
CA ASN G 358 17.96 19.53 20.40
C ASN G 358 19.48 19.47 20.48
N LYS G 359 20.11 18.73 19.55
CA LYS G 359 21.56 18.60 19.55
C LYS G 359 22.22 19.96 19.39
N ILE G 360 21.67 20.80 18.52
CA ILE G 360 22.30 22.08 18.24
C ILE G 360 22.08 23.06 19.38
N ARG G 361 20.95 22.96 20.09
CA ARG G 361 20.78 23.72 21.32
C ARG G 361 21.89 23.40 22.30
N ARG G 362 22.06 22.10 22.57
CA ARG G 362 23.05 21.67 23.57
C ARG G 362 24.46 22.06 23.14
N LYS G 363 24.74 21.99 21.84
CA LYS G 363 26.08 22.34 21.36
C LYS G 363 26.30 23.85 21.38
N ARG G 364 25.27 24.63 21.03
CA ARG G 364 25.42 26.07 21.03
C ARG G 364 25.66 26.61 22.43
N GLU G 365 25.09 25.96 23.45
CA GLU G 365 25.30 26.47 24.80
C GLU G 365 26.75 26.37 25.26
N GLN G 366 27.59 25.59 24.59
CA GLN G 366 28.99 25.50 25.00
C GLN G 366 29.78 26.74 24.60
N PHE G 367 29.56 27.24 23.38
CA PHE G 367 30.39 28.30 22.84
C PHE G 367 29.85 29.70 23.12
N THR G 368 28.62 29.84 23.59
CA THR G 368 28.01 31.16 23.66
C THR G 368 28.71 32.05 24.69
N ASN G 369 29.21 31.46 25.77
CA ASN G 369 29.96 32.26 26.75
C ASN G 369 31.26 32.79 26.16
N SER G 370 31.94 31.96 25.37
CA SER G 370 33.15 32.43 24.69
C SER G 370 32.83 33.56 23.73
N TRP G 371 31.68 33.50 23.07
CA TRP G 371 31.30 34.58 22.17
C TRP G 371 30.95 35.85 22.94
N GLN G 372 30.33 35.70 24.12
CA GLN G 372 30.14 36.86 24.98
C GLN G 372 31.47 37.51 25.31
N LEU G 373 32.46 36.70 25.68
CA LEU G 373 33.78 37.24 26.00
C LEU G 373 34.41 37.92 24.79
N LEU G 374 34.28 37.30 23.62
CA LEU G 374 34.88 37.86 22.41
C LEU G 374 34.24 39.20 22.05
N ALA G 375 32.92 39.27 22.10
CA ALA G 375 32.24 40.52 21.79
C ALA G 375 32.58 41.60 22.81
N ARG G 376 32.67 41.24 24.09
CA ARG G 376 33.06 42.19 25.12
C ARG G 376 34.46 42.73 24.86
N MET G 377 35.39 41.85 24.49
CA MET G 377 36.76 42.29 24.23
C MET G 377 36.82 43.17 22.99
N VAL G 378 36.05 42.83 21.96
CA VAL G 378 36.01 43.65 20.75
C VAL G 378 35.48 45.04 21.07
N LEU G 379 34.43 45.12 21.87
CA LEU G 379 33.88 46.42 22.25
C LEU G 379 34.88 47.21 23.07
N ILE G 380 35.57 46.56 24.00
CA ILE G 380 36.55 47.26 24.82
C ILE G 380 37.72 47.74 23.97
N MET G 381 38.17 46.90 23.03
CA MET G 381 39.33 47.26 22.22
C MET G 381 39.06 48.44 21.30
N SER G 382 37.83 48.58 20.81
CA SER G 382 37.47 49.68 19.92
C SER G 382 36.96 50.88 20.71
N LYS G 389 33.34 53.59 26.94
CA LYS G 389 32.49 54.60 26.32
C LYS G 389 31.04 54.14 26.27
N TYR G 390 30.84 52.86 25.96
CA TYR G 390 29.49 52.35 25.75
C TYR G 390 28.77 52.14 27.07
N SER G 391 27.45 52.36 27.05
CA SER G 391 26.64 52.22 28.24
C SER G 391 26.53 50.78 28.73
N SER G 392 26.80 49.80 27.87
CA SER G 392 26.72 48.41 28.25
C SER G 392 27.72 47.61 27.44
N TYR G 393 28.25 46.56 28.05
CA TYR G 393 29.19 45.65 27.41
C TYR G 393 28.68 44.22 27.31
N ASP G 394 27.68 43.84 28.09
CA ASP G 394 27.12 42.51 27.99
C ASP G 394 26.42 42.35 26.64
N VAL G 395 26.68 41.23 25.98
CA VAL G 395 26.14 40.93 24.65
C VAL G 395 25.37 39.63 24.72
N THR G 396 24.14 39.66 24.19
CA THR G 396 23.34 38.44 24.06
C THR G 396 23.47 37.89 22.64
N ILE G 397 23.62 36.57 22.55
CA ILE G 397 23.88 35.88 21.30
C ILE G 397 22.60 35.21 20.83
N GLY G 398 22.12 35.62 19.65
CA GLY G 398 21.19 34.82 18.88
C GLY G 398 21.94 33.86 17.97
N TRP G 399 21.18 33.05 17.25
CA TRP G 399 21.78 32.02 16.40
C TRP G 399 20.93 31.86 15.15
N ASP G 400 21.54 31.24 14.13
CA ASP G 400 20.83 30.90 12.91
C ASP G 400 19.73 29.89 13.22
N GLU G 401 18.69 29.91 12.40
CA GLU G 401 17.60 28.96 12.56
C GLU G 401 18.04 27.57 12.11
N VAL G 402 17.97 26.60 13.03
CA VAL G 402 18.27 25.22 12.66
C VAL G 402 17.19 24.68 11.75
N ASN G 403 15.92 24.90 12.11
CA ASN G 403 14.75 24.48 11.33
C ASN G 403 13.96 25.75 11.02
N PRO G 404 14.24 26.43 9.89
CA PRO G 404 13.67 27.76 9.69
C PRO G 404 12.16 27.75 9.57
N ARG G 405 11.55 28.85 10.02
CA ARG G 405 10.13 29.06 9.85
C ARG G 405 9.85 29.68 8.48
N ASP G 406 8.72 29.31 7.89
CA ASP G 406 8.30 29.92 6.64
C ASP G 406 7.84 31.35 6.87
N ASP G 407 8.17 32.23 5.93
CA ASP G 407 7.71 33.61 6.02
C ASP G 407 6.20 33.68 5.96
N LYS G 408 5.57 32.83 5.15
CA LYS G 408 4.11 32.82 5.05
C LYS G 408 3.46 32.49 6.39
N GLU G 409 4.01 31.50 7.09
CA GLU G 409 3.45 31.15 8.40
C GLU G 409 3.64 32.28 9.40
N LEU G 410 4.80 32.95 9.37
CA LEU G 410 5.02 34.09 10.24
C LEU G 410 4.01 35.19 9.96
N ALA G 411 3.75 35.47 8.69
CA ALA G 411 2.76 36.48 8.34
C ALA G 411 1.35 36.05 8.72
N GLU G 412 1.06 34.75 8.65
CA GLU G 412 -0.25 34.27 9.07
C GLU G 412 -0.47 34.51 10.56
N THR G 413 0.53 34.16 11.38
CA THR G 413 0.38 34.41 12.81
C THR G 413 0.38 35.91 13.11
N LEU G 414 1.08 36.70 12.28
CA LEU G 414 0.98 38.15 12.40
C LEU G 414 -0.45 38.62 12.20
N GLU G 415 -1.11 38.10 11.16
CA GLU G 415 -2.50 38.44 10.89
C GLU G 415 -3.38 38.03 12.07
N LYS G 416 -3.16 36.83 12.59
CA LYS G 416 -3.98 36.35 13.70
C LYS G 416 -3.81 37.21 14.94
N VAL G 417 -2.57 37.61 15.24
CA VAL G 417 -2.33 38.49 16.37
C VAL G 417 -2.99 39.84 16.14
N CYS G 418 -2.86 40.39 14.93
CA CYS G 418 -3.42 41.71 14.66
C CYS G 418 -4.93 41.73 14.79
N CYS G 419 -5.61 40.70 14.27
CA CYS G 419 -7.05 40.63 14.41
C CYS G 419 -7.48 40.28 15.82
N ALA G 420 -6.70 39.50 16.55
CA ALA G 420 -6.99 39.27 17.97
C ALA G 420 -6.94 40.57 18.75
N LEU G 421 -5.92 41.39 18.51
CA LEU G 421 -5.92 42.74 19.02
C LEU G 421 -6.91 43.58 18.22
N ASP G 422 -7.04 44.85 18.61
CA ASP G 422 -8.13 45.73 18.17
C ASP G 422 -9.49 45.22 18.64
N LYS G 423 -9.50 44.33 19.64
CA LYS G 423 -10.70 43.76 20.22
C LYS G 423 -10.39 43.44 21.67
N ALA G 424 -11.43 43.31 22.49
CA ALA G 424 -11.28 43.30 23.94
C ALA G 424 -10.53 44.56 24.37
N LEU G 425 -11.18 45.70 24.14
CA LEU G 425 -10.49 46.98 24.11
C LEU G 425 -9.98 47.44 25.47
N GLU G 426 -10.35 46.74 26.55
CA GLU G 426 -9.89 47.13 27.87
C GLU G 426 -8.41 46.81 28.12
N GLY G 427 -7.74 46.12 27.19
CA GLY G 427 -6.36 45.73 27.41
C GLY G 427 -5.42 46.91 27.56
N GLY G 428 -5.55 47.93 26.72
CA GLY G 428 -4.75 49.14 26.89
C GLY G 428 -3.46 49.10 26.09
N PHE G 429 -2.36 49.41 26.77
CA PHE G 429 -1.07 49.55 26.10
C PHE G 429 -0.36 48.23 25.87
N ILE G 430 -0.86 47.14 26.46
CA ILE G 430 -0.25 45.83 26.25
C ILE G 430 -0.30 45.44 24.79
N SER G 431 -1.33 45.87 24.07
CA SER G 431 -1.42 45.59 22.64
C SER G 431 -0.23 46.20 21.90
N GLU G 432 0.05 47.48 22.15
CA GLU G 432 1.18 48.14 21.52
C GLU G 432 2.48 47.47 21.93
N GLU G 433 2.63 47.18 23.23
CA GLU G 433 3.87 46.59 23.73
C GLU G 433 4.14 45.24 23.09
N SER G 434 3.11 44.41 22.91
CA SER G 434 3.30 43.11 22.28
C SER G 434 3.53 43.24 20.78
N THR G 435 2.75 44.11 20.11
CA THR G 435 2.79 44.13 18.66
C THR G 435 4.07 44.78 18.13
N VAL G 436 4.62 45.78 18.83
CA VAL G 436 5.87 46.37 18.37
C VAL G 436 7.00 45.36 18.47
N ASN G 437 7.06 44.62 19.56
CA ASN G 437 8.07 43.57 19.71
C ASN G 437 7.87 42.47 18.67
N PHE G 438 6.62 42.12 18.38
CA PHE G 438 6.36 41.09 17.40
C PHE G 438 6.77 41.54 16.00
N LEU G 439 6.52 42.82 15.68
CA LEU G 439 6.96 43.34 14.38
C LEU G 439 8.48 43.35 14.28
N ALA G 440 9.16 43.71 15.37
CA ALA G 440 10.62 43.67 15.36
C ALA G 440 11.12 42.24 15.11
N GLN G 441 10.53 41.27 15.82
CA GLN G 441 10.91 39.88 15.61
C GLN G 441 10.62 39.43 14.18
N TYR G 442 9.47 39.84 13.64
CA TYR G 442 9.10 39.47 12.29
C TYR G 442 10.09 40.01 11.27
N ILE G 443 10.48 41.28 11.43
CA ILE G 443 11.45 41.89 10.52
C ILE G 443 12.78 41.15 10.62
N ASP G 444 13.22 40.87 11.84
CA ASP G 444 14.50 40.21 12.05
C ASP G 444 14.51 38.82 11.41
N THR G 445 13.42 38.07 11.58
CA THR G 445 13.38 36.71 11.04
C THR G 445 13.19 36.72 9.54
N MET G 446 12.49 37.71 8.99
CA MET G 446 12.27 37.76 7.55
C MET G 446 13.52 38.20 6.80
N SER G 447 14.24 39.19 7.32
CA SER G 447 15.41 39.71 6.61
C SER G 447 16.53 38.67 6.56
N ASN G 448 16.73 37.94 7.65
CA ASN G 448 17.78 36.91 7.69
C ASN G 448 17.46 35.83 6.66
N TYR G 449 18.44 35.50 5.82
CA TYR G 449 18.25 34.50 4.78
C TYR G 449 18.62 33.12 5.31
N ILE G 450 17.84 32.12 4.89
CA ILE G 450 18.01 30.77 5.39
C ILE G 450 19.35 30.20 4.95
N SER G 451 19.67 30.31 3.67
CA SER G 451 20.81 29.60 3.09
C SER G 451 22.09 30.42 3.15
N ASP G 452 22.20 31.33 4.11
CA ASP G 452 23.38 32.17 4.25
C ASP G 452 23.66 32.37 5.73
N ASP G 453 24.91 32.11 6.11
CA ASP G 453 25.32 32.14 7.50
C ASP G 453 25.34 33.57 8.02
N PRO G 454 24.93 33.73 9.27
CA PRO G 454 24.98 35.02 9.92
C PRO G 454 23.88 35.95 9.42
N GLU G 455 23.93 37.18 9.92
CA GLU G 455 22.96 38.21 9.61
C GLU G 455 23.55 39.30 8.71
N ARG G 456 24.64 39.00 7.99
CA ARG G 456 25.32 40.01 7.18
C ARG G 456 24.37 40.65 6.19
N GLU G 457 23.47 39.86 5.63
CA GLU G 457 22.44 40.41 4.75
C GLU G 457 21.55 41.41 5.47
N GLY G 458 21.26 41.18 6.75
CA GLY G 458 20.46 42.14 7.49
C GLY G 458 21.15 43.48 7.62
N GLU G 459 22.44 43.46 8.01
CA GLU G 459 23.19 44.71 8.11
C GLU G 459 23.32 45.38 6.75
N ARG G 460 23.53 44.58 5.70
CA ARG G 460 23.66 45.15 4.37
C ARG G 460 22.38 45.87 3.95
N GLU G 461 21.24 45.21 4.15
CA GLU G 461 19.97 45.83 3.79
C GLU G 461 19.72 47.08 4.62
N LYS G 462 20.01 47.03 5.92
CA LYS G 462 19.79 48.21 6.76
C LYS G 462 20.69 49.37 6.32
N ILE G 463 21.95 49.10 6.01
CA ILE G 463 22.87 50.17 5.63
C ILE G 463 22.47 50.75 4.28
N ILE G 464 22.11 49.89 3.32
CA ILE G 464 21.70 50.37 2.01
C ILE G 464 20.42 51.19 2.12
N LYS G 465 19.50 50.75 2.96
CA LYS G 465 18.26 51.50 3.18
C LYS G 465 18.55 52.86 3.78
N THR G 466 19.43 52.91 4.78
CA THR G 466 19.75 54.19 5.41
C THR G 466 20.45 55.13 4.44
N LYS G 467 21.35 54.60 3.61
CA LYS G 467 22.11 55.44 2.69
C LYS G 467 21.24 55.94 1.55
N MET G 468 20.57 55.02 0.84
CA MET G 468 19.74 55.41 -0.29
C MET G 468 18.43 56.03 0.14
N LEU G 469 17.86 55.58 1.26
CA LEU G 469 16.56 56.05 1.74
C LEU G 469 15.48 55.83 0.68
N MET H 19 42.23 10.79 20.20
CA MET H 19 43.10 10.19 21.26
C MET H 19 43.85 11.29 22.00
N ARG H 20 44.13 11.06 23.28
CA ARG H 20 44.75 12.08 24.11
C ARG H 20 46.27 11.94 24.15
N MET H 21 46.91 12.98 24.66
CA MET H 21 48.33 12.97 24.95
C MET H 21 48.57 13.81 26.20
N SER H 22 49.78 13.71 26.75
CA SER H 22 50.12 14.48 27.93
C SER H 22 50.26 15.96 27.55
N SER H 23 50.27 16.82 28.59
CA SER H 23 50.43 18.25 28.36
C SER H 23 51.75 18.55 27.68
N GLY H 24 52.83 17.92 28.13
CA GLY H 24 54.10 17.96 27.44
C GLY H 24 54.14 16.92 26.35
N ASN H 25 55.35 16.60 25.91
CA ASN H 25 55.58 15.54 24.93
C ASN H 25 54.87 15.85 23.61
N ILE H 26 55.05 17.08 23.12
CA ILE H 26 54.47 17.53 21.86
C ILE H 26 55.53 18.35 21.12
N GLY H 27 55.65 18.12 19.82
CA GLY H 27 56.61 18.85 19.03
C GLY H 27 56.19 20.29 18.79
N VAL H 28 57.14 21.09 18.31
CA VAL H 28 56.89 22.50 18.08
C VAL H 28 56.06 22.67 16.81
N TYR H 29 55.12 23.61 16.84
CA TYR H 29 54.27 23.86 15.69
C TYR H 29 55.09 24.35 14.50
N LYS H 30 54.77 23.86 13.32
CA LYS H 30 55.40 24.29 12.09
C LYS H 30 54.38 24.28 10.96
N LEU H 31 54.40 25.34 10.16
CA LEU H 31 53.44 25.45 9.05
C LEU H 31 53.74 24.40 8.00
N ASP H 32 52.69 23.79 7.48
CA ASP H 32 52.80 22.75 6.45
C ASP H 32 52.64 23.40 5.09
N ASP H 33 53.66 23.24 4.24
CA ASP H 33 53.67 23.82 2.90
C ASP H 33 53.47 22.78 1.80
N SER H 34 52.92 21.61 2.14
CA SER H 34 52.67 20.60 1.13
C SER H 34 51.56 21.06 0.19
N ARG H 35 51.60 20.55 -1.03
CA ARG H 35 50.69 20.94 -2.10
C ARG H 35 49.86 19.73 -2.50
N VAL H 36 48.93 19.94 -3.42
CA VAL H 36 47.81 19.03 -3.62
C VAL H 36 48.08 18.04 -4.75
N ASP H 37 49.22 18.14 -5.42
CA ASP H 37 49.53 17.29 -6.58
C ASP H 37 48.46 17.46 -7.66
N TYR H 38 48.46 18.67 -8.24
CA TYR H 38 47.32 19.11 -9.04
C TYR H 38 47.11 18.24 -10.26
N GLU H 39 48.19 17.68 -10.82
CA GLU H 39 48.05 16.81 -11.98
C GLU H 39 47.21 15.58 -11.65
N LEU H 40 47.46 14.96 -10.49
CA LEU H 40 46.67 13.81 -10.09
C LEU H 40 45.23 14.20 -9.83
N ALA H 41 45.00 15.37 -9.24
CA ALA H 41 43.63 15.81 -8.98
C ALA H 41 42.87 15.99 -10.29
N ARG H 42 43.50 16.61 -11.29
CA ARG H 42 42.83 16.78 -12.57
C ARG H 42 42.60 15.45 -13.27
N GLU H 43 43.57 14.53 -13.19
CA GLU H 43 43.39 13.22 -13.81
C GLU H 43 42.25 12.45 -13.15
N LEU H 44 42.18 12.51 -11.81
CA LEU H 44 41.08 11.86 -11.11
C LEU H 44 39.74 12.49 -11.49
N TYR H 45 39.70 13.82 -11.61
CA TYR H 45 38.47 14.47 -12.01
C TYR H 45 38.06 14.05 -13.41
N GLN H 46 39.02 13.99 -14.33
CA GLN H 46 38.74 13.63 -15.70
C GLN H 46 38.74 12.12 -15.94
N ASN H 47 38.95 11.32 -14.89
CA ASN H 47 38.85 9.86 -14.98
C ASN H 47 39.93 9.28 -15.88
N LYS H 48 41.13 9.87 -15.85
CA LYS H 48 42.22 9.50 -16.73
C LYS H 48 43.24 8.58 -16.07
N ASN H 49 43.44 8.70 -14.76
CA ASN H 49 44.51 7.98 -14.09
C ASN H 49 44.23 6.49 -14.09
N ALA H 50 45.19 5.71 -14.57
CA ALA H 50 44.97 4.27 -14.76
C ALA H 50 44.77 3.56 -13.42
N ASN H 51 45.30 4.11 -12.33
CA ASN H 51 45.17 3.49 -11.03
C ASN H 51 43.88 3.85 -10.32
N TYR H 52 43.01 4.65 -10.94
CA TYR H 52 41.75 5.06 -10.34
C TYR H 52 40.57 5.07 -11.31
N LYS H 53 40.73 4.50 -12.52
CA LYS H 53 39.74 4.65 -13.58
C LYS H 53 38.36 4.14 -13.17
N LEU H 54 38.31 2.94 -12.59
CA LEU H 54 37.03 2.39 -12.15
C LEU H 54 36.55 3.05 -10.87
N GLY H 55 37.47 3.53 -10.04
CA GLY H 55 37.10 4.10 -8.75
C GLY H 55 36.80 5.58 -8.79
N SER H 56 37.43 6.32 -9.71
CA SER H 56 37.30 7.77 -9.73
C SER H 56 36.04 8.25 -10.43
N SER H 57 35.05 7.38 -10.63
CA SER H 57 33.77 7.82 -11.19
C SER H 57 33.07 8.82 -10.28
N PHE H 58 33.34 8.78 -8.98
CA PHE H 58 32.61 9.59 -8.02
C PHE H 58 33.11 11.02 -7.94
N VAL H 59 34.29 11.33 -8.50
CA VAL H 59 34.87 12.65 -8.31
C VAL H 59 34.04 13.71 -9.01
N ARG H 60 33.66 13.46 -10.26
CA ARG H 60 32.92 14.46 -11.02
C ARG H 60 31.59 14.83 -10.40
N PRO H 61 30.70 13.90 -10.05
CA PRO H 61 29.42 14.32 -9.46
C PRO H 61 29.58 15.11 -8.17
N ILE H 62 30.53 14.72 -7.31
CA ILE H 62 30.73 15.42 -6.05
C ILE H 62 31.13 16.87 -6.30
N VAL H 63 32.24 17.06 -7.02
CA VAL H 63 32.78 18.40 -7.22
C VAL H 63 31.79 19.26 -8.00
N ASN H 64 31.20 18.70 -9.06
CA ASN H 64 30.34 19.51 -9.91
C ASN H 64 29.00 19.81 -9.25
N SER H 65 28.45 18.89 -8.45
CA SER H 65 27.24 19.22 -7.71
C SER H 65 27.52 20.31 -6.69
N THR H 66 28.63 20.20 -5.97
CA THR H 66 28.97 21.22 -4.97
C THR H 66 29.19 22.57 -5.65
N THR H 67 29.78 22.57 -6.84
CA THR H 67 30.06 23.83 -7.52
C THR H 67 28.79 24.43 -8.11
N GLY H 68 27.94 23.61 -8.73
CA GLY H 68 26.73 24.09 -9.34
C GLY H 68 25.74 24.62 -8.33
N PHE H 69 25.60 23.92 -7.20
CA PHE H 69 24.61 24.34 -6.22
C PHE H 69 25.04 25.58 -5.46
N MET H 70 26.35 25.78 -5.30
CA MET H 70 26.84 26.97 -4.61
C MET H 70 26.87 28.20 -5.52
N GLY H 71 26.73 28.01 -6.83
CA GLY H 71 26.55 29.12 -7.75
C GLY H 71 27.71 30.09 -7.80
N VAL H 72 27.39 31.38 -7.82
CA VAL H 72 28.41 32.44 -7.90
C VAL H 72 28.03 33.56 -6.95
N PRO H 73 29.02 34.35 -6.50
CA PRO H 73 28.71 35.41 -5.54
C PRO H 73 27.95 36.57 -6.17
N HIS H 74 27.26 37.32 -5.33
CA HIS H 74 26.60 38.57 -5.70
C HIS H 74 27.28 39.70 -4.94
N PHE H 75 27.94 40.59 -5.66
CA PHE H 75 28.68 41.69 -5.04
C PHE H 75 27.70 42.80 -4.72
N GLN H 76 27.60 43.14 -3.43
CA GLN H 76 26.68 44.15 -2.93
C GLN H 76 27.47 45.22 -2.20
N ILE H 77 27.24 46.48 -2.58
CA ILE H 77 27.91 47.61 -1.95
C ILE H 77 26.98 48.81 -2.04
N GLU H 78 27.00 49.63 -0.99
CA GLU H 78 26.06 50.75 -0.92
C GLU H 78 26.36 51.84 -1.93
N ASP H 79 27.62 52.06 -2.30
CA ASP H 79 27.98 53.09 -3.25
C ASP H 79 27.45 52.67 -4.63
N GLU H 80 26.70 53.55 -5.28
CA GLU H 80 26.09 53.20 -6.54
C GLU H 80 27.12 53.07 -7.66
N GLU H 81 28.18 53.90 -7.63
CA GLU H 81 29.23 53.77 -8.64
C GLU H 81 30.02 52.48 -8.48
N ALA H 82 30.37 52.14 -7.24
CA ALA H 82 31.04 50.87 -6.99
C ALA H 82 30.14 49.71 -7.38
N GLN H 83 28.84 49.82 -7.11
CA GLN H 83 27.92 48.77 -7.51
C GLN H 83 27.86 48.65 -9.02
N TYR H 84 27.94 49.77 -9.74
CA TYR H 84 27.96 49.71 -11.20
C TYR H 84 29.22 49.03 -11.71
N ILE H 85 30.37 49.34 -11.09
CA ILE H 85 31.62 48.71 -11.51
C ILE H 85 31.54 47.20 -11.28
N LEU H 86 31.03 46.80 -10.13
CA LEU H 86 30.92 45.38 -9.83
C LEU H 86 29.89 44.70 -10.72
N ASP H 87 28.84 45.43 -11.10
CA ASP H 87 27.86 44.92 -12.05
C ASP H 87 28.51 44.61 -13.39
N GLU H 88 29.30 45.55 -13.90
CA GLU H 88 30.01 45.32 -15.15
C GLU H 88 30.97 44.14 -15.03
N PHE H 89 31.67 44.06 -13.89
CA PHE H 89 32.63 42.98 -13.71
C PHE H 89 31.95 41.61 -13.71
N VAL H 90 30.84 41.47 -12.97
CA VAL H 90 30.17 40.18 -12.94
C VAL H 90 29.56 39.86 -14.30
N LEU H 91 29.02 40.87 -14.99
CA LEU H 91 28.49 40.66 -16.34
C LEU H 91 29.56 40.11 -17.26
N ASP H 92 30.80 40.58 -17.09
CA ASP H 92 31.88 40.08 -17.94
C ASP H 92 32.36 38.69 -17.51
N ASN H 93 32.39 38.41 -16.20
CA ASN H 93 33.20 37.31 -15.66
C ASN H 93 32.43 36.34 -14.76
N THR H 94 31.12 36.21 -14.91
CA THR H 94 30.39 35.24 -14.09
C THR H 94 30.85 33.80 -14.36
N SER H 95 31.10 33.47 -15.63
CA SER H 95 31.55 32.13 -15.97
C SER H 95 32.89 31.81 -15.33
N LYS H 96 33.83 32.76 -15.38
CA LYS H 96 35.12 32.56 -14.75
C LYS H 96 34.98 32.49 -13.24
N MET H 97 34.02 33.22 -12.67
CA MET H 97 33.79 33.13 -11.24
C MET H 97 33.31 31.74 -10.84
N LEU H 98 32.43 31.13 -11.64
CA LEU H 98 32.03 29.75 -11.36
C LEU H 98 33.20 28.79 -11.54
N LYS H 99 33.98 29.01 -12.60
CA LYS H 99 35.15 28.15 -12.82
C LYS H 99 36.15 28.26 -11.69
N THR H 100 36.18 29.40 -11.00
CA THR H 100 37.04 29.53 -9.83
C THR H 100 36.62 28.55 -8.73
N HIS H 101 35.32 28.43 -8.47
CA HIS H 101 34.84 27.43 -7.51
C HIS H 101 35.21 26.04 -7.97
N THR H 102 35.02 25.76 -9.26
CA THR H 102 35.33 24.43 -9.77
C THR H 102 36.81 24.09 -9.57
N ASP H 103 37.69 25.03 -9.92
CA ASP H 103 39.12 24.81 -9.78
C ASP H 103 39.52 24.67 -8.33
N SER H 104 38.94 25.48 -7.44
CA SER H 104 39.29 25.39 -6.03
C SER H 104 38.86 24.06 -5.44
N LEU H 105 37.65 23.60 -5.77
CA LEU H 105 37.19 22.31 -5.26
C LEU H 105 38.01 21.16 -5.84
N LYS H 106 38.41 21.27 -7.10
CA LYS H 106 39.11 20.17 -7.75
C LYS H 106 40.58 20.11 -7.31
N GLN H 107 41.32 21.19 -7.58
CA GLN H 107 42.76 21.23 -7.40
C GLN H 107 43.18 21.70 -6.01
N GLY H 108 42.25 22.16 -5.19
CA GLY H 108 42.60 22.71 -3.88
C GLY H 108 42.93 24.18 -3.90
N ASP H 109 43.80 24.60 -4.81
CA ASP H 109 44.20 26.00 -4.95
C ASP H 109 43.78 26.53 -6.31
N CYS H 110 43.33 27.78 -6.34
CA CYS H 110 43.11 28.50 -7.57
C CYS H 110 43.53 29.94 -7.37
N TYR H 111 44.25 30.48 -8.35
CA TYR H 111 44.82 31.82 -8.29
C TYR H 111 44.20 32.65 -9.40
N ILE H 112 43.74 33.84 -9.04
CA ILE H 112 43.10 34.77 -9.97
C ILE H 112 43.97 36.02 -10.05
N TRP H 113 44.42 36.36 -11.25
CA TRP H 113 45.26 37.52 -11.50
C TRP H 113 44.45 38.57 -12.21
N ILE H 114 44.31 39.74 -11.59
CA ILE H 114 43.59 40.87 -12.18
C ILE H 114 44.60 41.77 -12.87
N THR H 115 44.38 42.01 -14.16
CA THR H 115 45.27 42.85 -14.96
C THR H 115 44.44 43.85 -15.74
N ARG H 116 44.96 45.08 -15.85
CA ARG H 116 44.31 46.15 -16.57
C ARG H 116 45.01 46.35 -17.90
N GLU H 117 44.26 46.29 -18.99
CA GLU H 117 44.80 46.35 -20.35
C GLU H 117 44.19 47.53 -21.08
N GLU H 118 45.06 48.41 -21.59
CA GLU H 118 44.65 49.54 -22.41
C GLU H 118 44.86 49.30 -23.90
N ARG H 119 45.22 48.09 -24.30
CA ARG H 119 45.52 47.83 -25.70
C ARG H 119 44.27 47.96 -26.56
N GLU H 120 44.41 48.64 -27.70
CA GLU H 120 43.32 48.80 -28.64
C GLU H 120 43.33 47.66 -29.64
N ASN H 121 42.16 47.12 -29.96
CA ASN H 121 42.00 46.13 -31.00
C ASN H 121 40.58 46.28 -31.55
N PRO H 122 40.38 46.09 -32.86
CA PRO H 122 39.06 46.41 -33.44
C PRO H 122 37.96 45.42 -33.09
N LEU H 123 38.27 44.33 -32.39
CA LEU H 123 37.24 43.44 -31.88
C LEU H 123 36.54 44.01 -30.67
N TYR H 124 37.17 44.96 -29.96
CA TYR H 124 36.59 45.61 -28.78
C TYR H 124 36.67 47.11 -28.93
N PRO H 125 35.92 47.70 -29.87
CA PRO H 125 35.92 49.16 -29.99
C PRO H 125 35.13 49.83 -28.89
N ASP H 126 34.19 49.12 -28.26
CA ASP H 126 33.41 49.71 -27.19
C ASP H 126 34.24 49.97 -25.94
N LYS H 127 35.04 48.98 -25.54
CA LYS H 127 35.75 49.01 -24.26
C LYS H 127 37.22 49.31 -24.53
N LYS H 128 37.59 50.58 -24.37
CA LYS H 128 38.97 50.99 -24.57
C LYS H 128 39.89 50.40 -23.50
N VAL H 129 39.46 50.43 -22.24
CA VAL H 129 40.24 49.94 -21.11
C VAL H 129 39.43 48.85 -20.42
N ARG H 130 40.10 47.74 -20.09
CA ARG H 130 39.44 46.56 -19.58
C ARG H 130 40.21 45.99 -18.40
N LEU H 131 39.50 45.26 -17.54
CA LEU H 131 40.09 44.45 -16.49
C LEU H 131 39.89 42.98 -16.84
N ILE H 132 40.97 42.21 -16.84
CA ILE H 132 40.97 40.82 -17.30
C ILE H 132 41.02 39.92 -16.07
N TYR H 133 40.14 38.93 -16.04
CA TYR H 133 40.07 37.94 -14.97
C TYR H 133 40.91 36.74 -15.41
N ASN H 134 42.21 36.80 -15.14
CA ASN H 134 43.15 35.79 -15.60
C ASN H 134 43.33 34.71 -14.53
N PHE H 135 43.33 33.45 -14.98
CA PHE H 135 43.69 32.35 -14.11
C PHE H 135 45.19 32.09 -14.21
N ILE H 136 45.84 31.98 -13.06
CA ILE H 136 47.18 31.41 -12.96
C ILE H 136 47.01 29.94 -12.58
N SER H 137 47.52 29.05 -13.40
CA SER H 137 47.44 27.63 -13.09
C SER H 137 48.21 27.36 -11.79
N PRO H 138 47.70 26.50 -10.91
CA PRO H 138 48.38 26.33 -9.62
C PRO H 138 49.78 25.76 -9.72
N GLU H 139 50.12 25.10 -10.83
CA GLU H 139 51.49 24.64 -11.01
C GLU H 139 52.44 25.78 -11.38
N GLU H 140 51.92 26.86 -11.96
CA GLU H 140 52.78 28.00 -12.26
C GLU H 140 53.37 28.61 -11.00
N VAL H 141 52.61 28.62 -9.91
CA VAL H 141 53.07 29.23 -8.67
C VAL H 141 54.13 28.32 -8.06
N LYS H 142 55.40 28.66 -8.30
CA LYS H 142 56.49 27.84 -7.78
C LYS H 142 56.65 28.03 -6.29
N GLU H 143 56.53 29.26 -5.81
CA GLU H 143 56.70 29.56 -4.39
C GLU H 143 55.93 30.83 -4.07
N ILE H 144 55.43 30.91 -2.85
CA ILE H 144 54.77 32.11 -2.32
C ILE H 144 55.58 32.57 -1.13
N ILE H 145 56.11 33.79 -1.21
CA ILE H 145 56.83 34.40 -0.10
C ILE H 145 55.83 35.08 0.81
N LEU H 146 55.80 34.67 2.07
CA LEU H 146 54.83 35.15 3.04
C LEU H 146 55.54 36.00 4.09
N ASP H 147 54.88 37.08 4.49
CA ASP H 147 55.32 37.81 5.67
C ASP H 147 55.19 36.87 6.86
N PRO H 148 56.27 36.59 7.61
CA PRO H 148 56.15 35.58 8.69
C PRO H 148 55.13 35.96 9.75
N THR H 149 54.95 37.24 10.04
CA THR H 149 54.03 37.63 11.10
C THR H 149 52.57 37.48 10.66
N THR H 150 52.17 38.21 9.63
CA THR H 150 50.77 38.24 9.20
C THR H 150 50.41 37.16 8.20
N LYS H 151 51.39 36.42 7.68
CA LYS H 151 51.20 35.46 6.59
C LYS H 151 50.63 36.12 5.34
N GLU H 152 50.83 37.43 5.19
CA GLU H 152 50.40 38.12 3.98
C GLU H 152 51.40 37.83 2.86
N PRO H 153 50.96 37.40 1.67
CA PRO H 153 51.93 37.09 0.62
C PRO H 153 52.60 38.36 0.12
N ILE H 154 53.93 38.37 0.15
CA ILE H 154 54.73 39.51 -0.29
C ILE H 154 55.42 39.28 -1.62
N ALA H 155 55.32 38.09 -2.20
CA ALA H 155 55.82 37.84 -3.54
C ALA H 155 55.29 36.50 -4.04
N TYR H 156 54.97 36.46 -5.34
CA TYR H 156 54.57 35.24 -6.02
C TYR H 156 55.64 34.89 -7.05
N ILE H 157 56.13 33.65 -6.98
CA ILE H 157 57.14 33.15 -7.90
C ILE H 157 56.41 32.32 -8.94
N LEU H 158 56.08 32.92 -10.07
CA LEU H 158 55.41 32.25 -11.18
C LEU H 158 56.45 31.81 -12.20
N GLU H 159 56.36 30.54 -12.60
CA GLU H 159 57.27 29.98 -13.59
C GLU H 159 56.51 29.02 -14.49
N SER H 160 56.77 29.11 -15.79
CA SER H 160 56.10 28.27 -16.77
C SER H 160 56.99 28.09 -17.99
N GLN H 161 56.77 26.98 -18.70
CA GLN H 161 57.47 26.69 -19.94
C GLN H 161 56.52 26.93 -21.11
N ASN H 162 56.95 27.74 -22.07
CA ASN H 162 56.13 28.16 -23.20
C ASN H 162 56.69 27.56 -24.49
N GLU H 163 56.10 26.47 -24.94
CA GLU H 163 56.37 25.90 -26.26
C GLU H 163 55.27 26.38 -27.20
N TRP H 164 55.67 27.10 -28.25
CA TRP H 164 54.73 27.73 -29.15
C TRP H 164 55.33 27.81 -30.54
N THR H 165 54.48 27.71 -31.55
CA THR H 165 54.91 27.80 -32.94
C THR H 165 54.64 29.20 -33.47
N ASP H 166 55.65 29.79 -34.11
CA ASP H 166 55.46 31.09 -34.73
C ASP H 166 54.53 30.96 -35.92
N LEU H 167 53.90 32.08 -36.30
CA LEU H 167 52.97 32.06 -37.42
C LEU H 167 53.64 31.68 -38.74
N GLY H 168 54.96 31.77 -38.83
CA GLY H 168 55.70 31.13 -39.90
C GLY H 168 55.83 29.64 -39.65
N GLU H 169 56.97 29.09 -40.05
CA GLU H 169 57.24 27.67 -39.89
C GLU H 169 58.04 27.34 -38.64
N ASN H 170 58.59 28.34 -37.95
CA ASN H 170 59.56 28.06 -36.89
C ASN H 170 58.86 27.63 -35.61
N LYS H 171 59.29 26.48 -35.08
CA LYS H 171 58.95 26.13 -33.70
C LYS H 171 59.76 26.98 -32.75
N ARG H 172 59.13 27.40 -31.65
CA ARG H 172 59.78 28.25 -30.66
C ARG H 172 59.52 27.69 -29.27
N LYS H 173 60.45 27.97 -28.35
CA LYS H 173 60.39 27.47 -26.99
C LYS H 173 60.97 28.50 -26.06
N ALA H 174 60.35 28.67 -24.89
CA ALA H 174 60.80 29.62 -23.89
C ALA H 174 60.41 29.12 -22.51
N LYS H 175 61.09 29.65 -21.49
CA LYS H 175 60.86 29.27 -20.10
C LYS H 175 60.85 30.54 -19.28
N VAL H 176 59.65 31.10 -19.06
CA VAL H 176 59.49 32.38 -18.39
C VAL H 176 59.27 32.15 -16.91
N LYS H 177 60.04 32.85 -16.08
CA LYS H 177 59.77 32.98 -14.66
C LYS H 177 59.59 34.45 -14.34
N GLN H 178 58.74 34.74 -13.36
CA GLN H 178 58.48 36.12 -12.97
C GLN H 178 58.17 36.19 -11.49
N ILE H 179 58.44 37.35 -10.92
CA ILE H 179 58.38 37.58 -9.47
C ILE H 179 57.41 38.72 -9.25
N ILE H 180 56.14 38.38 -9.02
CA ILE H 180 55.11 39.40 -8.78
C ILE H 180 55.16 39.79 -7.32
N THR H 181 55.58 41.03 -7.05
CA THR H 181 55.68 41.57 -5.70
C THR H 181 54.82 42.82 -5.58
N ALA H 182 54.78 43.38 -4.37
CA ALA H 182 53.99 44.57 -4.13
C ALA H 182 54.61 45.82 -4.73
N GLU H 183 55.94 45.91 -4.75
CA GLU H 183 56.61 47.07 -5.30
C GLU H 183 56.69 47.03 -6.82
N SER H 184 56.91 45.85 -7.39
CA SER H 184 57.13 45.72 -8.82
C SER H 184 56.97 44.25 -9.19
N ARG H 185 56.91 43.98 -10.49
CA ARG H 185 56.97 42.62 -11.02
C ARG H 185 58.20 42.49 -11.90
N PHE H 186 59.04 41.52 -11.59
CA PHE H 186 60.25 41.23 -12.32
C PHE H 186 60.03 39.95 -13.12
N VAL H 187 60.39 39.98 -14.40
CA VAL H 187 60.17 38.86 -15.31
C VAL H 187 61.43 38.63 -16.14
N GLU H 188 61.83 37.37 -16.27
CA GLU H 188 62.98 36.98 -17.07
C GLU H 188 62.62 35.71 -17.83
N VAL H 189 63.15 35.60 -19.05
CA VAL H 189 62.82 34.52 -19.98
C VAL H 189 64.11 33.86 -20.42
N GLU H 190 64.12 32.52 -20.45
CA GLU H 190 65.16 31.75 -21.09
C GLU H 190 64.65 31.27 -22.45
N GLY H 191 65.55 31.23 -23.42
CA GLY H 191 65.19 30.77 -24.74
C GLY H 191 64.65 31.89 -25.63
N ASP H 192 63.72 31.52 -26.50
CA ASP H 192 63.23 32.44 -27.52
C ASP H 192 62.50 33.62 -26.89
N LYS H 193 62.65 34.78 -27.54
CA LYS H 193 62.01 35.99 -27.05
C LYS H 193 60.50 35.90 -27.21
N ILE H 194 59.79 36.64 -26.36
CA ILE H 194 58.33 36.78 -26.44
C ILE H 194 58.03 38.26 -26.64
N GLU H 195 57.28 38.57 -27.70
CA GLU H 195 57.01 39.97 -28.04
C GLU H 195 56.18 40.66 -26.96
N GLY H 196 55.21 39.96 -26.38
CA GLY H 196 54.32 40.58 -25.42
C GLY H 196 54.91 40.83 -24.05
N LEU H 197 56.10 40.31 -23.77
CA LEU H 197 56.75 40.44 -22.48
C LEU H 197 57.98 41.32 -22.58
N GLU H 198 58.19 42.16 -21.56
CA GLU H 198 59.39 42.97 -21.41
C GLU H 198 60.16 42.45 -20.20
N GLU H 199 61.39 42.02 -20.42
CA GLU H 199 62.19 41.51 -19.32
C GLU H 199 62.50 42.62 -18.31
N GLY H 200 62.89 42.20 -17.12
CA GLY H 200 63.31 43.13 -16.09
C GLY H 200 62.17 43.62 -15.22
N GLU H 201 62.55 44.46 -14.27
CA GLU H 201 61.60 44.99 -13.30
C GLU H 201 60.73 46.08 -13.93
N THR H 202 59.46 46.09 -13.56
CA THR H 202 58.53 47.16 -13.92
C THR H 202 57.67 47.47 -12.69
N PRO H 203 57.54 48.73 -12.27
CA PRO H 203 56.77 49.00 -11.05
C PRO H 203 55.30 48.65 -11.21
N ASN H 204 54.66 48.33 -10.08
CA ASN H 204 53.23 48.11 -10.02
C ASN H 204 52.52 49.45 -9.92
N VAL H 205 51.48 49.64 -10.73
CA VAL H 205 50.67 50.85 -10.60
C VAL H 205 49.97 50.92 -9.25
N TRP H 206 49.74 49.79 -8.61
CA TRP H 206 49.11 49.71 -7.30
C TRP H 206 50.07 49.01 -6.33
N GLY H 207 50.00 49.40 -5.06
CA GLY H 207 50.93 48.88 -4.08
C GLY H 207 50.47 47.62 -3.40
N PHE H 208 49.82 46.71 -4.15
CA PHE H 208 49.49 45.39 -3.66
C PHE H 208 49.64 44.40 -4.79
N ILE H 209 49.85 43.14 -4.44
CA ILE H 209 49.97 42.08 -5.42
C ILE H 209 48.56 41.81 -5.96
N PRO H 210 48.28 41.97 -7.27
CA PRO H 210 46.91 41.79 -7.73
C PRO H 210 46.58 40.33 -8.02
N ILE H 211 46.80 39.45 -7.03
CA ILE H 211 46.52 38.03 -7.13
C ILE H 211 45.70 37.61 -5.93
N ILE H 212 44.60 36.91 -6.16
CA ILE H 212 43.74 36.39 -5.12
C ILE H 212 43.97 34.89 -5.04
N HIS H 213 44.30 34.40 -3.85
CA HIS H 213 44.56 32.98 -3.63
C HIS H 213 43.30 32.34 -3.08
N PHE H 214 42.49 31.76 -3.96
CA PHE H 214 41.35 30.98 -3.52
C PHE H 214 41.84 29.65 -2.98
N LYS H 215 41.29 29.24 -1.83
CA LYS H 215 41.85 28.14 -1.04
C LYS H 215 40.70 27.31 -0.51
N ASN H 216 40.44 26.17 -1.17
CA ASN H 216 39.39 25.27 -0.72
C ASN H 216 39.81 24.56 0.56
N GLU H 217 38.89 24.49 1.52
CA GLU H 217 39.14 23.87 2.81
C GLU H 217 40.37 24.48 3.47
N ALA H 218 40.39 25.80 3.53
CA ALA H 218 41.51 26.52 4.11
C ALA H 218 41.71 26.12 5.57
N ASP H 219 42.96 25.79 5.90
CA ASP H 219 43.33 25.35 7.25
C ASP H 219 44.46 26.25 7.72
N GLU H 220 44.44 26.60 9.01
CA GLU H 220 45.45 27.49 9.55
C GLU H 220 46.84 26.85 9.51
N THR H 221 46.91 25.53 9.61
CA THR H 221 48.19 24.84 9.64
C THR H 221 48.77 24.56 8.25
N LEU H 222 48.00 24.79 7.18
CA LEU H 222 48.43 24.52 5.82
C LEU H 222 48.64 25.83 5.07
N LYS H 223 49.76 25.91 4.35
CA LYS H 223 50.01 27.07 3.50
C LYS H 223 49.09 27.09 2.30
N TYR H 224 48.76 25.92 1.76
CA TYR H 224 47.94 25.77 0.56
C TYR H 224 46.63 25.08 0.90
N GLY H 225 45.70 25.11 -0.05
CA GLY H 225 44.39 24.54 0.16
C GLY H 225 44.39 23.04 0.00
N GLN H 226 43.21 22.46 0.23
CA GLN H 226 42.99 21.03 0.14
C GLN H 226 41.87 20.77 -0.86
N SER H 227 42.07 19.77 -1.72
CA SER H 227 41.03 19.39 -2.66
C SER H 227 39.93 18.61 -1.95
N ASP H 228 38.73 18.66 -2.52
CA ASP H 228 37.66 17.78 -2.08
C ASP H 228 37.92 16.33 -2.46
N ILE H 229 38.89 16.07 -3.35
CA ILE H 229 39.23 14.71 -3.73
C ILE H 229 40.10 14.05 -2.68
N GLU H 230 40.87 14.84 -1.92
CA GLU H 230 41.79 14.27 -0.95
C GLU H 230 41.10 13.40 0.11
N PRO H 231 40.00 13.82 0.74
CA PRO H 231 39.34 12.92 1.69
C PRO H 231 38.89 11.60 1.09
N ILE H 232 38.44 11.60 -0.17
CA ILE H 232 37.91 10.38 -0.77
C ILE H 232 38.97 9.56 -1.52
N GLU H 233 40.16 10.10 -1.73
CA GLU H 233 41.16 9.46 -2.58
C GLU H 233 41.51 8.03 -2.18
N PRO H 234 41.80 7.72 -0.90
CA PRO H 234 41.99 6.29 -0.56
C PRO H 234 40.77 5.44 -0.83
N LEU H 235 39.57 5.97 -0.60
CA LEU H 235 38.37 5.20 -0.93
C LEU H 235 38.23 5.00 -2.42
N LEU H 236 38.58 6.00 -3.23
CA LEU H 236 38.55 5.82 -4.68
C LEU H 236 39.55 4.74 -5.11
N LYS H 237 40.75 4.74 -4.52
CA LYS H 237 41.72 3.72 -4.86
C LYS H 237 41.23 2.33 -4.48
N ALA H 238 40.64 2.21 -3.28
CA ALA H 238 40.11 0.91 -2.86
C ALA H 238 38.97 0.45 -3.75
N TYR H 239 38.10 1.38 -4.14
CA TYR H 239 37.00 1.05 -5.04
C TYR H 239 37.53 0.57 -6.38
N HIS H 240 38.53 1.26 -6.92
CA HIS H 240 39.14 0.83 -8.18
C HIS H 240 39.74 -0.56 -8.04
N ASP H 241 40.44 -0.82 -6.95
CA ASP H 241 41.07 -2.12 -6.76
C ASP H 241 40.01 -3.22 -6.70
N VAL H 242 38.94 -2.99 -5.95
CA VAL H 242 37.89 -4.00 -5.83
C VAL H 242 37.22 -4.24 -7.19
N MET H 243 36.91 -3.15 -7.91
CA MET H 243 36.26 -3.30 -9.21
C MET H 243 37.17 -4.04 -10.19
N LEU H 244 38.45 -3.70 -10.22
CA LEU H 244 39.35 -4.33 -11.18
C LEU H 244 39.56 -5.80 -10.85
N HIS H 245 39.70 -6.12 -9.55
CA HIS H 245 39.82 -7.52 -9.16
C HIS H 245 38.57 -8.30 -9.53
N ALA H 246 37.39 -7.70 -9.31
CA ALA H 246 36.15 -8.35 -9.67
C ALA H 246 36.06 -8.59 -11.16
N LEU H 247 36.42 -7.58 -11.96
CA LEU H 247 36.34 -7.72 -13.42
C LEU H 247 37.29 -8.78 -13.93
N LYS H 248 38.52 -8.80 -13.41
CA LYS H 248 39.48 -9.81 -13.84
C LYS H 248 39.02 -11.21 -13.44
N GLY H 249 38.51 -11.35 -12.21
CA GLY H 249 38.02 -12.65 -11.79
C GLY H 249 36.85 -13.13 -12.63
N SER H 250 35.93 -12.22 -12.95
CA SER H 250 34.81 -12.59 -13.80
C SER H 250 35.26 -12.96 -15.20
N LYS H 251 36.23 -12.22 -15.76
CA LYS H 251 36.75 -12.56 -17.07
C LYS H 251 37.35 -13.94 -17.08
N MET H 252 38.10 -14.28 -16.03
CA MET H 252 38.79 -15.57 -16.01
C MET H 252 37.83 -16.72 -15.72
N HIS H 253 36.81 -16.51 -14.87
CA HIS H 253 36.06 -17.60 -14.28
C HIS H 253 34.54 -17.55 -14.44
N SER H 254 33.96 -16.47 -14.96
CA SER H 254 32.50 -16.43 -15.07
C SER H 254 32.00 -17.45 -16.07
N THR H 255 32.66 -17.56 -17.22
CA THR H 255 32.21 -18.49 -18.24
C THR H 255 32.62 -19.90 -17.83
N PRO H 256 31.69 -20.87 -17.73
CA PRO H 256 32.08 -22.20 -17.26
C PRO H 256 32.98 -22.90 -18.26
N LYS H 257 33.86 -23.75 -17.72
CA LYS H 257 34.85 -24.47 -18.51
C LYS H 257 34.39 -25.91 -18.69
N LEU H 258 34.28 -26.35 -19.94
CA LEU H 258 33.89 -27.72 -20.23
C LEU H 258 35.07 -28.64 -19.99
N LYS H 259 34.91 -29.59 -19.08
CA LYS H 259 35.91 -30.63 -18.84
C LYS H 259 35.45 -31.89 -19.56
N LEU H 260 36.36 -32.49 -20.32
CA LEU H 260 36.14 -33.78 -20.96
C LEU H 260 37.17 -34.76 -20.42
N LYS H 261 36.69 -35.79 -19.74
CA LYS H 261 37.54 -36.85 -19.21
C LYS H 261 37.51 -37.99 -20.23
N LEU H 262 38.60 -38.11 -20.99
CA LEU H 262 38.63 -38.92 -22.20
C LEU H 262 39.59 -40.09 -22.03
N THR H 263 39.34 -41.16 -22.79
CA THR H 263 40.26 -42.28 -22.80
C THR H 263 41.61 -41.88 -23.39
N ASP H 264 41.60 -41.09 -24.46
CA ASP H 264 42.84 -40.64 -25.09
C ASP H 264 42.60 -39.24 -25.65
N VAL H 265 43.24 -38.25 -25.03
CA VAL H 265 42.96 -36.85 -25.34
C VAL H 265 43.48 -36.49 -26.73
N ALA H 266 44.72 -36.92 -27.03
CA ALA H 266 45.36 -36.48 -28.27
C ALA H 266 44.61 -36.97 -29.49
N SER H 267 44.17 -38.23 -29.49
CA SER H 267 43.40 -38.74 -30.61
C SER H 267 42.07 -38.02 -30.73
N PHE H 268 41.43 -37.70 -29.61
CA PHE H 268 40.18 -36.94 -29.65
C PHE H 268 40.40 -35.58 -30.32
N LEU H 269 41.46 -34.89 -29.93
CA LEU H 269 41.75 -33.59 -30.54
C LEU H 269 42.02 -33.74 -32.03
N ALA H 270 42.85 -34.72 -32.40
CA ALA H 270 43.22 -34.91 -33.80
C ALA H 270 42.00 -35.23 -34.66
N HIS H 271 41.09 -36.06 -34.14
CA HIS H 271 39.91 -36.43 -34.91
C HIS H 271 38.92 -35.28 -34.98
N ASN H 272 38.46 -34.78 -33.83
CA ASN H 272 37.39 -33.81 -33.84
C ASN H 272 37.83 -32.46 -34.39
N PHE H 273 38.95 -31.92 -33.90
CA PHE H 273 39.36 -30.56 -34.22
C PHE H 273 40.58 -30.49 -35.14
N GLY H 274 41.12 -31.62 -35.58
CA GLY H 274 42.27 -31.58 -36.46
C GLY H 274 43.54 -31.08 -35.80
N VAL H 275 43.59 -31.06 -34.47
CA VAL H 275 44.76 -30.60 -33.74
C VAL H 275 45.67 -31.80 -33.53
N GLU H 276 46.53 -32.09 -34.51
CA GLU H 276 47.41 -33.24 -34.44
C GLU H 276 48.70 -32.97 -33.68
N ASP H 277 48.95 -31.73 -33.25
CA ASP H 277 50.09 -31.38 -32.42
C ASP H 277 49.59 -30.47 -31.31
N PRO H 278 48.94 -31.03 -30.27
CA PRO H 278 48.33 -30.17 -29.25
C PRO H 278 49.33 -29.29 -28.51
N VAL H 279 50.57 -29.74 -28.32
CA VAL H 279 51.57 -28.90 -27.67
C VAL H 279 51.86 -27.68 -28.52
N LYS H 280 52.08 -27.90 -29.83
CA LYS H 280 52.30 -26.78 -30.74
C LYS H 280 51.06 -25.90 -30.83
N PHE H 281 49.88 -26.51 -30.80
CA PHE H 281 48.64 -25.75 -30.88
C PHE H 281 48.50 -24.82 -29.69
N ALA H 282 48.75 -25.33 -28.48
CA ALA H 282 48.65 -24.49 -27.29
C ALA H 282 49.75 -23.45 -27.24
N LYS H 283 50.95 -23.80 -27.74
CA LYS H 283 52.05 -22.85 -27.73
C LYS H 283 51.74 -21.63 -28.58
N GLU H 284 51.14 -21.84 -29.76
CA GLU H 284 50.82 -20.75 -30.66
C GLU H 284 49.52 -20.05 -30.32
N GLY H 285 48.86 -20.42 -29.23
CA GLY H 285 47.63 -19.74 -28.85
C GLY H 285 46.45 -20.05 -29.73
N GLY H 286 46.45 -21.20 -30.40
CA GLY H 286 45.32 -21.55 -31.23
C GLY H 286 44.07 -21.77 -30.38
N LYS H 287 42.92 -21.43 -30.97
CA LYS H 287 41.63 -21.52 -30.30
C LYS H 287 40.77 -22.55 -31.01
N ILE H 288 40.21 -23.49 -30.24
CA ILE H 288 39.25 -24.43 -30.81
C ILE H 288 37.94 -23.71 -31.03
N ASN H 289 37.35 -23.91 -32.22
CA ASN H 289 36.16 -23.18 -32.64
C ASN H 289 34.92 -24.00 -32.29
N LEU H 290 33.92 -23.33 -31.72
CA LEU H 290 32.65 -23.96 -31.35
C LEU H 290 31.50 -23.07 -31.78
N ASP H 291 30.37 -23.71 -32.13
CA ASP H 291 29.18 -23.00 -32.55
C ASP H 291 28.13 -22.88 -31.45
N GLY H 292 28.15 -23.77 -30.45
CA GLY H 292 27.23 -23.74 -29.34
C GLY H 292 26.19 -24.84 -29.36
N HIS H 293 25.93 -25.43 -30.53
CA HIS H 293 24.95 -26.50 -30.68
C HIS H 293 25.60 -27.87 -30.83
N GLU H 294 26.68 -28.12 -30.11
CA GLU H 294 27.38 -29.39 -30.22
C GLU H 294 26.59 -30.51 -29.55
N ILE H 295 26.92 -31.74 -29.91
CA ILE H 295 26.40 -32.93 -29.28
C ILE H 295 27.58 -33.87 -29.03
N LEU H 296 27.65 -34.42 -27.82
CA LEU H 296 28.80 -35.19 -27.37
C LEU H 296 28.47 -36.68 -27.48
N PHE H 297 29.21 -37.38 -28.33
CA PHE H 297 29.19 -38.84 -28.40
C PHE H 297 30.46 -39.36 -27.75
N LEU H 298 30.30 -40.18 -26.72
CA LEU H 298 31.41 -40.66 -25.90
C LEU H 298 31.24 -42.15 -25.68
N ASN H 299 32.36 -42.84 -25.46
CA ASN H 299 32.26 -44.23 -25.02
C ASN H 299 31.93 -44.27 -23.53
N LYS H 300 31.70 -45.48 -23.02
CA LYS H 300 31.13 -45.63 -21.68
C LYS H 300 32.04 -45.07 -20.60
N ASP H 301 33.35 -45.21 -20.77
CA ASP H 301 34.29 -44.80 -19.74
C ASP H 301 34.43 -43.29 -19.62
N GLU H 302 34.30 -42.56 -20.72
CA GLU H 302 34.55 -41.13 -20.71
C GLU H 302 33.41 -40.36 -20.05
N GLU H 303 33.72 -39.15 -19.59
CA GLU H 303 32.78 -38.31 -18.87
C GLU H 303 32.98 -36.86 -19.31
N ALA H 304 31.90 -36.10 -19.26
CA ALA H 304 31.92 -34.68 -19.61
C ALA H 304 31.08 -33.90 -18.61
N GLU H 305 31.55 -32.71 -18.27
CA GLU H 305 30.93 -31.90 -17.23
C GLU H 305 31.38 -30.46 -17.42
N PHE H 306 30.66 -29.54 -16.79
CA PHE H 306 31.04 -28.14 -16.77
C PHE H 306 31.68 -27.79 -15.43
N VAL H 307 32.89 -27.24 -15.49
CA VAL H 307 33.54 -26.66 -14.33
C VAL H 307 33.03 -25.23 -14.18
N GLU H 308 32.24 -24.98 -13.14
CA GLU H 308 31.46 -23.76 -13.03
C GLU H 308 31.59 -23.18 -11.62
N VAL H 309 31.65 -21.86 -11.55
CA VAL H 309 31.68 -21.15 -10.27
C VAL H 309 30.27 -20.78 -9.86
N LYS H 310 30.02 -20.80 -8.55
CA LYS H 310 28.76 -20.25 -8.04
C LYS H 310 28.77 -18.74 -8.13
N SER H 311 29.92 -18.11 -7.92
CA SER H 311 30.05 -16.67 -8.06
C SER H 311 31.53 -16.32 -8.23
N ALA H 312 31.89 -15.82 -9.40
CA ALA H 312 33.27 -15.40 -9.63
C ALA H 312 33.60 -14.09 -8.93
N ILE H 313 32.58 -13.34 -8.49
CA ILE H 313 32.78 -12.06 -7.81
C ILE H 313 32.72 -12.22 -6.30
N GLY H 314 31.90 -13.14 -5.81
CA GLY H 314 31.76 -13.35 -4.38
C GLY H 314 31.18 -12.14 -3.68
N ASP H 315 31.86 -11.69 -2.64
CA ASP H 315 31.37 -10.59 -1.81
C ASP H 315 31.89 -9.23 -2.24
N ALA H 316 32.43 -9.11 -3.46
CA ALA H 316 32.93 -7.82 -3.90
C ALA H 316 31.81 -6.79 -4.02
N LYS H 317 30.58 -7.24 -4.32
CA LYS H 317 29.47 -6.31 -4.44
C LYS H 317 29.18 -5.63 -3.10
N GLU H 318 29.18 -6.42 -2.02
CA GLU H 318 28.96 -5.83 -0.70
C GLU H 318 30.06 -4.86 -0.32
N LEU H 319 31.32 -5.20 -0.63
CA LEU H 319 32.42 -4.29 -0.34
C LEU H 319 32.32 -3.02 -1.15
N LEU H 320 31.90 -3.12 -2.40
CA LEU H 320 31.72 -1.92 -3.22
C LEU H 320 30.58 -1.07 -2.67
N LYS H 321 29.52 -1.70 -2.17
CA LYS H 321 28.44 -0.94 -1.55
C LYS H 321 28.93 -0.21 -0.31
N LEU H 322 29.74 -0.89 0.51
CA LEU H 322 30.27 -0.24 1.72
C LEU H 322 31.20 0.90 1.36
N LEU H 323 32.04 0.73 0.34
CA LEU H 323 32.94 1.79 -0.07
C LEU H 323 32.18 2.96 -0.67
N PHE H 324 31.08 2.67 -1.38
CA PHE H 324 30.22 3.75 -1.88
C PHE H 324 29.61 4.53 -0.73
N TYR H 325 29.15 3.81 0.31
CA TYR H 325 28.63 4.49 1.49
C TYR H 325 29.69 5.38 2.13
N CYS H 326 30.92 4.87 2.23
CA CYS H 326 31.99 5.66 2.83
C CYS H 326 32.31 6.89 1.99
N ILE H 327 32.30 6.73 0.66
CA ILE H 327 32.58 7.87 -0.21
C ILE H 327 31.49 8.92 -0.07
N VAL H 328 30.23 8.48 0.00
CA VAL H 328 29.13 9.43 0.17
C VAL H 328 29.21 10.13 1.52
N ASP H 329 29.61 9.40 2.56
CA ASP H 329 29.78 10.01 3.87
C ASP H 329 30.87 11.06 3.85
N VAL H 330 32.04 10.71 3.29
CA VAL H 330 33.19 11.60 3.32
C VAL H 330 32.90 12.89 2.57
N SER H 331 32.39 12.77 1.35
CA SER H 331 32.06 13.94 0.55
C SER H 331 30.84 14.69 1.07
N GLU H 332 30.02 14.07 1.92
CA GLU H 332 28.81 14.67 2.46
C GLU H 332 27.82 15.01 1.36
N THR H 333 27.89 14.31 0.23
CA THR H 333 26.99 14.58 -0.88
C THR H 333 25.59 14.10 -0.50
N PRO H 334 24.55 14.90 -0.73
CA PRO H 334 23.19 14.37 -0.54
C PRO H 334 22.93 13.18 -1.47
N GLU H 335 22.08 12.27 -1.01
CA GLU H 335 21.95 10.99 -1.67
C GLU H 335 21.29 11.11 -3.04
N PHE H 336 20.54 12.19 -3.29
CA PHE H 336 19.90 12.30 -4.59
C PHE H 336 20.90 12.56 -5.71
N ILE H 337 22.11 13.01 -5.38
CA ILE H 337 23.15 13.13 -6.39
C ILE H 337 23.58 11.76 -6.89
N PHE H 338 23.58 10.75 -6.02
CA PHE H 338 23.91 9.37 -6.37
C PHE H 338 22.67 8.49 -6.32
N GLY H 339 21.55 9.01 -6.81
CA GLY H 339 20.30 8.29 -6.69
C GLY H 339 20.22 7.06 -7.56
N VAL H 340 21.10 6.94 -8.55
CA VAL H 340 21.13 5.73 -9.37
C VAL H 340 21.52 4.53 -8.53
N HIS H 341 22.43 4.73 -7.56
CA HIS H 341 22.74 3.67 -6.61
C HIS H 341 21.57 3.39 -5.68
N THR H 342 20.94 4.45 -5.16
CA THR H 342 19.88 4.37 -4.17
C THR H 342 18.64 5.06 -4.73
N PRO H 343 17.78 4.33 -5.46
CA PRO H 343 16.58 4.98 -6.02
C PRO H 343 15.63 5.54 -4.96
N SER H 344 15.77 5.14 -3.70
CA SER H 344 14.93 5.70 -2.65
C SER H 344 15.10 7.20 -2.52
N ALA H 345 16.35 7.69 -2.64
CA ALA H 345 16.60 9.12 -2.59
C ALA H 345 15.91 9.88 -3.71
N LEU H 346 15.69 9.24 -4.85
CA LEU H 346 15.03 9.87 -5.98
C LEU H 346 13.54 10.04 -5.80
N ALA H 347 12.94 9.42 -4.78
CA ALA H 347 11.52 9.62 -4.51
C ALA H 347 11.22 11.02 -4.00
N SER H 348 12.20 11.69 -3.39
CA SER H 348 12.00 13.03 -2.87
C SER H 348 13.32 13.80 -2.80
N VAL H 349 13.49 14.77 -3.69
CA VAL H 349 14.69 15.61 -3.67
C VAL H 349 14.45 16.85 -2.82
N LYS H 350 13.25 17.44 -2.91
CA LYS H 350 12.93 18.61 -2.11
C LYS H 350 12.97 18.29 -0.62
N GLU H 351 12.69 17.03 -0.26
CA GLU H 351 12.83 16.63 1.14
C GLU H 351 14.30 16.65 1.57
N GLN H 352 15.22 16.34 0.66
CA GLN H 352 16.65 16.29 0.97
C GLN H 352 17.37 17.61 0.76
N MET H 353 16.73 18.62 0.16
CA MET H 353 17.42 19.88 -0.08
C MET H 353 17.95 20.59 1.16
N PRO H 354 17.38 20.45 2.36
CA PRO H 354 18.02 21.08 3.53
C PRO H 354 19.45 20.61 3.77
N ILE H 355 19.77 19.34 3.52
CA ILE H 355 21.14 18.87 3.68
C ILE H 355 22.06 19.57 2.70
N MET H 356 21.62 19.71 1.45
CA MET H 356 22.41 20.43 0.46
C MET H 356 22.57 21.89 0.88
N VAL H 357 21.53 22.48 1.44
CA VAL H 357 21.60 23.88 1.87
C VAL H 357 22.66 24.04 2.95
N ASN H 358 22.67 23.11 3.92
CA ASN H 358 23.67 23.17 4.98
C ASN H 358 25.08 23.02 4.43
N LYS H 359 25.29 22.03 3.56
CA LYS H 359 26.60 21.81 2.97
C LYS H 359 27.06 23.02 2.19
N ILE H 360 26.15 23.63 1.42
CA ILE H 360 26.51 24.74 0.57
C ILE H 360 26.76 25.99 1.40
N ARG H 361 26.04 26.17 2.51
CA ARG H 361 26.38 27.25 3.43
C ARG H 361 27.81 27.11 3.92
N ARG H 362 28.15 25.92 4.42
CA ARG H 362 29.48 25.70 4.98
C ARG H 362 30.56 25.89 3.91
N LYS H 363 30.30 25.44 2.67
CA LYS H 363 31.28 25.59 1.61
C LYS H 363 31.39 27.03 1.15
N ARG H 364 30.26 27.75 1.07
CA ARG H 364 30.28 29.14 0.64
C ARG H 364 31.07 30.01 1.61
N GLU H 365 31.04 29.68 2.90
CA GLU H 365 31.78 30.49 3.85
C GLU H 365 33.29 30.43 3.64
N GLN H 366 33.80 29.45 2.90
CA GLN H 366 35.24 29.37 2.68
C GLN H 366 35.73 30.43 1.70
N PHE H 367 34.97 30.67 0.63
CA PHE H 367 35.43 31.54 -0.45
C PHE H 367 35.00 32.99 -0.33
N THR H 368 34.02 33.29 0.53
CA THR H 368 33.42 34.62 0.51
C THR H 368 34.43 35.71 0.88
N ASN H 369 35.37 35.40 1.77
CA ASN H 369 36.42 36.37 2.09
C ASN H 369 37.28 36.66 0.87
N SER H 370 37.61 35.62 0.10
CA SER H 370 38.38 35.82 -1.12
C SER H 370 37.61 36.67 -2.12
N TRP H 371 36.29 36.50 -2.21
CA TRP H 371 35.51 37.31 -3.13
C TRP H 371 35.44 38.75 -2.65
N GLN H 372 35.36 38.97 -1.34
CA GLN H 372 35.43 40.33 -0.82
C GLN H 372 36.75 40.97 -1.20
N LEU H 373 37.85 40.23 -1.06
CA LEU H 373 39.16 40.75 -1.45
C LEU H 373 39.20 41.07 -2.94
N LEU H 374 38.65 40.17 -3.76
CA LEU H 374 38.67 40.37 -5.22
C LEU H 374 37.87 41.61 -5.60
N ALA H 375 36.68 41.77 -5.01
CA ALA H 375 35.86 42.93 -5.30
C ALA H 375 36.54 44.22 -4.83
N ARG H 376 37.18 44.17 -3.66
CA ARG H 376 37.92 45.34 -3.18
C ARG H 376 39.04 45.72 -4.14
N MET H 377 39.77 44.72 -4.64
CA MET H 377 40.84 44.99 -5.59
C MET H 377 40.29 45.56 -6.89
N VAL H 378 39.17 45.01 -7.37
CA VAL H 378 38.58 45.49 -8.61
C VAL H 378 38.14 46.94 -8.47
N LEU H 379 37.54 47.28 -7.33
CA LEU H 379 37.14 48.66 -7.08
C LEU H 379 38.37 49.57 -7.00
N ILE H 380 39.43 49.10 -6.33
CA ILE H 380 40.64 49.91 -6.22
C ILE H 380 41.31 50.08 -7.59
N MET H 381 41.27 49.02 -8.40
CA MET H 381 41.93 49.05 -9.70
C MET H 381 41.14 49.79 -10.77
N SER H 382 40.05 50.47 -10.42
CA SER H 382 39.27 51.22 -11.39
C SER H 382 38.65 52.45 -10.73
N LYS H 389 38.29 56.86 -4.65
CA LYS H 389 37.19 57.68 -5.12
C LYS H 389 35.88 57.29 -4.43
N TYR H 390 35.67 55.98 -4.31
CA TYR H 390 34.40 55.48 -3.79
C TYR H 390 34.35 55.65 -2.27
N SER H 391 33.14 55.92 -1.78
CA SER H 391 32.93 56.15 -0.36
C SER H 391 33.07 54.88 0.48
N SER H 392 33.02 53.71 -0.14
CA SER H 392 33.15 52.45 0.58
C SER H 392 33.80 51.41 -0.32
N TYR H 393 34.51 50.48 0.30
CA TYR H 393 35.13 49.37 -0.40
C TYR H 393 34.75 48.01 0.17
N ASP H 394 34.11 47.95 1.33
CA ASP H 394 33.74 46.68 1.97
C ASP H 394 32.54 46.11 1.23
N VAL H 395 32.83 45.31 0.21
CA VAL H 395 31.77 44.63 -0.52
C VAL H 395 31.27 43.46 0.30
N THR H 396 29.96 43.19 0.21
CA THR H 396 29.32 42.06 0.86
C THR H 396 28.80 41.10 -0.19
N ILE H 397 28.90 39.81 0.09
CA ILE H 397 28.71 38.75 -0.88
C ILE H 397 27.36 38.12 -0.65
N GLY H 398 26.46 38.27 -1.63
CA GLY H 398 25.28 37.44 -1.72
C GLY H 398 25.56 36.19 -2.53
N TRP H 399 24.57 35.30 -2.57
CA TRP H 399 24.74 34.01 -3.24
C TRP H 399 23.44 33.59 -3.89
N ASP H 400 23.55 32.67 -4.85
CA ASP H 400 22.38 32.07 -5.47
C ASP H 400 21.59 31.27 -4.46
N GLU H 401 20.30 31.09 -4.74
CA GLU H 401 19.46 30.25 -3.91
C GLU H 401 19.81 28.78 -4.15
N VAL H 402 20.12 28.06 -3.08
CA VAL H 402 20.40 26.64 -3.21
C VAL H 402 19.12 25.89 -3.59
N ASN H 403 18.03 26.15 -2.88
CA ASN H 403 16.69 25.75 -3.28
C ASN H 403 15.82 26.98 -3.41
N PRO H 404 15.25 27.29 -4.57
CA PRO H 404 14.63 28.60 -4.75
C PRO H 404 13.31 28.71 -4.04
N ARG H 405 12.93 29.95 -3.72
CA ARG H 405 11.60 30.24 -3.24
C ARG H 405 10.67 30.53 -4.42
N ASP H 406 9.48 29.96 -4.37
CA ASP H 406 8.47 30.22 -5.39
C ASP H 406 8.07 31.69 -5.35
N ASP H 407 7.93 32.29 -6.53
CA ASP H 407 7.49 33.68 -6.59
C ASP H 407 6.09 33.84 -6.03
N LYS H 408 5.21 32.86 -6.26
CA LYS H 408 3.85 32.95 -5.73
C LYS H 408 3.84 32.96 -4.22
N GLU H 409 4.68 32.14 -3.58
CA GLU H 409 4.76 32.13 -2.13
C GLU H 409 5.27 33.47 -1.60
N LEU H 410 6.29 34.03 -2.27
CA LEU H 410 6.80 35.34 -1.87
C LEU H 410 5.71 36.40 -1.97
N ALA H 411 4.94 36.37 -3.06
CA ALA H 411 3.85 37.33 -3.22
C ALA H 411 2.77 37.12 -2.16
N GLU H 412 2.50 35.87 -1.79
CA GLU H 412 1.50 35.60 -0.76
C GLU H 412 1.93 36.19 0.58
N THR H 413 3.19 35.97 0.97
CA THR H 413 3.63 36.54 2.24
C THR H 413 3.71 38.06 2.17
N LEU H 414 4.02 38.61 0.98
CA LEU H 414 3.99 40.06 0.84
C LEU H 414 2.58 40.61 1.04
N GLU H 415 1.58 39.93 0.46
CA GLU H 415 0.20 40.35 0.65
C GLU H 415 -0.21 40.24 2.11
N LYS H 416 0.23 39.17 2.78
CA LYS H 416 -0.07 39.01 4.20
C LYS H 416 0.53 40.15 5.01
N VAL H 417 1.77 40.52 4.71
CA VAL H 417 2.40 41.65 5.40
C VAL H 417 1.63 42.94 5.14
N CYS H 418 1.24 43.16 3.88
CA CYS H 418 0.59 44.42 3.53
C CYS H 418 -0.75 44.56 4.23
N CYS H 419 -1.56 43.49 4.24
CA CYS H 419 -2.85 43.56 4.91
C CYS H 419 -2.73 43.38 6.42
N ALA H 420 -1.57 42.97 6.92
CA ALA H 420 -1.32 43.05 8.36
C ALA H 420 -1.13 44.50 8.80
N LEU H 421 -0.34 45.26 8.04
CA LEU H 421 -0.18 46.67 8.32
C LEU H 421 -1.48 47.40 8.01
N ASP H 422 -1.48 48.71 8.30
CA ASP H 422 -2.68 49.55 8.26
C ASP H 422 -3.71 49.14 9.31
N LYS H 423 -3.30 48.34 10.30
CA LYS H 423 -4.15 47.94 11.40
C LYS H 423 -3.26 47.85 12.64
N ALA H 424 -3.88 47.98 13.81
CA ALA H 424 -3.15 48.21 15.05
C ALA H 424 -2.22 49.41 14.88
N LEU H 425 -2.85 50.57 14.68
CA LEU H 425 -2.19 51.73 14.11
C LEU H 425 -1.12 52.36 15.01
N GLU H 426 -0.91 51.82 16.21
CA GLU H 426 0.17 52.32 17.06
C GLU H 426 1.54 51.76 16.67
N GLY H 427 1.64 51.03 15.56
CA GLY H 427 2.93 50.51 15.12
C GLY H 427 3.96 51.58 14.82
N GLY H 428 3.53 52.71 14.26
CA GLY H 428 4.44 53.82 14.03
C GLY H 428 4.93 53.90 12.60
N PHE H 429 6.11 54.52 12.45
CA PHE H 429 6.67 54.79 11.13
C PHE H 429 7.52 53.65 10.60
N ILE H 430 7.82 52.63 11.41
CA ILE H 430 8.63 51.52 10.95
C ILE H 430 7.91 50.61 9.97
N SER H 431 6.59 50.79 9.79
CA SER H 431 5.87 50.02 8.77
C SER H 431 6.42 50.29 7.38
N GLU H 432 6.67 51.57 7.06
CA GLU H 432 7.29 51.92 5.79
C GLU H 432 8.68 51.31 5.68
N GLU H 433 9.45 51.36 6.76
CA GLU H 433 10.80 50.82 6.76
C GLU H 433 10.79 49.33 6.47
N SER H 434 9.84 48.60 7.05
CA SER H 434 9.76 47.16 6.82
C SER H 434 9.26 46.84 5.41
N THR H 435 8.22 47.54 4.96
CA THR H 435 7.59 47.17 3.71
C THR H 435 8.46 47.54 2.51
N VAL H 436 9.18 48.67 2.59
CA VAL H 436 10.08 49.03 1.49
C VAL H 436 11.21 48.02 1.38
N ASN H 437 11.72 47.55 2.53
CA ASN H 437 12.74 46.52 2.52
C ASN H 437 12.20 45.23 1.92
N PHE H 438 10.97 44.86 2.26
CA PHE H 438 10.39 43.65 1.71
C PHE H 438 10.19 43.78 0.21
N LEU H 439 9.77 44.95 -0.26
CA LEU H 439 9.62 45.16 -1.71
C LEU H 439 10.96 45.05 -2.42
N ALA H 440 12.02 45.62 -1.83
CA ALA H 440 13.35 45.48 -2.43
C ALA H 440 13.78 44.02 -2.49
N GLN H 441 13.57 43.28 -1.39
CA GLN H 441 13.91 41.87 -1.38
C GLN H 441 13.10 41.09 -2.41
N TYR H 442 11.81 41.40 -2.53
CA TYR H 442 10.96 40.72 -3.50
C TYR H 442 11.44 40.98 -4.91
N ILE H 443 11.79 42.23 -5.23
CA ILE H 443 12.28 42.56 -6.57
C ILE H 443 13.56 41.79 -6.84
N ASP H 444 14.48 41.78 -5.88
CA ASP H 444 15.75 41.11 -6.06
C ASP H 444 15.56 39.61 -6.27
N THR H 445 14.67 38.99 -5.49
CA THR H 445 14.49 37.54 -5.58
C THR H 445 13.71 37.15 -6.83
N MET H 446 12.75 37.96 -7.26
CA MET H 446 11.98 37.64 -8.45
C MET H 446 12.79 37.84 -9.71
N SER H 447 13.53 38.96 -9.79
CA SER H 447 14.26 39.26 -11.02
C SER H 447 15.34 38.22 -11.30
N ASN H 448 16.02 37.75 -10.27
CA ASN H 448 17.02 36.71 -10.43
C ASN H 448 16.36 35.43 -10.91
N TYR H 449 16.91 34.86 -11.98
CA TYR H 449 16.37 33.63 -12.54
C TYR H 449 16.99 32.42 -11.88
N ILE H 450 16.16 31.39 -11.66
CA ILE H 450 16.61 30.21 -10.93
C ILE H 450 17.68 29.47 -11.70
N SER H 451 17.44 29.20 -12.99
CA SER H 451 18.26 28.29 -13.76
C SER H 451 19.39 29.00 -14.50
N ASP H 452 19.89 30.12 -13.97
CA ASP H 452 20.95 30.86 -14.62
C ASP H 452 21.84 31.45 -13.53
N ASP H 453 23.13 31.15 -13.61
CA ASP H 453 24.07 31.58 -12.58
C ASP H 453 24.20 33.09 -12.55
N PRO H 454 24.37 33.63 -11.35
CA PRO H 454 24.59 35.05 -11.18
C PRO H 454 23.30 35.85 -11.31
N GLU H 455 23.48 37.16 -11.24
CA GLU H 455 22.40 38.12 -11.33
C GLU H 455 22.41 38.88 -12.66
N ARG H 456 23.11 38.35 -13.66
CA ARG H 456 23.31 39.07 -14.92
C ARG H 456 21.99 39.48 -15.56
N GLU H 457 20.97 38.62 -15.44
CA GLU H 457 19.64 39.00 -15.88
C GLU H 457 19.10 40.19 -15.10
N GLY H 458 19.42 40.30 -13.81
CA GLY H 458 18.97 41.45 -13.05
C GLY H 458 19.59 42.75 -13.56
N GLU H 459 20.91 42.74 -13.79
CA GLU H 459 21.57 43.92 -14.33
C GLU H 459 21.05 44.24 -15.72
N ARG H 460 20.80 43.20 -16.53
CA ARG H 460 20.29 43.42 -17.88
C ARG H 460 18.92 44.10 -17.82
N GLU H 461 18.03 43.60 -16.97
CA GLU H 461 16.70 44.18 -16.85
C GLU H 461 16.79 45.61 -16.36
N LYS H 462 17.66 45.87 -15.37
CA LYS H 462 17.79 47.23 -14.86
C LYS H 462 18.32 48.19 -15.93
N ILE H 463 19.30 47.75 -16.71
CA ILE H 463 19.89 48.62 -17.72
C ILE H 463 18.90 48.87 -18.84
N ILE H 464 18.16 47.83 -19.25
CA ILE H 464 17.16 48.01 -20.31
C ILE H 464 16.06 48.93 -19.83
N LYS H 465 15.67 48.80 -18.55
CA LYS H 465 14.67 49.69 -17.98
C LYS H 465 15.16 51.13 -17.97
N THR H 466 16.43 51.34 -17.60
CA THR H 466 16.97 52.69 -17.55
C THR H 466 17.04 53.30 -18.95
N LYS H 467 17.44 52.51 -19.95
CA LYS H 467 17.57 53.05 -21.30
C LYS H 467 16.20 53.27 -21.94
N MET H 468 15.44 52.20 -22.12
CA MET H 468 14.15 52.29 -22.79
C MET H 468 13.12 53.06 -21.99
N LEU H 469 13.21 53.04 -20.67
CA LEU H 469 12.25 53.73 -19.79
C LEU H 469 10.84 53.23 -20.03
N MET I 19 46.33 13.35 -3.86
CA MET I 19 47.41 13.07 -2.88
C MET I 19 48.27 14.31 -2.65
N ARG I 20 48.99 14.33 -1.53
CA ARG I 20 49.83 15.45 -1.18
C ARG I 20 51.23 15.29 -1.77
N MET I 21 51.97 16.39 -1.79
CA MET I 21 53.37 16.38 -2.21
C MET I 21 54.08 17.55 -1.56
N SER I 22 55.41 17.52 -1.59
CA SER I 22 56.20 18.58 -1.00
C SER I 22 56.09 19.85 -1.82
N SER I 23 56.47 20.97 -1.21
CA SER I 23 56.42 22.25 -1.90
C SER I 23 57.33 22.25 -3.13
N GLY I 24 58.55 21.72 -2.98
CA GLY I 24 59.42 21.50 -4.10
C GLY I 24 59.08 20.18 -4.79
N ASN I 25 60.02 19.71 -5.61
CA ASN I 25 59.89 18.42 -6.27
C ASN I 25 58.66 18.39 -7.19
N ILE I 26 58.54 19.41 -8.03
CA ILE I 26 57.44 19.51 -9.00
C ILE I 26 58.01 20.08 -10.29
N GLY I 27 57.56 19.54 -11.41
CA GLY I 27 58.03 20.00 -12.70
C GLY I 27 57.45 21.34 -13.09
N VAL I 28 58.04 21.94 -14.12
CA VAL I 28 57.61 23.26 -14.58
C VAL I 28 56.32 23.13 -15.37
N TYR I 29 55.41 24.07 -15.15
CA TYR I 29 54.12 24.06 -15.85
C TYR I 29 54.31 24.21 -17.34
N LYS I 30 53.52 23.47 -18.11
CA LYS I 30 53.52 23.54 -19.56
C LYS I 30 52.11 23.32 -20.08
N LEU I 31 51.72 24.12 -21.06
CA LEU I 31 50.38 24.02 -21.64
C LEU I 31 50.27 22.71 -22.42
N ASP I 32 49.19 21.97 -22.17
CA ASP I 32 48.94 20.71 -22.86
C ASP I 32 48.16 20.97 -24.13
N ASP I 33 48.73 20.57 -25.27
CA ASP I 33 48.11 20.79 -26.58
C ASP I 33 47.56 19.51 -27.19
N SER I 34 47.25 18.52 -26.38
CA SER I 34 46.65 17.28 -26.90
C SER I 34 45.23 17.56 -27.39
N ARG I 35 44.78 16.72 -28.31
CA ARG I 35 43.49 16.86 -28.95
C ARG I 35 42.63 15.63 -28.67
N VAL I 36 41.36 15.70 -29.09
CA VAL I 36 40.34 14.80 -28.56
C VAL I 36 40.15 13.55 -29.40
N ASP I 37 40.90 13.42 -30.50
CA ASP I 37 40.73 12.28 -31.42
C ASP I 37 39.29 12.22 -31.93
N TYR I 38 38.95 13.22 -32.74
CA TYR I 38 37.56 13.50 -33.05
C TYR I 38 36.89 12.37 -33.80
N GLU I 39 37.66 11.62 -34.60
CA GLU I 39 37.09 10.49 -35.33
C GLU I 39 36.55 9.43 -34.37
N LEU I 40 37.32 9.12 -33.33
CA LEU I 40 36.85 8.15 -32.34
C LEU I 40 35.63 8.68 -31.60
N ALA I 41 35.61 9.98 -31.30
CA ALA I 41 34.46 10.56 -30.61
C ALA I 41 33.20 10.43 -31.45
N ARG I 42 33.29 10.73 -32.75
CA ARG I 42 32.14 10.60 -33.62
C ARG I 42 31.72 9.14 -33.77
N GLU I 43 32.68 8.22 -33.86
CA GLU I 43 32.33 6.80 -33.95
C GLU I 43 31.64 6.32 -32.69
N LEU I 44 32.12 6.76 -31.53
CA LEU I 44 31.47 6.40 -30.26
C LEU I 44 30.06 6.97 -30.21
N TYR I 45 29.88 8.21 -30.65
CA TYR I 45 28.55 8.81 -30.65
C TYR I 45 27.62 8.06 -31.58
N GLN I 46 28.12 7.69 -32.77
CA GLN I 46 27.30 6.98 -33.75
C GLN I 46 27.32 5.46 -33.55
N ASN I 47 27.99 4.96 -32.52
CA ASN I 47 27.97 3.53 -32.18
C ASN I 47 28.61 2.69 -33.28
N LYS I 48 29.66 3.23 -33.91
CA LYS I 48 30.29 2.59 -35.06
C LYS I 48 31.57 1.84 -34.70
N ASN I 49 32.29 2.27 -33.67
CA ASN I 49 33.60 1.68 -33.38
C ASN I 49 33.41 0.25 -32.88
N ALA I 50 34.07 -0.69 -33.55
CA ALA I 50 33.88 -2.11 -33.24
C ALA I 50 34.36 -2.47 -31.84
N ASN I 51 35.27 -1.70 -31.26
CA ASN I 51 35.76 -1.97 -29.92
C ASN I 51 34.87 -1.39 -28.82
N TYR I 52 33.77 -0.71 -29.19
CA TYR I 52 32.86 -0.12 -28.21
C TYR I 52 31.39 -0.29 -28.55
N LYS I 53 31.03 -1.15 -29.51
CA LYS I 53 29.67 -1.20 -30.05
C LYS I 53 28.64 -1.51 -28.97
N LEU I 54 28.92 -2.51 -28.14
CA LEU I 54 27.99 -2.87 -27.08
C LEU I 54 28.03 -1.86 -25.92
N GLY I 55 29.19 -1.23 -25.71
CA GLY I 55 29.36 -0.33 -24.59
C GLY I 55 29.02 1.12 -24.90
N SER I 56 29.12 1.54 -26.16
CA SER I 56 28.94 2.93 -26.53
C SER I 56 27.47 3.30 -26.72
N SER I 57 26.56 2.46 -26.23
CA SER I 57 25.15 2.80 -26.27
C SER I 57 24.82 4.02 -25.41
N PHE I 58 25.64 4.29 -24.38
CA PHE I 58 25.34 5.35 -23.43
C PHE I 58 25.76 6.73 -23.92
N VAL I 59 26.55 6.83 -24.99
CA VAL I 59 27.07 8.13 -25.40
C VAL I 59 25.94 9.02 -25.91
N ARG I 60 25.08 8.47 -26.76
CA ARG I 60 24.02 9.28 -27.37
C ARG I 60 23.07 9.87 -26.36
N PRO I 61 22.47 9.12 -25.43
CA PRO I 61 21.55 9.74 -24.48
C PRO I 61 22.20 10.82 -23.63
N ILE I 62 23.44 10.63 -23.20
CA ILE I 62 24.12 11.63 -22.38
C ILE I 62 24.27 12.93 -23.15
N VAL I 63 24.96 12.89 -24.29
CA VAL I 63 25.26 14.10 -25.04
C VAL I 63 23.97 14.75 -25.53
N ASN I 64 23.03 13.96 -26.04
CA ASN I 64 21.84 14.55 -26.61
C ASN I 64 20.89 15.10 -25.55
N SER I 65 20.76 14.44 -24.40
CA SER I 65 19.97 15.03 -23.32
C SER I 65 20.60 16.33 -22.84
N THR I 66 21.93 16.34 -22.69
CA THR I 66 22.59 17.55 -22.20
C THR I 66 22.42 18.70 -23.19
N THR I 67 22.57 18.42 -24.49
CA THR I 67 22.50 19.50 -25.46
C THR I 67 21.05 19.92 -25.73
N GLY I 68 20.09 19.00 -25.59
CA GLY I 68 18.71 19.38 -25.75
C GLY I 68 18.19 20.21 -24.60
N PHE I 69 18.51 19.82 -23.36
CA PHE I 69 18.02 20.56 -22.22
C PHE I 69 18.68 21.93 -22.10
N MET I 70 19.95 22.05 -22.50
CA MET I 70 20.62 23.33 -22.39
C MET I 70 20.17 24.31 -23.46
N GLY I 71 19.57 23.81 -24.55
CA GLY I 71 18.95 24.67 -25.53
C GLY I 71 19.92 25.57 -26.28
N VAL I 72 19.50 26.80 -26.53
CA VAL I 72 20.27 27.74 -27.35
C VAL I 72 20.26 29.10 -26.67
N PRO I 73 21.27 29.93 -26.94
CA PRO I 73 21.34 31.23 -26.27
C PRO I 73 20.24 32.18 -26.74
N HIS I 74 19.92 33.14 -25.88
CA HIS I 74 19.05 34.25 -26.21
C HIS I 74 19.88 35.53 -26.11
N PHE I 75 20.16 36.14 -27.26
CA PHE I 75 21.02 37.32 -27.30
C PHE I 75 20.20 38.54 -26.88
N GLN I 76 20.67 39.22 -25.84
CA GLN I 76 19.98 40.36 -25.26
C GLN I 76 20.96 41.54 -25.23
N ILE I 77 20.55 42.66 -25.81
CA ILE I 77 21.37 43.86 -25.84
C ILE I 77 20.45 45.07 -25.80
N GLU I 78 20.88 46.11 -25.09
CA GLU I 78 20.00 47.25 -24.84
C GLU I 78 19.70 48.04 -26.11
N ASP I 79 20.62 48.07 -27.07
CA ASP I 79 20.42 48.81 -28.31
C ASP I 79 19.39 48.08 -29.15
N GLU I 80 18.37 48.80 -29.62
CA GLU I 80 17.31 48.15 -30.39
C GLU I 80 17.78 47.72 -31.77
N GLU I 81 18.69 48.47 -32.40
CA GLU I 81 19.20 48.05 -33.70
C GLU I 81 20.08 46.82 -33.59
N ALA I 82 20.97 46.79 -32.59
CA ALA I 82 21.76 45.58 -32.35
C ALA I 82 20.86 44.40 -32.00
N GLN I 83 19.81 44.66 -31.23
CA GLN I 83 18.86 43.60 -30.91
C GLN I 83 18.18 43.08 -32.16
N TYR I 84 17.85 43.97 -33.10
CA TYR I 84 17.26 43.54 -34.36
C TYR I 84 18.23 42.68 -35.16
N ILE I 85 19.50 43.09 -35.20
CA ILE I 85 20.50 42.32 -35.93
C ILE I 85 20.63 40.92 -35.34
N LEU I 86 20.72 40.83 -34.01
CA LEU I 86 20.84 39.53 -33.38
C LEU I 86 19.56 38.72 -33.52
N ASP I 87 18.41 39.40 -33.57
CA ASP I 87 17.14 38.71 -33.82
C ASP I 87 17.15 38.04 -35.19
N GLU I 88 17.58 38.78 -36.21
CA GLU I 88 17.67 38.19 -37.55
C GLU I 88 18.67 37.04 -37.56
N PHE I 89 19.79 37.20 -36.86
CA PHE I 89 20.81 36.17 -36.84
C PHE I 89 20.27 34.88 -36.22
N VAL I 90 19.60 34.98 -35.07
CA VAL I 90 19.09 33.77 -34.44
C VAL I 90 17.98 33.17 -35.28
N LEU I 91 17.13 34.00 -35.88
CA LEU I 91 16.08 33.50 -36.77
C LEU I 91 16.68 32.68 -37.90
N ASP I 92 17.83 33.10 -38.41
CA ASP I 92 18.47 32.34 -39.48
C ASP I 92 19.15 31.08 -38.97
N ASN I 93 19.78 31.14 -37.79
CA ASN I 93 20.79 30.17 -37.41
C ASN I 93 20.57 29.48 -36.06
N THR I 94 19.34 29.40 -35.55
CA THR I 94 19.12 28.72 -34.27
C THR I 94 19.49 27.24 -34.34
N SER I 95 19.19 26.59 -35.47
CA SER I 95 19.54 25.18 -35.62
C SER I 95 21.05 24.99 -35.55
N LYS I 96 21.80 25.86 -36.21
CA LYS I 96 23.25 25.77 -36.15
C LYS I 96 23.77 26.10 -34.77
N MET I 97 23.10 26.98 -34.04
CA MET I 97 23.50 27.26 -32.66
C MET I 97 23.35 26.01 -31.79
N LEU I 98 22.26 25.27 -31.97
CA LEU I 98 22.11 24.02 -31.21
C LEU I 98 23.14 22.98 -31.65
N LYS I 99 23.39 22.90 -32.96
CA LYS I 99 24.39 21.96 -33.46
C LYS I 99 25.77 22.30 -32.92
N THR I 100 26.04 23.58 -32.64
CA THR I 100 27.32 23.95 -32.05
C THR I 100 27.47 23.34 -30.67
N HIS I 101 26.42 23.38 -29.85
CA HIS I 101 26.46 22.74 -28.55
C HIS I 101 26.69 21.24 -28.69
N THR I 102 25.96 20.61 -29.62
CA THR I 102 26.12 19.18 -29.79
C THR I 102 27.54 18.81 -30.21
N ASP I 103 28.09 19.57 -31.16
CA ASP I 103 29.45 19.33 -31.63
C ASP I 103 30.48 19.53 -30.52
N SER I 104 30.30 20.58 -29.72
CA SER I 104 31.24 20.83 -28.63
C SER I 104 31.19 19.72 -27.59
N LEU I 105 29.99 19.26 -27.23
CA LEU I 105 29.89 18.20 -26.25
C LEU I 105 30.43 16.88 -26.79
N LYS I 106 30.22 16.61 -28.08
CA LYS I 106 30.64 15.34 -28.65
C LYS I 106 32.14 15.32 -28.91
N GLN I 107 32.62 16.24 -29.74
CA GLN I 107 34.00 16.24 -30.21
C GLN I 107 34.94 17.01 -29.30
N GLY I 108 34.44 17.69 -28.28
CA GLY I 108 35.28 18.53 -27.43
C GLY I 108 35.49 19.93 -27.95
N ASP I 109 35.85 20.06 -29.23
CA ASP I 109 36.05 21.34 -29.88
C ASP I 109 35.04 21.54 -30.99
N CYS I 110 34.64 22.80 -31.20
CA CYS I 110 33.85 23.18 -32.35
C CYS I 110 34.21 24.61 -32.72
N TYR I 111 34.42 24.84 -34.01
CA TYR I 111 34.85 26.12 -34.55
C TYR I 111 33.76 26.66 -35.46
N ILE I 112 33.40 27.92 -35.28
CA ILE I 112 32.38 28.60 -36.07
C ILE I 112 33.05 29.74 -36.81
N TRP I 113 32.91 29.75 -38.13
CA TRP I 113 33.52 30.76 -39.00
C TRP I 113 32.41 31.64 -39.54
N ILE I 114 32.42 32.91 -39.15
CA ILE I 114 31.44 33.88 -39.62
C ILE I 114 32.01 34.56 -40.86
N THR I 115 31.27 34.47 -41.98
CA THR I 115 31.68 35.06 -43.24
C THR I 115 30.53 35.87 -43.82
N ARG I 116 30.88 36.98 -44.46
CA ARG I 116 29.92 37.88 -45.07
C ARG I 116 30.03 37.75 -46.60
N GLU I 117 28.89 37.49 -47.25
CA GLU I 117 28.83 37.26 -48.69
C GLU I 117 27.89 38.26 -49.34
N GLU I 118 28.40 38.98 -50.34
CA GLU I 118 27.59 39.82 -51.20
C GLU I 118 27.14 39.09 -52.47
N ARG I 119 27.01 37.77 -52.40
CA ARG I 119 26.72 36.97 -53.58
C ARG I 119 25.24 37.10 -53.95
N GLU I 120 24.98 37.61 -55.15
CA GLU I 120 23.63 37.60 -55.69
C GLU I 120 23.35 36.25 -56.32
N ASN I 121 22.23 35.63 -55.93
CA ASN I 121 21.78 34.39 -56.55
C ASN I 121 20.26 34.42 -56.63
N PRO I 122 19.65 33.75 -57.62
CA PRO I 122 18.20 33.85 -57.78
C PRO I 122 17.39 33.25 -56.63
N LEU I 123 17.97 32.37 -55.83
CA LEU I 123 17.22 31.75 -54.74
C LEU I 123 17.07 32.67 -53.54
N TYR I 124 17.86 33.75 -53.46
CA TYR I 124 17.80 34.70 -52.36
C TYR I 124 17.68 36.11 -52.91
N PRO I 125 16.55 36.45 -53.55
CA PRO I 125 16.35 37.82 -54.01
C PRO I 125 16.12 38.80 -52.88
N ASP I 126 15.69 38.33 -51.71
CA ASP I 126 15.44 39.21 -50.58
C ASP I 126 16.72 39.66 -49.90
N LYS I 127 17.81 38.89 -50.00
CA LYS I 127 19.02 39.10 -49.21
C LYS I 127 20.18 39.43 -50.16
N LYS I 128 20.44 40.72 -50.36
CA LYS I 128 21.59 41.13 -51.14
C LYS I 128 22.89 40.74 -50.45
N VAL I 129 22.97 40.92 -49.13
CA VAL I 129 24.15 40.62 -48.33
C VAL I 129 23.74 39.75 -47.16
N ARG I 130 24.56 38.74 -46.86
CA ARG I 130 24.25 37.75 -45.84
C ARG I 130 25.47 37.48 -44.99
N LEU I 131 25.23 37.02 -43.76
CA LEU I 131 26.25 36.49 -42.88
C LEU I 131 26.03 34.99 -42.72
N ILE I 132 27.05 34.20 -43.02
CA ILE I 132 26.96 32.75 -43.07
C ILE I 132 27.58 32.18 -41.80
N TYR I 133 26.89 31.23 -41.19
CA TYR I 133 27.33 30.57 -39.97
C TYR I 133 27.97 29.25 -40.38
N ASN I 134 29.26 29.28 -40.69
CA ASN I 134 29.98 28.13 -41.21
C ASN I 134 30.65 27.35 -40.09
N PHE I 135 30.51 26.03 -40.11
CA PHE I 135 31.28 25.17 -39.24
C PHE I 135 32.60 24.80 -39.90
N ILE I 136 33.69 24.96 -39.15
CA ILE I 136 34.97 24.37 -39.50
C ILE I 136 35.08 23.08 -38.73
N SER I 137 35.22 21.97 -39.44
CA SER I 137 35.39 20.69 -38.76
C SER I 137 36.68 20.72 -37.96
N PRO I 138 36.69 20.18 -36.73
CA PRO I 138 37.88 20.34 -35.89
C PRO I 138 39.13 19.67 -36.44
N GLU I 139 38.99 18.71 -37.37
CA GLU I 139 40.16 18.15 -38.01
C GLU I 139 40.77 19.09 -39.04
N GLU I 140 39.98 20.01 -39.60
CA GLU I 140 40.55 20.98 -40.52
C GLU I 140 41.58 21.86 -39.84
N VAL I 141 41.34 22.19 -38.57
CA VAL I 141 42.26 23.08 -37.84
C VAL I 141 43.52 22.30 -37.53
N LYS I 142 44.54 22.49 -38.37
CA LYS I 142 45.79 21.75 -38.18
C LYS I 142 46.59 22.30 -37.00
N GLU I 143 46.58 23.63 -36.83
CA GLU I 143 47.32 24.27 -35.76
C GLU I 143 46.66 25.61 -35.47
N ILE I 144 46.74 26.02 -34.19
CA ILE I 144 46.28 27.33 -33.75
C ILE I 144 47.50 28.04 -33.17
N ILE I 145 47.83 29.19 -33.72
CA ILE I 145 48.94 30.01 -33.24
C ILE I 145 48.39 30.97 -32.19
N LEU I 146 48.95 30.90 -30.99
CA LEU I 146 48.48 31.69 -29.85
C LEU I 146 49.52 32.75 -29.49
N ASP I 147 49.02 33.92 -29.13
CA ASP I 147 49.87 34.92 -28.51
C ASP I 147 50.40 34.33 -27.20
N PRO I 148 51.72 34.24 -26.98
CA PRO I 148 52.19 33.57 -25.76
C PRO I 148 51.70 34.19 -24.47
N THR I 149 51.51 35.51 -24.44
CA THR I 149 51.09 36.17 -23.20
C THR I 149 49.60 35.97 -22.94
N THR I 150 48.75 36.46 -23.84
CA THR I 150 47.32 36.42 -23.63
C THR I 150 46.69 35.09 -24.00
N LYS I 151 47.41 34.21 -24.71
CA LYS I 151 46.90 32.94 -25.21
C LYS I 151 45.68 33.12 -26.11
N GLU I 152 45.52 34.30 -26.73
CA GLU I 152 44.49 34.50 -27.72
C GLU I 152 45.01 34.06 -29.09
N PRO I 153 44.15 33.58 -29.99
CA PRO I 153 44.65 33.12 -31.29
C PRO I 153 45.08 34.29 -32.16
N ILE I 154 46.19 34.08 -32.87
CA ILE I 154 46.66 35.04 -33.87
C ILE I 154 46.78 34.43 -35.26
N ALA I 155 46.56 33.14 -35.42
CA ALA I 155 46.49 32.53 -36.74
C ALA I 155 45.88 31.14 -36.62
N TYR I 156 44.99 30.82 -37.55
CA TYR I 156 44.39 29.50 -37.67
C TYR I 156 44.91 28.83 -38.94
N ILE I 157 45.39 27.60 -38.81
CA ILE I 157 45.92 26.82 -39.92
C ILE I 157 44.88 25.79 -40.29
N LEU I 158 44.08 26.09 -41.30
CA LEU I 158 43.05 25.18 -41.80
C LEU I 158 43.63 24.38 -42.95
N GLU I 159 43.30 23.09 -43.00
CA GLU I 159 43.84 22.20 -44.04
C GLU I 159 42.86 21.07 -44.27
N SER I 160 42.56 20.80 -45.55
CA SER I 160 41.60 19.77 -45.90
C SER I 160 41.93 19.21 -47.27
N GLN I 161 41.50 17.97 -47.50
CA GLN I 161 41.65 17.30 -48.79
C GLN I 161 40.30 17.32 -49.47
N ASN I 162 40.19 18.09 -50.56
CA ASN I 162 38.91 18.29 -51.26
C ASN I 162 38.85 17.37 -52.47
N GLU I 163 38.21 16.22 -52.31
CA GLU I 163 37.91 15.33 -53.42
C GLU I 163 36.49 15.60 -53.87
N TRP I 164 36.34 16.02 -55.13
CA TRP I 164 35.06 16.45 -55.67
C TRP I 164 34.97 16.05 -57.14
N THR I 165 33.77 15.70 -57.59
CA THR I 165 33.54 15.38 -58.99
C THR I 165 33.12 16.63 -59.74
N ASP I 166 33.59 16.75 -60.98
CA ASP I 166 33.18 17.85 -61.84
C ASP I 166 31.77 17.59 -62.36
N LEU I 167 31.10 18.65 -62.81
CA LEU I 167 29.75 18.50 -63.36
C LEU I 167 29.73 17.71 -64.65
N GLY I 168 30.88 17.45 -65.28
CA GLY I 168 30.97 16.47 -66.33
C GLY I 168 31.20 15.10 -65.72
N GLU I 169 32.27 14.43 -66.12
CA GLU I 169 32.63 13.13 -65.57
C GLU I 169 34.03 13.09 -64.97
N ASN I 170 34.71 14.23 -64.87
CA ASN I 170 36.10 14.23 -64.43
C ASN I 170 36.18 14.25 -62.91
N LYS I 171 36.90 13.27 -62.35
CA LYS I 171 37.23 13.32 -60.94
C LYS I 171 38.28 14.39 -60.67
N ARG I 172 38.16 15.07 -59.53
CA ARG I 172 39.06 16.14 -59.16
C ARG I 172 39.51 15.95 -57.71
N LYS I 173 40.78 16.22 -57.45
CA LYS I 173 41.35 16.19 -56.12
C LYS I 173 42.13 17.47 -55.89
N ALA I 174 42.05 18.01 -54.68
CA ALA I 174 42.73 19.26 -54.37
C ALA I 174 42.92 19.33 -52.86
N LYS I 175 44.19 19.37 -52.43
CA LYS I 175 44.52 19.63 -51.04
C LYS I 175 44.64 21.13 -50.87
N VAL I 176 43.73 21.73 -50.09
CA VAL I 176 43.69 23.16 -49.85
C VAL I 176 43.98 23.42 -48.39
N LYS I 177 44.99 24.26 -48.13
CA LYS I 177 45.31 24.73 -46.79
C LYS I 177 45.34 26.24 -46.82
N GLN I 178 45.01 26.84 -45.68
CA GLN I 178 44.89 28.30 -45.62
C GLN I 178 45.18 28.78 -44.22
N ILE I 179 45.85 29.94 -44.15
CA ILE I 179 46.16 30.63 -42.92
C ILE I 179 45.14 31.75 -42.76
N ILE I 180 44.48 31.80 -41.61
CA ILE I 180 43.51 32.85 -41.29
C ILE I 180 44.09 33.66 -40.14
N THR I 181 44.48 34.90 -40.44
CA THR I 181 45.09 35.80 -39.47
C THR I 181 44.30 37.09 -39.42
N ALA I 182 44.57 37.88 -38.38
CA ALA I 182 43.88 39.16 -38.22
C ALA I 182 44.22 40.11 -39.35
N GLU I 183 45.48 40.19 -39.75
CA GLU I 183 45.88 41.07 -40.84
C GLU I 183 45.26 40.63 -42.16
N SER I 184 45.24 39.33 -42.43
CA SER I 184 44.84 38.83 -43.73
C SER I 184 44.58 37.33 -43.60
N ARG I 185 44.07 36.75 -44.69
CA ARG I 185 43.95 35.31 -44.82
C ARG I 185 44.67 34.87 -46.09
N PHE I 186 45.52 33.85 -45.95
CA PHE I 186 46.31 33.31 -47.05
C PHE I 186 45.84 31.89 -47.32
N VAL I 187 45.65 31.56 -48.60
CA VAL I 187 45.17 30.25 -49.02
C VAL I 187 45.99 29.76 -50.19
N GLU I 188 46.40 28.49 -50.12
CA GLU I 188 47.13 27.83 -51.19
C GLU I 188 46.57 26.43 -51.36
N VAL I 189 46.50 25.98 -52.62
CA VAL I 189 45.88 24.72 -52.98
C VAL I 189 46.82 23.93 -53.88
N GLU I 190 46.93 22.64 -53.62
CA GLU I 190 47.70 21.71 -54.43
C GLU I 190 46.72 20.79 -55.18
N GLY I 191 46.82 20.78 -56.50
CA GLY I 191 46.00 19.92 -57.32
C GLY I 191 45.04 20.66 -58.22
N ASP I 192 43.84 20.10 -58.41
CA ASP I 192 42.87 20.66 -59.34
C ASP I 192 42.44 22.06 -58.90
N LYS I 193 42.25 22.94 -59.89
CA LYS I 193 41.85 24.31 -59.63
C LYS I 193 40.44 24.36 -59.05
N ILE I 194 40.32 24.84 -57.81
CA ILE I 194 39.00 25.05 -57.21
C ILE I 194 38.42 26.33 -57.79
N GLU I 195 37.18 26.25 -58.28
CA GLU I 195 36.60 27.36 -59.02
C GLU I 195 36.38 28.59 -58.14
N GLY I 196 35.89 28.40 -56.91
CA GLY I 196 35.49 29.49 -56.07
C GLY I 196 36.56 30.08 -55.17
N LEU I 197 37.80 29.60 -55.23
CA LEU I 197 38.87 30.04 -54.37
C LEU I 197 39.92 30.79 -55.17
N GLU I 198 40.47 31.85 -54.57
CA GLU I 198 41.58 32.61 -55.13
C GLU I 198 42.80 32.37 -54.26
N GLU I 199 43.85 31.83 -54.86
CA GLU I 199 45.08 31.57 -54.11
C GLU I 199 45.72 32.88 -53.68
N GLY I 200 46.62 32.78 -52.70
CA GLY I 200 47.39 33.91 -52.25
C GLY I 200 46.71 34.69 -51.15
N GLU I 201 47.46 35.68 -50.67
CA GLU I 201 46.99 36.53 -49.58
C GLU I 201 45.90 37.47 -50.05
N THR I 202 44.91 37.68 -49.18
CA THR I 202 43.88 38.70 -49.37
C THR I 202 43.68 39.42 -48.05
N PRO I 203 43.61 40.77 -48.02
CA PRO I 203 43.47 41.45 -46.73
C PRO I 203 42.17 41.09 -46.03
N ASN I 204 42.23 41.09 -44.70
CA ASN I 204 41.04 40.84 -43.89
C ASN I 204 40.26 42.13 -43.73
N VAL I 205 38.96 42.08 -44.05
CA VAL I 205 38.13 43.28 -43.98
C VAL I 205 38.02 43.82 -42.56
N TRP I 206 38.17 42.97 -41.55
CA TRP I 206 38.15 43.38 -40.15
C TRP I 206 39.44 42.91 -39.50
N GLY I 207 39.87 43.63 -38.46
CA GLY I 207 41.13 43.34 -37.82
C GLY I 207 41.04 42.31 -36.71
N PHE I 208 40.22 41.28 -36.90
CA PHE I 208 40.18 40.15 -35.98
C PHE I 208 39.89 38.89 -36.78
N ILE I 209 40.29 37.75 -36.24
CA ILE I 209 40.02 36.47 -36.87
C ILE I 209 38.55 36.16 -36.65
N PRO I 210 37.72 36.00 -37.70
CA PRO I 210 36.29 35.77 -37.47
C PRO I 210 35.98 34.30 -37.21
N ILE I 211 36.65 33.70 -36.23
CA ILE I 211 36.45 32.31 -35.85
C ILE I 211 36.26 32.25 -34.34
N ILE I 212 35.20 31.56 -33.90
CA ILE I 212 34.90 31.38 -32.49
C ILE I 212 35.24 29.94 -32.14
N HIS I 213 36.08 29.76 -31.13
CA HIS I 213 36.50 28.43 -30.68
C HIS I 213 35.63 28.03 -29.51
N PHE I 214 34.57 27.30 -29.79
CA PHE I 214 33.76 26.72 -28.72
C PHE I 214 34.49 25.54 -28.11
N LYS I 215 34.59 25.53 -26.78
CA LYS I 215 35.50 24.63 -26.07
C LYS I 215 34.73 24.01 -24.90
N ASN I 216 34.33 22.75 -25.06
CA ASN I 216 33.63 22.06 -23.99
C ASN I 216 34.61 21.68 -22.88
N GLU I 217 34.19 21.90 -21.63
CA GLU I 217 35.02 21.63 -20.47
C GLU I 217 36.38 22.32 -20.59
N ALA I 218 36.34 23.61 -20.90
CA ALA I 218 37.56 24.39 -21.06
C ALA I 218 38.38 24.37 -19.78
N ASP I 219 39.68 24.08 -19.93
CA ASP I 219 40.61 23.99 -18.82
C ASP I 219 41.79 24.91 -19.12
N GLU I 220 42.29 25.58 -18.08
CA GLU I 220 43.40 26.50 -18.27
C GLU I 220 44.65 25.78 -18.75
N THR I 221 44.83 24.53 -18.34
CA THR I 221 46.03 23.78 -18.70
C THR I 221 45.94 23.12 -20.07
N LEU I 222 44.77 23.10 -20.71
CA LEU I 222 44.57 22.47 -22.00
C LEU I 222 44.35 23.54 -23.07
N LYS I 223 45.10 23.42 -24.17
CA LYS I 223 44.88 24.30 -25.30
C LYS I 223 43.51 24.07 -25.93
N TYR I 224 43.12 22.81 -26.06
CA TYR I 224 41.88 22.41 -26.70
C TYR I 224 40.88 21.90 -25.67
N GLY I 225 39.64 21.72 -26.11
CA GLY I 225 38.58 21.30 -25.23
C GLY I 225 38.60 19.81 -24.99
N GLN I 226 37.65 19.38 -24.15
CA GLN I 226 37.50 17.98 -23.77
C GLN I 226 36.07 17.54 -24.08
N SER I 227 35.94 16.35 -24.66
CA SER I 227 34.63 15.79 -24.92
C SER I 227 34.00 15.29 -23.63
N ASP I 228 32.67 15.25 -23.62
CA ASP I 228 31.97 14.57 -22.52
C ASP I 228 32.11 13.06 -22.59
N ILE I 229 32.63 12.52 -23.69
CA ILE I 229 32.85 11.09 -23.81
C ILE I 229 34.14 10.68 -23.12
N GLU I 230 35.09 11.60 -23.00
CA GLU I 230 36.39 11.25 -22.41
C GLU I 230 36.28 10.74 -20.98
N PRO I 231 35.52 11.35 -20.07
CA PRO I 231 35.39 10.77 -18.74
C PRO I 231 34.81 9.36 -18.72
N ILE I 232 33.87 9.05 -19.63
CA ILE I 232 33.20 7.75 -19.60
C ILE I 232 33.86 6.70 -20.49
N GLU I 233 34.81 7.10 -21.35
CA GLU I 233 35.37 6.20 -22.35
C GLU I 233 35.95 4.90 -21.78
N PRO I 234 36.78 4.91 -20.73
CA PRO I 234 37.20 3.63 -20.15
C PRO I 234 36.04 2.80 -19.62
N LEU I 235 35.02 3.44 -19.07
CA LEU I 235 33.85 2.69 -18.61
C LEU I 235 33.08 2.11 -19.79
N LEU I 236 32.98 2.85 -20.89
CA LEU I 236 32.36 2.30 -22.09
C LEU I 236 33.14 1.09 -22.59
N LYS I 237 34.46 1.17 -22.59
CA LYS I 237 35.27 0.04 -23.04
C LYS I 237 35.07 -1.17 -22.14
N ALA I 238 35.05 -0.95 -20.82
CA ALA I 238 34.85 -2.05 -19.89
C ALA I 238 33.46 -2.67 -20.06
N TYR I 239 32.44 -1.83 -20.26
CA TYR I 239 31.09 -2.32 -20.49
C TYR I 239 31.02 -3.16 -21.76
N HIS I 240 31.67 -2.68 -22.83
CA HIS I 240 31.70 -3.46 -24.08
C HIS I 240 32.39 -4.79 -23.87
N ASP I 241 33.52 -4.79 -23.17
CA ASP I 241 34.26 -6.03 -22.95
C ASP I 241 33.42 -7.02 -22.16
N VAL I 242 32.77 -6.56 -21.09
CA VAL I 242 31.96 -7.45 -20.28
C VAL I 242 30.79 -7.99 -21.08
N MET I 243 30.10 -7.13 -21.82
CA MET I 243 28.93 -7.57 -22.59
C MET I 243 29.34 -8.54 -23.69
N LEU I 244 30.45 -8.27 -24.38
CA LEU I 244 30.89 -9.16 -25.45
C LEU I 244 31.31 -10.51 -24.89
N HIS I 245 32.02 -10.52 -23.76
CA HIS I 245 32.40 -11.77 -23.14
C HIS I 245 31.16 -12.55 -22.72
N ALA I 246 30.16 -11.87 -22.17
CA ALA I 246 28.92 -12.53 -21.79
C ALA I 246 28.21 -13.12 -23.01
N LEU I 247 28.16 -12.37 -24.10
CA LEU I 247 27.47 -12.86 -25.29
C LEU I 247 28.18 -14.07 -25.87
N LYS I 248 29.51 -14.03 -25.94
CA LYS I 248 30.25 -15.16 -26.47
C LYS I 248 30.10 -16.39 -25.56
N GLY I 249 30.17 -16.18 -24.25
CA GLY I 249 29.99 -17.30 -23.33
C GLY I 249 28.61 -17.92 -23.44
N SER I 250 27.58 -17.09 -23.57
CA SER I 250 26.24 -17.61 -23.73
C SER I 250 26.08 -18.34 -25.06
N LYS I 251 26.67 -17.82 -26.13
CA LYS I 251 26.60 -18.51 -27.41
C LYS I 251 27.25 -19.87 -27.32
N MET I 252 28.39 -19.96 -26.62
CA MET I 252 29.10 -21.23 -26.55
C MET I 252 28.38 -22.23 -25.64
N HIS I 253 27.82 -21.75 -24.51
CA HIS I 253 27.46 -22.64 -23.41
C HIS I 253 26.02 -22.55 -22.91
N SER I 254 25.22 -21.58 -23.39
CA SER I 254 23.85 -21.49 -22.88
C SER I 254 23.03 -22.72 -23.28
N THR I 255 23.14 -23.13 -24.54
CA THR I 255 22.39 -24.30 -25.00
C THR I 255 23.01 -25.55 -24.42
N PRO I 256 22.27 -26.39 -23.68
CA PRO I 256 22.90 -27.59 -23.12
C PRO I 256 23.33 -28.56 -24.20
N LYS I 257 24.42 -29.26 -23.92
CA LYS I 257 25.03 -30.18 -24.88
C LYS I 257 24.61 -31.60 -24.53
N LEU I 258 23.93 -32.27 -25.44
CA LEU I 258 23.51 -33.64 -25.19
C LEU I 258 24.73 -34.55 -25.20
N LYS I 259 24.86 -35.35 -24.16
CA LYS I 259 26.01 -36.23 -23.94
C LYS I 259 25.51 -37.67 -23.96
N LEU I 260 26.04 -38.47 -24.87
CA LEU I 260 25.70 -39.88 -24.99
C LEU I 260 26.93 -40.71 -24.69
N LYS I 261 26.82 -41.58 -23.68
CA LYS I 261 27.88 -42.52 -23.33
C LYS I 261 27.48 -43.87 -23.93
N LEU I 262 28.12 -44.24 -25.03
CA LEU I 262 27.68 -45.33 -25.89
C LEU I 262 28.65 -46.50 -25.82
N THR I 263 28.19 -47.66 -26.26
CA THR I 263 29.08 -48.82 -26.36
C THR I 263 29.97 -48.72 -27.59
N ASP I 264 29.43 -48.18 -28.69
CA ASP I 264 30.20 -48.03 -29.92
C ASP I 264 29.73 -46.74 -30.58
N VAL I 265 30.55 -45.69 -30.50
CA VAL I 265 30.15 -44.38 -30.98
C VAL I 265 30.02 -44.37 -32.50
N ALA I 266 31.02 -44.89 -33.19
CA ALA I 266 31.01 -44.85 -34.65
C ALA I 266 29.87 -45.68 -35.23
N SER I 267 29.59 -46.83 -34.65
CA SER I 267 28.48 -47.65 -35.11
C SER I 267 27.16 -46.91 -34.90
N PHE I 268 27.02 -46.23 -33.75
CA PHE I 268 25.82 -45.45 -33.49
C PHE I 268 25.65 -44.34 -34.54
N LEU I 269 26.72 -43.62 -34.83
CA LEU I 269 26.64 -42.55 -35.83
C LEU I 269 26.26 -43.11 -37.19
N ALA I 270 26.89 -44.20 -37.60
CA ALA I 270 26.60 -44.78 -38.91
C ALA I 270 25.17 -45.26 -39.00
N HIS I 271 24.67 -45.92 -37.95
CA HIS I 271 23.31 -46.46 -37.98
C HIS I 271 22.27 -45.34 -37.96
N ASN I 272 22.42 -44.39 -37.05
CA ASN I 272 21.38 -43.38 -36.87
C ASN I 272 21.48 -42.27 -37.91
N PHE I 273 22.61 -41.57 -37.95
CA PHE I 273 22.75 -40.36 -38.76
C PHE I 273 23.44 -40.60 -40.09
N GLY I 274 23.72 -41.85 -40.45
CA GLY I 274 24.36 -42.12 -41.72
C GLY I 274 25.76 -41.58 -41.86
N VAL I 275 26.42 -41.27 -40.75
CA VAL I 275 27.78 -40.72 -40.78
C VAL I 275 28.76 -41.87 -40.82
N GLU I 276 29.09 -42.33 -42.03
CA GLU I 276 29.99 -43.47 -42.18
C GLU I 276 31.43 -43.12 -41.81
N ASP I 277 31.82 -41.86 -41.93
CA ASP I 277 33.18 -41.42 -41.64
C ASP I 277 33.10 -40.22 -40.69
N PRO I 278 33.02 -40.45 -39.37
CA PRO I 278 32.87 -39.32 -38.45
C PRO I 278 34.02 -38.34 -38.46
N VAL I 279 35.25 -38.78 -38.74
CA VAL I 279 36.37 -37.84 -38.79
C VAL I 279 36.19 -36.88 -39.96
N LYS I 280 35.85 -37.42 -41.14
CA LYS I 280 35.60 -36.57 -42.30
C LYS I 280 34.38 -35.69 -42.07
N PHE I 281 33.36 -36.23 -41.40
CA PHE I 281 32.15 -35.45 -41.12
C PHE I 281 32.48 -34.25 -40.24
N ALA I 282 33.28 -34.47 -39.19
CA ALA I 282 33.64 -33.36 -38.31
C ALA I 282 34.57 -32.37 -39.00
N LYS I 283 35.48 -32.87 -39.84
CA LYS I 283 36.40 -31.99 -40.54
C LYS I 283 35.66 -31.04 -41.48
N GLU I 284 34.66 -31.55 -42.19
CA GLU I 284 33.92 -30.73 -43.15
C GLU I 284 32.85 -29.88 -42.50
N GLY I 285 32.72 -29.89 -41.17
CA GLY I 285 31.74 -29.08 -40.51
C GLY I 285 30.32 -29.55 -40.67
N GLY I 286 30.12 -30.84 -40.92
CA GLY I 286 28.77 -31.35 -41.05
C GLY I 286 28.01 -31.24 -39.74
N LYS I 287 26.72 -31.01 -39.84
CA LYS I 287 25.83 -30.84 -38.69
C LYS I 287 24.81 -31.97 -38.66
N ILE I 288 24.71 -32.65 -37.53
CA ILE I 288 23.67 -33.65 -37.35
C ILE I 288 22.34 -32.93 -37.16
N ASN I 289 21.31 -33.40 -37.85
CA ASN I 289 20.01 -32.75 -37.88
C ASN I 289 19.10 -33.36 -36.83
N LEU I 290 18.46 -32.51 -36.04
CA LEU I 290 17.52 -32.93 -35.00
C LEU I 290 16.24 -32.12 -35.12
N ASP I 291 15.12 -32.74 -34.74
CA ASP I 291 13.81 -32.09 -34.75
C ASP I 291 13.34 -31.66 -33.38
N GLY I 292 13.80 -32.32 -32.31
CA GLY I 292 13.44 -31.99 -30.94
C GLY I 292 12.56 -33.03 -30.28
N HIS I 293 11.83 -33.82 -31.06
CA HIS I 293 10.94 -34.86 -30.54
C HIS I 293 11.55 -36.25 -30.60
N GLU I 294 12.86 -36.37 -30.39
CA GLU I 294 13.51 -37.67 -30.47
C GLU I 294 13.18 -38.52 -29.24
N ILE I 295 13.36 -39.83 -29.39
CA ILE I 295 13.25 -40.79 -28.31
C ILE I 295 14.47 -41.69 -28.38
N LEU I 296 15.10 -41.93 -27.23
CA LEU I 296 16.37 -42.63 -27.14
C LEU I 296 16.13 -44.07 -26.71
N PHE I 297 16.57 -45.01 -27.53
CA PHE I 297 16.61 -46.43 -27.19
C PHE I 297 18.07 -46.82 -27.01
N LEU I 298 18.40 -47.38 -25.86
CA LEU I 298 19.78 -47.62 -25.47
C LEU I 298 19.90 -48.99 -24.80
N ASN I 299 21.14 -49.49 -24.75
CA ASN I 299 21.41 -50.70 -24.01
C ASN I 299 21.44 -50.42 -22.50
N LYS I 300 21.62 -51.48 -21.72
CA LYS I 300 21.72 -51.31 -20.28
C LYS I 300 22.94 -50.47 -19.91
N ASP I 301 24.08 -50.72 -20.56
CA ASP I 301 25.32 -50.04 -20.21
C ASP I 301 25.36 -48.61 -20.67
N GLU I 302 24.68 -48.28 -21.77
CA GLU I 302 24.77 -46.94 -22.34
C GLU I 302 23.97 -45.95 -21.52
N GLU I 303 24.41 -44.69 -21.54
CA GLU I 303 23.83 -43.63 -20.74
C GLU I 303 23.74 -42.36 -21.58
N ALA I 304 22.70 -41.57 -21.32
CA ALA I 304 22.49 -40.29 -21.99
C ALA I 304 22.15 -39.24 -20.95
N GLU I 305 22.75 -38.07 -21.09
CA GLU I 305 22.58 -36.99 -20.13
C GLU I 305 22.83 -35.67 -20.82
N PHE I 306 22.24 -34.61 -20.27
CA PHE I 306 22.48 -33.25 -20.75
C PHE I 306 23.59 -32.60 -19.93
N VAL I 307 24.64 -32.17 -20.61
CA VAL I 307 25.71 -31.41 -19.98
C VAL I 307 25.29 -29.94 -20.04
N GLU I 308 24.96 -29.36 -18.89
CA GLU I 308 24.26 -28.09 -18.81
C GLU I 308 24.95 -27.18 -17.81
N VAL I 309 24.90 -25.87 -18.07
CA VAL I 309 25.43 -24.86 -17.17
C VAL I 309 24.32 -24.32 -16.29
N LYS I 310 24.67 -23.98 -15.05
CA LYS I 310 23.73 -23.24 -14.21
C LYS I 310 23.60 -21.80 -14.66
N SER I 311 24.69 -21.19 -15.12
CA SER I 311 24.63 -19.84 -15.67
C SER I 311 25.87 -19.63 -16.52
N ALA I 312 25.67 -19.44 -17.83
CA ALA I 312 26.77 -19.17 -18.74
C ALA I 312 27.29 -17.74 -18.62
N ILE I 313 26.55 -16.86 -17.95
CA ILE I 313 26.94 -15.46 -17.77
C ILE I 313 27.53 -15.23 -16.38
N GLY I 314 27.03 -15.95 -15.39
CA GLY I 314 27.53 -15.76 -14.03
C GLY I 314 27.21 -14.39 -13.51
N ASP I 315 28.22 -13.76 -12.92
CA ASP I 315 28.07 -12.46 -12.28
C ASP I 315 28.38 -11.30 -13.22
N ALA I 316 28.30 -11.50 -14.53
CA ALA I 316 28.53 -10.38 -15.44
C ALA I 316 27.41 -9.36 -15.37
N LYS I 317 26.20 -9.79 -15.03
CA LYS I 317 25.09 -8.84 -14.92
C LYS I 317 25.33 -7.84 -13.81
N GLU I 318 25.84 -8.30 -12.67
CA GLU I 318 26.17 -7.38 -11.58
C GLU I 318 27.27 -6.41 -11.99
N LEU I 319 28.27 -6.90 -12.72
CA LEU I 319 29.34 -6.02 -13.17
C LEU I 319 28.83 -4.98 -14.15
N LEU I 320 27.93 -5.37 -15.05
CA LEU I 320 27.34 -4.40 -15.96
C LEU I 320 26.49 -3.39 -15.22
N LYS I 321 25.79 -3.81 -14.17
CA LYS I 321 25.04 -2.86 -13.35
C LYS I 321 25.97 -1.87 -12.68
N LEU I 322 27.09 -2.35 -12.13
CA LEU I 322 28.04 -1.45 -11.48
C LEU I 322 28.66 -0.48 -12.49
N LEU I 323 28.99 -0.97 -13.68
CA LEU I 323 29.55 -0.09 -14.70
C LEU I 323 28.51 0.92 -15.19
N PHE I 324 27.25 0.52 -15.25
CA PHE I 324 26.19 1.47 -15.58
C PHE I 324 26.08 2.55 -14.52
N TYR I 325 26.16 2.17 -13.24
CA TYR I 325 26.16 3.16 -12.18
C TYR I 325 27.33 4.12 -12.32
N CYS I 326 28.52 3.58 -12.62
CA CYS I 326 29.69 4.43 -12.77
C CYS I 326 29.54 5.38 -13.95
N ILE I 327 28.98 4.90 -15.05
CA ILE I 327 28.77 5.75 -16.22
C ILE I 327 27.78 6.86 -15.89
N VAL I 328 26.71 6.53 -15.18
CA VAL I 328 25.72 7.54 -14.81
C VAL I 328 26.34 8.57 -13.87
N ASP I 329 27.18 8.10 -12.94
CA ASP I 329 27.85 9.02 -12.02
C ASP I 329 28.77 9.97 -12.77
N VAL I 330 29.60 9.42 -13.66
CA VAL I 330 30.60 10.23 -14.34
C VAL I 330 29.93 11.31 -15.19
N SER I 331 28.93 10.92 -15.98
CA SER I 331 28.23 11.86 -16.84
C SER I 331 27.30 12.77 -16.08
N GLU I 332 26.96 12.43 -14.83
CA GLU I 332 26.05 13.22 -14.00
C GLU I 332 24.67 13.34 -14.62
N THR I 333 24.30 12.39 -15.45
CA THR I 333 22.99 12.42 -16.09
C THR I 333 21.92 12.07 -15.05
N PRO I 334 20.78 12.76 -15.03
CA PRO I 334 19.69 12.30 -14.16
C PRO I 334 19.20 10.92 -14.57
N GLU I 335 18.66 10.20 -13.58
CA GLU I 335 18.29 8.82 -13.82
C GLU I 335 17.12 8.66 -14.77
N PHE I 336 16.27 9.68 -14.93
CA PHE I 336 15.14 9.53 -15.84
C PHE I 336 15.59 9.47 -17.29
N ILE I 337 16.79 9.96 -17.60
CA ILE I 337 17.34 9.76 -18.94
C ILE I 337 17.62 8.29 -19.20
N PHE I 338 17.92 7.52 -18.16
CA PHE I 338 18.13 6.08 -18.22
C PHE I 338 17.04 5.34 -17.47
N GLY I 339 15.79 5.76 -17.63
CA GLY I 339 14.71 5.19 -16.84
C GLY I 339 14.42 3.74 -17.17
N VAL I 340 14.82 3.28 -18.35
CA VAL I 340 14.59 1.89 -18.70
C VAL I 340 15.38 0.97 -17.79
N HIS I 341 16.59 1.39 -17.38
CA HIS I 341 17.35 0.61 -16.41
C HIS I 341 16.71 0.69 -15.02
N THR I 342 16.31 1.89 -14.60
CA THR I 342 15.75 2.14 -13.27
C THR I 342 14.36 2.73 -13.45
N PRO I 343 13.32 1.89 -13.50
CA PRO I 343 11.97 2.44 -13.69
C PRO I 343 11.49 3.34 -12.57
N SER I 344 12.15 3.33 -11.40
CA SER I 344 11.76 4.22 -10.30
C SER I 344 11.91 5.68 -10.70
N ALA I 345 12.91 6.00 -11.53
CA ALA I 345 13.15 7.39 -11.90
C ALA I 345 11.99 7.97 -12.70
N LEU I 346 11.41 7.16 -13.59
CA LEU I 346 10.34 7.65 -14.46
C LEU I 346 9.09 8.07 -13.71
N ALA I 347 8.91 7.60 -12.48
CA ALA I 347 7.69 7.93 -11.74
C ALA I 347 7.66 9.38 -11.28
N SER I 348 8.82 10.02 -11.12
CA SER I 348 8.90 11.36 -10.53
C SER I 348 9.86 12.26 -11.29
N VAL I 349 9.72 12.35 -12.61
CA VAL I 349 10.65 13.13 -13.43
C VAL I 349 10.68 14.59 -12.98
N LYS I 350 9.52 15.16 -12.66
CA LYS I 350 9.49 16.53 -12.16
C LYS I 350 10.21 16.67 -10.83
N GLU I 351 10.28 15.60 -10.04
CA GLU I 351 11.10 15.61 -8.83
C GLU I 351 12.58 15.54 -9.18
N GLN I 352 12.92 14.91 -10.31
CA GLN I 352 14.31 14.82 -10.75
C GLN I 352 14.81 16.12 -11.37
N MET I 353 13.92 16.95 -11.88
CA MET I 353 14.34 18.07 -12.72
C MET I 353 15.29 19.06 -12.06
N PRO I 354 15.30 19.28 -10.73
CA PRO I 354 16.32 20.17 -10.15
C PRO I 354 17.75 19.71 -10.41
N ILE I 355 18.01 18.40 -10.45
CA ILE I 355 19.36 17.93 -10.74
C ILE I 355 19.74 18.30 -12.17
N MET I 356 18.82 18.12 -13.12
CA MET I 356 19.08 18.53 -14.49
C MET I 356 19.32 20.03 -14.56
N VAL I 357 18.54 20.81 -13.80
CA VAL I 357 18.71 22.26 -13.81
C VAL I 357 20.10 22.62 -13.30
N ASN I 358 20.57 21.94 -12.26
CA ASN I 358 21.91 22.19 -11.74
C ASN I 358 22.98 21.86 -12.79
N LYS I 359 22.83 20.70 -13.44
CA LYS I 359 23.80 20.30 -14.46
C LYS I 359 23.84 21.31 -15.60
N ILE I 360 22.67 21.75 -16.07
CA ILE I 360 22.62 22.69 -17.17
C ILE I 360 23.14 24.06 -16.74
N ARG I 361 22.88 24.47 -15.50
CA ARG I 361 23.45 25.70 -14.97
C ARG I 361 24.97 25.68 -15.07
N ARG I 362 25.57 24.58 -14.61
CA ARG I 362 27.02 24.46 -14.67
C ARG I 362 27.51 24.42 -16.11
N LYS I 363 26.77 23.73 -16.99
CA LYS I 363 27.27 23.52 -18.35
C LYS I 363 27.16 24.77 -19.21
N ARG I 364 26.12 25.59 -18.99
CA ARG I 364 25.89 26.73 -19.86
C ARG I 364 27.00 27.77 -19.74
N GLU I 365 27.64 27.87 -18.57
CA GLU I 365 28.68 28.87 -18.39
C GLU I 365 29.91 28.60 -19.24
N GLN I 366 30.11 27.36 -19.68
CA GLN I 366 31.26 27.06 -20.52
C GLN I 366 31.15 27.75 -21.87
N PHE I 367 29.94 27.84 -22.42
CA PHE I 367 29.71 28.35 -23.76
C PHE I 367 29.24 29.79 -23.81
N THR I 368 28.76 30.35 -22.70
CA THR I 368 28.14 31.67 -22.76
C THR I 368 29.14 32.75 -23.16
N ASN I 369 30.39 32.64 -22.71
CA ASN I 369 31.40 33.60 -23.14
C ASN I 369 31.65 33.52 -24.63
N SER I 370 31.70 32.31 -25.18
CA SER I 370 31.87 32.15 -26.62
C SER I 370 30.70 32.73 -27.38
N TRP I 371 29.48 32.59 -26.85
CA TRP I 371 28.32 33.16 -27.51
C TRP I 371 28.34 34.69 -27.45
N GLN I 372 28.81 35.25 -26.33
CA GLN I 372 28.99 36.69 -26.27
C GLN I 372 29.99 37.17 -27.31
N LEU I 373 31.10 36.44 -27.46
CA LEU I 373 32.08 36.79 -28.49
C LEU I 373 31.48 36.70 -29.88
N LEU I 374 30.70 35.64 -30.14
CA LEU I 374 30.09 35.47 -31.46
C LEU I 374 29.12 36.60 -31.77
N ALA I 375 28.29 36.96 -30.78
CA ALA I 375 27.34 38.06 -31.00
C ALA I 375 28.07 39.37 -31.20
N ARG I 376 29.15 39.60 -30.45
CA ARG I 376 29.95 40.81 -30.63
C ARG I 376 30.52 40.89 -32.03
N MET I 377 31.05 39.76 -32.52
CA MET I 377 31.58 39.74 -33.88
C MET I 377 30.49 39.99 -34.91
N VAL I 378 29.32 39.38 -34.71
CA VAL I 378 28.22 39.56 -35.65
C VAL I 378 27.80 41.02 -35.70
N LEU I 379 27.72 41.67 -34.54
CA LEU I 379 27.39 43.10 -34.52
C LEU I 379 28.47 43.92 -35.21
N ILE I 380 29.73 43.59 -34.96
CA ILE I 380 30.83 44.34 -35.59
C ILE I 380 30.85 44.09 -37.09
N MET I 381 30.60 42.86 -37.52
CA MET I 381 30.66 42.51 -38.93
C MET I 381 29.50 43.08 -39.73
N SER I 382 28.48 43.65 -39.09
CA SER I 382 27.34 44.24 -39.78
C SER I 382 27.03 45.62 -39.21
N LYS I 389 29.42 51.70 -34.48
CA LYS I 389 28.14 52.33 -34.83
C LYS I 389 27.16 52.19 -33.69
N TYR I 390 26.95 50.95 -33.23
CA TYR I 390 26.01 50.71 -32.15
C TYR I 390 26.55 51.25 -30.84
N SER I 391 25.62 51.72 -29.99
CA SER I 391 26.00 52.30 -28.71
C SER I 391 26.52 51.28 -27.71
N SER I 392 26.32 49.99 -27.96
CA SER I 392 26.80 48.95 -27.06
C SER I 392 27.06 47.68 -27.86
N TYR I 393 28.04 46.89 -27.40
CA TYR I 393 28.36 45.60 -28.00
C TYR I 393 28.33 44.46 -27.00
N ASP I 394 28.24 44.73 -25.70
CA ASP I 394 28.25 43.68 -24.68
C ASP I 394 26.88 43.01 -24.68
N VAL I 395 26.79 41.90 -25.41
CA VAL I 395 25.56 41.11 -25.43
C VAL I 395 25.52 40.23 -24.19
N THR I 396 24.31 40.00 -23.69
CA THR I 396 24.06 39.12 -22.54
C THR I 396 23.19 37.96 -22.98
N ILE I 397 23.53 36.77 -22.50
CA ILE I 397 22.99 35.52 -23.00
C ILE I 397 21.90 35.05 -22.05
N GLY I 398 20.65 35.04 -22.52
CA GLY I 398 19.60 34.28 -21.88
C GLY I 398 19.60 32.85 -22.39
N TRP I 399 18.74 32.03 -21.80
CA TRP I 399 18.69 30.62 -22.14
C TRP I 399 17.26 30.09 -22.04
N ASP I 400 17.04 28.96 -22.68
CA ASP I 400 15.76 28.26 -22.58
C ASP I 400 15.51 27.80 -21.15
N GLU I 401 14.24 27.62 -20.82
CA GLU I 401 13.88 27.11 -19.51
C GLU I 401 14.13 25.60 -19.46
N VAL I 402 15.00 25.17 -18.55
CA VAL I 402 15.21 23.74 -18.33
C VAL I 402 13.97 23.12 -17.71
N ASN I 403 13.42 23.76 -16.68
CA ASN I 403 12.19 23.34 -16.02
C ASN I 403 11.17 24.45 -16.21
N PRO I 404 10.32 24.40 -17.24
CA PRO I 404 9.47 25.56 -17.54
C PRO I 404 8.46 25.87 -16.44
N ARG I 405 8.16 27.16 -16.31
CA ARG I 405 7.09 27.61 -15.42
C ARG I 405 5.76 27.60 -16.17
N ASP I 406 4.71 27.25 -15.45
CA ASP I 406 3.37 27.30 -16.02
C ASP I 406 2.94 28.76 -16.18
N ASP I 407 2.23 29.05 -17.27
CA ASP I 407 1.72 30.40 -17.48
C ASP I 407 0.73 30.79 -16.39
N LYS I 408 -0.10 29.84 -15.96
CA LYS I 408 -1.11 30.14 -14.96
C LYS I 408 -0.47 30.50 -13.62
N GLU I 409 0.61 29.82 -13.24
CA GLU I 409 1.31 30.16 -12.01
C GLU I 409 1.92 31.55 -12.11
N LEU I 410 2.49 31.89 -13.27
CA LEU I 410 3.02 33.22 -13.49
C LEU I 410 1.93 34.28 -13.34
N ALA I 411 0.74 34.01 -13.90
CA ALA I 411 -0.36 34.94 -13.76
C ALA I 411 -0.83 35.04 -12.31
N GLU I 412 -0.78 33.93 -11.58
CA GLU I 412 -1.16 33.96 -10.17
C GLU I 412 -0.24 34.88 -9.38
N THR I 413 1.07 34.71 -9.53
CA THR I 413 1.99 35.62 -8.83
C THR I 413 1.87 37.04 -9.37
N LEU I 414 1.50 37.20 -10.64
CA LEU I 414 1.29 38.53 -11.20
C LEU I 414 0.15 39.25 -10.49
N GLU I 415 -1.00 38.58 -10.37
CA GLU I 415 -2.13 39.20 -9.69
C GLU I 415 -1.82 39.42 -8.22
N LYS I 416 -1.06 38.51 -7.61
CA LYS I 416 -0.70 38.70 -6.20
C LYS I 416 0.16 39.94 -6.03
N VAL I 417 1.12 40.16 -6.93
CA VAL I 417 1.94 41.37 -6.87
C VAL I 417 1.07 42.60 -7.10
N CYS I 418 0.18 42.53 -8.08
CA CYS I 418 -0.64 43.69 -8.42
C CYS I 418 -1.54 44.10 -7.27
N CYS I 419 -2.17 43.12 -6.61
CA CYS I 419 -3.02 43.42 -5.47
C CYS I 419 -2.21 43.81 -4.24
N ALA I 420 -0.99 43.27 -4.08
CA ALA I 420 -0.13 43.70 -3.00
C ALA I 420 0.22 45.17 -3.13
N LEU I 421 0.53 45.61 -4.35
CA LEU I 421 0.72 47.03 -4.60
C LEU I 421 -0.65 47.72 -4.60
N ASP I 422 -0.64 49.04 -4.81
CA ASP I 422 -1.80 49.91 -4.65
C ASP I 422 -2.31 49.93 -3.20
N LYS I 423 -1.47 49.52 -2.25
CA LYS I 423 -1.79 49.52 -0.84
C LYS I 423 -0.49 49.74 -0.07
N ALA I 424 -0.62 50.21 1.17
CA ALA I 424 0.52 50.72 1.91
C ALA I 424 1.22 51.80 1.09
N LEU I 425 0.51 52.91 0.90
CA LEU I 425 0.77 53.83 -0.20
C LEU I 425 2.07 54.60 -0.06
N GLU I 426 2.87 54.37 0.98
CA GLU I 426 4.18 55.01 1.09
C GLU I 426 5.26 54.29 0.29
N GLY I 427 4.90 53.34 -0.58
CA GLY I 427 5.90 52.61 -1.35
C GLY I 427 6.67 53.46 -2.33
N GLY I 428 5.99 54.33 -3.08
CA GLY I 428 6.66 55.20 -4.04
C GLY I 428 6.55 54.70 -5.47
N PHE I 429 7.56 55.06 -6.27
CA PHE I 429 7.58 54.75 -7.70
C PHE I 429 8.25 53.40 -7.99
N ILE I 430 8.97 52.84 -7.01
CA ILE I 430 9.55 51.52 -7.20
C ILE I 430 8.47 50.47 -7.40
N SER I 431 7.26 50.71 -6.92
CA SER I 431 6.14 49.84 -7.26
C SER I 431 5.92 49.81 -8.76
N GLU I 432 5.88 50.99 -9.39
CA GLU I 432 5.71 51.06 -10.84
C GLU I 432 6.89 50.40 -11.56
N GLU I 433 8.10 50.63 -11.07
CA GLU I 433 9.27 50.01 -11.70
C GLU I 433 9.18 48.49 -11.61
N SER I 434 8.84 47.96 -10.44
CA SER I 434 8.76 46.52 -10.24
C SER I 434 7.67 45.91 -11.12
N THR I 435 6.51 46.56 -11.19
CA THR I 435 5.42 45.94 -11.96
C THR I 435 5.67 46.02 -13.46
N VAL I 436 6.28 47.11 -13.97
CA VAL I 436 6.56 47.15 -15.39
C VAL I 436 7.65 46.14 -15.75
N ASN I 437 8.67 46.00 -14.88
CA ASN I 437 9.68 44.98 -15.11
C ASN I 437 9.06 43.59 -15.09
N PHE I 438 8.13 43.35 -14.16
CA PHE I 438 7.50 42.03 -14.08
C PHE I 438 6.64 41.76 -15.31
N LEU I 439 5.96 42.80 -15.82
CA LEU I 439 5.19 42.61 -17.05
C LEU I 439 6.08 42.28 -18.23
N ALA I 440 7.24 42.94 -18.32
CA ALA I 440 8.19 42.59 -19.37
C ALA I 440 8.64 41.14 -19.25
N GLN I 441 8.97 40.72 -18.03
CA GLN I 441 9.37 39.33 -17.81
C GLN I 441 8.24 38.37 -18.16
N TYR I 442 7.01 38.73 -17.80
CA TYR I 442 5.86 37.87 -18.07
C TYR I 442 5.66 37.71 -19.57
N ILE I 443 5.75 38.80 -20.32
CA ILE I 443 5.60 38.72 -21.77
C ILE I 443 6.69 37.84 -22.36
N ASP I 444 7.93 38.04 -21.91
CA ASP I 444 9.05 37.27 -22.44
C ASP I 444 8.88 35.78 -22.15
N THR I 445 8.46 35.43 -20.93
CA THR I 445 8.33 34.03 -20.56
C THR I 445 7.08 33.39 -21.14
N MET I 446 6.07 34.17 -21.49
CA MET I 446 4.87 33.62 -22.11
C MET I 446 5.05 33.39 -23.61
N SER I 447 5.62 34.37 -24.32
CA SER I 447 5.72 34.25 -25.77
C SER I 447 6.64 33.10 -26.17
N ASN I 448 7.73 32.92 -25.45
CA ASN I 448 8.65 31.81 -25.72
C ASN I 448 7.93 30.48 -25.50
N TYR I 449 8.00 29.59 -26.47
CA TYR I 449 7.34 28.31 -26.41
C TYR I 449 8.27 27.26 -25.82
N ILE I 450 7.68 26.36 -25.03
CA ILE I 450 8.48 25.37 -24.30
C ILE I 450 9.13 24.38 -25.25
N SER I 451 8.34 23.83 -26.18
CA SER I 451 8.77 22.70 -27.00
C SER I 451 9.45 23.14 -28.30
N ASP I 452 10.05 24.34 -28.32
CA ASP I 452 10.67 24.86 -29.53
C ASP I 452 11.90 25.64 -29.11
N ASP I 453 13.08 25.22 -29.58
CA ASP I 453 14.32 25.85 -29.17
C ASP I 453 14.39 27.29 -29.64
N PRO I 454 15.02 28.13 -28.83
CA PRO I 454 15.18 29.53 -29.18
C PRO I 454 13.91 30.33 -28.97
N GLU I 455 14.00 31.61 -29.33
CA GLU I 455 12.90 32.55 -29.20
C GLU I 455 12.35 32.99 -30.55
N ARG I 456 12.58 32.19 -31.60
CA ARG I 456 12.18 32.57 -32.95
C ARG I 456 10.69 32.87 -33.03
N GLU I 457 9.88 32.10 -32.30
CA GLU I 457 8.45 32.41 -32.21
C GLU I 457 8.21 33.78 -31.61
N GLY I 458 8.99 34.20 -30.62
CA GLY I 458 8.82 35.54 -30.08
C GLY I 458 9.13 36.62 -31.09
N GLU I 459 10.24 36.49 -31.80
CA GLU I 459 10.60 37.48 -32.81
C GLU I 459 9.57 37.54 -33.92
N ARG I 460 9.10 36.37 -34.38
CA ARG I 460 8.12 36.36 -35.45
C ARG I 460 6.78 36.93 -34.98
N GLU I 461 6.38 36.65 -33.74
CA GLU I 461 5.15 37.25 -33.22
C GLU I 461 5.28 38.76 -33.15
N LYS I 462 6.43 39.26 -32.70
CA LYS I 462 6.63 40.70 -32.64
C LYS I 462 6.60 41.33 -34.03
N ILE I 463 7.23 40.67 -35.01
CA ILE I 463 7.27 41.21 -36.36
C ILE I 463 5.87 41.22 -36.97
N ILE I 464 5.11 40.14 -36.76
CA ILE I 464 3.75 40.07 -37.29
C ILE I 464 2.87 41.14 -36.64
N LYS I 465 3.05 41.34 -35.33
CA LYS I 465 2.31 42.38 -34.63
C LYS I 465 2.64 43.75 -35.19
N THR I 466 3.93 44.01 -35.45
CA THR I 466 4.33 45.31 -35.98
C THR I 466 3.76 45.53 -37.38
N LYS I 467 3.83 44.51 -38.25
CA LYS I 467 3.37 44.69 -39.62
C LYS I 467 1.86 44.82 -39.68
N MET I 468 1.14 43.89 -39.04
CA MET I 468 -0.31 43.88 -39.09
C MET I 468 -0.95 44.88 -38.14
N LEU I 469 -0.32 45.14 -37.00
CA LEU I 469 -0.86 46.04 -35.98
C LEU I 469 -2.25 45.60 -35.52
N MET J 19 39.14 9.39 -26.37
CA MET J 19 40.58 9.19 -26.12
C MET J 19 41.37 10.36 -26.69
N ARG J 20 42.51 10.67 -26.07
CA ARG J 20 43.32 11.81 -26.47
C ARG J 20 44.33 11.40 -27.55
N MET J 21 44.93 12.42 -28.18
CA MET J 21 46.01 12.23 -29.12
C MET J 21 46.89 13.48 -29.10
N SER J 22 48.06 13.36 -29.73
CA SER J 22 48.98 14.48 -29.77
C SER J 22 48.47 15.55 -30.74
N SER J 23 49.07 16.74 -30.64
CA SER J 23 48.69 17.84 -31.53
C SER J 23 48.94 17.48 -32.98
N GLY J 24 50.11 16.91 -33.27
CA GLY J 24 50.37 16.34 -34.58
C GLY J 24 49.79 14.95 -34.68
N ASN J 25 50.29 14.20 -35.66
CA ASN J 25 49.90 12.81 -35.84
C ASN J 25 48.40 12.67 -36.11
N ILE J 26 47.90 13.46 -37.05
CA ILE J 26 46.51 13.43 -37.45
C ILE J 26 46.44 13.56 -38.97
N GLY J 27 45.60 12.74 -39.60
CA GLY J 27 45.45 12.79 -41.04
C GLY J 27 44.69 14.03 -41.48
N VAL J 28 44.82 14.34 -42.78
CA VAL J 28 44.17 15.52 -43.32
C VAL J 28 42.67 15.28 -43.42
N TYR J 29 41.90 16.31 -43.12
CA TYR J 29 40.45 16.21 -43.17
C TYR J 29 39.97 15.93 -44.59
N LYS J 30 38.97 15.06 -44.71
CA LYS J 30 38.37 14.72 -45.99
C LYS J 30 36.89 14.45 -45.79
N LEU J 31 36.06 15.02 -46.66
CA LEU J 31 34.62 14.82 -46.55
C LEU J 31 34.27 13.37 -46.85
N ASP J 32 33.42 12.79 -46.01
CA ASP J 32 32.98 11.41 -46.18
C ASP J 32 31.71 11.38 -47.03
N ASP J 33 31.76 10.68 -48.16
CA ASP J 33 30.64 10.58 -49.08
C ASP J 33 29.94 9.23 -49.00
N SER J 34 30.14 8.48 -47.93
CA SER J 34 29.45 7.21 -47.78
C SER J 34 27.95 7.42 -47.61
N ARG J 35 27.18 6.42 -48.03
CA ARG J 35 25.72 6.48 -48.04
C ARG J 35 25.17 5.42 -47.10
N VAL J 36 23.84 5.39 -46.99
CA VAL J 36 23.18 4.71 -45.87
C VAL J 36 22.76 3.29 -46.20
N ASP J 37 22.94 2.83 -47.44
CA ASP J 37 22.45 1.52 -47.88
C ASP J 37 20.94 1.44 -47.68
N TYR J 38 20.23 2.23 -48.48
CA TYR J 38 18.83 2.51 -48.22
C TYR J 38 17.97 1.27 -48.29
N GLU J 39 18.36 0.30 -49.14
CA GLU J 39 17.61 -0.95 -49.24
C GLU J 39 17.59 -1.68 -47.91
N LEU J 40 18.75 -1.76 -47.24
CA LEU J 40 18.81 -2.42 -45.95
C LEU J 40 17.99 -1.67 -44.91
N ALA J 41 18.01 -0.33 -44.97
CA ALA J 41 17.23 0.45 -44.02
C ALA J 41 15.74 0.18 -44.18
N ARG J 42 15.26 0.15 -45.43
CA ARG J 42 13.86 -0.15 -45.66
C ARG J 42 13.51 -1.57 -45.24
N GLU J 43 14.39 -2.53 -45.51
CA GLU J 43 14.13 -3.91 -45.10
C GLU J 43 14.07 -4.04 -43.59
N LEU J 44 14.99 -3.38 -42.88
CA LEU J 44 14.96 -3.41 -41.43
C LEU J 44 13.70 -2.75 -40.89
N TYR J 45 13.29 -1.63 -41.50
CA TYR J 45 12.06 -0.98 -41.07
C TYR J 45 10.86 -1.88 -41.29
N GLN J 46 10.80 -2.55 -42.43
CA GLN J 46 9.68 -3.43 -42.75
C GLN J 46 9.85 -4.84 -42.19
N ASN J 47 10.93 -5.11 -41.44
CA ASN J 47 11.12 -6.40 -40.78
C ASN J 47 11.29 -7.53 -41.79
N LYS J 48 11.95 -7.25 -42.90
CA LYS J 48 12.07 -8.19 -44.02
C LYS J 48 13.42 -8.90 -44.06
N ASN J 49 14.49 -8.24 -43.60
CA ASN J 49 15.83 -8.80 -43.76
C ASN J 49 15.98 -10.04 -42.88
N ALA J 50 16.34 -11.15 -43.51
CA ALA J 50 16.39 -12.44 -42.82
C ALA J 50 17.43 -12.44 -41.70
N ASN J 51 18.46 -11.60 -41.81
CA ASN J 51 19.49 -11.53 -40.78
C ASN J 51 19.12 -10.62 -39.62
N TYR J 52 17.94 -10.01 -39.64
CA TYR J 52 17.49 -9.12 -38.57
C TYR J 52 16.03 -9.31 -38.18
N LYS J 53 15.35 -10.36 -38.65
CA LYS J 53 13.91 -10.48 -38.50
C LYS J 53 13.46 -10.46 -37.05
N LEU J 54 14.13 -11.22 -36.19
CA LEU J 54 13.77 -11.25 -34.78
C LEU J 54 14.26 -10.00 -34.05
N GLY J 55 15.35 -9.40 -34.53
CA GLY J 55 15.93 -8.25 -33.86
C GLY J 55 15.40 -6.91 -34.33
N SER J 56 14.93 -6.84 -35.58
CA SER J 56 14.51 -5.58 -36.16
C SER J 56 13.10 -5.17 -35.76
N SER J 57 12.53 -5.78 -34.72
CA SER J 57 11.22 -5.36 -34.24
C SER J 57 11.22 -3.93 -33.73
N PHE J 58 12.37 -3.46 -33.24
CA PHE J 58 12.43 -2.17 -32.57
C PHE J 58 12.48 -1.00 -33.55
N VAL J 59 12.76 -1.24 -34.83
CA VAL J 59 12.96 -0.14 -35.77
C VAL J 59 11.67 0.64 -35.96
N ARG J 60 10.56 -0.06 -36.17
CA ARG J 60 9.29 0.62 -36.45
C ARG J 60 8.84 1.50 -35.30
N PRO J 61 8.74 1.04 -34.05
CA PRO J 61 8.29 1.95 -32.99
C PRO J 61 9.17 3.17 -32.80
N ILE J 62 10.49 3.01 -32.91
CA ILE J 62 11.40 4.14 -32.73
C ILE J 62 11.13 5.21 -33.79
N VAL J 63 11.27 4.84 -35.06
CA VAL J 63 11.16 5.79 -36.15
C VAL J 63 9.74 6.38 -36.19
N ASN J 64 8.73 5.54 -36.04
CA ASN J 64 7.36 6.03 -36.17
C ASN J 64 6.94 6.89 -35.00
N SER J 65 7.33 6.55 -33.77
CA SER J 65 7.05 7.44 -32.65
C SER J 65 7.75 8.78 -32.82
N THR J 66 9.02 8.75 -33.24
CA THR J 66 9.76 10.00 -33.40
C THR J 66 9.14 10.87 -34.48
N THR J 67 8.76 10.27 -35.60
CA THR J 67 8.23 11.07 -36.70
C THR J 67 6.78 11.50 -36.47
N GLY J 68 6.02 10.72 -35.69
CA GLY J 68 4.65 11.10 -35.39
C GLY J 68 4.55 12.15 -34.31
N PHE J 69 5.43 12.12 -33.31
CA PHE J 69 5.39 13.13 -32.27
C PHE J 69 5.92 14.48 -32.77
N MET J 70 6.86 14.47 -33.72
CA MET J 70 7.41 15.72 -34.22
C MET J 70 6.46 16.38 -35.23
N GLY J 71 5.53 15.62 -35.80
CA GLY J 71 4.49 16.23 -36.60
C GLY J 71 5.02 16.85 -37.87
N VAL J 72 4.41 17.97 -38.26
CA VAL J 72 4.72 18.66 -39.51
C VAL J 72 4.93 20.13 -39.21
N PRO J 73 5.69 20.83 -40.06
CA PRO J 73 5.99 22.23 -39.78
C PRO J 73 4.78 23.13 -40.03
N HIS J 74 4.83 24.33 -39.45
CA HIS J 74 3.81 25.35 -39.64
C HIS J 74 4.47 26.58 -40.25
N PHE J 75 4.27 26.78 -41.55
CA PHE J 75 4.93 27.88 -42.26
C PHE J 75 4.27 29.19 -41.83
N GLN J 76 5.04 30.03 -41.13
CA GLN J 76 4.58 31.32 -40.65
C GLN J 76 5.38 32.40 -41.35
N ILE J 77 4.67 33.35 -41.97
CA ILE J 77 5.31 34.47 -42.64
C ILE J 77 4.37 35.67 -42.55
N GLU J 78 4.94 36.84 -42.29
CA GLU J 78 4.14 38.03 -42.02
C GLU J 78 3.39 38.53 -43.25
N ASP J 79 3.91 38.27 -44.45
CA ASP J 79 3.22 38.69 -45.67
C ASP J 79 1.97 37.84 -45.85
N GLU J 80 0.81 38.49 -46.02
CA GLU J 80 -0.44 37.76 -46.11
C GLU J 80 -0.57 36.95 -47.40
N GLU J 81 -0.07 37.45 -48.52
CA GLU J 81 -0.12 36.68 -49.76
C GLU J 81 0.78 35.45 -49.70
N ALA J 82 2.01 35.63 -49.20
CA ALA J 82 2.89 34.48 -49.00
C ALA J 82 2.29 33.49 -48.03
N GLN J 83 1.64 33.99 -46.97
CA GLN J 83 0.99 33.11 -46.02
C GLN J 83 -0.13 32.33 -46.69
N TYR J 84 -0.87 32.97 -47.60
CA TYR J 84 -1.91 32.27 -48.33
C TYR J 84 -1.32 31.17 -49.22
N ILE J 85 -0.21 31.47 -49.89
CA ILE J 85 0.43 30.47 -50.74
C ILE J 85 0.88 29.27 -49.91
N LEU J 86 1.52 29.54 -48.78
CA LEU J 86 1.96 28.44 -47.91
C LEU J 86 0.79 27.69 -47.30
N ASP J 87 -0.31 28.40 -47.05
CA ASP J 87 -1.53 27.74 -46.57
C ASP J 87 -2.04 26.73 -47.58
N GLU J 88 -2.13 27.16 -48.84
CA GLU J 88 -2.56 26.25 -49.89
C GLU J 88 -1.60 25.07 -50.01
N PHE J 89 -0.30 25.35 -49.93
CA PHE J 89 0.69 24.28 -50.07
C PHE J 89 0.56 23.24 -48.95
N VAL J 90 0.42 23.69 -47.71
CA VAL J 90 0.30 22.72 -46.62
C VAL J 90 -1.02 21.97 -46.72
N LEU J 91 -2.10 22.66 -47.10
CA LEU J 91 -3.38 21.99 -47.30
C LEU J 91 -3.26 20.88 -48.33
N ASP J 92 -2.46 21.09 -49.36
CA ASP J 92 -2.28 20.06 -50.37
C ASP J 92 -1.35 18.94 -49.90
N ASN J 93 -0.29 19.27 -49.14
CA ASN J 93 0.86 18.38 -48.99
C ASN J 93 1.26 18.10 -47.55
N THR J 94 0.35 18.20 -46.57
CA THR J 94 0.73 17.87 -45.20
C THR J 94 1.13 16.40 -45.05
N SER J 95 0.41 15.51 -45.73
CA SER J 95 0.74 14.08 -45.65
C SER J 95 2.13 13.81 -46.19
N LYS J 96 2.46 14.40 -47.34
CA LYS J 96 3.80 14.23 -47.89
C LYS J 96 4.85 14.89 -47.01
N MET J 97 4.50 15.96 -46.31
CA MET J 97 5.43 16.58 -45.39
C MET J 97 5.75 15.66 -44.22
N LEU J 98 4.76 14.95 -43.69
CA LEU J 98 5.04 13.96 -42.65
C LEU J 98 5.84 12.80 -43.22
N LYS J 99 5.52 12.36 -44.44
CA LYS J 99 6.24 11.27 -45.04
C LYS J 99 7.70 11.65 -45.29
N THR J 100 7.97 12.94 -45.49
CA THR J 100 9.36 13.39 -45.60
C THR J 100 10.13 13.15 -44.32
N HIS J 101 9.54 13.47 -43.16
CA HIS J 101 10.19 13.18 -41.89
C HIS J 101 10.41 11.68 -41.73
N THR J 102 9.39 10.88 -42.08
CA THR J 102 9.53 9.43 -41.93
C THR J 102 10.67 8.90 -42.81
N ASP J 103 10.72 9.36 -44.06
CA ASP J 103 11.76 8.90 -44.98
C ASP J 103 13.14 9.35 -44.52
N SER J 104 13.26 10.58 -44.03
CA SER J 104 14.56 11.05 -43.57
C SER J 104 15.03 10.27 -42.36
N LEU J 105 14.13 9.98 -41.41
CA LEU J 105 14.52 9.20 -40.25
C LEU J 105 14.89 7.77 -40.62
N LYS J 106 14.15 7.19 -41.58
CA LYS J 106 14.37 5.79 -41.93
C LYS J 106 15.61 5.63 -42.79
N GLN J 107 15.64 6.27 -43.95
CA GLN J 107 16.68 6.09 -44.95
C GLN J 107 17.86 7.02 -44.77
N GLY J 108 17.79 7.96 -43.84
CA GLY J 108 18.86 8.95 -43.68
C GLY J 108 18.72 10.15 -44.57
N ASP J 109 18.54 9.93 -45.88
CA ASP J 109 18.37 10.99 -46.86
C ASP J 109 16.96 10.94 -47.44
N CYS J 110 16.40 12.12 -47.70
CA CYS J 110 15.17 12.23 -48.46
C CYS J 110 15.24 13.48 -49.32
N TYR J 111 14.82 13.35 -50.57
CA TYR J 111 14.92 14.41 -51.57
C TYR J 111 13.51 14.77 -52.02
N ILE J 112 13.21 16.07 -52.04
CA ILE J 112 11.92 16.59 -52.45
C ILE J 112 12.14 17.45 -53.70
N TRP J 113 11.40 17.15 -54.76
CA TRP J 113 11.51 17.85 -56.03
C TRP J 113 10.21 18.60 -56.27
N ILE J 114 10.30 19.94 -56.28
CA ILE J 114 9.14 20.79 -56.51
C ILE J 114 9.07 21.09 -58.00
N THR J 115 7.96 20.73 -58.63
CA THR J 115 7.75 20.94 -60.06
C THR J 115 6.42 21.66 -60.27
N ARG J 116 6.42 22.58 -61.23
CA ARG J 116 5.23 23.35 -61.59
C ARG J 116 4.66 22.77 -62.88
N GLU J 117 3.38 22.41 -62.84
CA GLU J 117 2.71 21.75 -63.95
C GLU J 117 1.52 22.59 -64.41
N GLU J 118 1.49 22.91 -65.70
CA GLU J 118 0.31 23.48 -66.34
C GLU J 118 -0.56 22.41 -66.99
N ARG J 119 -0.50 21.18 -66.49
CA ARG J 119 -1.27 20.10 -67.08
C ARG J 119 -2.77 20.36 -66.92
N GLU J 120 -3.52 20.06 -67.98
CA GLU J 120 -4.96 20.19 -67.99
C GLU J 120 -5.58 18.80 -68.11
N ASN J 121 -6.44 18.46 -67.16
CA ASN J 121 -7.18 17.20 -67.19
C ASN J 121 -8.52 17.43 -66.53
N PRO J 122 -9.58 16.70 -66.93
CA PRO J 122 -10.90 16.96 -66.34
C PRO J 122 -11.01 16.61 -64.87
N LEU J 123 -10.03 15.90 -64.29
CA LEU J 123 -10.07 15.61 -62.87
C LEU J 123 -9.72 16.82 -62.02
N TYR J 124 -9.03 17.81 -62.58
CA TYR J 124 -8.64 19.02 -61.86
C TYR J 124 -9.06 20.26 -62.66
N PRO J 125 -10.36 20.53 -62.74
CA PRO J 125 -10.80 21.76 -63.40
C PRO J 125 -10.63 23.00 -62.53
N ASP J 126 -10.52 22.83 -61.22
CA ASP J 126 -10.36 23.97 -60.33
C ASP J 126 -8.96 24.57 -60.43
N LYS J 127 -7.93 23.73 -60.44
CA LYS J 127 -6.53 24.16 -60.35
C LYS J 127 -5.89 24.02 -61.72
N LYS J 128 -5.81 25.13 -62.44
CA LYS J 128 -5.19 25.12 -63.76
C LYS J 128 -3.69 24.88 -63.67
N VAL J 129 -3.03 25.51 -62.70
CA VAL J 129 -1.59 25.41 -62.51
C VAL J 129 -1.33 24.94 -61.08
N ARG J 130 -0.42 23.98 -60.92
CA ARG J 130 -0.18 23.32 -59.65
C ARG J 130 1.31 23.19 -59.41
N LEU J 131 1.68 23.14 -58.13
CA LEU J 131 3.02 22.78 -57.69
C LEU J 131 2.96 21.38 -57.08
N ILE J 132 3.81 20.49 -57.56
CA ILE J 132 3.77 19.07 -57.18
C ILE J 132 4.90 18.80 -56.22
N TYR J 133 4.59 18.10 -55.13
CA TYR J 133 5.55 17.74 -54.09
C TYR J 133 6.05 16.33 -54.39
N ASN J 134 7.00 16.25 -55.33
CA ASN J 134 7.51 14.96 -55.79
C ASN J 134 8.65 14.48 -54.91
N PHE J 135 8.62 13.20 -54.58
CA PHE J 135 9.75 12.55 -53.92
C PHE J 135 10.69 11.98 -54.96
N ILE J 136 11.99 12.21 -54.77
CA ILE J 136 13.03 11.48 -55.48
C ILE J 136 13.55 10.43 -54.50
N SER J 137 13.44 9.17 -54.90
CA SER J 137 13.95 8.10 -54.05
C SER J 137 15.46 8.26 -53.90
N PRO J 138 16.02 8.04 -52.70
CA PRO J 138 17.46 8.30 -52.54
C PRO J 138 18.35 7.42 -53.39
N GLU J 139 17.85 6.27 -53.86
CA GLU J 139 18.61 5.47 -54.80
C GLU J 139 18.71 6.11 -56.17
N GLU J 140 17.72 6.92 -56.57
CA GLU J 140 17.78 7.59 -57.86
C GLU J 140 18.97 8.54 -57.94
N VAL J 141 19.31 9.19 -56.83
CA VAL J 141 20.36 10.20 -56.84
C VAL J 141 21.69 9.49 -56.97
N LYS J 142 22.21 9.43 -58.20
CA LYS J 142 23.47 8.74 -58.44
C LYS J 142 24.64 9.51 -57.84
N GLU J 143 24.63 10.83 -57.97
CA GLU J 143 25.72 11.65 -57.47
C GLU J 143 25.20 13.07 -57.30
N ILE J 144 25.77 13.79 -56.33
CA ILE J 144 25.48 15.20 -56.10
C ILE J 144 26.78 15.95 -56.31
N ILE J 145 26.79 16.85 -57.28
CA ILE J 145 27.94 17.70 -57.54
C ILE J 145 27.84 18.92 -56.65
N LEU J 146 28.85 19.14 -55.82
CA LEU J 146 28.87 20.21 -54.83
C LEU J 146 29.85 21.28 -55.24
N ASP J 147 29.49 22.53 -55.01
CA ASP J 147 30.45 23.61 -55.10
C ASP J 147 31.50 23.37 -54.01
N PRO J 148 32.80 23.24 -54.34
CA PRO J 148 33.77 22.90 -53.29
C PRO J 148 33.84 23.90 -52.16
N THR J 149 33.62 25.18 -52.42
CA THR J 149 33.74 26.19 -51.37
C THR J 149 32.54 26.16 -50.43
N THR J 150 31.34 26.43 -50.96
CA THR J 150 30.15 26.54 -50.14
C THR J 150 29.52 25.20 -49.83
N LYS J 151 29.91 24.12 -50.52
CA LYS J 151 29.30 22.80 -50.38
C LYS J 151 27.82 22.79 -50.78
N GLU J 152 27.37 23.80 -51.53
CA GLU J 152 26.00 23.79 -52.03
C GLU J 152 25.94 22.94 -53.29
N PRO J 153 24.80 22.30 -53.57
CA PRO J 153 24.71 21.48 -54.78
C PRO J 153 24.64 22.34 -56.02
N ILE J 154 25.38 21.93 -57.06
CA ILE J 154 25.34 22.57 -58.36
C ILE J 154 24.86 21.63 -59.46
N ALA J 155 24.69 20.34 -59.18
CA ALA J 155 24.07 19.42 -60.13
C ALA J 155 23.66 18.16 -59.39
N TYR J 156 22.49 17.63 -59.77
CA TYR J 156 21.98 16.37 -59.26
C TYR J 156 21.96 15.35 -60.39
N ILE J 157 22.57 14.20 -60.16
CA ILE J 157 22.64 13.12 -61.13
C ILE J 157 21.59 12.09 -60.72
N LEU J 158 20.47 12.07 -61.42
CA LEU J 158 19.39 11.12 -61.17
C LEU J 158 19.42 10.03 -62.23
N GLU J 159 19.23 8.79 -61.81
CA GLU J 159 19.20 7.65 -62.71
C GLU J 159 18.22 6.62 -62.18
N SER J 160 17.46 6.00 -63.10
CA SER J 160 16.48 5.00 -62.72
C SER J 160 16.21 4.08 -63.90
N GLN J 161 15.93 2.82 -63.58
CA GLN J 161 15.56 1.81 -64.57
C GLN J 161 14.03 1.72 -64.61
N ASN J 162 13.43 2.18 -65.70
CA ASN J 162 11.98 2.24 -65.84
C ASN J 162 11.50 1.02 -66.62
N GLU J 163 10.96 0.04 -65.90
CA GLU J 163 10.27 -1.10 -66.49
C GLU J 163 8.77 -0.86 -66.34
N TRP J 164 8.07 -0.78 -67.48
CA TRP J 164 6.66 -0.43 -67.50
C TRP J 164 5.98 -1.16 -68.64
N THR J 165 4.73 -1.57 -68.40
CA THR J 165 3.94 -2.22 -69.43
C THR J 165 3.12 -1.18 -70.19
N ASP J 166 3.09 -1.33 -71.51
CA ASP J 166 2.28 -0.44 -72.33
C ASP J 166 0.80 -0.80 -72.18
N LEU J 167 -0.06 0.18 -72.43
CA LEU J 167 -1.50 -0.06 -72.35
C LEU J 167 -1.97 -1.10 -73.36
N GLY J 168 -1.20 -1.37 -74.41
CA GLY J 168 -1.42 -2.53 -75.25
C GLY J 168 -0.86 -3.77 -74.59
N GLU J 169 -0.26 -4.65 -75.38
CA GLU J 169 0.30 -5.90 -74.86
C GLU J 169 1.81 -5.85 -74.67
N ASN J 170 2.46 -4.73 -75.00
CA ASN J 170 3.91 -4.70 -75.08
C ASN J 170 4.54 -4.34 -73.75
N LYS J 171 5.53 -5.14 -73.34
CA LYS J 171 6.42 -4.75 -72.25
C LYS J 171 7.41 -3.72 -72.75
N ARG J 172 7.77 -2.78 -71.88
CA ARG J 172 8.68 -1.70 -72.22
C ARG J 172 9.73 -1.56 -71.14
N LYS J 173 10.94 -1.19 -71.54
CA LYS J 173 12.06 -1.00 -70.63
C LYS J 173 12.83 0.23 -71.06
N ALA J 174 13.26 1.03 -70.09
CA ALA J 174 13.95 2.28 -70.40
C ALA J 174 14.84 2.65 -69.21
N LYS J 175 16.12 2.85 -69.48
CA LYS J 175 17.08 3.31 -68.47
C LYS J 175 17.28 4.80 -68.66
N VAL J 176 16.60 5.59 -67.83
CA VAL J 176 16.55 7.04 -67.95
C VAL J 176 17.42 7.65 -66.85
N LYS J 177 18.32 8.55 -67.25
CA LYS J 177 19.10 9.34 -66.31
C LYS J 177 19.01 10.80 -66.73
N GLN J 178 19.22 11.69 -65.76
CA GLN J 178 19.03 13.10 -66.01
C GLN J 178 19.89 13.92 -65.06
N ILE J 179 20.37 15.06 -65.55
CA ILE J 179 21.17 16.02 -64.82
C ILE J 179 20.27 17.21 -64.52
N ILE J 180 20.16 17.58 -63.25
CA ILE J 180 19.38 18.74 -62.82
C ILE J 180 20.36 19.77 -62.28
N THR J 181 20.50 20.89 -62.98
CA THR J 181 21.42 21.95 -62.62
C THR J 181 20.67 23.28 -62.56
N ALA J 182 21.34 24.28 -61.98
CA ALA J 182 20.73 25.60 -61.86
C ALA J 182 20.49 26.23 -63.22
N GLU J 183 21.45 26.11 -64.14
CA GLU J 183 21.27 26.71 -65.46
C GLU J 183 20.19 25.99 -66.27
N SER J 184 20.16 24.67 -66.21
CA SER J 184 19.26 23.87 -67.04
C SER J 184 19.18 22.47 -66.46
N ARG J 185 18.33 21.65 -67.07
CA ARG J 185 18.27 20.23 -66.77
C ARG J 185 18.37 19.44 -68.06
N PHE J 186 19.15 18.36 -68.02
CA PHE J 186 19.42 17.51 -69.16
C PHE J 186 18.94 16.10 -68.83
N VAL J 187 18.29 15.46 -69.80
CA VAL J 187 17.75 14.12 -69.63
C VAL J 187 18.03 13.30 -70.87
N GLU J 188 18.52 12.08 -70.66
CA GLU J 188 18.80 11.12 -71.72
C GLU J 188 18.31 9.76 -71.27
N VAL J 189 17.78 8.98 -72.22
CA VAL J 189 17.16 7.69 -71.94
C VAL J 189 17.61 6.69 -72.99
N GLU J 190 17.89 5.47 -72.54
CA GLU J 190 18.20 4.33 -73.40
C GLU J 190 17.08 3.30 -73.25
N GLY J 191 16.51 2.89 -74.39
CA GLY J 191 15.44 1.91 -74.41
C GLY J 191 14.16 2.46 -75.00
N ASP J 192 13.02 1.94 -74.55
CA ASP J 192 11.74 2.39 -75.06
C ASP J 192 11.51 3.86 -74.72
N LYS J 193 10.92 4.58 -75.68
CA LYS J 193 10.70 6.02 -75.52
C LYS J 193 9.66 6.27 -74.43
N ILE J 194 9.94 7.24 -73.56
CA ILE J 194 8.97 7.70 -72.58
C ILE J 194 8.18 8.84 -73.21
N GLU J 195 6.85 8.72 -73.22
CA GLU J 195 6.02 9.73 -73.87
C GLU J 195 6.12 11.07 -73.17
N GLY J 196 6.17 11.09 -71.85
CA GLY J 196 6.16 12.32 -71.09
C GLY J 196 7.49 13.02 -70.94
N LEU J 197 8.56 12.49 -71.51
CA LEU J 197 9.90 13.05 -71.40
C LEU J 197 10.41 13.48 -72.76
N GLU J 198 11.15 14.59 -72.78
CA GLU J 198 11.83 15.08 -73.97
C GLU J 198 13.33 15.01 -73.72
N GLU J 199 14.03 14.25 -74.55
CA GLU J 199 15.47 14.10 -74.38
C GLU J 199 16.17 15.43 -74.65
N GLY J 200 17.39 15.54 -74.14
CA GLY J 200 18.21 16.71 -74.37
C GLY J 200 18.03 17.76 -73.31
N GLU J 201 18.85 18.81 -73.45
CA GLU J 201 18.85 19.92 -72.51
C GLU J 201 17.58 20.75 -72.65
N THR J 202 17.08 21.26 -71.52
CA THR J 202 16.00 22.23 -71.49
C THR J 202 16.28 23.24 -70.40
N PRO J 203 16.11 24.55 -70.65
CA PRO J 203 16.53 25.53 -69.66
C PRO J 203 15.68 25.47 -68.40
N ASN J 204 16.30 25.86 -67.29
CA ASN J 204 15.61 25.89 -66.00
C ASN J 204 14.88 27.23 -65.87
N VAL J 205 13.56 27.16 -65.64
CA VAL J 205 12.76 28.37 -65.56
C VAL J 205 13.21 29.28 -64.41
N TRP J 206 13.75 28.71 -63.34
CA TRP J 206 14.31 29.45 -62.23
C TRP J 206 15.78 29.09 -62.11
N GLY J 207 16.58 30.05 -61.65
CA GLY J 207 18.02 29.84 -61.59
C GLY J 207 18.50 29.19 -60.31
N PHE J 208 17.75 28.22 -59.79
CA PHE J 208 18.21 27.40 -58.68
C PHE J 208 17.71 25.98 -58.89
N ILE J 209 18.42 25.04 -58.27
CA ILE J 209 18.06 23.63 -58.37
C ILE J 209 16.78 23.44 -57.56
N PRO J 210 15.70 22.88 -58.13
CA PRO J 210 14.43 22.83 -57.37
C PRO J 210 14.32 21.67 -56.39
N ILE J 211 15.44 21.02 -56.05
CA ILE J 211 15.44 19.84 -55.19
C ILE J 211 15.90 20.27 -53.80
N ILE J 212 15.19 19.79 -52.78
CA ILE J 212 15.53 20.02 -51.37
C ILE J 212 16.04 18.72 -50.80
N HIS J 213 17.21 18.75 -50.17
CA HIS J 213 17.87 17.57 -49.62
C HIS J 213 17.64 17.56 -48.11
N PHE J 214 16.65 16.78 -47.68
CA PHE J 214 16.45 16.55 -46.25
C PHE J 214 17.47 15.54 -45.75
N LYS J 215 18.05 15.82 -44.59
CA LYS J 215 19.24 15.11 -44.12
C LYS J 215 19.09 14.86 -42.62
N ASN J 216 18.75 13.63 -42.25
CA ASN J 216 18.63 13.28 -40.85
C ASN J 216 20.00 13.13 -40.22
N GLU J 217 20.14 13.70 -39.02
CA GLU J 217 21.41 13.70 -38.28
C GLU J 217 22.53 14.26 -39.14
N ALA J 218 22.30 15.44 -39.71
CA ALA J 218 23.29 16.07 -40.56
C ALA J 218 24.59 16.31 -39.81
N ASP J 219 25.70 15.93 -40.42
CA ASP J 219 27.02 16.10 -39.84
C ASP J 219 27.89 16.83 -40.84
N GLU J 220 28.75 17.72 -40.34
CA GLU J 220 29.60 18.51 -41.24
C GLU J 220 30.55 17.63 -42.02
N THR J 221 30.99 16.52 -41.45
CA THR J 221 31.96 15.64 -42.10
C THR J 221 31.35 14.68 -43.09
N LEU J 222 30.02 14.57 -43.14
CA LEU J 222 29.33 13.63 -44.01
C LEU J 222 28.61 14.39 -45.13
N LYS J 223 28.76 13.88 -46.36
CA LYS J 223 28.02 14.45 -47.48
C LYS J 223 26.54 14.13 -47.39
N TYR J 224 26.19 12.95 -46.88
CA TYR J 224 24.82 12.47 -46.82
C TYR J 224 24.41 12.30 -45.36
N GLY J 225 23.12 12.10 -45.15
CA GLY J 225 22.58 11.97 -43.82
C GLY J 225 22.80 10.59 -43.24
N GLN J 226 22.33 10.44 -42.00
CA GLN J 226 22.45 9.20 -41.25
C GLN J 226 21.07 8.76 -40.78
N SER J 227 20.78 7.47 -40.93
CA SER J 227 19.52 6.94 -40.46
C SER J 227 19.53 6.81 -38.94
N ASP J 228 18.34 6.87 -38.34
CA ASP J 228 18.20 6.52 -36.94
C ASP J 228 18.39 5.02 -36.69
N ILE J 229 18.39 4.20 -37.74
CA ILE J 229 18.62 2.78 -37.60
C ILE J 229 20.11 2.49 -37.43
N GLU J 230 20.98 3.35 -37.98
CA GLU J 230 22.41 3.09 -37.92
C GLU J 230 22.97 2.96 -36.52
N PRO J 231 22.65 3.84 -35.57
CA PRO J 231 23.15 3.64 -34.20
C PRO J 231 22.70 2.32 -33.58
N ILE J 232 21.49 1.85 -33.86
CA ILE J 232 20.99 0.64 -33.23
C ILE J 232 21.27 -0.63 -34.02
N GLU J 233 21.73 -0.52 -35.27
CA GLU J 233 21.86 -1.68 -36.15
C GLU J 233 22.72 -2.80 -35.57
N PRO J 234 23.92 -2.57 -35.03
CA PRO J 234 24.63 -3.69 -34.38
C PRO J 234 23.86 -4.30 -33.23
N LEU J 235 23.14 -3.49 -32.46
CA LEU J 235 22.32 -4.05 -31.39
C LEU J 235 21.16 -4.86 -31.94
N LEU J 236 20.55 -4.42 -33.05
CA LEU J 236 19.52 -5.22 -33.69
C LEU J 236 20.07 -6.57 -34.14
N LYS J 237 21.27 -6.56 -34.73
CA LYS J 237 21.87 -7.82 -35.18
C LYS J 237 22.17 -8.73 -34.00
N ALA J 238 22.69 -8.17 -32.91
CA ALA J 238 22.98 -8.99 -31.73
C ALA J 238 21.70 -9.55 -31.13
N TYR J 239 20.64 -8.73 -31.08
CA TYR J 239 19.37 -9.21 -30.56
C TYR J 239 18.81 -10.33 -31.42
N HIS J 240 18.90 -10.20 -32.75
CA HIS J 240 18.44 -11.25 -33.64
C HIS J 240 19.25 -12.53 -33.41
N ASP J 241 20.57 -12.40 -33.28
CA ASP J 241 21.41 -13.58 -33.09
C ASP J 241 21.06 -14.29 -31.79
N VAL J 242 20.89 -13.53 -30.71
CA VAL J 242 20.57 -14.14 -29.42
C VAL J 242 19.20 -14.81 -29.47
N MET J 243 18.20 -14.12 -30.05
CA MET J 243 16.86 -14.67 -30.11
C MET J 243 16.81 -15.92 -30.97
N LEU J 244 17.49 -15.91 -32.12
CA LEU J 244 17.48 -17.07 -33.00
C LEU J 244 18.19 -18.25 -32.35
N HIS J 245 19.33 -17.99 -31.69
CA HIS J 245 20.02 -19.06 -30.98
C HIS J 245 19.14 -19.65 -29.89
N ALA J 246 18.43 -18.78 -29.14
CA ALA J 246 17.52 -19.25 -28.12
C ALA J 246 16.40 -20.11 -28.71
N LEU J 247 15.82 -19.65 -29.81
CA LEU J 247 14.72 -20.40 -30.43
C LEU J 247 15.19 -21.76 -30.93
N LYS J 248 16.35 -21.80 -31.58
CA LYS J 248 16.87 -23.08 -32.06
C LYS J 248 17.19 -24.01 -30.91
N GLY J 249 17.81 -23.49 -29.85
CA GLY J 249 18.12 -24.32 -28.70
C GLY J 249 16.87 -24.87 -28.04
N SER J 250 15.84 -24.04 -27.92
CA SER J 250 14.59 -24.51 -27.34
C SER J 250 13.92 -25.56 -28.21
N LYS J 251 13.94 -25.36 -29.54
CA LYS J 251 13.36 -26.35 -30.43
C LYS J 251 14.08 -27.69 -30.29
N MET J 252 15.41 -27.64 -30.17
CA MET J 252 16.16 -28.89 -30.10
C MET J 252 15.99 -29.58 -28.75
N HIS J 253 15.94 -28.80 -27.65
CA HIS J 253 16.15 -29.35 -26.32
C HIS J 253 15.06 -29.06 -25.30
N SER J 254 14.09 -28.19 -25.58
CA SER J 254 13.07 -27.91 -24.56
C SER J 254 12.22 -29.13 -24.27
N THR J 255 11.77 -29.83 -25.30
CA THR J 255 10.94 -31.01 -25.11
C THR J 255 11.82 -32.14 -24.61
N PRO J 256 11.53 -32.75 -23.44
CA PRO J 256 12.42 -33.79 -22.94
C PRO J 256 12.40 -35.03 -23.81
N LYS J 257 13.52 -35.74 -23.79
CA LYS J 257 13.73 -36.92 -24.62
C LYS J 257 13.60 -38.15 -23.74
N LEU J 258 12.65 -39.02 -24.08
CA LEU J 258 12.49 -40.26 -23.33
C LEU J 258 13.65 -41.19 -23.63
N LYS J 259 14.29 -41.70 -22.58
CA LYS J 259 15.47 -42.54 -22.69
C LYS J 259 15.11 -43.91 -22.12
N LEU J 260 15.20 -44.94 -22.95
CA LEU J 260 14.93 -46.31 -22.56
C LEU J 260 16.21 -47.11 -22.64
N LYS J 261 16.63 -47.67 -21.50
CA LYS J 261 17.79 -48.55 -21.44
C LYS J 261 17.27 -49.98 -21.43
N LEU J 262 17.35 -50.64 -22.58
CA LEU J 262 16.65 -51.89 -22.84
C LEU J 262 17.65 -53.05 -22.95
N THR J 263 17.15 -54.25 -22.68
CA THR J 263 17.99 -55.44 -22.83
C THR J 263 18.31 -55.71 -24.29
N ASP J 264 17.35 -55.46 -25.18
CA ASP J 264 17.57 -55.64 -26.62
C ASP J 264 16.71 -54.61 -27.34
N VAL J 265 17.37 -53.61 -27.94
CA VAL J 265 16.64 -52.48 -28.51
C VAL J 265 15.87 -52.89 -29.76
N ALA J 266 16.51 -53.66 -30.63
CA ALA J 266 15.90 -53.99 -31.92
C ALA J 266 14.62 -54.80 -31.75
N SER J 267 14.63 -55.78 -30.85
CA SER J 267 13.42 -56.56 -30.62
C SER J 267 12.32 -55.72 -30.00
N PHE J 268 12.68 -54.79 -29.10
CA PHE J 268 11.71 -53.87 -28.54
C PHE J 268 11.05 -53.05 -29.63
N LEU J 269 11.85 -52.50 -30.55
CA LEU J 269 11.29 -51.71 -31.64
C LEU J 269 10.38 -52.55 -32.51
N ALA J 270 10.84 -53.76 -32.88
CA ALA J 270 10.08 -54.61 -33.77
C ALA J 270 8.74 -55.02 -33.15
N HIS J 271 8.74 -55.31 -31.85
CA HIS J 271 7.50 -55.71 -31.19
C HIS J 271 6.58 -54.53 -30.97
N ASN J 272 7.04 -53.51 -30.25
CA ASN J 272 6.14 -52.41 -29.88
C ASN J 272 5.71 -51.59 -31.08
N PHE J 273 6.67 -51.13 -31.90
CA PHE J 273 6.39 -50.17 -32.96
C PHE J 273 6.45 -50.76 -34.35
N GLY J 274 6.67 -52.06 -34.49
CA GLY J 274 6.70 -52.67 -35.81
C GLY J 274 7.85 -52.23 -36.68
N VAL J 275 8.91 -51.68 -36.08
CA VAL J 275 10.07 -51.23 -36.83
C VAL J 275 11.01 -52.41 -37.01
N GLU J 276 10.82 -53.17 -38.09
CA GLU J 276 11.64 -54.35 -38.33
C GLU J 276 13.06 -54.00 -38.73
N ASP J 277 13.28 -52.82 -39.31
CA ASP J 277 14.60 -52.40 -39.78
C ASP J 277 14.86 -50.99 -39.24
N PRO J 278 15.38 -50.87 -38.01
CA PRO J 278 15.58 -49.53 -37.44
C PRO J 278 16.55 -48.66 -38.22
N VAL J 279 17.56 -49.24 -38.88
CA VAL J 279 18.47 -48.44 -39.68
C VAL J 279 17.73 -47.81 -40.85
N LYS J 280 16.96 -48.61 -41.58
CA LYS J 280 16.16 -48.06 -42.68
C LYS J 280 15.11 -47.09 -42.16
N PHE J 281 14.56 -47.35 -40.97
CA PHE J 281 13.58 -46.45 -40.39
C PHE J 281 14.20 -45.09 -40.11
N ALA J 282 15.40 -45.07 -39.55
CA ALA J 282 16.08 -43.81 -39.27
C ALA J 282 16.49 -43.10 -40.55
N LYS J 283 16.93 -43.86 -41.56
CA LYS J 283 17.34 -43.25 -42.82
C LYS J 283 16.17 -42.56 -43.50
N GLU J 284 15.00 -43.19 -43.51
CA GLU J 284 13.84 -42.62 -44.17
C GLU J 284 13.17 -41.51 -43.37
N GLY J 285 13.64 -41.24 -42.16
CA GLY J 285 13.02 -40.20 -41.35
C GLY J 285 11.70 -40.60 -40.75
N GLY J 286 11.46 -41.89 -40.57
CA GLY J 286 10.22 -42.33 -39.97
C GLY J 286 10.11 -41.87 -38.53
N LYS J 287 8.90 -41.59 -38.10
CA LYS J 287 8.60 -41.09 -36.76
C LYS J 287 7.78 -42.12 -36.01
N ILE J 288 8.21 -42.47 -34.80
CA ILE J 288 7.42 -43.32 -33.93
C ILE J 288 6.25 -42.51 -33.38
N ASN J 289 5.05 -43.09 -33.45
CA ASN J 289 3.83 -42.39 -33.07
C ASN J 289 3.50 -42.68 -31.62
N LEU J 290 3.17 -41.63 -30.87
CA LEU J 290 2.81 -41.73 -29.46
C LEU J 290 1.57 -40.90 -29.19
N ASP J 291 0.78 -41.33 -28.21
CA ASP J 291 -0.43 -40.63 -27.79
C ASP J 291 -0.28 -39.89 -26.47
N GLY J 292 0.71 -40.25 -25.65
CA GLY J 292 0.97 -39.60 -24.39
C GLY J 292 0.46 -40.32 -23.17
N HIS J 293 -0.46 -41.28 -23.35
CA HIS J 293 -1.03 -42.06 -22.25
C HIS J 293 -0.46 -43.48 -22.21
N GLU J 294 0.83 -43.63 -22.51
CA GLU J 294 1.45 -44.94 -22.51
C GLU J 294 1.75 -45.42 -21.10
N ILE J 295 1.93 -46.74 -20.98
CA ILE J 295 2.35 -47.38 -19.75
C ILE J 295 3.49 -48.33 -20.11
N LEU J 296 4.57 -48.30 -19.33
CA LEU J 296 5.80 -49.01 -19.64
C LEU J 296 5.88 -50.27 -18.80
N PHE J 297 5.92 -51.43 -19.48
CA PHE J 297 6.19 -52.72 -18.85
C PHE J 297 7.61 -53.13 -19.23
N LEU J 298 8.43 -53.40 -18.23
CA LEU J 298 9.86 -53.59 -18.43
C LEU J 298 10.35 -54.74 -17.56
N ASN J 299 11.52 -55.26 -17.90
CA ASN J 299 12.16 -56.27 -17.08
C ASN J 299 12.78 -55.62 -15.85
N LYS J 300 13.39 -56.45 -15.00
CA LYS J 300 14.08 -55.93 -13.83
C LYS J 300 15.25 -55.05 -14.23
N ASP J 301 16.02 -55.48 -15.22
CA ASP J 301 17.24 -54.78 -15.62
C ASP J 301 16.95 -53.51 -16.41
N GLU J 302 15.91 -53.50 -17.22
CA GLU J 302 15.62 -52.37 -18.09
C GLU J 302 15.19 -51.16 -17.27
N GLU J 303 15.57 -49.98 -17.75
CA GLU J 303 15.31 -48.73 -17.06
C GLU J 303 14.79 -47.70 -18.06
N ALA J 304 13.95 -46.80 -17.59
CA ALA J 304 13.39 -45.72 -18.40
C ALA J 304 13.47 -44.42 -17.62
N GLU J 305 13.88 -43.36 -18.30
CA GLU J 305 14.07 -42.06 -17.67
C GLU J 305 13.95 -40.97 -18.73
N PHE J 306 13.55 -39.79 -18.28
CA PHE J 306 13.47 -38.62 -19.15
C PHE J 306 14.78 -37.86 -19.10
N VAL J 307 15.43 -37.70 -20.24
CA VAL J 307 16.59 -36.83 -20.37
C VAL J 307 16.06 -35.42 -20.63
N GLU J 308 16.29 -34.52 -19.67
CA GLU J 308 15.61 -33.24 -19.63
C GLU J 308 16.59 -32.14 -19.27
N VAL J 309 16.32 -30.93 -19.77
CA VAL J 309 17.13 -29.75 -19.49
C VAL J 309 16.46 -28.94 -18.38
N LYS J 310 17.29 -28.37 -17.50
CA LYS J 310 16.77 -27.40 -16.55
C LYS J 310 16.35 -26.12 -17.26
N SER J 311 17.08 -25.71 -18.28
CA SER J 311 16.70 -24.56 -19.08
C SER J 311 17.45 -24.60 -20.40
N ALA J 312 16.72 -24.77 -21.51
CA ALA J 312 17.35 -24.79 -22.83
C ALA J 312 17.78 -23.40 -23.29
N ILE J 313 17.33 -22.35 -22.62
CA ILE J 313 17.62 -20.97 -23.01
C ILE J 313 18.71 -20.42 -22.11
N GLY J 314 18.68 -20.82 -20.84
CA GLY J 314 19.68 -20.34 -19.92
C GLY J 314 19.58 -18.85 -19.69
N ASP J 315 20.70 -18.17 -19.85
CA ASP J 315 20.80 -16.74 -19.55
C ASP J 315 20.59 -15.87 -20.80
N ALA J 316 19.97 -16.40 -21.85
CA ALA J 316 19.72 -15.57 -23.02
C ALA J 316 18.68 -14.49 -22.73
N LYS J 317 17.76 -14.75 -21.80
CA LYS J 317 16.75 -13.75 -21.48
C LYS J 317 17.38 -12.50 -20.88
N GLU J 318 18.35 -12.68 -19.98
CA GLU J 318 19.06 -11.53 -19.41
C GLU J 318 19.82 -10.76 -20.49
N LEU J 319 20.45 -11.49 -21.42
CA LEU J 319 21.17 -10.81 -22.50
C LEU J 319 20.23 -10.03 -23.39
N LEU J 320 19.05 -10.59 -23.69
CA LEU J 320 18.07 -9.88 -24.50
C LEU J 320 17.57 -8.64 -23.76
N LYS J 321 17.40 -8.75 -22.44
CA LYS J 321 16.99 -7.58 -21.66
C LYS J 321 18.05 -6.49 -21.71
N LEU J 322 19.32 -6.88 -21.59
CA LEU J 322 20.41 -5.90 -21.66
C LEU J 322 20.49 -5.26 -23.04
N LEU J 323 20.31 -6.05 -24.09
CA LEU J 323 20.33 -5.49 -25.44
C LEU J 323 19.13 -4.57 -25.67
N PHE J 324 17.98 -4.90 -25.10
CA PHE J 324 16.82 -4.02 -25.19
C PHE J 324 17.11 -2.69 -24.49
N TYR J 325 17.75 -2.75 -23.32
CA TYR J 325 18.14 -1.52 -22.63
C TYR J 325 19.09 -0.71 -23.49
N CYS J 326 20.05 -1.36 -24.13
CA CYS J 326 20.99 -0.65 -24.98
C CYS J 326 20.30 -0.01 -26.17
N ILE J 327 19.34 -0.73 -26.77
CA ILE J 327 18.60 -0.18 -27.90
C ILE J 327 17.79 1.03 -27.47
N VAL J 328 17.14 0.95 -26.30
CA VAL J 328 16.36 2.07 -25.83
C VAL J 328 17.26 3.26 -25.51
N ASP J 329 18.44 3.00 -24.96
CA ASP J 329 19.38 4.07 -24.68
C ASP J 329 19.83 4.76 -25.96
N VAL J 330 20.23 3.97 -26.96
CA VAL J 330 20.77 4.52 -28.21
C VAL J 330 19.72 5.37 -28.91
N SER J 331 18.51 4.83 -29.08
CA SER J 331 17.46 5.55 -29.75
C SER J 331 16.89 6.69 -28.91
N GLU J 332 17.13 6.68 -27.60
CA GLU J 332 16.62 7.70 -26.69
C GLU J 332 15.10 7.73 -26.67
N THR J 333 14.46 6.61 -26.99
CA THR J 333 13.02 6.56 -26.99
C THR J 333 12.52 6.56 -25.54
N PRO J 334 11.47 7.31 -25.20
CA PRO J 334 10.89 7.17 -23.87
C PRO J 334 10.35 5.77 -23.65
N GLU J 335 10.36 5.34 -22.39
CA GLU J 335 10.01 3.97 -22.07
C GLU J 335 8.54 3.64 -22.34
N PHE J 336 7.66 4.64 -22.38
CA PHE J 336 6.26 4.34 -22.65
C PHE J 336 6.04 3.89 -24.08
N ILE J 337 6.96 4.20 -25.00
CA ILE J 337 6.89 3.64 -26.33
C ILE J 337 7.13 2.14 -26.31
N PHE J 338 7.89 1.64 -25.35
CA PHE J 338 8.14 0.22 -25.14
C PHE J 338 7.54 -0.23 -23.81
N GLY J 339 6.31 0.21 -23.52
CA GLY J 339 5.69 -0.10 -22.24
C GLY J 339 5.40 -1.57 -22.05
N VAL J 340 5.29 -2.34 -23.13
CA VAL J 340 5.02 -3.77 -22.98
C VAL J 340 6.20 -4.46 -22.31
N HIS J 341 7.42 -4.02 -22.59
CA HIS J 341 8.58 -4.55 -21.88
C HIS J 341 8.61 -4.08 -20.44
N THR J 342 8.34 -2.80 -20.20
CA THR J 342 8.40 -2.17 -18.88
C THR J 342 7.02 -1.63 -18.56
N PRO J 343 6.16 -2.41 -17.89
CA PRO J 343 4.83 -1.89 -17.54
C PRO J 343 4.86 -0.68 -16.61
N SER J 344 5.99 -0.39 -15.96
CA SER J 344 6.08 0.80 -15.12
C SER J 344 5.87 2.06 -15.94
N ALA J 345 6.38 2.09 -17.16
CA ALA J 345 6.21 3.27 -18.02
C ALA J 345 4.75 3.53 -18.35
N LEU J 346 3.94 2.48 -18.50
CA LEU J 346 2.51 2.64 -18.74
C LEU J 346 1.77 3.26 -17.56
N ALA J 347 2.36 3.24 -16.36
CA ALA J 347 1.70 3.83 -15.20
C ALA J 347 1.52 5.33 -15.33
N SER J 348 2.42 6.01 -16.05
CA SER J 348 2.33 7.45 -16.22
C SER J 348 3.07 7.86 -17.48
N VAL J 349 2.34 8.42 -18.43
CA VAL J 349 2.94 8.97 -19.65
C VAL J 349 3.08 10.48 -19.54
N LYS J 350 2.14 11.13 -18.85
CA LYS J 350 2.21 12.59 -18.69
C LYS J 350 3.44 12.99 -17.89
N GLU J 351 3.78 12.22 -16.85
CA GLU J 351 5.00 12.49 -16.10
C GLU J 351 6.24 12.31 -16.98
N GLN J 352 6.17 11.42 -17.97
CA GLN J 352 7.33 11.08 -18.78
C GLN J 352 7.40 11.89 -20.07
N MET J 353 6.40 12.72 -20.36
CA MET J 353 6.42 13.49 -21.59
C MET J 353 7.57 14.51 -21.73
N PRO J 354 8.14 15.07 -20.67
CA PRO J 354 9.28 15.99 -20.88
C PRO J 354 10.45 15.37 -21.63
N ILE J 355 10.72 14.09 -21.44
CA ILE J 355 11.80 13.44 -22.18
C ILE J 355 11.49 13.44 -23.67
N MET J 356 10.25 13.09 -24.03
CA MET J 356 9.84 13.12 -25.43
C MET J 356 9.93 14.53 -25.98
N VAL J 357 9.54 15.52 -25.17
CA VAL J 357 9.59 16.91 -25.62
C VAL J 357 11.04 17.32 -25.90
N ASN J 358 11.96 16.92 -25.03
CA ASN J 358 13.37 17.22 -25.25
C ASN J 358 13.89 16.56 -26.52
N LYS J 359 13.56 15.28 -26.72
CA LYS J 359 14.01 14.58 -27.91
C LYS J 359 13.48 15.24 -29.17
N ILE J 360 12.21 15.62 -29.16
CA ILE J 360 11.60 16.21 -30.34
C ILE J 360 12.13 17.62 -30.58
N ARG J 361 12.41 18.36 -29.50
CA ARG J 361 13.07 19.66 -29.62
C ARG J 361 14.38 19.52 -30.37
N ARG J 362 15.20 18.56 -29.94
CA ARG J 362 16.49 18.37 -30.61
C ARG J 362 16.29 17.91 -32.05
N LYS J 363 15.31 17.04 -32.30
CA LYS J 363 15.17 16.45 -33.63
C LYS J 363 14.61 17.45 -34.64
N ARG J 364 13.72 18.35 -34.21
CA ARG J 364 13.07 19.24 -35.15
C ARG J 364 14.05 20.21 -35.79
N GLU J 365 15.14 20.55 -35.11
CA GLU J 365 16.08 21.53 -35.63
C GLU J 365 16.84 21.01 -36.84
N GLN J 366 16.93 19.69 -37.01
CA GLN J 366 17.64 19.14 -38.17
C GLN J 366 16.92 19.49 -39.47
N PHE J 367 15.59 19.44 -39.46
CA PHE J 367 14.81 19.60 -40.68
C PHE J 367 14.29 21.02 -40.88
N THR J 368 14.30 21.86 -39.85
CA THR J 368 13.61 23.15 -39.96
C THR J 368 14.30 24.06 -40.99
N ASN J 369 15.62 23.97 -41.11
CA ASN J 369 16.30 24.75 -42.15
C ASN J 369 15.90 24.28 -43.54
N SER J 370 15.77 22.97 -43.72
CA SER J 370 15.29 22.44 -45.01
C SER J 370 13.87 22.92 -45.29
N TRP J 371 13.04 23.03 -44.26
CA TRP J 371 11.68 23.51 -44.47
C TRP J 371 11.68 25.00 -44.80
N GLN J 372 12.59 25.77 -44.21
CA GLN J 372 12.76 27.16 -44.62
C GLN J 372 13.11 27.24 -46.10
N LEU J 373 14.05 26.41 -46.55
CA LEU J 373 14.42 26.39 -47.95
C LEU J 373 13.25 26.01 -48.84
N LEU J 374 12.48 24.99 -48.42
CA LEU J 374 11.35 24.53 -49.21
C LEU J 374 10.28 25.61 -49.34
N ALA J 375 9.96 26.27 -48.22
CA ALA J 375 8.96 27.33 -48.27
C ALA J 375 9.44 28.49 -49.12
N ARG J 376 10.72 28.85 -49.01
CA ARG J 376 11.27 29.92 -49.83
C ARG J 376 11.17 29.58 -51.31
N MET J 377 11.49 28.33 -51.67
CA MET J 377 11.43 27.92 -53.06
C MET J 377 9.99 27.91 -53.57
N VAL J 378 9.05 27.46 -52.73
CA VAL J 378 7.65 27.45 -53.11
C VAL J 378 7.16 28.87 -53.36
N LEU J 379 7.55 29.81 -52.48
CA LEU J 379 7.15 31.20 -52.66
C LEU J 379 7.75 31.78 -53.94
N ILE J 380 9.02 31.48 -54.20
CA ILE J 380 9.67 31.99 -55.41
C ILE J 380 9.04 31.37 -56.65
N MET J 381 8.68 30.09 -56.59
CA MET J 381 8.13 29.41 -57.75
C MET J 381 6.72 29.87 -58.11
N SER J 382 6.04 30.59 -57.22
CA SER J 382 4.69 31.08 -57.48
C SER J 382 4.64 32.60 -57.34
N LYS J 389 7.83 39.22 -55.89
CA LYS J 389 6.58 39.94 -55.67
C LYS J 389 6.35 40.20 -54.19
N TYR J 390 6.64 39.19 -53.38
CA TYR J 390 6.36 39.25 -51.95
C TYR J 390 7.42 40.09 -51.24
N SER J 391 6.99 40.79 -50.19
CA SER J 391 7.87 41.66 -49.43
C SER J 391 8.81 40.90 -48.51
N SER J 392 8.60 39.61 -48.30
CA SER J 392 9.48 38.81 -47.46
C SER J 392 9.41 37.37 -47.92
N TYR J 393 10.56 36.69 -47.89
CA TYR J 393 10.65 35.28 -48.23
C TYR J 393 11.09 34.40 -47.07
N ASP J 394 11.68 34.97 -46.02
CA ASP J 394 12.04 34.20 -44.84
C ASP J 394 10.78 33.69 -44.17
N VAL J 395 10.77 32.40 -43.82
CA VAL J 395 9.61 31.74 -43.21
C VAL J 395 10.05 31.14 -41.89
N THR J 396 9.27 31.40 -40.84
CA THR J 396 9.49 30.78 -39.54
C THR J 396 8.57 29.57 -39.41
N ILE J 397 9.11 28.50 -38.83
CA ILE J 397 8.41 27.23 -38.71
C ILE J 397 7.96 27.05 -37.27
N GLY J 398 6.65 26.94 -37.06
CA GLY J 398 6.11 26.35 -35.86
C GLY J 398 5.94 24.85 -36.03
N TRP J 399 5.54 24.20 -34.94
CA TRP J 399 5.44 22.75 -34.93
C TRP J 399 4.22 22.33 -34.12
N ASP J 400 3.77 21.10 -34.38
CA ASP J 400 2.70 20.51 -33.58
C ASP J 400 3.13 20.39 -32.13
N GLU J 401 2.18 20.55 -31.23
CA GLU J 401 2.44 20.36 -29.82
C GLU J 401 2.80 18.91 -29.55
N VAL J 402 3.90 18.67 -28.83
CA VAL J 402 4.28 17.31 -28.48
C VAL J 402 3.34 16.79 -27.39
N ASN J 403 3.25 17.50 -26.27
CA ASN J 403 2.21 17.29 -25.27
C ASN J 403 1.29 18.51 -25.27
N PRO J 404 0.03 18.42 -25.71
CA PRO J 404 -0.76 19.64 -25.86
C PRO J 404 -1.11 20.29 -24.54
N ARG J 405 -1.32 21.59 -24.59
CA ARG J 405 -1.90 22.32 -23.47
C ARG J 405 -3.41 22.22 -23.52
N ASP J 406 -4.02 22.02 -22.36
CA ASP J 406 -5.48 21.98 -22.27
C ASP J 406 -6.05 23.35 -22.61
N ASP J 407 -7.14 23.36 -23.38
CA ASP J 407 -7.80 24.62 -23.69
C ASP J 407 -8.35 25.28 -22.44
N LYS J 408 -8.81 24.48 -21.47
CA LYS J 408 -9.32 25.05 -20.22
C LYS J 408 -8.22 25.79 -19.48
N GLU J 409 -7.02 25.21 -19.41
CA GLU J 409 -5.91 25.87 -18.73
C GLU J 409 -5.51 27.15 -19.46
N LEU J 410 -5.51 27.12 -20.80
CA LEU J 410 -5.19 28.31 -21.56
C LEU J 410 -6.21 29.42 -21.29
N ALA J 411 -7.49 29.06 -21.25
CA ALA J 411 -8.52 30.05 -20.93
C ALA J 411 -8.37 30.57 -19.51
N GLU J 412 -7.98 29.70 -18.58
CA GLU J 412 -7.76 30.12 -17.21
C GLU J 412 -6.67 31.19 -17.15
N THR J 413 -5.51 30.92 -17.74
CA THR J 413 -4.43 31.89 -17.71
C THR J 413 -4.81 33.16 -18.48
N LEU J 414 -5.64 33.01 -19.53
CA LEU J 414 -6.14 34.19 -20.22
C LEU J 414 -6.93 35.08 -19.26
N GLU J 415 -7.83 34.48 -18.49
CA GLU J 415 -8.63 35.25 -17.54
C GLU J 415 -7.73 35.87 -16.46
N LYS J 416 -6.73 35.12 -15.99
CA LYS J 416 -5.84 35.66 -14.98
C LYS J 416 -5.05 36.86 -15.51
N VAL J 417 -4.58 36.78 -16.76
CA VAL J 417 -3.88 37.90 -17.37
C VAL J 417 -4.82 39.10 -17.49
N CYS J 418 -6.05 38.85 -17.93
CA CYS J 418 -6.99 39.94 -18.15
C CYS J 418 -7.32 40.65 -16.84
N CYS J 419 -7.57 39.89 -15.77
CA CYS J 419 -7.85 40.50 -14.48
C CYS J 419 -6.62 41.16 -13.86
N ALA J 420 -5.43 40.61 -14.09
CA ALA J 420 -4.22 41.27 -13.65
C ALA J 420 -4.05 42.63 -14.32
N LEU J 421 -4.29 42.69 -15.63
CA LEU J 421 -4.41 43.97 -16.30
C LEU J 421 -5.73 44.63 -15.89
N ASP J 422 -5.97 45.82 -16.42
CA ASP J 422 -7.02 46.72 -15.95
C ASP J 422 -6.81 47.13 -14.49
N LYS J 423 -5.57 47.01 -14.00
CA LYS J 423 -5.19 47.37 -12.65
C LYS J 423 -3.75 47.81 -12.70
N ALA J 424 -3.34 48.62 -11.72
CA ALA J 424 -2.06 49.32 -11.78
C ALA J 424 -1.98 50.12 -13.07
N LEU J 425 -2.87 51.10 -13.17
CA LEU J 425 -3.24 51.70 -14.44
C LEU J 425 -2.11 52.49 -15.11
N GLU J 426 -0.97 52.67 -14.44
CA GLU J 426 0.15 53.38 -15.05
C GLU J 426 0.94 52.53 -16.04
N GLY J 427 0.50 51.31 -16.34
CA GLY J 427 1.24 50.44 -17.25
C GLY J 427 1.37 50.97 -18.66
N GLY J 428 0.28 51.48 -19.24
CA GLY J 428 0.32 52.06 -20.57
C GLY J 428 -0.24 51.15 -21.65
N PHE J 429 0.35 51.25 -22.84
CA PHE J 429 -0.15 50.54 -24.01
C PHE J 429 0.40 49.13 -24.11
N ILE J 430 1.48 48.83 -23.37
CA ILE J 430 2.04 47.49 -23.40
C ILE J 430 1.06 46.46 -22.86
N SER J 431 0.11 46.88 -22.01
CA SER J 431 -0.97 45.98 -21.62
C SER J 431 -1.79 45.56 -22.83
N GLU J 432 -2.13 46.53 -23.69
CA GLU J 432 -2.87 46.21 -24.92
C GLU J 432 -2.03 45.31 -25.81
N GLU J 433 -0.74 45.60 -25.94
CA GLU J 433 0.13 44.78 -26.78
C GLU J 433 0.17 43.35 -26.27
N SER J 434 0.37 43.17 -24.96
CA SER J 434 0.47 41.84 -24.39
C SER J 434 -0.84 41.08 -24.54
N THR J 435 -1.97 41.72 -24.28
CA THR J 435 -3.22 40.99 -24.32
C THR J 435 -3.63 40.65 -25.75
N VAL J 436 -3.38 41.54 -26.72
CA VAL J 436 -3.73 41.20 -28.09
C VAL J 436 -2.81 40.12 -28.63
N ASN J 437 -1.52 40.17 -28.30
CA ASN J 437 -0.61 39.11 -28.70
C ASN J 437 -1.01 37.78 -28.07
N PHE J 438 -1.43 37.81 -26.80
CA PHE J 438 -1.82 36.59 -26.12
C PHE J 438 -3.09 36.02 -26.74
N LEU J 439 -4.03 36.89 -27.13
CA LEU J 439 -5.24 36.41 -27.79
C LEU J 439 -4.92 35.80 -29.15
N ALA J 440 -3.99 36.41 -29.88
CA ALA J 440 -3.57 35.83 -31.16
C ALA J 440 -2.93 34.47 -30.97
N GLN J 441 -2.13 34.30 -29.91
CA GLN J 441 -1.60 32.99 -29.59
C GLN J 441 -2.71 32.02 -29.19
N TYR J 442 -3.68 32.50 -28.42
CA TYR J 442 -4.71 31.64 -27.85
C TYR J 442 -5.59 31.06 -28.94
N ILE J 443 -6.03 31.90 -29.87
CA ILE J 443 -6.92 31.42 -30.94
C ILE J 443 -6.19 30.40 -31.79
N ASP J 444 -4.92 30.64 -32.08
CA ASP J 444 -4.13 29.71 -32.89
C ASP J 444 -3.96 28.37 -32.17
N THR J 445 -3.65 28.42 -30.87
CA THR J 445 -3.43 27.18 -30.13
C THR J 445 -4.73 26.42 -29.94
N MET J 446 -5.86 27.12 -29.83
CA MET J 446 -7.14 26.45 -29.67
C MET J 446 -7.62 25.83 -30.97
N SER J 447 -7.50 26.54 -32.09
CA SER J 447 -8.03 26.04 -33.35
C SER J 447 -7.32 24.76 -33.80
N ASN J 448 -6.00 24.70 -33.64
CA ASN J 448 -5.25 23.51 -33.99
C ASN J 448 -5.71 22.33 -33.15
N TYR J 449 -6.06 21.22 -33.81
CA TYR J 449 -6.56 20.05 -33.11
C TYR J 449 -5.42 19.16 -32.67
N ILE J 450 -5.62 18.52 -31.51
CA ILE J 450 -4.58 17.68 -30.93
C ILE J 450 -4.28 16.49 -31.84
N SER J 451 -5.33 15.76 -32.25
CA SER J 451 -5.18 14.47 -32.91
C SER J 451 -5.15 14.58 -34.43
N ASP J 452 -4.65 15.69 -34.96
CA ASP J 452 -4.60 15.88 -36.41
C ASP J 452 -3.37 16.71 -36.75
N ASP J 453 -2.57 16.20 -37.67
CA ASP J 453 -1.30 16.81 -38.02
C ASP J 453 -1.52 18.09 -38.81
N PRO J 454 -0.65 19.07 -38.58
CA PRO J 454 -0.71 20.31 -39.30
C PRO J 454 -1.81 21.22 -38.79
N GLU J 455 -1.91 22.38 -39.45
CA GLU J 455 -2.91 23.39 -39.14
C GLU J 455 -4.02 23.43 -40.18
N ARG J 456 -4.20 22.36 -40.95
CA ARG J 456 -5.19 22.34 -42.03
C ARG J 456 -6.57 22.66 -41.52
N GLU J 457 -6.89 22.19 -40.30
CA GLU J 457 -8.13 22.59 -39.67
C GLU J 457 -8.19 24.10 -39.44
N GLY J 458 -7.07 24.71 -39.08
CA GLY J 458 -7.07 26.16 -38.90
C GLY J 458 -7.37 26.91 -40.18
N GLU J 459 -6.69 26.53 -41.27
CA GLU J 459 -6.96 27.17 -42.56
C GLU J 459 -8.39 26.93 -43.00
N ARG J 460 -8.88 25.71 -42.81
CA ARG J 460 -10.25 25.39 -43.21
C ARG J 460 -11.25 26.25 -42.45
N GLU J 461 -11.08 26.36 -41.13
CA GLU J 461 -11.98 27.18 -40.33
C GLU J 461 -11.91 28.64 -40.74
N LYS J 462 -10.69 29.15 -40.98
CA LYS J 462 -10.56 30.55 -41.38
C LYS J 462 -11.22 30.81 -42.72
N ILE J 463 -11.04 29.90 -43.69
CA ILE J 463 -11.61 30.09 -45.02
C ILE J 463 -13.13 30.01 -44.96
N ILE J 464 -13.65 29.03 -44.21
CA ILE J 464 -15.10 28.88 -44.10
C ILE J 464 -15.71 30.09 -43.40
N LYS J 465 -15.02 30.59 -42.36
CA LYS J 465 -15.50 31.77 -41.67
C LYS J 465 -15.52 32.99 -42.58
N THR J 466 -14.46 33.18 -43.36
CA THR J 466 -14.43 34.31 -44.28
C THR J 466 -15.49 34.20 -45.36
N LYS J 467 -15.71 33.00 -45.90
CA LYS J 467 -16.68 32.84 -46.97
C LYS J 467 -18.10 33.00 -46.46
N MET J 468 -18.46 32.26 -45.40
CA MET J 468 -19.82 32.33 -44.87
C MET J 468 -20.06 33.59 -44.05
N LEU J 469 -19.03 34.08 -43.35
CA LEU J 469 -19.15 35.23 -42.46
C LEU J 469 -20.22 34.98 -41.39
N MET K 19 23.27 0.38 -42.13
CA MET K 19 24.69 0.08 -42.44
C MET K 19 25.19 0.97 -43.57
N ARG K 20 26.45 1.39 -43.48
CA ARG K 20 27.01 2.32 -44.46
C ARG K 20 27.46 1.58 -45.71
N MET K 21 27.70 2.35 -46.77
CA MET K 21 28.26 1.83 -48.02
C MET K 21 28.96 2.97 -48.73
N SER K 22 29.80 2.60 -49.71
CA SER K 22 30.51 3.61 -50.48
C SER K 22 29.56 4.39 -51.39
N SER K 23 30.03 5.53 -51.85
CA SER K 23 29.22 6.37 -52.73
C SER K 23 28.85 5.64 -54.01
N GLY K 24 29.83 4.97 -54.63
CA GLY K 24 29.56 4.10 -55.75
C GLY K 24 29.12 2.73 -55.27
N ASN K 25 29.21 1.77 -56.18
CA ASN K 25 28.92 0.37 -55.85
C ASN K 25 27.48 0.19 -55.40
N ILE K 26 26.54 0.76 -56.17
CA ILE K 26 25.12 0.66 -55.90
C ILE K 26 24.40 0.46 -57.22
N GLY K 27 23.40 -0.42 -57.22
CA GLY K 27 22.65 -0.69 -58.43
C GLY K 27 21.70 0.44 -58.79
N VAL K 28 21.20 0.40 -60.02
CA VAL K 28 20.30 1.44 -60.49
C VAL K 28 18.93 1.26 -59.86
N TYR K 29 18.30 2.37 -59.51
CA TYR K 29 16.97 2.32 -58.89
C TYR K 29 15.95 1.73 -59.84
N LYS K 30 15.07 0.89 -59.32
CA LYS K 30 13.99 0.28 -60.09
C LYS K 30 12.77 0.15 -59.20
N LEU K 31 11.61 0.50 -59.75
CA LEU K 31 10.37 0.42 -58.99
C LEU K 31 10.01 -1.03 -58.71
N ASP K 32 9.56 -1.30 -57.49
CA ASP K 32 9.18 -2.65 -57.07
C ASP K 32 7.67 -2.81 -57.25
N ASP K 33 7.27 -3.79 -58.06
CA ASP K 33 5.87 -4.06 -58.36
C ASP K 33 5.35 -5.31 -57.67
N SER K 34 6.00 -5.76 -56.60
CA SER K 34 5.51 -6.93 -55.87
C SER K 34 4.21 -6.60 -55.16
N ARG K 35 3.41 -7.64 -54.92
CA ARG K 35 2.09 -7.51 -54.33
C ARG K 35 2.06 -8.25 -53.00
N VAL K 36 0.94 -8.15 -52.31
CA VAL K 36 0.89 -8.43 -50.87
C VAL K 36 0.44 -9.87 -50.60
N ASP K 37 0.11 -10.64 -51.64
CA ASP K 37 -0.40 -12.00 -51.47
C ASP K 37 -1.69 -11.97 -50.64
N TYR K 38 -2.73 -11.39 -51.25
CA TYR K 38 -3.91 -10.98 -50.50
C TYR K 38 -4.63 -12.17 -49.88
N GLU K 39 -4.57 -13.33 -50.52
CA GLU K 39 -5.20 -14.52 -49.96
C GLU K 39 -4.60 -14.89 -48.62
N LEU K 40 -3.26 -14.87 -48.53
CA LEU K 40 -2.61 -15.18 -47.26
C LEU K 40 -2.93 -14.12 -46.21
N ALA K 41 -3.01 -12.85 -46.61
CA ALA K 41 -3.35 -11.81 -45.65
C ALA K 41 -4.75 -12.02 -45.08
N ARG K 42 -5.72 -12.35 -45.94
CA ARG K 42 -7.07 -12.60 -45.45
C ARG K 42 -7.13 -13.84 -44.58
N GLU K 43 -6.39 -14.89 -44.94
CA GLU K 43 -6.38 -16.10 -44.12
C GLU K 43 -5.77 -15.82 -42.76
N LEU K 44 -4.69 -15.04 -42.73
CA LEU K 44 -4.08 -14.64 -41.46
C LEU K 44 -5.05 -13.83 -40.62
N TYR K 45 -5.78 -12.90 -41.26
CA TYR K 45 -6.74 -12.10 -40.52
C TYR K 45 -7.87 -12.97 -39.96
N GLN K 46 -8.35 -13.91 -40.76
CA GLN K 46 -9.43 -14.80 -40.33
C GLN K 46 -8.94 -16.01 -39.57
N ASN K 47 -7.63 -16.14 -39.34
CA ASN K 47 -7.08 -17.23 -38.53
C ASN K 47 -7.31 -18.60 -39.17
N LYS K 48 -7.25 -18.65 -40.50
CA LYS K 48 -7.55 -19.86 -41.25
C LYS K 48 -6.31 -20.63 -41.67
N ASN K 49 -5.19 -19.95 -41.90
CA ASN K 49 -4.01 -20.59 -42.47
C ASN K 49 -3.42 -21.58 -41.46
N ALA K 50 -3.26 -22.83 -41.89
CA ALA K 50 -2.82 -23.89 -40.99
C ALA K 50 -1.41 -23.66 -40.48
N ASN K 51 -0.57 -22.92 -41.21
CA ASN K 51 0.79 -22.66 -40.79
C ASN K 51 0.91 -21.47 -39.83
N TYR K 52 -0.20 -20.82 -39.48
CA TYR K 52 -0.18 -19.68 -38.57
C TYR K 52 -1.33 -19.67 -37.58
N LYS K 53 -2.08 -20.77 -37.43
CA LYS K 53 -3.32 -20.76 -36.66
C LYS K 53 -3.11 -20.33 -35.21
N LEU K 54 -2.08 -20.89 -34.56
CA LEU K 54 -1.79 -20.52 -33.18
C LEU K 54 -1.11 -19.16 -33.10
N GLY K 55 -0.38 -18.77 -34.15
CA GLY K 55 0.37 -17.53 -34.12
C GLY K 55 -0.42 -16.33 -34.58
N SER K 56 -1.36 -16.52 -35.51
CA SER K 56 -2.06 -15.41 -36.14
C SER K 56 -3.21 -14.86 -35.29
N SER K 57 -3.25 -15.18 -34.00
CA SER K 57 -4.25 -14.58 -33.12
C SER K 57 -4.09 -13.07 -33.01
N PHE K 58 -2.89 -12.56 -33.21
CA PHE K 58 -2.61 -11.14 -33.00
C PHE K 58 -3.05 -10.27 -34.16
N VAL K 59 -3.36 -10.85 -35.33
CA VAL K 59 -3.65 -10.02 -36.50
C VAL K 59 -4.95 -9.24 -36.30
N ARG K 60 -6.00 -9.92 -35.85
CA ARG K 60 -7.30 -9.27 -35.71
C ARG K 60 -7.28 -8.08 -34.76
N PRO K 61 -6.80 -8.20 -33.51
CA PRO K 61 -6.81 -7.03 -32.63
C PRO K 61 -6.02 -5.86 -33.16
N ILE K 62 -4.86 -6.11 -33.79
CA ILE K 62 -4.04 -5.03 -34.32
C ILE K 62 -4.81 -4.25 -35.39
N VAL K 63 -5.21 -4.95 -36.45
CA VAL K 63 -5.85 -4.30 -37.59
C VAL K 63 -7.17 -3.66 -37.16
N ASN K 64 -7.96 -4.37 -36.36
CA ASN K 64 -9.27 -3.85 -36.01
C ASN K 64 -9.20 -2.70 -35.02
N SER K 65 -8.27 -2.72 -34.07
CA SER K 65 -8.09 -1.55 -33.20
C SER K 65 -7.63 -0.35 -34.00
N THR K 66 -6.68 -0.56 -34.93
CA THR K 66 -6.18 0.55 -35.72
C THR K 66 -7.28 1.15 -36.59
N THR K 67 -8.11 0.30 -37.21
CA THR K 67 -9.13 0.82 -38.12
C THR K 67 -10.32 1.38 -37.35
N GLY K 68 -10.60 0.85 -36.17
CA GLY K 68 -11.71 1.39 -35.39
C GLY K 68 -11.37 2.73 -34.75
N PHE K 69 -10.16 2.87 -34.23
CA PHE K 69 -9.79 4.12 -33.57
C PHE K 69 -9.58 5.25 -34.57
N MET K 70 -9.19 4.94 -35.80
CA MET K 70 -9.01 5.98 -36.81
C MET K 70 -10.32 6.38 -37.47
N GLY K 71 -11.38 5.61 -37.26
CA GLY K 71 -12.72 6.02 -37.67
C GLY K 71 -12.89 6.22 -39.16
N VAL K 72 -13.56 7.32 -39.52
CA VAL K 72 -13.84 7.64 -40.92
C VAL K 72 -13.63 9.12 -41.16
N PRO K 73 -13.36 9.51 -42.40
CA PRO K 73 -13.07 10.92 -42.67
C PRO K 73 -14.32 11.79 -42.57
N HIS K 74 -14.10 13.08 -42.38
CA HIS K 74 -15.15 14.09 -42.35
C HIS K 74 -14.90 15.09 -43.47
N PHE K 75 -15.63 14.95 -44.57
CA PHE K 75 -15.41 15.80 -45.74
C PHE K 75 -15.90 17.21 -45.42
N GLN K 76 -15.00 18.18 -45.60
CA GLN K 76 -15.26 19.58 -45.30
C GLN K 76 -14.92 20.42 -46.52
N ILE K 77 -15.86 21.25 -46.97
CA ILE K 77 -15.65 22.11 -48.13
C ILE K 77 -16.50 23.35 -47.94
N GLU K 78 -15.96 24.50 -48.35
CA GLU K 78 -16.63 25.77 -48.10
C GLU K 78 -17.92 25.93 -48.90
N ASP K 79 -18.00 25.35 -50.10
CA ASP K 79 -19.20 25.47 -50.91
C ASP K 79 -20.32 24.67 -50.25
N GLU K 80 -21.48 25.31 -50.06
CA GLU K 80 -22.57 24.65 -49.36
C GLU K 80 -23.18 23.53 -50.20
N GLU K 81 -23.23 23.69 -51.53
CA GLU K 81 -23.76 22.62 -52.37
C GLU K 81 -22.83 21.42 -52.38
N ALA K 82 -21.52 21.65 -52.51
CA ALA K 82 -20.57 20.55 -52.44
C ALA K 82 -20.63 19.88 -51.08
N GLN K 83 -20.79 20.67 -50.02
CA GLN K 83 -20.91 20.09 -48.69
C GLN K 83 -22.17 19.23 -48.58
N TYR K 84 -23.25 19.67 -49.21
CA TYR K 84 -24.47 18.85 -49.21
C TYR K 84 -24.26 17.55 -49.95
N ILE K 85 -23.58 17.59 -51.10
CA ILE K 85 -23.33 16.37 -51.86
C ILE K 85 -22.48 15.40 -51.04
N LEU K 86 -21.44 15.91 -50.39
CA LEU K 86 -20.59 15.04 -49.58
C LEU K 86 -21.34 14.56 -48.34
N ASP K 87 -22.25 15.36 -47.81
CA ASP K 87 -23.09 14.92 -46.70
C ASP K 87 -23.94 13.72 -47.11
N GLU K 88 -24.59 13.81 -48.27
CA GLU K 88 -25.37 12.68 -48.76
C GLU K 88 -24.49 11.47 -48.99
N PHE K 89 -23.29 11.68 -49.54
CA PHE K 89 -22.39 10.57 -49.82
C PHE K 89 -21.98 9.85 -48.54
N VAL K 90 -21.59 10.61 -47.52
CA VAL K 90 -21.17 9.95 -46.28
C VAL K 90 -22.36 9.27 -45.62
N LEU K 91 -23.54 9.90 -45.65
CA LEU K 91 -24.74 9.27 -45.11
C LEU K 91 -25.00 7.92 -45.77
N ASP K 92 -24.73 7.83 -47.07
CA ASP K 92 -24.93 6.56 -47.76
C ASP K 92 -23.83 5.55 -47.47
N ASN K 93 -22.57 6.01 -47.35
CA ASN K 93 -21.41 5.13 -47.47
C ASN K 93 -20.41 5.19 -46.32
N THR K 94 -20.81 5.59 -45.11
CA THR K 94 -19.85 5.60 -44.01
C THR K 94 -19.33 4.20 -43.69
N SER K 95 -20.21 3.20 -43.74
CA SER K 95 -19.79 1.83 -43.45
C SER K 95 -18.74 1.36 -44.45
N LYS K 96 -18.97 1.63 -45.74
CA LYS K 96 -17.99 1.25 -46.74
C LYS K 96 -16.71 2.05 -46.59
N MET K 97 -16.80 3.30 -46.12
CA MET K 97 -15.60 4.09 -45.88
C MET K 97 -14.75 3.47 -44.78
N LEU K 98 -15.38 2.99 -43.71
CA LEU K 98 -14.63 2.29 -42.67
C LEU K 98 -14.05 0.98 -43.20
N LYS K 99 -14.84 0.25 -43.99
CA LYS K 99 -14.36 -1.00 -44.55
C LYS K 99 -13.17 -0.76 -45.49
N THR K 100 -13.09 0.43 -46.09
CA THR K 100 -11.92 0.76 -46.90
C THR K 100 -10.66 0.79 -46.04
N HIS K 101 -10.72 1.41 -44.87
CA HIS K 101 -9.58 1.39 -43.96
C HIS K 101 -9.23 -0.03 -43.56
N THR K 102 -10.24 -0.82 -43.23
CA THR K 102 -9.98 -2.20 -42.80
C THR K 102 -9.31 -3.00 -43.90
N ASP K 103 -9.81 -2.88 -45.13
CA ASP K 103 -9.24 -3.60 -46.26
C ASP K 103 -7.83 -3.13 -46.56
N SER K 104 -7.57 -1.82 -46.49
CA SER K 104 -6.23 -1.32 -46.75
C SER K 104 -5.24 -1.82 -45.70
N LEU K 105 -5.64 -1.80 -44.43
CA LEU K 105 -4.74 -2.29 -43.38
C LEU K 105 -4.50 -3.78 -43.51
N LYS K 106 -5.53 -4.54 -43.90
CA LYS K 106 -5.41 -5.99 -43.96
C LYS K 106 -4.64 -6.43 -45.19
N GLN K 107 -5.19 -6.13 -46.37
CA GLN K 107 -4.67 -6.62 -47.64
C GLN K 107 -3.58 -5.74 -48.23
N GLY K 108 -3.33 -4.56 -47.67
CA GLY K 108 -2.35 -3.65 -48.22
C GLY K 108 -2.93 -2.69 -49.24
N ASP K 109 -3.68 -3.23 -50.20
CA ASP K 109 -4.32 -2.45 -51.25
C ASP K 109 -5.83 -2.57 -51.16
N CYS K 110 -6.52 -1.47 -51.42
CA CYS K 110 -7.96 -1.47 -51.59
C CYS K 110 -8.32 -0.49 -52.69
N TYR K 111 -9.22 -0.91 -53.57
CA TYR K 111 -9.62 -0.15 -54.75
C TYR K 111 -11.10 0.17 -54.63
N ILE K 112 -11.45 1.44 -54.83
CA ILE K 112 -12.83 1.92 -54.75
C ILE K 112 -13.21 2.42 -56.13
N TRP K 113 -14.28 1.87 -56.68
CA TRP K 113 -14.78 2.23 -58.00
C TRP K 113 -16.09 3.00 -57.84
N ILE K 114 -16.10 4.25 -58.27
CA ILE K 114 -17.29 5.09 -58.21
C ILE K 114 -18.01 4.98 -59.55
N THR K 115 -19.28 4.57 -59.51
CA THR K 115 -20.09 4.40 -60.70
C THR K 115 -21.44 5.08 -60.50
N ARG K 116 -21.93 5.73 -61.55
CA ARG K 116 -23.21 6.42 -61.54
C ARG K 116 -24.23 5.57 -62.28
N GLU K 117 -25.34 5.26 -61.61
CA GLU K 117 -26.37 4.37 -62.14
C GLU K 117 -27.70 5.10 -62.16
N GLU K 118 -28.33 5.14 -63.34
CA GLU K 118 -29.65 5.72 -63.52
C GLU K 118 -30.76 4.69 -63.58
N ARG K 119 -30.46 3.42 -63.31
CA ARG K 119 -31.46 2.37 -63.45
C ARG K 119 -32.58 2.54 -62.43
N GLU K 120 -33.82 2.40 -62.90
CA GLU K 120 -34.99 2.51 -62.03
C GLU K 120 -35.34 1.15 -61.47
N ASN K 121 -35.67 1.10 -60.18
CA ASN K 121 -36.19 -0.11 -59.55
C ASN K 121 -37.09 0.32 -58.41
N PRO K 122 -38.14 -0.45 -58.11
CA PRO K 122 -39.14 0.02 -57.14
C PRO K 122 -38.66 0.00 -55.69
N LEU K 123 -37.50 -0.56 -55.40
CA LEU K 123 -36.94 -0.49 -54.06
C LEU K 123 -36.35 0.87 -53.75
N TYR K 124 -36.01 1.67 -54.78
CA TYR K 124 -35.44 3.00 -54.60
C TYR K 124 -36.22 4.00 -55.44
N PRO K 125 -37.48 4.27 -55.09
CA PRO K 125 -38.23 5.30 -55.81
C PRO K 125 -37.81 6.71 -55.46
N ASP K 126 -37.17 6.90 -54.30
CA ASP K 126 -36.74 8.24 -53.90
C ASP K 126 -35.56 8.73 -54.75
N LYS K 127 -34.59 7.85 -55.00
CA LYS K 127 -33.32 8.21 -55.63
C LYS K 127 -33.30 7.67 -57.05
N LYS K 128 -33.62 8.55 -58.00
CA LYS K 128 -33.62 8.17 -59.41
C LYS K 128 -32.20 7.87 -59.90
N VAL K 129 -31.24 8.71 -59.52
CA VAL K 129 -29.84 8.59 -59.94
C VAL K 129 -28.98 8.49 -58.69
N ARG K 130 -28.04 7.54 -58.70
CA ARG K 130 -27.24 7.21 -57.54
C ARG K 130 -25.78 7.08 -57.91
N LEU K 131 -24.91 7.31 -56.92
CA LEU K 131 -23.49 7.01 -57.02
C LEU K 131 -23.19 5.82 -56.12
N ILE K 132 -22.56 4.80 -56.68
CA ILE K 132 -22.33 3.53 -55.97
C ILE K 132 -20.87 3.48 -55.56
N TYR K 133 -20.63 3.11 -54.31
CA TYR K 133 -19.29 2.97 -53.74
C TYR K 133 -18.91 1.50 -53.86
N ASN K 134 -18.39 1.12 -55.03
CA ASN K 134 -18.08 -0.28 -55.33
C ASN K 134 -16.65 -0.59 -54.92
N PHE K 135 -16.46 -1.76 -54.30
CA PHE K 135 -15.13 -2.29 -54.05
C PHE K 135 -14.70 -3.18 -55.21
N ILE K 136 -13.50 -2.92 -55.73
CA ILE K 136 -12.80 -3.85 -56.60
C ILE K 136 -11.87 -4.66 -55.71
N SER K 137 -12.04 -5.97 -55.72
CA SER K 137 -11.16 -6.81 -54.92
C SER K 137 -9.74 -6.68 -55.44
N PRO K 138 -8.72 -6.65 -54.57
CA PRO K 138 -7.36 -6.40 -55.06
C PRO K 138 -6.84 -7.49 -55.99
N GLU K 139 -7.41 -8.69 -55.95
CA GLU K 139 -7.03 -9.72 -56.91
C GLU K 139 -7.60 -9.47 -58.30
N GLU K 140 -8.70 -8.74 -58.40
CA GLU K 140 -9.25 -8.43 -59.71
C GLU K 140 -8.29 -7.58 -60.53
N VAL K 141 -7.55 -6.69 -59.87
CA VAL K 141 -6.64 -5.79 -60.56
C VAL K 141 -5.44 -6.61 -61.02
N LYS K 142 -5.47 -7.02 -62.30
CA LYS K 142 -4.38 -7.84 -62.82
C LYS K 142 -3.13 -7.00 -63.06
N GLU K 143 -3.30 -5.77 -63.55
CA GLU K 143 -2.18 -4.89 -63.83
C GLU K 143 -2.67 -3.45 -63.81
N ILE K 144 -1.79 -2.55 -63.39
CA ILE K 144 -2.04 -1.12 -63.42
C ILE K 144 -1.01 -0.51 -64.36
N ILE K 145 -1.48 0.14 -65.42
CA ILE K 145 -0.62 0.84 -66.35
C ILE K 145 -0.41 2.25 -65.83
N LEU K 146 0.85 2.62 -65.62
CA LEU K 146 1.22 3.90 -65.04
C LEU K 146 1.91 4.76 -66.09
N ASP K 147 1.63 6.05 -66.06
CA ASP K 147 2.43 7.01 -66.81
C ASP K 147 3.84 6.97 -66.23
N PRO K 148 4.89 6.68 -67.03
CA PRO K 148 6.22 6.55 -66.41
C PRO K 148 6.70 7.78 -65.69
N THR K 149 6.33 8.97 -66.17
CA THR K 149 6.83 10.21 -65.56
C THR K 149 6.12 10.50 -64.24
N THR K 150 4.80 10.70 -64.29
CA THR K 150 4.05 11.10 -63.11
C THR K 150 3.57 9.94 -62.25
N LYS K 151 3.73 8.70 -62.72
CA LYS K 151 3.16 7.52 -62.08
C LYS K 151 1.65 7.62 -61.92
N GLU K 152 0.99 8.40 -62.77
CA GLU K 152 -0.46 8.48 -62.76
C GLU K 152 -1.02 7.25 -63.46
N PRO K 153 -1.99 6.53 -62.87
CA PRO K 153 -2.52 5.35 -63.55
C PRO K 153 -3.33 5.74 -64.78
N ILE K 154 -2.97 5.16 -65.93
CA ILE K 154 -3.63 5.43 -67.19
C ILE K 154 -4.48 4.26 -67.68
N ALA K 155 -4.44 3.11 -67.00
CA ALA K 155 -5.34 2.02 -67.31
C ALA K 155 -5.31 1.00 -66.18
N TYR K 156 -6.49 0.46 -65.86
CA TYR K 156 -6.65 -0.62 -64.90
C TYR K 156 -7.09 -1.87 -65.64
N ILE K 157 -6.37 -2.96 -65.45
CA ILE K 157 -6.69 -4.25 -66.05
C ILE K 157 -7.40 -5.09 -65.00
N LEU K 158 -8.74 -5.07 -65.02
CA LEU K 158 -9.55 -5.84 -64.10
C LEU K 158 -9.93 -7.16 -64.76
N GLU K 159 -9.74 -8.26 -64.05
CA GLU K 159 -10.05 -9.59 -64.56
C GLU K 159 -10.58 -10.45 -63.43
N SER K 160 -11.67 -11.18 -63.71
CA SER K 160 -12.31 -12.01 -62.71
C SER K 160 -13.02 -13.17 -63.39
N GLN K 161 -13.24 -14.23 -62.64
CA GLN K 161 -14.00 -15.39 -63.09
C GLN K 161 -15.34 -15.41 -62.39
N ASN K 162 -16.41 -15.50 -63.18
CA ASN K 162 -17.79 -15.39 -62.70
C ASN K 162 -18.49 -16.72 -62.88
N GLU K 163 -18.52 -17.52 -61.82
CA GLU K 163 -19.34 -18.73 -61.77
C GLU K 163 -20.63 -18.41 -61.05
N TRP K 164 -21.75 -18.56 -61.75
CA TRP K 164 -23.06 -18.17 -61.24
C TRP K 164 -24.12 -19.11 -61.79
N THR K 165 -25.14 -19.37 -60.98
CA THR K 165 -26.24 -20.22 -61.39
C THR K 165 -27.41 -19.36 -61.86
N ASP K 166 -27.96 -19.70 -63.03
CA ASP K 166 -29.12 -18.99 -63.52
C ASP K 166 -30.33 -19.33 -62.66
N LEU K 167 -31.34 -18.45 -62.70
CA LEU K 167 -32.54 -18.68 -61.91
C LEU K 167 -33.29 -19.94 -62.32
N GLY K 168 -33.03 -20.46 -63.52
CA GLY K 168 -33.44 -21.81 -63.87
C GLY K 168 -32.52 -22.84 -63.25
N GLU K 169 -32.37 -23.97 -63.94
CA GLU K 169 -31.52 -25.05 -63.46
C GLU K 169 -30.09 -24.97 -63.98
N ASN K 170 -29.78 -23.98 -64.83
CA ASN K 170 -28.52 -24.00 -65.56
C ASN K 170 -27.40 -23.40 -64.74
N LYS K 171 -26.34 -24.18 -64.52
CA LYS K 171 -25.08 -23.62 -64.06
C LYS K 171 -24.43 -22.84 -65.19
N ARG K 172 -23.88 -21.67 -64.87
CA ARG K 172 -23.25 -20.80 -65.85
C ARG K 172 -21.88 -20.37 -65.36
N LYS K 173 -20.98 -20.11 -66.32
CA LYS K 173 -19.61 -19.74 -66.01
C LYS K 173 -19.13 -18.75 -67.06
N ALA K 174 -18.36 -17.76 -66.62
CA ALA K 174 -17.83 -16.74 -67.51
C ALA K 174 -16.52 -16.21 -66.94
N LYS K 175 -15.74 -15.59 -67.81
CA LYS K 175 -14.45 -14.99 -67.45
C LYS K 175 -14.42 -13.57 -68.00
N VAL K 176 -14.66 -12.59 -67.14
CA VAL K 176 -14.78 -11.19 -67.54
C VAL K 176 -13.45 -10.50 -67.27
N LYS K 177 -12.88 -9.90 -68.32
CA LYS K 177 -11.74 -9.01 -68.20
C LYS K 177 -12.12 -7.67 -68.84
N GLN K 178 -11.59 -6.59 -68.28
CA GLN K 178 -11.96 -5.27 -68.75
C GLN K 178 -10.84 -4.27 -68.49
N ILE K 179 -10.75 -3.28 -69.37
CA ILE K 179 -9.72 -2.24 -69.33
C ILE K 179 -10.42 -0.93 -69.01
N ILE K 180 -10.16 -0.39 -67.83
CA ILE K 180 -10.69 0.91 -67.41
C ILE K 180 -9.62 1.95 -67.66
N THR K 181 -9.84 2.81 -68.66
CA THR K 181 -8.91 3.86 -69.02
C THR K 181 -9.60 5.22 -68.90
N ALA K 182 -8.81 6.28 -69.11
CA ALA K 182 -9.37 7.62 -69.06
C ALA K 182 -10.19 7.95 -70.29
N GLU K 183 -9.85 7.37 -71.45
CA GLU K 183 -10.59 7.62 -72.68
C GLU K 183 -11.88 6.82 -72.75
N SER K 184 -11.82 5.53 -72.43
CA SER K 184 -12.97 4.66 -72.60
C SER K 184 -12.82 3.44 -71.71
N ARG K 185 -13.93 2.74 -71.51
CA ARG K 185 -13.95 1.46 -70.82
C ARG K 185 -14.12 0.36 -71.86
N PHE K 186 -13.27 -0.66 -71.79
CA PHE K 186 -13.31 -1.81 -72.68
C PHE K 186 -13.51 -3.06 -71.83
N VAL K 187 -14.46 -3.90 -72.23
CA VAL K 187 -14.76 -5.14 -71.52
C VAL K 187 -15.00 -6.25 -72.53
N GLU K 188 -14.40 -7.41 -72.28
CA GLU K 188 -14.57 -8.59 -73.12
C GLU K 188 -14.76 -9.80 -72.22
N VAL K 189 -15.70 -10.67 -72.62
CA VAL K 189 -16.15 -11.78 -71.79
C VAL K 189 -16.00 -13.07 -72.58
N GLU K 190 -15.41 -14.08 -71.95
CA GLU K 190 -15.42 -15.45 -72.44
C GLU K 190 -16.38 -16.29 -71.63
N GLY K 191 -17.03 -17.23 -72.31
CA GLY K 191 -18.01 -18.09 -71.66
C GLY K 191 -19.42 -17.57 -71.82
N ASP K 192 -20.26 -17.89 -70.84
CA ASP K 192 -21.68 -17.54 -70.91
C ASP K 192 -21.88 -16.04 -70.90
N LYS K 193 -22.90 -15.60 -71.63
CA LYS K 193 -23.20 -14.17 -71.71
C LYS K 193 -23.69 -13.65 -70.37
N ILE K 194 -23.45 -12.35 -70.13
CA ILE K 194 -23.95 -11.65 -68.96
C ILE K 194 -24.82 -10.51 -69.45
N GLU K 195 -26.07 -10.46 -68.98
CA GLU K 195 -27.00 -9.46 -69.46
C GLU K 195 -26.60 -8.05 -69.06
N GLY K 196 -25.99 -7.90 -67.89
CA GLY K 196 -25.63 -6.58 -67.40
C GLY K 196 -24.39 -5.96 -68.01
N LEU K 197 -23.64 -6.71 -68.81
CA LEU K 197 -22.40 -6.24 -69.42
C LEU K 197 -22.57 -6.13 -70.94
N GLU K 198 -22.01 -5.08 -71.51
CA GLU K 198 -21.96 -4.87 -72.95
C GLU K 198 -20.50 -4.99 -73.37
N GLU K 199 -20.19 -6.03 -74.14
CA GLU K 199 -18.83 -6.24 -74.59
C GLU K 199 -18.38 -5.11 -75.52
N GLY K 200 -17.07 -4.87 -75.53
CA GLY K 200 -16.49 -3.87 -76.39
C GLY K 200 -16.30 -2.54 -75.69
N GLU K 201 -15.71 -1.61 -76.45
CA GLU K 201 -15.38 -0.29 -75.94
C GLU K 201 -16.64 0.54 -75.71
N THR K 202 -16.61 1.35 -74.65
CA THR K 202 -17.64 2.36 -74.39
C THR K 202 -16.94 3.59 -73.85
N PRO K 203 -17.23 4.80 -74.36
CA PRO K 203 -16.53 5.99 -73.83
C PRO K 203 -16.87 6.26 -72.38
N ASN K 204 -15.93 6.88 -71.68
CA ASN K 204 -16.16 7.35 -70.32
C ASN K 204 -16.87 8.70 -70.36
N VAL K 205 -17.92 8.85 -69.54
CA VAL K 205 -18.57 10.13 -69.43
C VAL K 205 -17.65 11.19 -68.85
N TRP K 206 -16.63 10.78 -68.08
CA TRP K 206 -15.65 11.68 -67.50
C TRP K 206 -14.26 11.27 -67.99
N GLY K 207 -13.38 12.27 -68.10
CA GLY K 207 -12.06 12.02 -68.65
C GLY K 207 -11.02 11.63 -67.61
N PHE K 208 -11.43 10.86 -66.61
CA PHE K 208 -10.50 10.29 -65.65
C PHE K 208 -10.99 8.90 -65.26
N ILE K 209 -10.06 8.07 -64.82
CA ILE K 209 -10.39 6.73 -64.36
C ILE K 209 -11.10 6.86 -63.02
N PRO K 210 -12.36 6.43 -62.86
CA PRO K 210 -13.03 6.64 -61.57
C PRO K 210 -12.71 5.56 -60.56
N ILE K 211 -11.42 5.32 -60.31
CA ILE K 211 -10.96 4.33 -59.35
C ILE K 211 -9.95 5.01 -58.43
N ILE K 212 -10.14 4.85 -57.13
CA ILE K 212 -9.22 5.36 -56.11
C ILE K 212 -8.43 4.19 -55.57
N HIS K 213 -7.11 4.30 -55.61
CA HIS K 213 -6.21 3.24 -55.13
C HIS K 213 -5.78 3.61 -53.71
N PHE K 214 -6.49 3.08 -52.73
CA PHE K 214 -6.05 3.22 -51.34
C PHE K 214 -4.87 2.30 -51.10
N LYS K 215 -3.86 2.83 -50.41
CA LYS K 215 -2.55 2.19 -50.33
C LYS K 215 -2.03 2.34 -48.90
N ASN K 216 -2.12 1.27 -48.12
CA ASN K 216 -1.62 1.29 -46.76
C ASN K 216 -0.10 1.24 -46.75
N GLU K 217 0.51 2.08 -45.91
CA GLU K 217 1.96 2.19 -45.81
C GLU K 217 2.58 2.46 -47.18
N ALA K 218 2.03 3.45 -47.87
CA ALA K 218 2.51 3.80 -49.21
C ALA K 218 3.98 4.16 -49.17
N ASP K 219 4.75 3.56 -50.08
CA ASP K 219 6.18 3.77 -50.18
C ASP K 219 6.49 4.20 -51.62
N GLU K 220 7.43 5.13 -51.76
CA GLU K 220 7.75 5.64 -53.09
C GLU K 220 8.37 4.56 -53.97
N THR K 221 9.08 3.60 -53.37
CA THR K 221 9.75 2.56 -54.13
C THR K 221 8.84 1.39 -54.49
N LEU K 222 7.62 1.33 -53.96
CA LEU K 222 6.68 0.24 -54.20
C LEU K 222 5.52 0.72 -55.05
N LYS K 223 5.12 -0.10 -56.02
CA LYS K 223 3.95 0.21 -56.83
C LYS K 223 2.65 0.00 -56.04
N TYR K 224 2.63 -0.98 -55.15
CA TYR K 224 1.45 -1.35 -54.39
C TYR K 224 1.72 -1.13 -52.91
N GLY K 225 0.65 -1.21 -52.11
CA GLY K 225 0.76 -0.95 -50.69
C GLY K 225 1.30 -2.15 -49.94
N GLN K 226 1.43 -1.94 -48.62
CA GLN K 226 1.93 -2.95 -47.71
C GLN K 226 0.91 -3.18 -46.61
N SER K 227 0.67 -4.45 -46.28
CA SER K 227 -0.22 -4.77 -45.19
C SER K 227 0.44 -4.50 -43.85
N ASP K 228 -0.38 -4.24 -42.84
CA ASP K 228 0.12 -4.21 -41.47
C ASP K 228 0.50 -5.59 -40.96
N ILE K 229 0.11 -6.65 -41.68
CA ILE K 229 0.48 -8.01 -41.29
C ILE K 229 1.91 -8.32 -41.71
N GLU K 230 2.40 -7.67 -42.77
CA GLU K 230 3.73 -7.98 -43.28
C GLU K 230 4.84 -7.78 -42.25
N PRO K 231 4.90 -6.68 -41.50
CA PRO K 231 5.96 -6.57 -40.48
C PRO K 231 5.91 -7.66 -39.43
N ILE K 232 4.72 -8.12 -39.05
CA ILE K 232 4.60 -9.10 -37.98
C ILE K 232 4.61 -10.55 -38.47
N GLU K 233 4.49 -10.78 -39.78
CA GLU K 233 4.33 -12.12 -40.32
C GLU K 233 5.41 -13.12 -39.89
N PRO K 234 6.71 -12.81 -39.98
CA PRO K 234 7.69 -13.76 -39.43
C PRO K 234 7.53 -14.02 -37.95
N LEU K 235 7.17 -12.99 -37.17
CA LEU K 235 6.91 -13.20 -35.76
C LEU K 235 5.68 -14.07 -35.53
N LEU K 236 4.63 -13.90 -36.35
CA LEU K 236 3.47 -14.78 -36.23
C LEU K 236 3.85 -16.22 -36.55
N LYS K 237 4.67 -16.43 -37.57
CA LYS K 237 5.10 -17.79 -37.90
C LYS K 237 5.91 -18.40 -36.77
N ALA K 238 6.83 -17.61 -36.19
CA ALA K 238 7.64 -18.12 -35.08
C ALA K 238 6.78 -18.42 -33.87
N TYR K 239 5.79 -17.57 -33.58
CA TYR K 239 4.89 -17.80 -32.47
C TYR K 239 4.09 -19.08 -32.68
N HIS K 240 3.59 -19.28 -33.90
CA HIS K 240 2.86 -20.51 -34.21
C HIS K 240 3.75 -21.73 -34.02
N ASP K 241 5.00 -21.65 -34.50
CA ASP K 241 5.90 -22.79 -34.38
C ASP K 241 6.17 -23.11 -32.92
N VAL K 242 6.42 -22.09 -32.10
CA VAL K 242 6.70 -22.33 -30.69
C VAL K 242 5.48 -22.91 -29.99
N MET K 243 4.29 -22.34 -30.26
CA MET K 243 3.07 -22.85 -29.64
C MET K 243 2.81 -24.30 -30.04
N LEU K 244 2.95 -24.62 -31.32
CA LEU K 244 2.65 -25.96 -31.78
C LEU K 244 3.66 -26.97 -31.22
N HIS K 245 4.93 -26.59 -31.17
CA HIS K 245 5.93 -27.47 -30.57
C HIS K 245 5.64 -27.69 -29.09
N ALA K 246 5.25 -26.64 -28.38
CA ALA K 246 4.91 -26.76 -26.98
C ALA K 246 3.70 -27.68 -26.78
N LEU K 247 2.67 -27.51 -27.61
CA LEU K 247 1.47 -28.32 -27.47
C LEU K 247 1.76 -29.78 -27.76
N LYS K 248 2.54 -30.06 -28.81
CA LYS K 248 2.87 -31.45 -29.12
C LYS K 248 3.72 -32.07 -28.02
N GLY K 249 4.69 -31.32 -27.51
CA GLY K 249 5.51 -31.83 -26.42
C GLY K 249 4.68 -32.13 -25.18
N SER K 250 3.75 -31.23 -24.85
CA SER K 250 2.87 -31.47 -23.70
C SER K 250 1.99 -32.68 -23.92
N LYS K 251 1.45 -32.84 -25.13
CA LYS K 251 0.60 -34.00 -25.42
C LYS K 251 1.39 -35.28 -25.25
N MET K 252 2.64 -35.29 -25.71
CA MET K 252 3.42 -36.52 -25.66
C MET K 252 3.93 -36.82 -24.25
N HIS K 253 4.27 -35.78 -23.47
CA HIS K 253 5.07 -35.96 -22.26
C HIS K 253 4.51 -35.35 -20.98
N SER K 254 3.43 -34.56 -21.03
CA SER K 254 2.93 -33.96 -19.79
C SER K 254 2.40 -35.02 -18.83
N THR K 255 1.61 -35.96 -19.33
CA THR K 255 1.04 -36.99 -18.48
C THR K 255 2.13 -37.99 -18.12
N PRO K 256 2.41 -38.24 -16.84
CA PRO K 256 3.49 -39.17 -16.51
C PRO K 256 3.17 -40.59 -16.94
N LYS K 257 4.22 -41.33 -17.30
CA LYS K 257 4.11 -42.69 -17.80
C LYS K 257 4.44 -43.64 -16.67
N LEU K 258 3.48 -44.50 -16.31
CA LEU K 258 3.73 -45.50 -15.28
C LEU K 258 4.69 -46.54 -15.82
N LYS K 259 5.74 -46.82 -15.06
CA LYS K 259 6.80 -47.73 -15.44
C LYS K 259 6.81 -48.89 -14.45
N LEU K 260 6.60 -50.10 -14.96
CA LEU K 260 6.60 -51.32 -14.15
C LEU K 260 7.79 -52.17 -14.58
N LYS K 261 8.68 -52.46 -13.62
CA LYS K 261 9.80 -53.35 -13.84
C LYS K 261 9.44 -54.70 -13.24
N LEU K 262 9.15 -55.67 -14.10
CA LEU K 262 8.50 -56.91 -13.72
C LEU K 262 9.42 -58.09 -13.96
N THR K 263 9.15 -59.17 -13.22
CA THR K 263 9.90 -60.41 -13.44
C THR K 263 9.56 -61.01 -14.80
N ASP K 264 8.30 -60.94 -15.21
CA ASP K 264 7.88 -61.48 -16.50
C ASP K 264 6.73 -60.62 -17.01
N VAL K 265 6.98 -59.85 -18.07
CA VAL K 265 6.01 -58.85 -18.53
C VAL K 265 4.81 -59.54 -19.16
N ALA K 266 5.05 -60.55 -20.00
CA ALA K 266 3.98 -61.16 -20.78
C ALA K 266 2.96 -61.83 -19.88
N SER K 267 3.42 -62.56 -18.86
CA SER K 267 2.49 -63.19 -17.93
C SER K 267 1.70 -62.16 -17.14
N PHE K 268 2.36 -61.05 -16.75
CA PHE K 268 1.65 -59.98 -16.06
C PHE K 268 0.53 -59.43 -16.92
N LEU K 269 0.82 -59.16 -18.20
CA LEU K 269 -0.20 -58.65 -19.10
C LEU K 269 -1.34 -59.65 -19.27
N ALA K 270 -0.99 -60.92 -19.48
CA ALA K 270 -2.01 -61.94 -19.70
C ALA K 270 -2.92 -62.09 -18.49
N HIS K 271 -2.34 -62.05 -17.28
CA HIS K 271 -3.14 -62.21 -16.08
C HIS K 271 -3.99 -60.98 -15.81
N ASN K 272 -3.35 -59.81 -15.69
CA ASN K 272 -4.06 -58.63 -15.25
C ASN K 272 -5.02 -58.11 -16.30
N PHE K 273 -4.57 -57.96 -17.54
CA PHE K 273 -5.34 -57.29 -18.59
C PHE K 273 -5.83 -58.24 -19.68
N GLY K 274 -5.56 -59.54 -19.57
CA GLY K 274 -6.02 -60.46 -20.59
C GLY K 274 -5.35 -60.30 -21.93
N VAL K 275 -4.22 -59.60 -21.98
CA VAL K 275 -3.49 -59.40 -23.23
C VAL K 275 -2.54 -60.56 -23.41
N GLU K 276 -3.02 -61.65 -24.00
CA GLU K 276 -2.23 -62.85 -24.20
C GLU K 276 -1.37 -62.82 -25.45
N ASP K 277 -1.45 -61.74 -26.25
CA ASP K 277 -0.59 -61.56 -27.41
C ASP K 277 -0.19 -60.09 -27.44
N PRO K 278 0.78 -59.68 -26.62
CA PRO K 278 1.11 -58.25 -26.53
C PRO K 278 1.60 -57.65 -27.84
N VAL K 279 2.28 -58.43 -28.69
CA VAL K 279 2.71 -57.91 -29.99
C VAL K 279 1.49 -57.59 -30.84
N LYS K 280 0.54 -58.53 -30.90
CA LYS K 280 -0.70 -58.28 -31.63
C LYS K 280 -1.49 -57.14 -31.02
N PHE K 281 -1.49 -57.06 -29.69
CA PHE K 281 -2.20 -55.99 -29.00
C PHE K 281 -1.65 -54.62 -29.37
N ALA K 282 -0.31 -54.49 -29.35
CA ALA K 282 0.30 -53.21 -29.69
C ALA K 282 0.15 -52.90 -31.16
N LYS K 283 0.19 -53.92 -32.02
CA LYS K 283 0.05 -53.70 -33.46
C LYS K 283 -1.32 -53.13 -33.79
N GLU K 284 -2.36 -53.64 -33.16
CA GLU K 284 -3.72 -53.19 -33.41
C GLU K 284 -4.08 -51.91 -32.68
N GLY K 285 -3.15 -51.34 -31.91
CA GLY K 285 -3.44 -50.10 -31.21
C GLY K 285 -4.36 -50.24 -30.02
N GLY K 286 -4.45 -51.44 -29.45
CA GLY K 286 -5.29 -51.62 -28.27
C GLY K 286 -4.76 -50.81 -27.10
N LYS K 287 -5.68 -50.37 -26.24
CA LYS K 287 -5.38 -49.55 -25.08
C LYS K 287 -5.76 -50.31 -23.82
N ILE K 288 -4.83 -50.38 -22.87
CA ILE K 288 -5.14 -50.95 -21.57
C ILE K 288 -6.01 -49.96 -20.81
N ASN K 289 -7.07 -50.46 -20.19
CA ASN K 289 -8.08 -49.63 -19.53
C ASN K 289 -7.76 -49.51 -18.06
N LEU K 290 -7.80 -48.29 -17.55
CA LEU K 290 -7.55 -48.00 -16.14
C LEU K 290 -8.63 -47.07 -15.61
N ASP K 291 -8.97 -47.25 -14.33
CA ASP K 291 -9.99 -46.45 -13.67
C ASP K 291 -9.41 -45.32 -12.82
N GLY K 292 -8.13 -45.37 -12.48
CA GLY K 292 -7.51 -44.36 -11.65
C GLY K 292 -7.20 -44.86 -10.25
N HIS K 293 -8.14 -45.59 -9.68
CA HIS K 293 -7.96 -46.20 -8.36
C HIS K 293 -7.44 -47.62 -8.55
N GLU K 294 -6.14 -47.79 -8.34
CA GLU K 294 -5.50 -49.09 -8.44
C GLU K 294 -4.56 -49.28 -7.27
N ILE K 295 -4.31 -50.54 -6.94
CA ILE K 295 -3.34 -50.93 -5.93
C ILE K 295 -2.44 -51.99 -6.55
N LEU K 296 -1.12 -51.79 -6.42
CA LEU K 296 -0.14 -52.64 -7.08
C LEU K 296 0.40 -53.66 -6.09
N PHE K 297 0.12 -54.94 -6.35
CA PHE K 297 0.70 -56.05 -5.60
C PHE K 297 1.81 -56.65 -6.44
N LEU K 298 3.03 -56.61 -5.92
CA LEU K 298 4.22 -57.01 -6.64
C LEU K 298 5.05 -57.92 -5.77
N ASN K 299 5.82 -58.81 -6.38
CA ASN K 299 6.81 -59.56 -5.60
C ASN K 299 8.01 -58.66 -5.30
N LYS K 300 8.93 -59.18 -4.48
CA LYS K 300 9.98 -58.34 -3.92
C LYS K 300 10.89 -57.77 -5.00
N ASP K 301 11.19 -58.56 -6.04
CA ASP K 301 12.13 -58.12 -7.06
C ASP K 301 11.58 -57.00 -7.92
N GLU K 302 10.28 -56.98 -8.18
CA GLU K 302 9.70 -56.02 -9.10
C GLU K 302 9.64 -54.64 -8.49
N GLU K 303 9.58 -53.63 -9.37
CA GLU K 303 9.56 -52.23 -8.97
C GLU K 303 8.60 -51.48 -9.87
N ALA K 304 7.97 -50.44 -9.32
CA ALA K 304 7.06 -49.58 -10.07
C ALA K 304 7.38 -48.13 -9.76
N GLU K 305 7.32 -47.29 -10.80
CA GLU K 305 7.69 -45.89 -10.67
C GLU K 305 7.05 -45.12 -11.79
N PHE K 306 6.83 -43.83 -11.55
CA PHE K 306 6.32 -42.91 -12.57
C PHE K 306 7.49 -42.22 -13.26
N VAL K 307 7.58 -42.40 -14.57
CA VAL K 307 8.51 -41.64 -15.39
C VAL K 307 7.83 -40.32 -15.73
N GLU K 308 8.42 -39.22 -15.25
CA GLU K 308 7.74 -37.93 -15.22
C GLU K 308 8.70 -36.82 -15.62
N VAL K 309 8.17 -35.82 -16.32
CA VAL K 309 8.94 -34.64 -16.71
C VAL K 309 8.73 -33.55 -15.67
N LYS K 310 9.79 -32.75 -15.45
CA LYS K 310 9.63 -31.55 -14.65
C LYS K 310 8.89 -30.46 -15.42
N SER K 311 9.14 -30.38 -16.73
CA SER K 311 8.42 -29.44 -17.58
C SER K 311 8.51 -29.90 -19.02
N ALA K 312 7.37 -30.31 -19.59
CA ALA K 312 7.35 -30.71 -20.99
C ALA K 312 7.44 -29.52 -21.93
N ILE K 313 7.25 -28.30 -21.44
CA ILE K 313 7.25 -27.09 -22.25
C ILE K 313 8.61 -26.41 -22.12
N GLY K 314 9.20 -26.48 -20.94
CA GLY K 314 10.47 -25.85 -20.69
C GLY K 314 10.40 -24.34 -20.80
N ASP K 315 11.28 -23.75 -21.60
CA ASP K 315 11.38 -22.31 -21.73
C ASP K 315 10.54 -21.75 -22.87
N ALA K 316 9.60 -22.52 -23.40
CA ALA K 316 8.77 -22.00 -24.50
C ALA K 316 7.91 -20.84 -24.04
N LYS K 317 7.53 -20.80 -22.76
CA LYS K 317 6.72 -19.69 -22.28
C LYS K 317 7.48 -18.36 -22.34
N GLU K 318 8.76 -18.39 -21.96
CA GLU K 318 9.57 -17.17 -22.06
C GLU K 318 9.75 -16.73 -23.51
N LEU K 319 9.96 -17.68 -24.41
CA LEU K 319 10.10 -17.34 -25.83
C LEU K 319 8.81 -16.77 -26.38
N LEU K 320 7.66 -17.31 -25.97
CA LEU K 320 6.39 -16.77 -26.40
C LEU K 320 6.18 -15.37 -25.85
N LYS K 321 6.61 -15.12 -24.62
CA LYS K 321 6.53 -13.77 -24.07
C LYS K 321 7.38 -12.80 -24.87
N LEU K 322 8.61 -13.22 -25.22
CA LEU K 322 9.49 -12.35 -26.00
C LEU K 322 8.91 -12.09 -27.40
N LEU K 323 8.34 -13.11 -28.02
CA LEU K 323 7.75 -12.93 -29.34
C LEU K 323 6.51 -12.04 -29.26
N PHE K 324 5.74 -12.14 -28.17
CA PHE K 324 4.61 -11.24 -27.97
C PHE K 324 5.09 -9.81 -27.83
N TYR K 325 6.17 -9.59 -27.08
CA TYR K 325 6.75 -8.26 -26.97
C TYR K 325 7.17 -7.74 -28.34
N CYS K 326 7.81 -8.59 -29.15
CA CYS K 326 8.25 -8.16 -30.47
C CYS K 326 7.06 -7.83 -31.37
N ILE K 327 5.99 -8.62 -31.29
CA ILE K 327 4.81 -8.36 -32.09
C ILE K 327 4.18 -7.04 -31.69
N VAL K 328 4.11 -6.77 -30.38
CA VAL K 328 3.52 -5.52 -29.91
C VAL K 328 4.39 -4.34 -30.32
N ASP K 329 5.71 -4.51 -30.30
CA ASP K 329 6.61 -3.45 -30.74
C ASP K 329 6.41 -3.16 -32.23
N VAL K 330 6.38 -4.21 -33.05
CA VAL K 330 6.32 -4.04 -34.49
C VAL K 330 5.03 -3.33 -34.90
N SER K 331 3.91 -3.83 -34.41
CA SER K 331 2.61 -3.24 -34.72
C SER K 331 2.40 -1.90 -34.04
N GLU K 332 3.19 -1.57 -33.01
CA GLU K 332 3.06 -0.33 -32.26
C GLU K 332 1.70 -0.23 -31.58
N THR K 333 1.08 -1.37 -31.29
CA THR K 333 -0.22 -1.35 -30.66
C THR K 333 -0.05 -0.92 -29.20
N PRO K 334 -0.87 0.00 -28.69
CA PRO K 334 -0.83 0.29 -27.26
C PRO K 334 -1.16 -0.95 -26.43
N GLU K 335 -0.57 -1.01 -25.24
CA GLU K 335 -0.61 -2.24 -24.48
C GLU K 335 -2.00 -2.58 -23.97
N PHE K 336 -2.91 -1.59 -23.89
CA PHE K 336 -4.24 -1.90 -23.40
C PHE K 336 -5.04 -2.72 -24.40
N ILE K 337 -4.63 -2.74 -25.67
CA ILE K 337 -5.27 -3.63 -26.64
C ILE K 337 -4.96 -5.09 -26.32
N PHE K 338 -3.77 -5.38 -25.80
CA PHE K 338 -3.35 -6.72 -25.40
C PHE K 338 -3.19 -6.81 -23.89
N GLY K 339 -4.11 -6.20 -23.15
CA GLY K 339 -3.95 -6.13 -21.71
C GLY K 339 -4.27 -7.44 -21.00
N VAL K 340 -4.85 -8.40 -21.71
CA VAL K 340 -5.03 -9.72 -21.12
C VAL K 340 -3.67 -10.36 -20.84
N HIS K 341 -2.69 -10.11 -21.73
CA HIS K 341 -1.32 -10.54 -21.46
C HIS K 341 -0.71 -9.74 -20.32
N THR K 342 -0.93 -8.43 -20.31
CA THR K 342 -0.33 -7.51 -19.34
C THR K 342 -1.45 -6.78 -18.63
N PRO K 343 -1.95 -7.32 -17.51
CA PRO K 343 -3.06 -6.63 -16.81
C PRO K 343 -2.70 -5.25 -16.29
N SER K 344 -1.42 -4.91 -16.20
CA SER K 344 -1.04 -3.57 -15.76
C SER K 344 -1.57 -2.49 -16.71
N ALA K 345 -1.53 -2.76 -18.02
CA ALA K 345 -2.02 -1.77 -18.97
C ALA K 345 -3.51 -1.52 -18.80
N LEU K 346 -4.27 -2.52 -18.35
CA LEU K 346 -5.72 -2.40 -18.24
C LEU K 346 -6.15 -1.37 -17.20
N ALA K 347 -5.29 -1.01 -16.26
CA ALA K 347 -5.66 -0.05 -15.23
C ALA K 347 -5.53 1.40 -15.68
N SER K 348 -4.83 1.68 -16.78
CA SER K 348 -4.46 3.04 -17.15
C SER K 348 -4.70 3.26 -18.64
N VAL K 349 -5.88 2.89 -19.14
CA VAL K 349 -6.18 3.08 -20.56
C VAL K 349 -6.18 4.57 -20.91
N LYS K 350 -6.81 5.38 -20.07
CA LYS K 350 -6.85 6.82 -20.32
C LYS K 350 -5.46 7.43 -20.28
N GLU K 351 -4.55 6.87 -19.48
CA GLU K 351 -3.17 7.33 -19.47
C GLU K 351 -2.44 6.92 -20.74
N GLN K 352 -2.81 5.78 -21.34
CA GLN K 352 -2.14 5.27 -22.53
C GLN K 352 -2.72 5.81 -23.82
N MET K 353 -3.85 6.52 -23.78
CA MET K 353 -4.47 7.04 -24.99
C MET K 353 -3.56 7.89 -25.88
N PRO K 354 -2.68 8.76 -25.35
CA PRO K 354 -1.84 9.57 -26.23
C PRO K 354 -0.98 8.76 -27.20
N ILE K 355 -0.52 7.58 -26.82
CA ILE K 355 0.22 6.73 -27.76
C ILE K 355 -0.68 6.34 -28.92
N MET K 356 -1.93 5.97 -28.62
CA MET K 356 -2.88 5.65 -29.67
C MET K 356 -3.14 6.87 -30.55
N VAL K 357 -3.20 8.06 -29.93
CA VAL K 357 -3.44 9.28 -30.71
C VAL K 357 -2.31 9.50 -31.70
N ASN K 358 -1.07 9.33 -31.24
CA ASN K 358 0.09 9.49 -32.12
C ASN K 358 0.05 8.49 -33.27
N LYS K 359 -0.18 7.22 -32.94
CA LYS K 359 -0.24 6.17 -33.96
C LYS K 359 -1.33 6.47 -34.98
N ILE K 360 -2.49 6.90 -34.50
CA ILE K 360 -3.63 7.12 -35.39
C ILE K 360 -3.42 8.37 -36.22
N ARG K 361 -2.74 9.40 -35.71
CA ARG K 361 -2.36 10.52 -36.56
C ARG K 361 -1.49 10.04 -37.71
N ARG K 362 -0.44 9.30 -37.38
CA ARG K 362 0.49 8.84 -38.42
C ARG K 362 -0.22 7.96 -39.44
N LYS K 363 -1.15 7.12 -38.99
CA LYS K 363 -1.87 6.25 -39.91
C LYS K 363 -2.88 7.03 -40.75
N ARG K 364 -3.56 8.01 -40.14
CA ARG K 364 -4.55 8.79 -40.87
C ARG K 364 -3.90 9.61 -41.98
N GLU K 365 -2.65 10.04 -41.79
CA GLU K 365 -2.01 10.82 -42.83
C GLU K 365 -1.78 10.02 -44.12
N GLN K 366 -1.85 8.69 -44.06
CA GLN K 366 -1.61 7.90 -45.26
C GLN K 366 -2.79 7.96 -46.22
N PHE K 367 -4.02 7.93 -45.70
CA PHE K 367 -5.21 7.79 -46.52
C PHE K 367 -5.87 9.12 -46.89
N THR K 368 -5.54 10.22 -46.20
CA THR K 368 -6.31 11.44 -46.36
C THR K 368 -6.20 12.00 -47.78
N ASN K 369 -5.06 11.80 -48.44
CA ASN K 369 -4.94 12.23 -49.83
C ASN K 369 -5.89 11.43 -50.73
N SER K 370 -6.00 10.13 -50.48
CA SER K 370 -6.96 9.32 -51.23
C SER K 370 -8.39 9.77 -50.99
N TRP K 371 -8.71 10.21 -49.77
CA TRP K 371 -10.05 10.72 -49.51
C TRP K 371 -10.29 12.06 -50.19
N GLN K 372 -9.26 12.89 -50.27
CA GLN K 372 -9.37 14.11 -51.06
C GLN K 372 -9.69 13.79 -52.50
N LEU K 373 -8.98 12.80 -53.06
CA LEU K 373 -9.24 12.40 -54.44
C LEU K 373 -10.64 11.85 -54.61
N LEU K 374 -11.09 11.03 -53.66
CA LEU K 374 -12.43 10.43 -53.74
C LEU K 374 -13.50 11.50 -53.68
N ALA K 375 -13.37 12.45 -52.75
CA ALA K 375 -14.36 13.51 -52.64
C ALA K 375 -14.35 14.40 -53.88
N ARG K 376 -13.17 14.69 -54.42
CA ARG K 376 -13.08 15.47 -55.64
C ARG K 376 -13.79 14.77 -56.79
N MET K 377 -13.58 13.47 -56.92
CA MET K 377 -14.25 12.71 -57.98
C MET K 377 -15.76 12.70 -57.77
N VAL K 378 -16.20 12.53 -56.53
CA VAL K 378 -17.64 12.50 -56.25
C VAL K 378 -18.27 13.84 -56.61
N LEU K 379 -17.60 14.94 -56.27
CA LEU K 379 -18.12 16.26 -56.63
C LEU K 379 -18.14 16.43 -58.15
N ILE K 380 -17.08 15.97 -58.83
CA ILE K 380 -17.03 16.11 -60.28
C ILE K 380 -18.09 15.22 -60.94
N MET K 381 -18.33 14.04 -60.40
CA MET K 381 -19.27 13.10 -60.98
C MET K 381 -20.73 13.44 -60.67
N SER K 382 -21.00 14.56 -60.02
CA SER K 382 -22.38 14.97 -59.74
C SER K 382 -22.52 16.48 -59.84
N LYS K 389 -19.29 23.07 -61.74
CA LYS K 389 -20.33 23.95 -61.24
C LYS K 389 -19.94 24.57 -59.91
N TYR K 390 -19.35 23.76 -59.04
CA TYR K 390 -19.03 24.21 -57.69
C TYR K 390 -17.83 25.15 -57.71
N SER K 391 -17.86 26.13 -56.80
CA SER K 391 -16.80 27.13 -56.71
C SER K 391 -15.48 26.56 -56.21
N SER K 392 -15.50 25.38 -55.58
CA SER K 392 -14.27 24.77 -55.08
C SER K 392 -14.42 23.26 -55.12
N TYR K 393 -13.29 22.57 -55.24
CA TYR K 393 -13.22 21.12 -55.22
C TYR K 393 -12.24 20.57 -54.20
N ASP K 394 -11.38 21.40 -53.61
CA ASP K 394 -10.37 20.94 -52.65
C ASP K 394 -11.07 20.64 -51.33
N VAL K 395 -11.46 19.38 -51.17
CA VAL K 395 -12.10 18.95 -49.93
C VAL K 395 -11.02 18.71 -48.88
N THR K 396 -11.34 19.04 -47.63
CA THR K 396 -10.47 18.82 -46.49
C THR K 396 -11.13 17.83 -45.54
N ILE K 397 -10.32 16.95 -44.97
CA ILE K 397 -10.80 15.81 -44.21
C ILE K 397 -10.56 16.07 -42.73
N GLY K 398 -11.64 16.10 -41.95
CA GLY K 398 -11.57 15.91 -40.52
C GLY K 398 -11.64 14.43 -40.18
N TRP K 399 -11.55 14.14 -38.88
CA TRP K 399 -11.54 12.75 -38.43
C TRP K 399 -12.27 12.65 -37.10
N ASP K 400 -12.65 11.42 -36.77
CA ASP K 400 -13.24 11.12 -35.47
C ASP K 400 -12.24 11.40 -34.36
N GLU K 401 -12.75 11.70 -33.18
CA GLU K 401 -11.90 11.90 -32.02
C GLU K 401 -11.34 10.57 -31.54
N VAL K 402 -10.01 10.45 -31.55
CA VAL K 402 -9.38 9.25 -31.01
C VAL K 402 -9.57 9.18 -29.51
N ASN K 403 -9.31 10.28 -28.82
CA ASN K 403 -9.52 10.41 -27.38
C ASN K 403 -10.54 11.54 -27.17
N PRO K 404 -11.83 11.23 -27.06
CA PRO K 404 -12.83 12.31 -27.09
C PRO K 404 -12.72 13.27 -25.91
N ARG K 405 -13.07 14.52 -26.17
CA ARG K 405 -13.18 15.52 -25.13
C ARG K 405 -14.56 15.48 -24.51
N ASP K 406 -14.62 15.71 -23.20
CA ASP K 406 -15.90 15.82 -22.50
C ASP K 406 -16.61 17.10 -22.92
N ASP K 407 -17.93 17.01 -23.11
CA ASP K 407 -18.70 18.20 -23.43
C ASP K 407 -18.67 19.20 -22.29
N LYS K 408 -18.64 18.73 -21.05
CA LYS K 408 -18.60 19.64 -19.91
C LYS K 408 -17.32 20.45 -19.88
N GLU K 409 -16.19 19.81 -20.19
CA GLU K 409 -14.92 20.54 -20.25
C GLU K 409 -14.94 21.57 -21.36
N LEU K 410 -15.50 21.22 -22.51
CA LEU K 410 -15.61 22.17 -23.61
C LEU K 410 -16.47 23.37 -23.20
N ALA K 411 -17.58 23.11 -22.50
CA ALA K 411 -18.42 24.20 -22.02
C ALA K 411 -17.70 25.05 -20.97
N GLU K 412 -16.88 24.41 -20.13
CA GLU K 412 -16.12 25.17 -19.13
C GLU K 412 -15.16 26.13 -19.79
N THR K 413 -14.41 25.65 -20.79
CA THR K 413 -13.50 26.56 -21.48
C THR K 413 -14.27 27.60 -22.30
N LEU K 414 -15.47 27.24 -22.79
CA LEU K 414 -16.31 28.22 -23.45
C LEU K 414 -16.67 29.36 -22.51
N GLU K 415 -17.10 29.02 -21.30
CA GLU K 415 -17.44 30.03 -20.31
C GLU K 415 -16.23 30.87 -19.95
N LYS K 416 -15.06 30.22 -19.82
CA LYS K 416 -13.84 30.96 -19.48
C LYS K 416 -13.49 31.95 -20.59
N VAL K 417 -13.60 31.53 -21.84
CA VAL K 417 -13.32 32.44 -22.96
C VAL K 417 -14.31 33.59 -22.96
N CYS K 418 -15.60 33.28 -22.76
CA CYS K 418 -16.62 34.33 -22.82
C CYS K 418 -16.43 35.36 -21.73
N CYS K 419 -16.13 34.91 -20.51
CA CYS K 419 -15.89 35.84 -19.41
C CYS K 419 -14.57 36.58 -19.55
N ALA K 420 -13.55 35.95 -20.14
CA ALA K 420 -12.30 36.66 -20.38
C ALA K 420 -12.51 37.83 -21.34
N LEU K 421 -13.27 37.62 -22.41
CA LEU K 421 -13.64 38.71 -23.28
C LEU K 421 -14.65 39.62 -22.57
N ASP K 422 -15.04 40.70 -23.24
CA ASP K 422 -15.82 41.78 -22.66
C ASP K 422 -15.05 42.52 -21.56
N LYS K 423 -13.73 42.34 -21.50
CA LYS K 423 -12.86 43.02 -20.56
C LYS K 423 -11.54 43.29 -21.27
N ALA K 424 -10.81 44.29 -20.78
CA ALA K 424 -9.67 44.85 -21.52
C ALA K 424 -10.15 45.25 -22.92
N LEU K 425 -11.03 46.25 -22.94
CA LEU K 425 -11.89 46.51 -24.09
C LEU K 425 -11.14 46.98 -25.33
N GLU K 426 -9.82 47.20 -25.24
CA GLU K 426 -9.03 47.57 -26.42
C GLU K 426 -8.70 46.37 -27.31
N GLY K 427 -9.27 45.20 -27.07
CA GLY K 427 -9.00 44.04 -27.92
C GLY K 427 -9.43 44.21 -29.36
N GLY K 428 -10.54 44.92 -29.61
CA GLY K 428 -10.97 45.19 -30.95
C GLY K 428 -12.09 44.28 -31.43
N PHE K 429 -12.19 44.16 -32.75
CA PHE K 429 -13.29 43.42 -33.37
C PHE K 429 -12.98 41.94 -33.57
N ILE K 430 -11.73 41.52 -33.33
CA ILE K 430 -11.37 40.12 -33.52
C ILE K 430 -11.99 39.22 -32.46
N SER K 431 -12.53 39.78 -31.38
CA SER K 431 -13.19 38.98 -30.36
C SER K 431 -14.38 38.23 -30.94
N GLU K 432 -15.19 38.93 -31.75
CA GLU K 432 -16.33 38.26 -32.39
C GLU K 432 -15.84 37.18 -33.35
N GLU K 433 -14.78 37.47 -34.11
CA GLU K 433 -14.25 36.48 -35.04
C GLU K 433 -13.76 35.24 -34.32
N SER K 434 -13.13 35.40 -33.16
CA SER K 434 -12.67 34.26 -32.38
C SER K 434 -13.84 33.48 -31.78
N THR K 435 -14.79 34.19 -31.18
CA THR K 435 -15.84 33.50 -30.42
C THR K 435 -16.83 32.80 -31.35
N VAL K 436 -17.10 33.36 -32.53
CA VAL K 436 -18.00 32.68 -33.45
C VAL K 436 -17.36 31.40 -33.96
N ASN K 437 -16.06 31.44 -34.27
CA ASN K 437 -15.35 30.22 -34.66
C ASN K 437 -15.35 29.20 -33.54
N PHE K 438 -15.17 29.66 -32.30
CA PHE K 438 -15.18 28.73 -31.17
C PHE K 438 -16.55 28.10 -31.00
N LEU K 439 -17.62 28.89 -31.18
CA LEU K 439 -18.96 28.33 -31.08
C LEU K 439 -19.22 27.31 -32.18
N ALA K 440 -18.74 27.59 -33.39
CA ALA K 440 -18.88 26.62 -34.48
C ALA K 440 -18.16 25.32 -34.14
N GLN K 441 -16.93 25.42 -33.63
CA GLN K 441 -16.20 24.23 -33.21
C GLN K 441 -16.92 23.50 -32.09
N TYR K 442 -17.49 24.25 -31.15
CA TYR K 442 -18.17 23.65 -30.01
C TYR K 442 -19.38 22.85 -30.46
N ILE K 443 -20.22 23.45 -31.30
CA ILE K 443 -21.43 22.74 -31.74
C ILE K 443 -21.06 21.55 -32.61
N ASP K 444 -20.01 21.70 -33.43
CA ASP K 444 -19.57 20.59 -34.27
C ASP K 444 -19.09 19.43 -33.43
N THR K 445 -18.32 19.71 -32.37
CA THR K 445 -17.80 18.64 -31.53
C THR K 445 -18.87 18.04 -30.63
N MET K 446 -19.84 18.84 -30.20
CA MET K 446 -20.90 18.32 -29.35
C MET K 446 -21.88 17.46 -30.13
N SER K 447 -22.28 17.90 -31.33
CA SER K 447 -23.29 17.18 -32.09
C SER K 447 -22.79 15.79 -32.48
N ASN K 448 -21.53 15.69 -32.86
CA ASN K 448 -20.94 14.39 -33.19
C ASN K 448 -20.96 13.48 -31.97
N TYR K 449 -21.41 12.24 -32.18
CA TYR K 449 -21.50 11.27 -31.10
C TYR K 449 -20.21 10.45 -31.02
N ILE K 450 -19.78 10.17 -29.79
CA ILE K 450 -18.50 9.50 -29.57
C ILE K 450 -18.55 8.08 -30.11
N SER K 451 -19.61 7.33 -29.77
CA SER K 451 -19.66 5.89 -29.99
C SER K 451 -20.31 5.54 -31.32
N ASP K 452 -20.19 6.41 -32.33
CA ASP K 452 -20.79 6.16 -33.64
C ASP K 452 -19.90 6.77 -34.70
N ASP K 453 -19.47 5.95 -35.65
CA ASP K 453 -18.53 6.41 -36.67
C ASP K 453 -19.16 7.48 -37.55
N PRO K 454 -18.33 8.43 -37.96
CA PRO K 454 -18.78 9.46 -38.87
C PRO K 454 -19.60 10.53 -38.17
N GLU K 455 -20.04 11.49 -38.98
CA GLU K 455 -20.85 12.60 -38.52
C GLU K 455 -22.30 12.49 -38.99
N ARG K 456 -22.75 11.27 -39.32
CA ARG K 456 -24.09 11.07 -39.87
C ARG K 456 -25.16 11.62 -38.92
N GLU K 457 -24.94 11.48 -37.62
CA GLU K 457 -25.84 12.10 -36.66
C GLU K 457 -25.85 13.62 -36.78
N GLY K 458 -24.71 14.23 -37.12
CA GLY K 458 -24.70 15.67 -37.33
C GLY K 458 -25.57 16.08 -38.50
N GLU K 459 -25.42 15.40 -39.63
CA GLU K 459 -26.26 15.69 -40.79
C GLU K 459 -27.73 15.43 -40.48
N ARG K 460 -28.01 14.35 -39.76
CA ARG K 460 -29.39 14.04 -39.41
C ARG K 460 -30.00 15.14 -38.55
N GLU K 461 -29.27 15.60 -37.54
CA GLU K 461 -29.77 16.65 -36.68
C GLU K 461 -29.98 17.94 -37.47
N LYS K 462 -29.03 18.28 -38.34
CA LYS K 462 -29.18 19.50 -39.14
C LYS K 462 -30.39 19.42 -40.05
N ILE K 463 -30.58 18.29 -40.72
CA ILE K 463 -31.68 18.15 -41.67
C ILE K 463 -33.02 18.15 -40.94
N ILE K 464 -33.11 17.45 -39.81
CA ILE K 464 -34.36 17.41 -39.06
C ILE K 464 -34.67 18.79 -38.49
N LYS K 465 -33.64 19.50 -38.03
CA LYS K 465 -33.84 20.86 -37.53
C LYS K 465 -34.34 21.79 -38.62
N THR K 466 -33.76 21.69 -39.81
CA THR K 466 -34.20 22.55 -40.92
C THR K 466 -35.64 22.21 -41.33
N LYS K 467 -35.96 20.91 -41.42
CA LYS K 467 -37.30 20.52 -41.86
C LYS K 467 -38.36 20.91 -40.84
N MET K 468 -38.15 20.55 -39.57
CA MET K 468 -39.11 20.85 -38.52
C MET K 468 -39.04 22.29 -38.05
N LEU K 469 -37.86 22.90 -38.09
CA LEU K 469 -37.66 24.27 -37.59
C LEU K 469 -38.07 24.39 -36.14
N MET L 19 2.86 -12.13 -46.70
CA MET L 19 4.11 -12.29 -47.50
C MET L 19 3.95 -11.63 -48.88
N ARG L 20 5.08 -11.34 -49.51
CA ARG L 20 5.09 -10.70 -50.81
C ARG L 20 5.01 -11.73 -51.93
N MET L 21 4.72 -11.26 -53.14
CA MET L 21 4.73 -12.09 -54.33
C MET L 21 4.96 -11.19 -55.54
N SER L 22 5.29 -11.82 -56.66
CA SER L 22 5.54 -11.07 -57.89
C SER L 22 4.23 -10.50 -58.43
N SER L 23 4.36 -9.52 -59.33
CA SER L 23 3.19 -8.91 -59.94
C SER L 23 2.38 -9.94 -60.71
N GLY L 24 3.04 -10.78 -61.50
CA GLY L 24 2.41 -11.91 -62.13
C GLY L 24 2.32 -13.08 -61.18
N ASN L 25 2.04 -14.25 -61.74
CA ASN L 25 2.02 -15.50 -60.97
C ASN L 25 0.94 -15.46 -59.89
N ILE L 26 -0.29 -15.15 -60.29
CA ILE L 26 -1.43 -15.10 -59.39
C ILE L 26 -2.66 -15.57 -60.16
N GLY L 27 -3.51 -16.35 -59.50
CA GLY L 27 -4.70 -16.87 -60.15
C GLY L 27 -5.76 -15.80 -60.33
N VAL L 28 -6.76 -16.14 -61.15
CA VAL L 28 -7.83 -15.20 -61.45
C VAL L 28 -8.80 -15.15 -60.26
N TYR L 29 -9.28 -13.95 -59.96
CA TYR L 29 -10.21 -13.76 -58.85
C TYR L 29 -11.51 -14.51 -59.10
N LYS L 30 -12.03 -15.14 -58.05
CA LYS L 30 -13.30 -15.83 -58.08
C LYS L 30 -14.02 -15.64 -56.76
N LEU L 31 -15.32 -15.39 -56.83
CA LEU L 31 -16.11 -15.18 -55.62
C LEU L 31 -16.23 -16.51 -54.86
N ASP L 32 -16.00 -16.46 -53.55
CA ASP L 32 -16.07 -17.65 -52.72
C ASP L 32 -17.48 -17.80 -52.18
N ASP L 33 -18.13 -18.93 -52.48
CA ASP L 33 -19.50 -19.20 -52.07
C ASP L 33 -19.59 -20.21 -50.93
N SER L 34 -18.52 -20.39 -50.17
CA SER L 34 -18.57 -21.30 -49.03
C SER L 34 -19.47 -20.73 -47.93
N ARG L 35 -20.04 -21.63 -47.14
CA ARG L 35 -20.99 -21.29 -46.09
C ARG L 35 -20.39 -21.65 -44.75
N VAL L 36 -21.12 -21.31 -43.68
CA VAL L 36 -20.54 -21.26 -42.33
C VAL L 36 -20.75 -22.54 -41.53
N ASP L 37 -21.43 -23.55 -42.09
CA ASP L 37 -21.73 -24.78 -41.36
C ASP L 37 -22.51 -24.46 -40.09
N TYR L 38 -23.75 -24.01 -40.29
CA TYR L 38 -24.50 -23.35 -39.23
C TYR L 38 -24.82 -24.30 -38.08
N GLU L 39 -24.96 -25.59 -38.38
CA GLU L 39 -25.22 -26.56 -37.31
C GLU L 39 -24.07 -26.60 -36.32
N LEU L 40 -22.84 -26.63 -36.81
CA LEU L 40 -21.69 -26.63 -35.92
C LEU L 40 -21.60 -25.32 -35.14
N ALA L 41 -21.94 -24.21 -35.78
CA ALA L 41 -21.90 -22.92 -35.09
C ALA L 41 -22.89 -22.91 -33.93
N ARG L 42 -24.11 -23.40 -34.16
CA ARG L 42 -25.10 -23.45 -33.09
C ARG L 42 -24.69 -24.42 -31.99
N GLU L 43 -24.10 -25.56 -32.36
CA GLU L 43 -23.64 -26.51 -31.35
C GLU L 43 -22.52 -25.89 -30.51
N LEU L 44 -21.59 -25.18 -31.15
CA LEU L 44 -20.53 -24.51 -30.41
C LEU L 44 -21.10 -23.46 -29.47
N TYR L 45 -22.08 -22.69 -29.95
CA TYR L 45 -22.68 -21.67 -29.09
C TYR L 45 -23.40 -22.31 -27.92
N GLN L 46 -24.12 -23.39 -28.16
CA GLN L 46 -24.86 -24.08 -27.11
C GLN L 46 -24.00 -25.09 -26.34
N ASN L 47 -22.72 -25.23 -26.67
CA ASN L 47 -21.81 -26.09 -25.93
C ASN L 47 -22.20 -27.57 -26.05
N LYS L 48 -22.68 -27.96 -27.22
CA LYS L 48 -23.22 -29.30 -27.44
C LYS L 48 -22.25 -30.23 -28.17
N ASN L 49 -21.38 -29.69 -29.02
CA ASN L 49 -20.52 -30.54 -29.84
C ASN L 49 -19.50 -31.27 -28.96
N ALA L 50 -19.46 -32.59 -29.08
CA ALA L 50 -18.62 -33.40 -28.20
C ALA L 50 -17.13 -33.12 -28.43
N ASN L 51 -16.76 -32.67 -29.62
CA ASN L 51 -15.36 -32.38 -29.92
C ASN L 51 -14.93 -30.99 -29.46
N TYR L 52 -15.82 -30.22 -28.85
CA TYR L 52 -15.50 -28.88 -28.37
C TYR L 52 -16.09 -28.54 -27.00
N LYS L 53 -16.63 -29.52 -26.27
CA LYS L 53 -17.42 -29.25 -25.06
C LYS L 53 -16.62 -28.48 -24.01
N LEU L 54 -15.40 -28.91 -23.74
CA LEU L 54 -14.58 -28.22 -22.76
C LEU L 54 -14.02 -26.91 -23.30
N GLY L 55 -13.83 -26.83 -24.62
CA GLY L 55 -13.24 -25.64 -25.20
C GLY L 55 -14.24 -24.58 -25.62
N SER L 56 -15.48 -24.98 -25.92
CA SER L 56 -16.47 -24.05 -26.47
C SER L 56 -17.16 -23.24 -25.39
N SER L 57 -16.61 -23.23 -24.18
CA SER L 57 -17.16 -22.37 -23.13
C SER L 57 -17.05 -20.90 -23.47
N PHE L 58 -16.07 -20.52 -24.30
CA PHE L 58 -15.81 -19.12 -24.58
C PHE L 58 -16.74 -18.53 -25.63
N VAL L 59 -17.48 -19.36 -26.37
CA VAL L 59 -18.28 -18.85 -27.47
C VAL L 59 -19.40 -17.96 -26.95
N ARG L 60 -20.13 -18.42 -25.94
CA ARG L 60 -21.28 -17.69 -25.44
C ARG L 60 -20.94 -16.30 -24.91
N PRO L 61 -19.96 -16.12 -24.01
CA PRO L 61 -19.68 -14.76 -23.53
C PRO L 61 -19.27 -13.81 -24.63
N ILE L 62 -18.49 -14.27 -25.61
CA ILE L 62 -18.05 -13.41 -26.70
C ILE L 62 -19.25 -12.90 -27.49
N VAL L 63 -20.02 -13.83 -28.06
CA VAL L 63 -21.13 -13.45 -28.94
C VAL L 63 -22.17 -12.66 -28.16
N ASN L 64 -22.50 -13.10 -26.94
CA ASN L 64 -23.57 -12.44 -26.21
C ASN L 64 -23.15 -11.08 -25.67
N SER L 65 -21.91 -10.90 -25.23
CA SER L 65 -21.45 -9.58 -24.85
C SER L 65 -21.45 -8.64 -26.04
N THR L 66 -20.97 -9.13 -27.19
CA THR L 66 -20.92 -8.28 -28.37
C THR L 66 -22.32 -7.87 -28.83
N THR L 67 -23.27 -8.80 -28.80
CA THR L 67 -24.61 -8.47 -29.29
C THR L 67 -25.42 -7.69 -28.26
N GLY L 68 -25.11 -7.86 -26.97
CA GLY L 68 -25.80 -7.09 -25.96
C GLY L 68 -25.34 -5.65 -25.90
N PHE L 69 -24.02 -5.44 -26.00
CA PHE L 69 -23.51 -4.07 -25.94
C PHE L 69 -23.89 -3.28 -27.19
N MET L 70 -23.97 -3.94 -28.34
CA MET L 70 -24.28 -3.22 -29.57
C MET L 70 -25.76 -2.89 -29.68
N GLY L 71 -26.60 -3.56 -28.91
CA GLY L 71 -28.00 -3.19 -28.80
C GLY L 71 -28.77 -3.33 -30.09
N VAL L 72 -29.61 -2.34 -30.39
CA VAL L 72 -30.53 -2.38 -31.53
C VAL L 72 -30.53 -1.03 -32.22
N PRO L 73 -30.89 -1.00 -33.50
CA PRO L 73 -30.89 0.28 -34.23
C PRO L 73 -31.98 1.22 -33.74
N HIS L 74 -31.75 2.51 -33.95
CA HIS L 74 -32.75 3.55 -33.75
C HIS L 74 -33.03 4.19 -35.10
N PHE L 75 -34.21 3.91 -35.65
CA PHE L 75 -34.57 4.40 -36.98
C PHE L 75 -34.96 5.86 -36.89
N GLN L 76 -34.27 6.70 -37.65
CA GLN L 76 -34.45 8.15 -37.64
C GLN L 76 -34.71 8.60 -39.08
N ILE L 77 -35.79 9.35 -39.28
CA ILE L 77 -36.15 9.87 -40.59
C ILE L 77 -36.92 11.16 -40.41
N GLU L 78 -36.68 12.12 -41.30
CA GLU L 78 -37.26 13.45 -41.15
C GLU L 78 -38.77 13.47 -41.28
N ASP L 79 -39.34 12.59 -42.11
CA ASP L 79 -40.79 12.57 -42.32
C ASP L 79 -41.45 12.03 -41.06
N GLU L 80 -42.42 12.77 -40.52
CA GLU L 80 -43.05 12.36 -39.28
C GLU L 80 -43.92 11.11 -39.47
N GLU L 81 -44.53 10.95 -40.63
CA GLU L 81 -45.32 9.75 -40.89
C GLU L 81 -44.43 8.52 -40.99
N ALA L 82 -43.32 8.63 -41.73
CA ALA L 82 -42.38 7.52 -41.79
C ALA L 82 -41.78 7.22 -40.42
N GLN L 83 -41.52 8.27 -39.64
CA GLN L 83 -41.02 8.07 -38.29
C GLN L 83 -42.04 7.32 -37.44
N TYR L 84 -43.33 7.64 -37.61
CA TYR L 84 -44.36 6.93 -36.87
C TYR L 84 -44.42 5.45 -37.29
N ILE L 85 -44.30 5.19 -38.59
CA ILE L 85 -44.32 3.81 -39.06
C ILE L 85 -43.16 3.02 -38.47
N LEU L 86 -41.96 3.60 -38.51
CA LEU L 86 -40.80 2.92 -37.95
C LEU L 86 -40.90 2.81 -36.43
N ASP L 87 -41.55 3.77 -35.78
CA ASP L 87 -41.78 3.69 -34.34
C ASP L 87 -42.65 2.49 -34.01
N GLU L 88 -43.75 2.31 -34.73
CA GLU L 88 -44.60 1.15 -34.52
C GLU L 88 -43.84 -0.14 -34.80
N PHE L 89 -43.03 -0.13 -35.85
CA PHE L 89 -42.28 -1.33 -36.22
C PHE L 89 -41.31 -1.73 -35.12
N VAL L 90 -40.54 -0.78 -34.59
CA VAL L 90 -39.59 -1.12 -33.54
C VAL L 90 -40.32 -1.52 -32.27
N LEU L 91 -41.44 -0.85 -31.95
CA LEU L 91 -42.23 -1.23 -30.79
C LEU L 91 -42.68 -2.68 -30.89
N ASP L 92 -43.02 -3.13 -32.09
CA ASP L 92 -43.43 -4.52 -32.27
C ASP L 92 -42.24 -5.48 -32.23
N ASN L 93 -41.10 -5.10 -32.80
CA ASN L 93 -40.07 -6.05 -33.19
C ASN L 93 -38.67 -5.78 -32.65
N THR L 94 -38.52 -5.04 -31.55
CA THR L 94 -37.18 -4.79 -31.02
C THR L 94 -36.48 -6.08 -30.60
N SER L 95 -37.23 -7.01 -30.01
CA SER L 95 -36.64 -8.28 -29.60
C SER L 95 -36.10 -9.04 -30.79
N LYS L 96 -36.86 -9.07 -31.89
CA LYS L 96 -36.39 -9.73 -33.10
C LYS L 96 -35.22 -8.98 -33.72
N MET L 97 -35.17 -7.66 -33.56
CA MET L 97 -34.00 -6.92 -34.05
C MET L 97 -32.73 -7.34 -33.29
N LEU L 98 -32.83 -7.53 -31.98
CA LEU L 98 -31.67 -8.01 -31.23
C LEU L 98 -31.34 -9.45 -31.60
N LYS L 99 -32.37 -10.27 -31.82
CA LYS L 99 -32.15 -11.65 -32.22
C LYS L 99 -31.45 -11.72 -33.57
N THR L 100 -31.72 -10.75 -34.45
CA THR L 100 -31.02 -10.69 -35.73
C THR L 100 -29.52 -10.49 -35.52
N HIS L 101 -29.15 -9.59 -34.61
CA HIS L 101 -27.73 -9.36 -34.32
C HIS L 101 -27.07 -10.62 -33.80
N THR L 102 -27.68 -11.27 -32.81
CA THR L 102 -27.01 -12.43 -32.22
C THR L 102 -26.97 -13.59 -33.21
N ASP L 103 -28.02 -13.73 -34.04
CA ASP L 103 -28.01 -14.77 -35.07
C ASP L 103 -26.91 -14.51 -36.09
N SER L 104 -26.73 -13.25 -36.50
CA SER L 104 -25.69 -12.95 -37.47
C SER L 104 -24.31 -13.20 -36.88
N LEU L 105 -24.10 -12.82 -35.62
CA LEU L 105 -22.79 -13.04 -34.99
C LEU L 105 -22.52 -14.53 -34.79
N LYS L 106 -23.55 -15.31 -34.49
CA LYS L 106 -23.37 -16.73 -34.22
C LYS L 106 -23.19 -17.53 -35.51
N GLN L 107 -24.19 -17.48 -36.38
CA GLN L 107 -24.24 -18.31 -37.57
C GLN L 107 -23.57 -17.68 -38.78
N GLY L 108 -23.14 -16.42 -38.69
CA GLY L 108 -22.55 -15.74 -39.83
C GLY L 108 -23.58 -15.04 -40.69
N ASP L 109 -24.62 -15.77 -41.08
CA ASP L 109 -25.71 -15.26 -41.91
C ASP L 109 -27.01 -15.26 -41.13
N CYS L 110 -27.84 -14.25 -41.38
CA CYS L 110 -29.20 -14.20 -40.88
C CYS L 110 -30.06 -13.51 -41.91
N TYR L 111 -31.22 -14.10 -42.19
CA TYR L 111 -32.14 -13.63 -43.22
C TYR L 111 -33.44 -13.22 -42.55
N ILE L 112 -33.95 -12.04 -42.90
CA ILE L 112 -35.20 -11.51 -42.38
C ILE L 112 -36.16 -11.36 -43.54
N TRP L 113 -37.35 -11.94 -43.42
CA TRP L 113 -38.37 -11.92 -44.46
C TRP L 113 -39.54 -11.09 -43.96
N ILE L 114 -39.76 -9.94 -44.60
CA ILE L 114 -40.86 -9.05 -44.25
C ILE L 114 -42.07 -9.44 -45.08
N THR L 115 -43.18 -9.74 -44.40
CA THR L 115 -44.42 -10.15 -45.05
C THR L 115 -45.57 -9.35 -44.47
N ARG L 116 -46.49 -8.94 -45.35
CA ARG L 116 -47.69 -8.20 -44.97
C ARG L 116 -48.86 -9.16 -45.02
N GLU L 117 -49.53 -9.34 -43.88
CA GLU L 117 -50.61 -10.31 -43.73
C GLU L 117 -51.88 -9.61 -43.30
N GLU L 118 -52.96 -9.85 -44.05
CA GLU L 118 -54.24 -9.19 -43.81
C GLU L 118 -55.24 -10.10 -43.09
N ARG L 119 -54.80 -11.24 -42.55
CA ARG L 119 -55.74 -12.15 -41.90
C ARG L 119 -56.34 -11.50 -40.66
N GLU L 120 -57.58 -11.88 -40.36
CA GLU L 120 -58.30 -11.41 -39.19
C GLU L 120 -58.48 -12.57 -38.22
N ASN L 121 -58.08 -12.36 -36.98
CA ASN L 121 -58.30 -13.31 -35.90
C ASN L 121 -58.61 -12.53 -34.63
N PRO L 122 -59.40 -13.10 -33.71
CA PRO L 122 -59.86 -12.31 -32.56
C PRO L 122 -58.79 -12.06 -31.51
N LEU L 123 -57.60 -12.64 -31.64
CA LEU L 123 -56.50 -12.28 -30.77
C LEU L 123 -55.91 -10.93 -31.12
N TYR L 124 -56.11 -10.46 -32.35
CA TYR L 124 -55.62 -9.16 -32.81
C TYR L 124 -56.76 -8.37 -33.43
N PRO L 125 -57.73 -7.94 -32.62
CA PRO L 125 -58.81 -7.10 -33.17
C PRO L 125 -58.37 -5.68 -33.47
N ASP L 126 -57.26 -5.23 -32.89
CA ASP L 126 -56.78 -3.87 -33.12
C ASP L 126 -56.04 -3.72 -34.45
N LYS L 127 -55.56 -4.83 -35.04
CA LYS L 127 -54.68 -4.79 -36.20
C LYS L 127 -55.34 -5.54 -37.36
N LYS L 128 -55.99 -4.78 -38.24
CA LYS L 128 -56.54 -5.38 -39.46
C LYS L 128 -55.43 -5.92 -40.35
N VAL L 129 -54.33 -5.16 -40.49
CA VAL L 129 -53.21 -5.51 -41.35
C VAL L 129 -51.92 -5.33 -40.56
N ARG L 130 -50.99 -6.27 -40.74
CA ARG L 130 -49.76 -6.33 -39.96
C ARG L 130 -48.58 -6.61 -40.88
N LEU L 131 -47.40 -6.17 -40.44
CA LEU L 131 -46.13 -6.54 -41.06
C LEU L 131 -45.39 -7.46 -40.11
N ILE L 132 -45.00 -8.63 -40.60
CA ILE L 132 -44.42 -9.69 -39.78
C ILE L 132 -42.92 -9.73 -40.04
N TYR L 133 -42.15 -9.84 -38.96
CA TYR L 133 -40.69 -9.90 -39.00
C TYR L 133 -40.29 -11.37 -38.90
N ASN L 134 -40.30 -12.06 -40.03
CA ASN L 134 -40.03 -13.50 -40.07
C ASN L 134 -38.54 -13.76 -40.25
N PHE L 135 -38.04 -14.75 -39.52
CA PHE L 135 -36.70 -15.26 -39.73
C PHE L 135 -36.74 -16.43 -40.71
N ILE L 136 -35.87 -16.39 -41.71
CA ILE L 136 -35.55 -17.55 -42.54
C ILE L 136 -34.27 -18.15 -41.97
N SER L 137 -34.34 -19.38 -41.52
CA SER L 137 -33.15 -20.04 -41.01
C SER L 137 -32.13 -20.17 -42.13
N PRO L 138 -30.83 -19.92 -41.87
CA PRO L 138 -29.87 -19.89 -42.97
C PRO L 138 -29.72 -21.21 -43.71
N GLU L 139 -30.11 -22.33 -43.11
CA GLU L 139 -30.10 -23.60 -43.82
C GLU L 139 -31.24 -23.71 -44.82
N GLU L 140 -32.34 -22.98 -44.60
CA GLU L 140 -33.42 -23.00 -45.57
C GLU L 140 -32.97 -22.44 -46.91
N VAL L 141 -32.10 -21.44 -46.91
CA VAL L 141 -31.67 -20.81 -48.15
C VAL L 141 -30.74 -21.77 -48.87
N LYS L 142 -31.29 -22.50 -49.84
CA LYS L 142 -30.49 -23.48 -50.56
C LYS L 142 -29.51 -22.80 -51.51
N GLU L 143 -29.94 -21.72 -52.16
CA GLU L 143 -29.11 -21.00 -53.11
C GLU L 143 -29.62 -19.58 -53.23
N ILE L 144 -28.70 -18.65 -53.49
CA ILE L 144 -29.01 -17.26 -53.77
C ILE L 144 -28.52 -16.97 -55.17
N ILE L 145 -29.43 -16.53 -56.04
CA ILE L 145 -29.09 -16.16 -57.40
C ILE L 145 -28.77 -14.68 -57.42
N LEU L 146 -27.55 -14.35 -57.84
CA LEU L 146 -27.04 -12.99 -57.84
C LEU L 146 -26.94 -12.46 -59.27
N ASP L 147 -27.28 -11.19 -59.44
CA ASP L 147 -26.98 -10.50 -60.68
C ASP L 147 -25.46 -10.49 -60.83
N PRO L 148 -24.89 -11.02 -61.93
CA PRO L 148 -23.42 -11.10 -61.99
C PRO L 148 -22.71 -9.75 -61.88
N THR L 149 -23.31 -8.68 -62.38
CA THR L 149 -22.65 -7.38 -62.35
C THR L 149 -22.73 -6.74 -60.97
N THR L 150 -23.95 -6.47 -60.50
CA THR L 150 -24.13 -5.76 -59.24
C THR L 150 -24.02 -6.66 -58.02
N LYS L 151 -24.05 -7.98 -58.20
CA LYS L 151 -24.04 -8.95 -57.10
C LYS L 151 -25.22 -8.76 -56.15
N GLU L 152 -26.31 -8.14 -56.62
CA GLU L 152 -27.53 -8.06 -55.83
C GLU L 152 -28.37 -9.32 -56.04
N PRO L 153 -29.12 -9.78 -55.05
CA PRO L 153 -29.89 -11.02 -55.24
C PRO L 153 -31.07 -10.79 -56.16
N ILE L 154 -31.28 -11.74 -57.07
CA ILE L 154 -32.44 -11.75 -57.96
C ILE L 154 -33.33 -12.96 -57.76
N ALA L 155 -32.96 -13.91 -56.90
CA ALA L 155 -33.84 -15.00 -56.53
C ALA L 155 -33.27 -15.71 -55.32
N TYR L 156 -34.16 -16.09 -54.39
CA TYR L 156 -33.82 -16.87 -53.22
C TYR L 156 -34.45 -18.25 -53.36
N ILE L 157 -33.64 -19.29 -53.20
CA ILE L 157 -34.11 -20.68 -53.27
C ILE L 157 -34.21 -21.19 -51.84
N LEU L 158 -35.42 -21.22 -51.30
CA LEU L 158 -35.68 -21.75 -49.97
C LEU L 158 -36.10 -23.20 -50.08
N GLU L 159 -35.77 -23.98 -49.05
CA GLU L 159 -36.05 -25.42 -49.05
C GLU L 159 -36.08 -25.90 -47.61
N SER L 160 -37.11 -26.67 -47.27
CA SER L 160 -37.28 -27.14 -45.90
C SER L 160 -38.11 -28.40 -45.90
N GLN L 161 -37.85 -29.26 -44.91
CA GLN L 161 -38.61 -30.49 -44.68
C GLN L 161 -39.56 -30.23 -43.51
N ASN L 162 -40.86 -30.27 -43.79
CA ASN L 162 -41.89 -29.91 -42.81
C ASN L 162 -42.54 -31.19 -42.29
N GLU L 163 -42.01 -31.68 -41.17
CA GLU L 163 -42.63 -32.79 -40.44
C GLU L 163 -43.52 -32.19 -39.35
N TRP L 164 -44.83 -32.40 -39.49
CA TRP L 164 -45.82 -31.82 -38.59
C TRP L 164 -46.92 -32.84 -38.33
N THR L 165 -47.45 -32.80 -37.10
CA THR L 165 -48.57 -33.67 -36.75
C THR L 165 -49.89 -32.98 -37.02
N ASP L 166 -50.84 -33.72 -37.56
CA ASP L 166 -52.17 -33.17 -37.77
C ASP L 166 -52.89 -33.00 -36.44
N LEU L 167 -53.87 -32.09 -36.43
CA LEU L 167 -54.66 -31.87 -35.22
C LEU L 167 -55.46 -33.11 -34.82
N GLY L 168 -55.66 -34.04 -35.75
CA GLY L 168 -56.16 -35.36 -35.40
C GLY L 168 -55.02 -36.23 -34.93
N GLU L 169 -54.94 -37.46 -35.46
CA GLU L 169 -53.92 -38.43 -35.07
C GLU L 169 -52.85 -38.64 -36.13
N ASN L 170 -53.00 -38.05 -37.31
CA ASN L 170 -52.14 -38.42 -38.44
C ASN L 170 -50.83 -37.64 -38.41
N LYS L 171 -49.72 -38.35 -38.57
CA LYS L 171 -48.45 -37.72 -38.84
C LYS L 171 -48.40 -37.28 -40.29
N ARG L 172 -47.74 -36.15 -40.55
CA ARG L 172 -47.67 -35.56 -41.89
C ARG L 172 -46.24 -35.14 -42.18
N LYS L 173 -45.85 -35.28 -43.45
CA LYS L 173 -44.54 -34.89 -43.93
C LYS L 173 -44.70 -34.20 -45.28
N ALA L 174 -43.87 -33.18 -45.52
CA ALA L 174 -43.93 -32.45 -46.78
C ALA L 174 -42.65 -31.65 -46.95
N LYS L 175 -41.94 -31.88 -48.05
CA LYS L 175 -40.80 -31.06 -48.42
C LYS L 175 -41.29 -29.82 -49.15
N VAL L 176 -41.02 -28.65 -48.60
CA VAL L 176 -41.43 -27.38 -49.16
C VAL L 176 -40.20 -26.66 -49.66
N LYS L 177 -40.19 -26.33 -50.96
CA LYS L 177 -39.18 -25.46 -51.54
C LYS L 177 -39.88 -24.39 -52.35
N GLN L 178 -39.28 -23.21 -52.40
CA GLN L 178 -39.92 -22.07 -53.04
C GLN L 178 -38.86 -21.11 -53.57
N ILE L 179 -39.17 -20.52 -54.72
CA ILE L 179 -38.32 -19.53 -55.38
C ILE L 179 -38.93 -18.17 -55.12
N ILE L 180 -38.20 -17.31 -54.42
CA ILE L 180 -38.63 -15.94 -54.13
C ILE L 180 -37.84 -15.01 -55.03
N THR L 181 -38.50 -14.46 -56.04
CA THR L 181 -37.90 -13.56 -57.01
C THR L 181 -38.54 -12.19 -56.91
N ALA L 182 -38.02 -11.26 -57.71
CA ALA L 182 -38.56 -9.90 -57.70
C ALA L 182 -39.92 -9.84 -58.41
N GLU L 183 -40.08 -10.58 -59.49
CA GLU L 183 -41.34 -10.55 -60.23
C GLU L 183 -42.43 -11.30 -59.49
N SER L 184 -42.10 -12.45 -58.90
CA SER L 184 -43.10 -13.32 -58.30
C SER L 184 -42.39 -14.25 -57.33
N ARG L 185 -43.19 -14.99 -56.56
CA ARG L 185 -42.69 -16.08 -55.72
C ARG L 185 -43.38 -17.38 -56.12
N PHE L 186 -42.58 -18.41 -56.35
CA PHE L 186 -43.05 -19.72 -56.76
C PHE L 186 -42.76 -20.70 -55.63
N VAL L 187 -43.75 -21.55 -55.32
CA VAL L 187 -43.65 -22.52 -54.24
C VAL L 187 -44.24 -23.85 -54.71
N GLU L 188 -43.54 -24.94 -54.38
CA GLU L 188 -43.99 -26.28 -54.70
C GLU L 188 -43.69 -27.20 -53.52
N VAL L 189 -44.62 -28.10 -53.24
CA VAL L 189 -44.54 -29.00 -52.09
C VAL L 189 -44.71 -30.43 -52.57
N GLU L 190 -43.89 -31.32 -52.02
CA GLU L 190 -44.01 -32.76 -52.25
C GLU L 190 -44.30 -33.43 -50.92
N GLY L 191 -45.52 -33.99 -50.80
CA GLY L 191 -45.94 -34.66 -49.59
C GLY L 191 -47.35 -34.24 -49.19
N ASP L 192 -47.60 -34.26 -47.89
CA ASP L 192 -48.92 -33.92 -47.37
C ASP L 192 -49.29 -32.48 -47.70
N LYS L 193 -50.56 -32.26 -47.99
CA LYS L 193 -51.03 -30.93 -48.36
C LYS L 193 -50.94 -29.99 -47.17
N ILE L 194 -50.34 -28.82 -47.39
CA ILE L 194 -50.27 -27.77 -46.38
C ILE L 194 -51.39 -26.78 -46.66
N GLU L 195 -52.24 -26.53 -45.65
CA GLU L 195 -53.41 -25.68 -45.85
C GLU L 195 -53.01 -24.24 -46.16
N GLY L 196 -52.00 -23.72 -45.49
CA GLY L 196 -51.65 -22.32 -45.61
C GLY L 196 -50.85 -21.95 -46.85
N LEU L 197 -50.40 -22.94 -47.62
CA LEU L 197 -49.56 -22.71 -48.80
C LEU L 197 -50.36 -23.01 -50.07
N GLU L 198 -50.26 -22.12 -51.05
CA GLU L 198 -50.83 -22.32 -52.37
C GLU L 198 -49.68 -22.58 -53.34
N GLU L 199 -49.68 -23.75 -53.96
CA GLU L 199 -48.63 -24.08 -54.90
C GLU L 199 -48.68 -23.17 -56.12
N GLY L 200 -47.58 -23.15 -56.85
CA GLY L 200 -47.50 -22.39 -58.09
C GLY L 200 -47.04 -20.97 -57.89
N GLU L 201 -46.91 -20.29 -59.02
CA GLU L 201 -46.43 -18.91 -59.05
C GLU L 201 -47.51 -17.95 -58.57
N THR L 202 -47.08 -16.91 -57.85
CA THR L 202 -47.96 -15.80 -57.48
C THR L 202 -47.16 -14.52 -57.51
N PRO L 203 -47.67 -13.44 -58.11
CA PRO L 203 -46.84 -12.23 -58.26
C PRO L 203 -46.61 -11.54 -56.93
N ASN L 204 -45.50 -10.80 -56.87
CA ASN L 204 -45.19 -9.96 -55.72
C ASN L 204 -45.95 -8.65 -55.83
N VAL L 205 -46.56 -8.21 -54.73
CA VAL L 205 -47.20 -6.90 -54.72
C VAL L 205 -46.20 -5.77 -54.93
N TRP L 206 -44.92 -6.00 -54.60
CA TRP L 206 -43.86 -5.03 -54.81
C TRP L 206 -42.77 -5.67 -55.65
N GLY L 207 -42.10 -4.87 -56.46
CA GLY L 207 -41.10 -5.40 -57.37
C GLY L 207 -39.71 -5.51 -56.78
N PHE L 208 -39.61 -5.99 -55.54
CA PHE L 208 -38.32 -6.32 -54.96
C PHE L 208 -38.50 -7.53 -54.05
N ILE L 209 -37.41 -8.26 -53.84
CA ILE L 209 -37.42 -9.41 -52.96
C ILE L 209 -37.48 -8.89 -51.53
N PRO L 210 -38.50 -9.21 -50.73
CA PRO L 210 -38.57 -8.64 -49.38
C PRO L 210 -37.77 -9.46 -48.37
N ILE L 211 -36.49 -9.69 -48.67
CA ILE L 211 -35.59 -10.43 -47.79
C ILE L 211 -34.33 -9.62 -47.59
N ILE L 212 -33.92 -9.45 -46.34
CA ILE L 212 -32.72 -8.71 -45.97
C ILE L 212 -31.68 -9.74 -45.54
N HIS L 213 -30.51 -9.70 -46.17
CA HIS L 213 -29.43 -10.64 -45.87
C HIS L 213 -28.47 -9.94 -44.91
N PHE L 214 -28.66 -10.17 -43.62
CA PHE L 214 -27.70 -9.70 -42.64
C PHE L 214 -26.46 -10.58 -42.68
N LYS L 215 -25.29 -9.95 -42.71
CA LYS L 215 -24.04 -10.64 -43.06
C LYS L 215 -22.96 -10.15 -42.09
N ASN L 216 -22.64 -10.99 -41.11
CA ASN L 216 -21.59 -10.65 -40.15
C ASN L 216 -20.22 -10.77 -40.81
N GLU L 217 -19.37 -9.78 -40.58
CA GLU L 217 -18.03 -9.73 -41.16
C GLU L 217 -18.10 -9.86 -42.68
N ALA L 218 -18.94 -9.04 -43.30
CA ALA L 218 -19.10 -9.09 -44.74
C ALA L 218 -17.78 -8.81 -45.44
N ASP L 219 -17.45 -9.66 -46.39
CA ASP L 219 -16.21 -9.56 -47.16
C ASP L 219 -16.56 -9.55 -48.63
N GLU L 220 -15.85 -8.72 -49.40
CA GLU L 220 -16.15 -8.61 -50.82
C GLU L 220 -15.92 -9.93 -51.55
N THR L 221 -14.94 -10.73 -51.09
CA THR L 221 -14.61 -11.98 -51.75
C THR L 221 -15.52 -13.14 -51.34
N LEU L 222 -16.35 -12.98 -50.32
CA LEU L 222 -17.23 -14.03 -49.83
C LEU L 222 -18.67 -13.70 -50.17
N LYS L 223 -19.37 -14.68 -50.75
CA LYS L 223 -20.80 -14.51 -51.01
C LYS L 223 -21.58 -14.42 -49.70
N TYR L 224 -21.24 -15.26 -48.74
CA TYR L 224 -21.92 -15.35 -47.46
C TYR L 224 -21.07 -14.75 -46.35
N GLY L 225 -21.69 -14.60 -45.18
CA GLY L 225 -21.03 -13.99 -44.05
C GLY L 225 -20.15 -14.97 -43.31
N GLN L 226 -19.49 -14.45 -42.28
CA GLN L 226 -18.56 -15.20 -41.44
C GLN L 226 -19.00 -15.08 -39.99
N SER L 227 -19.02 -16.20 -39.29
CA SER L 227 -19.34 -16.18 -37.87
C SER L 227 -18.16 -15.61 -37.08
N ASP L 228 -18.48 -15.06 -35.91
CA ASP L 228 -17.43 -14.69 -34.96
C ASP L 228 -16.78 -15.91 -34.32
N ILE L 229 -17.35 -17.10 -34.50
CA ILE L 229 -16.76 -18.32 -33.96
C ILE L 229 -15.64 -18.83 -34.87
N GLU L 230 -15.70 -18.49 -36.17
CA GLU L 230 -14.69 -19.00 -37.10
C GLU L 230 -13.27 -18.61 -36.74
N PRO L 231 -12.96 -17.35 -36.39
CA PRO L 231 -11.59 -17.04 -35.99
C PRO L 231 -11.11 -17.82 -34.78
N ILE L 232 -11.98 -18.09 -33.81
CA ILE L 232 -11.56 -18.75 -32.57
C ILE L 232 -11.68 -20.27 -32.62
N GLU L 233 -12.34 -20.83 -33.63
CA GLU L 233 -12.65 -22.26 -33.66
C GLU L 233 -11.42 -23.17 -33.51
N PRO L 234 -10.32 -22.97 -34.25
CA PRO L 234 -9.13 -23.81 -33.96
C PRO L 234 -8.62 -23.66 -32.54
N LEU L 235 -8.68 -22.45 -31.98
CA LEU L 235 -8.28 -22.27 -30.59
C LEU L 235 -9.23 -22.97 -29.63
N LEU L 236 -10.54 -22.96 -29.93
CA LEU L 236 -11.48 -23.71 -29.12
C LEU L 236 -11.16 -25.20 -29.17
N LYS L 237 -10.84 -25.72 -30.35
CA LYS L 237 -10.51 -27.14 -30.48
C LYS L 237 -9.26 -27.48 -29.69
N ALA L 238 -8.24 -26.62 -29.79
CA ALA L 238 -7.01 -26.86 -29.04
C ALA L 238 -7.25 -26.81 -27.54
N TYR L 239 -8.06 -25.85 -27.09
CA TYR L 239 -8.38 -25.75 -25.67
C TYR L 239 -9.13 -26.99 -25.20
N HIS L 240 -10.08 -27.48 -26.00
CA HIS L 240 -10.79 -28.70 -25.64
C HIS L 240 -9.84 -29.88 -25.56
N ASP L 241 -8.93 -30.00 -26.53
CA ASP L 241 -7.99 -31.11 -26.51
C ASP L 241 -7.11 -31.07 -25.28
N VAL L 242 -6.59 -29.88 -24.94
CA VAL L 242 -5.74 -29.77 -23.77
C VAL L 242 -6.51 -30.09 -22.50
N MET L 243 -7.73 -29.56 -22.37
CA MET L 243 -8.54 -29.83 -21.18
C MET L 243 -8.85 -31.31 -21.06
N LEU L 244 -9.25 -31.95 -22.16
CA LEU L 244 -9.62 -33.35 -22.10
C LEU L 244 -8.43 -34.23 -21.77
N HIS L 245 -7.27 -33.93 -22.37
CA HIS L 245 -6.07 -34.68 -22.05
C HIS L 245 -5.69 -34.50 -20.59
N ALA L 246 -5.79 -33.27 -20.07
CA ALA L 246 -5.50 -33.02 -18.67
C ALA L 246 -6.45 -33.80 -17.76
N LEU L 247 -7.74 -33.78 -18.08
CA LEU L 247 -8.72 -34.47 -17.25
C LEU L 247 -8.49 -35.97 -17.24
N LYS L 248 -8.21 -36.55 -18.41
CA LYS L 248 -7.95 -37.98 -18.48
C LYS L 248 -6.67 -38.34 -17.73
N GLY L 249 -5.62 -37.54 -17.89
CA GLY L 249 -4.39 -37.80 -17.17
C GLY L 249 -4.57 -37.72 -15.68
N SER L 250 -5.31 -36.73 -15.21
CA SER L 250 -5.57 -36.60 -13.78
C SER L 250 -6.40 -37.76 -13.27
N LYS L 251 -7.41 -38.19 -14.03
CA LYS L 251 -8.21 -39.34 -13.62
C LYS L 251 -7.34 -40.58 -13.50
N MET L 252 -6.43 -40.79 -14.45
CA MET L 252 -5.61 -41.98 -14.43
C MET L 252 -4.57 -41.95 -13.31
N HIS L 253 -3.97 -40.77 -13.05
CA HIS L 253 -2.73 -40.70 -12.29
C HIS L 253 -2.73 -39.74 -11.10
N SER L 254 -3.76 -38.93 -10.89
CA SER L 254 -3.74 -38.02 -9.75
C SER L 254 -3.76 -38.77 -8.43
N THR L 255 -4.60 -39.78 -8.31
CA THR L 255 -4.68 -40.55 -7.08
C THR L 255 -3.45 -41.44 -6.98
N PRO L 256 -2.64 -41.37 -5.91
CA PRO L 256 -1.46 -42.22 -5.85
C PRO L 256 -1.84 -43.69 -5.73
N LYS L 257 -1.01 -44.53 -6.31
CA LYS L 257 -1.25 -45.97 -6.39
C LYS L 257 -0.42 -46.66 -5.31
N LEU L 258 -1.10 -47.31 -4.37
CA LEU L 258 -0.39 -48.02 -3.31
C LEU L 258 0.32 -49.23 -3.91
N LYS L 259 1.60 -49.36 -3.60
CA LYS L 259 2.47 -50.40 -4.15
C LYS L 259 2.97 -51.25 -2.99
N LEU L 260 2.70 -52.55 -3.05
CA LEU L 260 3.14 -53.51 -2.04
C LEU L 260 4.09 -54.48 -2.71
N LYS L 261 5.32 -54.55 -2.20
CA LYS L 261 6.31 -55.51 -2.65
C LYS L 261 6.29 -56.68 -1.67
N LEU L 262 5.57 -57.74 -2.05
CA LEU L 262 5.20 -58.81 -1.14
C LEU L 262 6.08 -60.03 -1.35
N THR L 263 6.10 -60.92 -0.36
CA THR L 263 6.80 -62.19 -0.53
C THR L 263 5.97 -63.17 -1.34
N ASP L 264 4.65 -63.13 -1.18
CA ASP L 264 3.74 -63.99 -1.92
C ASP L 264 2.46 -63.19 -2.16
N VAL L 265 2.27 -62.72 -3.39
CA VAL L 265 1.15 -61.83 -3.68
C VAL L 265 -0.18 -62.59 -3.55
N ALA L 266 -0.25 -63.78 -4.13
CA ALA L 266 -1.51 -64.53 -4.11
C ALA L 266 -1.92 -64.90 -2.69
N SER L 267 -0.96 -65.31 -1.85
CA SER L 267 -1.29 -65.62 -0.47
C SER L 267 -1.78 -64.39 0.26
N PHE L 268 -1.16 -63.24 0.03
CA PHE L 268 -1.61 -62.00 0.65
C PHE L 268 -3.04 -61.68 0.24
N LEU L 269 -3.34 -61.78 -1.06
CA LEU L 269 -4.68 -61.48 -1.52
C LEU L 269 -5.71 -62.43 -0.91
N ALA L 270 -5.40 -63.73 -0.89
CA ALA L 270 -6.33 -64.71 -0.35
C ALA L 270 -6.56 -64.48 1.14
N HIS L 271 -5.50 -64.20 1.89
CA HIS L 271 -5.65 -64.03 3.34
C HIS L 271 -6.39 -62.74 3.67
N ASN L 272 -6.01 -61.62 3.06
CA ASN L 272 -6.58 -60.34 3.43
C ASN L 272 -7.93 -60.11 2.79
N PHE L 273 -7.98 -60.09 1.45
CA PHE L 273 -9.16 -59.69 0.71
C PHE L 273 -10.01 -60.85 0.24
N GLY L 274 -9.67 -62.08 0.60
CA GLY L 274 -10.48 -63.22 0.20
C GLY L 274 -10.48 -63.49 -1.28
N VAL L 275 -9.51 -62.97 -2.02
CA VAL L 275 -9.42 -63.16 -3.46
C VAL L 275 -8.69 -64.46 -3.74
N GLU L 276 -9.45 -65.56 -3.78
CA GLU L 276 -8.84 -66.87 -3.99
C GLU L 276 -8.31 -67.06 -5.40
N ASP L 277 -8.86 -66.33 -6.37
CA ASP L 277 -8.46 -66.44 -7.78
C ASP L 277 -8.17 -65.03 -8.30
N PRO L 278 -6.96 -64.51 -8.11
CA PRO L 278 -6.69 -63.13 -8.54
C PRO L 278 -6.85 -62.90 -10.04
N VAL L 279 -6.55 -63.91 -10.87
CA VAL L 279 -6.74 -63.74 -12.31
C VAL L 279 -8.22 -63.55 -12.64
N LYS L 280 -9.07 -64.40 -12.08
CA LYS L 280 -10.50 -64.26 -12.30
C LYS L 280 -11.03 -62.98 -11.69
N PHE L 281 -10.49 -62.59 -10.53
CA PHE L 281 -10.92 -61.35 -9.89
C PHE L 281 -10.62 -60.14 -10.76
N ALA L 282 -9.41 -60.09 -11.32
CA ALA L 282 -9.04 -58.98 -12.19
C ALA L 282 -9.82 -59.01 -13.49
N LYS L 283 -10.07 -60.21 -14.04
CA LYS L 283 -10.79 -60.31 -15.30
C LYS L 283 -12.23 -59.81 -15.16
N GLU L 284 -12.88 -60.14 -14.05
CA GLU L 284 -14.26 -59.73 -13.83
C GLU L 284 -14.39 -58.29 -13.32
N GLY L 285 -13.30 -57.55 -13.22
CA GLY L 285 -13.39 -56.17 -12.79
C GLY L 285 -13.68 -55.99 -11.32
N GLY L 286 -13.37 -56.98 -10.49
CA GLY L 286 -13.59 -56.83 -9.06
C GLY L 286 -12.70 -55.75 -8.48
N LYS L 287 -13.23 -55.06 -7.47
CA LYS L 287 -12.53 -53.97 -6.80
C LYS L 287 -12.29 -54.35 -5.35
N ILE L 288 -11.04 -54.20 -4.90
CA ILE L 288 -10.74 -54.41 -3.49
C ILE L 288 -11.24 -53.21 -2.70
N ASN L 289 -11.93 -53.49 -1.59
CA ASN L 289 -12.58 -52.45 -0.79
C ASN L 289 -11.63 -51.97 0.30
N LEU L 290 -11.55 -50.65 0.47
CA LEU L 290 -10.72 -50.03 1.50
C LEU L 290 -11.50 -48.93 2.19
N ASP L 291 -11.13 -48.67 3.45
CA ASP L 291 -11.78 -47.64 4.26
C ASP L 291 -10.92 -46.39 4.45
N GLY L 292 -9.59 -46.52 4.36
CA GLY L 292 -8.67 -45.42 4.50
C GLY L 292 -7.86 -45.45 5.79
N HIS L 293 -8.36 -46.13 6.82
CA HIS L 293 -7.67 -46.23 8.11
C HIS L 293 -6.94 -47.56 8.26
N GLU L 294 -6.38 -48.10 7.20
CA GLU L 294 -5.70 -49.38 7.26
C GLU L 294 -4.36 -49.24 7.99
N ILE L 295 -3.89 -50.37 8.50
CA ILE L 295 -2.57 -50.51 9.10
C ILE L 295 -1.91 -51.75 8.50
N LEU L 296 -0.65 -51.61 8.10
CA LEU L 296 0.06 -52.65 7.37
C LEU L 296 1.00 -53.38 8.32
N PHE L 297 0.82 -54.69 8.43
CA PHE L 297 1.75 -55.59 9.11
C PHE L 297 2.47 -56.42 8.06
N LEU L 298 3.78 -56.22 7.94
CA LEU L 298 4.60 -56.91 6.96
C LEU L 298 5.78 -57.55 7.66
N ASN L 299 6.36 -58.56 7.03
CA ASN L 299 7.59 -59.14 7.57
C ASN L 299 8.78 -58.26 7.19
N LYS L 300 9.99 -58.74 7.49
CA LYS L 300 11.17 -57.92 7.28
C LYS L 300 11.39 -57.60 5.80
N ASP L 301 11.26 -58.58 4.92
CA ASP L 301 11.65 -58.42 3.53
C ASP L 301 10.69 -57.57 2.73
N GLU L 302 9.40 -57.58 3.08
CA GLU L 302 8.39 -56.92 2.27
C GLU L 302 8.43 -55.41 2.49
N GLU L 303 8.00 -54.68 1.47
CA GLU L 303 8.03 -53.22 1.47
C GLU L 303 6.72 -52.71 0.91
N ALA L 304 6.30 -51.53 1.37
CA ALA L 304 5.10 -50.87 0.89
C ALA L 304 5.41 -49.40 0.65
N GLU L 305 4.90 -48.86 -0.44
CA GLU L 305 5.21 -47.49 -0.85
C GLU L 305 4.10 -46.98 -1.73
N PHE L 306 3.94 -45.66 -1.76
CA PHE L 306 3.00 -45.00 -2.65
C PHE L 306 3.69 -44.58 -3.93
N VAL L 307 3.21 -45.06 -5.06
CA VAL L 307 3.66 -44.62 -6.37
C VAL L 307 2.85 -43.38 -6.72
N GLU L 308 3.50 -42.21 -6.73
CA GLU L 308 2.81 -40.93 -6.78
C GLU L 308 3.43 -40.04 -7.84
N VAL L 309 2.61 -39.19 -8.43
CA VAL L 309 3.05 -38.20 -9.42
C VAL L 309 3.26 -36.86 -8.74
N LYS L 310 4.27 -36.12 -9.20
CA LYS L 310 4.42 -34.74 -8.77
C LYS L 310 3.35 -33.85 -9.39
N SER L 311 2.98 -34.12 -10.65
CA SER L 311 1.90 -33.38 -11.30
C SER L 311 1.40 -34.22 -12.47
N ALA L 312 0.14 -34.66 -12.39
CA ALA L 312 -0.46 -35.39 -13.49
C ALA L 312 -0.88 -34.51 -14.65
N ILE L 313 -0.88 -33.19 -14.46
CA ILE L 313 -1.28 -32.23 -15.48
C ILE L 313 -0.04 -31.60 -16.09
N GLY L 314 0.99 -31.41 -15.26
CA GLY L 314 2.22 -30.81 -15.76
C GLY L 314 1.99 -29.38 -16.19
N ASP L 315 2.46 -29.06 -17.38
CA ASP L 315 2.41 -27.70 -17.91
C ASP L 315 1.18 -27.46 -18.78
N ALA L 316 0.11 -28.25 -18.61
CA ALA L 316 -1.10 -27.99 -19.39
C ALA L 316 -1.78 -26.71 -18.94
N LYS L 317 -1.61 -26.31 -17.69
CA LYS L 317 -2.24 -25.08 -17.21
C LYS L 317 -1.67 -23.86 -17.93
N GLU L 318 -0.35 -23.83 -18.15
CA GLU L 318 0.25 -22.73 -18.89
C GLU L 318 -0.25 -22.70 -20.33
N LEU L 319 -0.39 -23.87 -20.95
CA LEU L 319 -0.89 -23.92 -22.32
C LEU L 319 -2.33 -23.44 -22.39
N LEU L 320 -3.15 -23.81 -21.40
CA LEU L 320 -4.52 -23.32 -21.36
C LEU L 320 -4.56 -21.81 -21.18
N LYS L 321 -3.66 -21.27 -20.34
CA LYS L 321 -3.59 -19.83 -20.19
C LYS L 321 -3.22 -19.14 -21.50
N LEU L 322 -2.24 -19.70 -22.21
CA LEU L 322 -1.85 -19.12 -23.49
C LEU L 322 -2.98 -19.19 -24.51
N LEU L 323 -3.70 -20.31 -24.56
CA LEU L 323 -4.81 -20.43 -25.47
C LEU L 323 -5.95 -19.48 -25.09
N PHE L 324 -6.15 -19.26 -23.80
CA PHE L 324 -7.14 -18.29 -23.36
C PHE L 324 -6.76 -16.88 -23.81
N TYR L 325 -5.47 -16.54 -23.69
CA TYR L 325 -5.00 -15.25 -24.18
C TYR L 325 -5.24 -15.13 -25.68
N CYS L 326 -4.95 -16.20 -26.43
CA CYS L 326 -5.14 -16.15 -27.88
C CYS L 326 -6.63 -15.99 -28.22
N ILE L 327 -7.50 -16.69 -27.49
CA ILE L 327 -8.93 -16.57 -27.75
C ILE L 327 -9.40 -15.15 -27.45
N VAL L 328 -8.93 -14.56 -26.35
CA VAL L 328 -9.33 -13.20 -26.01
C VAL L 328 -8.82 -12.22 -27.06
N ASP L 329 -7.60 -12.44 -27.55
CA ASP L 329 -7.05 -11.57 -28.59
C ASP L 329 -7.87 -11.66 -29.87
N VAL L 330 -8.17 -12.88 -30.31
CA VAL L 330 -8.86 -13.07 -31.58
C VAL L 330 -10.24 -12.44 -31.54
N SER L 331 -11.00 -12.71 -30.48
CA SER L 331 -12.34 -12.16 -30.34
C SER L 331 -12.34 -10.67 -30.00
N GLU L 332 -11.22 -10.14 -29.52
CA GLU L 332 -11.09 -8.74 -29.14
C GLU L 332 -12.03 -8.37 -28.00
N THR L 333 -12.44 -9.35 -27.21
CA THR L 333 -13.33 -9.09 -26.10
C THR L 333 -12.57 -8.36 -25.00
N PRO L 334 -13.14 -7.33 -24.37
CA PRO L 334 -12.47 -6.74 -23.21
C PRO L 334 -12.36 -7.75 -22.08
N GLU L 335 -11.33 -7.58 -21.25
CA GLU L 335 -11.01 -8.57 -20.24
C GLU L 335 -12.05 -8.66 -19.13
N PHE L 336 -12.85 -7.61 -18.91
CA PHE L 336 -13.86 -7.71 -17.87
C PHE L 336 -14.97 -8.69 -18.23
N ILE L 337 -15.13 -9.00 -19.51
CA ILE L 337 -16.04 -10.07 -19.90
C ILE L 337 -15.53 -11.41 -19.41
N PHE L 338 -14.22 -11.57 -19.28
CA PHE L 338 -13.59 -12.76 -18.73
C PHE L 338 -12.88 -12.45 -17.42
N GLY L 339 -13.53 -11.66 -16.56
CA GLY L 339 -12.90 -11.22 -15.33
C GLY L 339 -12.61 -12.34 -14.35
N VAL L 340 -13.31 -13.47 -14.47
CA VAL L 340 -13.05 -14.58 -13.57
C VAL L 340 -11.64 -15.13 -13.78
N HIS L 341 -11.16 -15.12 -15.02
CA HIS L 341 -9.79 -15.52 -15.29
C HIS L 341 -8.80 -14.48 -14.77
N THR L 342 -9.09 -13.20 -15.02
CA THR L 342 -8.22 -12.08 -14.65
C THR L 342 -9.00 -11.17 -13.72
N PRO L 343 -8.89 -11.38 -12.39
CA PRO L 343 -9.64 -10.51 -11.46
C PRO L 343 -9.25 -9.04 -11.53
N SER L 344 -8.11 -8.70 -12.12
CA SER L 344 -7.71 -7.30 -12.24
C SER L 344 -8.72 -6.51 -13.06
N ALA L 345 -9.25 -7.12 -14.12
CA ALA L 345 -10.17 -6.40 -15.00
C ALA L 345 -11.45 -6.00 -14.29
N LEU L 346 -11.88 -6.81 -13.31
CA LEU L 346 -13.13 -6.52 -12.60
C LEU L 346 -13.09 -5.21 -11.82
N ALA L 347 -11.90 -4.73 -11.46
CA ALA L 347 -11.78 -3.54 -10.63
C ALA L 347 -11.95 -2.23 -11.40
N SER L 348 -11.84 -2.25 -12.73
CA SER L 348 -11.80 -1.02 -13.51
C SER L 348 -12.62 -1.12 -14.80
N VAL L 349 -13.85 -1.61 -14.72
CA VAL L 349 -14.68 -1.78 -15.91
C VAL L 349 -14.92 -0.44 -16.60
N LYS L 350 -15.10 0.62 -15.82
CA LYS L 350 -15.23 1.96 -16.40
C LYS L 350 -13.98 2.34 -17.18
N GLU L 351 -12.81 1.90 -16.71
CA GLU L 351 -11.58 2.14 -17.46
C GLU L 351 -11.54 1.28 -18.72
N GLN L 352 -12.16 0.11 -18.69
CA GLN L 352 -12.18 -0.80 -19.84
C GLN L 352 -13.17 -0.40 -20.92
N MET L 353 -14.16 0.42 -20.58
CA MET L 353 -15.25 0.68 -21.51
C MET L 353 -14.84 1.23 -22.87
N PRO L 354 -13.84 2.11 -23.01
CA PRO L 354 -13.49 2.60 -24.36
C PRO L 354 -13.12 1.51 -25.36
N ILE L 355 -12.47 0.43 -24.91
CA ILE L 355 -12.16 -0.67 -25.83
C ILE L 355 -13.44 -1.31 -26.34
N MET L 356 -14.41 -1.52 -25.45
CA MET L 356 -15.71 -2.04 -25.87
C MET L 356 -16.38 -1.08 -26.83
N VAL L 357 -16.26 0.23 -26.58
CA VAL L 357 -16.88 1.22 -27.47
C VAL L 357 -16.28 1.12 -28.86
N ASN L 358 -14.96 0.98 -28.94
CA ASN L 358 -14.29 0.84 -30.23
C ASN L 358 -14.77 -0.41 -30.96
N LYS L 359 -14.76 -1.55 -30.26
CA LYS L 359 -15.21 -2.81 -30.87
C LYS L 359 -16.65 -2.69 -31.36
N ILE L 360 -17.50 -2.04 -30.58
CA ILE L 360 -18.90 -1.99 -30.91
C ILE L 360 -19.16 -1.01 -32.04
N ARG L 361 -18.38 0.08 -32.15
CA ARG L 361 -18.47 0.92 -33.33
C ARG L 361 -18.15 0.12 -34.58
N ARG L 362 -17.02 -0.59 -34.56
CA ARG L 362 -16.60 -1.33 -35.74
C ARG L 362 -17.62 -2.41 -36.10
N LYS L 363 -18.23 -3.04 -35.09
CA LYS L 363 -19.22 -4.08 -35.36
C LYS L 363 -20.54 -3.49 -35.84
N ARG L 364 -20.95 -2.35 -35.27
CA ARG L 364 -22.19 -1.72 -35.68
C ARG L 364 -22.14 -1.28 -37.12
N GLU L 365 -20.96 -0.86 -37.61
CA GLU L 365 -20.90 -0.43 -39.00
C GLU L 365 -21.18 -1.56 -39.99
N GLN L 366 -21.11 -2.82 -39.56
CA GLN L 366 -21.39 -3.92 -40.48
C GLN L 366 -22.88 -4.03 -40.79
N PHE L 367 -23.73 -3.88 -39.77
CA PHE L 367 -25.16 -4.15 -39.92
C PHE L 367 -25.99 -2.93 -40.26
N THR L 368 -25.44 -1.72 -40.14
CA THR L 368 -26.27 -0.53 -40.26
C THR L 368 -26.83 -0.37 -41.67
N ASN L 369 -26.08 -0.76 -42.70
CA ASN L 369 -26.60 -0.69 -44.05
C ASN L 369 -27.79 -1.64 -44.23
N SER L 370 -27.69 -2.84 -43.65
CA SER L 370 -28.80 -3.78 -43.74
C SER L 370 -30.03 -3.24 -43.01
N TRP L 371 -29.83 -2.55 -41.89
CA TRP L 371 -30.96 -1.97 -41.18
C TRP L 371 -31.57 -0.83 -41.97
N GLN L 372 -30.75 -0.04 -42.66
CA GLN L 372 -31.29 0.99 -43.54
C GLN L 372 -32.14 0.36 -44.64
N LEU L 373 -31.65 -0.73 -45.23
CA LEU L 373 -32.43 -1.42 -46.26
C LEU L 373 -33.74 -1.95 -45.69
N LEU L 374 -33.69 -2.53 -44.49
CA LEU L 374 -34.91 -3.07 -43.87
C LEU L 374 -35.92 -1.98 -43.61
N ALA L 375 -35.47 -0.84 -43.07
CA ALA L 375 -36.39 0.26 -42.82
C ALA L 375 -36.95 0.82 -44.11
N ARG L 376 -36.13 0.90 -45.15
CA ARG L 376 -36.60 1.37 -46.45
C ARG L 376 -37.69 0.44 -46.99
N MET L 377 -37.49 -0.87 -46.87
CA MET L 377 -38.50 -1.82 -47.32
C MET L 377 -39.78 -1.69 -46.50
N VAL L 378 -39.63 -1.53 -45.18
CA VAL L 378 -40.81 -1.41 -44.32
C VAL L 378 -41.62 -0.18 -44.69
N LEU L 379 -40.94 0.94 -44.95
CA LEU L 379 -41.64 2.14 -45.39
C LEU L 379 -42.30 1.94 -46.74
N ILE L 380 -41.61 1.26 -47.66
CA ILE L 380 -42.18 1.03 -48.99
C ILE L 380 -43.35 0.06 -48.89
N MET L 381 -43.25 -0.94 -48.01
CA MET L 381 -44.30 -1.94 -47.88
C MET L 381 -45.52 -1.46 -47.12
N SER L 382 -45.56 -0.20 -46.67
CA SER L 382 -46.72 0.35 -45.99
C SER L 382 -46.93 1.81 -46.37
N LYS L 389 -44.84 7.71 -51.60
CA LYS L 389 -45.76 8.48 -50.78
C LYS L 389 -45.01 9.39 -49.82
N TYR L 390 -44.16 8.80 -49.00
CA TYR L 390 -43.40 9.57 -48.02
C TYR L 390 -42.37 10.45 -48.72
N SER L 391 -42.12 11.62 -48.13
CA SER L 391 -41.19 12.58 -48.70
C SER L 391 -39.75 12.09 -48.71
N SER L 392 -39.41 11.10 -47.89
CA SER L 392 -38.05 10.57 -47.85
C SER L 392 -38.11 9.11 -47.42
N TYR L 393 -37.10 8.35 -47.85
CA TYR L 393 -36.94 6.96 -47.48
C TYR L 393 -35.58 6.63 -46.87
N ASP L 394 -34.61 7.54 -46.94
CA ASP L 394 -33.28 7.30 -46.42
C ASP L 394 -33.32 7.39 -44.91
N VAL L 395 -33.47 6.23 -44.26
CA VAL L 395 -33.45 6.18 -42.81
C VAL L 395 -32.00 6.18 -42.34
N THR L 396 -31.78 6.81 -41.17
CA THR L 396 -30.47 6.83 -40.52
C THR L 396 -30.57 6.12 -39.19
N ILE L 397 -29.53 5.37 -38.87
CA ILE L 397 -29.54 4.42 -37.76
C ILE L 397 -28.79 5.03 -36.58
N GLY L 398 -29.51 5.30 -35.49
CA GLY L 398 -28.90 5.51 -34.20
C GLY L 398 -28.69 4.20 -33.49
N TRP L 399 -28.05 4.26 -32.33
CA TRP L 399 -27.71 3.06 -31.58
C TRP L 399 -27.77 3.34 -30.09
N ASP L 400 -27.85 2.26 -29.31
CA ASP L 400 -27.81 2.36 -27.86
C ASP L 400 -26.45 2.87 -27.40
N GLU L 401 -26.41 3.36 -26.17
CA GLU L 401 -25.16 3.84 -25.59
C GLU L 401 -24.35 2.67 -25.04
N VAL L 402 -23.15 2.47 -25.58
CA VAL L 402 -22.24 1.49 -24.99
C VAL L 402 -21.71 1.99 -23.66
N ASN L 403 -21.38 3.29 -23.59
CA ASN L 403 -20.88 3.95 -22.38
C ASN L 403 -21.89 5.03 -21.98
N PRO L 404 -22.95 4.67 -21.24
CA PRO L 404 -24.03 5.63 -21.00
C PRO L 404 -23.56 6.87 -20.26
N ARG L 405 -24.10 8.02 -20.65
CA ARG L 405 -23.80 9.29 -20.00
C ARG L 405 -24.77 9.52 -18.85
N ASP L 406 -24.23 9.98 -17.72
CA ASP L 406 -25.08 10.34 -16.59
C ASP L 406 -25.95 11.53 -16.97
N ASP L 407 -27.21 11.49 -16.54
CA ASP L 407 -28.11 12.61 -16.81
C ASP L 407 -27.63 13.87 -16.12
N LYS L 408 -27.04 13.73 -14.93
CA LYS L 408 -26.58 14.91 -14.20
C LYS L 408 -25.45 15.60 -14.94
N GLU L 409 -24.52 14.85 -15.51
CA GLU L 409 -23.44 15.46 -16.28
C GLU L 409 -23.98 16.16 -17.53
N LEU L 410 -24.95 15.54 -18.19
CA LEU L 410 -25.59 16.18 -19.34
C LEU L 410 -26.24 17.49 -18.94
N ALA L 411 -26.94 17.50 -17.80
CA ALA L 411 -27.56 18.73 -17.33
C ALA L 411 -26.52 19.77 -16.93
N GLU L 412 -25.37 19.33 -16.39
CA GLU L 412 -24.31 20.26 -16.05
C GLU L 412 -23.79 20.96 -17.30
N THR L 413 -23.47 20.21 -18.34
CA THR L 413 -23.02 20.86 -19.58
C THR L 413 -24.15 21.68 -20.21
N LEU L 414 -25.40 21.26 -20.01
CA LEU L 414 -26.54 22.03 -20.52
C LEU L 414 -26.57 23.41 -19.88
N GLU L 415 -26.53 23.47 -18.55
CA GLU L 415 -26.58 24.76 -17.87
C GLU L 415 -25.33 25.58 -18.17
N LYS L 416 -24.18 24.92 -18.32
CA LYS L 416 -22.96 25.64 -18.65
C LYS L 416 -23.08 26.29 -20.02
N VAL L 417 -23.64 25.59 -21.00
CA VAL L 417 -23.87 26.16 -22.31
C VAL L 417 -24.85 27.32 -22.21
N CYS L 418 -25.93 27.12 -21.45
CA CYS L 418 -26.97 28.15 -21.39
C CYS L 418 -26.44 29.43 -20.77
N CYS L 419 -25.66 29.33 -19.70
CA CYS L 419 -25.07 30.52 -19.11
C CYS L 419 -23.95 31.11 -19.97
N ALA L 420 -23.20 30.25 -20.68
CA ALA L 420 -22.19 30.76 -21.60
C ALA L 420 -22.82 31.59 -22.71
N LEU L 421 -23.93 31.13 -23.27
CA LEU L 421 -24.69 31.93 -24.21
C LEU L 421 -25.39 33.06 -23.47
N ASP L 422 -26.12 33.88 -24.22
CA ASP L 422 -26.69 35.14 -23.72
C ASP L 422 -25.61 36.12 -23.27
N LYS L 423 -24.39 35.95 -23.78
CA LYS L 423 -23.26 36.83 -23.47
C LYS L 423 -22.38 36.89 -24.70
N ALA L 424 -21.57 37.94 -24.78
CA ALA L 424 -20.87 38.29 -26.02
C ALA L 424 -21.89 38.42 -27.15
N LEU L 425 -22.75 39.43 -26.99
CA LEU L 425 -24.03 39.47 -27.70
C LEU L 425 -23.87 39.65 -29.20
N GLU L 426 -22.66 39.95 -29.69
CA GLU L 426 -22.44 40.05 -31.12
C GLU L 426 -22.32 38.69 -31.81
N GLY L 427 -22.48 37.59 -31.07
CA GLY L 427 -22.36 36.26 -31.66
C GLY L 427 -23.46 35.91 -32.63
N GLY L 428 -24.61 36.60 -32.55
CA GLY L 428 -25.71 36.35 -33.47
C GLY L 428 -26.72 35.37 -32.90
N PHE L 429 -27.75 35.11 -33.70
CA PHE L 429 -28.88 34.27 -33.29
C PHE L 429 -28.72 32.81 -33.68
N ILE L 430 -27.51 32.36 -34.02
CA ILE L 430 -27.24 30.93 -34.13
C ILE L 430 -27.23 30.25 -32.76
N SER L 431 -27.24 31.02 -31.67
CA SER L 431 -27.35 30.43 -30.34
C SER L 431 -28.65 29.65 -30.19
N GLU L 432 -29.75 30.18 -30.72
CA GLU L 432 -31.01 29.45 -30.69
C GLU L 432 -30.91 28.15 -31.48
N GLU L 433 -30.28 28.20 -32.66
CA GLU L 433 -30.10 27.01 -33.47
C GLU L 433 -29.28 25.96 -32.74
N SER L 434 -28.23 26.38 -32.03
CA SER L 434 -27.42 25.43 -31.27
C SER L 434 -28.20 24.87 -30.08
N THR L 435 -28.89 25.73 -29.34
CA THR L 435 -29.47 25.29 -28.07
C THR L 435 -30.72 24.45 -28.29
N VAL L 436 -31.48 24.70 -29.36
CA VAL L 436 -32.64 23.85 -29.63
C VAL L 436 -32.19 22.44 -30.01
N ASN L 437 -31.12 22.34 -30.81
CA ASN L 437 -30.56 21.04 -31.13
C ASN L 437 -30.03 20.36 -29.87
N PHE L 438 -29.38 21.12 -28.99
CA PHE L 438 -28.87 20.52 -27.76
C PHE L 438 -30.01 20.03 -26.88
N LEU L 439 -31.11 20.78 -26.80
CA LEU L 439 -32.25 20.34 -26.02
C LEU L 439 -32.87 19.08 -26.61
N ALA L 440 -32.95 19.00 -27.94
CA ALA L 440 -33.46 17.78 -28.56
C ALA L 440 -32.58 16.59 -28.22
N GLN L 441 -31.26 16.77 -28.31
CA GLN L 441 -30.33 15.70 -27.95
C GLN L 441 -30.48 15.32 -26.48
N TYR L 442 -30.64 16.31 -25.61
CA TYR L 442 -30.78 16.05 -24.18
C TYR L 442 -32.04 15.23 -23.90
N ILE L 443 -33.15 15.61 -24.52
CA ILE L 443 -34.40 14.89 -24.32
C ILE L 443 -34.26 13.46 -24.81
N ASP L 444 -33.67 13.28 -26.00
CA ASP L 444 -33.53 11.95 -26.57
C ASP L 444 -32.64 11.06 -25.70
N THR L 445 -31.54 11.62 -25.19
CA THR L 445 -30.61 10.81 -24.40
C THR L 445 -31.16 10.55 -23.00
N MET L 446 -31.92 11.48 -22.45
CA MET L 446 -32.46 11.30 -21.10
C MET L 446 -33.62 10.31 -21.10
N SER L 447 -34.53 10.40 -22.07
CA SER L 447 -35.69 9.53 -22.08
C SER L 447 -35.32 8.07 -22.28
N ASN L 448 -34.34 7.79 -23.14
CA ASN L 448 -33.91 6.42 -23.39
C ASN L 448 -33.30 5.84 -22.12
N TYR L 449 -33.81 4.69 -21.68
CA TYR L 449 -33.31 4.05 -20.48
C TYR L 449 -32.07 3.22 -20.78
N ILE L 450 -31.15 3.21 -19.82
CA ILE L 450 -29.87 2.53 -20.02
C ILE L 450 -30.06 1.04 -20.11
N SER L 451 -30.81 0.46 -19.17
CA SER L 451 -30.90 -0.98 -19.00
C SER L 451 -32.03 -1.61 -19.79
N ASP L 452 -32.41 -1.02 -20.92
CA ASP L 452 -33.52 -1.54 -21.73
C ASP L 452 -33.21 -1.28 -23.18
N ASP L 453 -33.12 -2.35 -23.97
CA ASP L 453 -32.73 -2.22 -25.37
C ASP L 453 -33.77 -1.44 -26.16
N PRO L 454 -33.28 -0.63 -27.09
CA PRO L 454 -34.17 0.14 -27.94
C PRO L 454 -34.70 1.38 -27.24
N GLU L 455 -35.51 2.12 -27.99
CA GLU L 455 -36.12 3.35 -27.53
C GLU L 455 -37.63 3.20 -27.33
N ARG L 456 -38.11 1.98 -27.10
CA ARG L 456 -39.55 1.73 -26.97
C ARG L 456 -40.15 2.57 -25.86
N GLU L 457 -39.40 2.74 -24.77
CA GLU L 457 -39.86 3.62 -23.70
C GLU L 457 -40.05 5.05 -24.17
N GLY L 458 -39.18 5.54 -25.06
CA GLY L 458 -39.36 6.88 -25.59
C GLY L 458 -40.65 7.03 -26.38
N GLU L 459 -40.91 6.07 -27.28
CA GLU L 459 -42.14 6.13 -28.07
C GLU L 459 -43.37 6.02 -27.18
N ARG L 460 -43.33 5.10 -26.22
CA ARG L 460 -44.50 4.93 -25.35
C ARG L 460 -44.75 6.17 -24.50
N GLU L 461 -43.68 6.77 -23.98
CA GLU L 461 -43.85 7.99 -23.20
C GLU L 461 -44.39 9.13 -24.05
N LYS L 462 -43.90 9.26 -25.29
CA LYS L 462 -44.42 10.30 -26.17
C LYS L 462 -45.88 10.07 -26.49
N ILE L 463 -46.27 8.82 -26.73
CA ILE L 463 -47.67 8.51 -27.06
C ILE L 463 -48.56 8.79 -25.85
N ILE L 464 -48.11 8.41 -24.65
CA ILE L 464 -48.89 8.66 -23.44
C ILE L 464 -49.03 10.16 -23.22
N LYS L 465 -47.96 10.91 -23.46
CA LYS L 465 -48.01 12.36 -23.35
C LYS L 465 -49.03 12.95 -24.33
N THR L 466 -49.00 12.48 -25.57
CA THR L 466 -49.92 13.00 -26.58
C THR L 466 -51.36 12.68 -26.23
N LYS L 467 -51.63 11.47 -25.75
CA LYS L 467 -53.01 11.08 -25.45
C LYS L 467 -53.52 11.78 -24.20
N MET L 468 -52.79 11.66 -23.09
CA MET L 468 -53.24 12.24 -21.83
C MET L 468 -53.06 13.75 -21.81
N LEU L 469 -52.02 14.27 -22.46
CA LEU L 469 -51.71 15.70 -22.46
C LEU L 469 -51.53 16.22 -21.04
#